data_6SPG
#
_entry.id   6SPG
#
_cell.length_a   1.00
_cell.length_b   1.00
_cell.length_c   1.00
_cell.angle_alpha   90.00
_cell.angle_beta   90.00
_cell.angle_gamma   90.00
#
_symmetry.space_group_name_H-M   'P 1'
#
loop_
_entity.id
_entity.type
_entity.pdbx_description
1 polymer '16S ribosomal RNA'
2 polymer '30S ribosomal protein S2'
3 polymer '30S ribosomal protein S3'
4 polymer '30S ribosomal protein S4'
5 polymer '30S ribosomal protein S5'
6 polymer '30S ribosomal protein S6'
7 polymer '30S ribosomal protein S7'
8 polymer '30S ribosomal protein S8'
9 polymer '30S ribosomal protein S9'
10 polymer '30S ribosomal protein S10'
11 polymer '30S ribosomal protein S11'
12 polymer '30S ribosomal protein S12'
13 polymer '30S ribosomal protein S13'
14 polymer '30S ribosomal protein S14'
15 polymer '30S ribosomal protein S15'
16 polymer '30S ribosomal protein S16'
17 polymer '30S ribosomal protein S17'
18 polymer '30S ribosomal protein S18'
19 polymer '30S ribosomal protein S19'
20 polymer '30S ribosomal protein S20'
21 polymer '30S ribosomal protein S21'
22 polymer '23S ribosomal RNA'
23 polymer '5S ribosomal RNA'
24 polymer '50S ribosomal protein L2'
25 polymer '50S ribosomal protein L3'
26 polymer '50S ribosomal protein L4'
27 polymer '50S ribosomal protein L5'
28 polymer '50S ribosomal protein L6'
29 polymer '50S ribosomal protein L9'
30 polymer '50S ribosomal protein L11'
31 polymer '50S ribosomal protein L13'
32 polymer '50S ribosomal protein L14'
33 polymer '50S ribosomal protein L15'
34 polymer '50S ribosomal protein L16'
35 polymer '50S ribosomal protein L17'
36 polymer '50S ribosomal protein L18'
37 polymer '50S ribosomal protein L19'
38 polymer '50S ribosomal protein L20'
39 polymer '50S ribosomal protein L21'
40 polymer '50S ribosomal protein L22'
41 polymer '50S ribosomal protein L23'
42 polymer '50S ribosomal protein L24'
43 polymer '50S ribosomal protein L25'
44 polymer '50S ribosomal protein L27'
45 polymer '50S ribosomal protein L28'
46 polymer 'Ribosomal protein uL29'
47 polymer '50S ribosomal protein L30'
48 polymer '50S ribosomal protein L31'
49 polymer '50S ribosomal protein L32'
50 polymer '50S ribosomal protein L33'
51 polymer '50S ribosomal protein L34'
52 polymer '50S ribosomal protein L35'
53 polymer '50S ribosomal protein L36'
54 non-polymer 'MAGNESIUM ION'
#
loop_
_entity_poly.entity_id
_entity_poly.type
_entity_poly.pdbx_seq_one_letter_code
_entity_poly.pdbx_strand_id
1 'polyribonucleotide'
;AACUGAAGAGUUUGAUCAUGGCUCAGAUUGAACGCUGGCGGCAGGCCUAACACAUGCAAGUCGAGCGGAUAAAGGGAGCU
UGCUCCUGGAUUCAGCGGCGGACGGGUGAGUAAUGCCUAGGAAUCUGCCUGGUAGUGGGGGAUAACGUCCGGAAACGGGC
GCUAAUACCGCAUACGUCCUGAGGGAGAAAGUGGGGGAUCUUCGGACCUCACGCUAUCAGAUGAGCCUAGGUCGGAUUAG
CUAGUUGGUGGGGUAAAGGCCUACCAAGGCGACGAUCCGUAACUGGUCUGAGAGGAUGAUCAGUCACACUGGAACUGAGA
CACGGUCCAGACUCCUACGGGAGGCAGCAGUGGGGAAUAUUGGACAAUGGGCGAAAGCCUGAUCCAGCCAUGCCGCGUGU
GUGAAGAAGGUCUUCGGAUUGUAAAGCACUUUAAGUUGGGAGGAAGGGCAGUAAGUUAAUACCUUGCUGUUUUGACGUUA
CCAACAGAAUAAGCACCGGCUAACUUCGUGCCAGCAGCCGCGGUAAUACGAAGGGUGCAAGCGUUAAUCGGAAUUACUGG
GCGUAAAGCGCGCGUAGGUGGUUCAGCAAGUUGGAUGUGAAAUCCCCGGGCUCAACCUGGGAACUGCAUCCAAAACUACU
GAGCUAGAGUACGGUAGAGGGUGGUGGAAUUUCCUGUGUAGCGGUGAAAUGCGUAGAUAUAGGAAGGAACACCAGUGGCG
AAGGCGACCACCUGGACUGAUACUGACACUGAGGUGCGAAAGCGUGGGGAGCAAACAGGAUUAGAUACCCUGGUAGUCCA
CGCCGUAAACGAUGUCGACUAGCCGUUGGGAUCCUUGAGAUCUUAGUGGCGCAGCUAACGCGAUAAGUCGACCGCCUGGG
GAGUACGGCCGCAAGGUUAAAACUCAAAUGAAUUGACGGGGGCCCGCACAAGCGGUGGAGCAUGUGGUUUAAUUCGAAGC
AACGCGAAGAACCUUACCUGGCCUUGACAUGCUGAGAACUUUCCAGAGAUGGAUUGGUGCCUUCGGGAACUCAGACACAG
GUGCUGCAUGGCUGUCGUCAGCUCGUGUCGUGAGAUGUUGGGUUAAGUCCCGUAACGAGCGCAACCCUUGUCCUUAGUUA
CCAGCACCUCGGGUGGGCACUCUAAGGAGACUGCCGGUGACAAACCGGAGGAAGGUGGGGAUGACGUCAAGUCAUCAUGG
CCCUUACGGCCAGGGCUACACACGUGCUACAAUGGUCGGUACAAAGGGUUGCCAAGCCGCGAGGUGGAGCUAAUCCCAUA
AAACCGAUCGUAGUCCGGAUCGCAGUCUGCAACUCGACUGCGUGAAGUCGGAAUCGCUAGUAAUCGUGAAUCAGAAUGUC
ACGGUGAAUACGUUCCCGGGCCUUGUACACACCGCCCGUCACACCAUGGGAGUGGGUUGCUCCAGAAGUAGCUAGUCUAA
CCGCAAGGGGGACGGUUACCACGGAGUGAUUCAUGACUGGGGUGAAGUCGUAACAAGGUAGCCGUAGGGGAACCUGCGGC
UGGAUC
;
a
2 'polypeptide(L)'
;QVNMRDMLKAGVHFGHQTRYWNPKMGKFIFGARNKIHIINLEKTLPMFNEALTFVERLAAGKNKILFVGTKRSAGKIVRE
EAARCGMPYVDHRWLGGMLTNYKTIRQSIKRLRDLETQSQDGTFDKLTKKEALMRSRDLEKLERSLGGIKDMGGLPDALF
VIDVDHERIAITEANKLGIPVIGVVDTNSSPEGVDYVIPGNDDAIRAVQLYLNSMAEAVIRGKQGAATSADEFVEEAPA
;
b
3 'polypeptide(L)'
;QKVHPNGIRLGIVKEHTSVWYADRKNYADYLFADLKVREYLQDKLKSASVSRIDIHRPAQTARITIHTARPGIVIGKKGE
DVEKLRQDLTKQMGVPVHINIEEIRKPELDAMLVAQSVAQQLERRVMFRRAMKRAVQNAMRIGAKGIKIQVSGRLGGAEI
ARTEWYREGRVPLHTLRADIDYATYEAHTTYGVIGVKVWIFKGEV
;
c
4 'polypeptide(L)'
;ARYIGPKCKLSRREGTDLFLKSGARALDSKCKAENVPGQHGQRRGRLSDYGLQLREKQKVRRIYGVLERQFRGYYQEASR
RKGSTGENLLQLLECRLDNVVYRMGFGSTRSESRQLVSHKAITVNGQTVNIPSYQVKAGDVVAVREKSKNQLRIAQALEL
CGQRGRVEWVEVDLDKKAGTFKSAPARSDLSADINENLIVELYSK
;
d
5 'polypeptide(L)'
;GYIEKLVQVNRVAKTVKGGRIFAFTALTVVGDGKGRVGFGRGKAREVPAAIQKAMEAARRNMIQVDLNGTTLQYPTKSAH
GASKVYMQPASEGTGIIAGGAMRAVLEVAGVQNVLAKCYGSTNPVNVVYATFKGLKNMQAPEAVAAKRGKSVEEIL
;
e
6 'polypeptide(L)'
;RHYEIVFLVHPDQSEQVGGMVERYTKAIEEDGGKIHRLEDWGRRQLAYAINNVHKAHYVLMNVECSAKALAELEDNFRYN
DAVIRNLVMRRDEAVTEQSEMLKAE
;
f
7 'polypeptide(L)'
;RRRVAAKREVLADPKYGSQILAKFMNHVMESGKKAVAERIVYGALDKVKERGKADPLETFEKALDAIAPLVEVKSRRVGG
ATYQVPVEVRPSRRNALAMRWLVDFARKRGEKSMALRLAGELLDAAEGKGAAVKKREDVHRMAEANKAFSHYRF
;
g
8 'polypeptide(L)'
;SMQDPLADMLTRIRNAQMAEKTVVSMPSSKLKAAVAKVLKDEGYIADFQISSEVKPQLSIELKYFEGKPVIEEVKRISRP
GLRQYKSVEQLPKVRGGLGVSIVSTNKGVMTDRAARAAGVGGEVLCTVF
;
h
9 'polypeptide(L)'
;ATQNYGTGRRKTATARVFLRPGTGKISINNRGLDQFFGRETARMVVRQPLELTETVEKFDIFVTVVGGGVSGQAGAIRHG
ITRALIEYDETLRSSLRKAGYVTRDAREVERKKVGLRKARKRPQYS
;
i
10 'polypeptide(L)'
;IRLKAFDHRLIDQSTQEIVETAKRTGAQVRGPIPLPTRKERFTVLISPHVNKDARDQYEIRTHKRVLDIVQPTDKTVDAL
MKLDLAAGVEVQISLG
;
j
11 'polypeptide(L)'
;KTVVDGIAHIHASFNNTIVTITDRQGNALSWATSGGSGFRGSRKSTPFAAQVAAERAGQAALEYGLKNLDVNVKGPGPGR
ESAVRALNACGYKIASITDVTPIPHNGCRPPKKRR
;
k
12 'polypeptide(L)'
;ATINQLVRKPRKRMVDKSDVPALQNCPQRRGVCTRVYTTTPKKPNSALRKVCRVRLTNGFEVSSYIGGEGHNLQEHSVVL
IRGGRVKDLPGVRYHTVRGSLDTSGVKDRKQGRSKYGAKRP
;
l
13 'polypeptide(L)'
;RIAGVNIPDNKHTVISLTYIYGVGRTTAQSICAATGVNPAAKIKDLSDEQIDQLRNEVAKITTEGDLRREINMNIKRLMD
LGCYRGLRHRRGLPVRGQRTKTNARTRKGP
;
m
14 'polypeptide(L)'
;KESMKNRELKRQLTVAKYAKKRAELKAIIANPNSSAEERWNAQVALQKQPRDASASRLRNRCRLTGRPHGFYRKFGLSRN
KLREAAMRGDVPGLVKAS
;
n
15 'polypeptide(L)'
;LSVEEKAQIVNEYKQAEGDTGSPEVQVALLSANINKLQDHFKANGKDHHSRRGLIRMVNQRRKLLDYLKGKDVSRYTALI
GRLGLR
;
o
16 'polypeptide(L)' MVTIRLARGGSKKRPFYHLTVTNSRNARDGRFVERIGFFNPVATGGEVRLSVDQERATYWLGQGAQPSERVAQLLKDA p
17 'polypeptide(L)' RTLTGRVVSDKMDKTVTVLIERRVKHPIYGKYVKRSTKLHAHDESNQCRIGDLVTIRETRPLAKTKAWTLVDIVER q
18 'polypeptide(L)' FFRRRRFCRFTAEGVKEIDYKDLNTLKAYVSETGKIVPSRITGTKAKYQRQLATAIKRARYLALLPYTDSH r
19 'polypeptide(L)' PRSLKKGPFIDLHLLKKVEVAVEKNDRKPIKTWSRRSMILPHMVGLTIAVHNGRQHVPVLVNEDMVGHKLGEFAATRTYR s
20 'polypeptide(L)'
;NTPSAKKRAKQAEKRRSHNASLRSMVRTYIKNVVKAIDAKDLEKAQAAFTAAVPVIDRMADKGIIHKNKAARHKSRLSGH
IKALS
;
t
21 'polypeptide(L)' KVKENEPFDVALRRFKRSCEKAGALAEVRSREFYEKPTAERKRKAAAAVKRHAKKVQREQRRR u
22 'polyribonucleotide'
;GUCAAGUGAAGAAGCGCAUACGGUGGAUGCCUUGGCAGUCAGAGGCGAUGAAAGACGUGGUAGCCUGCGAAAAGCUUCGG
GGAGUCGGCAAACAGACUUUGAUCCGGAGAUCUCUGAAUGGGGGAACCCACCUAGGAUAACCUAGGUAUCUUGUACUGAA
UCCAUAGGUGCAAGAGGCGAACCAGGGGAACUGAAACAUCUAAGUACCCUGAGGAAAAGAAAUCAACCGAGAUUCCCUUA
GUAGUGGCGAGCGAACGGGGAUUAGCCCUUAAGCUUCAUUGAUUUUAGCGGAACGCUCUGGAAAGUGCGGCCAUAGUGGG
UGAUAGCCCCGUACGCGAAAGGAUCUUUGAAGUGAAAUCAAGUAGGACGGAGCACGAGAAACUUUGUCUGAACAUGGGGG
GACCAUCCUCCAAGGCUAAAUACUACUGACUGACCGAUAGUGAACCAGUACCGUGAGGGAAAGGCGAAAAGAACCCCGGA
GAGGGGAGUGAAAUAGAACCUGAAACCGUAUGCGUACAAGCAGUGGGAGCCUACUUGUUAGGUGACUGCGUACCUUUUGU
AUAAUGGGUCAGCGACUUAUAUUCAGUGGCAAGCUUAACCGUAUAGGGUAGGCGUAGCGAAAGCGAGUCUUAAUAGGGCG
UUUAGUCGCUGGGUAUAGACCCGAAACCGGGCGAUCUAUCCAUGAGCAGGUUGAAGGUUAGGUAACACUGACUGGAGGAC
CGAACCCACUCCCGUUGAAAAGGUAGGGGAUGACUUGUGGAUCGGAGUGAAAGGCUAAUCAAGCUCGGAGAUAGCUGGUU
CUCCUCGAAAGCUAUUUAGGUAGCGCCUCAUGUAUCACUCUGGGGGGUAGAGCACUGUUUCGGCUAGGGGGUCAUCCCGA
CUUACCAAACCGAUGCAAACUCCGAAUACCCAGAAGUGCCGAGCAUGGGAGACACACGGCGGGUGCUAACGUCCGUCGUG
AAAAGGGAAACAACCCAGACCGCCAGCUAAGGUCCCAAAGUUGUGGUUAAGUGGUAAACGAUGUGGGAAGGCUUAGACAG
CUAGGAGGUUGGCUUAGAAGCAGCCACCCUUUAAAGAAAGCGUAAUAGCUCACUAGUCGAGUCGGCCUGCGCGGAAGAUG
UAACGGGGCUCAAACCACACACCGAAGCUGCGGGUGUCACGUAAGUGACGCGGUAGAGGAGCGUUCUGUAAGCCUGUGAA
GGUGAGUUGAGAAGCUUGCUGGAGGUAUCAGAAGUGCGAAUGCUGACAUGAGUAACGACAAUGGGUGUGAAAAACACCCA
CGCCGAAAGACCAAGGGUUCCUGCGCAACGUUAAUCGACGCAGGGUUAGUCGGUUCCUAAGGCGAGGCUGAAAAGCGUAG
UCGAUGGGAAACAGGUUAAUAUUCCUGUACUUCUGGUUACUGCGAUGGAGGGACGGAGAAGGCUAGGCCAGCUUGGCGUU
GGUUGUCCAAGUUUAAGGUGGUAGGCUGAAAUCUUAGGUAAAUCCGGGGUUUCAAGGCCGAGAGCUGAUGACGAGUCGUC
UUUUAGAUGACGAAGUGGUUGAUGCCAUGCUUCCAAGAAAAGCUUCUAAGCUUCAGGUAACCAGGAACCGUACCCCAAAC
CGACACAGGUGGUCGGGUAGAGAAUACCAAGGCGCUUGAGAGAACUCGGGUGAAGGAACUAGGCAAAAUGGCACCGUAAC
UUCGGGAGAAGGUGCGCCGGCUAGGGUGAAGGAUUUACUCCGUAAGCUCUGGCUGGUCGAAGAUACCAGGCCGCUGCGAC
UGUUUAUUAAAAACACAGCACUCUGCAAACACGAAAGUGGACGUAUAGGGUGUGACGCCUGCCCGGUGCCGGAAGGUUAA
UUGAUGGGGUUAGCGCAAGCGAAGCUCUUGAUCGAAGCCCCGGUAAACGGCGGCCGUAACUAUAACGGUCCUAAGGUAGC
GAAAUUCCUUGUCGGGUAAGUUCCGACCUGCACGAAUGGCGUAACGAUGGCGGCGCUGUCUCCACCCGAGACUCAGUGAA
AUUGAAAUCGCUGUGAAGAUGCAGUGUAUCCGCGGCUAGACGGAAAGACCCCGUGAACCUUUACUGUAGCUUUGCACUGG
ACUUUGAGCCUGCUUGUGUAGGAUAGGUGGGAGGCUUUGAAGCGUGGACGCCAGUUCGCGUGGAGCCAUCCUUGAAAUAC
CACCCUGGCAUGCUUGAGGUUCUAACUCUGGUCCGUAAUCCGGAUCGAGGACAGUGUAUGGUGGGCAGUUUGACUGGGGC
GGUCUCCUCCUAAAGAGUAACGGAGGAGUACGAAGGUGCGCUCAGACCGGUCGGAAAUCGGUCGCAGAGUAUAAAGGCAA
AAGCGCGCUUGACUGCGAGACAGACACGUCGAGCAGGUACGAAAGUAGGUCUUAGUGAUCCGGUGGUUCUGUAUGGAAGG
GCCAUCGCUCAACGGAUAAAAGGUACUCCGGGGAUAACAGGCUGAUACCGCCCAAGAGUUCAUAUCGACGGCGGUGUUUG
GCACCUCGAUGUCGGCUCAUCACAUCCUGGGGCUGAAGCCGGUCCCAAGGGUAUGGCUGUUCGCCAUUUAAAGUGGUACG
CGAGCUGGGUUUAGAACGUCGUGAGACAGUUCGGUCCCUAUCUGCCGUGGACGUUUGAGAUUUGAGAGGGGCUGCUCCUA
GUACGAGAGGACCGGAGUGGACGAACCUCUGGUGUUCCGGUUGUCACGCCAGUGGCAUUGCCGGGUAGCUAUGUUCGGAA
AAGAUAACCGCUGAAAGCAUCUAAGCGGGAAACUUGCCUCAAGAUGAGAUCUCACUGGGAACUUGAUUCCCCUGAAGGGC
CGUCGAAGACUACGACGUUGAUAGGCUGGGUGUGUAAGCGUUGUGAGGCGUUGAGCUAACCAGUACUAAUGGCCCGUGAG
GCUUGACC
;
A
23 'polyribonucleotide'
;GCUUGACGAUCAUAGAGCGUUGGAACCACCUGAUCCCUUCCCGAACUCAGAAGUGAAACGACGCAUCGCCGAUGGUAGUG
UGGGGUCUCCCCAUGUGAGAGUAGGUCAUCGUCAAGC
;
B
24 'polypeptide(L)'
;IVKCKPTSAGRRFVVKVVNQELHKGAPYAPLLEKKSKSGGRNNNGRITTRHIGGGHKQHYRLVDFRRNKDGIPAIVERVE
YDPNRTAHIALLKYADGERRYIIAPKGVAAGDQLISGIGAPIKAGNSMPLRNIPVGSTVHGIELKPGKGAQIARSAGASA
QLVAREGAYVTLRLRSGEMRKVLAECRATLGEVSNSEHSLRSLGKAGATRWRGVRPTVRGVAMNPVDHPHGGGEGRTSAG
RHPVSPWGLQTKGKKTRSNKRTDNMIVRRRK
;
C
25 'polypeptide(L)'
;IGVVGRKCGMTRIFTEEGVSIPVTVIEVEPNRVTQFKTEETDGYRAVQVTAGERRASRVTKAQAGHFAKANVAAGRGVWE
FRLGEEQYAAGDQITVDLFQAGQMVDVTGESKGKGFAGTIKRWNFRGQDNTHGNSVSHRVPGSIGQCQTPGRVFKGKKMS
GHLGAERVTVQSLEIVRVDAERNLLLVKGAVPGATGGDVIVRPAAKA
;
D
26 'polypeptide(L)'
;QLNVNGAQAIEVSERTFGGEFNETLVHQAVVAYMAGGRQGSKAQKTRSEVSGGGKKPWRQKGTGRARAGTIRSPIWRGGG
TTFAAKPRSHEQKLNKKMYRAALRSILAELVRLDRLVVVADFAVDAPKTKGLVAKLDTLGLKDVLIVTDGVDENLYLAAR
NLAHVDVRDVQGSDPVSLIAYDKVLVTVSAVKKFEELLG
;
E
27 'polypeptide(L)'
;RLKELYRKEIAPKLKEELQLANVMEVPRVTKITLNMGLGEAVGDKKIIENAVADLEKITGQKPVVTYARKSIAGFKIREG
WPIGVKVTLRSDRMYEFLDRLLSISLPRVRDFRGLNAKSFDGRGNYSMGVKEQIIFPEIDYDKIDALRGLDITLTTTART
DDEGRALLRAFKFP
;
F
28 'polypeptide(L)'
;SRVAKNPVKLPAGVEIKLAGQQLSIKGAKGALELKVHPSVEVIQDSGELRFAARNGDQQTRAMAGTTRALVNNMVVGVSQ
GFERKLQLVGVGYKAQAKGQVLSLSLGFSHPVDYELPAGIVAETPSQTDILIKGIDKQLVGQVAAEIRDFRPPEPYKGKG
VRYADEVVRRKEA
;
G
29 'polypeptide(L)' EVILLEKVANLGNLGDKVNIKGGYARNFLLPQGKATVATAENVAAFEARRAELEKAAAEKKAAAEARAAQLSELVVTL H
30 'polypeptide(L)'
;KKIQAYIKLQVKAGQANPSPPVGPALGQHGVNIMEFCKAFNAKTQGQEPGLPTPVIITVYSDRSFTFETKSTPAAVLLKK
AAGITSGSARPNSQKVGTVTRAQLEEIAKTKQADLTAADLDAAVRTIAGSARSMGLNVEG
;
I
31 'polypeptide(L)'
;KTYTAKPETVQRDWFVVDAAGQTLGRLATEIARRLRGKHKPEYTPHVDTGDYIVVINAEQVRVTGAKTTDKMYYHHSGFP
GGIKSINFEKLIAKAPERVIETAVKGMLPKNPLGRDMYRKLKVYKGASHPHTAQQPQELKI
;
J
32 'polypeptide(L)'
;MIQTQSMLDVADNSGARRVMCIKVLGGSHRRYAGIGDIIKVTVKEAIPRGKVKKGQVMTAVVVRTKHGVRRTDGSIIRFD
GNAAVLLNNKQEPIGTRIFGPVTRELRTEKFMKIVSLAPE
;
K
33 'polypeptide(L)'
;QLNDLRSAPGARREKHRPGRGIGSGLGKTGGRGHKGLTSRSGGKVAPGFEGGQQPLHRRLPKFGFVSLKAMDRAEVRTSE
LAKVEGDVVSLQTLKDANLINQHVQRVKVMLSGEVGRAVTLKGIAATKGARAAIEAAGGKFED
;
L
34 'polypeptide(L)'
;MLQPKRTKFRKQMTGHNRGLAHRGSKVSFGEYALKATSRGRLTARQIESARRALTRHVKRGGKIWIRVFPDKPVTKKPLE
VRMGKGKGGVEYWVAQIQPGKVLYEIEGVSEELAREAFALAAAKLPLATSFVKRT
;
M
35 'polypeptide(L)'
;MRHRKSGRHLSRTSAHRKAMFQNMAVSLFEHELIKTTLPKAKELRRVAEPLITLAKEDSVANRRLAFDRTRSKAAVGKLF
NDLGKRYANRPGGYLRILKCGFRAGDNAPMAYVELVDR
;
N
36 'polypeptide(L)'
;SVKKETRLRRARKARLKMRELETVRLCVYRSSQHIYAQVIAADGGKVLASASTLDKDLREGATGNIDAAKKVGQLVAERA
KAAGVTQVAFDRSGFKYHGRVKALADAAREGGLEF
;
O
37 'polypeptide(L)'
;KIIQQIEAEQMNKEIPAFAPGDTVIVQVKVKEGDRQRLQAFEGVVIAKRNRGLNSAFTVRKISNGVGVERTFQTYSPIVD
SLSVKRRGDVRKAKLYYLRALSGKAARIKEKLV
;
P
38 'polypeptide(L)'
;ARVKRGVIARRRHKKILKLAKGYYGARSRVFRVAKQAVIKAGQYAYRDRRQRKRQFRALWIARINAGARQNGLSYSRLIA
GLKKAAIEIDRKVLADLAVNEKAAFTAIVEKAKASLA
;
Q
39 'polypeptide(L)'
;MYAVIVTGGKQHKVTEGEFLKVEKLDVATGEAIDFDRVLLVANGEDVKIGLPVVEGAKVTAEVVSHGRHDKVRIIKFRRR
KHHMKRQGHRQWFTEIKITGIQ
;
R
40 'polypeptide(L)'
;EVAAKLSGARISAQKARLVADQIRGKKVGEALNLLAFSSKKAAEIMKKVLESAVANAEHNEGADVDDLKVSTVFVNEGRS
LKRIMPRAKGRADRIVKRSCHITVKVADK
;
S
41 'polypeptide(L)'
;NQERVFKVLLGPHISEKATGLADGKSQFVFKVATDATKLEIKKAVESLFSVKVQRVTTLNVKGKTKRTARGLGKRNDWKK
AYIALQPGQDLD
;
T
42 'polypeptide(L)'
;MQKIRRDDEVIVIAGKDKGKRGKVLKVLADDRLVVGGVNLIKRHTKPNPMLGQQGGIVEKEAPLHVSNVAIFNTETSKAD
RVGFKVEDGKKIRVFKSTQKPVQ
;
U
43 'polypeptide(L)'
;FIVNAQVRSDLGKGASRRLRRNAGLVPAVVYGGDKEPQSVTLELREIAKLLENEAAFSHVIALNVGGVKETVLIKALQRH
PAKGFVMHADFLRVVADHKLTAHVPLHFINEEVAVGVKQAGGEISHTISEVEVSCLPKDLPEFIEVDMAKVELGQIVHLS
DLKAPKGVELVQLAHGNDLAVANIHASR
;
V
44 'polypeptide(L)' TRNGRDSESKRLGVKLFGGQAVKAGNILVRLRGTKFHAGYGVGLGKDHTLFAKVDGVVKFETKGAFGRKYVSIVAA W
45 'polypeptide(L)' SRVCQVTGKGPVTGNNISHAHNKTRRRFLPNLQHHRFWVESEKRFVRLRVSAKGMRIIDKRGIEAVLADLRARGEKF X
46 'polypeptide(L)' KANELREEKSGPVTGNNISHLLRDQFNLRMQKATGQLGQSHLLSQVKRDIARVKTVLNQQ Y
47 'polypeptide(L)' ATVKVTLVKSLNGRLANHKACVKGLGLRRINHTVEVQDTPENRGMINKAYYLLRVEG Z
48 'polypeptide(L)' KADIHPTYEAIEATCSCGNVIKTRSTLCKPI 1
49 'polypeptide(L)' AVQQNKKSRSARDMRRSHDALESNALSVEKSTGEVHLRHHVSPDGFYRGRKVV 2
50 'polypeptide(L)' RELIRLVSSAGTGHFYTTDKNKRTKPEKIEIKKYDPVVRQHVIYKEAKIK 3
51 'polypeptide(L)' MKRTFQPSTLKRARVHGFRARMATKNGRQVLSRRRAKGRKRLTV 4
52 'polypeptide(L)' PKMKTKSGAAKRFKKTAGGLKHKHAFKSHILTKMTTKRKRQLRGTSMLNKSDVARVERSLRLR 5
53 'polypeptide(L)' MKVRASVKKLCRNCKIIRRDGIVRVICSAEPRHKQRQG 6
#
loop_
_chem_comp.id
_chem_comp.type
_chem_comp.name
_chem_comp.formula
A RNA linking ADENOSINE-5'-MONOPHOSPHATE 'C10 H14 N5 O7 P'
C RNA linking CYTIDINE-5'-MONOPHOSPHATE 'C9 H14 N3 O8 P'
G RNA linking GUANOSINE-5'-MONOPHOSPHATE 'C10 H14 N5 O8 P'
MG non-polymer 'MAGNESIUM ION' 'Mg 2'
U RNA linking URIDINE-5'-MONOPHOSPHATE 'C9 H13 N2 O9 P'
#
# COMPACT_ATOMS: atom_id res chain seq x y z
N GLN B 1 -66.68 36.64 -96.04
CA GLN B 1 -65.41 36.40 -96.71
C GLN B 1 -64.43 37.53 -96.43
N VAL B 2 -64.15 38.32 -97.48
CA VAL B 2 -63.27 39.48 -97.37
C VAL B 2 -64.02 40.68 -96.81
N ASN B 3 -65.35 40.58 -96.69
CA ASN B 3 -66.18 41.68 -96.21
C ASN B 3 -65.85 42.05 -94.77
N MET B 4 -65.95 43.34 -94.47
CA MET B 4 -65.58 43.83 -93.16
C MET B 4 -66.65 43.55 -92.11
N ARG B 5 -67.93 43.59 -92.51
CA ARG B 5 -68.99 43.34 -91.56
C ARG B 5 -69.14 41.87 -91.21
N ASP B 6 -68.50 40.98 -91.98
CA ASP B 6 -68.31 39.62 -91.50
C ASP B 6 -67.36 39.58 -90.32
N MET B 7 -66.36 40.45 -90.32
CA MET B 7 -65.42 40.51 -89.21
C MET B 7 -66.00 41.23 -88.01
N LEU B 8 -66.85 42.23 -88.25
CA LEU B 8 -67.39 43.04 -87.17
C LEU B 8 -68.49 42.32 -86.40
N LYS B 9 -69.33 41.56 -87.11
CA LYS B 9 -70.52 40.98 -86.51
C LYS B 9 -70.27 39.60 -85.92
N ALA B 10 -69.21 38.92 -86.33
CA ALA B 10 -68.97 37.56 -85.85
C ALA B 10 -68.38 37.56 -84.44
N GLY B 11 -67.72 38.65 -84.04
CA GLY B 11 -67.04 38.65 -82.76
C GLY B 11 -65.60 38.21 -82.91
N VAL B 12 -64.87 38.86 -83.81
CA VAL B 12 -63.46 38.53 -84.03
C VAL B 12 -62.57 39.35 -83.11
N HIS B 13 -62.98 40.57 -82.78
CA HIS B 13 -62.04 41.55 -82.24
C HIS B 13 -61.63 41.26 -80.80
N PHE B 14 -62.47 40.55 -80.06
CA PHE B 14 -62.31 40.39 -78.62
C PHE B 14 -61.34 39.27 -78.30
N GLY B 15 -60.59 39.43 -77.21
CA GLY B 15 -59.64 38.42 -76.78
C GLY B 15 -60.13 37.72 -75.52
N HIS B 16 -59.22 36.96 -74.92
CA HIS B 16 -59.58 36.15 -73.73
C HIS B 16 -59.74 37.08 -72.53
N GLN B 17 -58.67 37.66 -72.00
CA GLN B 17 -58.66 38.55 -70.84
C GLN B 17 -57.38 39.37 -70.93
N THR B 18 -57.01 39.99 -69.81
CA THR B 18 -55.79 40.78 -69.81
C THR B 18 -54.66 40.08 -69.06
N ARG B 19 -54.98 39.12 -68.20
CA ARG B 19 -53.90 38.41 -67.52
C ARG B 19 -53.52 37.13 -68.25
N TYR B 20 -54.48 36.48 -68.91
CA TYR B 20 -54.14 35.42 -69.84
C TYR B 20 -53.54 36.07 -71.08
N TRP B 21 -52.23 35.95 -71.25
CA TRP B 21 -51.53 36.93 -72.06
C TRP B 21 -50.23 36.33 -72.55
N ASN B 22 -49.79 36.80 -73.72
CA ASN B 22 -48.54 36.37 -74.33
C ASN B 22 -47.96 37.52 -75.14
N PRO B 23 -46.79 38.04 -74.76
CA PRO B 23 -46.19 39.14 -75.53
C PRO B 23 -45.51 38.72 -76.83
N LYS B 24 -45.43 37.43 -77.13
CA LYS B 24 -44.99 37.04 -78.48
C LYS B 24 -46.09 37.25 -79.49
N MET B 25 -47.33 37.37 -79.04
CA MET B 25 -48.46 37.70 -79.90
C MET B 25 -48.74 39.18 -79.93
N GLY B 26 -48.29 39.93 -78.93
CA GLY B 26 -48.64 41.32 -78.71
C GLY B 26 -48.31 42.34 -79.78
N LYS B 27 -47.63 41.92 -80.85
CA LYS B 27 -47.49 42.80 -82.01
C LYS B 27 -48.81 42.98 -82.73
N PHE B 28 -49.69 41.99 -82.64
CA PHE B 28 -50.91 41.95 -83.45
C PHE B 28 -52.12 42.34 -82.61
N ILE B 29 -51.93 43.25 -81.66
CA ILE B 29 -52.99 43.65 -80.76
C ILE B 29 -53.29 45.13 -80.99
N PHE B 30 -54.50 45.54 -80.61
CA PHE B 30 -54.96 46.91 -80.82
C PHE B 30 -55.25 47.66 -79.54
N GLY B 31 -55.77 47.01 -78.51
CA GLY B 31 -56.09 47.76 -77.31
C GLY B 31 -56.45 46.84 -76.16
N ALA B 32 -56.82 47.48 -75.05
CA ALA B 32 -57.16 46.81 -73.79
C ALA B 32 -58.44 47.40 -73.19
N ARG B 33 -59.48 47.49 -74.02
CA ARG B 33 -60.71 48.16 -73.64
C ARG B 33 -61.50 47.31 -72.66
N ASN B 34 -61.81 47.88 -71.49
CA ASN B 34 -62.62 47.27 -70.43
C ASN B 34 -62.03 45.95 -69.94
N LYS B 35 -60.71 45.94 -69.75
CA LYS B 35 -59.90 44.82 -69.25
C LYS B 35 -59.95 43.57 -70.12
N ILE B 36 -60.45 43.68 -71.36
CA ILE B 36 -60.47 42.58 -72.32
C ILE B 36 -59.75 43.06 -73.57
N HIS B 37 -58.78 42.28 -74.04
CA HIS B 37 -57.91 42.73 -75.11
C HIS B 37 -58.60 42.69 -76.47
N ILE B 38 -58.41 43.78 -77.22
CA ILE B 38 -58.99 43.95 -78.54
C ILE B 38 -57.91 43.68 -79.57
N ILE B 39 -58.16 42.70 -80.44
CA ILE B 39 -57.18 42.34 -81.46
C ILE B 39 -57.19 43.40 -82.57
N ASN B 40 -56.14 43.40 -83.38
CA ASN B 40 -56.05 44.35 -84.47
C ASN B 40 -57.00 43.94 -85.61
N LEU B 41 -57.59 44.95 -86.24
CA LEU B 41 -58.59 44.76 -87.28
C LEU B 41 -58.04 44.91 -88.69
N GLU B 42 -56.89 45.55 -88.86
CA GLU B 42 -56.40 45.95 -90.17
C GLU B 42 -55.29 45.08 -90.72
N LYS B 43 -54.57 44.35 -89.87
CA LYS B 43 -53.56 43.41 -90.33
C LYS B 43 -54.09 41.99 -90.45
N THR B 44 -55.38 41.78 -90.19
CA THR B 44 -55.91 40.41 -90.21
C THR B 44 -56.19 39.97 -91.65
N LEU B 45 -56.98 40.74 -92.37
CA LEU B 45 -57.47 40.39 -93.70
C LEU B 45 -56.41 40.33 -94.82
N PRO B 46 -55.31 41.10 -94.80
CA PRO B 46 -54.20 40.74 -95.71
C PRO B 46 -53.57 39.40 -95.39
N MET B 47 -53.44 39.06 -94.10
CA MET B 47 -52.95 37.73 -93.74
C MET B 47 -53.98 36.66 -94.05
N PHE B 48 -55.27 37.00 -93.88
CA PHE B 48 -56.33 36.03 -94.05
C PHE B 48 -56.58 35.69 -95.51
N ASN B 49 -56.42 36.68 -96.41
CA ASN B 49 -56.62 36.42 -97.83
C ASN B 49 -55.48 35.61 -98.41
N GLU B 50 -54.25 35.87 -97.96
CA GLU B 50 -53.09 35.13 -98.46
C GLU B 50 -53.01 33.71 -97.90
N ALA B 51 -53.75 33.40 -96.84
CA ALA B 51 -53.86 32.02 -96.39
C ALA B 51 -54.68 31.19 -97.36
N LEU B 52 -55.81 31.74 -97.81
CA LEU B 52 -56.66 31.07 -98.79
C LEU B 52 -56.01 31.02 -100.17
N THR B 53 -54.99 31.85 -100.41
CA THR B 53 -54.26 31.78 -101.68
C THR B 53 -53.47 30.50 -101.79
N PHE B 54 -52.83 30.08 -100.70
CA PHE B 54 -52.05 28.84 -100.71
C PHE B 54 -52.89 27.61 -100.37
N VAL B 55 -54.11 27.79 -99.86
CA VAL B 55 -55.05 26.68 -99.80
C VAL B 55 -55.50 26.29 -101.21
N GLU B 56 -55.90 27.29 -102.00
CA GLU B 56 -56.28 27.07 -103.39
C GLU B 56 -55.10 26.64 -104.24
N ARG B 57 -53.88 27.06 -103.86
CA ARG B 57 -52.70 26.64 -104.59
C ARG B 57 -52.40 25.16 -104.38
N LEU B 58 -52.73 24.63 -103.20
CA LEU B 58 -52.58 23.20 -102.97
C LEU B 58 -53.76 22.41 -103.50
N ALA B 59 -54.98 22.96 -103.37
CA ALA B 59 -56.20 22.18 -103.57
C ALA B 59 -56.37 21.72 -105.01
N ALA B 60 -55.80 22.43 -105.97
CA ALA B 60 -55.78 22.01 -107.36
C ALA B 60 -54.54 21.20 -107.70
N GLY B 61 -53.86 20.64 -106.71
CA GLY B 61 -52.63 19.93 -106.94
C GLY B 61 -52.62 18.49 -106.48
N LYS B 62 -53.81 17.91 -106.28
CA LYS B 62 -54.02 16.49 -105.98
C LYS B 62 -53.31 16.08 -104.68
N ASN B 63 -53.83 16.61 -103.58
CA ASN B 63 -53.29 16.30 -102.26
C ASN B 63 -54.43 16.34 -101.25
N LYS B 64 -54.08 16.39 -99.97
CA LYS B 64 -55.05 16.31 -98.88
C LYS B 64 -54.97 17.53 -97.99
N ILE B 65 -56.09 17.85 -97.35
CA ILE B 65 -56.21 18.95 -96.41
C ILE B 65 -56.89 18.42 -95.16
N LEU B 66 -56.26 18.63 -94.00
CA LEU B 66 -56.72 18.01 -92.77
C LEU B 66 -57.32 19.06 -91.83
N PHE B 67 -58.53 18.80 -91.37
CA PHE B 67 -59.25 19.68 -90.45
C PHE B 67 -59.24 19.08 -89.05
N VAL B 68 -58.75 19.85 -88.08
CA VAL B 68 -58.64 19.40 -86.70
C VAL B 68 -59.26 20.42 -85.76
N GLY B 69 -59.09 20.21 -84.46
CA GLY B 69 -59.56 21.17 -83.47
C GLY B 69 -60.81 20.73 -82.75
N THR B 70 -60.83 19.47 -82.31
CA THR B 70 -62.03 18.85 -81.75
C THR B 70 -62.29 19.38 -80.34
N LYS B 71 -63.20 20.34 -80.26
CA LYS B 71 -63.91 20.66 -79.03
C LYS B 71 -65.36 20.24 -79.21
N ARG B 72 -65.93 19.62 -78.18
CA ARG B 72 -67.31 19.17 -78.26
C ARG B 72 -68.30 20.34 -78.27
N SER B 73 -67.86 21.53 -77.84
CA SER B 73 -68.73 22.70 -77.82
C SER B 73 -68.90 23.30 -79.20
N ALA B 74 -67.81 23.76 -79.81
CA ALA B 74 -67.89 24.54 -81.04
C ALA B 74 -67.11 23.92 -82.19
N GLY B 75 -66.85 22.62 -82.15
CA GLY B 75 -66.19 21.94 -83.24
C GLY B 75 -67.14 21.24 -84.19
N LYS B 76 -68.46 21.40 -84.04
CA LYS B 76 -69.40 20.72 -84.92
C LYS B 76 -69.47 21.35 -86.29
N ILE B 77 -69.02 22.59 -86.44
CA ILE B 77 -68.90 23.16 -87.77
C ILE B 77 -67.76 22.48 -88.53
N VAL B 78 -66.74 22.01 -87.83
CA VAL B 78 -65.69 21.21 -88.46
C VAL B 78 -66.24 19.82 -88.80
N ARG B 79 -67.20 19.34 -88.02
CA ARG B 79 -67.88 18.11 -88.35
C ARG B 79 -68.78 18.28 -89.57
N GLU B 80 -69.25 19.50 -89.81
CA GLU B 80 -70.33 19.75 -90.77
C GLU B 80 -69.83 20.18 -92.14
N GLU B 81 -68.87 21.09 -92.21
CA GLU B 81 -68.43 21.65 -93.48
C GLU B 81 -67.19 20.93 -93.98
N ALA B 82 -67.19 19.62 -93.78
CA ALA B 82 -66.12 18.73 -94.15
C ALA B 82 -66.78 17.40 -94.55
N ALA B 83 -65.99 16.32 -94.51
CA ALA B 83 -66.42 14.96 -94.86
C ALA B 83 -66.88 14.90 -96.32
N ARG B 84 -65.98 15.33 -97.19
CA ARG B 84 -66.07 15.08 -98.63
C ARG B 84 -64.74 14.51 -99.08
N CYS B 85 -64.67 14.18 -100.38
CA CYS B 85 -63.65 13.27 -100.91
C CYS B 85 -62.23 13.85 -100.91
N GLY B 86 -62.05 15.12 -100.57
CA GLY B 86 -60.72 15.69 -100.60
C GLY B 86 -60.18 16.13 -99.26
N MET B 87 -60.98 16.02 -98.19
CA MET B 87 -60.51 16.48 -96.89
C MET B 87 -60.86 15.52 -95.76
N PRO B 88 -59.89 14.85 -95.15
CA PRO B 88 -60.14 14.13 -93.90
C PRO B 88 -60.36 15.09 -92.74
N TYR B 89 -60.87 14.55 -91.64
CA TYR B 89 -61.10 15.34 -90.45
C TYR B 89 -61.06 14.41 -89.23
N VAL B 90 -61.14 15.01 -88.04
CA VAL B 90 -61.13 14.27 -86.79
C VAL B 90 -62.31 14.69 -85.92
N ASP B 91 -62.71 13.79 -85.04
CA ASP B 91 -63.89 13.95 -84.20
C ASP B 91 -63.61 13.85 -82.70
N HIS B 92 -62.56 13.15 -82.30
CA HIS B 92 -62.23 12.94 -80.90
C HIS B 92 -60.87 13.58 -80.64
N ARG B 93 -60.32 13.32 -79.45
CA ARG B 93 -58.99 13.80 -79.07
C ARG B 93 -57.93 13.32 -80.06
N TRP B 94 -57.01 14.23 -80.39
CA TRP B 94 -55.89 13.91 -81.26
C TRP B 94 -54.99 12.87 -80.60
N LEU B 95 -54.76 11.77 -81.30
CA LEU B 95 -54.00 10.67 -80.73
C LEU B 95 -52.53 11.03 -80.64
N GLY B 96 -51.89 10.66 -79.52
CA GLY B 96 -50.50 10.96 -79.35
C GLY B 96 -49.66 10.11 -80.27
N GLY B 97 -49.19 10.72 -81.34
CA GLY B 97 -48.38 10.06 -82.34
C GLY B 97 -49.29 9.57 -83.43
N MET B 98 -49.49 10.38 -84.45
CA MET B 98 -50.27 9.95 -85.61
C MET B 98 -49.51 10.12 -86.90
N LEU B 99 -48.93 11.30 -87.11
CA LEU B 99 -48.11 11.51 -88.30
C LEU B 99 -46.78 10.77 -88.16
N THR B 100 -46.26 10.67 -86.95
CA THR B 100 -44.97 10.03 -86.70
C THR B 100 -45.09 8.54 -86.45
N ASN B 101 -46.24 8.07 -85.97
CA ASN B 101 -46.47 6.65 -85.71
C ASN B 101 -47.54 6.14 -86.67
N TYR B 102 -47.45 6.54 -87.93
CA TYR B 102 -48.46 6.21 -88.92
C TYR B 102 -48.42 4.75 -89.32
N LYS B 103 -47.30 4.07 -89.09
CA LYS B 103 -47.20 2.64 -89.36
C LYS B 103 -48.11 1.83 -88.44
N THR B 104 -48.31 2.29 -87.21
CA THR B 104 -49.22 1.61 -86.29
C THR B 104 -50.67 1.85 -86.70
N ILE B 105 -50.98 3.06 -87.15
CA ILE B 105 -52.35 3.42 -87.48
C ILE B 105 -52.80 2.73 -88.78
N ARG B 106 -51.85 2.39 -89.66
CA ARG B 106 -52.16 1.53 -90.80
C ARG B 106 -52.64 0.17 -90.36
N GLN B 107 -52.10 -0.33 -89.24
CA GLN B 107 -52.52 -1.63 -88.73
C GLN B 107 -53.86 -1.54 -88.00
N SER B 108 -54.18 -0.39 -87.42
CA SER B 108 -55.40 -0.25 -86.65
C SER B 108 -56.59 0.19 -87.50
N ILE B 109 -56.36 0.56 -88.76
CA ILE B 109 -57.46 0.80 -89.69
C ILE B 109 -57.90 -0.51 -90.34
N LYS B 110 -57.13 -1.59 -90.15
CA LYS B 110 -57.53 -2.90 -90.63
C LYS B 110 -58.76 -3.41 -89.89
N ARG B 111 -58.87 -3.08 -88.60
CA ARG B 111 -60.09 -3.37 -87.86
C ARG B 111 -61.26 -2.52 -88.33
N LEU B 112 -60.98 -1.28 -88.75
CA LEU B 112 -62.03 -0.38 -89.20
C LEU B 112 -62.65 -0.84 -90.50
N ARG B 113 -61.85 -1.44 -91.38
CA ARG B 113 -62.31 -1.92 -92.68
C ARG B 113 -63.06 -3.24 -92.60
N ASP B 114 -63.28 -3.78 -91.40
CA ASP B 114 -64.00 -5.04 -91.28
C ASP B 114 -65.27 -4.92 -90.46
N LEU B 115 -65.23 -4.20 -89.34
CA LEU B 115 -66.31 -4.27 -88.36
C LEU B 115 -67.59 -3.58 -88.82
N GLU B 116 -67.53 -2.74 -89.86
CA GLU B 116 -68.76 -2.32 -90.51
C GLU B 116 -69.40 -3.48 -91.25
N THR B 117 -68.62 -4.18 -92.07
CA THR B 117 -69.12 -5.31 -92.83
C THR B 117 -69.38 -6.52 -91.92
N GLN B 118 -68.61 -6.64 -90.84
CA GLN B 118 -68.75 -7.77 -89.92
C GLN B 118 -70.08 -7.76 -89.19
N SER B 119 -70.73 -6.60 -89.05
CA SER B 119 -72.05 -6.51 -88.45
C SER B 119 -73.19 -6.95 -89.38
N GLN B 120 -72.85 -7.55 -90.54
CA GLN B 120 -73.84 -8.28 -91.33
C GLN B 120 -74.46 -9.42 -90.54
N ASP B 121 -73.62 -10.21 -89.86
CA ASP B 121 -74.12 -11.35 -89.11
C ASP B 121 -74.82 -10.90 -87.83
N GLY B 122 -74.08 -10.31 -86.91
CA GLY B 122 -74.64 -9.91 -85.64
C GLY B 122 -74.96 -11.10 -84.74
N THR B 128 -72.83 -15.22 -80.29
CA THR B 128 -74.18 -15.37 -79.73
C THR B 128 -74.87 -14.02 -79.60
N LYS B 129 -75.62 -13.85 -78.50
CA LYS B 129 -76.43 -12.66 -78.32
C LYS B 129 -75.61 -11.48 -77.83
N LYS B 130 -75.01 -11.61 -76.64
CA LYS B 130 -74.17 -10.54 -76.10
C LYS B 130 -72.84 -10.46 -76.84
N GLU B 131 -72.41 -11.55 -77.48
CA GLU B 131 -71.17 -11.57 -78.24
C GLU B 131 -71.21 -10.62 -79.43
N ALA B 132 -72.40 -10.41 -80.00
CA ALA B 132 -72.55 -9.38 -81.02
C ALA B 132 -72.36 -7.99 -80.43
N LEU B 133 -72.83 -7.78 -79.19
CA LEU B 133 -72.65 -6.51 -78.51
C LEU B 133 -71.22 -6.33 -78.02
N MET B 134 -70.46 -7.42 -77.87
CA MET B 134 -69.07 -7.31 -77.44
C MET B 134 -68.18 -6.72 -78.52
N ARG B 135 -68.57 -6.83 -79.78
CA ARG B 135 -67.80 -6.27 -80.88
C ARG B 135 -68.44 -5.05 -81.51
N SER B 136 -69.77 -4.94 -81.44
CA SER B 136 -70.43 -3.73 -81.91
C SER B 136 -70.28 -2.57 -80.95
N ARG B 137 -69.80 -2.81 -79.73
CA ARG B 137 -69.45 -1.71 -78.84
C ARG B 137 -68.18 -1.01 -79.31
N ASP B 138 -67.19 -1.79 -79.76
CA ASP B 138 -65.91 -1.24 -80.19
C ASP B 138 -66.03 -0.48 -81.51
N LEU B 139 -67.11 -0.67 -82.25
CA LEU B 139 -67.32 0.07 -83.49
C LEU B 139 -67.61 1.53 -83.21
N GLU B 140 -68.15 1.84 -82.02
CA GLU B 140 -68.46 3.22 -81.67
C GLU B 140 -67.20 4.03 -81.38
N LYS B 141 -66.23 3.44 -80.66
CA LYS B 141 -65.00 4.16 -80.36
C LYS B 141 -64.14 4.34 -81.60
N LEU B 142 -64.08 3.32 -82.46
CA LEU B 142 -63.33 3.45 -83.71
C LEU B 142 -63.99 4.43 -84.67
N GLU B 143 -65.32 4.53 -84.62
CA GLU B 143 -66.01 5.57 -85.38
C GLU B 143 -65.74 6.94 -84.77
N ARG B 144 -65.56 6.99 -83.45
CA ARG B 144 -65.37 8.26 -82.76
C ARG B 144 -64.02 8.87 -83.08
N SER B 145 -63.00 8.04 -83.32
CA SER B 145 -61.65 8.55 -83.55
C SER B 145 -61.18 8.28 -84.97
N LEU B 146 -61.15 7.03 -85.41
CA LEU B 146 -60.68 6.71 -86.74
C LEU B 146 -61.74 6.87 -87.81
N GLY B 147 -62.95 7.31 -87.47
CA GLY B 147 -64.02 7.37 -88.44
C GLY B 147 -63.82 8.45 -89.47
N GLY B 148 -63.32 9.62 -89.05
CA GLY B 148 -63.12 10.73 -89.95
C GLY B 148 -62.04 10.51 -90.98
N ILE B 149 -61.09 9.63 -90.70
CA ILE B 149 -60.04 9.28 -91.64
C ILE B 149 -60.41 7.94 -92.28
N LYS B 150 -60.84 8.00 -93.53
CA LYS B 150 -60.92 6.82 -94.37
C LYS B 150 -59.78 6.72 -95.35
N ASP B 151 -59.03 7.80 -95.53
CA ASP B 151 -57.86 7.78 -96.40
C ASP B 151 -56.76 6.92 -95.80
N MET B 152 -56.02 6.24 -96.67
CA MET B 152 -54.80 5.55 -96.28
C MET B 152 -53.75 5.81 -97.34
N GLY B 153 -52.52 6.01 -96.92
CA GLY B 153 -51.43 6.25 -97.84
C GLY B 153 -51.01 7.70 -97.88
N GLY B 154 -49.71 7.94 -97.79
CA GLY B 154 -49.20 9.29 -97.77
C GLY B 154 -49.49 9.98 -96.45
N LEU B 155 -49.14 11.26 -96.43
CA LEU B 155 -49.37 12.12 -95.29
C LEU B 155 -50.05 13.39 -95.77
N PRO B 156 -50.96 13.96 -94.96
CA PRO B 156 -51.71 15.15 -95.39
C PRO B 156 -50.80 16.36 -95.55
N ASP B 157 -50.91 17.01 -96.71
CA ASP B 157 -50.05 18.14 -97.05
C ASP B 157 -50.58 19.46 -96.54
N ALA B 158 -51.67 19.47 -95.78
CA ALA B 158 -52.21 20.72 -95.26
C ALA B 158 -52.90 20.43 -93.94
N LEU B 159 -52.30 20.88 -92.85
CA LEU B 159 -52.89 20.78 -91.53
C LEU B 159 -53.52 22.13 -91.21
N PHE B 160 -54.84 22.16 -91.13
CA PHE B 160 -55.58 23.37 -90.77
C PHE B 160 -55.99 23.27 -89.31
N VAL B 161 -55.25 23.96 -88.46
CA VAL B 161 -55.51 23.96 -87.02
C VAL B 161 -56.39 25.14 -86.69
N ILE B 162 -57.54 24.88 -86.08
CA ILE B 162 -58.43 25.98 -85.73
C ILE B 162 -58.07 26.61 -84.39
N ASP B 163 -57.33 25.93 -83.54
CA ASP B 163 -57.00 26.44 -82.21
C ASP B 163 -55.62 25.95 -81.84
N VAL B 164 -54.68 26.88 -81.72
CA VAL B 164 -53.27 26.52 -81.52
C VAL B 164 -52.99 26.20 -80.07
N ASP B 165 -53.64 26.92 -79.15
CA ASP B 165 -53.39 26.73 -77.72
C ASP B 165 -53.91 25.38 -77.22
N HIS B 166 -54.86 24.79 -77.93
CA HIS B 166 -55.45 23.53 -77.47
C HIS B 166 -54.65 22.32 -77.91
N GLU B 167 -54.02 22.36 -79.08
CA GLU B 167 -53.33 21.19 -79.64
C GLU B 167 -51.91 21.56 -80.04
N ARG B 168 -50.97 21.43 -79.10
CA ARG B 168 -49.56 21.46 -79.42
C ARG B 168 -49.05 20.11 -79.90
N ILE B 169 -49.89 19.08 -79.88
CA ILE B 169 -49.44 17.74 -80.23
C ILE B 169 -49.22 17.63 -81.73
N ALA B 170 -50.20 18.09 -82.51
CA ALA B 170 -50.12 17.94 -83.96
C ALA B 170 -49.10 18.87 -84.57
N ILE B 171 -48.88 20.04 -83.96
CA ILE B 171 -47.91 21.01 -84.48
C ILE B 171 -46.50 20.46 -84.36
N THR B 172 -46.20 19.82 -83.22
CA THR B 172 -44.90 19.19 -83.01
C THR B 172 -44.67 18.04 -83.99
N GLU B 173 -45.68 17.21 -84.20
CA GLU B 173 -45.56 16.07 -85.10
C GLU B 173 -45.60 16.48 -86.56
N ALA B 174 -46.11 17.68 -86.86
CA ALA B 174 -46.04 18.20 -88.22
C ALA B 174 -44.64 18.65 -88.57
N ASN B 175 -44.04 19.49 -87.71
CA ASN B 175 -42.73 20.04 -87.98
C ASN B 175 -41.60 19.03 -87.89
N LYS B 176 -41.85 17.83 -87.34
CA LYS B 176 -40.88 16.77 -87.46
C LYS B 176 -40.84 16.19 -88.87
N LEU B 177 -41.89 16.41 -89.66
CA LEU B 177 -41.98 15.86 -91.00
C LEU B 177 -41.94 16.92 -92.09
N GLY B 178 -42.24 18.17 -91.77
CA GLY B 178 -42.15 19.26 -92.72
C GLY B 178 -43.38 19.41 -93.59
N ILE B 179 -44.55 19.55 -92.96
CA ILE B 179 -45.78 19.80 -93.71
C ILE B 179 -46.33 21.16 -93.30
N PRO B 180 -47.02 21.87 -94.19
CA PRO B 180 -47.52 23.20 -93.84
C PRO B 180 -48.66 23.14 -92.83
N VAL B 181 -48.66 24.09 -91.90
CA VAL B 181 -49.61 24.17 -90.81
C VAL B 181 -50.37 25.48 -90.93
N ILE B 182 -51.68 25.39 -91.15
CA ILE B 182 -52.52 26.57 -91.29
C ILE B 182 -53.18 26.78 -89.94
N GLY B 183 -52.53 27.55 -89.08
CA GLY B 183 -53.04 27.75 -87.74
C GLY B 183 -53.89 28.99 -87.60
N VAL B 184 -54.76 28.98 -86.60
CA VAL B 184 -55.57 30.12 -86.23
C VAL B 184 -55.22 30.45 -84.78
N VAL B 185 -54.34 31.43 -84.59
CA VAL B 185 -53.90 31.78 -83.25
C VAL B 185 -54.90 32.72 -82.61
N ASP B 186 -54.78 32.90 -81.30
CA ASP B 186 -55.54 33.84 -80.50
C ASP B 186 -54.58 34.82 -79.87
N THR B 187 -55.09 35.61 -78.91
CA THR B 187 -54.24 36.49 -78.12
C THR B 187 -53.27 35.68 -77.25
N ASN B 188 -53.79 34.74 -76.47
CA ASN B 188 -52.96 34.05 -75.49
C ASN B 188 -52.03 33.00 -76.11
N SER B 189 -52.38 32.47 -77.28
CA SER B 189 -51.56 31.41 -77.85
C SER B 189 -50.35 31.99 -78.58
N SER B 190 -49.31 31.16 -78.71
CA SER B 190 -48.08 31.68 -79.28
C SER B 190 -48.03 31.45 -80.78
N PRO B 191 -47.55 32.43 -81.54
CA PRO B 191 -47.46 32.29 -83.00
C PRO B 191 -46.18 31.61 -83.47
N GLU B 192 -45.84 30.49 -82.84
CA GLU B 192 -44.63 29.76 -83.20
C GLU B 192 -44.98 28.29 -83.41
N GLY B 193 -44.50 27.73 -84.51
CA GLY B 193 -44.88 26.42 -84.97
C GLY B 193 -45.88 26.45 -86.10
N VAL B 194 -46.79 27.43 -86.09
CA VAL B 194 -47.73 27.62 -87.19
C VAL B 194 -47.02 28.31 -88.34
N ASP B 195 -47.44 27.98 -89.57
CA ASP B 195 -46.81 28.52 -90.77
C ASP B 195 -47.53 29.74 -91.32
N TYR B 196 -48.79 29.58 -91.70
CA TYR B 196 -49.59 30.69 -92.20
C TYR B 196 -50.57 31.09 -91.11
N VAL B 197 -50.27 32.19 -90.45
CA VAL B 197 -51.02 32.59 -89.27
C VAL B 197 -52.35 33.20 -89.67
N ILE B 198 -53.34 33.05 -88.79
CA ILE B 198 -54.61 33.77 -88.89
C ILE B 198 -54.87 34.39 -87.52
N PRO B 199 -54.52 35.64 -87.30
CA PRO B 199 -54.71 36.24 -85.97
C PRO B 199 -56.18 36.52 -85.69
N GLY B 200 -56.90 35.49 -85.27
CA GLY B 200 -58.32 35.59 -85.06
C GLY B 200 -58.72 35.18 -83.67
N ASN B 201 -59.96 34.70 -83.55
CA ASN B 201 -60.58 34.46 -82.27
C ASN B 201 -61.34 33.14 -82.32
N ASP B 202 -61.45 32.50 -81.17
CA ASP B 202 -62.15 31.22 -81.04
C ASP B 202 -63.13 31.25 -79.89
N ASP B 203 -63.91 32.32 -79.79
CA ASP B 203 -64.80 32.49 -78.64
C ASP B 203 -66.26 32.69 -79.05
N ALA B 204 -66.63 32.31 -80.28
CA ALA B 204 -68.01 32.43 -80.71
C ALA B 204 -68.30 31.40 -81.78
N ILE B 205 -69.58 31.05 -81.92
CA ILE B 205 -69.97 30.11 -82.97
C ILE B 205 -69.97 30.78 -84.33
N ARG B 206 -70.08 32.11 -84.38
CA ARG B 206 -70.06 32.82 -85.65
C ARG B 206 -68.64 32.94 -86.19
N ALA B 207 -67.68 33.19 -85.30
CA ALA B 207 -66.29 33.35 -85.75
C ALA B 207 -65.67 32.02 -86.16
N VAL B 208 -66.05 30.93 -85.48
CA VAL B 208 -65.53 29.62 -85.85
C VAL B 208 -66.19 29.13 -87.13
N GLN B 209 -67.36 29.67 -87.48
CA GLN B 209 -68.02 29.30 -88.72
C GLN B 209 -67.54 30.15 -89.89
N LEU B 210 -67.36 31.46 -89.68
CA LEU B 210 -66.89 32.33 -90.75
C LEU B 210 -65.40 32.22 -91.03
N TYR B 211 -64.65 31.46 -90.24
CA TYR B 211 -63.30 31.10 -90.65
C TYR B 211 -63.32 29.88 -91.55
N LEU B 212 -64.35 29.06 -91.46
CA LEU B 212 -64.37 27.76 -92.09
C LEU B 212 -65.23 27.72 -93.35
N ASN B 213 -66.15 28.66 -93.51
CA ASN B 213 -66.81 28.81 -94.80
C ASN B 213 -65.84 29.27 -95.87
N SER B 214 -64.79 29.98 -95.49
CA SER B 214 -63.76 30.36 -96.45
C SER B 214 -62.91 29.18 -96.86
N MET B 215 -62.71 28.21 -95.96
CA MET B 215 -61.75 27.13 -96.20
C MET B 215 -62.35 26.02 -97.05
N ALA B 216 -63.57 25.60 -96.76
CA ALA B 216 -64.19 24.54 -97.54
C ALA B 216 -64.69 25.03 -98.88
N GLU B 217 -64.87 26.34 -99.05
CA GLU B 217 -65.23 26.88 -100.36
C GLU B 217 -64.00 26.98 -101.25
N ALA B 218 -62.85 27.36 -100.67
CA ALA B 218 -61.62 27.50 -101.44
C ALA B 218 -61.08 26.17 -101.94
N VAL B 219 -61.49 25.05 -101.36
CA VAL B 219 -61.10 23.75 -101.87
C VAL B 219 -62.11 23.23 -102.90
N ILE B 220 -63.37 23.66 -102.84
CA ILE B 220 -64.32 23.34 -103.90
C ILE B 220 -63.90 23.99 -105.21
N ARG B 221 -63.54 25.27 -105.14
CA ARG B 221 -62.96 25.95 -106.30
C ARG B 221 -61.59 25.40 -106.64
N GLY B 222 -60.88 24.84 -105.65
CA GLY B 222 -59.70 24.07 -105.95
C GLY B 222 -60.03 22.77 -106.66
N LYS B 223 -61.10 22.10 -106.23
CA LYS B 223 -61.58 20.94 -106.97
C LYS B 223 -62.23 21.34 -108.29
N GLN B 224 -62.88 22.50 -108.34
CA GLN B 224 -63.35 23.03 -109.61
C GLN B 224 -62.16 23.44 -110.47
N GLY B 225 -61.09 23.93 -109.85
CA GLY B 225 -59.85 24.14 -110.58
C GLY B 225 -59.15 22.85 -110.92
N ALA B 226 -59.27 21.83 -110.06
CA ALA B 226 -58.71 20.52 -110.40
C ALA B 226 -59.49 19.83 -111.49
N ALA B 227 -60.82 20.01 -111.51
CA ALA B 227 -61.63 19.53 -112.63
C ALA B 227 -61.37 20.33 -113.89
N THR B 228 -60.98 21.60 -113.75
CA THR B 228 -60.53 22.39 -114.89
C THR B 228 -59.20 21.85 -115.40
N SER B 229 -58.35 21.36 -114.49
CA SER B 229 -57.00 20.94 -114.82
C SER B 229 -56.86 19.44 -115.01
N ALA B 230 -57.91 18.66 -114.75
CA ALA B 230 -57.82 17.21 -114.98
C ALA B 230 -57.78 16.86 -116.46
N ASP B 231 -58.28 17.75 -117.32
CA ASP B 231 -58.08 17.64 -118.75
C ASP B 231 -56.69 18.11 -119.17
N GLU B 232 -56.07 19.01 -118.39
CA GLU B 232 -54.72 19.48 -118.70
C GLU B 232 -53.69 18.37 -118.51
N PHE B 233 -54.01 17.35 -117.70
CA PHE B 233 -53.09 16.26 -117.41
C PHE B 233 -52.87 15.37 -118.62
N VAL B 234 -53.89 15.19 -119.45
CA VAL B 234 -53.82 14.35 -120.65
C VAL B 234 -53.70 15.18 -121.91
N GLU B 235 -54.57 16.18 -122.07
CA GLU B 235 -54.57 17.06 -123.24
C GLU B 235 -53.73 18.30 -122.96
N GLU B 236 -53.09 18.80 -124.02
CA GLU B 236 -52.13 19.88 -123.90
C GLU B 236 -52.62 21.20 -124.52
N ALA B 237 -53.83 21.23 -125.08
CA ALA B 237 -54.27 22.41 -125.81
C ALA B 237 -54.70 23.58 -124.92
N PRO B 238 -55.40 23.39 -123.78
CA PRO B 238 -55.49 24.50 -122.83
C PRO B 238 -54.45 24.48 -121.73
N ALA B 239 -53.57 23.48 -121.70
CA ALA B 239 -52.61 23.30 -120.61
C ALA B 239 -51.44 24.29 -120.73
N GLN C 1 -45.07 -27.17 -61.69
CA GLN C 1 -44.62 -26.25 -62.72
C GLN C 1 -44.92 -26.82 -64.08
N LYS C 2 -45.98 -26.31 -64.72
CA LYS C 2 -46.27 -26.53 -66.14
C LYS C 2 -46.45 -28.01 -66.46
N VAL C 3 -47.57 -28.54 -65.96
CA VAL C 3 -47.95 -29.93 -66.18
C VAL C 3 -48.04 -30.24 -67.66
N HIS C 4 -47.59 -31.45 -68.03
CA HIS C 4 -47.22 -31.85 -69.38
C HIS C 4 -48.34 -31.60 -70.39
N PRO C 5 -48.07 -30.92 -71.51
CA PRO C 5 -49.15 -30.47 -72.40
C PRO C 5 -49.77 -31.56 -73.27
N ASN C 6 -49.45 -32.83 -73.06
CA ASN C 6 -50.29 -33.91 -73.56
C ASN C 6 -51.19 -34.48 -72.50
N GLY C 7 -50.69 -34.58 -71.26
CA GLY C 7 -51.43 -35.26 -70.21
C GLY C 7 -52.65 -34.50 -69.73
N ILE C 8 -52.76 -33.23 -70.05
CA ILE C 8 -53.99 -32.51 -69.72
C ILE C 8 -54.99 -32.59 -70.87
N ARG C 9 -54.51 -32.77 -72.10
CA ARG C 9 -55.41 -32.96 -73.23
C ARG C 9 -55.16 -34.33 -73.88
N LEU C 10 -55.76 -35.34 -73.28
CA LEU C 10 -55.97 -36.65 -73.90
C LEU C 10 -57.49 -36.82 -73.86
N GLY C 11 -58.13 -36.62 -75.01
CA GLY C 11 -59.49 -36.17 -74.98
C GLY C 11 -59.70 -35.06 -75.98
N ILE C 12 -59.94 -33.85 -75.49
CA ILE C 12 -60.45 -32.73 -76.27
C ILE C 12 -59.55 -32.31 -77.43
N VAL C 13 -58.28 -32.71 -77.44
CA VAL C 13 -57.40 -32.31 -78.53
C VAL C 13 -56.81 -33.53 -79.22
N LYS C 14 -56.04 -34.32 -78.49
CA LYS C 14 -55.28 -35.43 -79.07
C LYS C 14 -55.79 -36.75 -78.53
N GLU C 15 -55.27 -37.84 -79.08
CA GLU C 15 -55.58 -39.19 -78.61
C GLU C 15 -54.28 -39.95 -78.35
N HIS C 16 -54.44 -41.17 -77.86
CA HIS C 16 -53.32 -42.03 -77.51
C HIS C 16 -52.51 -42.41 -78.74
N THR C 17 -51.29 -42.87 -78.50
CA THR C 17 -50.46 -43.38 -79.57
C THR C 17 -50.59 -44.87 -79.74
N SER C 18 -51.46 -45.52 -78.98
CA SER C 18 -51.61 -46.97 -79.04
C SER C 18 -52.95 -47.36 -78.46
N VAL C 19 -53.78 -48.01 -79.26
CA VAL C 19 -55.12 -48.43 -78.84
C VAL C 19 -55.21 -49.94 -78.95
N TRP C 20 -55.53 -50.58 -77.83
CA TRP C 20 -55.80 -52.00 -77.70
C TRP C 20 -56.40 -52.28 -76.34
N TYR C 21 -57.45 -53.10 -76.32
CA TYR C 21 -58.05 -53.55 -75.07
C TYR C 21 -57.33 -54.80 -74.60
N ALA C 22 -57.20 -54.94 -73.30
CA ALA C 22 -56.56 -56.11 -72.73
C ALA C 22 -57.23 -56.46 -71.40
N ASP C 23 -57.28 -57.75 -71.09
CA ASP C 23 -57.80 -58.19 -69.82
C ASP C 23 -56.80 -57.90 -68.71
N ARG C 24 -57.25 -58.09 -67.47
CA ARG C 24 -56.40 -57.82 -66.32
C ARG C 24 -55.33 -58.87 -66.11
N LYS C 25 -55.33 -59.95 -66.90
CA LYS C 25 -54.32 -60.98 -66.83
C LYS C 25 -53.28 -60.88 -67.93
N ASN C 26 -53.50 -60.00 -68.92
CA ASN C 26 -52.55 -59.83 -70.01
C ASN C 26 -52.23 -58.37 -70.26
N TYR C 27 -52.69 -57.47 -69.39
CA TYR C 27 -52.50 -56.04 -69.61
C TYR C 27 -51.05 -55.66 -69.46
N ALA C 28 -50.37 -56.26 -68.48
CA ALA C 28 -48.96 -55.98 -68.23
C ALA C 28 -48.05 -56.90 -69.02
N ASP C 29 -48.59 -57.68 -69.94
CA ASP C 29 -47.76 -58.44 -70.86
C ASP C 29 -47.83 -57.92 -72.28
N TYR C 30 -48.67 -56.92 -72.55
CA TYR C 30 -48.58 -56.18 -73.80
C TYR C 30 -47.87 -54.84 -73.64
N LEU C 31 -47.80 -54.30 -72.42
CA LEU C 31 -47.08 -53.05 -72.25
C LEU C 31 -45.58 -53.25 -72.39
N PHE C 32 -45.06 -54.34 -71.85
CA PHE C 32 -43.62 -54.56 -71.89
C PHE C 32 -43.16 -54.92 -73.29
N ALA C 33 -44.06 -55.43 -74.14
CA ALA C 33 -43.75 -55.49 -75.55
C ALA C 33 -43.65 -54.09 -76.14
N ASP C 34 -44.72 -53.30 -76.01
CA ASP C 34 -44.83 -52.02 -76.70
C ASP C 34 -43.90 -50.94 -76.17
N LEU C 35 -43.18 -51.17 -75.08
CA LEU C 35 -42.25 -50.18 -74.60
C LEU C 35 -40.81 -50.45 -74.98
N LYS C 36 -40.45 -51.71 -75.22
CA LYS C 36 -39.16 -52.01 -75.83
C LYS C 36 -39.22 -52.18 -77.33
N VAL C 37 -40.37 -51.93 -77.95
CA VAL C 37 -40.39 -51.72 -79.39
C VAL C 37 -39.91 -50.31 -79.71
N ARG C 38 -40.40 -49.31 -78.96
CA ARG C 38 -40.08 -47.93 -79.25
C ARG C 38 -38.64 -47.60 -78.88
N GLU C 39 -38.07 -48.27 -77.90
CA GLU C 39 -36.64 -48.10 -77.66
C GLU C 39 -35.82 -48.78 -78.74
N TYR C 40 -36.36 -49.82 -79.37
CA TYR C 40 -35.63 -50.48 -80.43
C TYR C 40 -35.64 -49.66 -81.71
N LEU C 41 -36.81 -49.18 -82.11
CA LEU C 41 -36.98 -48.59 -83.44
C LEU C 41 -36.24 -47.26 -83.56
N GLN C 42 -36.23 -46.46 -82.51
CA GLN C 42 -35.57 -45.17 -82.60
C GLN C 42 -34.05 -45.32 -82.56
N ASP C 43 -33.55 -46.38 -81.94
CA ASP C 43 -32.11 -46.61 -82.01
C ASP C 43 -31.67 -47.12 -83.37
N LYS C 44 -32.57 -47.76 -84.12
CA LYS C 44 -32.23 -48.14 -85.49
C LYS C 44 -32.43 -46.98 -86.44
N LEU C 45 -33.57 -46.31 -86.35
CA LEU C 45 -33.88 -45.18 -87.22
C LEU C 45 -33.41 -43.87 -86.58
N LYS C 46 -32.10 -43.77 -86.37
CA LYS C 46 -31.53 -42.52 -85.86
C LYS C 46 -31.54 -41.46 -86.94
N SER C 47 -31.18 -41.82 -88.17
CA SER C 47 -31.49 -40.99 -89.32
C SER C 47 -32.86 -41.39 -89.84
N ALA C 48 -33.29 -40.74 -90.92
CA ALA C 48 -34.62 -40.89 -91.53
C ALA C 48 -35.70 -40.63 -90.49
N SER C 49 -35.77 -39.35 -90.12
CA SER C 49 -36.39 -38.85 -88.89
C SER C 49 -37.79 -39.38 -88.63
N VAL C 50 -38.03 -39.79 -87.39
CA VAL C 50 -39.26 -40.47 -86.98
C VAL C 50 -39.94 -39.60 -85.93
N SER C 51 -41.23 -39.35 -86.11
CA SER C 51 -41.99 -38.56 -85.14
C SER C 51 -42.88 -39.42 -84.25
N ARG C 52 -43.66 -40.30 -84.85
CA ARG C 52 -44.70 -41.04 -84.14
C ARG C 52 -44.67 -42.50 -84.57
N ILE C 53 -44.79 -43.40 -83.60
CA ILE C 53 -44.90 -44.83 -83.86
C ILE C 53 -46.19 -45.29 -83.22
N ASP C 54 -47.22 -45.49 -84.02
CA ASP C 54 -48.49 -45.98 -83.50
C ASP C 54 -48.57 -47.49 -83.56
N ILE C 55 -49.29 -48.07 -82.61
CA ILE C 55 -49.50 -49.51 -82.56
C ILE C 55 -50.98 -49.77 -82.32
N HIS C 56 -51.61 -50.47 -83.25
CA HIS C 56 -52.90 -51.07 -83.01
C HIS C 56 -52.73 -52.56 -82.78
N ARG C 57 -53.67 -53.13 -82.04
CA ARG C 57 -53.81 -54.58 -81.95
C ARG C 57 -55.19 -54.93 -82.48
N PRO C 58 -55.27 -55.40 -83.72
CA PRO C 58 -56.47 -56.11 -84.17
C PRO C 58 -56.52 -57.50 -83.56
N ALA C 59 -57.40 -58.33 -84.12
CA ALA C 59 -57.54 -59.70 -83.64
C ALA C 59 -56.23 -60.46 -83.75
N GLN C 60 -55.60 -60.65 -82.59
CA GLN C 60 -54.55 -61.61 -82.30
C GLN C 60 -53.20 -61.36 -82.96
N THR C 61 -53.02 -60.35 -83.82
CA THR C 61 -51.63 -60.11 -84.16
C THR C 61 -51.06 -58.73 -83.82
N ALA C 62 -51.28 -57.72 -84.67
CA ALA C 62 -50.48 -56.50 -84.62
C ALA C 62 -50.88 -55.55 -85.75
N ARG C 63 -50.38 -54.31 -85.65
CA ARG C 63 -50.25 -53.33 -86.71
C ARG C 63 -49.41 -52.17 -86.19
N ILE C 64 -48.47 -51.70 -87.01
CA ILE C 64 -47.58 -50.59 -86.65
C ILE C 64 -47.50 -49.62 -87.81
N THR C 65 -47.68 -48.33 -87.54
CA THR C 65 -47.53 -47.28 -88.56
C THR C 65 -46.38 -46.36 -88.17
N ILE C 66 -45.20 -46.63 -88.70
CA ILE C 66 -44.03 -45.78 -88.47
C ILE C 66 -44.13 -44.56 -89.38
N HIS C 67 -44.00 -43.38 -88.81
CA HIS C 67 -44.06 -42.14 -89.57
C HIS C 67 -42.67 -41.57 -89.77
N THR C 68 -42.29 -41.37 -91.04
CA THR C 68 -41.08 -40.66 -91.38
C THR C 68 -41.40 -39.57 -92.39
N ALA C 69 -40.61 -38.51 -92.34
CA ALA C 69 -40.69 -37.46 -93.36
C ALA C 69 -39.84 -37.78 -94.58
N ARG C 70 -39.07 -38.85 -94.54
CA ARG C 70 -38.27 -39.31 -95.67
C ARG C 70 -38.45 -40.81 -95.78
N PRO C 71 -39.53 -41.26 -96.42
CA PRO C 71 -39.80 -42.70 -96.47
C PRO C 71 -38.86 -43.47 -97.38
N GLY C 72 -38.23 -42.80 -98.34
CA GLY C 72 -37.36 -43.48 -99.29
C GLY C 72 -36.08 -44.01 -98.67
N ILE C 73 -35.68 -43.48 -97.52
CA ILE C 73 -34.50 -44.01 -96.84
C ILE C 73 -34.84 -45.35 -96.20
N VAL C 74 -36.04 -45.45 -95.63
CA VAL C 74 -36.43 -46.69 -94.96
C VAL C 74 -36.87 -47.73 -95.99
N ILE C 75 -37.81 -47.37 -96.86
CA ILE C 75 -38.13 -48.25 -97.98
C ILE C 75 -37.07 -47.99 -99.04
N GLY C 76 -35.98 -48.73 -98.97
CA GLY C 76 -34.89 -48.55 -99.91
C GLY C 76 -34.75 -49.75 -100.83
N LYS C 77 -34.95 -49.51 -102.13
CA LYS C 77 -35.00 -50.54 -103.17
C LYS C 77 -36.04 -51.61 -102.84
N LYS C 78 -37.27 -51.13 -102.64
CA LYS C 78 -38.47 -51.95 -102.41
C LYS C 78 -38.34 -52.83 -101.17
N GLY C 79 -38.22 -52.18 -100.02
CA GLY C 79 -38.37 -52.85 -98.74
C GLY C 79 -37.22 -53.75 -98.33
N GLU C 80 -35.99 -53.33 -98.58
CA GLU C 80 -34.83 -54.08 -98.08
C GLU C 80 -34.64 -53.89 -96.57
N ASP C 81 -35.23 -52.86 -95.99
CA ASP C 81 -35.33 -52.71 -94.55
C ASP C 81 -36.68 -53.15 -94.00
N VAL C 82 -37.73 -53.13 -94.83
CA VAL C 82 -39.07 -53.40 -94.33
C VAL C 82 -39.24 -54.86 -93.97
N GLU C 83 -38.92 -55.75 -94.92
CA GLU C 83 -38.99 -57.18 -94.64
C GLU C 83 -37.86 -57.64 -93.74
N LYS C 84 -36.77 -56.88 -93.64
CA LYS C 84 -35.68 -57.26 -92.76
C LYS C 84 -36.05 -57.01 -91.30
N LEU C 85 -36.74 -55.91 -91.04
CA LEU C 85 -37.23 -55.66 -89.69
C LEU C 85 -38.44 -56.51 -89.35
N ARG C 86 -39.29 -56.82 -90.34
CA ARG C 86 -40.51 -57.55 -90.09
C ARG C 86 -40.20 -59.00 -89.70
N GLN C 87 -39.06 -59.53 -90.16
CA GLN C 87 -38.55 -60.78 -89.61
C GLN C 87 -38.20 -60.63 -88.13
N ASP C 88 -37.68 -59.47 -87.75
CA ASP C 88 -37.01 -59.32 -86.47
C ASP C 88 -37.76 -58.48 -85.47
N LEU C 89 -38.91 -57.91 -85.85
CA LEU C 89 -39.82 -57.42 -84.83
C LEU C 89 -40.62 -58.53 -84.20
N THR C 90 -40.80 -59.65 -84.91
CA THR C 90 -41.46 -60.80 -84.32
C THR C 90 -40.61 -61.46 -83.25
N LYS C 91 -39.28 -61.30 -83.30
CA LYS C 91 -38.41 -61.91 -82.31
C LYS C 91 -38.47 -61.18 -80.97
N GLN C 92 -38.96 -59.95 -80.93
CA GLN C 92 -39.22 -59.26 -79.67
C GLN C 92 -40.68 -59.28 -79.30
N MET C 93 -41.55 -59.50 -80.27
CA MET C 93 -43.00 -59.36 -80.13
C MET C 93 -43.60 -60.52 -80.92
N GLY C 94 -43.92 -61.62 -80.23
CA GLY C 94 -44.09 -62.94 -80.84
C GLY C 94 -45.20 -63.05 -81.88
N VAL C 95 -46.10 -62.08 -81.95
CA VAL C 95 -47.16 -62.02 -82.96
C VAL C 95 -46.56 -61.66 -84.31
N PRO C 96 -47.22 -61.97 -85.43
CA PRO C 96 -46.74 -61.43 -86.71
C PRO C 96 -47.00 -59.94 -86.81
N VAL C 97 -46.03 -59.22 -87.37
CA VAL C 97 -45.97 -57.77 -87.31
C VAL C 97 -46.28 -57.19 -88.67
N HIS C 98 -47.16 -56.20 -88.72
CA HIS C 98 -47.29 -55.32 -89.88
C HIS C 98 -46.46 -54.07 -89.70
N ILE C 99 -45.96 -53.55 -90.80
CA ILE C 99 -45.19 -52.30 -90.83
C ILE C 99 -45.76 -51.45 -91.94
N ASN C 100 -46.17 -50.23 -91.62
CA ASN C 100 -46.76 -49.31 -92.58
C ASN C 100 -46.08 -47.96 -92.44
N ILE C 101 -45.86 -47.28 -93.56
CA ILE C 101 -45.07 -46.05 -93.56
C ILE C 101 -45.82 -44.96 -94.32
N GLU C 102 -46.03 -43.82 -93.67
CA GLU C 102 -46.64 -42.64 -94.28
C GLU C 102 -45.60 -41.54 -94.43
N GLU C 103 -46.05 -40.39 -94.95
CA GLU C 103 -45.19 -39.23 -95.06
C GLU C 103 -45.59 -38.15 -94.05
N ILE C 104 -44.62 -37.29 -93.75
CA ILE C 104 -44.78 -36.19 -92.80
C ILE C 104 -44.48 -34.90 -93.55
N ARG C 105 -45.09 -34.75 -94.74
CA ARG C 105 -45.15 -33.48 -95.47
C ARG C 105 -45.37 -32.29 -94.55
N LYS C 106 -44.63 -31.20 -94.81
CA LYS C 106 -44.29 -30.11 -93.91
C LYS C 106 -43.55 -30.65 -92.69
N PRO C 107 -42.28 -31.08 -92.84
CA PRO C 107 -41.55 -31.63 -91.69
C PRO C 107 -41.17 -30.59 -90.66
N GLU C 108 -41.29 -29.31 -90.96
CA GLU C 108 -40.99 -28.23 -90.03
C GLU C 108 -42.22 -27.77 -89.26
N LEU C 109 -43.19 -28.66 -89.04
CA LEU C 109 -44.32 -28.34 -88.17
C LEU C 109 -44.66 -29.49 -87.23
N ASP C 110 -43.72 -30.39 -86.95
CA ASP C 110 -43.87 -31.37 -85.90
C ASP C 110 -42.65 -31.33 -85.00
N ALA C 111 -42.91 -31.41 -83.70
CA ALA C 111 -41.92 -30.97 -82.72
C ALA C 111 -40.75 -31.94 -82.59
N MET C 112 -41.00 -33.25 -82.76
CA MET C 112 -39.91 -34.20 -82.70
C MET C 112 -38.95 -34.03 -83.86
N LEU C 113 -39.48 -33.74 -85.05
CA LEU C 113 -38.62 -33.60 -86.22
C LEU C 113 -37.76 -32.35 -86.11
N VAL C 114 -38.31 -31.29 -85.50
CA VAL C 114 -37.57 -30.06 -85.34
C VAL C 114 -36.47 -30.22 -84.31
N ALA C 115 -36.83 -30.79 -83.15
CA ALA C 115 -35.90 -30.87 -82.04
C ALA C 115 -34.79 -31.89 -82.24
N GLN C 116 -34.93 -32.81 -83.19
CA GLN C 116 -33.79 -33.65 -83.53
C GLN C 116 -32.74 -32.87 -84.29
N SER C 117 -33.15 -31.87 -85.06
CA SER C 117 -32.20 -31.07 -85.81
C SER C 117 -31.42 -30.15 -84.90
N VAL C 118 -32.00 -29.79 -83.76
CA VAL C 118 -31.32 -28.90 -82.82
C VAL C 118 -30.16 -29.61 -82.16
N ALA C 119 -30.34 -30.89 -81.84
CA ALA C 119 -29.24 -31.67 -81.29
C ALA C 119 -28.15 -31.90 -82.33
N GLN C 120 -28.52 -31.97 -83.61
CA GLN C 120 -27.52 -32.14 -84.66
C GLN C 120 -26.68 -30.88 -84.81
N GLN C 121 -27.33 -29.72 -84.80
CA GLN C 121 -26.61 -28.46 -84.97
C GLN C 121 -25.74 -28.17 -83.77
N LEU C 122 -26.23 -28.41 -82.56
CA LEU C 122 -25.49 -28.05 -81.37
C LEU C 122 -24.43 -29.08 -81.00
N GLU C 123 -24.26 -30.13 -81.80
CA GLU C 123 -23.12 -31.02 -81.67
C GLU C 123 -22.15 -30.91 -82.82
N ARG C 124 -22.46 -30.07 -83.82
CA ARG C 124 -21.51 -29.68 -84.85
C ARG C 124 -20.73 -28.43 -84.46
N ARG C 125 -20.83 -28.01 -83.20
CA ARG C 125 -20.24 -26.76 -82.68
C ARG C 125 -20.74 -25.55 -83.47
N VAL C 126 -22.05 -25.47 -83.63
CA VAL C 126 -22.71 -24.29 -84.15
C VAL C 126 -23.07 -23.41 -82.97
N MET C 127 -23.08 -22.08 -83.19
CA MET C 127 -23.50 -21.13 -82.17
C MET C 127 -24.91 -21.45 -81.67
N PHE C 128 -25.12 -21.22 -80.37
CA PHE C 128 -26.32 -21.64 -79.69
C PHE C 128 -27.55 -20.85 -80.11
N ARG C 129 -27.36 -19.70 -80.75
CA ARG C 129 -28.46 -18.84 -81.15
C ARG C 129 -28.59 -18.69 -82.65
N ARG C 130 -27.48 -18.75 -83.39
CA ARG C 130 -27.57 -18.72 -84.84
C ARG C 130 -28.19 -19.99 -85.38
N ALA C 131 -28.10 -21.08 -84.62
CA ALA C 131 -28.82 -22.29 -84.97
C ALA C 131 -30.33 -22.13 -84.78
N MET C 132 -30.74 -21.31 -83.81
CA MET C 132 -32.13 -21.31 -83.39
C MET C 132 -32.94 -20.12 -83.86
N LYS C 133 -32.30 -19.00 -84.17
CA LYS C 133 -33.01 -17.90 -84.81
C LYS C 133 -33.42 -18.28 -86.21
N ARG C 134 -32.70 -19.20 -86.83
CA ARG C 134 -33.00 -19.70 -88.16
C ARG C 134 -33.89 -20.92 -88.13
N ALA C 135 -33.99 -21.60 -87.00
CA ALA C 135 -34.85 -22.76 -86.87
C ALA C 135 -36.26 -22.41 -86.42
N VAL C 136 -36.57 -21.14 -86.23
CA VAL C 136 -37.91 -20.69 -85.91
C VAL C 136 -38.53 -19.94 -87.07
N GLN C 137 -37.77 -19.05 -87.70
CA GLN C 137 -38.26 -18.33 -88.86
C GLN C 137 -38.50 -19.26 -90.04
N ASN C 138 -37.70 -20.32 -90.17
CA ASN C 138 -37.99 -21.35 -91.18
C ASN C 138 -39.27 -22.10 -90.87
N ALA C 139 -39.59 -22.27 -89.60
CA ALA C 139 -40.85 -22.86 -89.20
C ALA C 139 -41.93 -21.82 -88.99
N MET C 140 -41.74 -20.60 -89.51
CA MET C 140 -42.78 -19.60 -89.56
C MET C 140 -43.02 -19.05 -90.96
N ARG C 141 -42.18 -19.38 -91.94
CA ARG C 141 -42.53 -19.05 -93.33
C ARG C 141 -43.73 -19.87 -93.78
N ILE C 142 -43.84 -21.10 -93.30
CA ILE C 142 -44.96 -21.99 -93.62
C ILE C 142 -45.53 -22.50 -92.32
N GLY C 143 -46.82 -22.25 -92.09
CA GLY C 143 -47.53 -22.98 -91.06
C GLY C 143 -47.92 -22.26 -89.79
N ALA C 144 -47.17 -22.53 -88.71
CA ALA C 144 -47.65 -22.39 -87.35
C ALA C 144 -47.98 -20.95 -86.98
N LYS C 145 -48.72 -20.81 -85.88
CA LYS C 145 -49.11 -19.50 -85.37
C LYS C 145 -48.32 -19.07 -84.14
N GLY C 146 -47.56 -19.99 -83.54
CA GLY C 146 -46.70 -19.63 -82.43
C GLY C 146 -45.69 -20.72 -82.15
N ILE C 147 -44.47 -20.33 -81.82
CA ILE C 147 -43.41 -21.29 -81.49
C ILE C 147 -42.66 -20.76 -80.28
N LYS C 148 -42.49 -21.61 -79.27
CA LYS C 148 -41.50 -21.40 -78.23
C LYS C 148 -40.45 -22.47 -78.33
N ILE C 149 -39.19 -22.08 -78.14
CA ILE C 149 -38.10 -23.03 -78.01
C ILE C 149 -37.23 -22.63 -76.84
N GLN C 150 -37.16 -23.49 -75.84
CA GLN C 150 -36.25 -23.32 -74.72
C GLN C 150 -35.03 -24.19 -74.94
N VAL C 151 -33.85 -23.61 -74.74
CA VAL C 151 -32.59 -24.34 -74.81
C VAL C 151 -31.89 -24.13 -73.49
N SER C 152 -31.81 -25.18 -72.69
CA SER C 152 -31.19 -25.10 -71.38
C SER C 152 -30.07 -26.11 -71.31
N GLY C 153 -29.16 -25.87 -70.39
CA GLY C 153 -28.02 -26.75 -70.25
C GLY C 153 -26.72 -26.03 -69.98
N ARG C 154 -25.62 -26.66 -70.37
CA ARG C 154 -24.31 -26.11 -70.08
C ARG C 154 -24.03 -24.87 -70.93
N LEU C 155 -24.47 -24.88 -72.19
CA LEU C 155 -24.34 -23.78 -73.15
C LEU C 155 -22.90 -23.29 -73.31
N GLY C 156 -21.95 -24.21 -73.27
CA GLY C 156 -20.55 -23.91 -73.54
C GLY C 156 -19.76 -23.36 -72.38
N GLY C 157 -20.42 -22.81 -71.36
CA GLY C 157 -19.73 -22.06 -70.33
C GLY C 157 -18.99 -22.93 -69.34
N ALA C 158 -18.44 -22.25 -68.32
CA ALA C 158 -17.66 -22.95 -67.29
C ALA C 158 -18.57 -23.56 -66.22
N GLU C 159 -19.25 -22.70 -65.47
CA GLU C 159 -20.29 -23.14 -64.53
C GLU C 159 -21.47 -22.23 -64.83
N ILE C 160 -22.21 -22.59 -65.86
CA ILE C 160 -23.26 -21.75 -66.43
C ILE C 160 -24.42 -22.65 -66.82
N ALA C 161 -25.61 -22.31 -66.34
CA ALA C 161 -26.82 -23.07 -66.60
C ALA C 161 -27.90 -22.15 -67.14
N ARG C 162 -27.56 -21.34 -68.13
CA ARG C 162 -28.51 -20.36 -68.63
C ARG C 162 -29.54 -21.01 -69.54
N THR C 163 -30.64 -20.28 -69.76
CA THR C 163 -31.75 -20.77 -70.56
C THR C 163 -32.06 -19.76 -71.66
N GLU C 164 -31.92 -20.17 -72.91
CA GLU C 164 -32.38 -19.37 -74.03
C GLU C 164 -33.87 -19.66 -74.20
N TRP C 165 -34.61 -18.70 -74.74
CA TRP C 165 -36.04 -18.64 -74.47
C TRP C 165 -36.89 -18.23 -75.66
N TYR C 166 -36.31 -18.07 -76.86
CA TYR C 166 -36.89 -17.23 -77.92
C TYR C 166 -38.27 -17.67 -78.38
N ARG C 167 -39.14 -16.68 -78.59
CA ARG C 167 -40.55 -16.89 -78.91
C ARG C 167 -40.92 -16.08 -80.14
N GLU C 168 -41.87 -16.58 -80.91
CA GLU C 168 -42.56 -15.80 -81.93
C GLU C 168 -44.04 -16.15 -81.94
N GLY C 169 -44.87 -15.14 -82.10
CA GLY C 169 -46.29 -15.41 -82.29
C GLY C 169 -47.06 -15.58 -80.98
N ARG C 170 -48.06 -16.47 -81.04
CA ARG C 170 -48.99 -16.69 -79.94
C ARG C 170 -48.97 -18.15 -79.53
N VAL C 171 -48.70 -18.41 -78.27
CA VAL C 171 -48.80 -19.76 -77.72
C VAL C 171 -49.59 -19.72 -76.43
N PRO C 172 -50.83 -20.19 -76.39
CA PRO C 172 -51.52 -20.39 -75.13
C PRO C 172 -51.15 -21.72 -74.52
N LEU C 173 -51.33 -21.82 -73.20
CA LEU C 173 -51.14 -23.11 -72.54
C LEU C 173 -52.20 -23.44 -71.52
N HIS C 174 -53.03 -22.49 -71.10
CA HIS C 174 -54.13 -22.79 -70.18
C HIS C 174 -55.46 -22.92 -70.90
N THR C 175 -55.44 -23.07 -72.22
CA THR C 175 -56.65 -23.33 -72.98
C THR C 175 -56.65 -24.78 -73.42
N LEU C 176 -57.61 -25.55 -72.94
CA LEU C 176 -57.67 -26.96 -73.30
C LEU C 176 -58.20 -27.14 -74.72
N ARG C 177 -58.84 -26.12 -75.27
CA ARG C 177 -59.42 -26.20 -76.61
C ARG C 177 -58.34 -26.22 -77.68
N ALA C 178 -57.15 -25.68 -77.39
CA ALA C 178 -56.12 -25.50 -78.39
C ALA C 178 -55.44 -26.82 -78.73
N ASP C 179 -54.45 -26.75 -79.62
CA ASP C 179 -53.79 -27.93 -80.17
C ASP C 179 -52.28 -27.67 -80.18
N ILE C 180 -51.56 -28.31 -79.28
CA ILE C 180 -50.16 -28.02 -79.01
C ILE C 180 -49.35 -29.30 -79.18
N ASP C 181 -48.21 -29.21 -79.83
CA ASP C 181 -47.25 -30.30 -79.89
C ASP C 181 -46.17 -30.09 -78.84
N TYR C 182 -45.47 -31.17 -78.51
CA TYR C 182 -44.43 -31.08 -77.49
C TYR C 182 -43.43 -32.19 -77.70
N ALA C 183 -42.16 -31.90 -77.45
CA ALA C 183 -41.09 -32.88 -77.62
C ALA C 183 -39.87 -32.42 -76.86
N THR C 184 -39.18 -33.38 -76.23
CA THR C 184 -37.92 -33.11 -75.54
C THR C 184 -36.89 -34.10 -76.04
N TYR C 185 -36.00 -33.65 -76.89
CA TYR C 185 -34.86 -34.45 -77.30
C TYR C 185 -33.61 -33.80 -76.73
N GLU C 186 -32.63 -34.61 -76.39
CA GLU C 186 -31.46 -34.13 -75.66
C GLU C 186 -30.24 -34.08 -76.57
N ALA C 187 -29.10 -33.74 -75.99
CA ALA C 187 -27.87 -33.60 -76.75
C ALA C 187 -26.68 -33.86 -75.84
N HIS C 188 -25.73 -34.65 -76.32
CA HIS C 188 -24.52 -34.96 -75.58
C HIS C 188 -23.35 -34.30 -76.29
N THR C 189 -22.91 -33.17 -75.78
CA THR C 189 -21.77 -32.49 -76.35
C THR C 189 -20.49 -33.08 -75.78
N THR C 190 -19.36 -32.44 -76.05
CA THR C 190 -18.10 -32.90 -75.46
C THR C 190 -17.96 -32.50 -74.01
N TYR C 191 -18.86 -31.68 -73.49
CA TYR C 191 -19.01 -31.45 -72.06
C TYR C 191 -20.46 -31.04 -71.80
N GLY C 192 -21.09 -31.68 -70.83
CA GLY C 192 -22.43 -31.33 -70.44
C GLY C 192 -23.50 -32.00 -71.27
N VAL C 193 -24.74 -31.88 -70.80
CA VAL C 193 -25.91 -32.45 -71.43
C VAL C 193 -26.93 -31.34 -71.63
N ILE C 194 -27.30 -31.09 -72.87
CA ILE C 194 -28.21 -30.01 -73.22
C ILE C 194 -29.57 -30.62 -73.56
N GLY C 195 -30.61 -30.14 -72.90
CA GLY C 195 -31.98 -30.56 -73.17
C GLY C 195 -32.73 -29.45 -73.88
N VAL C 196 -33.54 -29.82 -74.87
CA VAL C 196 -34.25 -28.88 -75.72
C VAL C 196 -35.74 -29.16 -75.63
N LYS C 197 -36.54 -28.12 -75.44
CA LYS C 197 -37.99 -28.23 -75.37
C LYS C 197 -38.63 -27.43 -76.48
N VAL C 198 -39.70 -27.94 -77.08
CA VAL C 198 -40.33 -27.33 -78.25
C VAL C 198 -41.85 -27.32 -78.03
N TRP C 199 -42.49 -26.19 -78.35
CA TRP C 199 -43.92 -25.99 -78.12
C TRP C 199 -44.61 -25.45 -79.37
N ILE C 200 -44.49 -26.17 -80.49
CA ILE C 200 -45.17 -25.75 -81.73
C ILE C 200 -46.67 -25.69 -81.53
N PHE C 201 -47.25 -24.52 -81.76
CA PHE C 201 -48.68 -24.28 -81.64
C PHE C 201 -49.28 -24.22 -83.04
N LYS C 202 -50.07 -25.23 -83.37
CA LYS C 202 -50.85 -25.23 -84.60
C LYS C 202 -52.14 -24.47 -84.34
N GLY C 203 -53.09 -24.56 -85.26
CA GLY C 203 -54.35 -23.87 -85.10
C GLY C 203 -55.17 -24.40 -83.94
N GLU C 204 -56.10 -23.58 -83.46
CA GLU C 204 -56.91 -23.93 -82.32
C GLU C 204 -58.17 -24.67 -82.77
N VAL C 205 -59.11 -24.84 -81.84
CA VAL C 205 -60.23 -25.81 -81.87
C VAL C 205 -59.74 -27.24 -82.09
N ALA D 1 20.98 -6.01 -90.86
CA ALA D 1 20.16 -7.20 -90.69
C ALA D 1 19.07 -7.26 -91.74
N ARG D 2 19.04 -8.35 -92.50
CA ARG D 2 17.99 -8.60 -93.46
C ARG D 2 16.89 -9.40 -92.80
N TYR D 3 15.99 -9.95 -93.61
CA TYR D 3 15.06 -10.98 -93.17
C TYR D 3 15.32 -12.24 -93.96
N ILE D 4 15.77 -13.28 -93.27
CA ILE D 4 16.06 -14.57 -93.89
C ILE D 4 15.13 -15.61 -93.27
N GLY D 5 14.29 -16.21 -94.09
CA GLY D 5 13.36 -17.21 -93.63
C GLY D 5 12.31 -17.53 -94.67
N PRO D 6 11.13 -17.91 -94.21
CA PRO D 6 10.02 -18.12 -95.14
C PRO D 6 9.55 -16.80 -95.72
N LYS D 7 9.01 -16.87 -96.94
CA LYS D 7 8.56 -15.67 -97.63
C LYS D 7 7.14 -15.75 -98.16
N CYS D 8 6.57 -16.93 -98.34
CA CYS D 8 5.12 -17.01 -98.51
C CYS D 8 4.40 -16.62 -97.23
N LYS D 9 4.99 -16.95 -96.09
CA LYS D 9 4.37 -16.76 -94.79
C LYS D 9 4.10 -15.29 -94.50
N LEU D 10 4.91 -14.38 -95.05
CA LEU D 10 4.60 -12.97 -94.92
C LEU D 10 3.43 -12.58 -95.81
N SER D 11 3.39 -13.12 -97.03
CA SER D 11 2.28 -12.85 -97.92
C SER D 11 1.01 -13.55 -97.46
N ARG D 12 1.12 -14.53 -96.58
CA ARG D 12 -0.03 -15.33 -96.18
C ARG D 12 -0.78 -14.69 -95.04
N ARG D 13 -0.14 -13.83 -94.25
CA ARG D 13 -0.85 -13.16 -93.15
C ARG D 13 -1.57 -11.92 -93.64
N GLU D 14 -0.90 -11.09 -94.42
CA GLU D 14 -1.52 -9.85 -94.87
C GLU D 14 -2.59 -10.09 -95.92
N GLY D 15 -2.58 -11.25 -96.56
CA GLY D 15 -3.67 -11.64 -97.44
C GLY D 15 -3.66 -10.92 -98.77
N THR D 16 -2.51 -10.91 -99.42
CA THR D 16 -2.40 -10.28 -100.73
C THR D 16 -1.29 -10.99 -101.51
N ASP D 17 -1.13 -10.57 -102.77
CA ASP D 17 -0.10 -11.15 -103.61
C ASP D 17 1.30 -10.73 -103.16
N LEU D 18 1.52 -9.41 -103.06
CA LEU D 18 2.64 -8.74 -102.39
C LEU D 18 3.97 -8.86 -103.14
N PHE D 19 4.01 -9.72 -104.16
CA PHE D 19 5.13 -9.89 -105.09
C PHE D 19 6.46 -10.18 -104.38
N LEU D 20 6.50 -11.32 -103.69
CA LEU D 20 7.72 -11.74 -103.06
C LEU D 20 8.37 -12.96 -103.68
N LYS D 21 7.60 -13.91 -104.20
CA LYS D 21 8.21 -15.07 -104.82
C LYS D 21 8.64 -14.72 -106.23
N SER D 22 9.65 -15.43 -106.71
CA SER D 22 10.42 -14.96 -107.85
C SER D 22 9.71 -15.21 -109.17
N GLY D 23 9.47 -16.46 -109.49
CA GLY D 23 8.98 -16.81 -110.80
C GLY D 23 7.53 -16.44 -111.02
N ALA D 24 7.11 -16.62 -112.27
CA ALA D 24 5.71 -16.47 -112.65
C ALA D 24 4.98 -17.80 -112.67
N ARG D 25 5.38 -18.73 -111.81
CA ARG D 25 4.79 -20.06 -111.75
C ARG D 25 3.33 -19.97 -111.34
N ALA D 26 3.07 -19.62 -110.08
CA ALA D 26 1.71 -19.51 -109.55
C ALA D 26 1.70 -18.88 -108.16
N LEU D 27 0.84 -17.90 -107.94
CA LEU D 27 0.47 -17.55 -106.59
C LEU D 27 -0.51 -18.58 -106.05
N ASP D 28 -0.44 -18.82 -104.74
CA ASP D 28 -1.31 -19.73 -104.00
C ASP D 28 -1.26 -21.17 -104.51
N SER D 29 -0.12 -21.57 -105.06
CA SER D 29 0.17 -22.97 -105.30
C SER D 29 1.45 -23.42 -104.61
N LYS D 30 2.48 -22.59 -104.64
CA LYS D 30 3.62 -22.77 -103.74
C LYS D 30 3.29 -22.32 -102.32
N CYS D 31 2.19 -21.61 -102.14
CA CYS D 31 2.00 -20.76 -100.97
C CYS D 31 0.82 -21.18 -100.12
N LYS D 32 -0.32 -21.49 -100.76
CA LYS D 32 -1.59 -21.80 -100.09
C LYS D 32 -2.02 -20.65 -99.19
N ALA D 33 -2.32 -19.52 -99.83
CA ALA D 33 -2.52 -18.23 -99.18
C ALA D 33 -3.94 -18.02 -98.68
N GLU D 34 -4.68 -19.09 -98.39
CA GLU D 34 -6.07 -18.97 -97.98
C GLU D 34 -6.24 -18.53 -96.53
N ASN D 35 -5.24 -18.70 -95.67
CA ASN D 35 -5.47 -18.57 -94.24
C ASN D 35 -4.34 -17.79 -93.57
N VAL D 36 -4.67 -17.24 -92.40
CA VAL D 36 -3.67 -16.68 -91.48
C VAL D 36 -2.74 -17.79 -91.04
N PRO D 37 -1.43 -17.57 -90.93
CA PRO D 37 -0.51 -18.66 -90.59
C PRO D 37 -0.67 -19.13 -89.15
N GLY D 38 0.07 -20.18 -88.85
CA GLY D 38 0.10 -20.73 -87.51
C GLY D 38 -0.86 -21.88 -87.33
N GLN D 39 -1.03 -22.25 -86.06
CA GLN D 39 -1.95 -23.32 -85.72
C GLN D 39 -3.39 -22.89 -85.94
N HIS D 40 -3.81 -21.84 -85.25
CA HIS D 40 -5.17 -21.32 -85.33
C HIS D 40 -5.30 -20.44 -86.57
N GLY D 41 -5.29 -21.09 -87.72
CA GLY D 41 -5.45 -20.40 -88.98
C GLY D 41 -6.89 -20.26 -89.42
N GLN D 42 -7.83 -20.77 -88.63
CA GLN D 42 -9.24 -20.76 -88.99
C GLN D 42 -10.02 -19.69 -88.26
N ARG D 43 -9.73 -19.47 -86.97
CA ARG D 43 -10.41 -18.42 -86.22
C ARG D 43 -9.95 -17.04 -86.68
N ARG D 44 -10.89 -16.11 -86.76
CA ARG D 44 -10.63 -14.74 -87.19
C ARG D 44 -11.52 -13.81 -86.39
N GLY D 45 -11.50 -12.53 -86.76
CA GLY D 45 -12.51 -11.59 -86.29
C GLY D 45 -12.01 -10.33 -85.64
N ARG D 46 -12.40 -9.18 -86.22
CA ARG D 46 -12.28 -7.84 -85.64
C ARG D 46 -10.82 -7.48 -85.33
N LEU D 47 -10.08 -7.23 -86.41
CA LEU D 47 -8.82 -6.50 -86.31
C LEU D 47 -9.04 -5.19 -85.56
N SER D 48 -8.19 -4.93 -84.56
CA SER D 48 -8.35 -3.74 -83.75
C SER D 48 -7.99 -2.50 -84.56
N ASP D 49 -8.41 -1.35 -84.04
CA ASP D 49 -8.26 -0.10 -84.79
C ASP D 49 -6.80 0.33 -84.83
N TYR D 50 -6.08 0.14 -83.73
CA TYR D 50 -4.63 0.28 -83.78
C TYR D 50 -4.01 -0.80 -84.65
N GLY D 51 -4.55 -2.01 -84.61
CA GLY D 51 -4.00 -3.11 -85.38
C GLY D 51 -4.18 -2.96 -86.87
N LEU D 52 -5.10 -2.09 -87.31
CA LEU D 52 -5.22 -1.82 -88.74
C LEU D 52 -4.09 -0.95 -89.24
N GLN D 53 -3.71 0.06 -88.46
CA GLN D 53 -2.65 0.97 -88.87
C GLN D 53 -1.30 0.27 -88.85
N LEU D 54 -1.08 -0.60 -87.87
CA LEU D 54 0.15 -1.38 -87.85
C LEU D 54 0.17 -2.39 -88.97
N ARG D 55 -0.99 -2.83 -89.43
CA ARG D 55 -1.01 -3.80 -90.49
C ARG D 55 -0.70 -3.16 -91.83
N GLU D 56 -1.08 -1.89 -91.98
CA GLU D 56 -0.73 -1.14 -93.18
C GLU D 56 0.74 -0.75 -93.18
N LYS D 57 1.27 -0.38 -92.02
CA LYS D 57 2.68 0.01 -91.96
C LYS D 57 3.58 -1.18 -92.18
N GLN D 58 3.19 -2.34 -91.66
CA GLN D 58 4.03 -3.51 -91.81
C GLN D 58 3.97 -4.07 -93.23
N LYS D 59 2.92 -3.74 -93.97
CA LYS D 59 2.81 -4.21 -95.35
C LYS D 59 3.80 -3.47 -96.24
N VAL D 60 3.86 -2.14 -96.12
CA VAL D 60 4.74 -1.33 -96.94
C VAL D 60 6.20 -1.58 -96.58
N ARG D 61 6.45 -1.89 -95.32
CA ARG D 61 7.80 -2.13 -94.84
C ARG D 61 8.32 -3.51 -95.23
N ARG D 62 7.47 -4.43 -95.68
CA ARG D 62 7.92 -5.74 -96.12
C ARG D 62 7.92 -5.92 -97.62
N ILE D 63 7.33 -5.01 -98.38
CA ILE D 63 7.51 -5.03 -99.83
C ILE D 63 8.95 -4.71 -100.18
N TYR D 64 9.54 -3.74 -99.48
CA TYR D 64 10.79 -3.14 -99.91
C TYR D 64 12.00 -3.68 -99.15
N GLY D 65 11.83 -4.05 -97.89
CA GLY D 65 12.90 -4.71 -97.15
C GLY D 65 13.65 -3.85 -96.17
N VAL D 66 13.07 -2.76 -95.71
CA VAL D 66 13.70 -1.87 -94.73
C VAL D 66 13.51 -2.43 -93.33
N LEU D 67 14.16 -1.82 -92.35
CA LEU D 67 13.85 -2.02 -90.95
C LEU D 67 13.40 -0.69 -90.35
N GLU D 68 12.93 -0.73 -89.10
CA GLU D 68 12.21 0.43 -88.58
C GLU D 68 13.14 1.58 -88.24
N ARG D 69 14.37 1.29 -87.81
CA ARG D 69 15.37 2.34 -87.60
C ARG D 69 15.68 3.07 -88.90
N GLN D 70 15.71 2.35 -90.01
CA GLN D 70 15.85 3.04 -91.28
C GLN D 70 14.54 3.69 -91.71
N PHE D 71 13.41 3.07 -91.36
CA PHE D 71 12.14 3.52 -91.92
C PHE D 71 11.71 4.84 -91.29
N ARG D 72 11.99 5.02 -89.99
CA ARG D 72 11.72 6.30 -89.36
C ARG D 72 12.69 7.36 -89.85
N GLY D 73 13.88 6.95 -90.31
CA GLY D 73 14.80 7.90 -90.89
C GLY D 73 14.28 8.49 -92.19
N TYR D 74 13.59 7.69 -92.99
CA TYR D 74 12.93 8.21 -94.18
C TYR D 74 11.74 9.08 -93.81
N TYR D 75 11.09 8.77 -92.69
CA TYR D 75 9.94 9.56 -92.26
C TYR D 75 10.35 10.94 -91.80
N GLN D 76 11.58 11.11 -91.31
CA GLN D 76 12.05 12.43 -90.95
C GLN D 76 12.31 13.27 -92.18
N GLU D 77 12.87 12.66 -93.23
CA GLU D 77 13.12 13.39 -94.45
C GLU D 77 11.85 13.66 -95.23
N ALA D 78 10.78 12.93 -94.95
CA ALA D 78 9.48 13.27 -95.53
C ALA D 78 8.92 14.55 -94.91
N SER D 79 8.92 14.62 -93.58
CA SER D 79 8.36 15.78 -92.91
C SER D 79 9.25 17.02 -93.03
N ARG D 80 10.51 16.85 -93.42
CA ARG D 80 11.34 18.02 -93.70
C ARG D 80 10.89 18.71 -94.98
N ARG D 81 10.64 17.93 -96.03
CA ARG D 81 10.37 18.51 -97.34
C ARG D 81 8.99 19.15 -97.38
N LYS D 82 8.73 19.86 -98.47
CA LYS D 82 7.57 20.75 -98.56
C LYS D 82 6.40 19.96 -99.14
N GLY D 83 5.37 19.77 -98.32
CA GLY D 83 4.08 19.31 -98.80
C GLY D 83 3.95 17.83 -99.05
N SER D 84 2.82 17.26 -98.60
CA SER D 84 2.37 15.92 -98.93
C SER D 84 3.38 14.85 -98.51
N THR D 85 3.49 14.69 -97.19
CA THR D 85 4.42 13.72 -96.61
C THR D 85 4.11 12.28 -97.02
N GLY D 86 2.87 11.99 -97.38
CA GLY D 86 2.56 10.65 -97.87
C GLY D 86 3.21 10.34 -99.21
N GLU D 87 3.12 11.27 -100.16
CA GLU D 87 3.76 11.07 -101.44
C GLU D 87 5.27 11.12 -101.33
N ASN D 88 5.79 12.00 -100.48
CA ASN D 88 7.24 12.11 -100.31
C ASN D 88 7.83 10.88 -99.66
N LEU D 89 7.06 10.18 -98.83
CA LEU D 89 7.54 8.95 -98.23
C LEU D 89 7.68 7.84 -99.26
N LEU D 90 6.81 7.84 -100.26
CA LEU D 90 6.90 6.84 -101.30
C LEU D 90 8.05 7.13 -102.26
N GLN D 91 8.22 8.40 -102.63
CA GLN D 91 9.27 8.75 -103.59
C GLN D 91 10.67 8.67 -103.01
N LEU D 92 10.83 8.57 -101.70
CA LEU D 92 12.13 8.19 -101.16
C LEU D 92 12.33 6.70 -101.09
N LEU D 93 11.28 5.92 -101.25
CA LEU D 93 11.42 4.48 -101.37
C LEU D 93 11.49 4.03 -102.82
N GLU D 94 11.16 4.90 -103.76
CA GLU D 94 11.27 4.54 -105.17
C GLU D 94 12.65 4.83 -105.71
N CYS D 95 13.28 5.90 -105.24
CA CYS D 95 14.59 6.28 -105.72
C CYS D 95 15.72 5.44 -105.14
N ARG D 96 15.41 4.45 -104.31
CA ARG D 96 16.46 3.65 -103.70
C ARG D 96 16.97 2.63 -104.71
N LEU D 97 18.25 2.31 -104.62
CA LEU D 97 18.95 1.62 -105.70
C LEU D 97 18.47 0.18 -105.89
N ASP D 98 18.13 -0.50 -104.80
CA ASP D 98 17.62 -1.86 -104.95
C ASP D 98 16.23 -1.90 -105.55
N ASN D 99 15.48 -0.80 -105.49
CA ASN D 99 14.22 -0.77 -106.21
C ASN D 99 14.42 -0.56 -107.69
N VAL D 100 15.35 0.32 -108.07
CA VAL D 100 15.47 0.72 -109.47
C VAL D 100 16.10 -0.41 -110.28
N VAL D 101 16.95 -1.23 -109.66
CA VAL D 101 17.44 -2.43 -110.33
C VAL D 101 16.29 -3.39 -110.59
N TYR D 102 15.33 -3.46 -109.68
CA TYR D 102 14.15 -4.27 -109.89
C TYR D 102 13.23 -3.68 -110.95
N ARG D 103 13.14 -2.35 -111.02
CA ARG D 103 12.28 -1.71 -112.01
C ARG D 103 12.85 -1.84 -113.41
N MET D 104 14.17 -1.73 -113.56
CA MET D 104 14.81 -1.98 -114.85
C MET D 104 14.64 -3.43 -115.26
N GLY D 105 14.55 -4.33 -114.30
CA GLY D 105 14.37 -5.72 -114.56
C GLY D 105 15.64 -6.53 -114.55
N PHE D 106 16.62 -6.16 -113.75
CA PHE D 106 17.84 -6.95 -113.67
C PHE D 106 17.74 -8.06 -112.63
N GLY D 107 16.56 -8.37 -112.14
CA GLY D 107 16.42 -9.46 -111.18
C GLY D 107 14.99 -9.93 -111.13
N SER D 108 14.81 -11.13 -110.58
CA SER D 108 13.45 -11.66 -110.47
C SER D 108 12.77 -11.12 -109.22
N THR D 109 13.31 -11.44 -108.05
CA THR D 109 12.82 -10.82 -106.82
C THR D 109 13.42 -9.44 -106.64
N ARG D 110 12.95 -8.76 -105.61
CA ARG D 110 13.64 -7.58 -105.13
C ARG D 110 14.85 -7.95 -104.29
N SER D 111 14.81 -9.11 -103.62
CA SER D 111 15.95 -9.58 -102.84
C SER D 111 17.08 -10.07 -103.73
N GLU D 112 16.81 -10.40 -104.98
CA GLU D 112 17.90 -10.71 -105.91
C GLU D 112 18.64 -9.44 -106.31
N SER D 113 17.91 -8.34 -106.48
CA SER D 113 18.53 -7.06 -106.80
C SER D 113 19.40 -6.55 -105.67
N ARG D 114 19.05 -6.88 -104.43
CA ARG D 114 19.91 -6.52 -103.31
C ARG D 114 21.23 -7.27 -103.37
N GLN D 115 21.23 -8.50 -103.88
CA GLN D 115 22.48 -9.23 -103.91
C GLN D 115 23.35 -8.82 -105.09
N LEU D 116 22.76 -8.38 -106.19
CA LEU D 116 23.56 -7.93 -107.32
C LEU D 116 24.25 -6.61 -107.03
N VAL D 117 23.62 -5.75 -106.24
CA VAL D 117 24.30 -4.55 -105.79
C VAL D 117 25.42 -4.90 -104.83
N SER D 118 25.15 -5.84 -103.92
CA SER D 118 26.07 -6.12 -102.83
C SER D 118 27.37 -6.78 -103.29
N HIS D 119 27.40 -7.35 -104.49
CA HIS D 119 28.62 -7.96 -104.99
C HIS D 119 29.25 -7.13 -106.09
N LYS D 120 29.08 -5.81 -106.01
CA LYS D 120 29.79 -4.80 -106.78
C LYS D 120 29.56 -4.92 -108.28
N ALA D 121 28.47 -5.54 -108.69
CA ALA D 121 28.22 -5.80 -110.10
C ALA D 121 27.48 -4.69 -110.81
N ILE D 122 27.13 -3.61 -110.12
CA ILE D 122 26.27 -2.56 -110.65
C ILE D 122 27.01 -1.24 -110.53
N THR D 123 26.94 -0.41 -111.56
CA THR D 123 27.49 0.94 -111.54
C THR D 123 26.38 1.95 -111.73
N VAL D 124 26.65 3.21 -111.37
CA VAL D 124 25.63 4.26 -111.41
C VAL D 124 26.03 5.41 -112.31
N ASN D 125 27.17 6.03 -112.06
CA ASN D 125 27.64 7.08 -112.94
C ASN D 125 28.90 6.69 -113.70
N GLY D 126 29.09 5.41 -113.95
CA GLY D 126 30.35 4.93 -114.45
C GLY D 126 31.30 4.45 -113.38
N GLN D 127 30.86 4.38 -112.13
CA GLN D 127 31.70 3.96 -111.01
C GLN D 127 30.89 3.04 -110.10
N THR D 128 31.59 2.18 -109.37
CA THR D 128 30.95 1.06 -108.70
C THR D 128 30.25 1.51 -107.44
N VAL D 129 29.02 1.03 -107.24
CA VAL D 129 28.22 1.28 -106.05
C VAL D 129 27.75 -0.07 -105.51
N ASN D 130 28.04 -0.35 -104.25
CA ASN D 130 27.58 -1.59 -103.63
C ASN D 130 26.77 -1.34 -102.36
N ILE D 131 25.91 -0.33 -102.39
CA ILE D 131 25.10 0.03 -101.23
C ILE D 131 23.64 -0.09 -101.62
N PRO D 132 22.85 -0.90 -100.93
CA PRO D 132 21.42 -0.96 -101.25
C PRO D 132 20.62 0.16 -100.58
N SER D 133 21.15 1.37 -100.58
CA SER D 133 20.42 2.52 -100.04
C SER D 133 20.70 3.76 -100.84
N TYR D 134 21.40 3.65 -101.96
CA TYR D 134 21.86 4.80 -102.71
C TYR D 134 20.69 5.49 -103.39
N GLN D 135 20.43 6.73 -103.01
CA GLN D 135 19.32 7.49 -103.59
C GLN D 135 19.74 8.03 -104.94
N VAL D 136 19.19 7.48 -106.02
CA VAL D 136 19.57 7.92 -107.35
C VAL D 136 18.78 9.16 -107.74
N LYS D 137 19.33 9.91 -108.67
CA LYS D 137 18.74 11.16 -109.11
C LYS D 137 18.10 10.97 -110.48
N ALA D 138 17.61 12.08 -111.04
CA ALA D 138 17.02 12.05 -112.37
C ALA D 138 18.12 12.11 -113.41
N GLY D 139 18.24 11.06 -114.22
CA GLY D 139 19.25 11.00 -115.25
C GLY D 139 20.50 10.23 -114.92
N ASP D 140 20.43 9.29 -113.99
CA ASP D 140 21.59 8.49 -113.62
C ASP D 140 21.61 7.22 -114.48
N VAL D 141 22.72 7.00 -115.19
CA VAL D 141 22.78 5.96 -116.21
C VAL D 141 23.24 4.69 -115.53
N VAL D 142 22.31 3.94 -114.96
CA VAL D 142 22.63 2.68 -114.28
C VAL D 142 22.99 1.65 -115.34
N ALA D 143 24.19 1.08 -115.22
CA ALA D 143 24.64 0.07 -116.14
C ALA D 143 25.13 -1.13 -115.36
N VAL D 144 25.49 -2.19 -116.08
CA VAL D 144 25.94 -3.44 -115.49
C VAL D 144 27.43 -3.60 -115.78
N ARG D 145 28.18 -4.07 -114.78
CA ARG D 145 29.61 -4.24 -114.89
C ARG D 145 29.96 -5.33 -115.90
N GLU D 146 31.06 -5.13 -116.64
CA GLU D 146 31.40 -6.02 -117.75
C GLU D 146 31.91 -7.38 -117.30
N LYS D 147 32.42 -7.50 -116.07
CA LYS D 147 32.90 -8.80 -115.63
C LYS D 147 31.75 -9.77 -115.43
N SER D 148 30.59 -9.28 -115.02
CA SER D 148 29.38 -10.09 -114.95
C SER D 148 28.33 -9.45 -115.86
N LYS D 149 28.44 -9.75 -117.15
CA LYS D 149 27.34 -9.59 -118.08
C LYS D 149 26.86 -10.93 -118.61
N ASN D 150 27.55 -12.01 -118.27
CA ASN D 150 27.27 -13.34 -118.78
C ASN D 150 26.52 -14.19 -117.77
N GLN D 151 26.14 -13.62 -116.64
CA GLN D 151 25.42 -14.39 -115.62
C GLN D 151 24.02 -14.69 -116.11
N LEU D 152 23.60 -15.94 -115.95
CA LEU D 152 22.25 -16.35 -116.31
C LEU D 152 21.21 -15.79 -115.36
N ARG D 153 21.61 -15.29 -114.19
CA ARG D 153 20.69 -14.65 -113.27
C ARG D 153 20.11 -13.39 -113.89
N ILE D 154 20.87 -12.70 -114.74
CA ILE D 154 20.40 -11.49 -115.39
C ILE D 154 19.71 -11.82 -116.70
N ALA D 155 20.21 -12.83 -117.42
CA ALA D 155 19.66 -13.17 -118.72
C ALA D 155 18.26 -13.77 -118.59
N GLN D 156 18.08 -14.70 -117.65
CA GLN D 156 16.79 -15.33 -117.45
C GLN D 156 15.75 -14.35 -116.92
N ALA D 157 16.17 -13.38 -116.10
CA ALA D 157 15.24 -12.45 -115.48
C ALA D 157 14.62 -11.49 -116.48
N LEU D 158 15.23 -11.32 -117.66
CA LEU D 158 14.66 -10.45 -118.67
C LEU D 158 13.48 -11.07 -119.39
N GLU D 159 13.32 -12.40 -119.34
CA GLU D 159 12.06 -13.00 -119.76
C GLU D 159 11.00 -12.91 -118.70
N LEU D 160 11.39 -12.66 -117.46
CA LEU D 160 10.42 -12.36 -116.42
C LEU D 160 10.00 -10.89 -116.43
N CYS D 161 10.60 -10.08 -117.30
CA CYS D 161 10.12 -8.72 -117.52
C CYS D 161 8.88 -8.69 -118.40
N GLY D 162 8.52 -9.80 -119.04
CA GLY D 162 7.37 -9.81 -119.92
C GLY D 162 6.06 -9.69 -119.19
N GLN D 163 5.98 -10.25 -117.99
CA GLN D 163 4.77 -10.17 -117.18
C GLN D 163 4.73 -8.92 -116.31
N ARG D 164 5.54 -7.93 -116.63
CA ARG D 164 5.67 -6.72 -115.81
C ARG D 164 5.38 -5.45 -116.59
N GLY D 165 5.85 -5.36 -117.83
CA GLY D 165 5.77 -4.12 -118.58
C GLY D 165 6.84 -3.14 -118.17
N ARG D 166 6.83 -2.00 -118.84
CA ARG D 166 7.70 -0.88 -118.46
C ARG D 166 6.91 0.07 -117.58
N VAL D 167 7.57 0.63 -116.59
CA VAL D 167 6.89 1.51 -115.64
C VAL D 167 6.82 2.95 -116.11
N GLU D 168 7.41 3.26 -117.28
CA GLU D 168 7.33 4.55 -117.95
C GLU D 168 7.95 5.69 -117.15
N TRP D 169 8.92 5.38 -116.28
CA TRP D 169 9.86 6.40 -115.83
C TRP D 169 11.29 5.87 -115.92
N VAL D 170 11.47 4.70 -116.54
CA VAL D 170 12.78 4.15 -116.83
C VAL D 170 12.81 3.80 -118.32
N GLU D 171 13.94 3.24 -118.74
CA GLU D 171 14.11 2.67 -120.07
C GLU D 171 15.30 1.72 -120.00
N VAL D 172 15.14 0.54 -120.56
CA VAL D 172 16.17 -0.49 -120.44
C VAL D 172 16.56 -0.96 -121.84
N ASP D 173 17.82 -1.35 -121.99
CA ASP D 173 18.39 -1.72 -123.27
C ASP D 173 18.87 -3.15 -123.16
N LEU D 174 18.27 -4.06 -123.93
CA LEU D 174 18.51 -5.48 -123.73
C LEU D 174 19.78 -5.99 -124.40
N ASP D 175 20.71 -5.11 -124.79
CA ASP D 175 21.98 -5.52 -125.36
C ASP D 175 23.17 -5.15 -124.49
N LYS D 176 23.31 -3.88 -124.10
CA LYS D 176 24.40 -3.43 -123.25
C LYS D 176 24.04 -3.44 -121.78
N LYS D 177 22.75 -3.62 -121.47
CA LYS D 177 22.21 -3.68 -120.11
C LYS D 177 22.55 -2.41 -119.34
N ALA D 178 22.06 -1.30 -119.87
CA ALA D 178 22.36 0.03 -119.32
C ALA D 178 21.06 0.81 -119.26
N GLY D 179 20.39 0.72 -118.13
CA GLY D 179 19.16 1.45 -117.95
C GLY D 179 19.38 2.91 -117.69
N THR D 180 18.29 3.68 -117.78
CA THR D 180 18.35 5.12 -117.55
C THR D 180 17.16 5.52 -116.72
N PHE D 181 17.39 5.95 -115.49
CA PHE D 181 16.33 6.44 -114.64
C PHE D 181 15.90 7.80 -115.16
N LYS D 182 14.72 7.86 -115.79
CA LYS D 182 14.32 9.05 -116.51
C LYS D 182 13.94 10.18 -115.57
N SER D 183 12.95 9.96 -114.71
CA SER D 183 12.50 10.98 -113.79
C SER D 183 11.89 10.32 -112.57
N ALA D 184 11.39 11.15 -111.66
CA ALA D 184 10.71 10.64 -110.48
C ALA D 184 9.38 10.02 -110.89
N PRO D 185 8.89 9.04 -110.14
CA PRO D 185 7.56 8.51 -110.41
C PRO D 185 6.50 9.49 -109.95
N ALA D 186 5.29 9.29 -110.43
CA ALA D 186 4.13 10.04 -110.01
C ALA D 186 3.30 9.18 -109.08
N ARG D 187 2.24 9.78 -108.52
CA ARG D 187 1.29 9.02 -107.70
C ARG D 187 0.16 8.49 -108.58
N SER D 188 0.55 7.79 -109.63
CA SER D 188 -0.39 7.02 -110.44
C SER D 188 0.14 5.65 -110.80
N ASP D 189 1.45 5.45 -110.80
CA ASP D 189 2.03 4.16 -111.12
C ASP D 189 2.06 3.23 -109.92
N LEU D 190 1.86 3.78 -108.73
CA LEU D 190 1.82 2.98 -107.52
C LEU D 190 0.41 2.45 -107.32
N SER D 191 0.33 1.23 -106.78
CA SER D 191 -0.96 0.58 -106.61
C SER D 191 -1.74 1.23 -105.48
N ALA D 192 -3.07 1.18 -105.60
CA ALA D 192 -3.94 1.81 -104.62
C ALA D 192 -4.14 0.99 -103.36
N ASP D 193 -3.50 -0.18 -103.25
CA ASP D 193 -3.65 -0.97 -102.04
C ASP D 193 -2.86 -0.39 -100.88
N ILE D 194 -1.72 0.24 -101.16
CA ILE D 194 -1.00 0.94 -100.11
C ILE D 194 -1.70 2.25 -99.83
N ASN D 195 -1.58 2.72 -98.59
CA ASN D 195 -2.33 3.89 -98.15
C ASN D 195 -1.36 4.87 -97.50
N GLU D 196 -1.31 6.08 -98.03
CA GLU D 196 -0.46 7.14 -97.50
C GLU D 196 -1.11 7.88 -96.34
N ASN D 197 -2.23 7.39 -95.83
CA ASN D 197 -2.92 8.07 -94.74
C ASN D 197 -3.15 7.14 -93.56
N LEU D 198 -2.31 6.12 -93.43
CA LEU D 198 -2.28 5.28 -92.24
C LEU D 198 -0.90 5.20 -91.62
N ILE D 199 0.15 5.33 -92.43
CA ILE D 199 1.50 5.29 -91.92
C ILE D 199 1.86 6.64 -91.32
N VAL D 200 1.39 7.72 -91.95
CA VAL D 200 1.58 9.06 -91.41
C VAL D 200 0.90 9.21 -90.07
N GLU D 201 -0.31 8.67 -89.94
CA GLU D 201 -1.05 8.76 -88.70
C GLU D 201 -0.54 7.83 -87.62
N LEU D 202 0.24 6.81 -87.99
CA LEU D 202 0.77 5.91 -86.97
C LEU D 202 1.89 6.56 -86.19
N TYR D 203 2.67 7.42 -86.82
CA TYR D 203 3.82 8.01 -86.18
C TYR D 203 3.49 9.26 -85.40
N SER D 204 2.21 9.59 -85.24
CA SER D 204 1.85 10.64 -84.29
C SER D 204 1.73 10.07 -82.88
N LYS D 205 0.77 9.16 -82.68
CA LYS D 205 0.66 8.41 -81.44
C LYS D 205 0.23 6.98 -81.72
N GLY E 1 -27.10 8.22 -98.02
CA GLY E 1 -26.57 6.89 -98.35
C GLY E 1 -26.18 6.16 -97.08
N TYR E 2 -25.13 5.33 -97.17
CA TYR E 2 -24.84 4.43 -96.08
C TYR E 2 -23.38 3.98 -96.13
N ILE E 3 -22.57 4.49 -95.19
CA ILE E 3 -21.30 3.91 -94.77
C ILE E 3 -21.30 3.93 -93.25
N GLU E 4 -21.25 2.76 -92.63
CA GLU E 4 -21.47 2.62 -91.20
C GLU E 4 -20.16 2.53 -90.44
N LYS E 5 -20.20 2.93 -89.17
CA LYS E 5 -19.01 2.98 -88.33
C LYS E 5 -19.45 2.97 -86.87
N LEU E 6 -18.99 1.98 -86.12
CA LEU E 6 -19.36 1.84 -84.72
C LEU E 6 -18.32 2.49 -83.83
N VAL E 7 -18.77 2.97 -82.67
CA VAL E 7 -17.88 3.61 -81.71
C VAL E 7 -17.90 2.88 -80.37
N GLN E 8 -19.08 2.77 -79.78
CA GLN E 8 -19.21 2.42 -78.37
C GLN E 8 -20.15 1.24 -78.20
N VAL E 9 -19.87 0.42 -77.18
CA VAL E 9 -20.77 -0.63 -76.73
C VAL E 9 -20.65 -0.72 -75.22
N ASN E 10 -21.79 -0.81 -74.53
CA ASN E 10 -21.80 -0.85 -73.09
C ASN E 10 -22.47 -2.12 -72.60
N ARG E 11 -22.63 -2.21 -71.28
CA ARG E 11 -23.51 -3.20 -70.66
C ARG E 11 -24.20 -2.45 -69.52
N VAL E 12 -25.34 -1.85 -69.83
CA VAL E 12 -26.14 -1.21 -68.80
C VAL E 12 -26.92 -2.31 -68.09
N ALA E 13 -27.52 -2.01 -66.95
CA ALA E 13 -28.24 -3.01 -66.19
C ALA E 13 -29.48 -2.37 -65.59
N LYS E 14 -30.22 -3.16 -64.82
CA LYS E 14 -31.47 -2.73 -64.22
C LYS E 14 -31.81 -3.74 -63.13
N THR E 15 -31.93 -3.28 -61.90
CA THR E 15 -32.27 -4.15 -60.78
C THR E 15 -33.77 -4.18 -60.63
N VAL E 16 -34.36 -5.38 -60.60
CA VAL E 16 -35.80 -5.44 -60.42
C VAL E 16 -36.12 -6.05 -59.06
N LYS E 17 -35.94 -7.36 -58.93
CA LYS E 17 -35.97 -8.15 -57.70
C LYS E 17 -35.62 -9.56 -58.12
N GLY E 18 -34.99 -10.31 -57.22
CA GLY E 18 -34.46 -11.57 -57.69
C GLY E 18 -33.08 -11.34 -58.24
N GLY E 19 -32.97 -11.14 -59.55
CA GLY E 19 -31.68 -10.88 -60.16
C GLY E 19 -31.49 -9.48 -60.69
N ARG E 20 -30.71 -9.35 -61.76
CA ARG E 20 -30.38 -8.06 -62.35
C ARG E 20 -30.42 -8.19 -63.87
N ILE E 21 -31.30 -7.45 -64.51
CA ILE E 21 -31.53 -7.58 -65.95
C ILE E 21 -30.47 -6.78 -66.71
N PHE E 22 -29.75 -7.44 -67.61
CA PHE E 22 -28.77 -6.79 -68.45
C PHE E 22 -29.39 -6.28 -69.73
N ALA E 23 -28.67 -5.37 -70.39
CA ALA E 23 -29.07 -4.79 -71.66
C ALA E 23 -27.85 -4.13 -72.27
N PHE E 24 -27.84 -4.04 -73.59
CA PHE E 24 -26.71 -3.49 -74.34
C PHE E 24 -27.11 -2.23 -75.08
N THR E 25 -26.26 -1.23 -75.03
CA THR E 25 -26.44 -0.02 -75.82
C THR E 25 -25.32 0.10 -76.84
N ALA E 26 -25.54 0.94 -77.85
CA ALA E 26 -24.56 1.10 -78.90
C ALA E 26 -24.69 2.46 -79.52
N LEU E 27 -23.58 2.93 -80.09
CA LEU E 27 -23.49 4.24 -80.70
C LEU E 27 -22.83 4.08 -82.06
N THR E 28 -23.52 4.50 -83.11
CA THR E 28 -23.04 4.26 -84.46
C THR E 28 -23.34 5.47 -85.33
N VAL E 29 -22.31 5.99 -85.96
CA VAL E 29 -22.42 7.13 -86.85
C VAL E 29 -22.43 6.63 -88.29
N VAL E 30 -23.24 7.26 -89.14
CA VAL E 30 -23.38 6.88 -90.54
C VAL E 30 -23.21 8.12 -91.38
N GLY E 31 -22.32 8.04 -92.37
CA GLY E 31 -22.10 9.14 -93.30
C GLY E 31 -22.12 8.66 -94.73
N ASP E 32 -21.86 9.60 -95.64
CA ASP E 32 -21.92 9.31 -97.06
C ASP E 32 -20.60 9.53 -97.77
N GLY E 33 -19.54 9.90 -97.06
CA GLY E 33 -18.28 10.19 -97.72
C GLY E 33 -18.24 11.48 -98.51
N LYS E 34 -19.24 12.35 -98.37
CA LYS E 34 -19.22 13.63 -99.05
C LYS E 34 -19.57 14.81 -98.18
N GLY E 35 -20.12 14.59 -96.99
CA GLY E 35 -20.53 15.70 -96.16
C GLY E 35 -21.96 15.59 -95.65
N ARG E 36 -22.52 14.39 -95.70
CA ARG E 36 -23.82 14.12 -95.10
C ARG E 36 -23.66 13.00 -94.07
N VAL E 37 -23.75 13.35 -92.79
CA VAL E 37 -23.54 12.41 -91.71
C VAL E 37 -24.80 12.29 -90.88
N GLY E 38 -24.77 11.35 -89.94
CA GLY E 38 -25.86 11.15 -89.01
C GLY E 38 -25.47 10.10 -88.00
N PHE E 39 -25.68 10.39 -86.73
CA PHE E 39 -25.33 9.48 -85.66
C PHE E 39 -26.59 8.83 -85.12
N GLY E 40 -26.40 7.74 -84.38
CA GLY E 40 -27.54 7.03 -83.86
C GLY E 40 -27.22 6.20 -82.64
N ARG E 41 -28.17 6.14 -81.71
CA ARG E 41 -28.01 5.43 -80.46
C ARG E 41 -29.16 4.46 -80.27
N GLY E 42 -28.84 3.21 -79.99
CA GLY E 42 -29.87 2.20 -79.81
C GLY E 42 -29.58 1.34 -78.60
N LYS E 43 -30.66 0.88 -77.98
CA LYS E 43 -30.60 -0.05 -76.85
C LYS E 43 -31.40 -1.29 -77.19
N ALA E 44 -30.83 -2.46 -76.95
CA ALA E 44 -31.54 -3.71 -77.17
C ALA E 44 -31.02 -4.72 -76.17
N ARG E 45 -31.24 -6.01 -76.44
CA ARG E 45 -30.90 -7.06 -75.50
C ARG E 45 -29.72 -7.91 -75.93
N GLU E 46 -29.14 -7.66 -77.10
CA GLU E 46 -27.93 -8.39 -77.50
C GLU E 46 -27.17 -7.54 -78.51
N VAL E 47 -25.90 -7.89 -78.70
CA VAL E 47 -24.98 -7.18 -79.58
C VAL E 47 -25.43 -7.19 -81.05
N PRO E 48 -25.76 -8.32 -81.71
CA PRO E 48 -26.13 -8.22 -83.13
C PRO E 48 -27.46 -7.54 -83.38
N ALA E 49 -28.29 -7.32 -82.36
CA ALA E 49 -29.55 -6.62 -82.54
C ALA E 49 -29.51 -5.17 -82.09
N ALA E 50 -28.61 -4.82 -81.18
CA ALA E 50 -28.48 -3.43 -80.77
C ALA E 50 -27.73 -2.59 -81.76
N ILE E 51 -26.88 -3.21 -82.58
CA ILE E 51 -26.19 -2.46 -83.61
C ILE E 51 -27.13 -2.15 -84.76
N GLN E 52 -28.02 -3.08 -85.10
CA GLN E 52 -28.97 -2.86 -86.18
C GLN E 52 -29.96 -1.77 -85.86
N LYS E 53 -30.35 -1.65 -84.59
CA LYS E 53 -31.28 -0.61 -84.19
C LYS E 53 -30.63 0.77 -84.24
N ALA E 54 -29.36 0.86 -83.85
CA ALA E 54 -28.67 2.13 -83.88
C ALA E 54 -28.32 2.57 -85.28
N MET E 55 -28.20 1.63 -86.22
CA MET E 55 -27.94 2.02 -87.60
C MET E 55 -29.17 2.66 -88.24
N GLU E 56 -30.37 2.19 -87.88
CA GLU E 56 -31.58 2.71 -88.49
C GLU E 56 -31.86 4.13 -88.05
N ALA E 57 -31.62 4.44 -86.78
CA ALA E 57 -31.85 5.80 -86.32
C ALA E 57 -30.78 6.76 -86.79
N ALA E 58 -29.66 6.25 -87.29
CA ALA E 58 -28.62 7.14 -87.80
C ALA E 58 -29.05 7.76 -89.13
N ARG E 59 -29.57 6.95 -90.04
CA ARG E 59 -30.01 7.43 -91.35
C ARG E 59 -31.40 8.04 -91.31
N ARG E 60 -31.88 8.39 -90.13
CA ARG E 60 -32.91 9.39 -89.95
C ARG E 60 -32.31 10.53 -89.15
N ASN E 61 -32.77 11.76 -89.44
CA ASN E 61 -32.30 13.00 -88.82
C ASN E 61 -30.79 13.20 -89.04
N MET E 62 -30.45 13.43 -90.30
CA MET E 62 -29.07 13.59 -90.73
C MET E 62 -28.71 15.07 -90.85
N ILE E 63 -27.44 15.35 -91.16
CA ILE E 63 -26.88 16.69 -91.17
C ILE E 63 -26.13 16.89 -92.49
N GLN E 64 -26.36 18.03 -93.15
CA GLN E 64 -25.58 18.44 -94.30
C GLN E 64 -24.42 19.33 -93.86
N VAL E 65 -23.20 18.93 -94.19
CA VAL E 65 -21.99 19.61 -93.77
C VAL E 65 -21.32 20.22 -94.99
N ASP E 66 -20.96 21.50 -94.90
CA ASP E 66 -20.45 22.26 -96.04
C ASP E 66 -18.92 22.33 -95.98
N LEU E 67 -18.29 21.20 -96.29
CA LEU E 67 -16.84 21.14 -96.24
C LEU E 67 -16.21 21.82 -97.45
N ASN E 68 -14.97 22.28 -97.26
CA ASN E 68 -14.19 22.95 -98.30
C ASN E 68 -13.56 21.96 -99.27
N GLY E 69 -13.63 20.67 -98.98
CA GLY E 69 -12.97 19.65 -99.77
C GLY E 69 -11.81 19.10 -98.98
N THR E 70 -12.04 17.99 -98.29
CA THR E 70 -11.13 17.28 -97.39
C THR E 70 -10.57 18.13 -96.26
N THR E 71 -11.13 19.32 -96.01
CA THR E 71 -10.66 20.22 -94.98
C THR E 71 -11.88 20.85 -94.31
N LEU E 72 -11.63 21.91 -93.56
CA LEU E 72 -12.66 22.72 -92.96
C LEU E 72 -12.59 24.12 -93.53
N GLN E 73 -13.50 24.98 -93.09
CA GLN E 73 -13.47 26.36 -93.55
C GLN E 73 -12.56 27.24 -92.71
N TYR E 74 -12.63 27.14 -91.39
CA TYR E 74 -11.89 28.01 -90.50
C TYR E 74 -11.75 27.31 -89.15
N PRO E 75 -10.79 27.72 -88.33
CA PRO E 75 -10.71 27.19 -86.96
C PRO E 75 -11.91 27.61 -86.13
N THR E 76 -12.56 26.62 -85.51
CA THR E 76 -13.71 26.87 -84.67
C THR E 76 -13.54 26.11 -83.35
N LYS E 77 -14.47 26.35 -82.43
CA LYS E 77 -14.39 25.74 -81.11
C LYS E 77 -15.79 25.68 -80.52
N SER E 78 -16.29 24.47 -80.31
CA SER E 78 -17.65 24.27 -79.82
C SER E 78 -17.64 23.40 -78.58
N ALA E 79 -18.76 23.43 -77.85
CA ALA E 79 -18.83 22.72 -76.58
C ALA E 79 -20.26 22.25 -76.33
N HIS E 80 -20.36 21.11 -75.66
CA HIS E 80 -21.65 20.62 -75.16
C HIS E 80 -21.40 19.79 -73.92
N GLY E 81 -22.19 20.04 -72.89
CA GLY E 81 -21.97 19.40 -71.62
C GLY E 81 -20.67 19.90 -71.00
N ALA E 82 -19.99 19.01 -70.31
CA ALA E 82 -18.64 19.32 -69.83
C ALA E 82 -17.59 18.81 -70.80
N SER E 83 -17.74 19.14 -72.08
CA SER E 83 -16.84 18.64 -73.11
C SER E 83 -16.58 19.75 -74.11
N LYS E 84 -15.31 20.10 -74.29
CA LYS E 84 -14.91 21.17 -75.16
C LYS E 84 -14.04 20.62 -76.28
N VAL E 85 -14.28 21.09 -77.49
CA VAL E 85 -13.69 20.51 -78.70
C VAL E 85 -13.09 21.64 -79.53
N TYR E 86 -11.88 21.43 -80.04
CA TYR E 86 -11.21 22.38 -80.91
C TYR E 86 -10.82 21.70 -82.22
N MET E 87 -11.03 22.40 -83.33
CA MET E 87 -10.75 21.87 -84.66
C MET E 87 -10.20 22.98 -85.55
N GLN E 88 -9.16 22.67 -86.33
CA GLN E 88 -8.69 23.65 -87.29
C GLN E 88 -8.10 22.98 -88.52
N PRO E 89 -8.40 23.48 -89.73
CA PRO E 89 -7.97 22.80 -90.94
C PRO E 89 -6.45 22.82 -91.11
N ALA E 90 -5.94 21.83 -91.83
CA ALA E 90 -4.51 21.61 -91.92
C ALA E 90 -4.07 21.47 -93.37
N SER E 91 -2.83 21.02 -93.57
CA SER E 91 -2.25 20.90 -94.91
C SER E 91 -2.76 19.64 -95.60
N GLU E 92 -2.13 19.28 -96.71
CA GLU E 92 -2.64 18.16 -97.51
C GLU E 92 -2.16 16.82 -96.99
N GLY E 93 -0.87 16.69 -96.73
CA GLY E 93 -0.31 15.38 -96.41
C GLY E 93 -0.71 14.85 -95.05
N THR E 94 -1.02 15.74 -94.12
CA THR E 94 -1.45 15.33 -92.79
C THR E 94 -2.83 14.71 -92.85
N GLY E 95 -2.97 13.50 -92.33
CA GLY E 95 -4.25 12.83 -92.27
C GLY E 95 -5.14 13.37 -91.18
N ILE E 96 -6.02 12.54 -90.67
CA ILE E 96 -6.81 12.91 -89.51
C ILE E 96 -6.10 12.43 -88.25
N ILE E 97 -5.94 13.32 -87.30
CA ILE E 97 -5.30 13.01 -86.03
C ILE E 97 -6.23 13.52 -84.93
N ALA E 98 -7.05 12.62 -84.39
CA ALA E 98 -8.02 12.95 -83.37
C ALA E 98 -8.29 11.70 -82.55
N GLY E 99 -9.07 11.84 -81.50
CA GLY E 99 -9.12 10.78 -80.52
C GLY E 99 -10.38 9.95 -80.50
N GLY E 100 -10.31 8.74 -81.04
CA GLY E 100 -11.31 7.72 -80.78
C GLY E 100 -12.65 7.98 -81.43
N ALA E 101 -13.36 8.99 -80.93
CA ALA E 101 -14.73 9.25 -81.35
C ALA E 101 -14.89 10.45 -82.25
N MET E 102 -13.87 11.29 -82.37
CA MET E 102 -13.90 12.30 -83.42
C MET E 102 -13.24 11.82 -84.70
N ARG E 103 -12.60 10.65 -84.69
CA ARG E 103 -12.17 10.11 -85.96
C ARG E 103 -13.36 9.54 -86.71
N ALA E 104 -14.29 8.93 -85.99
CA ALA E 104 -15.40 8.25 -86.63
C ALA E 104 -16.40 9.23 -87.21
N VAL E 105 -16.53 10.41 -86.63
CA VAL E 105 -17.32 11.45 -87.28
C VAL E 105 -16.58 11.97 -88.50
N LEU E 106 -15.31 12.29 -88.35
CA LEU E 106 -14.57 12.97 -89.39
C LEU E 106 -14.03 12.02 -90.46
N GLU E 107 -14.25 10.71 -90.34
CA GLU E 107 -14.03 9.85 -91.50
C GLU E 107 -15.20 9.94 -92.46
N VAL E 108 -16.39 9.64 -91.95
CA VAL E 108 -17.54 9.44 -92.82
C VAL E 108 -18.07 10.75 -93.39
N ALA E 109 -17.66 11.88 -92.83
CA ALA E 109 -18.00 13.15 -93.48
C ALA E 109 -17.19 13.37 -94.74
N GLY E 110 -16.04 12.72 -94.87
CA GLY E 110 -15.20 12.86 -96.04
C GLY E 110 -14.02 13.78 -95.87
N VAL E 111 -13.90 14.43 -94.73
CA VAL E 111 -12.77 15.33 -94.50
C VAL E 111 -11.54 14.51 -94.15
N GLN E 112 -10.37 15.08 -94.41
CA GLN E 112 -9.12 14.36 -94.33
C GLN E 112 -8.02 15.09 -93.57
N ASN E 113 -8.23 16.35 -93.17
CA ASN E 113 -7.13 17.22 -92.76
C ASN E 113 -7.51 18.02 -91.52
N VAL E 114 -8.02 17.36 -90.48
CA VAL E 114 -8.88 18.06 -89.53
C VAL E 114 -8.15 18.62 -88.32
N LEU E 115 -7.11 17.95 -87.79
CA LEU E 115 -6.22 18.45 -86.73
C LEU E 115 -6.98 18.89 -85.47
N ALA E 116 -7.61 17.94 -84.81
CA ALA E 116 -8.54 18.24 -83.72
C ALA E 116 -7.96 17.83 -82.38
N LYS E 117 -8.70 18.17 -81.32
CA LYS E 117 -8.39 17.82 -79.94
C LYS E 117 -9.61 18.11 -79.09
N CYS E 118 -9.90 17.25 -78.12
CA CYS E 118 -11.00 17.48 -77.19
C CYS E 118 -10.48 17.63 -75.77
N TYR E 119 -11.06 18.58 -75.05
CA TYR E 119 -10.73 18.88 -73.68
C TYR E 119 -11.87 18.42 -72.78
N GLY E 120 -11.75 18.70 -71.50
CA GLY E 120 -12.86 18.45 -70.59
C GLY E 120 -13.08 16.98 -70.37
N SER E 121 -14.35 16.59 -70.21
CA SER E 121 -14.67 15.19 -70.02
C SER E 121 -14.75 14.50 -71.37
N THR E 122 -14.02 13.40 -71.51
CA THR E 122 -14.10 12.59 -72.71
C THR E 122 -15.23 11.61 -72.53
N ASN E 123 -16.37 11.91 -73.14
CA ASN E 123 -17.50 11.02 -73.17
C ASN E 123 -17.82 10.73 -74.63
N PRO E 124 -17.68 9.50 -75.11
CA PRO E 124 -17.92 9.24 -76.53
C PRO E 124 -19.35 9.40 -76.98
N VAL E 125 -20.31 9.35 -76.06
CA VAL E 125 -21.70 9.65 -76.42
C VAL E 125 -21.99 11.13 -76.33
N ASN E 126 -21.02 11.94 -75.91
CA ASN E 126 -21.27 13.34 -75.65
C ASN E 126 -20.25 14.23 -76.31
N VAL E 127 -19.14 13.69 -76.80
CA VAL E 127 -18.25 14.47 -77.62
C VAL E 127 -18.79 14.58 -79.05
N VAL E 128 -19.76 13.74 -79.39
CA VAL E 128 -20.36 13.77 -80.71
C VAL E 128 -21.30 14.97 -80.84
N TYR E 129 -22.07 15.27 -79.79
CA TYR E 129 -22.85 16.51 -79.74
C TYR E 129 -21.95 17.73 -79.83
N ALA E 130 -20.79 17.67 -79.18
CA ALA E 130 -19.83 18.76 -79.24
C ALA E 130 -19.24 18.92 -80.62
N THR E 131 -19.24 17.87 -81.42
CA THR E 131 -18.76 17.98 -82.79
C THR E 131 -19.85 18.48 -83.73
N PHE E 132 -21.09 18.00 -83.55
CA PHE E 132 -22.15 18.36 -84.48
C PHE E 132 -22.76 19.72 -84.24
N LYS E 133 -22.53 20.34 -83.09
CA LYS E 133 -22.82 21.77 -83.05
C LYS E 133 -21.82 22.53 -83.88
N GLY E 134 -20.59 22.03 -83.98
CA GLY E 134 -19.58 22.74 -84.73
C GLY E 134 -19.79 22.64 -86.23
N LEU E 135 -20.02 21.44 -86.74
CA LEU E 135 -20.07 21.25 -88.18
C LEU E 135 -21.38 21.74 -88.78
N LYS E 136 -22.49 21.59 -88.06
CA LYS E 136 -23.78 22.01 -88.58
C LYS E 136 -23.95 23.52 -88.58
N ASN E 137 -23.03 24.26 -87.96
CA ASN E 137 -23.09 25.72 -87.96
C ASN E 137 -21.93 26.35 -88.72
N MET E 138 -21.49 25.70 -89.80
CA MET E 138 -20.51 26.29 -90.71
C MET E 138 -21.19 27.28 -91.65
N GLN E 139 -20.37 28.00 -92.42
CA GLN E 139 -20.88 29.12 -93.20
C GLN E 139 -20.68 28.95 -94.70
N ALA E 140 -19.47 28.53 -95.14
CA ALA E 140 -19.08 28.31 -96.53
C ALA E 140 -19.35 29.55 -97.38
N PRO E 141 -18.45 30.54 -97.35
CA PRO E 141 -18.78 31.94 -97.72
C PRO E 141 -19.25 32.10 -99.16
N GLU E 142 -20.47 32.60 -99.30
CA GLU E 142 -21.06 32.78 -100.63
C GLU E 142 -20.80 34.21 -101.10
N ALA E 143 -19.51 34.55 -101.15
CA ALA E 143 -19.06 35.93 -101.29
C ALA E 143 -18.22 36.12 -102.55
N VAL E 144 -18.00 37.39 -102.89
CA VAL E 144 -17.20 37.72 -104.06
C VAL E 144 -15.72 37.53 -103.82
N ALA E 145 -15.28 37.58 -102.57
CA ALA E 145 -13.89 37.37 -102.20
C ALA E 145 -13.86 36.94 -100.74
N ALA E 146 -12.66 36.96 -100.15
CA ALA E 146 -12.51 36.79 -98.70
C ALA E 146 -11.91 38.02 -98.05
N LYS E 147 -10.75 38.48 -98.55
CA LYS E 147 -10.15 39.71 -98.05
C LYS E 147 -10.96 40.93 -98.47
N ARG E 148 -11.75 40.81 -99.54
CA ARG E 148 -12.75 41.83 -99.87
C ARG E 148 -14.15 41.41 -99.44
N GLY E 149 -14.40 40.12 -99.34
CA GLY E 149 -15.75 39.61 -99.21
C GLY E 149 -16.41 39.84 -97.86
N LYS E 150 -16.68 41.12 -97.56
CA LYS E 150 -17.58 41.51 -96.47
C LYS E 150 -18.45 42.67 -96.97
N SER E 151 -19.09 42.47 -98.12
CA SER E 151 -20.22 43.31 -98.51
C SER E 151 -21.34 42.53 -99.15
N VAL E 152 -21.12 41.28 -99.55
CA VAL E 152 -22.16 40.44 -100.13
C VAL E 152 -22.42 39.18 -99.30
N GLU E 153 -21.55 38.80 -98.38
CA GLU E 153 -21.79 37.67 -97.50
C GLU E 153 -22.47 38.07 -96.19
N GLU E 154 -22.20 39.26 -95.68
CA GLU E 154 -22.89 39.70 -94.47
C GLU E 154 -24.37 39.94 -94.72
N ILE E 155 -24.75 40.35 -95.94
CA ILE E 155 -26.14 40.38 -96.32
C ILE E 155 -26.68 38.99 -96.64
N LEU E 156 -25.83 37.98 -96.63
CA LEU E 156 -26.28 36.60 -96.60
C LEU E 156 -26.13 36.11 -95.16
N ARG F 1 -41.98 71.75 -26.71
CA ARG F 1 -43.09 72.63 -27.06
C ARG F 1 -44.32 71.80 -27.33
N HIS F 2 -45.50 72.42 -27.18
CA HIS F 2 -46.79 71.87 -27.63
C HIS F 2 -47.14 70.55 -26.94
N TYR F 3 -47.23 70.59 -25.62
CA TYR F 3 -47.51 69.39 -24.87
C TYR F 3 -49.02 69.25 -24.65
N GLU F 4 -49.43 68.08 -24.19
CA GLU F 4 -50.85 67.75 -24.02
C GLU F 4 -51.09 67.04 -22.70
N ILE F 5 -50.67 67.66 -21.61
CA ILE F 5 -50.71 67.08 -20.26
C ILE F 5 -52.13 66.73 -19.86
N VAL F 6 -52.37 65.45 -19.60
CA VAL F 6 -53.66 64.97 -19.11
C VAL F 6 -53.42 64.28 -17.78
N PHE F 7 -54.18 64.65 -16.76
CA PHE F 7 -54.00 64.08 -15.45
C PHE F 7 -55.33 64.01 -14.74
N LEU F 8 -55.51 62.97 -13.94
CA LEU F 8 -56.73 62.77 -13.18
C LEU F 8 -56.44 62.84 -11.70
N VAL F 9 -57.42 63.35 -10.94
CA VAL F 9 -57.23 63.56 -9.52
C VAL F 9 -58.14 62.64 -8.72
N HIS F 10 -58.00 62.70 -7.40
CA HIS F 10 -58.78 61.87 -6.51
C HIS F 10 -60.23 62.36 -6.51
N PRO F 11 -61.21 61.45 -6.32
CA PRO F 11 -62.60 61.91 -6.26
C PRO F 11 -62.92 62.77 -5.05
N ASP F 12 -62.15 62.66 -3.97
CA ASP F 12 -62.38 63.49 -2.80
C ASP F 12 -61.73 64.85 -2.90
N GLN F 13 -60.94 65.10 -3.94
CA GLN F 13 -60.31 66.39 -4.15
C GLN F 13 -60.90 67.14 -5.32
N SER F 14 -62.00 66.63 -5.89
CA SER F 14 -62.62 67.28 -7.04
C SER F 14 -63.28 68.59 -6.67
N GLU F 15 -63.55 68.81 -5.38
CA GLU F 15 -64.04 70.11 -4.94
C GLU F 15 -62.93 71.14 -4.97
N GLN F 16 -61.73 70.75 -4.55
CA GLN F 16 -60.59 71.64 -4.41
C GLN F 16 -59.87 71.90 -5.72
N VAL F 17 -60.30 71.28 -6.82
CA VAL F 17 -59.50 71.26 -8.03
C VAL F 17 -59.53 72.60 -8.76
N GLY F 18 -60.49 73.47 -8.42
CA GLY F 18 -60.58 74.75 -9.10
C GLY F 18 -59.40 75.65 -8.79
N GLY F 19 -58.97 75.67 -7.52
CA GLY F 19 -57.72 76.33 -7.20
C GLY F 19 -56.51 75.59 -7.69
N MET F 20 -56.62 74.28 -7.89
CA MET F 20 -55.51 73.48 -8.38
C MET F 20 -55.19 73.77 -9.84
N VAL F 21 -56.14 74.31 -10.59
CA VAL F 21 -55.89 74.65 -11.99
C VAL F 21 -54.92 75.80 -12.09
N GLU F 22 -55.26 76.93 -11.47
CA GLU F 22 -54.46 78.14 -11.62
C GLU F 22 -53.16 78.07 -10.83
N ARG F 23 -53.13 77.25 -9.78
CA ARG F 23 -51.91 77.03 -9.02
C ARG F 23 -50.81 76.41 -9.87
N TYR F 24 -51.19 75.59 -10.85
CA TYR F 24 -50.22 75.02 -11.77
C TYR F 24 -49.94 75.94 -12.95
N THR F 25 -50.97 76.54 -13.54
CA THR F 25 -50.81 77.28 -14.77
C THR F 25 -50.21 78.67 -14.58
N LYS F 26 -50.22 79.19 -13.35
CA LYS F 26 -49.56 80.47 -13.11
C LYS F 26 -48.05 80.33 -13.23
N ALA F 27 -47.52 79.18 -12.80
CA ALA F 27 -46.09 78.94 -12.91
C ALA F 27 -45.66 78.73 -14.36
N ILE F 28 -46.58 78.24 -15.20
CA ILE F 28 -46.28 78.12 -16.62
C ILE F 28 -46.16 79.50 -17.26
N GLU F 29 -47.02 80.42 -16.85
CA GLU F 29 -46.94 81.79 -17.34
C GLU F 29 -45.70 82.51 -16.86
N GLU F 30 -45.12 82.08 -15.73
CA GLU F 30 -43.83 82.58 -15.32
C GLU F 30 -42.74 82.15 -16.30
N ASP F 31 -42.88 80.95 -16.86
CA ASP F 31 -41.92 80.48 -17.85
C ASP F 31 -42.06 81.22 -19.17
N GLY F 32 -43.30 81.51 -19.57
CA GLY F 32 -43.54 82.14 -20.86
C GLY F 32 -44.34 81.25 -21.77
N GLY F 33 -45.20 80.42 -21.19
CA GLY F 33 -45.99 79.50 -21.97
C GLY F 33 -47.48 79.73 -21.87
N LYS F 34 -48.08 80.13 -22.99
CA LYS F 34 -49.52 80.27 -23.07
C LYS F 34 -50.21 78.90 -23.07
N ILE F 35 -51.48 78.91 -22.69
CA ILE F 35 -52.27 77.69 -22.57
C ILE F 35 -53.46 77.80 -23.52
N HIS F 36 -53.65 76.78 -24.35
CA HIS F 36 -54.58 76.87 -25.46
C HIS F 36 -55.90 76.17 -25.24
N ARG F 37 -55.97 75.20 -24.31
CA ARG F 37 -57.27 74.77 -23.83
C ARG F 37 -57.14 74.36 -22.38
N LEU F 38 -58.29 74.34 -21.70
CA LEU F 38 -58.39 73.88 -20.32
C LEU F 38 -59.78 73.29 -20.17
N GLU F 39 -59.89 71.97 -20.28
CA GLU F 39 -61.18 71.32 -20.17
C GLU F 39 -61.22 70.47 -18.90
N ASP F 40 -62.42 70.36 -18.35
CA ASP F 40 -62.67 69.59 -17.14
C ASP F 40 -63.78 68.61 -17.47
N TRP F 41 -63.42 67.34 -17.67
CA TRP F 41 -64.39 66.39 -18.16
C TRP F 41 -65.37 65.96 -17.08
N GLY F 42 -64.96 66.03 -15.83
CA GLY F 42 -65.84 65.82 -14.72
C GLY F 42 -65.65 64.48 -14.06
N ARG F 43 -66.65 64.11 -13.26
CA ARG F 43 -66.59 62.91 -12.44
C ARG F 43 -67.14 61.73 -13.24
N ARG F 44 -66.28 60.77 -13.56
CA ARG F 44 -66.72 59.58 -14.27
C ARG F 44 -66.22 58.33 -13.57
N GLN F 45 -66.74 57.19 -13.99
CA GLN F 45 -66.38 55.90 -13.41
C GLN F 45 -65.28 55.27 -14.24
N LEU F 46 -64.30 54.70 -13.54
CA LEU F 46 -63.16 54.08 -14.20
C LEU F 46 -63.56 52.72 -14.79
N ALA F 47 -62.62 52.11 -15.50
CA ALA F 47 -62.80 50.75 -15.98
C ALA F 47 -62.32 49.72 -14.97
N TYR F 48 -61.47 50.12 -14.03
CA TYR F 48 -60.92 49.22 -13.04
C TYR F 48 -60.43 50.02 -11.85
N ALA F 49 -59.87 49.33 -10.87
CA ALA F 49 -59.50 49.94 -9.60
C ALA F 49 -58.08 50.50 -9.65
N ILE F 50 -57.95 51.78 -9.30
CA ILE F 50 -56.66 52.44 -9.17
C ILE F 50 -56.57 52.90 -7.73
N ASN F 51 -55.80 52.16 -6.91
CA ASN F 51 -55.72 52.36 -5.45
C ASN F 51 -57.10 52.31 -4.80
N ASN F 52 -57.92 51.38 -5.28
CA ASN F 52 -59.20 50.99 -4.69
C ASN F 52 -60.20 52.14 -4.68
N VAL F 53 -60.23 52.93 -5.75
CA VAL F 53 -61.28 53.90 -5.99
C VAL F 53 -61.97 53.54 -7.29
N HIS F 54 -63.09 54.21 -7.56
CA HIS F 54 -63.80 53.97 -8.81
C HIS F 54 -64.25 55.22 -9.54
N LYS F 55 -64.39 56.35 -8.87
CA LYS F 55 -64.61 57.62 -9.55
C LYS F 55 -63.29 58.34 -9.70
N ALA F 56 -63.31 59.39 -10.52
CA ALA F 56 -62.16 60.24 -10.71
C ALA F 56 -62.65 61.62 -11.10
N HIS F 57 -61.73 62.47 -11.57
CA HIS F 57 -62.11 63.77 -12.10
C HIS F 57 -61.06 64.14 -13.14
N TYR F 58 -61.40 63.96 -14.41
CA TYR F 58 -60.45 64.12 -15.50
C TYR F 58 -60.22 65.60 -15.80
N VAL F 59 -58.96 65.94 -16.04
CA VAL F 59 -58.57 67.31 -16.36
C VAL F 59 -57.79 67.28 -17.67
N LEU F 60 -58.36 67.83 -18.73
CA LEU F 60 -57.67 67.95 -20.00
C LEU F 60 -57.04 69.32 -20.11
N MET F 61 -55.83 69.37 -20.65
CA MET F 61 -55.07 70.60 -20.67
C MET F 61 -54.01 70.53 -21.75
N ASN F 62 -53.87 71.59 -22.54
CA ASN F 62 -52.83 71.65 -23.56
C ASN F 62 -51.97 72.87 -23.36
N VAL F 63 -50.67 72.65 -23.20
CA VAL F 63 -49.71 73.66 -22.79
C VAL F 63 -48.65 73.76 -23.88
N GLU F 64 -48.16 74.97 -24.15
CA GLU F 64 -47.04 75.18 -25.06
C GLU F 64 -45.97 75.96 -24.32
N CYS F 65 -45.13 75.26 -23.57
CA CYS F 65 -44.12 75.88 -22.73
C CYS F 65 -42.73 75.44 -23.16
N SER F 66 -41.72 76.01 -22.52
CA SER F 66 -40.34 75.65 -22.79
C SER F 66 -39.92 74.52 -21.85
N ALA F 67 -38.62 74.24 -21.78
CA ALA F 67 -38.13 73.06 -21.08
C ALA F 67 -38.12 73.20 -19.57
N LYS F 68 -38.38 74.38 -19.02
CA LYS F 68 -38.38 74.52 -17.58
C LYS F 68 -39.75 74.25 -16.97
N ALA F 69 -40.83 74.75 -17.59
CA ALA F 69 -42.16 74.50 -17.07
C ALA F 69 -42.58 73.05 -17.26
N LEU F 70 -41.98 72.35 -18.23
CA LEU F 70 -42.17 70.90 -18.31
C LEU F 70 -41.53 70.21 -17.12
N ALA F 71 -40.40 70.73 -16.65
CA ALA F 71 -39.76 70.19 -15.46
C ALA F 71 -40.54 70.52 -14.19
N GLU F 72 -41.41 71.52 -14.23
CA GLU F 72 -42.25 71.83 -13.08
C GLU F 72 -43.33 70.76 -12.89
N LEU F 73 -44.21 70.62 -13.88
CA LEU F 73 -45.36 69.74 -13.75
C LEU F 73 -44.99 68.27 -13.81
N GLU F 74 -43.79 67.95 -14.28
CA GLU F 74 -43.30 66.57 -14.17
C GLU F 74 -43.10 66.20 -12.71
N ASP F 75 -42.67 67.15 -11.89
CA ASP F 75 -42.36 66.90 -10.49
C ASP F 75 -43.55 67.08 -9.58
N ASN F 76 -44.43 68.04 -9.88
CA ASN F 76 -45.53 68.35 -8.98
C ASN F 76 -46.58 67.26 -8.94
N PHE F 77 -46.76 66.56 -10.05
CA PHE F 77 -47.69 65.43 -10.05
C PHE F 77 -47.15 64.26 -9.25
N ARG F 78 -45.83 64.10 -9.23
CA ARG F 78 -45.24 63.05 -8.43
C ARG F 78 -45.33 63.37 -6.95
N TYR F 79 -45.29 64.64 -6.60
CA TYR F 79 -45.40 65.06 -5.20
C TYR F 79 -46.81 65.49 -4.85
N ASN F 80 -47.79 64.64 -5.14
CA ASN F 80 -49.17 64.90 -4.76
C ASN F 80 -49.87 63.59 -4.43
N ASP F 81 -50.95 63.72 -3.67
CA ASP F 81 -51.83 62.61 -3.38
C ASP F 81 -53.20 62.78 -4.00
N ALA F 82 -53.54 63.98 -4.45
CA ALA F 82 -54.76 64.18 -5.21
C ALA F 82 -54.65 63.52 -6.58
N VAL F 83 -53.62 63.89 -7.33
CA VAL F 83 -53.40 63.32 -8.66
C VAL F 83 -52.93 61.88 -8.52
N ILE F 84 -53.58 60.97 -9.22
CA ILE F 84 -53.30 59.56 -9.09
C ILE F 84 -52.69 58.95 -10.36
N ARG F 85 -52.93 59.55 -11.54
CA ARG F 85 -52.24 59.20 -12.76
C ARG F 85 -52.01 60.47 -13.55
N ASN F 86 -51.03 60.43 -14.44
CA ASN F 86 -50.85 61.51 -15.39
C ASN F 86 -50.31 60.93 -16.69
N LEU F 87 -50.23 61.79 -17.70
CA LEU F 87 -49.69 61.40 -18.99
C LEU F 87 -49.28 62.68 -19.70
N VAL F 88 -48.01 62.84 -19.90
CA VAL F 88 -47.50 63.95 -20.70
C VAL F 88 -47.34 63.47 -22.13
N MET F 89 -47.74 64.29 -23.08
CA MET F 89 -47.70 63.94 -24.48
C MET F 89 -46.89 64.98 -25.23
N ARG F 90 -46.81 64.81 -26.56
CA ARG F 90 -46.20 65.79 -27.43
C ARG F 90 -46.83 65.67 -28.80
N ARG F 91 -47.39 66.76 -29.29
CA ARG F 91 -47.73 66.86 -30.69
C ARG F 91 -46.91 67.98 -31.31
N ASP F 92 -46.64 67.88 -32.60
CA ASP F 92 -45.94 68.95 -33.31
C ASP F 92 -46.93 69.81 -34.10
N GLU F 93 -47.86 70.44 -33.38
CA GLU F 93 -48.91 71.24 -34.00
C GLU F 93 -49.48 72.17 -32.94
N ALA F 94 -50.54 72.88 -33.31
CA ALA F 94 -51.26 73.75 -32.41
C ALA F 94 -52.54 73.07 -31.93
N VAL F 95 -53.33 73.82 -31.17
CA VAL F 95 -54.48 73.28 -30.45
C VAL F 95 -55.71 74.14 -30.73
N THR F 96 -56.79 73.49 -31.17
CA THR F 96 -58.12 74.08 -31.18
C THR F 96 -58.90 73.60 -29.96
N GLU F 97 -59.96 74.32 -29.65
CA GLU F 97 -60.70 74.05 -28.43
C GLU F 97 -61.94 73.21 -28.71
N GLN F 98 -62.57 72.75 -27.62
CA GLN F 98 -63.88 72.10 -27.58
C GLN F 98 -63.91 70.84 -28.45
N SER F 99 -63.14 69.85 -28.00
CA SER F 99 -63.02 68.61 -28.75
C SER F 99 -64.28 67.76 -28.70
N GLU F 100 -64.60 67.22 -27.52
CA GLU F 100 -65.60 66.15 -27.46
C GLU F 100 -66.60 66.21 -26.33
N MET F 101 -66.47 67.13 -25.36
CA MET F 101 -67.43 67.13 -24.25
C MET F 101 -68.79 67.62 -24.68
N LEU F 102 -68.87 68.32 -25.80
CA LEU F 102 -70.15 68.51 -26.48
C LEU F 102 -70.73 67.17 -26.88
N LYS F 103 -69.90 66.33 -27.51
CA LYS F 103 -70.38 65.06 -28.03
C LYS F 103 -70.46 64.00 -26.94
N ALA F 104 -69.68 64.15 -25.88
CA ALA F 104 -69.80 63.24 -24.75
C ALA F 104 -70.95 63.62 -23.84
N GLU F 105 -71.33 64.90 -23.83
CA GLU F 105 -72.34 65.50 -22.95
C GLU F 105 -72.07 65.19 -21.47
N ARG G 1 -62.24 -7.57 -45.31
CA ARG G 1 -63.41 -8.25 -44.79
C ARG G 1 -64.65 -7.69 -45.46
N ARG G 2 -64.94 -8.19 -46.66
CA ARG G 2 -66.21 -7.87 -47.30
C ARG G 2 -67.32 -8.54 -46.53
N ARG G 3 -68.43 -7.82 -46.34
CA ARG G 3 -69.52 -8.39 -45.56
C ARG G 3 -70.25 -9.43 -46.40
N VAL G 4 -70.34 -10.64 -45.86
CA VAL G 4 -70.80 -11.82 -46.59
C VAL G 4 -71.97 -12.50 -45.91
N ALA G 5 -71.89 -12.63 -44.57
CA ALA G 5 -72.66 -13.59 -43.78
C ALA G 5 -74.18 -13.44 -43.89
N ALA G 6 -74.81 -14.40 -44.54
CA ALA G 6 -76.25 -14.49 -44.63
C ALA G 6 -76.78 -15.25 -43.42
N LYS G 7 -78.06 -15.65 -43.47
CA LYS G 7 -78.71 -16.24 -42.30
C LYS G 7 -79.29 -17.61 -42.64
N ARG G 8 -78.96 -18.60 -41.82
CA ARG G 8 -79.56 -19.92 -41.88
C ARG G 8 -80.43 -20.13 -40.65
N GLU G 9 -81.52 -20.88 -40.82
CA GLU G 9 -82.57 -20.94 -39.82
C GLU G 9 -82.87 -22.38 -39.46
N VAL G 10 -83.01 -22.64 -38.15
CA VAL G 10 -83.48 -23.92 -37.65
C VAL G 10 -84.64 -23.67 -36.68
N LEU G 11 -85.83 -24.19 -37.03
CA LEU G 11 -87.04 -24.00 -36.24
C LEU G 11 -87.90 -25.25 -36.40
N ALA G 12 -87.74 -26.20 -35.46
CA ALA G 12 -88.48 -27.45 -35.53
C ALA G 12 -88.59 -28.04 -34.14
N ASP G 13 -89.82 -28.18 -33.65
CA ASP G 13 -90.09 -28.86 -32.39
C ASP G 13 -91.52 -29.40 -32.42
N PRO G 14 -91.76 -30.54 -33.06
CA PRO G 14 -93.15 -30.97 -33.29
C PRO G 14 -93.82 -31.56 -32.06
N LYS G 15 -93.06 -32.24 -31.20
CA LYS G 15 -93.66 -32.91 -30.06
C LYS G 15 -94.02 -31.96 -28.93
N TYR G 16 -93.68 -30.68 -29.03
CA TYR G 16 -94.10 -29.75 -27.99
C TYR G 16 -94.70 -28.50 -28.59
N GLY G 17 -94.30 -28.16 -29.82
CA GLY G 17 -94.77 -26.94 -30.44
C GLY G 17 -94.08 -25.71 -29.89
N SER G 18 -92.78 -25.60 -30.10
CA SER G 18 -91.98 -24.49 -29.61
C SER G 18 -90.94 -24.07 -30.65
N GLN G 19 -90.30 -22.93 -30.39
CA GLN G 19 -89.26 -22.40 -31.26
C GLN G 19 -87.98 -22.06 -30.52
N ILE G 20 -88.09 -21.52 -29.31
CA ILE G 20 -86.90 -21.20 -28.51
C ILE G 20 -86.23 -22.46 -28.04
N LEU G 21 -87.03 -23.51 -27.77
CA LEU G 21 -86.50 -24.74 -27.23
C LEU G 21 -85.67 -25.49 -28.26
N ALA G 22 -85.99 -25.34 -29.54
CA ALA G 22 -85.22 -26.03 -30.58
C ALA G 22 -83.83 -25.43 -30.73
N LYS G 23 -83.74 -24.10 -30.67
CA LYS G 23 -82.45 -23.44 -30.68
C LYS G 23 -81.67 -23.74 -29.41
N PHE G 24 -82.36 -23.89 -28.28
CA PHE G 24 -81.69 -24.30 -27.05
C PHE G 24 -81.22 -25.74 -27.13
N MET G 25 -81.92 -26.58 -27.90
CA MET G 25 -81.54 -27.98 -28.01
C MET G 25 -80.20 -28.13 -28.74
N ASN G 26 -79.90 -27.20 -29.66
CA ASN G 26 -78.64 -27.26 -30.38
C ASN G 26 -77.44 -26.91 -29.51
N HIS G 27 -77.65 -26.18 -28.41
CA HIS G 27 -76.54 -25.89 -27.53
C HIS G 27 -76.24 -27.02 -26.56
N VAL G 28 -77.06 -28.06 -26.55
CA VAL G 28 -76.82 -29.22 -25.71
C VAL G 28 -76.20 -30.37 -26.48
N MET G 29 -76.43 -30.44 -27.79
CA MET G 29 -75.95 -31.54 -28.62
C MET G 29 -74.44 -31.53 -28.75
N GLU G 30 -73.83 -32.69 -28.57
CA GLU G 30 -72.40 -32.88 -28.74
C GLU G 30 -72.19 -33.88 -29.87
N SER G 31 -71.44 -33.45 -30.89
CA SER G 31 -70.99 -34.29 -32.00
C SER G 31 -72.13 -34.90 -32.79
N GLY G 32 -73.25 -34.18 -32.89
CA GLY G 32 -74.37 -34.67 -33.67
C GLY G 32 -75.26 -35.66 -32.95
N LYS G 33 -75.05 -35.91 -31.66
CA LYS G 33 -75.94 -36.77 -30.88
C LYS G 33 -77.23 -36.00 -30.59
N LYS G 34 -78.10 -35.95 -31.58
CA LYS G 34 -79.31 -35.16 -31.41
C LYS G 34 -80.38 -35.92 -30.65
N ALA G 35 -80.58 -37.20 -30.98
CA ALA G 35 -81.63 -37.98 -30.31
C ALA G 35 -81.30 -38.25 -28.86
N VAL G 36 -80.02 -38.28 -28.51
CA VAL G 36 -79.62 -38.38 -27.11
C VAL G 36 -79.96 -37.09 -26.38
N ALA G 37 -79.61 -35.96 -26.98
CA ALA G 37 -79.84 -34.67 -26.33
C ALA G 37 -81.30 -34.26 -26.33
N GLU G 38 -82.09 -34.82 -27.24
CA GLU G 38 -83.51 -34.48 -27.30
C GLU G 38 -84.27 -35.02 -26.09
N ARG G 39 -83.96 -36.25 -25.66
CA ARG G 39 -84.66 -36.84 -24.54
C ARG G 39 -84.12 -36.37 -23.20
N ILE G 40 -82.99 -35.68 -23.18
CA ILE G 40 -82.51 -35.11 -21.93
C ILE G 40 -83.14 -33.74 -21.69
N VAL G 41 -83.34 -32.97 -22.76
CA VAL G 41 -84.02 -31.68 -22.63
C VAL G 41 -85.48 -31.89 -22.27
N TYR G 42 -86.16 -32.86 -22.91
CA TYR G 42 -87.47 -33.25 -22.41
C TYR G 42 -87.36 -33.95 -21.05
N GLY G 43 -86.23 -34.59 -20.78
CA GLY G 43 -86.05 -35.24 -19.49
C GLY G 43 -85.90 -34.27 -18.35
N ALA G 44 -85.38 -33.08 -18.62
CA ALA G 44 -85.34 -32.01 -17.63
C ALA G 44 -86.51 -31.05 -17.79
N LEU G 45 -87.40 -31.31 -18.74
CA LEU G 45 -88.60 -30.49 -18.88
C LEU G 45 -89.75 -31.02 -18.05
N ASP G 46 -89.92 -32.34 -18.02
CA ASP G 46 -91.01 -32.97 -17.28
C ASP G 46 -90.78 -32.98 -15.79
N LYS G 47 -89.52 -32.91 -15.35
CA LYS G 47 -89.24 -32.81 -13.91
C LYS G 47 -89.69 -31.46 -13.36
N VAL G 48 -89.73 -30.43 -14.20
CA VAL G 48 -90.25 -29.14 -13.78
C VAL G 48 -91.77 -29.18 -13.68
N LYS G 49 -92.42 -29.81 -14.66
CA LYS G 49 -93.85 -30.07 -14.56
C LYS G 49 -94.17 -31.02 -13.41
N GLU G 50 -93.26 -31.93 -13.10
CA GLU G 50 -93.36 -32.69 -11.86
C GLU G 50 -93.20 -31.80 -10.65
N ARG G 51 -92.34 -30.78 -10.75
CA ARG G 51 -92.06 -29.92 -9.61
C ARG G 51 -93.10 -28.80 -9.50
N GLY G 52 -93.27 -28.02 -10.56
CA GLY G 52 -94.19 -26.91 -10.58
C GLY G 52 -95.40 -27.21 -11.45
N LYS G 53 -96.57 -26.75 -11.02
CA LYS G 53 -97.80 -26.99 -11.77
C LYS G 53 -97.89 -26.15 -13.04
N ALA G 54 -97.14 -25.05 -13.12
CA ALA G 54 -97.17 -24.22 -14.32
C ALA G 54 -96.54 -24.96 -15.49
N ASP G 55 -96.89 -24.50 -16.70
CA ASP G 55 -96.31 -25.05 -17.91
C ASP G 55 -94.82 -24.74 -17.94
N PRO G 56 -93.95 -25.75 -18.05
CA PRO G 56 -92.52 -25.52 -17.84
C PRO G 56 -91.83 -24.74 -18.94
N LEU G 57 -92.55 -24.41 -20.02
CA LEU G 57 -92.02 -23.44 -20.97
C LEU G 57 -91.87 -22.08 -20.31
N GLU G 58 -92.85 -21.69 -19.48
CA GLU G 58 -92.81 -20.36 -18.87
C GLU G 58 -91.76 -20.28 -17.77
N THR G 59 -91.48 -21.42 -17.12
CA THR G 59 -90.32 -21.50 -16.24
C THR G 59 -89.05 -21.27 -17.02
N PHE G 60 -88.95 -21.89 -18.20
CA PHE G 60 -87.83 -21.64 -19.10
C PHE G 60 -87.87 -20.23 -19.68
N GLU G 61 -89.07 -19.68 -19.89
CA GLU G 61 -89.20 -18.29 -20.34
C GLU G 61 -88.75 -17.31 -19.27
N LYS G 62 -88.96 -17.65 -18.00
CA LYS G 62 -88.50 -16.77 -16.93
C LYS G 62 -87.03 -16.96 -16.63
N ALA G 63 -86.53 -18.19 -16.78
CA ALA G 63 -85.14 -18.49 -16.43
C ALA G 63 -84.14 -17.91 -17.44
N LEU G 64 -84.57 -17.65 -18.67
CA LEU G 64 -83.70 -16.95 -19.60
C LEU G 64 -83.45 -15.52 -19.16
N ASP G 65 -84.51 -14.81 -18.78
CA ASP G 65 -84.47 -13.38 -18.57
C ASP G 65 -83.97 -13.01 -17.18
N ALA G 66 -83.44 -13.96 -16.42
CA ALA G 66 -82.66 -13.66 -15.22
C ALA G 66 -81.25 -14.19 -15.35
N ILE G 67 -80.86 -14.66 -16.52
CA ILE G 67 -79.48 -15.04 -16.80
C ILE G 67 -78.97 -14.13 -17.92
N ALA G 68 -79.88 -13.68 -18.77
CA ALA G 68 -79.53 -12.81 -19.89
C ALA G 68 -79.10 -11.43 -19.42
N PRO G 69 -77.88 -10.98 -19.73
CA PRO G 69 -77.41 -9.67 -19.25
C PRO G 69 -77.80 -8.52 -20.14
N LEU G 70 -77.36 -7.31 -19.77
CA LEU G 70 -77.68 -6.09 -20.50
C LEU G 70 -76.47 -5.42 -21.11
N VAL G 71 -75.41 -5.19 -20.33
CA VAL G 71 -74.20 -4.57 -20.83
C VAL G 71 -73.01 -5.43 -20.42
N GLU G 72 -71.91 -5.28 -21.18
CA GLU G 72 -70.72 -6.08 -20.95
C GLU G 72 -69.53 -5.35 -21.53
N VAL G 73 -68.34 -5.78 -21.10
CA VAL G 73 -67.10 -5.11 -21.47
C VAL G 73 -66.65 -5.54 -22.86
N LYS G 74 -65.68 -4.80 -23.39
CA LYS G 74 -65.13 -5.07 -24.72
C LYS G 74 -63.72 -4.48 -24.73
N SER G 75 -62.71 -5.34 -24.60
CA SER G 75 -61.33 -4.89 -24.45
C SER G 75 -60.80 -4.43 -25.80
N ARG G 76 -61.12 -3.20 -26.19
CA ARG G 76 -60.55 -2.61 -27.40
C ARG G 76 -59.34 -1.78 -27.00
N ARG G 77 -58.16 -2.25 -27.38
CA ARG G 77 -56.91 -1.66 -26.97
C ARG G 77 -56.55 -0.50 -27.88
N VAL G 78 -56.11 0.60 -27.29
CA VAL G 78 -55.83 1.82 -28.05
C VAL G 78 -54.54 1.69 -28.85
N GLY G 79 -53.71 0.69 -28.55
CA GLY G 79 -52.43 0.55 -29.21
C GLY G 79 -51.34 1.25 -28.42
N GLY G 80 -51.24 0.90 -27.14
CA GLY G 80 -50.33 1.58 -26.24
C GLY G 80 -50.88 1.66 -24.83
N ALA G 81 -52.15 1.26 -24.68
CA ALA G 81 -52.77 1.12 -23.36
C ALA G 81 -53.95 0.17 -23.51
N THR G 82 -54.00 -0.84 -22.63
CA THR G 82 -55.06 -1.84 -22.69
C THR G 82 -56.28 -1.31 -21.94
N TYR G 83 -57.34 -0.96 -22.68
CA TYR G 83 -58.57 -0.46 -22.11
C TYR G 83 -59.67 -1.48 -22.27
N GLN G 84 -60.74 -1.30 -21.51
CA GLN G 84 -61.95 -2.09 -21.63
C GLN G 84 -63.14 -1.13 -21.68
N VAL G 85 -64.13 -1.44 -22.51
CA VAL G 85 -65.26 -0.54 -22.74
C VAL G 85 -66.56 -1.28 -22.49
N PRO G 86 -67.41 -0.82 -21.57
CA PRO G 86 -68.74 -1.43 -21.40
C PRO G 86 -69.63 -1.10 -22.59
N VAL G 87 -70.15 -2.13 -23.25
CA VAL G 87 -70.91 -1.94 -24.48
C VAL G 87 -72.31 -2.51 -24.28
N GLU G 88 -73.26 -1.93 -25.00
CA GLU G 88 -74.62 -2.43 -24.98
C GLU G 88 -74.72 -3.74 -25.76
N VAL G 89 -75.23 -4.78 -25.10
CA VAL G 89 -75.40 -6.07 -25.77
C VAL G 89 -76.53 -5.97 -26.77
N ARG G 90 -76.26 -6.36 -28.01
CA ARG G 90 -77.23 -6.35 -29.08
C ARG G 90 -78.40 -7.28 -28.73
N PRO G 91 -79.65 -6.89 -29.06
CA PRO G 91 -80.79 -7.71 -28.66
C PRO G 91 -80.83 -9.11 -29.27
N SER G 92 -80.23 -9.29 -30.44
CA SER G 92 -80.17 -10.64 -31.01
C SER G 92 -79.18 -11.52 -30.27
N ARG G 93 -78.09 -10.93 -29.76
CA ARG G 93 -77.03 -11.70 -29.13
C ARG G 93 -77.44 -12.21 -27.75
N ARG G 94 -78.28 -11.45 -27.04
CA ARG G 94 -78.49 -11.65 -25.61
C ARG G 94 -79.29 -12.91 -25.28
N ASN G 95 -79.87 -13.58 -26.27
CA ASN G 95 -80.48 -14.87 -26.01
C ASN G 95 -79.43 -15.94 -25.79
N ALA G 96 -78.45 -16.01 -26.70
CA ALA G 96 -77.49 -17.11 -26.70
C ALA G 96 -76.48 -17.01 -25.56
N LEU G 97 -76.35 -15.84 -24.95
CA LEU G 97 -75.42 -15.70 -23.82
C LEU G 97 -75.94 -16.44 -22.59
N ALA G 98 -77.26 -16.42 -22.39
CA ALA G 98 -77.83 -17.11 -21.24
C ALA G 98 -77.84 -18.60 -21.45
N MET G 99 -78.22 -19.05 -22.66
CA MET G 99 -78.31 -20.47 -22.94
C MET G 99 -76.95 -21.14 -22.94
N ARG G 100 -75.90 -20.39 -23.25
CA ARG G 100 -74.57 -20.96 -23.23
C ARG G 100 -73.98 -20.94 -21.81
N TRP G 101 -74.35 -19.96 -21.01
CA TRP G 101 -73.97 -19.96 -19.60
C TRP G 101 -74.71 -21.03 -18.82
N LEU G 102 -75.92 -21.38 -19.26
CA LEU G 102 -76.76 -22.28 -18.49
C LEU G 102 -76.25 -23.71 -18.56
N VAL G 103 -75.81 -24.13 -19.74
CA VAL G 103 -75.39 -25.51 -19.96
C VAL G 103 -74.06 -25.77 -19.28
N ASP G 104 -73.15 -24.80 -19.35
CA ASP G 104 -71.79 -25.00 -18.83
C ASP G 104 -71.77 -25.06 -17.31
N PHE G 105 -72.76 -24.48 -16.65
CA PHE G 105 -72.88 -24.63 -15.21
C PHE G 105 -73.68 -25.86 -14.83
N ALA G 106 -74.45 -26.41 -15.76
CA ALA G 106 -75.12 -27.68 -15.51
C ALA G 106 -74.14 -28.83 -15.46
N ARG G 107 -73.08 -28.77 -16.25
CA ARG G 107 -72.14 -29.87 -16.33
C ARG G 107 -71.24 -29.96 -15.09
N LYS G 108 -71.07 -28.87 -14.36
CA LYS G 108 -70.33 -28.88 -13.11
C LYS G 108 -71.24 -28.89 -11.89
N ARG G 109 -72.53 -29.21 -12.08
CA ARG G 109 -73.46 -29.34 -10.95
C ARG G 109 -73.03 -30.46 -10.01
N GLY G 110 -72.54 -31.56 -10.57
CA GLY G 110 -72.00 -32.62 -9.74
C GLY G 110 -73.02 -33.51 -9.06
N GLU G 111 -74.18 -33.69 -9.68
CA GLU G 111 -75.20 -34.60 -9.16
C GLU G 111 -75.07 -35.98 -9.79
N LYS G 112 -76.09 -36.80 -9.58
CA LYS G 112 -76.34 -37.99 -10.37
C LYS G 112 -77.53 -37.70 -11.28
N SER G 113 -77.75 -38.59 -12.26
CA SER G 113 -78.94 -38.61 -13.11
C SER G 113 -79.09 -37.29 -13.90
N MET G 114 -78.19 -37.14 -14.89
CA MET G 114 -77.84 -35.93 -15.64
C MET G 114 -78.97 -34.93 -15.92
N ALA G 115 -80.17 -35.42 -16.24
CA ALA G 115 -81.31 -34.54 -16.44
C ALA G 115 -81.76 -33.83 -15.16
N LEU G 116 -81.31 -34.30 -13.98
CA LEU G 116 -81.56 -33.57 -12.75
C LEU G 116 -80.61 -32.40 -12.57
N ARG G 117 -79.44 -32.43 -13.20
CA ARG G 117 -78.53 -31.29 -13.15
C ARG G 117 -79.13 -30.08 -13.84
N LEU G 118 -79.63 -30.27 -15.06
CA LEU G 118 -80.27 -29.19 -15.79
C LEU G 118 -81.62 -28.82 -15.19
N ALA G 119 -82.25 -29.76 -14.47
CA ALA G 119 -83.52 -29.46 -13.80
C ALA G 119 -83.34 -28.42 -12.72
N GLY G 120 -82.30 -28.55 -11.90
CA GLY G 120 -82.06 -27.60 -10.83
C GLY G 120 -81.63 -26.23 -11.31
N GLU G 121 -81.05 -26.15 -12.52
CA GLU G 121 -80.63 -24.85 -13.05
C GLU G 121 -81.83 -24.00 -13.45
N LEU G 122 -82.84 -24.61 -14.07
CA LEU G 122 -84.01 -23.86 -14.50
C LEU G 122 -84.96 -23.55 -13.35
N LEU G 123 -84.79 -24.21 -12.21
CA LEU G 123 -85.59 -23.88 -11.04
C LEU G 123 -85.05 -22.65 -10.32
N ASP G 124 -83.72 -22.53 -10.28
CA ASP G 124 -83.10 -21.46 -9.50
C ASP G 124 -83.28 -20.10 -10.17
N ALA G 125 -83.22 -20.06 -11.49
CA ALA G 125 -83.21 -18.80 -12.22
C ALA G 125 -84.60 -18.16 -12.32
N ALA G 126 -85.64 -18.86 -11.89
CA ALA G 126 -86.92 -18.21 -11.66
C ALA G 126 -86.96 -17.51 -10.32
N GLU G 127 -85.91 -17.65 -9.50
CA GLU G 127 -85.76 -17.02 -8.20
C GLU G 127 -84.55 -16.11 -8.13
N GLY G 128 -83.38 -16.58 -8.57
CA GLY G 128 -82.18 -15.77 -8.59
C GLY G 128 -80.99 -16.36 -7.85
N LYS G 129 -81.13 -17.51 -7.18
CA LYS G 129 -80.04 -18.10 -6.42
C LYS G 129 -79.18 -19.04 -7.25
N GLY G 130 -79.31 -19.02 -8.57
CA GLY G 130 -78.48 -19.87 -9.41
C GLY G 130 -77.10 -19.30 -9.60
N ALA G 131 -76.17 -20.21 -9.94
CA ALA G 131 -74.80 -19.78 -10.23
C ALA G 131 -74.72 -19.02 -11.54
N ALA G 132 -75.66 -19.27 -12.46
CA ALA G 132 -75.72 -18.47 -13.66
C ALA G 132 -76.22 -17.07 -13.37
N VAL G 133 -77.11 -16.91 -12.39
CA VAL G 133 -77.57 -15.58 -12.02
C VAL G 133 -76.47 -14.85 -11.25
N LYS G 134 -75.69 -15.58 -10.46
CA LYS G 134 -74.57 -14.95 -9.77
C LYS G 134 -73.43 -14.60 -10.73
N LYS G 135 -73.28 -15.37 -11.80
CA LYS G 135 -72.31 -15.02 -12.84
C LYS G 135 -72.82 -13.89 -13.73
N ARG G 136 -74.14 -13.75 -13.85
CA ARG G 136 -74.73 -12.63 -14.58
C ARG G 136 -74.43 -11.31 -13.89
N GLU G 137 -74.75 -11.23 -12.60
CA GLU G 137 -74.72 -9.95 -11.90
C GLU G 137 -73.32 -9.49 -11.60
N ASP G 138 -72.34 -10.40 -11.59
CA ASP G 138 -70.98 -10.02 -11.29
C ASP G 138 -70.35 -9.28 -12.46
N VAL G 139 -70.68 -9.70 -13.68
CA VAL G 139 -70.21 -9.01 -14.88
C VAL G 139 -70.93 -7.67 -15.02
N HIS G 140 -72.17 -7.58 -14.53
CA HIS G 140 -72.85 -6.29 -14.42
C HIS G 140 -72.08 -5.33 -13.52
N ARG G 141 -71.47 -5.83 -12.46
CA ARG G 141 -70.71 -4.97 -11.57
C ARG G 141 -69.38 -4.55 -12.18
N MET G 142 -68.88 -5.30 -13.17
CA MET G 142 -67.61 -4.95 -13.81
C MET G 142 -67.75 -3.75 -14.72
N ALA G 143 -68.97 -3.43 -15.16
CA ALA G 143 -69.15 -2.34 -16.11
C ALA G 143 -69.06 -0.96 -15.46
N GLU G 144 -69.46 -0.83 -14.18
CA GLU G 144 -69.49 0.50 -13.61
C GLU G 144 -68.12 0.96 -13.13
N ALA G 145 -67.23 0.03 -12.78
CA ALA G 145 -65.84 0.41 -12.63
C ALA G 145 -65.22 0.74 -13.98
N ASN G 146 -65.75 0.15 -15.04
CA ASN G 146 -65.34 0.41 -16.40
C ASN G 146 -66.07 1.59 -17.02
N LYS G 147 -67.02 2.18 -16.31
CA LYS G 147 -67.93 3.16 -16.91
C LYS G 147 -67.25 4.48 -17.21
N ALA G 148 -66.08 4.72 -16.61
CA ALA G 148 -65.29 5.90 -16.94
C ALA G 148 -64.75 5.84 -18.36
N PHE G 149 -64.58 4.64 -18.91
CA PHE G 149 -64.05 4.45 -20.25
C PHE G 149 -65.16 4.25 -21.27
N SER G 150 -66.32 4.86 -21.06
CA SER G 150 -67.48 4.54 -21.89
C SER G 150 -67.40 5.19 -23.26
N HIS G 151 -66.96 6.43 -23.34
CA HIS G 151 -66.87 7.14 -24.61
C HIS G 151 -65.48 7.66 -24.90
N TYR G 152 -64.62 7.75 -23.90
CA TYR G 152 -63.40 8.54 -23.94
C TYR G 152 -62.21 7.60 -23.99
N ARG G 153 -61.48 7.63 -25.10
CA ARG G 153 -60.59 6.55 -25.55
C ARG G 153 -61.33 5.22 -25.52
N PHE G 154 -62.47 5.19 -26.20
CA PHE G 154 -63.31 4.01 -26.27
C PHE G 154 -63.56 3.58 -27.71
N SER H 1 -20.98 53.93 -61.43
CA SER H 1 -19.60 54.10 -61.84
C SER H 1 -19.15 53.03 -62.81
N MET H 2 -19.30 53.29 -64.10
CA MET H 2 -18.87 52.35 -65.11
C MET H 2 -17.44 52.67 -65.52
N GLN H 3 -16.61 51.64 -65.62
CA GLN H 3 -15.20 51.84 -65.85
C GLN H 3 -14.84 51.85 -67.33
N ASP H 4 -15.61 51.15 -68.16
CA ASP H 4 -15.30 51.05 -69.58
C ASP H 4 -16.56 51.36 -70.38
N PRO H 5 -16.53 52.37 -71.24
CA PRO H 5 -17.71 52.65 -72.05
C PRO H 5 -17.88 51.70 -73.23
N LEU H 6 -16.79 51.30 -73.88
CA LEU H 6 -16.95 50.62 -75.15
C LEU H 6 -17.32 49.15 -74.99
N ALA H 7 -17.06 48.55 -73.84
CA ALA H 7 -17.61 47.23 -73.57
C ALA H 7 -19.06 47.29 -73.14
N ASP H 8 -19.66 48.49 -73.06
CA ASP H 8 -21.08 48.60 -72.82
C ASP H 8 -21.87 48.85 -74.09
N MET H 9 -21.27 49.44 -75.11
CA MET H 9 -21.94 49.51 -76.41
C MET H 9 -22.09 48.12 -77.00
N LEU H 10 -21.05 47.30 -76.90
CA LEU H 10 -21.09 45.95 -77.45
C LEU H 10 -22.00 45.04 -76.66
N THR H 11 -22.22 45.33 -75.38
CA THR H 11 -23.09 44.49 -74.58
C THR H 11 -24.56 44.72 -74.95
N ARG H 12 -24.91 45.97 -75.25
CA ARG H 12 -26.29 46.26 -75.60
C ARG H 12 -26.62 45.73 -76.99
N ILE H 13 -25.62 45.64 -77.86
CA ILE H 13 -25.85 45.08 -79.19
C ILE H 13 -26.09 43.58 -79.08
N ARG H 14 -25.31 42.90 -78.25
CA ARG H 14 -25.45 41.46 -78.13
C ARG H 14 -26.76 41.08 -77.44
N ASN H 15 -27.23 41.91 -76.52
CA ASN H 15 -28.46 41.61 -75.83
C ASN H 15 -29.69 41.93 -76.65
N ALA H 16 -29.64 42.97 -77.47
CA ALA H 16 -30.83 43.34 -78.23
C ALA H 16 -31.11 42.38 -79.36
N GLN H 17 -30.11 41.66 -79.83
CA GLN H 17 -30.31 40.62 -80.82
C GLN H 17 -30.67 39.29 -80.22
N MET H 18 -31.10 39.26 -78.96
CA MET H 18 -31.79 38.12 -78.39
C MET H 18 -33.19 38.45 -77.92
N ALA H 19 -33.48 39.71 -77.65
CA ALA H 19 -34.85 40.18 -77.48
C ALA H 19 -35.51 40.53 -78.80
N GLU H 20 -34.77 40.36 -79.92
CA GLU H 20 -35.24 40.64 -81.27
C GLU H 20 -35.73 42.08 -81.41
N LYS H 21 -34.98 43.00 -80.80
CA LYS H 21 -35.28 44.42 -80.96
C LYS H 21 -34.84 44.88 -82.35
N THR H 22 -35.17 46.13 -82.65
CA THR H 22 -34.71 46.75 -83.88
C THR H 22 -33.83 47.97 -83.63
N VAL H 23 -34.27 48.89 -82.78
CA VAL H 23 -33.53 50.10 -82.49
C VAL H 23 -32.94 50.00 -81.08
N VAL H 24 -31.70 50.46 -80.94
CA VAL H 24 -30.98 50.47 -79.68
C VAL H 24 -30.46 51.88 -79.48
N SER H 25 -30.58 52.42 -78.26
CA SER H 25 -30.14 53.78 -77.99
C SER H 25 -29.28 53.82 -76.74
N MET H 26 -28.02 54.17 -76.89
CA MET H 26 -27.09 54.32 -75.79
C MET H 26 -26.45 55.70 -75.89
N PRO H 27 -25.86 56.19 -74.80
CA PRO H 27 -25.07 57.42 -74.89
C PRO H 27 -23.86 57.27 -75.79
N SER H 28 -23.40 58.40 -76.30
CA SER H 28 -22.40 58.43 -77.36
C SER H 28 -21.09 59.03 -76.86
N SER H 29 -20.09 58.93 -77.73
CA SER H 29 -18.77 59.51 -77.50
C SER H 29 -18.11 59.67 -78.87
N LYS H 30 -16.93 60.27 -78.89
CA LYS H 30 -16.26 60.43 -80.17
C LYS H 30 -15.52 59.16 -80.60
N LEU H 31 -15.57 58.09 -79.82
CA LEU H 31 -15.02 56.81 -80.22
C LEU H 31 -16.10 55.82 -80.63
N LYS H 32 -17.19 55.75 -79.88
CA LYS H 32 -18.32 54.91 -80.25
C LYS H 32 -18.95 55.36 -81.55
N ALA H 33 -18.94 56.66 -81.82
CA ALA H 33 -19.47 57.17 -83.07
C ALA H 33 -18.57 56.87 -84.26
N ALA H 34 -17.33 56.45 -84.00
CA ALA H 34 -16.44 56.03 -85.07
C ALA H 34 -16.37 54.52 -85.23
N VAL H 35 -16.72 53.76 -84.19
CA VAL H 35 -16.75 52.31 -84.34
C VAL H 35 -17.95 51.88 -85.16
N ALA H 36 -19.11 52.49 -84.91
CA ALA H 36 -20.32 52.14 -85.64
C ALA H 36 -20.23 52.50 -87.11
N LYS H 37 -19.41 53.48 -87.45
CA LYS H 37 -19.12 53.77 -88.85
C LYS H 37 -18.39 52.61 -89.50
N VAL H 38 -17.51 51.94 -88.75
CA VAL H 38 -16.76 50.83 -89.30
C VAL H 38 -17.64 49.59 -89.44
N LEU H 39 -18.52 49.36 -88.46
CA LEU H 39 -19.46 48.25 -88.59
C LEU H 39 -20.49 48.48 -89.68
N LYS H 40 -20.74 49.73 -90.06
CA LYS H 40 -21.66 49.95 -91.16
C LYS H 40 -20.99 49.69 -92.51
N ASP H 41 -19.75 50.13 -92.67
CA ASP H 41 -19.06 49.94 -93.94
C ASP H 41 -18.72 48.48 -94.18
N GLU H 42 -18.44 47.73 -93.13
CA GLU H 42 -18.31 46.29 -93.28
C GLU H 42 -19.67 45.64 -93.41
N GLY H 43 -20.66 46.21 -92.75
CA GLY H 43 -22.04 45.79 -92.93
C GLY H 43 -22.41 44.81 -91.85
N TYR H 44 -22.95 45.34 -90.75
CA TYR H 44 -23.62 44.55 -89.74
C TYR H 44 -24.87 45.21 -89.21
N ILE H 45 -24.99 46.53 -89.33
CA ILE H 45 -26.14 47.27 -88.86
C ILE H 45 -26.71 48.03 -90.04
N ALA H 46 -27.87 48.65 -89.83
CA ALA H 46 -28.47 49.44 -90.90
C ALA H 46 -27.84 50.83 -90.98
N ASP H 47 -28.05 51.65 -89.95
CA ASP H 47 -27.51 53.01 -89.89
C ASP H 47 -27.39 53.43 -88.43
N PHE H 48 -27.05 54.70 -88.23
CA PHE H 48 -26.79 55.23 -86.90
C PHE H 48 -27.00 56.74 -86.95
N GLN H 49 -27.45 57.30 -85.83
CA GLN H 49 -27.79 58.72 -85.77
C GLN H 49 -27.26 59.33 -84.48
N ILE H 50 -26.57 60.45 -84.61
CA ILE H 50 -26.13 61.24 -83.46
C ILE H 50 -27.13 62.40 -83.36
N SER H 51 -28.20 62.19 -82.60
CA SER H 51 -29.30 63.15 -82.58
C SER H 51 -29.67 63.49 -81.14
N SER H 52 -28.95 64.45 -80.58
CA SER H 52 -29.38 65.24 -79.42
C SER H 52 -28.49 66.47 -79.31
N GLU H 53 -28.58 67.17 -78.18
CA GLU H 53 -27.88 68.43 -78.01
C GLU H 53 -26.91 68.43 -76.83
N VAL H 54 -27.33 67.99 -75.65
CA VAL H 54 -26.47 68.01 -74.47
C VAL H 54 -26.25 66.63 -73.90
N LYS H 55 -27.06 65.65 -74.27
CA LYS H 55 -26.79 64.25 -73.98
C LYS H 55 -26.90 63.53 -75.31
N PRO H 56 -25.87 63.62 -76.16
CA PRO H 56 -25.99 63.09 -77.52
C PRO H 56 -26.07 61.57 -77.55
N GLN H 57 -27.02 61.07 -78.31
CA GLN H 57 -27.36 59.65 -78.30
C GLN H 57 -26.78 58.96 -79.51
N LEU H 58 -27.02 57.65 -79.58
CA LEU H 58 -26.59 56.83 -80.72
C LEU H 58 -27.67 55.79 -80.94
N SER H 59 -28.42 55.95 -82.03
CA SER H 59 -29.55 55.09 -82.33
C SER H 59 -29.15 54.14 -83.44
N ILE H 60 -29.02 52.86 -83.13
CA ILE H 60 -28.51 51.87 -84.06
C ILE H 60 -29.66 50.94 -84.45
N GLU H 61 -29.81 50.71 -85.76
CA GLU H 61 -30.79 49.76 -86.27
C GLU H 61 -30.08 48.49 -86.72
N LEU H 62 -30.62 47.35 -86.32
CA LEU H 62 -29.96 46.06 -86.47
C LEU H 62 -30.53 45.30 -87.66
N LYS H 63 -29.77 44.31 -88.14
CA LYS H 63 -30.14 43.52 -89.29
C LYS H 63 -30.55 42.11 -88.88
N TYR H 64 -31.40 41.49 -89.70
CA TYR H 64 -31.75 40.10 -89.50
C TYR H 64 -31.90 39.48 -90.89
N PHE H 65 -30.85 38.81 -91.36
CA PHE H 65 -31.00 38.04 -92.60
C PHE H 65 -31.90 36.83 -92.39
N GLU H 66 -31.84 36.24 -91.21
CA GLU H 66 -32.73 35.14 -90.86
C GLU H 66 -33.44 35.47 -89.56
N GLY H 67 -34.09 34.46 -88.96
CA GLY H 67 -34.37 34.54 -87.54
C GLY H 67 -33.11 34.68 -86.72
N LYS H 68 -32.03 34.05 -87.16
CA LYS H 68 -30.73 34.29 -86.56
C LYS H 68 -30.21 35.64 -87.00
N PRO H 69 -29.58 36.40 -86.12
CA PRO H 69 -29.09 37.73 -86.47
C PRO H 69 -27.82 37.65 -87.30
N VAL H 70 -27.32 38.82 -87.70
CA VAL H 70 -26.16 38.88 -88.57
C VAL H 70 -24.87 38.86 -87.75
N ILE H 71 -24.87 39.54 -86.60
CA ILE H 71 -23.77 39.39 -85.65
C ILE H 71 -24.05 38.17 -84.80
N GLU H 72 -23.11 37.23 -84.77
CA GLU H 72 -23.28 36.02 -83.98
C GLU H 72 -22.47 36.02 -82.69
N GLU H 73 -21.29 36.64 -82.68
CA GLU H 73 -20.55 36.86 -81.45
C GLU H 73 -19.65 38.06 -81.61
N VAL H 74 -19.29 38.64 -80.46
CA VAL H 74 -18.38 39.78 -80.38
C VAL H 74 -17.79 39.83 -78.99
N LYS H 75 -16.47 40.00 -78.87
CA LYS H 75 -15.85 40.12 -77.57
C LYS H 75 -14.83 41.24 -77.57
N ARG H 76 -14.67 41.87 -76.41
CA ARG H 76 -13.70 42.94 -76.22
C ARG H 76 -12.31 42.35 -75.98
N ILE H 77 -11.31 42.84 -76.68
CA ILE H 77 -9.96 42.32 -76.51
C ILE H 77 -9.17 43.14 -75.52
N SER H 78 -8.98 44.42 -75.81
CA SER H 78 -8.17 45.29 -74.96
C SER H 78 -9.03 45.85 -73.82
N ARG H 79 -9.36 44.95 -72.90
CA ARG H 79 -10.08 45.34 -71.70
C ARG H 79 -9.22 46.21 -70.81
N PRO H 80 -9.80 47.24 -70.17
CA PRO H 80 -9.00 48.18 -69.38
C PRO H 80 -8.39 47.55 -68.16
N GLY H 81 -7.07 47.41 -68.18
CA GLY H 81 -6.41 46.48 -67.30
C GLY H 81 -5.70 45.37 -68.02
N LEU H 82 -5.80 45.29 -69.35
CA LEU H 82 -4.91 44.43 -70.11
C LEU H 82 -4.13 45.17 -71.17
N ARG H 83 -4.79 45.99 -72.01
CA ARG H 83 -4.18 46.92 -72.96
C ARG H 83 -3.30 46.19 -73.98
N GLN H 84 -3.96 45.44 -74.85
CA GLN H 84 -3.32 44.58 -75.83
C GLN H 84 -2.83 45.38 -77.04
N TYR H 85 -1.52 45.41 -77.27
CA TYR H 85 -0.95 46.09 -78.43
C TYR H 85 -0.27 45.08 -79.35
N LYS H 86 -0.44 45.26 -80.64
CA LYS H 86 0.05 44.32 -81.64
C LYS H 86 0.73 45.05 -82.79
N SER H 87 1.86 44.49 -83.24
CA SER H 87 2.49 44.93 -84.48
C SER H 87 1.86 44.19 -85.66
N VAL H 88 2.38 44.45 -86.85
CA VAL H 88 1.74 43.96 -88.06
C VAL H 88 1.96 42.46 -88.26
N GLU H 89 3.07 41.93 -87.76
CA GLU H 89 3.32 40.50 -87.87
C GLU H 89 2.40 39.70 -86.95
N GLN H 90 2.30 40.11 -85.69
CA GLN H 90 1.55 39.38 -84.69
C GLN H 90 0.09 39.80 -84.64
N LEU H 91 -0.38 40.51 -85.63
CA LEU H 91 -1.76 40.97 -85.65
C LEU H 91 -2.66 39.79 -85.99
N PRO H 92 -3.73 39.55 -85.24
CA PRO H 92 -4.48 38.31 -85.39
C PRO H 92 -5.41 38.34 -86.60
N LYS H 93 -5.86 37.15 -86.97
CA LYS H 93 -6.84 36.96 -88.02
C LYS H 93 -7.95 36.09 -87.46
N VAL H 94 -9.20 36.55 -87.59
CA VAL H 94 -10.33 35.82 -87.06
C VAL H 94 -10.98 35.02 -88.17
N ARG H 95 -11.15 33.71 -87.91
CA ARG H 95 -11.92 32.78 -88.74
C ARG H 95 -11.36 32.68 -90.16
N GLY H 96 -10.03 32.72 -90.28
CA GLY H 96 -9.42 32.64 -91.58
C GLY H 96 -9.66 33.83 -92.48
N GLY H 97 -10.00 34.98 -91.92
CA GLY H 97 -10.26 36.16 -92.70
C GLY H 97 -11.70 36.33 -93.10
N LEU H 98 -12.64 35.87 -92.29
CA LEU H 98 -14.05 36.03 -92.59
C LEU H 98 -14.77 36.92 -91.59
N GLY H 99 -14.22 37.10 -90.39
CA GLY H 99 -14.70 38.10 -89.47
C GLY H 99 -13.95 39.38 -89.65
N VAL H 100 -14.23 40.33 -88.78
CA VAL H 100 -13.53 41.61 -88.80
C VAL H 100 -12.89 41.84 -87.44
N SER H 101 -11.78 42.57 -87.46
CA SER H 101 -11.08 42.93 -86.24
C SER H 101 -10.67 44.38 -86.35
N ILE H 102 -10.97 45.16 -85.31
CA ILE H 102 -10.94 46.61 -85.39
C ILE H 102 -9.73 47.10 -84.62
N VAL H 103 -8.85 47.83 -85.30
CA VAL H 103 -7.53 48.15 -84.79
C VAL H 103 -7.33 49.66 -84.87
N SER H 104 -7.06 50.29 -83.74
CA SER H 104 -6.90 51.74 -83.66
C SER H 104 -5.45 52.09 -84.01
N THR H 105 -5.22 52.58 -85.21
CA THR H 105 -3.88 52.81 -85.71
C THR H 105 -3.52 54.29 -85.71
N ASN H 106 -2.38 54.61 -86.31
CA ASN H 106 -1.91 55.98 -86.41
C ASN H 106 -2.71 56.81 -87.39
N LYS H 107 -3.54 56.18 -88.21
CA LYS H 107 -4.28 56.85 -89.25
C LYS H 107 -5.79 56.72 -89.04
N GLY H 108 -6.19 56.56 -87.78
CA GLY H 108 -7.60 56.47 -87.43
C GLY H 108 -8.03 55.04 -87.18
N VAL H 109 -9.26 54.92 -86.66
CA VAL H 109 -9.86 53.62 -86.40
C VAL H 109 -10.21 52.96 -87.73
N MET H 110 -9.57 51.84 -88.01
CA MET H 110 -9.83 51.13 -89.25
C MET H 110 -9.77 49.63 -88.96
N THR H 111 -10.26 48.86 -89.93
CA THR H 111 -10.29 47.42 -89.75
C THR H 111 -8.94 46.80 -90.04
N ASP H 112 -8.84 45.51 -89.73
CA ASP H 112 -7.58 44.77 -89.87
C ASP H 112 -7.16 44.61 -91.32
N ARG H 113 -8.10 44.63 -92.25
CA ARG H 113 -7.78 44.48 -93.67
C ARG H 113 -7.16 45.75 -94.24
N ALA H 114 -7.48 46.89 -93.63
CA ALA H 114 -7.04 48.18 -94.11
C ALA H 114 -5.64 48.53 -93.63
N ALA H 115 -5.39 48.37 -92.32
CA ALA H 115 -4.10 48.75 -91.77
C ALA H 115 -3.00 47.80 -92.18
N ARG H 116 -3.33 46.52 -92.37
CA ARG H 116 -2.34 45.58 -92.87
C ARG H 116 -1.94 45.90 -94.30
N ALA H 117 -2.84 46.51 -95.07
CA ALA H 117 -2.46 47.03 -96.38
C ALA H 117 -1.53 48.24 -96.24
N ALA H 118 -1.82 49.12 -95.29
CA ALA H 118 -0.97 50.28 -95.05
C ALA H 118 0.24 49.96 -94.20
N GLY H 119 0.29 48.78 -93.56
CA GLY H 119 1.44 48.41 -92.78
C GLY H 119 1.59 49.14 -91.47
N VAL H 120 0.48 49.51 -90.83
CA VAL H 120 0.52 50.22 -89.56
C VAL H 120 -0.13 49.35 -88.52
N GLY H 121 0.61 49.02 -87.47
CA GLY H 121 0.07 48.25 -86.36
C GLY H 121 -0.73 49.14 -85.43
N GLY H 122 -1.02 48.60 -84.26
CA GLY H 122 -1.75 49.40 -83.29
C GLY H 122 -2.34 48.61 -82.16
N GLU H 123 -3.56 48.97 -81.77
CA GLU H 123 -4.21 48.40 -80.61
C GLU H 123 -5.51 47.75 -81.03
N VAL H 124 -5.69 46.49 -80.66
CA VAL H 124 -6.90 45.77 -81.04
C VAL H 124 -8.04 46.26 -80.17
N LEU H 125 -9.26 46.23 -80.71
CA LEU H 125 -10.44 46.49 -79.89
C LEU H 125 -11.35 45.28 -79.77
N CYS H 126 -11.83 44.71 -80.87
CA CYS H 126 -12.77 43.60 -80.76
C CYS H 126 -12.62 42.66 -81.95
N THR H 127 -13.22 41.48 -81.81
CA THR H 127 -13.18 40.43 -82.82
C THR H 127 -14.62 40.06 -83.17
N VAL H 128 -15.22 40.80 -84.09
CA VAL H 128 -16.56 40.51 -84.53
C VAL H 128 -16.50 39.46 -85.63
N PHE H 129 -17.34 38.44 -85.54
CA PHE H 129 -17.45 37.51 -86.65
C PHE H 129 -18.25 38.15 -87.78
N ALA I 1 -105.94 -41.76 -64.53
CA ALA I 1 -106.75 -41.96 -63.33
C ALA I 1 -106.42 -40.91 -62.28
N THR I 2 -106.51 -41.31 -61.01
CA THR I 2 -106.20 -40.43 -59.90
C THR I 2 -104.93 -40.84 -59.16
N GLN I 3 -104.24 -41.87 -59.62
CA GLN I 3 -102.94 -42.22 -59.07
C GLN I 3 -101.92 -41.15 -59.47
N ASN I 4 -101.14 -40.71 -58.50
CA ASN I 4 -100.19 -39.62 -58.72
C ASN I 4 -98.82 -40.04 -58.26
N TYR I 5 -97.85 -39.88 -59.14
CA TYR I 5 -96.50 -40.37 -58.93
C TYR I 5 -95.61 -39.25 -58.43
N GLY I 6 -94.92 -39.51 -57.33
CA GLY I 6 -94.06 -38.50 -56.74
C GLY I 6 -92.71 -39.05 -56.35
N THR I 7 -91.64 -38.38 -56.78
CA THR I 7 -90.28 -38.75 -56.43
C THR I 7 -89.61 -37.60 -55.69
N GLY I 8 -88.54 -37.93 -54.99
CA GLY I 8 -87.84 -36.94 -54.19
C GLY I 8 -86.56 -37.48 -53.60
N ARG I 9 -85.48 -36.72 -53.72
CA ARG I 9 -84.15 -37.19 -53.39
C ARG I 9 -83.49 -36.19 -52.45
N ARG I 10 -82.90 -36.69 -51.37
CA ARG I 10 -82.18 -35.83 -50.43
C ARG I 10 -81.19 -36.72 -49.70
N LYS I 11 -79.91 -36.39 -49.81
CA LYS I 11 -78.80 -37.07 -49.14
C LYS I 11 -78.70 -38.53 -49.59
N THR I 12 -78.62 -38.70 -50.92
CA THR I 12 -78.50 -40.00 -51.61
C THR I 12 -79.62 -40.96 -51.26
N ALA I 13 -80.82 -40.44 -51.08
CA ALA I 13 -82.00 -41.28 -50.92
C ALA I 13 -82.87 -41.14 -52.16
N THR I 14 -83.86 -42.01 -52.27
CA THR I 14 -84.83 -41.96 -53.37
C THR I 14 -86.13 -42.62 -52.91
N ALA I 15 -87.23 -41.88 -53.00
CA ALA I 15 -88.52 -42.36 -52.54
C ALA I 15 -89.53 -42.34 -53.67
N ARG I 16 -90.09 -43.50 -53.99
CA ARG I 16 -91.30 -43.56 -54.79
C ARG I 16 -92.49 -43.26 -53.89
N VAL I 17 -93.21 -42.19 -54.18
CA VAL I 17 -94.42 -41.86 -53.45
C VAL I 17 -95.59 -41.88 -54.41
N PHE I 18 -96.56 -42.73 -54.13
CA PHE I 18 -97.80 -42.78 -54.87
C PHE I 18 -98.90 -42.12 -54.06
N LEU I 19 -99.77 -41.39 -54.73
CA LEU I 19 -100.83 -40.64 -54.06
C LEU I 19 -102.13 -40.80 -54.83
N ARG I 20 -103.18 -41.21 -54.11
CA ARG I 20 -104.48 -41.49 -54.67
C ARG I 20 -105.51 -41.23 -53.57
N PRO I 21 -106.78 -41.00 -53.93
CA PRO I 21 -107.79 -40.68 -52.90
C PRO I 21 -108.06 -41.87 -51.98
N GLY I 22 -108.09 -41.59 -50.69
CA GLY I 22 -108.33 -42.61 -49.71
C GLY I 22 -108.60 -41.97 -48.37
N THR I 23 -108.52 -42.77 -47.32
CA THR I 23 -108.81 -42.33 -45.95
C THR I 23 -107.61 -42.63 -45.08
N GLY I 24 -106.66 -41.69 -45.04
CA GLY I 24 -105.56 -41.71 -44.09
C GLY I 24 -104.60 -42.89 -44.17
N LYS I 25 -104.65 -43.63 -45.28
CA LYS I 25 -103.83 -44.83 -45.44
C LYS I 25 -102.41 -44.41 -45.70
N ILE I 26 -101.61 -44.39 -44.65
CA ILE I 26 -100.18 -44.06 -44.72
C ILE I 26 -99.39 -45.34 -44.48
N SER I 27 -98.81 -45.86 -45.55
CA SER I 27 -98.05 -47.10 -45.48
C SER I 27 -96.76 -46.94 -46.27
N ILE I 28 -95.66 -47.39 -45.67
CA ILE I 28 -94.33 -47.23 -46.25
C ILE I 28 -93.59 -48.55 -46.17
N ASN I 29 -93.24 -49.10 -47.34
CA ASN I 29 -92.49 -50.35 -47.49
C ASN I 29 -93.16 -51.52 -46.77
N ASN I 30 -94.49 -51.55 -46.86
CA ASN I 30 -95.37 -52.44 -46.09
C ASN I 30 -95.10 -52.32 -44.59
N ARG I 31 -94.97 -51.08 -44.11
CA ARG I 31 -94.90 -50.82 -42.68
C ARG I 31 -95.71 -49.58 -42.34
N GLY I 32 -96.22 -49.55 -41.11
CA GLY I 32 -96.85 -48.36 -40.61
C GLY I 32 -95.85 -47.25 -40.37
N LEU I 33 -96.36 -46.02 -40.36
CA LEU I 33 -95.49 -44.85 -40.29
C LEU I 33 -94.86 -44.71 -38.91
N ASP I 34 -95.63 -45.02 -37.86
CA ASP I 34 -95.08 -44.95 -36.51
C ASP I 34 -94.11 -46.11 -36.25
N GLN I 35 -94.28 -47.21 -36.97
CA GLN I 35 -93.40 -48.36 -36.79
C GLN I 35 -92.11 -48.22 -37.56
N PHE I 36 -92.13 -47.54 -38.70
CA PHE I 36 -90.97 -47.49 -39.57
C PHE I 36 -89.90 -46.57 -39.02
N PHE I 37 -90.27 -45.33 -38.70
CA PHE I 37 -89.33 -44.34 -38.19
C PHE I 37 -89.34 -44.42 -36.68
N GLY I 38 -88.37 -45.15 -36.13
CA GLY I 38 -88.36 -45.42 -34.71
C GLY I 38 -87.85 -44.29 -33.85
N ARG I 39 -88.78 -43.63 -33.14
CA ARG I 39 -88.50 -42.65 -32.09
C ARG I 39 -87.69 -41.47 -32.64
N GLU I 40 -88.35 -40.68 -33.47
CA GLU I 40 -87.74 -39.45 -33.94
C GLU I 40 -88.81 -38.39 -34.15
N THR I 41 -88.34 -37.15 -34.32
CA THR I 41 -89.23 -36.03 -34.59
C THR I 41 -89.69 -36.00 -36.03
N ALA I 42 -89.02 -36.72 -36.93
CA ALA I 42 -89.36 -36.74 -38.33
C ALA I 42 -90.61 -37.55 -38.65
N ARG I 43 -91.22 -38.19 -37.63
CA ARG I 43 -92.51 -38.82 -37.78
C ARG I 43 -93.60 -37.80 -38.10
N MET I 44 -93.40 -36.55 -37.66
CA MET I 44 -94.31 -35.46 -37.97
C MET I 44 -93.83 -34.62 -39.14
N VAL I 45 -92.54 -34.69 -39.49
CA VAL I 45 -92.00 -33.87 -40.56
C VAL I 45 -92.51 -34.37 -41.92
N VAL I 46 -92.79 -35.67 -42.04
CA VAL I 46 -93.41 -36.18 -43.25
C VAL I 46 -94.85 -35.70 -43.41
N ARG I 47 -95.50 -35.25 -42.34
CA ARG I 47 -96.85 -34.71 -42.41
C ARG I 47 -96.88 -33.21 -42.62
N GLN I 48 -95.75 -32.53 -42.45
CA GLN I 48 -95.73 -31.07 -42.50
C GLN I 48 -96.14 -30.45 -43.82
N PRO I 49 -95.74 -30.94 -45.01
CA PRO I 49 -96.38 -30.40 -46.22
C PRO I 49 -97.80 -30.87 -46.40
N LEU I 50 -98.17 -31.98 -45.77
CA LEU I 50 -99.51 -32.52 -45.93
C LEU I 50 -100.52 -31.72 -45.12
N GLU I 51 -100.21 -31.43 -43.87
CA GLU I 51 -101.11 -30.66 -43.03
C GLU I 51 -101.07 -29.17 -43.35
N LEU I 52 -100.07 -28.71 -44.08
CA LEU I 52 -100.08 -27.32 -44.53
C LEU I 52 -101.11 -27.12 -45.63
N THR I 53 -101.26 -28.09 -46.53
CA THR I 53 -102.18 -27.98 -47.64
C THR I 53 -103.55 -28.55 -47.34
N GLU I 54 -103.85 -28.76 -46.05
CA GLU I 54 -105.13 -29.25 -45.48
C GLU I 54 -105.74 -30.43 -46.26
N THR I 55 -104.92 -31.45 -46.47
CA THR I 55 -105.32 -32.68 -47.15
C THR I 55 -104.85 -33.91 -46.37
N VAL I 56 -104.81 -33.80 -45.04
CA VAL I 56 -104.21 -34.85 -44.22
C VAL I 56 -105.12 -36.09 -44.15
N GLU I 57 -106.41 -35.93 -44.41
CA GLU I 57 -107.37 -37.00 -44.24
C GLU I 57 -107.93 -37.52 -45.54
N LYS I 58 -107.54 -36.94 -46.68
CA LYS I 58 -108.26 -37.13 -47.92
C LYS I 58 -107.51 -37.99 -48.95
N PHE I 59 -106.41 -38.63 -48.58
CA PHE I 59 -105.68 -39.42 -49.56
C PHE I 59 -105.11 -40.68 -48.96
N ASP I 60 -105.02 -41.70 -49.81
CA ASP I 60 -104.13 -42.83 -49.60
C ASP I 60 -102.71 -42.40 -49.95
N ILE I 61 -101.74 -42.94 -49.21
CA ILE I 61 -100.33 -42.64 -49.41
C ILE I 61 -99.58 -43.97 -49.40
N PHE I 62 -98.88 -44.27 -50.50
CA PHE I 62 -98.08 -45.47 -50.62
C PHE I 62 -96.66 -45.08 -50.98
N VAL I 63 -95.71 -45.38 -50.09
CA VAL I 63 -94.34 -44.89 -50.15
C VAL I 63 -93.38 -46.06 -50.25
N THR I 64 -92.45 -46.00 -51.19
CA THR I 64 -91.35 -46.96 -51.25
C THR I 64 -90.06 -46.18 -51.41
N VAL I 65 -89.18 -46.25 -50.40
CA VAL I 65 -87.96 -45.47 -50.35
C VAL I 65 -86.76 -46.42 -50.28
N VAL I 66 -85.68 -46.07 -50.99
CA VAL I 66 -84.47 -46.88 -51.04
C VAL I 66 -83.26 -46.00 -50.74
N GLY I 67 -82.20 -46.65 -50.24
CA GLY I 67 -80.93 -46.01 -50.01
C GLY I 67 -80.97 -44.98 -48.89
N GLY I 68 -79.92 -44.16 -48.86
CA GLY I 68 -79.85 -43.05 -47.96
C GLY I 68 -79.62 -43.45 -46.52
N GLY I 69 -79.73 -42.46 -45.65
CA GLY I 69 -79.63 -42.67 -44.22
C GLY I 69 -81.01 -42.73 -43.57
N VAL I 70 -81.00 -42.74 -42.24
CA VAL I 70 -82.24 -42.86 -41.48
C VAL I 70 -83.08 -41.61 -41.65
N SER I 71 -82.55 -40.47 -41.21
CA SER I 71 -83.25 -39.21 -41.33
C SER I 71 -83.02 -38.54 -42.69
N GLY I 72 -82.39 -39.24 -43.62
CA GLY I 72 -82.27 -38.74 -44.97
C GLY I 72 -83.39 -39.26 -45.84
N GLN I 73 -83.91 -40.43 -45.49
CA GLN I 73 -85.10 -40.94 -46.18
C GLN I 73 -86.33 -40.15 -45.81
N ALA I 74 -86.42 -39.69 -44.56
CA ALA I 74 -87.56 -38.88 -44.14
C ALA I 74 -87.60 -37.55 -44.88
N GLY I 75 -86.45 -37.00 -45.22
CA GLY I 75 -86.44 -35.80 -46.03
C GLY I 75 -86.76 -36.08 -47.48
N ALA I 76 -86.48 -37.28 -47.95
CA ALA I 76 -86.80 -37.64 -49.33
C ALA I 76 -88.30 -37.74 -49.53
N ILE I 77 -89.01 -38.21 -48.51
CA ILE I 77 -90.47 -38.29 -48.59
C ILE I 77 -91.07 -36.90 -48.57
N ARG I 78 -90.51 -36.00 -47.76
CA ARG I 78 -91.06 -34.65 -47.63
C ARG I 78 -90.87 -33.87 -48.93
N HIS I 79 -89.70 -34.00 -49.56
CA HIS I 79 -89.56 -33.44 -50.90
C HIS I 79 -90.37 -34.23 -51.92
N GLY I 80 -90.55 -35.53 -51.68
CA GLY I 80 -91.20 -36.36 -52.67
C GLY I 80 -92.69 -36.12 -52.76
N ILE I 81 -93.33 -35.87 -51.62
CA ILE I 81 -94.78 -35.72 -51.65
C ILE I 81 -95.17 -34.33 -52.16
N THR I 82 -94.28 -33.34 -52.03
CA THR I 82 -94.58 -32.01 -52.54
C THR I 82 -94.61 -31.97 -54.05
N ARG I 83 -93.84 -32.83 -54.70
CA ARG I 83 -93.94 -32.93 -56.15
C ARG I 83 -95.22 -33.67 -56.55
N ALA I 84 -95.70 -34.57 -55.69
CA ALA I 84 -96.92 -35.30 -56.00
C ALA I 84 -98.16 -34.46 -55.74
N LEU I 85 -98.06 -33.49 -54.83
CA LEU I 85 -99.22 -32.63 -54.57
C LEU I 85 -99.41 -31.57 -55.64
N ILE I 86 -98.37 -31.26 -56.42
CA ILE I 86 -98.47 -30.17 -57.37
C ILE I 86 -98.72 -30.71 -58.76
N GLU I 87 -99.07 -31.99 -58.88
CA GLU I 87 -99.59 -32.48 -60.15
C GLU I 87 -101.01 -32.02 -60.39
N TYR I 88 -101.71 -31.57 -59.35
CA TYR I 88 -103.09 -31.13 -59.49
C TYR I 88 -103.17 -29.81 -60.24
N ASP I 89 -102.58 -28.77 -59.67
CA ASP I 89 -102.75 -27.41 -60.15
C ASP I 89 -101.58 -26.59 -59.64
N GLU I 90 -101.71 -25.26 -59.73
CA GLU I 90 -100.77 -24.37 -59.10
C GLU I 90 -101.44 -23.51 -58.04
N THR I 91 -102.55 -24.00 -57.47
CA THR I 91 -103.17 -23.30 -56.36
C THR I 91 -102.32 -23.41 -55.11
N LEU I 92 -101.75 -24.59 -54.89
CA LEU I 92 -100.86 -24.81 -53.75
C LEU I 92 -99.40 -24.58 -54.11
N ARG I 93 -99.13 -24.09 -55.31
CA ARG I 93 -97.77 -23.73 -55.72
C ARG I 93 -97.22 -22.60 -54.85
N SER I 94 -97.98 -21.52 -54.72
CA SER I 94 -97.56 -20.39 -53.90
C SER I 94 -97.59 -20.73 -52.42
N SER I 95 -98.38 -21.72 -52.01
CA SER I 95 -98.40 -22.15 -50.63
C SER I 95 -97.19 -22.98 -50.26
N LEU I 96 -96.39 -23.39 -51.24
CA LEU I 96 -95.21 -24.21 -50.99
C LEU I 96 -93.91 -23.56 -51.41
N ARG I 97 -93.92 -22.74 -52.46
CA ARG I 97 -92.76 -21.93 -52.79
C ARG I 97 -92.42 -20.98 -51.65
N LYS I 98 -93.45 -20.38 -51.05
CA LYS I 98 -93.26 -19.54 -49.88
C LYS I 98 -92.89 -20.38 -48.66
N ALA I 99 -93.34 -21.64 -48.61
CA ALA I 99 -93.04 -22.49 -47.48
C ALA I 99 -91.63 -23.05 -47.51
N GLY I 100 -90.95 -22.98 -48.64
CA GLY I 100 -89.61 -23.52 -48.75
C GLY I 100 -89.57 -25.04 -48.73
N TYR I 101 -90.47 -25.69 -49.48
CA TYR I 101 -90.53 -27.14 -49.54
C TYR I 101 -90.15 -27.71 -50.88
N VAL I 102 -90.29 -26.94 -51.96
CA VAL I 102 -90.19 -27.52 -53.29
C VAL I 102 -88.73 -27.67 -53.74
N THR I 103 -87.82 -26.84 -53.22
CA THR I 103 -86.44 -26.85 -53.69
C THR I 103 -85.68 -28.02 -53.10
N ARG I 104 -85.04 -28.80 -53.98
CA ARG I 104 -84.23 -29.92 -53.52
C ARG I 104 -82.96 -29.40 -52.87
N ASP I 105 -82.66 -29.92 -51.68
CA ASP I 105 -81.48 -29.52 -50.93
C ASP I 105 -80.24 -30.07 -51.60
N ALA I 106 -79.39 -29.19 -52.12
CA ALA I 106 -78.24 -29.59 -52.93
C ALA I 106 -77.02 -29.97 -52.11
N ARG I 107 -77.09 -29.87 -50.79
CA ARG I 107 -75.90 -29.95 -49.94
C ARG I 107 -75.48 -31.41 -49.82
N GLU I 108 -74.48 -31.81 -50.62
CA GLU I 108 -73.95 -33.17 -50.59
C GLU I 108 -72.54 -33.19 -50.04
N VAL I 109 -72.10 -34.40 -49.63
CA VAL I 109 -70.82 -34.56 -48.93
C VAL I 109 -69.65 -34.25 -49.87
N GLU I 110 -68.52 -33.88 -49.27
CA GLU I 110 -67.37 -33.39 -49.98
C GLU I 110 -66.18 -34.33 -49.80
N ARG I 111 -65.38 -34.42 -50.85
CA ARG I 111 -64.38 -35.47 -50.96
C ARG I 111 -63.10 -35.11 -50.22
N LYS I 112 -62.36 -36.16 -49.83
CA LYS I 112 -61.08 -35.96 -49.18
C LYS I 112 -60.03 -35.51 -50.18
N LYS I 113 -59.27 -34.47 -49.81
CA LYS I 113 -58.25 -33.89 -50.66
C LYS I 113 -56.88 -34.21 -50.09
N VAL I 114 -55.87 -34.30 -50.97
CA VAL I 114 -54.55 -34.75 -50.54
C VAL I 114 -53.85 -33.66 -49.75
N GLY I 115 -53.04 -34.08 -48.80
CA GLY I 115 -52.45 -33.19 -47.82
C GLY I 115 -53.33 -33.02 -46.60
N LEU I 116 -54.62 -32.85 -46.81
CA LEU I 116 -55.59 -32.73 -45.73
C LEU I 116 -55.91 -34.10 -45.19
N ARG I 117 -56.67 -34.14 -44.10
CA ARG I 117 -57.11 -35.40 -43.53
C ARG I 117 -58.61 -35.61 -43.68
N LYS I 118 -59.39 -34.62 -43.32
CA LYS I 118 -60.82 -34.58 -43.60
C LYS I 118 -61.02 -33.85 -44.93
N ALA I 119 -62.25 -33.40 -45.20
CA ALA I 119 -62.50 -32.56 -46.35
C ALA I 119 -61.77 -31.23 -46.27
N ARG I 120 -61.64 -30.67 -45.06
CA ARG I 120 -60.93 -29.41 -44.87
C ARG I 120 -59.97 -29.39 -43.69
N LYS I 121 -60.02 -30.35 -42.77
CA LYS I 121 -59.09 -30.36 -41.66
C LYS I 121 -57.72 -30.86 -42.12
N ARG I 122 -56.68 -30.26 -41.58
CA ARG I 122 -55.29 -30.50 -41.93
C ARG I 122 -54.46 -30.67 -40.66
N PRO I 123 -53.35 -31.41 -40.73
CA PRO I 123 -52.62 -31.72 -39.49
C PRO I 123 -51.93 -30.51 -38.91
N GLN I 124 -51.55 -30.64 -37.65
CA GLN I 124 -50.95 -29.53 -36.92
C GLN I 124 -49.46 -29.44 -37.22
N TYR I 125 -48.98 -28.22 -37.44
CA TYR I 125 -47.55 -27.97 -37.53
C TYR I 125 -47.12 -27.13 -36.33
N SER I 126 -45.83 -26.83 -36.27
CA SER I 126 -45.32 -25.90 -35.27
C SER I 126 -44.10 -25.14 -35.80
N ILE J 1 -74.96 -60.24 -76.58
CA ILE J 1 -73.75 -59.65 -77.12
C ILE J 1 -73.25 -58.68 -76.07
N ARG J 2 -71.94 -58.62 -75.84
CA ARG J 2 -71.38 -57.68 -74.88
C ARG J 2 -70.07 -57.12 -75.40
N LEU J 3 -69.83 -55.84 -75.11
CA LEU J 3 -68.74 -55.09 -75.71
C LEU J 3 -67.94 -54.39 -74.63
N LYS J 4 -66.62 -54.41 -74.77
CA LYS J 4 -65.71 -53.78 -73.82
C LYS J 4 -64.66 -52.99 -74.58
N ALA J 5 -64.53 -51.71 -74.23
CA ALA J 5 -63.51 -50.85 -74.82
C ALA J 5 -63.15 -49.78 -73.80
N PHE J 6 -62.38 -48.80 -74.23
CA PHE J 6 -61.83 -47.81 -73.31
C PHE J 6 -62.33 -46.40 -73.51
N ASP J 7 -63.04 -46.10 -74.58
CA ASP J 7 -63.54 -44.75 -74.77
C ASP J 7 -64.87 -44.77 -75.50
N HIS J 8 -65.78 -43.89 -75.06
CA HIS J 8 -67.14 -43.88 -75.59
C HIS J 8 -67.24 -43.30 -76.99
N ARG J 9 -66.15 -42.77 -77.54
CA ARG J 9 -66.12 -42.40 -78.94
C ARG J 9 -65.62 -43.53 -79.83
N LEU J 10 -65.57 -44.75 -79.30
CA LEU J 10 -65.55 -45.95 -80.13
C LEU J 10 -66.73 -46.86 -79.87
N ILE J 11 -66.93 -47.26 -78.62
CA ILE J 11 -67.79 -48.39 -78.33
C ILE J 11 -69.26 -48.03 -78.49
N ASP J 12 -69.64 -46.79 -78.21
CA ASP J 12 -70.99 -46.35 -78.48
C ASP J 12 -71.13 -45.76 -79.87
N GLN J 13 -70.10 -45.91 -80.69
CA GLN J 13 -70.14 -45.54 -82.10
C GLN J 13 -69.92 -46.76 -82.99
N SER J 14 -69.76 -47.94 -82.38
CA SER J 14 -69.74 -49.19 -83.10
C SER J 14 -71.01 -50.01 -82.89
N THR J 15 -71.90 -49.60 -81.99
CA THR J 15 -73.17 -50.30 -81.88
C THR J 15 -74.06 -50.00 -83.07
N GLN J 16 -74.07 -48.75 -83.53
CA GLN J 16 -74.76 -48.40 -84.77
C GLN J 16 -74.14 -49.07 -85.97
N GLU J 17 -72.86 -49.43 -85.90
CA GLU J 17 -72.21 -50.25 -86.91
C GLU J 17 -72.65 -51.72 -86.84
N ILE J 18 -73.38 -52.11 -85.80
CA ILE J 18 -73.90 -53.46 -85.68
C ILE J 18 -75.42 -53.47 -85.75
N VAL J 19 -76.08 -52.49 -85.13
CA VAL J 19 -77.54 -52.42 -85.12
C VAL J 19 -78.08 -52.18 -86.52
N GLU J 20 -77.47 -51.26 -87.26
CA GLU J 20 -77.89 -51.04 -88.65
C GLU J 20 -77.51 -52.21 -89.54
N THR J 21 -76.33 -52.79 -89.34
CA THR J 21 -75.82 -53.85 -90.18
C THR J 21 -76.25 -55.24 -89.73
N ALA J 22 -77.27 -55.33 -88.91
CA ALA J 22 -77.94 -56.59 -88.65
C ALA J 22 -79.45 -56.51 -88.85
N LYS J 23 -80.05 -55.37 -88.51
CA LYS J 23 -81.47 -55.17 -88.75
C LYS J 23 -81.78 -55.02 -90.24
N ARG J 24 -80.77 -54.62 -91.04
CA ARG J 24 -80.89 -54.61 -92.49
C ARG J 24 -81.17 -56.01 -93.04
N THR J 25 -80.54 -57.03 -92.45
CA THR J 25 -80.66 -58.39 -92.92
C THR J 25 -81.86 -59.12 -92.35
N GLY J 26 -82.87 -58.38 -91.89
CA GLY J 26 -84.14 -58.98 -91.56
C GLY J 26 -84.38 -59.25 -90.09
N ALA J 27 -83.34 -59.69 -89.37
CA ALA J 27 -83.50 -60.10 -87.99
C ALA J 27 -83.69 -58.87 -87.10
N GLN J 28 -84.49 -59.04 -86.05
CA GLN J 28 -84.80 -57.96 -85.13
C GLN J 28 -83.80 -57.93 -83.99
N VAL J 29 -83.16 -56.79 -83.80
CA VAL J 29 -82.20 -56.58 -82.71
C VAL J 29 -82.63 -55.31 -81.99
N ARG J 30 -82.87 -55.43 -80.68
CA ARG J 30 -83.40 -54.35 -79.89
C ARG J 30 -82.31 -53.33 -79.56
N GLY J 31 -82.69 -52.29 -78.82
CA GLY J 31 -81.78 -51.21 -78.49
C GLY J 31 -80.75 -51.64 -77.47
N PRO J 32 -79.51 -51.15 -77.61
CA PRO J 32 -78.45 -51.55 -76.69
C PRO J 32 -78.64 -50.97 -75.30
N ILE J 33 -78.19 -51.71 -74.31
CA ILE J 33 -78.41 -51.39 -72.90
C ILE J 33 -77.06 -51.06 -72.28
N PRO J 34 -76.92 -49.91 -71.62
CA PRO J 34 -75.67 -49.63 -70.90
C PRO J 34 -75.55 -50.47 -69.65
N LEU J 35 -74.32 -50.56 -69.17
CA LEU J 35 -74.00 -51.21 -67.92
C LEU J 35 -73.27 -50.24 -67.00
N PRO J 36 -73.09 -50.57 -65.72
CA PRO J 36 -72.15 -49.79 -64.90
C PRO J 36 -70.73 -49.84 -65.43
N THR J 37 -69.97 -48.82 -65.06
CA THR J 37 -68.65 -48.55 -65.64
C THR J 37 -67.58 -48.87 -64.61
N ARG J 38 -66.54 -49.57 -65.05
CA ARG J 38 -65.35 -49.76 -64.23
C ARG J 38 -64.62 -48.44 -64.08
N LYS J 39 -64.22 -48.11 -62.86
CA LYS J 39 -63.46 -46.90 -62.57
C LYS J 39 -62.36 -47.26 -61.58
N GLU J 40 -61.10 -47.00 -61.94
CA GLU J 40 -59.97 -47.39 -61.10
C GLU J 40 -59.05 -46.20 -60.89
N ARG J 41 -58.95 -45.72 -59.65
CA ARG J 41 -58.12 -44.58 -59.34
C ARG J 41 -56.71 -45.04 -58.99
N PHE J 42 -55.72 -44.29 -59.47
CA PHE J 42 -54.30 -44.58 -59.22
C PHE J 42 -53.61 -43.31 -58.74
N THR J 43 -53.40 -43.20 -57.44
CA THR J 43 -52.71 -42.05 -56.88
C THR J 43 -51.23 -42.37 -56.81
N VAL J 44 -50.41 -41.65 -57.58
CA VAL J 44 -48.98 -41.90 -57.61
C VAL J 44 -48.24 -40.69 -57.08
N LEU J 45 -47.10 -40.96 -56.46
CA LEU J 45 -46.22 -39.88 -56.01
C LEU J 45 -45.46 -39.36 -57.20
N ILE J 46 -45.07 -38.10 -57.13
CA ILE J 46 -44.58 -37.39 -58.30
C ILE J 46 -43.12 -36.96 -58.17
N SER J 47 -42.58 -36.83 -56.96
CA SER J 47 -41.22 -36.31 -56.85
C SER J 47 -40.22 -37.46 -56.77
N PRO J 48 -39.06 -37.32 -57.43
CA PRO J 48 -38.04 -38.38 -57.41
C PRO J 48 -37.46 -38.64 -56.03
N HIS J 49 -36.85 -37.63 -55.42
CA HIS J 49 -36.55 -37.70 -54.00
C HIS J 49 -37.68 -36.96 -53.29
N VAL J 50 -37.81 -37.23 -52.01
CA VAL J 50 -39.15 -37.21 -51.41
C VAL J 50 -39.63 -35.80 -51.13
N ASN J 51 -40.89 -35.57 -51.46
CA ASN J 51 -41.68 -34.47 -50.90
C ASN J 51 -43.13 -34.94 -51.03
N LYS J 52 -43.69 -35.42 -49.91
CA LYS J 52 -44.81 -36.35 -49.97
C LYS J 52 -46.10 -35.70 -50.42
N ASP J 53 -46.37 -34.47 -50.00
CA ASP J 53 -47.69 -33.89 -50.25
C ASP J 53 -47.89 -33.37 -51.66
N ALA J 54 -46.94 -33.59 -52.58
CA ALA J 54 -47.16 -33.35 -54.00
C ALA J 54 -47.52 -34.67 -54.65
N ARG J 55 -48.75 -34.79 -55.14
CA ARG J 55 -49.23 -36.05 -55.67
C ARG J 55 -49.94 -35.80 -57.00
N ASP J 56 -50.38 -36.89 -57.61
CA ASP J 56 -51.09 -36.84 -58.88
C ASP J 56 -51.87 -38.13 -58.99
N GLN J 57 -53.13 -38.03 -59.40
CA GLN J 57 -54.03 -39.17 -59.36
C GLN J 57 -54.79 -39.29 -60.68
N TYR J 58 -54.78 -40.50 -61.24
CA TYR J 58 -55.31 -40.79 -62.55
C TYR J 58 -56.56 -41.65 -62.40
N GLU J 59 -57.13 -42.03 -63.54
CA GLU J 59 -58.30 -42.90 -63.55
C GLU J 59 -58.41 -43.57 -64.91
N ILE J 60 -58.57 -44.89 -64.89
CA ILE J 60 -58.76 -45.68 -66.10
C ILE J 60 -60.19 -46.20 -66.14
N ARG J 61 -60.87 -45.98 -67.26
CA ARG J 61 -62.26 -46.35 -67.40
C ARG J 61 -62.41 -47.59 -68.28
N THR J 62 -63.60 -48.20 -68.23
CA THR J 62 -63.93 -49.33 -69.09
C THR J 62 -65.43 -49.28 -69.35
N HIS J 63 -65.81 -48.98 -70.58
CA HIS J 63 -67.22 -48.87 -70.93
C HIS J 63 -67.76 -50.22 -71.36
N LYS J 64 -68.94 -50.56 -70.86
CA LYS J 64 -69.62 -51.79 -71.26
C LYS J 64 -70.90 -51.45 -71.99
N ARG J 65 -71.36 -52.41 -72.79
CA ARG J 65 -72.46 -52.18 -73.72
C ARG J 65 -73.01 -53.50 -74.23
N VAL J 66 -74.33 -53.71 -74.10
CA VAL J 66 -74.94 -55.02 -74.33
C VAL J 66 -76.02 -54.89 -75.39
N LEU J 67 -75.90 -55.70 -76.44
CA LEU J 67 -76.93 -55.83 -77.47
C LEU J 67 -77.86 -56.99 -77.17
N ASP J 68 -78.94 -57.08 -77.96
CA ASP J 68 -79.98 -58.07 -77.74
C ASP J 68 -80.72 -58.34 -79.04
N ILE J 69 -80.50 -59.53 -79.61
CA ILE J 69 -81.22 -59.96 -80.80
C ILE J 69 -82.61 -60.45 -80.40
N VAL J 70 -83.46 -60.71 -81.38
CA VAL J 70 -84.74 -61.35 -81.11
C VAL J 70 -84.79 -62.69 -81.84
N GLN J 71 -84.57 -62.68 -83.14
CA GLN J 71 -84.61 -63.92 -83.93
C GLN J 71 -83.27 -64.20 -84.59
N PRO J 72 -82.51 -65.18 -84.11
CA PRO J 72 -81.24 -65.52 -84.76
C PRO J 72 -81.42 -66.28 -86.07
N THR J 73 -81.18 -65.59 -87.19
CA THR J 73 -81.15 -66.25 -88.48
C THR J 73 -80.06 -65.71 -89.40
N ASP J 74 -79.17 -64.86 -88.89
CA ASP J 74 -78.17 -64.18 -89.71
C ASP J 74 -76.77 -64.53 -89.22
N LYS J 75 -76.00 -65.16 -90.09
CA LYS J 75 -74.56 -65.29 -89.93
C LYS J 75 -73.81 -64.15 -90.61
N THR J 76 -74.53 -63.08 -90.97
CA THR J 76 -73.92 -61.93 -91.64
C THR J 76 -72.96 -61.19 -90.71
N VAL J 77 -73.35 -61.00 -89.45
CA VAL J 77 -72.47 -60.32 -88.49
C VAL J 77 -71.30 -61.22 -88.08
N ASP J 78 -71.40 -62.53 -88.32
CA ASP J 78 -70.30 -63.43 -87.99
C ASP J 78 -69.14 -63.23 -88.93
N ALA J 79 -69.41 -62.90 -90.20
CA ALA J 79 -68.35 -62.52 -91.12
C ALA J 79 -67.95 -61.07 -90.95
N LEU J 80 -68.89 -60.22 -90.56
CA LEU J 80 -68.62 -58.80 -90.38
C LEU J 80 -68.22 -58.49 -88.94
N MET J 81 -67.26 -59.26 -88.41
CA MET J 81 -66.72 -59.01 -87.09
C MET J 81 -65.40 -58.27 -87.15
N LYS J 82 -64.57 -58.60 -88.16
CA LYS J 82 -63.35 -57.85 -88.42
C LYS J 82 -63.65 -56.42 -88.87
N LEU J 83 -64.82 -56.19 -89.48
CA LEU J 83 -65.26 -54.83 -89.75
C LEU J 83 -65.67 -54.12 -88.46
N ASP J 84 -66.48 -54.77 -87.65
CA ASP J 84 -67.02 -54.13 -86.45
C ASP J 84 -66.00 -54.02 -85.33
N LEU J 85 -64.92 -54.79 -85.35
CA LEU J 85 -63.78 -54.50 -84.49
C LEU J 85 -62.91 -53.50 -85.23
N ALA J 86 -62.59 -52.39 -84.57
CA ALA J 86 -61.80 -51.35 -85.22
C ALA J 86 -60.43 -51.17 -84.57
N ALA J 87 -60.39 -50.77 -83.32
CA ALA J 87 -59.08 -50.62 -82.71
C ALA J 87 -58.97 -51.24 -81.33
N GLY J 88 -59.99 -51.07 -80.49
CA GLY J 88 -59.87 -51.44 -79.11
C GLY J 88 -61.14 -52.00 -78.53
N VAL J 89 -62.03 -52.46 -79.39
CA VAL J 89 -63.30 -53.03 -78.99
C VAL J 89 -63.16 -54.54 -78.94
N GLU J 90 -63.57 -55.15 -77.82
CA GLU J 90 -63.66 -56.59 -77.70
C GLU J 90 -65.12 -56.99 -77.61
N VAL J 91 -65.51 -58.01 -78.38
CA VAL J 91 -66.89 -58.44 -78.47
C VAL J 91 -66.95 -59.90 -78.08
N GLN J 92 -67.56 -60.18 -76.93
CA GLN J 92 -67.96 -61.53 -76.57
C GLN J 92 -69.41 -61.72 -77.03
N ILE J 93 -69.68 -62.86 -77.65
CA ILE J 93 -70.96 -63.08 -78.31
C ILE J 93 -71.95 -63.74 -77.35
N SER J 94 -73.16 -63.19 -77.28
CA SER J 94 -74.27 -63.79 -76.55
C SER J 94 -75.50 -63.59 -77.43
N LEU J 95 -75.73 -64.55 -78.32
CA LEU J 95 -76.71 -64.43 -79.39
C LEU J 95 -78.03 -64.96 -78.87
N GLY J 96 -78.77 -64.08 -78.20
CA GLY J 96 -79.95 -64.48 -77.44
C GLY J 96 -81.17 -64.87 -78.24
N LYS K 1 -77.67 26.64 10.01
CA LYS K 1 -77.14 27.85 9.38
C LYS K 1 -77.72 28.01 7.99
N THR K 2 -78.09 29.23 7.63
CA THR K 2 -78.82 29.48 6.39
C THR K 2 -78.10 30.54 5.57
N VAL K 3 -77.67 30.14 4.37
CA VAL K 3 -77.18 31.08 3.35
C VAL K 3 -77.83 30.72 2.03
N VAL K 4 -78.03 31.72 1.18
CA VAL K 4 -78.57 31.54 -0.16
C VAL K 4 -77.70 32.30 -1.16
N ASP K 5 -77.88 31.97 -2.43
CA ASP K 5 -77.19 32.54 -3.58
C ASP K 5 -75.67 32.39 -3.44
N GLY K 6 -75.25 31.12 -3.48
CA GLY K 6 -73.85 30.78 -3.37
C GLY K 6 -73.13 30.81 -4.70
N ILE K 7 -71.83 30.52 -4.63
CA ILE K 7 -70.93 30.57 -5.78
C ILE K 7 -70.19 29.24 -5.87
N ALA K 8 -70.24 28.61 -7.04
CA ALA K 8 -69.61 27.32 -7.28
C ALA K 8 -68.31 27.52 -8.04
N HIS K 9 -67.22 27.05 -7.46
CA HIS K 9 -65.89 27.13 -8.08
C HIS K 9 -65.47 25.77 -8.58
N ILE K 10 -64.98 25.72 -9.81
CA ILE K 10 -64.61 24.48 -10.48
C ILE K 10 -63.18 24.63 -10.97
N HIS K 11 -62.30 23.75 -10.49
CA HIS K 11 -60.88 23.77 -10.85
C HIS K 11 -60.56 22.46 -11.54
N ALA K 12 -60.14 22.54 -12.81
CA ALA K 12 -60.02 21.35 -13.65
C ALA K 12 -58.61 21.27 -14.23
N SER K 13 -57.79 20.39 -13.67
CA SER K 13 -56.45 20.17 -14.18
C SER K 13 -56.48 19.08 -15.24
N PHE K 14 -55.31 18.59 -15.63
CA PHE K 14 -55.23 17.44 -16.52
C PHE K 14 -55.34 16.11 -15.80
N ASN K 15 -55.35 16.11 -14.48
CA ASN K 15 -55.34 14.87 -13.76
C ASN K 15 -56.36 14.77 -12.66
N ASN K 16 -57.06 15.85 -12.33
CA ASN K 16 -57.94 15.88 -11.19
C ASN K 16 -58.87 17.06 -11.35
N THR K 17 -60.01 17.00 -10.66
CA THR K 17 -61.00 18.06 -10.75
C THR K 17 -61.55 18.32 -9.37
N ILE K 18 -61.49 19.58 -8.93
CA ILE K 18 -61.87 19.98 -7.59
C ILE K 18 -63.01 20.98 -7.68
N VAL K 19 -64.09 20.70 -6.95
CA VAL K 19 -65.30 21.51 -6.98
C VAL K 19 -65.57 22.01 -5.56
N THR K 20 -65.85 23.30 -5.43
CA THR K 20 -66.06 23.92 -4.11
C THR K 20 -67.26 24.85 -4.16
N ILE K 21 -68.16 24.70 -3.19
CA ILE K 21 -69.34 25.57 -3.07
C ILE K 21 -69.05 26.60 -1.99
N THR K 22 -69.16 27.87 -2.34
CA THR K 22 -68.87 28.95 -1.39
C THR K 22 -70.00 29.96 -1.33
N ASP K 23 -69.75 31.07 -0.64
CA ASP K 23 -70.65 32.20 -0.56
C ASP K 23 -70.06 33.40 -1.32
N ARG K 24 -70.71 34.56 -1.22
CA ARG K 24 -70.11 35.77 -1.77
C ARG K 24 -68.90 36.23 -0.96
N GLN K 25 -68.80 35.80 0.30
CA GLN K 25 -67.68 36.18 1.12
C GLN K 25 -66.42 35.39 0.82
N GLY K 26 -66.52 34.32 0.04
CA GLY K 26 -65.37 33.48 -0.20
C GLY K 26 -65.03 32.65 1.02
N ASN K 27 -65.97 31.82 1.45
CA ASN K 27 -65.79 30.95 2.59
C ASN K 27 -66.23 29.55 2.22
N ALA K 28 -65.50 28.55 2.70
CA ALA K 28 -65.76 27.18 2.31
C ALA K 28 -67.02 26.65 2.97
N LEU K 29 -67.86 26.03 2.16
CA LEU K 29 -69.01 25.27 2.65
C LEU K 29 -68.89 23.79 2.33
N SER K 30 -68.60 23.44 1.09
CA SER K 30 -68.49 22.04 0.71
C SER K 30 -67.52 21.91 -0.45
N TRP K 31 -66.49 21.08 -0.28
CA TRP K 31 -65.53 20.78 -1.31
C TRP K 31 -65.62 19.31 -1.65
N ALA K 32 -65.37 18.98 -2.91
CA ALA K 32 -65.37 17.58 -3.32
C ALA K 32 -64.47 17.41 -4.53
N THR K 33 -63.68 16.34 -4.53
CA THR K 33 -62.65 16.11 -5.52
C THR K 33 -62.90 14.80 -6.25
N SER K 34 -62.23 14.66 -7.39
CA SER K 34 -62.41 13.46 -8.20
C SER K 34 -61.71 12.26 -7.58
N GLY K 35 -60.63 12.50 -6.85
CA GLY K 35 -59.94 11.39 -6.20
C GLY K 35 -60.66 10.83 -5.00
N GLY K 36 -61.50 11.64 -4.35
CA GLY K 36 -62.24 11.17 -3.20
C GLY K 36 -63.40 10.25 -3.54
N SER K 37 -63.82 10.25 -4.80
CA SER K 37 -64.87 9.33 -5.24
C SER K 37 -64.33 7.94 -5.57
N GLY K 38 -63.04 7.71 -5.41
CA GLY K 38 -62.46 6.40 -5.60
C GLY K 38 -62.21 6.03 -7.05
N PHE K 39 -61.39 6.80 -7.74
CA PHE K 39 -60.98 6.42 -9.09
C PHE K 39 -59.49 6.17 -9.18
N ARG K 40 -58.65 7.18 -8.88
CA ARG K 40 -57.22 7.04 -8.58
C ARG K 40 -56.43 6.41 -9.74
N GLY K 41 -56.36 7.15 -10.84
CA GLY K 41 -55.48 6.72 -11.91
C GLY K 41 -55.80 7.25 -13.29
N SER K 42 -55.90 6.35 -14.27
CA SER K 42 -56.34 6.77 -15.60
C SER K 42 -57.83 7.07 -15.61
N ARG K 43 -58.58 6.43 -14.71
CA ARG K 43 -60.00 6.70 -14.57
C ARG K 43 -60.25 8.03 -13.87
N LYS K 44 -59.25 8.56 -13.19
CA LYS K 44 -59.38 9.80 -12.43
C LYS K 44 -59.58 11.00 -13.34
N SER K 45 -59.01 10.97 -14.54
CA SER K 45 -58.97 12.12 -15.41
C SER K 45 -60.15 12.18 -16.38
N THR K 46 -61.10 11.31 -16.22
CA THR K 46 -62.21 11.21 -17.15
C THR K 46 -63.28 12.26 -16.82
N PRO K 47 -64.02 12.72 -17.82
CA PRO K 47 -65.13 13.64 -17.53
C PRO K 47 -66.33 12.97 -16.90
N PHE K 48 -66.36 11.65 -16.81
CA PHE K 48 -67.39 10.99 -16.01
C PHE K 48 -67.16 11.22 -14.53
N ALA K 49 -65.91 11.13 -14.09
CA ALA K 49 -65.60 11.32 -12.67
C ALA K 49 -65.76 12.77 -12.24
N ALA K 50 -65.84 13.70 -13.19
CA ALA K 50 -66.22 15.07 -12.87
C ALA K 50 -67.73 15.25 -12.77
N GLN K 51 -68.52 14.20 -12.97
CA GLN K 51 -69.93 14.24 -12.60
C GLN K 51 -70.19 13.62 -11.25
N VAL K 52 -69.41 12.61 -10.86
CA VAL K 52 -69.62 11.97 -9.57
C VAL K 52 -69.25 12.92 -8.45
N ALA K 53 -68.11 13.59 -8.58
CA ALA K 53 -67.69 14.55 -7.56
C ALA K 53 -68.48 15.83 -7.60
N ALA K 54 -69.14 16.13 -8.71
CA ALA K 54 -69.90 17.37 -8.81
C ALA K 54 -71.20 17.27 -8.02
N GLU K 55 -71.92 16.16 -8.17
CA GLU K 55 -73.17 16.00 -7.44
C GLU K 55 -72.92 15.76 -5.96
N ARG K 56 -71.78 15.17 -5.60
CA ARG K 56 -71.51 14.89 -4.18
C ARG K 56 -71.21 16.18 -3.42
N ALA K 57 -70.65 17.18 -4.11
CA ALA K 57 -70.58 18.51 -3.52
C ALA K 57 -71.95 19.15 -3.44
N GLY K 58 -72.84 18.79 -4.35
CA GLY K 58 -74.18 19.34 -4.38
C GLY K 58 -75.16 18.70 -3.43
N GLN K 59 -74.70 17.80 -2.57
CA GLN K 59 -75.57 17.17 -1.57
C GLN K 59 -75.27 17.61 -0.16
N ALA K 60 -74.02 17.94 0.16
CA ALA K 60 -73.72 18.58 1.44
C ALA K 60 -73.91 20.08 1.39
N ALA K 61 -74.36 20.62 0.25
CA ALA K 61 -74.70 22.03 0.14
C ALA K 61 -76.14 22.33 0.52
N LEU K 62 -76.99 21.31 0.55
CA LEU K 62 -78.37 21.48 0.98
C LEU K 62 -78.51 21.46 2.50
N GLU K 63 -77.41 21.31 3.22
CA GLU K 63 -77.40 21.58 4.66
C GLU K 63 -77.77 23.03 4.95
N TYR K 64 -77.36 23.95 4.09
CA TYR K 64 -77.49 25.37 4.35
C TYR K 64 -78.48 26.06 3.42
N GLY K 65 -79.11 25.34 2.51
CA GLY K 65 -80.01 25.96 1.57
C GLY K 65 -79.42 26.07 0.18
N LEU K 66 -79.04 27.30 -0.19
CA LEU K 66 -78.32 27.61 -1.43
C LEU K 66 -79.11 27.20 -2.67
N LYS K 67 -80.23 27.88 -2.86
CA LYS K 67 -81.08 27.61 -4.01
C LYS K 67 -80.61 28.29 -5.28
N ASN K 68 -79.52 29.06 -5.23
CA ASN K 68 -79.04 29.79 -6.39
C ASN K 68 -77.53 29.65 -6.46
N LEU K 69 -77.01 29.35 -7.65
CA LEU K 69 -75.59 29.11 -7.83
C LEU K 69 -75.03 30.01 -8.92
N ASP K 70 -73.76 30.37 -8.76
CA ASP K 70 -73.02 31.19 -9.70
C ASP K 70 -71.72 30.48 -10.00
N VAL K 71 -71.49 30.14 -11.26
CA VAL K 71 -70.49 29.14 -11.63
C VAL K 71 -69.28 29.84 -12.24
N ASN K 72 -68.10 29.54 -11.69
CA ASN K 72 -66.83 29.96 -12.26
C ASN K 72 -66.07 28.71 -12.69
N VAL K 73 -65.80 28.59 -13.98
CA VAL K 73 -65.11 27.43 -14.53
C VAL K 73 -63.65 27.83 -14.77
N LYS K 74 -62.73 26.97 -14.35
CA LYS K 74 -61.32 27.32 -14.35
C LYS K 74 -60.49 26.09 -14.64
N GLY K 75 -59.78 26.10 -15.76
CA GLY K 75 -58.89 25.01 -16.07
C GLY K 75 -58.94 24.54 -17.50
N PRO K 76 -57.90 23.87 -17.95
CA PRO K 76 -57.86 23.41 -19.34
C PRO K 76 -58.40 22.00 -19.55
N GLY K 77 -58.49 21.22 -18.48
CA GLY K 77 -58.63 19.80 -18.60
C GLY K 77 -60.02 19.36 -19.04
N PRO K 78 -60.18 18.05 -19.24
CA PRO K 78 -61.49 17.52 -19.62
C PRO K 78 -62.42 17.50 -18.43
N GLY K 79 -63.71 17.42 -18.73
CA GLY K 79 -64.71 17.64 -17.70
C GLY K 79 -64.94 19.10 -17.40
N ARG K 80 -64.49 19.98 -18.30
CA ARG K 80 -64.63 21.42 -18.11
C ARG K 80 -66.08 21.86 -18.20
N GLU K 81 -66.86 21.22 -19.07
CA GLU K 81 -68.27 21.53 -19.22
C GLU K 81 -69.20 20.42 -18.76
N SER K 82 -68.68 19.22 -18.54
CA SER K 82 -69.51 18.13 -18.05
C SER K 82 -69.93 18.35 -16.59
N ALA K 83 -69.16 19.10 -15.83
CA ALA K 83 -69.49 19.34 -14.43
C ALA K 83 -70.67 20.29 -14.28
N VAL K 84 -70.91 21.15 -15.26
CA VAL K 84 -72.02 22.10 -15.15
C VAL K 84 -73.34 21.38 -15.33
N ARG K 85 -73.39 20.40 -16.24
CA ARG K 85 -74.59 19.60 -16.43
C ARG K 85 -74.90 18.68 -15.26
N ALA K 86 -73.96 18.48 -14.35
CA ALA K 86 -74.19 17.70 -13.15
C ALA K 86 -74.50 18.58 -11.94
N LEU K 87 -74.78 19.87 -12.15
CA LEU K 87 -75.12 20.77 -11.06
C LEU K 87 -76.62 20.92 -10.89
N ASN K 88 -77.33 21.34 -11.93
CA ASN K 88 -78.79 21.44 -11.83
C ASN K 88 -79.49 20.09 -11.90
N ALA K 89 -78.74 19.00 -12.11
CA ALA K 89 -79.29 17.68 -11.90
C ALA K 89 -79.71 17.48 -10.45
N CYS K 90 -78.95 18.07 -9.51
CA CYS K 90 -79.37 18.08 -8.11
C CYS K 90 -80.45 19.10 -7.83
N GLY K 91 -80.79 19.95 -8.79
CA GLY K 91 -81.88 20.89 -8.63
C GLY K 91 -81.46 22.26 -8.13
N TYR K 92 -80.49 22.85 -8.81
CA TYR K 92 -79.95 24.16 -8.44
C TYR K 92 -80.19 25.15 -9.58
N LYS K 93 -80.76 26.30 -9.24
CA LYS K 93 -80.92 27.35 -10.23
C LYS K 93 -79.56 27.98 -10.51
N ILE K 94 -79.03 27.72 -11.70
CA ILE K 94 -77.77 28.30 -12.12
C ILE K 94 -78.06 29.64 -12.79
N ALA K 95 -77.52 30.71 -12.23
CA ALA K 95 -77.81 32.03 -12.78
C ALA K 95 -76.95 32.33 -14.00
N SER K 96 -75.63 32.37 -13.82
CA SER K 96 -74.73 32.71 -14.91
C SER K 96 -73.47 31.87 -14.83
N ILE K 97 -72.86 31.66 -15.98
CA ILE K 97 -71.66 30.84 -16.11
C ILE K 97 -70.53 31.76 -16.57
N THR K 98 -69.36 31.65 -15.95
CA THR K 98 -68.29 32.59 -16.20
C THR K 98 -66.96 31.89 -16.28
N ASP K 99 -66.21 32.16 -17.36
CA ASP K 99 -64.84 31.71 -17.49
C ASP K 99 -63.92 32.57 -16.64
N VAL K 100 -63.14 31.93 -15.78
CA VAL K 100 -61.98 32.55 -15.16
C VAL K 100 -60.76 31.72 -15.55
N THR K 101 -59.76 32.38 -16.10
CA THR K 101 -58.62 31.65 -16.63
C THR K 101 -57.36 32.47 -16.46
N PRO K 102 -56.37 31.96 -15.76
CA PRO K 102 -55.12 32.73 -15.56
C PRO K 102 -54.25 32.72 -16.80
N ILE K 103 -54.25 33.84 -17.52
CA ILE K 103 -53.44 33.94 -18.72
C ILE K 103 -52.41 35.05 -18.55
N PRO K 104 -51.14 34.71 -18.44
CA PRO K 104 -50.12 35.74 -18.31
C PRO K 104 -49.89 36.44 -19.63
N HIS K 105 -49.70 37.75 -19.56
CA HIS K 105 -49.38 38.50 -20.76
C HIS K 105 -47.99 38.16 -21.25
N ASN K 106 -47.01 38.16 -20.36
CA ASN K 106 -45.73 37.54 -20.67
C ASN K 106 -45.39 36.44 -19.67
N GLY K 107 -45.39 36.73 -18.38
CA GLY K 107 -45.30 35.73 -17.35
C GLY K 107 -43.91 35.13 -17.22
N CYS K 108 -43.79 34.24 -16.24
CA CYS K 108 -42.57 33.47 -16.08
C CYS K 108 -42.49 32.40 -17.15
N ARG K 109 -41.30 31.91 -17.38
CA ARG K 109 -41.18 30.92 -18.45
C ARG K 109 -41.58 29.54 -17.92
N PRO K 110 -42.25 28.74 -18.75
CA PRO K 110 -42.74 27.45 -18.31
C PRO K 110 -41.63 26.42 -18.30
N PRO K 111 -41.88 25.20 -17.82
CA PRO K 111 -40.86 24.16 -17.92
C PRO K 111 -40.59 23.73 -19.35
N LYS K 112 -39.55 22.90 -19.49
CA LYS K 112 -39.03 22.50 -20.80
C LYS K 112 -39.93 21.44 -21.43
N LYS K 113 -39.67 21.17 -22.70
CA LYS K 113 -40.51 20.26 -23.47
C LYS K 113 -40.11 18.80 -23.22
N ARG K 114 -41.12 17.95 -23.11
CA ARG K 114 -40.91 16.54 -22.85
C ARG K 114 -40.32 15.84 -24.07
N ARG K 115 -39.69 14.70 -23.84
CA ARG K 115 -39.19 13.89 -24.94
C ARG K 115 -39.52 12.42 -24.70
N ALA L 1 -8.06 33.61 -61.26
CA ALA L 1 -7.48 34.75 -60.57
C ALA L 1 -7.13 35.83 -61.57
N THR L 2 -7.27 37.08 -61.18
CA THR L 2 -7.00 38.17 -62.10
C THR L 2 -5.50 38.34 -62.30
N ILE L 3 -5.14 39.19 -63.25
CA ILE L 3 -3.75 39.36 -63.61
C ILE L 3 -3.01 40.13 -62.53
N ASN L 4 -3.69 41.08 -61.89
CA ASN L 4 -3.03 41.93 -60.92
C ASN L 4 -2.81 41.22 -59.59
N GLN L 5 -3.32 40.00 -59.43
CA GLN L 5 -2.97 39.19 -58.28
C GLN L 5 -1.77 38.31 -58.57
N LEU L 6 -1.67 37.80 -59.78
CA LEU L 6 -0.57 36.93 -60.16
C LEU L 6 0.74 37.67 -60.28
N VAL L 7 0.70 38.98 -60.51
CA VAL L 7 1.90 39.80 -60.42
C VAL L 7 2.39 39.85 -58.98
N ARG L 8 1.46 39.92 -58.03
CA ARG L 8 1.85 40.05 -56.63
C ARG L 8 2.22 38.71 -56.01
N LYS L 9 1.68 37.60 -56.52
CA LYS L 9 1.97 36.28 -55.97
C LYS L 9 1.85 35.21 -57.06
N PRO L 10 2.93 34.96 -57.79
CA PRO L 10 2.84 34.10 -58.98
C PRO L 10 2.60 32.65 -58.65
N ARG L 11 2.20 31.90 -59.68
CA ARG L 11 1.73 30.52 -59.52
C ARG L 11 2.90 29.60 -59.28
N LYS L 12 2.97 29.04 -58.08
CA LYS L 12 4.10 28.25 -57.63
C LYS L 12 3.77 26.79 -57.84
N ARG L 13 4.54 26.13 -58.71
CA ARG L 13 4.25 24.76 -59.09
C ARG L 13 4.69 23.80 -57.99
N MET L 14 3.78 22.93 -57.57
CA MET L 14 4.08 22.00 -56.49
C MET L 14 4.98 20.87 -56.98
N VAL L 15 5.75 20.31 -56.05
CA VAL L 15 6.78 19.34 -56.40
C VAL L 15 6.46 17.99 -55.74
N ASP L 16 7.00 16.94 -56.33
CA ASP L 16 6.92 15.59 -55.79
C ASP L 16 8.26 15.20 -55.20
N LYS L 17 8.33 13.97 -54.68
CA LYS L 17 9.56 13.41 -54.19
C LYS L 17 9.64 11.95 -54.61
N SER L 18 10.81 11.36 -54.44
CA SER L 18 11.09 10.04 -54.98
C SER L 18 10.37 8.97 -54.20
N ASP L 19 9.72 8.06 -54.93
CA ASP L 19 9.15 6.86 -54.32
C ASP L 19 10.20 5.89 -53.83
N VAL L 20 11.43 6.03 -54.30
CA VAL L 20 12.57 5.28 -53.78
C VAL L 20 13.47 6.29 -53.07
N PRO L 21 13.30 6.47 -51.77
CA PRO L 21 14.06 7.51 -51.07
C PRO L 21 15.51 7.12 -50.82
N ALA L 22 15.74 5.83 -50.57
CA ALA L 22 17.13 5.33 -50.45
C ALA L 22 17.77 5.28 -51.85
N LEU L 23 19.01 4.76 -51.97
CA LEU L 23 19.80 4.72 -53.24
C LEU L 23 19.59 6.01 -54.02
N GLN L 24 20.07 7.11 -53.45
CA GLN L 24 19.84 8.47 -53.90
C GLN L 24 20.47 8.70 -55.28
N ASN L 25 19.60 8.68 -56.29
CA ASN L 25 19.94 8.89 -57.70
C ASN L 25 20.99 7.90 -58.18
N CYS L 26 20.67 6.61 -58.07
CA CYS L 26 21.52 5.55 -58.60
C CYS L 26 20.66 4.33 -58.85
N PRO L 27 20.93 3.57 -59.91
CA PRO L 27 20.00 2.51 -60.30
C PRO L 27 20.10 1.24 -59.47
N GLN L 28 21.30 0.84 -59.09
CA GLN L 28 21.50 -0.29 -58.20
C GLN L 28 22.19 0.17 -56.93
N ARG L 29 22.36 -0.76 -56.00
CA ARG L 29 22.99 -0.50 -54.71
C ARG L 29 23.27 -1.85 -54.06
N ARG L 30 24.42 -1.99 -53.41
CA ARG L 30 24.67 -3.24 -52.72
C ARG L 30 24.38 -3.08 -51.24
N GLY L 31 24.27 -4.21 -50.57
CA GLY L 31 24.11 -4.22 -49.14
C GLY L 31 24.27 -5.63 -48.61
N VAL L 32 24.55 -5.72 -47.34
CA VAL L 32 24.63 -7.01 -46.67
C VAL L 32 23.29 -7.23 -45.98
N CYS L 33 22.88 -8.49 -45.89
CA CYS L 33 21.57 -8.81 -45.36
C CYS L 33 21.66 -9.15 -43.87
N THR L 34 20.52 -9.00 -43.19
CA THR L 34 20.44 -9.19 -41.75
C THR L 34 19.51 -10.33 -41.35
N ARG L 35 18.28 -10.31 -41.84
CA ARG L 35 17.26 -11.25 -41.42
C ARG L 35 16.50 -11.71 -42.65
N VAL L 36 16.08 -12.97 -42.66
CA VAL L 36 15.25 -13.50 -43.74
C VAL L 36 13.92 -13.90 -43.12
N TYR L 37 12.95 -12.98 -43.14
CA TYR L 37 11.62 -13.31 -42.69
C TYR L 37 10.89 -14.09 -43.78
N THR L 38 9.68 -14.54 -43.44
CA THR L 38 8.69 -15.03 -44.41
C THR L 38 7.34 -14.49 -43.93
N THR L 39 6.93 -13.36 -44.50
CA THR L 39 5.70 -12.71 -44.06
C THR L 39 4.52 -13.11 -44.94
N THR L 40 3.33 -12.71 -44.49
CA THR L 40 2.01 -12.92 -45.06
C THR L 40 1.50 -11.67 -45.74
N PRO L 41 0.82 -11.79 -46.87
CA PRO L 41 0.37 -10.60 -47.61
C PRO L 41 -0.86 -9.94 -47.00
N LYS L 42 -1.46 -9.01 -47.74
CA LYS L 42 -2.67 -8.32 -47.30
C LYS L 42 -3.90 -9.22 -47.51
N LYS L 43 -5.09 -8.62 -47.43
CA LYS L 43 -6.30 -9.40 -47.25
C LYS L 43 -6.74 -10.22 -48.47
N PRO L 44 -6.92 -9.66 -49.68
CA PRO L 44 -7.56 -10.48 -50.74
C PRO L 44 -6.67 -11.56 -51.33
N ASN L 45 -5.42 -11.68 -50.93
CA ASN L 45 -4.59 -12.80 -51.35
C ASN L 45 -4.47 -13.82 -50.23
N SER L 46 -3.72 -14.87 -50.51
CA SER L 46 -3.32 -15.84 -49.49
C SER L 46 -2.06 -16.52 -49.99
N ALA L 47 -0.96 -16.31 -49.27
CA ALA L 47 0.37 -16.80 -49.66
C ALA L 47 1.27 -16.66 -48.46
N LEU L 48 2.58 -16.81 -48.68
CA LEU L 48 3.58 -16.56 -47.65
C LEU L 48 4.83 -16.02 -48.35
N ARG L 49 4.93 -14.70 -48.43
CA ARG L 49 5.98 -14.05 -49.19
C ARG L 49 7.29 -14.05 -48.42
N LYS L 50 8.41 -14.05 -49.15
CA LYS L 50 9.74 -14.15 -48.58
C LYS L 50 10.44 -12.80 -48.65
N VAL L 51 10.83 -12.27 -47.49
CA VAL L 51 11.30 -10.89 -47.36
C VAL L 51 12.60 -10.91 -46.57
N CYS L 52 13.65 -10.32 -47.15
CA CYS L 52 14.92 -10.12 -46.45
C CYS L 52 15.08 -8.64 -46.11
N ARG L 53 15.82 -8.38 -45.03
CA ARG L 53 16.10 -7.03 -44.57
C ARG L 53 17.59 -6.76 -44.71
N VAL L 54 17.91 -5.63 -45.32
CA VAL L 54 19.26 -5.35 -45.82
C VAL L 54 19.76 -4.07 -45.16
N ARG L 55 21.03 -4.06 -44.78
CA ARG L 55 21.73 -2.84 -44.40
C ARG L 55 22.66 -2.45 -45.55
N LEU L 56 22.42 -1.28 -46.15
CA LEU L 56 23.14 -0.89 -47.35
C LEU L 56 24.51 -0.33 -46.99
N THR L 57 25.18 0.28 -47.97
CA THR L 57 26.38 1.05 -47.69
C THR L 57 26.06 2.51 -47.38
N ASN L 58 24.81 2.94 -47.55
CA ASN L 58 24.38 4.23 -47.06
C ASN L 58 24.20 4.22 -45.55
N GLY L 59 23.98 3.05 -44.96
CA GLY L 59 23.64 2.93 -43.57
C GLY L 59 22.17 2.70 -43.31
N PHE L 60 21.34 2.65 -44.35
CA PHE L 60 19.91 2.53 -44.18
C PHE L 60 19.52 1.07 -44.02
N GLU L 61 18.42 0.84 -43.29
CA GLU L 61 17.98 -0.50 -42.91
C GLU L 61 16.58 -0.68 -43.49
N VAL L 62 16.51 -1.16 -44.73
CA VAL L 62 15.24 -1.27 -45.44
C VAL L 62 14.98 -2.72 -45.80
N SER L 63 13.70 -3.07 -45.83
CA SER L 63 13.31 -4.41 -46.23
C SER L 63 13.34 -4.53 -47.74
N SER L 64 13.39 -5.77 -48.22
CA SER L 64 13.49 -6.02 -49.65
C SER L 64 12.67 -7.24 -49.99
N TYR L 65 12.67 -7.58 -51.26
CA TYR L 65 11.91 -8.72 -51.76
C TYR L 65 12.82 -9.59 -52.60
N ILE L 66 12.56 -10.90 -52.56
CA ILE L 66 13.37 -11.87 -53.27
C ILE L 66 12.44 -12.67 -54.17
N GLY L 67 12.70 -12.64 -55.47
CA GLY L 67 11.87 -13.34 -56.43
C GLY L 67 12.33 -14.75 -56.66
N GLY L 68 11.95 -15.29 -57.81
CA GLY L 68 12.41 -16.61 -58.19
C GLY L 68 11.55 -17.72 -57.62
N GLU L 69 12.19 -18.86 -57.37
CA GLU L 69 11.51 -20.02 -56.82
C GLU L 69 12.27 -20.68 -55.67
N GLY L 70 13.48 -20.25 -55.38
CA GLY L 70 14.24 -20.78 -54.26
C GLY L 70 15.55 -20.04 -54.12
N HIS L 71 15.89 -19.62 -52.91
CA HIS L 71 17.04 -18.76 -52.70
C HIS L 71 18.00 -19.40 -51.71
N ASN L 72 19.29 -19.23 -51.95
CA ASN L 72 20.34 -19.74 -51.09
C ASN L 72 20.79 -18.72 -50.07
N LEU L 73 19.99 -17.71 -49.81
CA LEU L 73 20.46 -16.50 -49.14
C LEU L 73 20.46 -16.72 -47.64
N GLN L 74 21.58 -17.24 -47.15
CA GLN L 74 21.91 -17.22 -45.74
C GLN L 74 22.35 -15.80 -45.37
N GLU L 75 22.27 -15.49 -44.07
CA GLU L 75 22.56 -14.15 -43.59
C GLU L 75 24.04 -13.80 -43.77
N HIS L 76 24.34 -12.50 -43.58
CA HIS L 76 25.67 -11.91 -43.77
C HIS L 76 26.22 -12.11 -45.18
N SER L 77 25.35 -12.22 -46.17
CA SER L 77 25.75 -12.37 -47.56
C SER L 77 25.37 -11.12 -48.33
N VAL L 78 26.30 -10.63 -49.15
CA VAL L 78 26.04 -9.41 -49.90
C VAL L 78 25.02 -9.67 -50.99
N VAL L 79 24.23 -8.66 -51.30
CA VAL L 79 23.26 -8.73 -52.40
C VAL L 79 23.42 -7.47 -53.24
N LEU L 80 22.55 -7.29 -54.22
CA LEU L 80 22.55 -6.07 -55.03
C LEU L 80 21.08 -5.74 -55.27
N ILE L 81 20.57 -4.72 -54.59
CA ILE L 81 19.15 -4.44 -54.63
C ILE L 81 18.89 -3.39 -55.69
N ARG L 82 17.62 -3.28 -56.08
CA ARG L 82 17.17 -2.28 -57.03
C ARG L 82 15.74 -1.95 -56.66
N GLY L 83 15.21 -0.92 -57.31
CA GLY L 83 13.89 -0.44 -56.99
C GLY L 83 12.80 -1.38 -57.48
N GLY L 84 11.57 -0.99 -57.20
CA GLY L 84 10.43 -1.79 -57.58
C GLY L 84 9.45 -1.94 -56.44
N ARG L 85 8.22 -1.54 -56.65
CA ARG L 85 7.25 -1.35 -55.58
C ARG L 85 6.30 -2.55 -55.60
N VAL L 86 6.37 -3.39 -54.58
CA VAL L 86 5.47 -4.53 -54.50
C VAL L 86 4.15 -4.05 -53.90
N LYS L 87 3.06 -4.26 -54.66
CA LYS L 87 1.77 -3.76 -54.22
C LYS L 87 1.21 -4.59 -53.07
N ASP L 88 1.59 -5.87 -53.01
CA ASP L 88 0.95 -6.80 -52.09
C ASP L 88 1.38 -6.53 -50.65
N LEU L 89 2.66 -6.62 -50.39
CA LEU L 89 3.20 -6.49 -49.05
C LEU L 89 3.27 -5.02 -48.64
N PRO L 90 3.17 -4.74 -47.33
CA PRO L 90 3.40 -3.37 -46.87
C PRO L 90 4.84 -3.14 -46.46
N GLY L 91 5.34 -1.95 -46.80
CA GLY L 91 6.69 -1.57 -46.45
C GLY L 91 7.77 -2.09 -47.35
N VAL L 92 7.45 -2.96 -48.30
CA VAL L 92 8.43 -3.51 -49.21
C VAL L 92 8.53 -2.60 -50.42
N ARG L 93 9.73 -2.11 -50.69
CA ARG L 93 9.95 -1.20 -51.81
C ARG L 93 11.12 -1.58 -52.69
N TYR L 94 11.75 -2.73 -52.49
CA TYR L 94 12.96 -3.04 -53.22
C TYR L 94 12.97 -4.49 -53.64
N HIS L 95 13.31 -4.76 -54.88
CA HIS L 95 13.56 -6.12 -55.30
C HIS L 95 15.01 -6.47 -55.06
N THR L 96 15.44 -7.58 -55.64
CA THR L 96 16.81 -8.04 -55.46
C THR L 96 17.25 -8.75 -56.74
N VAL L 97 18.39 -8.30 -57.28
CA VAL L 97 18.87 -8.83 -58.55
C VAL L 97 19.38 -10.25 -58.36
N ARG L 98 18.90 -11.17 -59.19
CA ARG L 98 19.35 -12.54 -59.14
C ARG L 98 20.58 -12.71 -60.01
N GLY L 99 21.46 -13.60 -59.60
CA GLY L 99 22.63 -13.95 -60.39
C GLY L 99 23.75 -12.94 -60.40
N SER L 100 23.65 -11.85 -59.64
CA SER L 100 24.64 -10.79 -59.75
C SER L 100 25.87 -11.08 -58.89
N LEU L 101 25.69 -11.14 -57.57
CA LEU L 101 26.80 -11.30 -56.63
C LEU L 101 26.76 -12.62 -55.88
N ASP L 102 25.64 -12.92 -55.23
CA ASP L 102 25.60 -14.07 -54.33
C ASP L 102 24.37 -14.93 -54.58
N THR L 103 23.31 -14.32 -55.11
CA THR L 103 22.02 -15.01 -55.20
C THR L 103 22.03 -16.08 -56.28
N SER L 104 22.87 -15.92 -57.31
CA SER L 104 23.23 -16.96 -58.27
C SER L 104 22.06 -17.48 -59.10
N GLY L 105 21.00 -16.70 -59.23
CA GLY L 105 19.97 -17.00 -60.20
C GLY L 105 19.08 -18.17 -59.81
N VAL L 106 18.41 -18.70 -60.83
CA VAL L 106 17.55 -19.88 -60.66
C VAL L 106 18.04 -20.97 -61.59
N LYS L 107 17.34 -22.10 -61.60
CA LYS L 107 17.78 -23.28 -62.33
C LYS L 107 16.58 -23.99 -62.91
N ASP L 108 16.80 -24.63 -64.06
CA ASP L 108 15.77 -25.19 -64.94
C ASP L 108 14.69 -24.16 -65.24
N ARG L 109 15.11 -23.11 -65.93
CA ARG L 109 14.18 -22.08 -66.37
C ARG L 109 14.50 -21.72 -67.80
N LYS L 110 13.48 -21.68 -68.66
CA LYS L 110 13.69 -21.51 -70.09
C LYS L 110 12.82 -20.42 -70.70
N GLN L 111 12.09 -19.65 -69.92
CA GLN L 111 11.31 -18.55 -70.44
C GLN L 111 11.65 -17.28 -69.68
N GLY L 112 12.18 -16.29 -70.38
CA GLY L 112 12.60 -15.05 -69.78
C GLY L 112 13.79 -15.25 -68.85
N ARG L 113 14.95 -15.59 -69.41
CA ARG L 113 16.10 -15.90 -68.57
C ARG L 113 16.96 -14.69 -68.25
N SER L 114 16.84 -13.60 -69.02
CA SER L 114 17.60 -12.41 -68.68
C SER L 114 17.04 -11.78 -67.43
N LYS L 115 15.74 -11.89 -67.23
CA LYS L 115 15.18 -11.76 -65.89
C LYS L 115 15.50 -13.04 -65.13
N TYR L 116 15.89 -12.87 -63.86
CA TYR L 116 16.28 -13.91 -62.89
C TYR L 116 17.65 -14.49 -63.18
N GLY L 117 18.29 -14.13 -64.30
CA GLY L 117 19.66 -14.51 -64.55
C GLY L 117 19.94 -15.97 -64.76
N ALA L 118 19.48 -16.54 -65.88
CA ALA L 118 19.75 -17.91 -66.24
C ALA L 118 20.48 -17.96 -67.58
N LYS L 119 21.30 -18.99 -67.77
CA LYS L 119 22.15 -19.07 -68.96
C LYS L 119 21.37 -19.64 -70.13
N ARG L 120 22.07 -19.99 -71.20
CA ARG L 120 21.42 -20.59 -72.35
C ARG L 120 21.91 -22.02 -72.53
N PRO L 121 21.02 -23.02 -72.55
CA PRO L 121 21.36 -24.43 -72.71
C PRO L 121 21.86 -24.78 -74.11
N ARG M 1 -60.59 -66.26 3.99
CA ARG M 1 -61.31 -66.74 5.16
C ARG M 1 -62.81 -66.79 4.89
N ILE M 2 -63.35 -65.73 4.28
CA ILE M 2 -64.74 -65.75 3.86
C ILE M 2 -64.92 -66.65 2.65
N ALA M 3 -64.12 -66.43 1.61
CA ALA M 3 -64.03 -67.38 0.51
C ALA M 3 -62.57 -67.59 0.11
N GLY M 4 -61.64 -67.26 1.00
CA GLY M 4 -60.23 -67.17 0.67
C GLY M 4 -59.75 -65.77 0.94
N VAL M 5 -60.58 -64.79 0.58
CA VAL M 5 -60.42 -63.39 0.97
C VAL M 5 -61.78 -62.89 1.44
N ASN M 6 -61.80 -61.64 1.90
CA ASN M 6 -63.06 -60.99 2.20
C ASN M 6 -63.77 -60.65 0.90
N ILE M 7 -65.10 -60.70 0.93
CA ILE M 7 -65.93 -60.45 -0.24
C ILE M 7 -66.84 -59.28 0.09
N PRO M 8 -66.96 -58.28 -0.80
CA PRO M 8 -67.82 -57.13 -0.50
C PRO M 8 -69.29 -57.51 -0.50
N ASP M 9 -70.09 -56.57 -0.02
CA ASP M 9 -71.52 -56.75 0.12
C ASP M 9 -72.25 -55.69 -0.71
N ASN M 10 -73.58 -55.83 -0.74
CA ASN M 10 -74.50 -54.98 -1.52
C ASN M 10 -74.16 -54.98 -3.01
N LYS M 11 -73.62 -56.08 -3.51
CA LYS M 11 -73.24 -56.20 -4.90
C LYS M 11 -73.80 -57.49 -5.47
N HIS M 12 -73.84 -57.55 -6.79
CA HIS M 12 -74.21 -58.78 -7.45
C HIS M 12 -73.08 -59.81 -7.33
N THR M 13 -73.40 -61.06 -7.67
CA THR M 13 -72.54 -62.17 -7.31
C THR M 13 -71.30 -62.24 -8.18
N VAL M 14 -71.44 -62.04 -9.49
CA VAL M 14 -70.32 -62.11 -10.41
C VAL M 14 -69.32 -61.00 -10.14
N ILE M 15 -69.81 -59.82 -9.77
CA ILE M 15 -68.91 -58.74 -9.36
C ILE M 15 -68.25 -59.07 -8.04
N SER M 16 -68.97 -59.75 -7.16
CA SER M 16 -68.43 -60.05 -5.83
C SER M 16 -67.37 -61.14 -5.92
N LEU M 17 -67.54 -62.10 -6.83
CA LEU M 17 -66.57 -63.17 -6.98
C LEU M 17 -65.30 -62.74 -7.70
N THR M 18 -65.28 -61.52 -8.25
CA THR M 18 -64.14 -61.06 -9.04
C THR M 18 -62.92 -60.83 -8.17
N TYR M 19 -63.13 -60.43 -6.91
CA TYR M 19 -62.04 -60.12 -6.00
C TYR M 19 -61.32 -61.34 -5.45
N ILE M 20 -61.67 -62.54 -5.90
CA ILE M 20 -61.08 -63.75 -5.33
C ILE M 20 -59.71 -64.05 -5.93
N TYR M 21 -59.30 -63.29 -6.95
CA TYR M 21 -57.92 -63.17 -7.42
C TYR M 21 -57.38 -64.50 -7.95
N GLY M 22 -57.92 -64.86 -9.11
CA GLY M 22 -57.64 -66.15 -9.73
C GLY M 22 -58.86 -66.57 -10.51
N VAL M 23 -59.94 -65.81 -10.35
CA VAL M 23 -61.13 -65.91 -11.17
C VAL M 23 -61.41 -64.54 -11.75
N GLY M 24 -61.45 -64.46 -13.07
CA GLY M 24 -61.76 -63.20 -13.71
C GLY M 24 -63.24 -62.94 -13.79
N ARG M 25 -63.72 -62.56 -14.96
CA ARG M 25 -65.12 -62.27 -15.19
C ARG M 25 -65.84 -63.37 -15.95
N THR M 26 -65.17 -63.95 -16.94
CA THR M 26 -65.77 -65.04 -17.69
C THR M 26 -65.80 -66.33 -16.87
N THR M 27 -64.84 -66.50 -15.96
CA THR M 27 -64.80 -67.70 -15.16
C THR M 27 -65.88 -67.67 -14.07
N ALA M 28 -66.13 -66.50 -13.49
CA ALA M 28 -67.19 -66.38 -12.49
C ALA M 28 -68.57 -66.46 -13.09
N GLN M 29 -68.70 -66.38 -14.40
CA GLN M 29 -70.00 -66.59 -15.04
C GLN M 29 -70.28 -68.08 -15.21
N SER M 30 -69.23 -68.91 -15.19
CA SER M 30 -69.41 -70.35 -15.22
C SER M 30 -69.75 -70.92 -13.84
N ILE M 31 -69.22 -70.31 -12.78
CA ILE M 31 -69.41 -70.85 -11.44
C ILE M 31 -70.84 -70.65 -10.98
N CYS M 32 -71.44 -69.49 -11.26
CA CYS M 32 -72.86 -69.33 -11.02
C CYS M 32 -73.71 -70.15 -11.97
N ALA M 33 -73.16 -70.56 -13.11
CA ALA M 33 -73.89 -71.46 -13.99
C ALA M 33 -73.79 -72.91 -13.52
N ALA M 34 -72.62 -73.30 -13.02
CA ALA M 34 -72.42 -74.69 -12.60
C ALA M 34 -73.07 -74.97 -11.25
N THR M 35 -73.05 -74.00 -10.35
CA THR M 35 -73.66 -74.18 -9.03
C THR M 35 -75.16 -73.91 -9.08
N GLY M 36 -75.56 -72.80 -9.68
CA GLY M 36 -76.97 -72.43 -9.77
C GLY M 36 -77.31 -71.16 -9.03
N VAL M 37 -76.33 -70.47 -8.45
CA VAL M 37 -76.58 -69.21 -7.75
C VAL M 37 -76.94 -68.14 -8.76
N ASN M 38 -78.02 -67.42 -8.49
CA ASN M 38 -78.43 -66.31 -9.35
C ASN M 38 -77.51 -65.12 -9.11
N PRO M 39 -76.86 -64.57 -10.13
CA PRO M 39 -76.11 -63.32 -9.93
C PRO M 39 -77.00 -62.12 -9.73
N ALA M 40 -78.26 -62.17 -10.17
CA ALA M 40 -79.15 -61.02 -10.11
C ALA M 40 -79.52 -60.61 -8.70
N ALA M 41 -79.41 -61.52 -7.73
CA ALA M 41 -79.59 -61.18 -6.33
C ALA M 41 -78.26 -60.75 -5.73
N LYS M 42 -78.34 -60.05 -4.60
CA LYS M 42 -77.14 -59.63 -3.92
C LYS M 42 -76.53 -60.79 -3.14
N ILE M 43 -75.34 -60.54 -2.58
CA ILE M 43 -74.72 -61.54 -1.73
C ILE M 43 -75.34 -61.52 -0.32
N LYS M 44 -76.04 -60.44 0.03
CA LYS M 44 -76.75 -60.39 1.30
C LYS M 44 -77.96 -61.32 1.29
N ASP M 45 -78.68 -61.37 0.16
CA ASP M 45 -79.92 -62.13 0.06
C ASP M 45 -79.69 -63.63 -0.08
N LEU M 46 -78.45 -64.08 -0.19
CA LEU M 46 -78.18 -65.49 -0.40
C LEU M 46 -78.37 -66.27 0.90
N SER M 47 -78.27 -67.59 0.76
CA SER M 47 -78.30 -68.48 1.90
C SER M 47 -76.87 -68.80 2.33
N ASP M 48 -76.72 -69.13 3.61
CA ASP M 48 -75.46 -69.59 4.18
C ASP M 48 -75.21 -71.09 3.97
N GLU M 49 -75.91 -71.68 3.01
CA GLU M 49 -75.91 -73.11 2.75
C GLU M 49 -74.98 -73.46 1.61
N GLN M 50 -75.20 -72.85 0.45
CA GLN M 50 -74.61 -73.24 -0.82
C GLN M 50 -73.28 -72.56 -1.07
N ILE M 51 -72.77 -71.80 -0.10
CA ILE M 51 -71.51 -71.09 -0.28
C ILE M 51 -70.34 -72.07 -0.29
N ASP M 52 -70.52 -73.25 0.32
CA ASP M 52 -69.55 -74.33 0.20
C ASP M 52 -69.37 -74.76 -1.25
N GLN M 53 -70.46 -74.77 -2.02
CA GLN M 53 -70.38 -75.09 -3.43
C GLN M 53 -69.67 -73.98 -4.20
N LEU M 54 -69.80 -72.74 -3.73
CA LEU M 54 -68.93 -71.68 -4.22
C LEU M 54 -67.51 -71.88 -3.70
N ARG M 55 -67.38 -72.33 -2.44
CA ARG M 55 -66.06 -72.66 -1.90
C ARG M 55 -65.48 -73.93 -2.49
N ASN M 56 -66.31 -74.82 -3.05
CA ASN M 56 -65.79 -75.97 -3.76
C ASN M 56 -65.05 -75.54 -5.03
N GLU M 57 -65.54 -74.51 -5.69
CA GLU M 57 -64.95 -74.07 -6.94
C GLU M 57 -63.62 -73.36 -6.69
N VAL M 58 -63.47 -72.72 -5.54
CA VAL M 58 -62.22 -72.06 -5.19
C VAL M 58 -61.12 -73.09 -4.94
N ALA M 59 -61.50 -74.27 -4.47
CA ALA M 59 -60.58 -75.38 -4.25
C ALA M 59 -60.28 -76.17 -5.53
N LYS M 60 -60.53 -75.59 -6.70
CA LYS M 60 -60.32 -76.28 -7.97
C LYS M 60 -59.60 -75.45 -9.02
N ILE M 61 -59.27 -74.19 -8.74
CA ILE M 61 -58.67 -73.36 -9.79
C ILE M 61 -57.27 -72.92 -9.39
N THR M 62 -57.18 -72.05 -8.38
CA THR M 62 -55.95 -71.53 -7.79
C THR M 62 -56.33 -70.63 -6.62
N THR M 63 -55.32 -70.28 -5.83
CA THR M 63 -55.45 -69.38 -4.69
C THR M 63 -54.32 -68.37 -4.77
N GLU M 64 -54.66 -67.08 -4.61
CA GLU M 64 -53.74 -65.98 -4.85
C GLU M 64 -52.51 -66.03 -3.94
N GLY M 65 -52.65 -66.57 -2.73
CA GLY M 65 -51.50 -66.74 -1.87
C GLY M 65 -50.50 -67.75 -2.38
N ASP M 66 -50.96 -68.69 -3.22
CA ASP M 66 -50.05 -69.62 -3.89
C ASP M 66 -49.99 -69.42 -5.39
N LEU M 67 -50.92 -68.64 -5.96
CA LEU M 67 -50.82 -68.28 -7.37
C LEU M 67 -49.60 -67.42 -7.63
N ARG M 68 -49.33 -66.47 -6.74
CA ARG M 68 -48.18 -65.59 -6.90
C ARG M 68 -46.88 -66.31 -6.58
N ARG M 69 -46.94 -67.36 -5.78
CA ARG M 69 -45.76 -68.16 -5.50
C ARG M 69 -45.34 -68.94 -6.75
N GLU M 70 -46.29 -69.60 -7.39
CA GLU M 70 -45.95 -70.48 -8.50
C GLU M 70 -45.62 -69.70 -9.77
N ILE M 71 -46.21 -68.52 -9.94
CA ILE M 71 -45.90 -67.70 -11.10
C ILE M 71 -44.52 -67.08 -10.97
N ASN M 72 -44.01 -66.97 -9.75
CA ASN M 72 -42.66 -66.48 -9.52
C ASN M 72 -41.63 -67.50 -9.99
N MET M 73 -41.91 -68.79 -9.79
CA MET M 73 -41.01 -69.82 -10.27
C MET M 73 -41.04 -69.95 -11.79
N ASN M 74 -42.14 -69.54 -12.43
CA ASN M 74 -42.11 -69.41 -13.88
C ASN M 74 -41.19 -68.28 -14.29
N ILE M 75 -41.18 -67.19 -13.52
CA ILE M 75 -40.17 -66.16 -13.73
C ILE M 75 -38.80 -66.67 -13.34
N LYS M 76 -38.72 -67.39 -12.22
CA LYS M 76 -37.43 -67.83 -11.69
C LYS M 76 -36.77 -68.88 -12.57
N ARG M 77 -37.56 -69.74 -13.22
CA ARG M 77 -37.02 -70.67 -14.20
C ARG M 77 -36.42 -69.92 -15.39
N LEU M 78 -37.02 -68.81 -15.78
CA LEU M 78 -36.49 -68.09 -16.93
C LEU M 78 -35.21 -67.34 -16.61
N MET M 79 -35.02 -66.94 -15.35
CA MET M 79 -33.84 -66.16 -15.00
C MET M 79 -32.61 -67.04 -14.86
N ASP M 80 -32.71 -68.13 -14.11
CA ASP M 80 -31.52 -68.91 -13.77
C ASP M 80 -31.01 -69.75 -14.94
N LEU M 81 -31.83 -69.96 -15.97
CA LEU M 81 -31.33 -70.58 -17.18
C LEU M 81 -30.52 -69.63 -18.05
N GLY M 82 -30.68 -68.33 -17.85
CA GLY M 82 -29.98 -67.39 -18.70
C GLY M 82 -30.50 -67.31 -20.11
N CYS M 83 -31.75 -67.71 -20.34
CA CYS M 83 -32.35 -67.54 -21.64
C CYS M 83 -32.66 -66.06 -21.88
N TYR M 84 -32.88 -65.72 -23.15
CA TYR M 84 -33.08 -64.33 -23.53
C TYR M 84 -34.36 -63.75 -22.94
N ARG M 85 -35.39 -64.56 -22.79
CA ARG M 85 -36.61 -64.06 -22.18
C ARG M 85 -36.42 -63.78 -20.70
N GLY M 86 -35.47 -64.46 -20.05
CA GLY M 86 -35.16 -64.16 -18.68
C GLY M 86 -33.93 -63.29 -18.53
N LEU M 87 -33.23 -63.07 -19.65
CA LEU M 87 -32.07 -62.18 -19.63
C LEU M 87 -32.49 -60.74 -19.40
N ARG M 88 -33.45 -60.26 -20.18
CA ARG M 88 -33.99 -58.93 -19.94
C ARG M 88 -34.94 -58.90 -18.75
N HIS M 89 -35.48 -60.05 -18.37
CA HIS M 89 -36.43 -60.06 -17.26
C HIS M 89 -35.74 -59.88 -15.93
N ARG M 90 -34.45 -60.21 -15.87
CA ARG M 90 -33.63 -59.82 -14.73
C ARG M 90 -33.51 -58.31 -14.63
N ARG M 91 -33.29 -57.66 -15.76
CA ARG M 91 -32.87 -56.26 -15.76
C ARG M 91 -34.05 -55.32 -15.56
N GLY M 92 -35.09 -55.46 -16.38
CA GLY M 92 -36.25 -54.59 -16.28
C GLY M 92 -36.79 -54.15 -17.63
N LEU M 93 -36.16 -54.62 -18.70
CA LEU M 93 -36.58 -54.31 -20.05
C LEU M 93 -37.92 -54.97 -20.37
N PRO M 94 -38.61 -54.50 -21.42
CA PRO M 94 -39.78 -55.24 -21.91
C PRO M 94 -39.38 -56.61 -22.45
N VAL M 95 -40.38 -57.48 -22.55
CA VAL M 95 -40.16 -58.91 -22.73
C VAL M 95 -40.71 -59.40 -24.06
N ARG M 96 -41.96 -59.04 -24.39
CA ARG M 96 -42.66 -59.61 -25.53
C ARG M 96 -42.09 -59.17 -26.87
N GLY M 97 -41.25 -58.15 -26.90
CA GLY M 97 -40.71 -57.67 -28.16
C GLY M 97 -41.23 -56.30 -28.53
N GLN M 98 -41.45 -55.46 -27.54
CA GLN M 98 -41.88 -54.09 -27.78
C GLN M 98 -40.70 -53.24 -28.22
N ARG M 99 -40.95 -51.95 -28.38
CA ARG M 99 -39.90 -51.03 -28.75
C ARG M 99 -39.27 -50.47 -27.47
N THR M 100 -37.97 -50.28 -27.50
CA THR M 100 -37.20 -49.96 -26.30
C THR M 100 -36.61 -48.55 -26.31
N LYS M 101 -36.32 -48.02 -27.50
CA LYS M 101 -35.64 -46.73 -27.64
C LYS M 101 -36.43 -45.59 -27.04
N THR M 102 -37.75 -45.67 -27.10
CA THR M 102 -38.63 -44.66 -26.55
C THR M 102 -39.82 -45.41 -25.96
N ASN M 103 -40.58 -44.74 -25.09
CA ASN M 103 -41.97 -44.99 -24.76
C ASN M 103 -42.22 -46.20 -23.87
N ALA M 104 -41.21 -47.01 -23.55
CA ALA M 104 -41.46 -48.18 -22.71
C ALA M 104 -41.30 -47.79 -21.24
N ARG M 105 -42.27 -47.03 -20.74
CA ARG M 105 -42.08 -46.35 -19.47
C ARG M 105 -42.77 -47.07 -18.30
N THR M 106 -43.72 -47.95 -18.56
CA THR M 106 -44.35 -48.70 -17.47
C THR M 106 -43.53 -49.87 -16.98
N ARG M 107 -42.31 -50.05 -17.48
CA ARG M 107 -41.35 -50.99 -16.91
C ARG M 107 -40.07 -50.30 -16.47
N LYS M 108 -40.06 -48.97 -16.48
CA LYS M 108 -38.91 -48.21 -16.02
C LYS M 108 -39.27 -47.08 -15.08
N GLY M 109 -40.55 -46.76 -14.91
CA GLY M 109 -40.96 -45.70 -14.02
C GLY M 109 -40.67 -44.32 -14.58
N PRO M 110 -41.00 -43.28 -13.81
CA PRO M 110 -40.76 -41.88 -14.20
C PRO M 110 -39.28 -41.53 -14.32
N LYS N 1 -28.47 -51.57 -59.29
CA LYS N 1 -27.29 -52.09 -59.97
C LYS N 1 -27.69 -52.89 -61.20
N GLU N 2 -26.69 -53.37 -61.93
CA GLU N 2 -26.92 -54.34 -62.99
C GLU N 2 -26.59 -55.75 -62.54
N SER N 3 -25.60 -55.91 -61.67
CA SER N 3 -25.31 -57.21 -61.09
C SER N 3 -26.39 -57.67 -60.12
N MET N 4 -27.33 -56.80 -59.73
CA MET N 4 -28.37 -57.17 -58.79
C MET N 4 -29.67 -57.55 -59.48
N LYS N 5 -29.92 -57.04 -60.69
CA LYS N 5 -30.99 -57.60 -61.50
C LYS N 5 -30.67 -59.01 -61.91
N ASN N 6 -29.39 -59.29 -62.16
CA ASN N 6 -28.99 -60.56 -62.74
C ASN N 6 -29.11 -61.68 -61.72
N ARG N 7 -28.89 -61.40 -60.44
CA ARG N 7 -29.04 -62.45 -59.45
C ARG N 7 -30.49 -62.72 -59.08
N GLU N 8 -31.38 -61.75 -59.29
CA GLU N 8 -32.80 -61.98 -59.10
C GLU N 8 -33.51 -62.29 -60.41
N LEU N 9 -32.77 -62.51 -61.48
CA LEU N 9 -33.35 -63.15 -62.65
C LEU N 9 -33.40 -64.66 -62.47
N LYS N 10 -32.29 -65.25 -62.03
CA LYS N 10 -32.22 -66.69 -61.88
C LYS N 10 -33.03 -67.22 -60.70
N ARG N 11 -33.47 -66.35 -59.78
CA ARG N 11 -34.44 -66.81 -58.79
C ARG N 11 -35.76 -67.13 -59.45
N GLN N 12 -36.13 -66.39 -60.50
CA GLN N 12 -37.39 -66.63 -61.18
C GLN N 12 -37.33 -67.93 -61.98
N LEU N 13 -36.14 -68.34 -62.40
CA LEU N 13 -35.99 -69.63 -63.06
C LEU N 13 -36.17 -70.77 -62.07
N THR N 14 -35.48 -70.70 -60.93
CA THR N 14 -35.44 -71.82 -60.00
C THR N 14 -36.77 -72.01 -59.28
N VAL N 15 -37.57 -70.94 -59.15
CA VAL N 15 -38.92 -71.11 -58.64
C VAL N 15 -39.79 -71.81 -59.68
N ALA N 16 -39.76 -71.33 -60.91
CA ALA N 16 -40.55 -71.93 -61.97
C ALA N 16 -39.97 -73.23 -62.48
N LYS N 17 -38.77 -73.62 -62.05
CA LYS N 17 -38.23 -74.92 -62.46
C LYS N 17 -38.91 -76.06 -61.73
N TYR N 18 -38.86 -76.03 -60.39
CA TYR N 18 -39.29 -77.21 -59.64
C TYR N 18 -40.81 -77.25 -59.58
N ALA N 19 -41.42 -76.35 -58.81
CA ALA N 19 -42.76 -75.80 -59.03
C ALA N 19 -43.92 -76.77 -58.96
N LYS N 20 -43.66 -78.06 -58.89
CA LYS N 20 -44.67 -79.11 -58.96
C LYS N 20 -44.50 -80.12 -57.84
N LYS N 21 -43.26 -80.44 -57.49
CA LYS N 21 -43.03 -81.32 -56.35
C LYS N 21 -43.42 -80.64 -55.06
N ARG N 22 -43.18 -79.33 -54.96
CA ARG N 22 -43.52 -78.61 -53.74
C ARG N 22 -45.02 -78.41 -53.60
N ALA N 23 -45.77 -78.53 -54.69
CA ALA N 23 -47.22 -78.65 -54.56
C ALA N 23 -47.59 -80.00 -53.97
N GLU N 24 -46.87 -81.06 -54.36
CA GLU N 24 -47.18 -82.40 -53.87
C GLU N 24 -46.77 -82.56 -52.43
N LEU N 25 -45.62 -82.02 -52.05
CA LEU N 25 -45.16 -82.13 -50.68
C LEU N 25 -46.03 -81.33 -49.72
N LYS N 26 -46.68 -80.28 -50.23
CA LYS N 26 -47.63 -79.52 -49.43
C LYS N 26 -49.05 -80.04 -49.62
N ALA N 27 -49.26 -80.99 -50.52
CA ALA N 27 -50.53 -81.70 -50.56
C ALA N 27 -50.56 -82.83 -49.55
N ILE N 28 -49.40 -83.41 -49.26
CA ILE N 28 -49.31 -84.51 -48.30
C ILE N 28 -49.53 -84.00 -46.90
N ILE N 29 -48.90 -82.89 -46.55
CA ILE N 29 -48.91 -82.39 -45.19
C ILE N 29 -50.28 -81.84 -44.82
N ALA N 30 -50.95 -81.20 -45.77
CA ALA N 30 -52.20 -80.49 -45.48
C ALA N 30 -53.39 -81.40 -45.26
N ASN N 31 -53.25 -82.69 -45.43
CA ASN N 31 -54.42 -83.54 -45.25
C ASN N 31 -54.54 -83.97 -43.79
N PRO N 32 -55.72 -83.85 -43.19
CA PRO N 32 -55.90 -84.41 -41.84
C PRO N 32 -55.94 -85.93 -41.83
N ASN N 33 -56.31 -86.55 -42.95
CA ASN N 33 -56.32 -88.00 -43.07
C ASN N 33 -54.95 -88.57 -43.42
N SER N 34 -53.95 -87.72 -43.60
CA SER N 34 -52.62 -88.20 -43.92
C SER N 34 -51.93 -88.74 -42.68
N SER N 35 -51.08 -89.74 -42.88
CA SER N 35 -50.33 -90.32 -41.78
C SER N 35 -49.02 -89.56 -41.59
N ALA N 36 -48.62 -89.42 -40.33
CA ALA N 36 -47.43 -88.65 -39.99
C ALA N 36 -46.15 -89.29 -40.47
N GLU N 37 -46.15 -90.62 -40.64
CA GLU N 37 -45.01 -91.28 -41.27
C GLU N 37 -44.89 -90.89 -42.74
N GLU N 38 -46.02 -90.70 -43.41
CA GLU N 38 -45.99 -90.12 -44.74
C GLU N 38 -45.74 -88.61 -44.71
N ARG N 39 -45.91 -87.98 -43.55
CA ARG N 39 -45.60 -86.56 -43.42
C ARG N 39 -44.14 -86.34 -43.09
N TRP N 40 -43.56 -87.18 -42.22
CA TRP N 40 -42.23 -86.92 -41.71
C TRP N 40 -41.16 -87.09 -42.79
N ASN N 41 -41.30 -88.12 -43.62
CA ASN N 41 -40.39 -88.25 -44.75
C ASN N 41 -40.68 -87.22 -45.84
N ALA N 42 -41.89 -86.67 -45.87
CA ALA N 42 -42.18 -85.57 -46.79
C ALA N 42 -41.53 -84.27 -46.33
N GLN N 43 -41.28 -84.15 -45.02
CA GLN N 43 -40.52 -83.01 -44.52
C GLN N 43 -39.08 -83.05 -44.98
N VAL N 44 -38.56 -84.27 -45.21
CA VAL N 44 -37.18 -84.45 -45.62
C VAL N 44 -36.94 -83.88 -47.01
N ALA N 45 -37.91 -84.07 -47.91
CA ALA N 45 -37.75 -83.65 -49.28
C ALA N 45 -37.86 -82.14 -49.45
N LEU N 46 -38.48 -81.43 -48.51
CA LEU N 46 -38.56 -79.97 -48.62
C LEU N 46 -37.22 -79.33 -48.31
N GLN N 47 -36.64 -79.66 -47.16
CA GLN N 47 -35.45 -78.96 -46.69
C GLN N 47 -34.19 -79.35 -47.46
N LYS N 48 -34.22 -80.42 -48.24
CA LYS N 48 -33.05 -80.79 -49.01
C LYS N 48 -33.09 -80.21 -50.42
N GLN N 49 -34.14 -79.53 -50.77
CA GLN N 49 -34.15 -78.70 -51.96
C GLN N 49 -33.46 -77.38 -51.67
N PRO N 50 -32.89 -76.72 -52.68
CA PRO N 50 -32.33 -75.38 -52.46
C PRO N 50 -33.44 -74.39 -52.14
N ARG N 51 -33.16 -73.49 -51.18
CA ARG N 51 -34.24 -72.72 -50.59
C ARG N 51 -34.79 -71.65 -51.51
N ASP N 52 -34.07 -71.30 -52.58
CA ASP N 52 -34.59 -70.35 -53.56
C ASP N 52 -35.54 -71.04 -54.55
N ALA N 53 -36.63 -71.54 -53.99
CA ALA N 53 -37.73 -72.09 -54.76
C ALA N 53 -39.08 -71.59 -54.30
N SER N 54 -39.20 -71.09 -53.08
CA SER N 54 -40.46 -70.57 -52.59
C SER N 54 -40.75 -69.21 -53.21
N ALA N 55 -42.03 -68.86 -53.22
CA ALA N 55 -42.42 -67.55 -53.74
C ALA N 55 -42.06 -66.42 -52.80
N SER N 56 -41.85 -66.71 -51.51
CA SER N 56 -41.50 -65.65 -50.58
C SER N 56 -40.08 -65.15 -50.77
N ARG N 57 -39.20 -65.96 -51.37
CA ARG N 57 -37.89 -65.46 -51.75
C ARG N 57 -37.96 -64.57 -52.97
N LEU N 58 -39.02 -64.68 -53.76
CA LEU N 58 -39.15 -63.90 -54.99
C LEU N 58 -39.60 -62.49 -54.65
N ARG N 59 -39.07 -61.52 -55.39
CA ARG N 59 -39.29 -60.10 -55.13
C ARG N 59 -39.63 -59.43 -56.44
N ASN N 60 -40.87 -58.96 -56.60
CA ASN N 60 -41.31 -58.38 -57.86
C ASN N 60 -40.75 -56.97 -58.00
N ARG N 61 -39.69 -56.85 -58.80
CA ARG N 61 -39.07 -55.57 -59.09
C ARG N 61 -39.63 -55.00 -60.39
N CYS N 62 -39.29 -53.73 -60.63
CA CYS N 62 -39.72 -53.07 -61.86
C CYS N 62 -38.99 -53.65 -63.05
N ARG N 63 -39.70 -53.78 -64.16
CA ARG N 63 -39.15 -54.55 -65.25
C ARG N 63 -38.22 -53.73 -66.12
N LEU N 64 -38.47 -52.43 -66.24
CA LEU N 64 -37.61 -51.56 -67.03
C LEU N 64 -36.54 -50.84 -66.21
N THR N 65 -36.76 -50.69 -64.90
CA THR N 65 -35.90 -49.86 -64.08
C THR N 65 -35.15 -50.66 -63.02
N GLY N 66 -35.85 -51.55 -62.31
CA GLY N 66 -35.23 -52.38 -61.30
C GLY N 66 -35.39 -51.90 -59.88
N ARG N 67 -36.08 -50.80 -59.66
CA ARG N 67 -36.22 -50.26 -58.33
C ARG N 67 -37.23 -51.09 -57.54
N PRO N 68 -36.90 -51.50 -56.32
CA PRO N 68 -37.80 -52.37 -55.57
C PRO N 68 -39.06 -51.68 -55.09
N HIS N 69 -38.94 -50.54 -54.41
CA HIS N 69 -40.10 -49.89 -53.84
C HIS N 69 -40.86 -49.13 -54.90
N GLY N 70 -42.18 -49.08 -54.74
CA GLY N 70 -43.00 -48.41 -55.71
C GLY N 70 -43.22 -49.25 -56.95
N PHE N 71 -43.83 -50.41 -56.76
CA PHE N 71 -44.19 -51.30 -57.86
C PHE N 71 -45.68 -51.55 -57.83
N TYR N 72 -46.30 -51.58 -59.00
CA TYR N 72 -47.71 -51.91 -59.15
C TYR N 72 -47.84 -53.16 -59.99
N ARG N 73 -48.85 -53.97 -59.72
CA ARG N 73 -49.01 -55.20 -60.47
C ARG N 73 -50.12 -55.14 -61.51
N LYS N 74 -50.82 -54.02 -61.63
CA LYS N 74 -51.62 -53.78 -62.81
C LYS N 74 -50.81 -53.15 -63.93
N PHE N 75 -49.53 -52.91 -63.69
CA PHE N 75 -48.59 -52.53 -64.72
C PHE N 75 -47.34 -53.36 -64.48
N GLY N 76 -46.25 -52.99 -65.14
CA GLY N 76 -45.00 -53.63 -64.85
C GLY N 76 -43.95 -52.60 -64.52
N LEU N 77 -44.39 -51.38 -64.21
CA LEU N 77 -43.52 -50.23 -64.15
C LEU N 77 -43.35 -49.77 -62.70
N SER N 78 -42.38 -48.87 -62.53
CA SER N 78 -42.04 -48.32 -61.24
C SER N 78 -43.02 -47.21 -60.87
N ARG N 79 -42.72 -46.50 -59.79
CA ARG N 79 -43.51 -45.35 -59.41
C ARG N 79 -43.22 -44.14 -60.30
N ASN N 80 -42.00 -44.02 -60.78
CA ASN N 80 -41.56 -42.83 -61.48
C ASN N 80 -41.19 -43.06 -62.94
N LYS N 81 -41.32 -44.27 -63.44
CA LYS N 81 -41.28 -44.48 -64.88
C LYS N 81 -42.68 -44.55 -65.45
N LEU N 82 -43.65 -44.90 -64.61
CA LEU N 82 -45.05 -44.92 -65.01
C LEU N 82 -45.57 -43.54 -65.34
N ARG N 83 -45.04 -42.50 -64.71
CA ARG N 83 -45.53 -41.16 -64.99
C ARG N 83 -45.00 -40.67 -66.33
N GLU N 84 -43.73 -40.94 -66.62
CA GLU N 84 -43.12 -40.43 -67.84
C GLU N 84 -43.63 -41.16 -69.07
N ALA N 85 -44.06 -42.40 -68.90
CA ALA N 85 -44.61 -43.18 -70.01
C ALA N 85 -46.10 -42.97 -70.19
N ALA N 86 -46.78 -42.33 -69.25
CA ALA N 86 -48.21 -42.12 -69.39
C ALA N 86 -48.55 -40.77 -69.97
N MET N 87 -47.69 -39.78 -69.74
CA MET N 87 -47.89 -38.46 -70.32
C MET N 87 -47.62 -38.45 -71.82
N ARG N 88 -46.96 -39.49 -72.34
CA ARG N 88 -46.70 -39.59 -73.76
C ARG N 88 -47.72 -40.47 -74.48
N GLY N 89 -48.91 -40.61 -73.89
CA GLY N 89 -50.01 -41.30 -74.54
C GLY N 89 -49.84 -42.79 -74.76
N ASP N 90 -48.83 -43.41 -74.13
CA ASP N 90 -48.56 -44.81 -74.40
C ASP N 90 -49.58 -45.73 -73.75
N VAL N 91 -49.79 -45.57 -72.45
CA VAL N 91 -50.68 -46.45 -71.70
C VAL N 91 -52.11 -46.19 -72.13
N PRO N 92 -52.79 -47.19 -72.68
CA PRO N 92 -54.12 -46.95 -73.26
C PRO N 92 -55.18 -46.93 -72.19
N GLY N 93 -56.17 -46.05 -72.38
CA GLY N 93 -57.27 -45.92 -71.45
C GLY N 93 -56.98 -45.15 -70.19
N LEU N 94 -55.81 -44.51 -70.08
CA LEU N 94 -55.38 -43.86 -68.86
C LEU N 94 -55.37 -42.35 -69.05
N VAL N 95 -56.15 -41.64 -68.23
CA VAL N 95 -56.25 -40.18 -68.26
C VAL N 95 -56.20 -39.67 -66.83
N LYS N 96 -56.21 -38.34 -66.69
CA LYS N 96 -56.46 -37.70 -65.42
C LYS N 96 -57.96 -37.52 -65.24
N ALA N 97 -58.39 -37.44 -63.97
CA ALA N 97 -59.81 -37.24 -63.69
C ALA N 97 -59.96 -36.57 -62.34
N SER N 98 -61.20 -36.46 -61.88
CA SER N 98 -61.51 -35.84 -60.61
C SER N 98 -62.68 -36.52 -59.93
N LEU O 1 -28.60 69.62 -35.86
CA LEU O 1 -28.35 71.03 -36.07
C LEU O 1 -29.63 71.73 -36.50
N SER O 2 -29.85 72.95 -36.03
CA SER O 2 -31.10 73.66 -36.26
C SER O 2 -31.13 74.23 -37.67
N VAL O 3 -32.21 74.93 -37.99
CA VAL O 3 -32.37 75.50 -39.33
C VAL O 3 -31.67 76.83 -39.44
N GLU O 4 -31.85 77.71 -38.45
CA GLU O 4 -31.20 79.01 -38.48
C GLU O 4 -29.72 78.91 -38.20
N GLU O 5 -29.27 77.83 -37.55
CA GLU O 5 -27.84 77.63 -37.39
C GLU O 5 -27.20 77.21 -38.70
N LYS O 6 -27.97 76.59 -39.59
CA LYS O 6 -27.50 76.37 -40.95
C LYS O 6 -27.44 77.68 -41.71
N ALA O 7 -28.46 78.53 -41.53
CA ALA O 7 -28.51 79.78 -42.26
C ALA O 7 -27.49 80.79 -41.77
N GLN O 8 -27.01 80.63 -40.53
CA GLN O 8 -25.95 81.51 -40.05
C GLN O 8 -24.63 81.21 -40.74
N ILE O 9 -24.41 79.96 -41.11
CA ILE O 9 -23.12 79.56 -41.67
C ILE O 9 -23.05 79.86 -43.16
N VAL O 10 -24.15 79.61 -43.88
CA VAL O 10 -24.20 79.85 -45.32
C VAL O 10 -24.07 81.34 -45.62
N ASN O 11 -24.59 82.19 -44.74
CA ASN O 11 -24.40 83.63 -44.88
C ASN O 11 -22.95 84.01 -44.66
N GLU O 12 -22.24 83.29 -43.80
CA GLU O 12 -20.89 83.69 -43.44
C GLU O 12 -19.86 83.26 -44.50
N TYR O 13 -19.77 81.96 -44.77
CA TYR O 13 -18.74 81.45 -45.67
C TYR O 13 -19.23 81.32 -47.10
N LYS O 14 -20.13 82.19 -47.50
CA LYS O 14 -20.55 82.30 -48.89
C LYS O 14 -19.39 82.81 -49.74
N GLN O 15 -19.28 82.29 -50.96
CA GLN O 15 -18.24 82.76 -51.87
C GLN O 15 -18.76 83.88 -52.77
N ALA O 16 -19.44 84.86 -52.15
CA ALA O 16 -20.20 85.92 -52.82
C ALA O 16 -21.14 85.35 -53.89
N GLU O 17 -21.87 84.31 -53.50
CA GLU O 17 -22.65 83.53 -54.46
C GLU O 17 -24.14 83.58 -54.19
N GLY O 18 -24.55 83.26 -52.97
CA GLY O 18 -25.93 82.90 -52.69
C GLY O 18 -26.19 81.44 -52.93
N ASP O 19 -25.14 80.61 -52.86
CA ASP O 19 -25.16 79.25 -53.39
C ASP O 19 -24.47 78.31 -52.41
N THR O 20 -25.03 77.12 -52.26
CA THR O 20 -24.67 76.22 -51.18
C THR O 20 -23.84 75.02 -51.62
N GLY O 21 -23.27 75.07 -52.82
CA GLY O 21 -22.65 73.88 -53.36
C GLY O 21 -21.15 73.82 -53.22
N SER O 22 -20.50 74.97 -53.09
CA SER O 22 -19.05 75.06 -53.08
C SER O 22 -18.48 74.38 -51.83
N PRO O 23 -17.26 73.84 -51.92
CA PRO O 23 -16.67 73.14 -50.77
C PRO O 23 -16.50 73.99 -49.52
N GLU O 24 -16.32 75.30 -49.66
CA GLU O 24 -16.22 76.13 -48.47
C GLU O 24 -17.56 76.29 -47.77
N VAL O 25 -18.66 75.98 -48.45
CA VAL O 25 -19.94 75.88 -47.75
C VAL O 25 -20.08 74.51 -47.12
N GLN O 26 -19.66 73.47 -47.83
CA GLN O 26 -19.90 72.10 -47.39
C GLN O 26 -18.99 71.72 -46.23
N VAL O 27 -17.73 72.13 -46.26
CA VAL O 27 -16.80 71.80 -45.18
C VAL O 27 -17.20 72.53 -43.90
N ALA O 28 -17.76 73.73 -44.03
CA ALA O 28 -18.15 74.51 -42.86
C ALA O 28 -19.34 73.90 -42.15
N LEU O 29 -20.29 73.36 -42.91
CA LEU O 29 -21.48 72.77 -42.29
C LEU O 29 -21.15 71.50 -41.53
N LEU O 30 -20.19 70.73 -42.02
CA LEU O 30 -19.85 69.49 -41.34
C LEU O 30 -19.07 69.76 -40.07
N SER O 31 -18.17 70.75 -40.10
CA SER O 31 -17.30 71.01 -38.98
C SER O 31 -18.05 71.56 -37.78
N ALA O 32 -19.12 72.33 -38.03
CA ALA O 32 -19.95 72.81 -36.94
C ALA O 32 -20.80 71.71 -36.35
N ASN O 33 -20.99 70.61 -37.08
CA ASN O 33 -21.86 69.54 -36.60
C ASN O 33 -21.08 68.48 -35.84
N ILE O 34 -19.79 68.31 -36.15
CA ILE O 34 -18.95 67.39 -35.38
C ILE O 34 -18.71 67.94 -33.98
N ASN O 35 -18.51 69.25 -33.87
CA ASN O 35 -18.25 69.87 -32.58
C ASN O 35 -19.47 69.84 -31.67
N LYS O 36 -20.67 69.79 -32.25
CA LYS O 36 -21.88 69.73 -31.44
C LYS O 36 -22.04 68.36 -30.78
N LEU O 37 -21.67 67.30 -31.49
CA LEU O 37 -21.92 65.94 -31.02
C LEU O 37 -20.96 65.49 -29.94
N GLN O 38 -19.87 66.20 -29.69
CA GLN O 38 -18.83 65.69 -28.79
C GLN O 38 -19.27 65.62 -27.35
N ASP O 39 -20.30 66.36 -26.95
CA ASP O 39 -20.86 66.19 -25.62
C ASP O 39 -22.05 65.25 -25.59
N HIS O 40 -22.57 64.86 -26.75
CA HIS O 40 -23.51 63.76 -26.76
C HIS O 40 -22.81 62.44 -26.47
N PHE O 41 -21.56 62.31 -26.90
CA PHE O 41 -20.80 61.08 -26.71
C PHE O 41 -19.94 61.12 -25.47
N LYS O 42 -20.09 62.13 -24.62
CA LYS O 42 -19.53 62.07 -23.28
C LYS O 42 -20.56 61.72 -22.22
N ALA O 43 -21.84 61.95 -22.50
CA ALA O 43 -22.89 61.36 -21.67
C ALA O 43 -23.16 59.94 -22.12
N ASN O 44 -23.57 59.77 -23.37
CA ASN O 44 -23.82 58.45 -23.93
C ASN O 44 -22.51 57.83 -24.36
N GLY O 45 -22.06 56.84 -23.61
CA GLY O 45 -20.84 56.14 -23.97
C GLY O 45 -21.10 54.92 -24.82
N LYS O 46 -22.14 54.16 -24.46
CA LYS O 46 -22.44 52.91 -25.13
C LYS O 46 -23.34 53.09 -26.34
N ASP O 47 -23.49 54.31 -26.83
CA ASP O 47 -24.26 54.58 -28.03
C ASP O 47 -23.35 54.25 -29.21
N HIS O 48 -23.41 52.99 -29.66
CA HIS O 48 -22.56 52.59 -30.76
C HIS O 48 -23.20 52.81 -32.12
N HIS O 49 -24.51 52.65 -32.23
CA HIS O 49 -25.16 52.82 -33.52
C HIS O 49 -25.19 54.26 -33.97
N SER O 50 -25.02 55.21 -33.05
CA SER O 50 -24.90 56.60 -33.41
C SER O 50 -23.44 57.04 -33.50
N ARG O 51 -22.52 56.25 -32.97
CA ARG O 51 -21.11 56.48 -33.22
C ARG O 51 -20.78 56.28 -34.68
N ARG O 52 -21.51 55.39 -35.33
CA ARG O 52 -21.27 55.01 -36.72
C ARG O 52 -21.61 56.16 -37.66
N GLY O 53 -22.53 57.02 -37.28
CA GLY O 53 -22.90 58.13 -38.14
C GLY O 53 -21.88 59.25 -38.10
N LEU O 54 -21.16 59.40 -37.00
CA LEU O 54 -20.20 60.48 -36.88
C LEU O 54 -18.97 60.25 -37.72
N ILE O 55 -18.60 58.99 -37.93
CA ILE O 55 -17.41 58.68 -38.69
C ILE O 55 -17.68 58.80 -40.19
N ARG O 56 -18.95 58.80 -40.58
CA ARG O 56 -19.29 59.14 -41.95
C ARG O 56 -19.00 60.60 -42.24
N MET O 57 -19.29 61.49 -41.30
CA MET O 57 -19.08 62.91 -41.51
C MET O 57 -17.61 63.29 -41.43
N VAL O 58 -16.82 62.56 -40.65
CA VAL O 58 -15.39 62.87 -40.57
C VAL O 58 -14.69 62.47 -41.86
N ASN O 59 -15.03 61.31 -42.40
CA ASN O 59 -14.37 60.85 -43.62
C ASN O 59 -14.82 61.64 -44.82
N GLN O 60 -16.05 62.17 -44.77
CA GLN O 60 -16.52 63.04 -45.84
C GLN O 60 -15.77 64.36 -45.84
N ARG O 61 -15.30 64.78 -44.68
CA ARG O 61 -14.62 66.07 -44.59
C ARG O 61 -13.19 65.99 -45.10
N ARG O 62 -12.50 64.86 -44.92
CA ARG O 62 -11.16 64.76 -45.47
C ARG O 62 -11.15 64.47 -46.96
N LYS O 63 -12.28 64.18 -47.56
CA LYS O 63 -12.32 64.01 -48.99
C LYS O 63 -12.52 65.32 -49.73
N LEU O 64 -13.27 66.26 -49.14
CA LEU O 64 -13.46 67.54 -49.77
C LEU O 64 -12.25 68.44 -49.62
N LEU O 65 -11.42 68.23 -48.60
CA LEU O 65 -10.20 69.01 -48.48
C LEU O 65 -9.20 68.65 -49.55
N ASP O 66 -9.04 67.36 -49.85
CA ASP O 66 -8.10 66.96 -50.87
C ASP O 66 -8.58 67.32 -52.27
N TYR O 67 -9.89 67.41 -52.46
CA TYR O 67 -10.37 68.00 -53.70
C TYR O 67 -10.04 69.48 -53.75
N LEU O 68 -10.09 70.14 -52.60
CA LEU O 68 -9.77 71.56 -52.57
C LEU O 68 -8.28 71.79 -52.74
N LYS O 69 -7.46 70.95 -52.14
CA LYS O 69 -6.02 71.04 -52.35
C LYS O 69 -5.64 70.61 -53.75
N GLY O 70 -6.37 69.65 -54.32
CA GLY O 70 -6.12 69.20 -55.67
C GLY O 70 -6.50 70.20 -56.76
N LYS O 71 -7.12 71.31 -56.39
CA LYS O 71 -7.34 72.41 -57.31
C LYS O 71 -6.45 73.60 -56.99
N ASP O 72 -6.55 74.14 -55.77
CA ASP O 72 -5.89 75.39 -55.42
C ASP O 72 -5.20 75.26 -54.08
N VAL O 73 -4.30 76.19 -53.80
CA VAL O 73 -3.64 76.29 -52.52
C VAL O 73 -4.07 77.54 -51.76
N SER O 74 -4.32 78.64 -52.50
CA SER O 74 -4.74 79.89 -51.88
C SER O 74 -6.10 79.76 -51.21
N ARG O 75 -7.04 79.05 -51.87
CA ARG O 75 -8.32 78.80 -51.25
C ARG O 75 -8.22 77.83 -50.09
N TYR O 76 -7.18 77.00 -50.09
CA TYR O 76 -7.04 75.97 -49.07
C TYR O 76 -6.64 76.57 -47.73
N THR O 77 -5.49 77.26 -47.69
CA THR O 77 -4.97 77.80 -46.45
C THR O 77 -5.80 78.96 -45.92
N ALA O 78 -6.61 79.61 -46.76
CA ALA O 78 -7.56 80.59 -46.26
C ALA O 78 -8.78 79.95 -45.63
N LEU O 79 -8.93 78.63 -45.72
CA LEU O 79 -10.01 77.91 -45.07
C LEU O 79 -9.53 77.06 -43.90
N ILE O 80 -8.32 76.51 -43.98
CA ILE O 80 -7.77 75.75 -42.87
C ILE O 80 -7.54 76.65 -41.67
N GLY O 81 -6.92 77.82 -41.90
CA GLY O 81 -6.66 78.74 -40.81
C GLY O 81 -7.91 79.41 -40.27
N ARG O 82 -8.98 79.48 -41.05
CA ARG O 82 -10.20 80.12 -40.61
C ARG O 82 -11.08 79.16 -39.80
N LEU O 83 -10.75 77.86 -39.80
CA LEU O 83 -11.42 76.90 -38.95
C LEU O 83 -10.50 76.20 -37.96
N GLY O 84 -9.19 76.23 -38.18
CA GLY O 84 -8.27 75.58 -37.28
C GLY O 84 -8.32 74.07 -37.32
N LEU O 85 -7.89 73.48 -38.42
CA LEU O 85 -7.89 72.03 -38.58
C LEU O 85 -6.45 71.54 -38.74
N ARG O 86 -6.33 70.26 -39.08
CA ARG O 86 -5.07 69.56 -39.33
C ARG O 86 -4.07 69.65 -38.19
N MET P 1 51.90 40.33 -79.57
CA MET P 1 51.69 40.62 -80.98
C MET P 1 50.38 40.02 -81.46
N VAL P 2 49.87 40.54 -82.56
CA VAL P 2 48.77 39.90 -83.25
C VAL P 2 49.35 39.18 -84.45
N THR P 3 48.63 38.16 -84.92
CA THR P 3 49.21 37.25 -85.88
C THR P 3 48.10 36.63 -86.71
N ILE P 4 48.46 36.20 -87.91
CA ILE P 4 47.55 35.54 -88.81
C ILE P 4 48.02 34.11 -88.96
N ARG P 5 47.19 33.16 -88.58
CA ARG P 5 47.63 31.78 -88.50
C ARG P 5 46.47 30.87 -88.84
N LEU P 6 46.70 29.56 -88.76
CA LEU P 6 45.76 28.56 -89.24
C LEU P 6 45.16 27.78 -88.09
N ALA P 7 43.84 27.68 -88.06
CA ALA P 7 43.13 26.80 -87.16
C ALA P 7 43.08 25.39 -87.77
N ARG P 8 42.21 24.53 -87.25
CA ARG P 8 42.11 23.15 -87.71
C ARG P 8 40.71 22.65 -87.40
N GLY P 9 39.93 22.35 -88.45
CA GLY P 9 38.63 21.76 -88.29
C GLY P 9 38.46 20.58 -89.22
N GLY P 10 37.56 19.69 -88.85
CA GLY P 10 37.31 18.51 -89.64
C GLY P 10 37.70 17.24 -88.91
N SER P 11 37.45 16.11 -89.58
CA SER P 11 37.58 14.80 -88.96
C SER P 11 39.04 14.38 -88.91
N LYS P 12 39.27 13.12 -88.55
CA LYS P 12 40.61 12.56 -88.61
C LYS P 12 41.03 12.38 -90.06
N LYS P 13 42.28 12.77 -90.34
CA LYS P 13 42.93 12.58 -91.63
C LYS P 13 42.18 13.27 -92.76
N ARG P 14 41.56 14.40 -92.46
CA ARG P 14 40.89 15.24 -93.43
C ARG P 14 40.79 16.64 -92.84
N PRO P 15 41.84 17.44 -92.93
CA PRO P 15 41.86 18.73 -92.26
C PRO P 15 41.20 19.82 -93.09
N PHE P 16 40.87 20.91 -92.42
CA PHE P 16 40.24 22.06 -93.05
C PHE P 16 40.62 23.28 -92.24
N TYR P 17 41.48 24.12 -92.78
CA TYR P 17 42.07 25.18 -91.98
C TYR P 17 41.23 26.44 -92.08
N HIS P 18 41.50 27.40 -91.20
CA HIS P 18 40.82 28.68 -91.19
C HIS P 18 41.82 29.80 -90.97
N LEU P 19 41.91 30.71 -91.93
CA LEU P 19 42.72 31.91 -91.77
C LEU P 19 42.06 32.83 -90.77
N THR P 20 42.55 32.82 -89.54
CA THR P 20 42.04 33.69 -88.51
C THR P 20 43.10 34.72 -88.18
N VAL P 21 42.69 35.82 -87.57
CA VAL P 21 43.63 36.76 -86.97
C VAL P 21 43.38 36.77 -85.47
N THR P 22 44.40 36.39 -84.71
CA THR P 22 44.29 36.18 -83.29
C THR P 22 45.38 36.95 -82.56
N ASN P 23 45.15 37.21 -81.29
CA ASN P 23 46.26 37.53 -80.42
C ASN P 23 47.12 36.28 -80.27
N SER P 24 48.41 36.49 -80.05
CA SER P 24 49.36 35.40 -80.18
C SER P 24 49.27 34.42 -79.02
N ARG P 25 48.99 34.92 -77.82
CA ARG P 25 48.93 34.08 -76.63
C ARG P 25 47.51 33.54 -76.44
N ASN P 26 47.00 32.85 -77.45
CA ASN P 26 45.71 32.20 -77.31
C ASN P 26 45.88 30.73 -77.67
N ALA P 27 44.79 29.98 -77.59
CA ALA P 27 44.80 28.60 -78.02
C ALA P 27 44.73 28.54 -79.54
N ARG P 28 44.79 27.33 -80.10
CA ARG P 28 44.45 27.22 -81.51
C ARG P 28 42.95 27.39 -81.72
N ASP P 29 42.13 26.60 -81.02
CA ASP P 29 40.70 26.60 -81.22
C ASP P 29 39.99 27.63 -80.34
N GLY P 30 40.73 28.48 -79.66
CA GLY P 30 40.15 29.47 -78.77
C GLY P 30 39.64 30.69 -79.49
N ARG P 31 39.70 31.82 -78.79
CA ARG P 31 39.14 33.06 -79.28
C ARG P 31 39.95 33.63 -80.44
N PHE P 32 39.35 34.61 -81.11
CA PHE P 32 39.96 35.21 -82.28
C PHE P 32 39.35 36.59 -82.46
N VAL P 33 40.02 37.42 -83.26
CA VAL P 33 39.49 38.75 -83.52
C VAL P 33 38.46 38.68 -84.64
N GLU P 34 38.82 38.11 -85.79
CA GLU P 34 37.88 37.80 -86.85
C GLU P 34 38.49 36.73 -87.73
N ARG P 35 37.71 36.26 -88.71
CA ARG P 35 38.12 35.19 -89.61
C ARG P 35 37.94 35.68 -91.04
N ILE P 36 38.88 35.32 -91.91
CA ILE P 36 38.88 35.90 -93.25
C ILE P 36 38.84 34.88 -94.37
N GLY P 37 39.16 33.61 -94.16
CA GLY P 37 39.15 32.69 -95.29
C GLY P 37 39.22 31.26 -94.83
N PHE P 38 39.61 30.38 -95.74
CA PHE P 38 39.87 29.01 -95.38
C PHE P 38 40.91 28.44 -96.33
N PHE P 39 41.23 27.17 -96.08
CA PHE P 39 42.25 26.46 -96.82
C PHE P 39 41.92 24.99 -96.74
N ASN P 40 41.72 24.34 -97.88
CA ASN P 40 41.27 22.96 -97.93
C ASN P 40 42.27 22.15 -98.75
N PRO P 41 43.18 21.42 -98.11
CA PRO P 41 44.20 20.70 -98.89
C PRO P 41 43.67 19.53 -99.68
N VAL P 42 42.61 18.89 -99.18
CA VAL P 42 42.13 17.66 -99.81
C VAL P 42 40.92 17.98 -100.68
N ALA P 43 40.86 19.22 -101.17
CA ALA P 43 39.75 19.67 -102.01
C ALA P 43 39.73 18.91 -103.33
N THR P 44 38.55 18.39 -103.67
CA THR P 44 38.37 17.55 -104.85
C THR P 44 37.05 17.91 -105.51
N GLY P 45 37.07 18.04 -106.83
CA GLY P 45 35.85 18.32 -107.56
C GLY P 45 35.49 19.79 -107.54
N GLY P 46 34.30 20.10 -107.03
CA GLY P 46 33.83 21.47 -106.97
C GLY P 46 34.32 22.27 -105.80
N GLU P 47 35.26 21.74 -105.02
CA GLU P 47 35.76 22.44 -103.84
C GLU P 47 36.90 23.37 -104.22
N VAL P 48 37.05 24.43 -103.43
CA VAL P 48 38.04 25.48 -103.68
C VAL P 48 39.08 25.42 -102.58
N ARG P 49 40.36 25.42 -102.96
CA ARG P 49 41.43 25.35 -101.97
C ARG P 49 41.59 26.67 -101.23
N LEU P 50 41.93 27.73 -101.95
CA LEU P 50 42.23 29.01 -101.34
C LEU P 50 41.05 29.94 -101.53
N SER P 51 40.63 30.59 -100.45
CA SER P 51 39.50 31.51 -100.53
C SER P 51 39.73 32.74 -99.67
N VAL P 52 40.89 33.33 -99.77
CA VAL P 52 41.21 34.49 -98.96
C VAL P 52 40.52 35.72 -99.54
N ASP P 53 40.09 36.62 -98.66
CA ASP P 53 39.49 37.89 -99.05
C ASP P 53 40.53 38.98 -98.89
N GLN P 54 40.76 39.75 -99.94
CA GLN P 54 41.87 40.68 -99.96
C GLN P 54 41.57 42.00 -99.27
N GLU P 55 40.35 42.22 -98.84
CA GLU P 55 40.03 43.52 -98.23
C GLU P 55 40.54 43.61 -96.80
N ARG P 56 40.21 42.62 -95.97
CA ARG P 56 40.63 42.68 -94.58
C ARG P 56 42.11 42.39 -94.45
N ALA P 57 42.67 41.59 -95.36
CA ALA P 57 44.10 41.39 -95.38
C ALA P 57 44.85 42.64 -95.82
N THR P 58 44.20 43.53 -96.57
CA THR P 58 44.78 44.85 -96.78
C THR P 58 44.73 45.65 -95.48
N TYR P 59 43.69 45.46 -94.69
CA TYR P 59 43.51 46.27 -93.48
C TYR P 59 44.46 45.84 -92.38
N TRP P 60 44.52 44.54 -92.06
CA TRP P 60 45.28 44.11 -90.89
C TRP P 60 46.77 44.18 -91.12
N LEU P 61 47.24 43.82 -92.31
CA LEU P 61 48.68 43.77 -92.57
C LEU P 61 49.31 45.15 -92.57
N GLY P 62 48.53 46.20 -92.76
CA GLY P 62 49.03 47.53 -92.57
C GLY P 62 49.08 48.00 -91.14
N GLN P 63 48.67 47.16 -90.19
CA GLN P 63 48.69 47.52 -88.79
C GLN P 63 49.41 46.47 -87.97
N GLY P 64 50.48 45.92 -88.53
CA GLY P 64 51.39 45.14 -87.73
C GLY P 64 50.96 43.73 -87.45
N ALA P 65 50.01 43.18 -88.20
CA ALA P 65 49.75 41.76 -88.10
C ALA P 65 50.92 40.99 -88.66
N GLN P 66 51.24 39.87 -88.04
CA GLN P 66 52.49 39.16 -88.32
C GLN P 66 52.19 37.75 -88.78
N PRO P 67 52.31 37.44 -90.06
CA PRO P 67 51.81 36.16 -90.57
C PRO P 67 52.72 35.00 -90.19
N SER P 68 52.22 33.80 -90.47
CA SER P 68 52.90 32.56 -90.14
C SER P 68 53.75 32.12 -91.32
N GLU P 69 54.18 30.86 -91.33
CA GLU P 69 55.00 30.37 -92.43
C GLU P 69 54.16 29.92 -93.62
N ARG P 70 53.07 29.19 -93.39
CA ARG P 70 52.20 28.83 -94.51
C ARG P 70 51.46 30.04 -95.05
N VAL P 71 51.07 30.96 -94.17
CA VAL P 71 50.34 32.15 -94.61
C VAL P 71 51.27 33.14 -95.30
N ALA P 72 52.58 32.96 -95.15
CA ALA P 72 53.53 33.74 -95.95
C ALA P 72 53.40 33.43 -97.42
N GLN P 73 52.98 32.22 -97.78
CA GLN P 73 52.83 31.83 -99.16
C GLN P 73 51.40 31.85 -99.66
N LEU P 74 50.41 31.64 -98.79
CA LEU P 74 49.04 31.59 -99.28
C LEU P 74 48.53 32.97 -99.66
N LEU P 75 48.96 34.01 -98.96
CA LEU P 75 48.64 35.36 -99.42
C LEU P 75 49.43 35.70 -100.68
N LYS P 76 50.59 35.09 -100.85
CA LYS P 76 51.43 35.35 -102.00
C LYS P 76 50.85 34.71 -103.26
N ASP P 77 50.24 33.55 -103.12
CA ASP P 77 49.74 32.80 -104.26
C ASP P 77 48.25 33.06 -104.45
N ALA P 78 47.95 34.31 -104.78
CA ALA P 78 46.56 34.72 -105.00
C ALA P 78 46.39 35.29 -106.40
N ARG Q 1 22.02 61.07 -72.93
CA ARG Q 1 21.61 60.42 -71.69
C ARG Q 1 21.29 61.45 -70.64
N THR Q 2 20.03 61.48 -70.20
CA THR Q 2 19.54 62.51 -69.30
C THR Q 2 18.27 61.99 -68.65
N LEU Q 3 18.23 61.99 -67.32
CA LEU Q 3 17.09 61.49 -66.58
C LEU Q 3 16.33 62.64 -65.91
N THR Q 4 15.27 62.27 -65.20
CA THR Q 4 14.40 63.23 -64.53
C THR Q 4 13.72 62.52 -63.37
N GLY Q 5 13.75 63.14 -62.20
CA GLY Q 5 13.04 62.60 -61.06
C GLY Q 5 12.59 63.69 -60.11
N ARG Q 6 12.12 63.30 -58.92
CA ARG Q 6 11.75 64.27 -57.93
C ARG Q 6 12.47 63.98 -56.61
N VAL Q 7 12.74 65.03 -55.87
CA VAL Q 7 13.59 65.00 -54.70
C VAL Q 7 12.80 64.52 -53.49
N VAL Q 8 13.42 63.68 -52.67
CA VAL Q 8 12.81 63.26 -51.40
C VAL Q 8 13.66 63.60 -50.19
N SER Q 9 14.90 64.06 -50.34
CA SER Q 9 15.77 64.22 -49.19
C SER Q 9 16.65 65.44 -49.30
N ASP Q 10 16.85 66.12 -48.17
CA ASP Q 10 17.78 67.23 -48.06
C ASP Q 10 18.64 67.10 -46.81
N LYS Q 11 18.74 65.90 -46.24
CA LYS Q 11 19.37 65.76 -44.93
C LYS Q 11 20.89 65.84 -45.02
N MET Q 12 21.47 65.29 -46.06
CA MET Q 12 22.92 65.25 -46.13
C MET Q 12 23.49 66.58 -46.62
N ASP Q 13 24.80 66.63 -46.70
CA ASP Q 13 25.53 67.85 -47.02
C ASP Q 13 25.98 67.77 -48.48
N LYS Q 14 25.51 68.71 -49.29
CA LYS Q 14 25.75 68.78 -50.74
C LYS Q 14 25.32 67.48 -51.45
N THR Q 15 24.28 66.83 -50.96
CA THR Q 15 23.86 65.56 -51.55
C THR Q 15 22.36 65.48 -51.51
N VAL Q 16 21.76 65.17 -52.66
CA VAL Q 16 20.32 65.14 -52.82
C VAL Q 16 19.96 63.72 -53.23
N THR Q 17 18.67 63.38 -53.15
CA THR Q 17 18.20 62.03 -53.44
C THR Q 17 16.94 62.12 -54.27
N VAL Q 18 16.89 61.38 -55.38
CA VAL Q 18 15.77 61.45 -56.30
C VAL Q 18 15.00 60.13 -56.28
N LEU Q 19 13.78 60.17 -56.82
CA LEU Q 19 13.02 58.98 -57.19
C LEU Q 19 12.77 59.02 -58.68
N ILE Q 20 13.18 57.97 -59.38
CA ILE Q 20 12.95 57.86 -60.81
C ILE Q 20 11.98 56.72 -61.03
N GLU Q 21 10.76 57.04 -61.43
CA GLU Q 21 9.80 55.99 -61.69
C GLU Q 21 10.09 55.35 -63.03
N ARG Q 22 9.46 54.19 -63.25
CA ARG Q 22 9.78 53.38 -64.41
C ARG Q 22 8.66 52.38 -64.62
N ARG Q 23 8.22 52.23 -65.85
CA ARG Q 23 7.24 51.20 -66.18
C ARG Q 23 7.95 50.11 -66.98
N VAL Q 24 8.34 49.06 -66.31
CA VAL Q 24 8.78 47.86 -66.98
C VAL Q 24 7.58 46.94 -67.15
N LYS Q 25 7.64 46.07 -68.14
CA LYS Q 25 6.55 45.13 -68.31
C LYS Q 25 6.93 43.82 -67.65
N HIS Q 26 5.94 43.12 -67.21
CA HIS Q 26 6.21 41.84 -66.62
C HIS Q 26 6.50 40.84 -67.74
N PRO Q 27 7.48 39.96 -67.57
CA PRO Q 27 7.96 39.18 -68.73
C PRO Q 27 7.00 38.11 -69.20
N ILE Q 28 6.02 37.69 -68.39
CA ILE Q 28 5.20 36.54 -68.78
C ILE Q 28 3.72 36.90 -68.73
N TYR Q 29 3.34 37.88 -67.92
CA TYR Q 29 1.93 38.21 -67.77
C TYR Q 29 1.51 39.46 -68.52
N GLY Q 30 2.43 40.09 -69.27
CA GLY Q 30 2.07 41.10 -70.24
C GLY Q 30 1.49 42.38 -69.68
N LYS Q 31 1.86 42.76 -68.47
CA LYS Q 31 1.29 43.92 -67.80
C LYS Q 31 2.40 44.86 -67.37
N TYR Q 32 2.18 46.17 -67.49
CA TYR Q 32 3.19 47.17 -67.15
C TYR Q 32 3.06 47.53 -65.69
N VAL Q 33 3.98 47.03 -64.87
CA VAL Q 33 4.06 47.44 -63.48
C VAL Q 33 4.83 48.75 -63.39
N LYS Q 34 4.82 49.37 -62.22
CA LYS Q 34 5.69 50.48 -61.90
C LYS Q 34 6.68 50.03 -60.87
N ARG Q 35 7.96 50.19 -61.15
CA ARG Q 35 8.99 49.87 -60.17
C ARG Q 35 9.97 51.04 -60.09
N SER Q 36 10.36 51.39 -58.87
CA SER Q 36 11.01 52.65 -58.61
C SER Q 36 12.52 52.55 -58.84
N THR Q 37 13.21 53.67 -58.61
CA THR Q 37 14.66 53.77 -58.67
C THR Q 37 15.06 54.95 -57.80
N LYS Q 38 16.09 54.77 -56.97
CA LYS Q 38 16.50 55.78 -56.00
C LYS Q 38 18.00 55.98 -56.08
N LEU Q 39 18.43 57.15 -56.52
CA LEU Q 39 19.84 57.48 -56.72
C LEU Q 39 20.30 58.51 -55.70
N HIS Q 40 21.59 58.81 -55.75
CA HIS Q 40 22.20 59.89 -54.96
C HIS Q 40 22.86 60.85 -55.93
N ALA Q 41 22.10 61.83 -56.39
CA ALA Q 41 22.69 62.84 -57.25
C ALA Q 41 23.53 63.79 -56.41
N HIS Q 42 24.72 64.11 -56.90
CA HIS Q 42 25.59 65.06 -56.23
C HIS Q 42 25.00 66.44 -56.33
N ASP Q 43 24.47 66.96 -55.23
CA ASP Q 43 24.11 68.36 -55.20
C ASP Q 43 25.39 69.18 -55.13
N GLU Q 44 25.29 70.46 -55.49
CA GLU Q 44 26.48 71.29 -55.58
C GLU Q 44 26.41 72.56 -54.75
N SER Q 45 25.22 73.05 -54.41
CA SER Q 45 25.12 74.35 -53.78
C SER Q 45 24.11 74.39 -52.64
N ASN Q 46 23.59 73.23 -52.23
CA ASN Q 46 22.74 73.06 -51.04
C ASN Q 46 21.46 73.88 -51.16
N GLN Q 47 20.78 73.75 -52.30
CA GLN Q 47 19.73 74.69 -52.62
C GLN Q 47 18.49 74.07 -53.25
N CYS Q 48 18.31 72.76 -53.14
CA CYS Q 48 17.10 72.11 -53.62
C CYS Q 48 16.20 71.73 -52.46
N ARG Q 49 14.90 71.73 -52.70
CA ARG Q 49 13.89 71.51 -51.68
C ARG Q 49 13.27 70.12 -51.85
N ILE Q 50 12.67 69.63 -50.77
CA ILE Q 50 11.99 68.35 -50.80
C ILE Q 50 10.68 68.50 -51.54
N GLY Q 51 10.64 68.02 -52.78
CA GLY Q 51 9.42 68.08 -53.55
C GLY Q 51 9.60 68.74 -54.90
N ASP Q 52 10.85 68.89 -55.32
CA ASP Q 52 11.15 69.57 -56.56
C ASP Q 52 10.92 68.64 -57.75
N LEU Q 53 11.40 69.06 -58.92
CA LEU Q 53 11.40 68.23 -60.12
C LEU Q 53 12.69 68.60 -60.86
N VAL Q 54 13.70 67.73 -60.77
CA VAL Q 54 15.05 68.10 -61.21
C VAL Q 54 15.51 67.18 -62.32
N THR Q 55 16.75 67.37 -62.75
CA THR Q 55 17.32 66.69 -63.91
C THR Q 55 18.77 66.32 -63.62
N ILE Q 56 19.11 65.06 -63.88
CA ILE Q 56 20.41 64.52 -63.51
C ILE Q 56 21.13 64.02 -64.76
N ARG Q 57 22.45 63.85 -64.61
CA ARG Q 57 23.27 63.22 -65.64
C ARG Q 57 24.45 62.55 -64.94
N GLU Q 58 25.16 61.70 -65.68
CA GLU Q 58 26.16 60.83 -65.09
C GLU Q 58 27.57 61.36 -65.31
N THR Q 59 28.33 61.44 -64.23
CA THR Q 59 29.73 61.81 -64.26
C THR Q 59 30.58 60.67 -63.71
N ARG Q 60 31.86 60.95 -63.54
CA ARG Q 60 32.74 60.06 -62.81
C ARG Q 60 32.37 60.10 -61.32
N PRO Q 61 32.70 59.06 -60.55
CA PRO Q 61 32.30 59.06 -59.13
C PRO Q 61 32.96 60.15 -58.31
N LEU Q 62 32.17 60.75 -57.43
CA LEU Q 62 32.59 61.88 -56.61
C LEU Q 62 32.84 61.47 -55.16
N ALA Q 63 31.89 60.80 -54.55
CA ALA Q 63 32.14 59.94 -53.41
C ALA Q 63 31.75 58.54 -53.84
N LYS Q 64 31.80 57.58 -52.92
CA LYS Q 64 31.20 56.32 -53.29
C LYS Q 64 29.68 56.46 -53.22
N THR Q 65 28.99 55.61 -53.99
CA THR Q 65 27.52 55.60 -54.12
C THR Q 65 26.96 56.95 -54.54
N LYS Q 66 27.74 57.75 -55.25
CA LYS Q 66 27.30 59.08 -55.68
C LYS Q 66 28.07 59.38 -56.96
N ALA Q 67 27.46 59.09 -58.09
CA ALA Q 67 28.07 59.34 -59.37
C ALA Q 67 27.23 60.24 -60.27
N TRP Q 68 25.97 60.45 -59.93
CA TRP Q 68 25.10 61.33 -60.69
C TRP Q 68 25.21 62.74 -60.15
N THR Q 69 24.94 63.71 -61.02
CA THR Q 69 25.02 65.10 -60.61
C THR Q 69 23.72 65.82 -60.91
N LEU Q 70 23.71 67.13 -60.78
CA LEU Q 70 22.51 67.94 -61.00
C LEU Q 70 22.71 68.78 -62.24
N VAL Q 71 21.77 68.69 -63.19
CA VAL Q 71 21.86 69.51 -64.38
C VAL Q 71 21.25 70.88 -64.09
N ASP Q 72 19.96 70.90 -63.79
CA ASP Q 72 19.24 72.15 -63.54
C ASP Q 72 17.91 71.80 -62.90
N ILE Q 73 17.36 72.76 -62.15
CA ILE Q 73 16.04 72.61 -61.55
C ILE Q 73 15.00 73.00 -62.59
N VAL Q 74 14.04 72.11 -62.84
CA VAL Q 74 13.05 72.38 -63.87
C VAL Q 74 11.87 73.16 -63.31
N GLU Q 75 11.20 72.61 -62.30
CA GLU Q 75 10.09 73.32 -61.69
C GLU Q 75 10.00 72.97 -60.22
N ARG Q 76 9.37 73.85 -59.47
CA ARG Q 76 9.31 73.74 -58.02
C ARG Q 76 8.37 72.63 -57.58
N PHE R 1 -68.52 42.53 -47.97
CA PHE R 1 -67.83 43.79 -48.21
C PHE R 1 -67.81 44.65 -46.96
N PHE R 2 -68.20 44.03 -45.84
CA PHE R 2 -68.09 44.70 -44.54
C PHE R 2 -66.63 44.94 -44.17
N ARG R 3 -65.74 44.04 -44.60
CA ARG R 3 -64.31 44.28 -44.40
C ARG R 3 -63.77 45.29 -45.40
N ARG R 4 -64.52 45.62 -46.44
CA ARG R 4 -64.07 46.61 -47.40
C ARG R 4 -64.44 48.03 -46.94
N ARG R 5 -65.64 48.20 -46.39
CA ARG R 5 -66.08 49.54 -45.98
C ARG R 5 -65.32 50.05 -44.76
N ARG R 6 -64.87 49.15 -43.88
CA ARG R 6 -64.18 49.59 -42.69
C ARG R 6 -62.76 50.06 -42.99
N PHE R 7 -62.22 49.67 -44.15
CA PHE R 7 -61.03 50.35 -44.65
C PHE R 7 -61.31 51.82 -44.92
N CYS R 8 -62.50 52.11 -45.43
CA CYS R 8 -62.92 53.49 -45.68
C CYS R 8 -63.47 54.16 -44.44
N ARG R 9 -63.46 53.49 -43.28
CA ARG R 9 -63.86 54.16 -42.05
C ARG R 9 -62.82 55.18 -41.60
N PHE R 10 -61.59 55.08 -42.10
CA PHE R 10 -60.55 56.05 -41.83
C PHE R 10 -59.99 56.73 -43.07
N THR R 11 -60.10 56.10 -44.24
CA THR R 11 -59.49 56.65 -45.44
C THR R 11 -60.44 57.50 -46.26
N ALA R 12 -61.74 57.24 -46.20
CA ALA R 12 -62.68 58.09 -46.92
C ALA R 12 -62.83 59.44 -46.24
N GLU R 13 -62.66 59.49 -44.92
CA GLU R 13 -62.72 60.73 -44.17
C GLU R 13 -61.32 61.27 -43.92
N GLY R 14 -61.27 62.56 -43.61
CA GLY R 14 -60.02 63.21 -43.28
C GLY R 14 -59.72 63.15 -41.79
N VAL R 15 -59.81 61.95 -41.22
CA VAL R 15 -59.70 61.72 -39.80
C VAL R 15 -58.37 61.06 -39.51
N LYS R 16 -57.35 61.44 -40.30
CA LYS R 16 -56.08 60.72 -40.38
C LYS R 16 -55.38 60.60 -39.03
N GLU R 17 -55.28 61.71 -38.29
CA GLU R 17 -54.74 61.65 -36.94
C GLU R 17 -55.89 61.31 -35.99
N ILE R 18 -56.04 60.01 -35.73
CA ILE R 18 -57.05 59.57 -34.78
C ILE R 18 -56.57 59.88 -33.37
N ASP R 19 -57.52 60.05 -32.46
CA ASP R 19 -57.22 60.33 -31.06
C ASP R 19 -57.74 59.21 -30.19
N TYR R 20 -57.18 59.15 -28.97
CA TYR R 20 -57.62 58.24 -27.94
C TYR R 20 -58.80 58.78 -27.15
N LYS R 21 -59.54 59.72 -27.73
CA LYS R 21 -60.66 60.37 -27.08
C LYS R 21 -62.01 59.89 -27.59
N ASP R 22 -62.13 59.62 -28.89
CA ASP R 22 -63.39 59.16 -29.44
C ASP R 22 -63.57 57.69 -29.09
N LEU R 23 -64.15 57.44 -27.93
CA LEU R 23 -64.41 56.07 -27.51
C LEU R 23 -65.55 55.45 -28.29
N ASN R 24 -66.41 56.25 -28.91
CA ASN R 24 -67.48 55.70 -29.72
C ASN R 24 -66.92 55.07 -31.00
N THR R 25 -65.75 55.51 -31.44
CA THR R 25 -65.06 54.85 -32.54
C THR R 25 -64.33 53.60 -32.08
N LEU R 26 -63.61 53.69 -30.97
CA LEU R 26 -62.71 52.62 -30.56
C LEU R 26 -63.46 51.39 -30.07
N LYS R 27 -64.70 51.57 -29.58
CA LYS R 27 -65.45 50.40 -29.15
C LYS R 27 -65.94 49.55 -30.31
N ALA R 28 -65.88 50.05 -31.54
CA ALA R 28 -66.18 49.21 -32.68
C ALA R 28 -65.05 48.24 -33.00
N TYR R 29 -63.85 48.49 -32.47
CA TYR R 29 -62.67 47.71 -32.86
C TYR R 29 -62.13 46.86 -31.71
N VAL R 30 -62.92 46.64 -30.67
CA VAL R 30 -62.51 45.84 -29.52
C VAL R 30 -63.52 44.73 -29.36
N SER R 31 -63.03 43.51 -29.15
CA SER R 31 -63.90 42.34 -29.00
C SER R 31 -64.62 42.37 -27.66
N GLU R 32 -65.48 41.37 -27.45
CA GLU R 32 -66.31 41.34 -26.25
C GLU R 32 -65.50 41.04 -25.00
N THR R 33 -64.36 40.37 -25.15
CA THR R 33 -63.55 40.04 -23.99
C THR R 33 -62.66 41.20 -23.60
N GLY R 34 -62.05 41.85 -24.60
CA GLY R 34 -61.21 43.00 -24.34
C GLY R 34 -60.03 43.05 -25.29
N LYS R 35 -59.71 41.94 -25.92
CA LYS R 35 -58.55 41.92 -26.79
C LYS R 35 -58.88 42.59 -28.13
N ILE R 36 -57.83 43.05 -28.78
CA ILE R 36 -57.94 43.88 -29.98
C ILE R 36 -58.10 42.99 -31.21
N VAL R 37 -58.87 43.46 -32.17
CA VAL R 37 -59.27 42.68 -33.34
C VAL R 37 -58.11 42.59 -34.33
N PRO R 38 -58.11 41.61 -35.24
CA PRO R 38 -57.11 41.61 -36.31
C PRO R 38 -57.40 42.63 -37.38
N SER R 39 -56.61 42.63 -38.45
CA SER R 39 -56.83 43.54 -39.56
C SER R 39 -57.26 42.82 -40.83
N ARG R 40 -57.49 41.52 -40.78
CA ARG R 40 -58.20 40.81 -41.84
C ARG R 40 -59.65 40.60 -41.50
N ILE R 41 -60.11 41.10 -40.37
CA ILE R 41 -61.51 41.09 -40.02
C ILE R 41 -62.15 42.43 -40.28
N THR R 42 -61.52 43.50 -39.81
CA THR R 42 -61.97 44.83 -40.18
C THR R 42 -61.56 45.18 -41.59
N GLY R 43 -60.42 44.67 -42.05
CA GLY R 43 -59.95 45.01 -43.37
C GLY R 43 -59.41 46.42 -43.49
N THR R 44 -59.05 47.06 -42.37
CA THR R 44 -58.48 48.39 -42.43
C THR R 44 -57.08 48.35 -43.01
N LYS R 45 -56.68 49.47 -43.61
CA LYS R 45 -55.35 49.57 -44.18
C LYS R 45 -54.31 49.58 -43.07
N ALA R 46 -53.17 48.94 -43.34
CA ALA R 46 -52.17 48.70 -42.30
C ALA R 46 -51.40 49.95 -41.91
N LYS R 47 -51.59 51.07 -42.60
CA LYS R 47 -51.10 52.33 -42.04
C LYS R 47 -51.89 52.70 -40.80
N TYR R 48 -53.21 52.51 -40.84
CA TYR R 48 -54.05 52.94 -39.74
C TYR R 48 -54.16 51.90 -38.64
N GLN R 49 -54.00 50.63 -38.98
CA GLN R 49 -54.03 49.56 -37.98
C GLN R 49 -52.91 49.73 -36.97
N ARG R 50 -51.72 50.12 -37.43
CA ARG R 50 -50.65 50.46 -36.51
C ARG R 50 -50.99 51.72 -35.72
N GLN R 51 -51.62 52.68 -36.37
CA GLN R 51 -52.04 53.89 -35.67
C GLN R 51 -53.22 53.62 -34.76
N LEU R 52 -54.03 52.62 -35.07
CA LEU R 52 -55.15 52.28 -34.21
C LEU R 52 -54.69 51.59 -32.94
N ALA R 53 -53.58 50.86 -33.00
CA ALA R 53 -53.12 50.11 -31.84
C ALA R 53 -52.50 51.00 -30.78
N THR R 54 -52.04 52.20 -31.16
CA THR R 54 -51.48 53.08 -30.15
C THR R 54 -52.59 53.74 -29.35
N ALA R 55 -53.67 54.15 -30.01
CA ALA R 55 -54.77 54.79 -29.34
C ALA R 55 -55.54 53.83 -28.43
N ILE R 56 -55.43 52.53 -28.66
CA ILE R 56 -55.96 51.58 -27.69
C ILE R 56 -55.08 51.55 -26.46
N LYS R 57 -53.77 51.43 -26.65
CA LYS R 57 -52.86 51.26 -25.53
C LYS R 57 -52.72 52.50 -24.68
N ARG R 58 -53.05 53.67 -25.22
CA ARG R 58 -53.07 54.86 -24.38
C ARG R 58 -54.40 54.99 -23.64
N ALA R 59 -55.51 54.69 -24.31
CA ALA R 59 -56.80 54.75 -23.65
C ALA R 59 -56.94 53.65 -22.61
N ARG R 60 -56.26 52.53 -22.81
CA ARG R 60 -56.23 51.50 -21.79
C ARG R 60 -55.45 51.94 -20.57
N TYR R 61 -54.46 52.80 -20.75
CA TYR R 61 -53.63 53.25 -19.64
C TYR R 61 -54.38 54.21 -18.74
N LEU R 62 -55.27 55.01 -19.31
CA LEU R 62 -56.04 56.00 -18.57
C LEU R 62 -57.35 55.45 -18.03
N ALA R 63 -57.48 54.12 -17.96
CA ALA R 63 -58.65 53.40 -17.46
C ALA R 63 -59.93 53.77 -18.20
N LEU R 64 -59.83 54.07 -19.48
CA LEU R 64 -60.99 54.29 -20.31
C LEU R 64 -61.50 53.02 -20.97
N LEU R 65 -60.72 51.95 -20.95
CA LEU R 65 -61.03 50.69 -21.57
C LEU R 65 -60.42 49.61 -20.70
N PRO R 66 -61.09 48.51 -20.48
CA PRO R 66 -60.55 47.46 -19.61
C PRO R 66 -59.52 46.64 -20.34
N TYR R 67 -58.96 45.67 -19.63
CA TYR R 67 -58.08 44.68 -20.25
C TYR R 67 -58.78 43.34 -20.43
N THR R 68 -59.41 42.84 -19.38
CA THR R 68 -59.94 41.50 -19.33
C THR R 68 -61.27 41.58 -18.60
N ASP R 69 -62.02 40.49 -18.57
CA ASP R 69 -63.24 40.45 -17.79
C ASP R 69 -63.00 40.27 -16.29
N SER R 70 -61.73 40.17 -15.85
CA SER R 70 -61.44 39.97 -14.43
C SER R 70 -61.69 41.25 -13.64
N HIS R 71 -60.95 42.30 -13.95
CA HIS R 71 -61.25 43.60 -13.38
C HIS R 71 -62.24 44.32 -14.27
N PRO S 1 -47.59 -70.61 -31.78
CA PRO S 1 -46.60 -70.62 -32.87
C PRO S 1 -46.12 -72.01 -33.18
N ARG S 2 -45.99 -72.32 -34.48
CA ARG S 2 -45.66 -73.67 -34.98
C ARG S 2 -46.65 -74.69 -34.43
N SER S 3 -47.88 -74.56 -34.93
CA SER S 3 -49.04 -75.28 -34.41
C SER S 3 -48.86 -76.79 -34.51
N LEU S 4 -49.60 -77.49 -33.65
CA LEU S 4 -49.27 -78.86 -33.29
C LEU S 4 -49.57 -79.87 -34.40
N LYS S 5 -50.22 -79.44 -35.48
CA LYS S 5 -50.31 -80.26 -36.69
C LYS S 5 -48.92 -80.57 -37.22
N LYS S 6 -48.11 -79.54 -37.40
CA LYS S 6 -46.70 -79.70 -37.75
C LYS S 6 -45.92 -79.59 -36.44
N GLY S 7 -45.70 -80.72 -35.80
CA GLY S 7 -45.24 -80.75 -34.43
C GLY S 7 -43.81 -80.28 -34.19
N PRO S 8 -42.83 -81.09 -34.59
CA PRO S 8 -41.44 -80.76 -34.27
C PRO S 8 -40.76 -79.98 -35.38
N PHE S 9 -39.60 -79.42 -35.04
CA PHE S 9 -38.71 -78.88 -36.05
C PHE S 9 -37.27 -79.12 -35.63
N ILE S 10 -36.49 -79.69 -36.55
CA ILE S 10 -35.05 -79.81 -36.40
C ILE S 10 -34.45 -79.84 -37.80
N ASP S 11 -33.19 -79.48 -37.90
CA ASP S 11 -32.56 -79.38 -39.20
C ASP S 11 -31.94 -80.73 -39.58
N LEU S 12 -31.87 -80.97 -40.90
CA LEU S 12 -31.50 -82.29 -41.40
C LEU S 12 -30.03 -82.58 -41.20
N HIS S 13 -29.16 -81.65 -41.58
CA HIS S 13 -27.73 -81.89 -41.41
C HIS S 13 -27.32 -81.86 -39.95
N LEU S 14 -28.05 -81.13 -39.13
CA LEU S 14 -27.82 -81.16 -37.69
C LEU S 14 -28.14 -82.53 -37.11
N LEU S 15 -29.16 -83.20 -37.65
CA LEU S 15 -29.61 -84.46 -37.07
C LEU S 15 -28.61 -85.58 -37.29
N LYS S 16 -28.04 -85.67 -38.50
CA LYS S 16 -27.02 -86.68 -38.74
C LYS S 16 -25.71 -86.34 -38.06
N LYS S 17 -25.45 -85.07 -37.76
CA LYS S 17 -24.28 -84.68 -37.00
C LYS S 17 -24.52 -84.71 -35.51
N VAL S 18 -25.65 -85.27 -35.07
CA VAL S 18 -25.95 -85.48 -33.67
C VAL S 18 -26.28 -86.95 -33.40
N GLU S 19 -27.21 -87.52 -34.17
CA GLU S 19 -27.66 -88.88 -33.91
C GLU S 19 -26.55 -89.90 -34.16
N VAL S 20 -25.73 -89.66 -35.18
CA VAL S 20 -24.52 -90.46 -35.35
C VAL S 20 -23.47 -90.05 -34.32
N ALA S 21 -23.42 -88.77 -33.96
CA ALA S 21 -22.49 -88.30 -32.96
C ALA S 21 -22.96 -88.58 -31.52
N VAL S 22 -24.08 -89.28 -31.34
CA VAL S 22 -24.37 -89.91 -30.05
C VAL S 22 -23.63 -91.24 -29.95
N GLU S 23 -23.57 -91.99 -31.05
CA GLU S 23 -22.97 -93.31 -31.07
C GLU S 23 -21.48 -93.29 -30.79
N LYS S 24 -20.81 -92.16 -31.01
CA LYS S 24 -19.49 -91.89 -30.46
C LYS S 24 -19.67 -90.65 -29.59
N ASN S 25 -19.54 -90.83 -28.27
CA ASN S 25 -20.15 -89.92 -27.31
C ASN S 25 -19.37 -88.61 -27.17
N ASP S 26 -19.74 -87.81 -26.16
CA ASP S 26 -19.41 -86.41 -26.09
C ASP S 26 -17.93 -86.15 -25.83
N ARG S 27 -17.16 -86.01 -26.91
CA ARG S 27 -15.75 -85.67 -26.83
C ARG S 27 -15.42 -84.43 -27.63
N LYS S 28 -16.43 -83.68 -28.07
CA LYS S 28 -16.23 -82.56 -28.96
C LYS S 28 -17.45 -81.65 -28.88
N PRO S 29 -17.26 -80.34 -29.06
CA PRO S 29 -18.42 -79.46 -29.23
C PRO S 29 -18.90 -79.46 -30.67
N ILE S 30 -20.17 -79.20 -30.84
CA ILE S 30 -20.79 -79.20 -32.16
C ILE S 30 -20.87 -77.75 -32.64
N LYS S 31 -20.09 -77.43 -33.67
CA LYS S 31 -20.07 -76.08 -34.22
C LYS S 31 -21.09 -75.99 -35.35
N THR S 32 -22.12 -75.17 -35.16
CA THR S 32 -23.25 -75.11 -36.08
C THR S 32 -23.72 -73.67 -36.18
N TRP S 33 -23.94 -73.21 -37.41
CA TRP S 33 -24.50 -71.88 -37.62
C TRP S 33 -26.01 -71.84 -37.49
N SER S 34 -26.67 -72.98 -37.43
CA SER S 34 -28.13 -73.00 -37.41
C SER S 34 -28.66 -72.56 -36.06
N ARG S 35 -29.72 -71.77 -36.08
CA ARG S 35 -30.37 -71.32 -34.88
C ARG S 35 -31.88 -71.49 -34.93
N ARG S 36 -32.42 -72.00 -36.03
CA ARG S 36 -33.86 -72.11 -36.18
C ARG S 36 -34.44 -73.35 -35.53
N SER S 37 -33.60 -74.26 -35.05
CA SER S 37 -34.08 -75.54 -34.56
C SER S 37 -34.12 -75.57 -33.05
N MET S 38 -35.00 -76.42 -32.52
CA MET S 38 -35.19 -76.61 -31.09
C MET S 38 -34.11 -77.54 -30.55
N ILE S 39 -34.19 -77.87 -29.26
CA ILE S 39 -33.47 -79.00 -28.74
C ILE S 39 -34.50 -80.05 -28.32
N LEU S 40 -34.03 -81.28 -28.19
CA LEU S 40 -34.91 -82.44 -28.10
C LEU S 40 -34.39 -83.38 -27.03
N PRO S 41 -35.25 -84.22 -26.46
CA PRO S 41 -34.77 -85.21 -25.48
C PRO S 41 -33.89 -86.30 -26.06
N HIS S 42 -33.67 -86.33 -27.38
CA HIS S 42 -32.58 -87.08 -27.96
C HIS S 42 -31.24 -86.37 -27.82
N MET S 43 -31.20 -85.18 -27.22
CA MET S 43 -29.99 -84.38 -27.19
C MET S 43 -29.68 -83.81 -25.82
N VAL S 44 -30.14 -84.46 -24.74
CA VAL S 44 -29.98 -83.90 -23.39
C VAL S 44 -28.52 -84.08 -22.96
N GLY S 45 -27.80 -82.98 -22.81
CA GLY S 45 -26.48 -82.99 -22.22
C GLY S 45 -25.32 -82.74 -23.17
N LEU S 46 -25.57 -82.26 -24.38
CA LEU S 46 -24.52 -82.13 -25.36
C LEU S 46 -23.82 -80.77 -25.24
N THR S 47 -22.92 -80.50 -26.18
CA THR S 47 -22.13 -79.27 -26.20
C THR S 47 -22.19 -78.70 -27.61
N ILE S 48 -22.84 -77.55 -27.76
CA ILE S 48 -23.12 -76.96 -29.06
C ILE S 48 -22.42 -75.61 -29.13
N ALA S 49 -21.80 -75.31 -30.27
CA ALA S 49 -21.14 -74.03 -30.48
C ALA S 49 -22.02 -73.18 -31.40
N VAL S 50 -22.97 -72.47 -30.80
CA VAL S 50 -23.97 -71.71 -31.54
C VAL S 50 -23.36 -70.39 -32.01
N HIS S 51 -23.64 -70.04 -33.26
CA HIS S 51 -23.03 -68.88 -33.90
C HIS S 51 -23.61 -67.59 -33.33
N ASN S 52 -22.75 -66.78 -32.72
CA ASN S 52 -23.15 -65.47 -32.19
C ASN S 52 -23.56 -64.54 -33.30
N GLY S 53 -22.85 -64.58 -34.42
CA GLY S 53 -22.97 -63.59 -35.46
C GLY S 53 -21.59 -63.25 -35.94
N ARG S 54 -20.62 -63.30 -35.02
CA ARG S 54 -19.22 -63.21 -35.36
C ARG S 54 -18.34 -64.26 -34.70
N GLN S 55 -18.86 -65.07 -33.78
CA GLN S 55 -18.12 -66.20 -33.25
C GLN S 55 -19.10 -67.28 -32.82
N HIS S 56 -18.57 -68.39 -32.32
CA HIS S 56 -19.36 -69.45 -31.74
C HIS S 56 -19.21 -69.45 -30.23
N VAL S 57 -20.32 -69.66 -29.51
CA VAL S 57 -20.28 -69.72 -28.06
C VAL S 57 -20.74 -71.10 -27.60
N PRO S 58 -20.15 -71.65 -26.54
CA PRO S 58 -20.54 -73.00 -26.10
C PRO S 58 -21.85 -73.02 -25.34
N VAL S 59 -22.53 -74.16 -25.41
CA VAL S 59 -23.84 -74.36 -24.81
C VAL S 59 -23.80 -75.61 -23.95
N LEU S 60 -24.18 -75.48 -22.68
CA LEU S 60 -24.34 -76.62 -21.79
C LEU S 60 -25.80 -77.04 -21.80
N VAL S 61 -26.10 -78.16 -22.44
CA VAL S 61 -27.49 -78.59 -22.58
C VAL S 61 -27.93 -79.26 -21.29
N ASN S 62 -29.07 -78.82 -20.77
CA ASN S 62 -29.66 -79.38 -19.56
C ASN S 62 -30.98 -80.03 -19.90
N GLU S 63 -31.61 -80.63 -18.90
CA GLU S 63 -32.86 -81.34 -19.14
C GLU S 63 -34.05 -80.40 -19.23
N ASP S 64 -33.98 -79.22 -18.62
CA ASP S 64 -35.10 -78.30 -18.56
C ASP S 64 -34.95 -77.15 -19.54
N MET S 65 -34.36 -77.42 -20.71
CA MET S 65 -34.16 -76.46 -21.77
C MET S 65 -34.90 -76.86 -23.03
N VAL S 66 -35.85 -77.80 -22.91
CA VAL S 66 -36.23 -78.64 -24.03
C VAL S 66 -37.10 -77.89 -25.05
N GLY S 67 -38.02 -77.05 -24.58
CA GLY S 67 -38.93 -76.40 -25.52
C GLY S 67 -38.34 -75.22 -26.24
N HIS S 68 -37.37 -74.55 -25.62
CA HIS S 68 -36.86 -73.31 -26.16
C HIS S 68 -35.80 -73.58 -27.21
N LYS S 69 -35.72 -72.69 -28.21
CA LYS S 69 -34.77 -72.90 -29.28
C LYS S 69 -33.38 -72.44 -28.88
N LEU S 70 -32.42 -72.64 -29.79
CA LEU S 70 -31.03 -72.26 -29.54
C LEU S 70 -30.83 -70.76 -29.54
N GLY S 71 -31.78 -70.00 -30.07
CA GLY S 71 -31.59 -68.58 -30.19
C GLY S 71 -31.63 -67.82 -28.89
N GLU S 72 -32.24 -68.39 -27.85
CA GLU S 72 -32.33 -67.72 -26.57
C GLU S 72 -31.05 -67.81 -25.75
N PHE S 73 -30.03 -68.49 -26.25
CA PHE S 73 -28.82 -68.73 -25.48
C PHE S 73 -27.57 -68.22 -26.18
N ALA S 74 -27.67 -67.78 -27.41
CA ALA S 74 -26.62 -66.97 -28.03
C ALA S 74 -27.01 -65.51 -27.95
N ALA S 75 -26.02 -64.66 -27.72
CA ALA S 75 -26.30 -63.24 -27.68
C ALA S 75 -26.45 -62.68 -29.09
N THR S 76 -26.92 -61.45 -29.18
CA THR S 76 -26.78 -60.66 -30.40
C THR S 76 -26.07 -59.34 -30.16
N ARG S 77 -26.53 -58.56 -29.20
CA ARG S 77 -26.13 -57.18 -29.03
C ARG S 77 -25.64 -56.97 -27.61
N THR S 78 -24.57 -56.20 -27.46
CA THR S 78 -23.82 -56.19 -26.20
C THR S 78 -24.47 -55.33 -25.14
N TYR S 79 -24.54 -54.02 -25.38
CA TYR S 79 -25.03 -53.00 -24.43
C TYR S 79 -24.30 -53.09 -23.09
N ARG S 80 -23.02 -52.76 -23.15
CA ARG S 80 -22.21 -52.74 -21.94
C ARG S 80 -22.46 -51.46 -21.15
N ASN T 1 62.66 19.68 -59.57
CA ASN T 1 62.68 21.07 -60.00
C ASN T 1 63.48 21.22 -61.28
N THR T 2 63.93 22.44 -61.55
CA THR T 2 64.72 22.75 -62.73
C THR T 2 66.05 23.35 -62.30
N PRO T 3 67.05 23.38 -63.17
CA PRO T 3 68.21 24.24 -62.92
C PRO T 3 68.04 25.64 -63.45
N SER T 4 66.81 26.02 -63.79
CA SER T 4 66.52 27.37 -64.27
C SER T 4 65.66 28.17 -63.32
N ALA T 5 64.84 27.54 -62.50
CA ALA T 5 64.15 28.28 -61.45
C ALA T 5 65.10 28.62 -60.32
N LYS T 6 66.11 27.78 -60.09
CA LYS T 6 67.12 28.07 -59.08
C LYS T 6 68.07 29.16 -59.53
N LYS T 7 68.06 29.50 -60.82
CA LYS T 7 68.79 30.66 -61.27
C LYS T 7 67.97 31.92 -61.07
N ARG T 8 66.66 31.87 -61.33
CA ARG T 8 65.84 33.05 -61.09
C ARG T 8 65.61 33.28 -59.60
N ALA T 9 65.88 32.29 -58.76
CA ALA T 9 65.80 32.51 -57.33
C ALA T 9 66.99 33.31 -56.83
N LYS T 10 68.21 32.96 -57.27
CA LYS T 10 69.40 33.71 -56.87
C LYS T 10 69.39 35.12 -57.45
N GLN T 11 68.76 35.29 -58.60
CA GLN T 11 68.73 36.54 -59.32
C GLN T 11 67.62 37.45 -58.82
N ALA T 12 66.93 37.04 -57.76
CA ALA T 12 65.91 37.88 -57.15
C ALA T 12 66.43 38.70 -55.99
N GLU T 13 67.27 38.11 -55.12
CA GLU T 13 67.82 38.90 -54.03
C GLU T 13 68.90 39.86 -54.51
N LYS T 14 69.55 39.56 -55.63
CA LYS T 14 70.53 40.49 -56.17
C LYS T 14 69.90 41.74 -56.72
N ARG T 15 68.60 41.71 -57.01
CA ARG T 15 67.87 42.91 -57.37
C ARG T 15 67.03 43.46 -56.23
N ARG T 16 66.57 42.60 -55.32
CA ARG T 16 65.82 43.07 -54.17
C ARG T 16 66.69 43.92 -53.26
N SER T 17 67.93 43.50 -53.04
CA SER T 17 68.85 44.30 -52.26
C SER T 17 69.28 45.54 -53.03
N HIS T 18 69.37 45.43 -54.35
CA HIS T 18 69.83 46.56 -55.14
C HIS T 18 68.74 47.60 -55.31
N ASN T 19 67.49 47.19 -55.42
CA ASN T 19 66.44 48.18 -55.60
C ASN T 19 66.11 48.88 -54.30
N ALA T 20 66.32 48.23 -53.16
CA ALA T 20 65.97 48.82 -51.87
C ALA T 20 66.83 50.03 -51.55
N SER T 21 68.10 49.98 -51.95
CA SER T 21 68.98 51.13 -51.77
C SER T 21 68.55 52.30 -52.63
N LEU T 22 68.18 52.02 -53.88
CA LEU T 22 67.72 53.07 -54.76
C LEU T 22 66.32 53.53 -54.42
N ARG T 23 65.57 52.75 -53.65
CA ARG T 23 64.22 53.14 -53.32
C ARG T 23 64.16 53.95 -52.04
N SER T 24 64.91 53.54 -51.02
CA SER T 24 64.85 54.27 -49.76
C SER T 24 65.57 55.61 -49.84
N MET T 25 66.49 55.77 -50.79
CA MET T 25 67.17 57.04 -50.96
C MET T 25 66.21 58.12 -51.44
N VAL T 26 65.24 57.72 -52.26
CA VAL T 26 64.22 58.65 -52.69
C VAL T 26 63.44 59.17 -51.50
N ARG T 27 63.07 58.28 -50.59
CA ARG T 27 62.19 58.68 -49.49
C ARG T 27 62.90 59.53 -48.45
N THR T 28 64.22 59.41 -48.32
CA THR T 28 64.92 60.29 -47.40
C THR T 28 65.00 61.70 -47.93
N TYR T 29 65.12 61.86 -49.24
CA TYR T 29 65.15 63.21 -49.78
C TYR T 29 63.77 63.83 -49.93
N ILE T 30 62.71 63.10 -49.60
CA ILE T 30 61.37 63.67 -49.57
C ILE T 30 60.94 63.99 -48.15
N LYS T 31 61.31 63.15 -47.18
CA LYS T 31 61.02 63.46 -45.78
C LYS T 31 61.83 64.63 -45.25
N ASN T 32 62.94 64.97 -45.91
CA ASN T 32 63.64 66.19 -45.55
C ASN T 32 62.85 67.43 -45.92
N VAL T 33 62.06 67.37 -46.98
CA VAL T 33 61.28 68.53 -47.36
C VAL T 33 60.05 68.66 -46.48
N VAL T 34 59.42 67.53 -46.16
CA VAL T 34 58.16 67.58 -45.41
C VAL T 34 58.39 67.96 -43.96
N LYS T 35 59.49 67.49 -43.37
CA LYS T 35 59.83 67.92 -42.02
C LYS T 35 60.30 69.36 -41.96
N ALA T 36 60.72 69.93 -43.09
CA ALA T 36 61.08 71.33 -43.12
C ALA T 36 59.89 72.24 -43.37
N ILE T 37 58.76 71.70 -43.81
CA ILE T 37 57.56 72.51 -43.96
C ILE T 37 56.93 72.78 -42.61
N ASP T 38 56.91 71.77 -41.74
CA ASP T 38 56.14 71.84 -40.50
C ASP T 38 56.73 72.81 -39.49
N ALA T 39 58.01 73.15 -39.61
CA ALA T 39 58.63 74.14 -38.75
C ALA T 39 58.51 75.56 -39.32
N LYS T 40 57.67 75.74 -40.34
CA LYS T 40 57.40 77.03 -40.99
C LYS T 40 58.68 77.67 -41.54
N ASP T 41 59.51 76.85 -42.16
CA ASP T 41 60.80 77.28 -42.66
C ASP T 41 60.69 77.60 -44.14
N LEU T 42 60.95 78.84 -44.52
CA LEU T 42 60.84 79.18 -45.92
C LEU T 42 62.10 78.89 -46.69
N GLU T 43 63.26 79.24 -46.16
CA GLU T 43 64.49 79.03 -46.91
C GLU T 43 65.18 77.72 -46.58
N LYS T 44 64.80 77.07 -45.49
CA LYS T 44 65.38 75.77 -45.21
C LYS T 44 64.76 74.69 -46.09
N ALA T 45 63.44 74.77 -46.28
CA ALA T 45 62.76 73.85 -47.18
C ALA T 45 63.10 74.13 -48.63
N GLN T 46 63.40 75.39 -48.96
CA GLN T 46 63.73 75.75 -50.33
C GLN T 46 65.05 75.14 -50.77
N ALA T 47 66.00 74.99 -49.85
CA ALA T 47 67.26 74.35 -50.19
C ALA T 47 67.10 72.85 -50.31
N ALA T 48 66.24 72.24 -49.49
CA ALA T 48 65.99 70.82 -49.58
C ALA T 48 65.21 70.46 -50.84
N PHE T 49 64.34 71.35 -51.28
CA PHE T 49 63.55 71.11 -52.48
C PHE T 49 64.43 71.14 -53.73
N THR T 50 65.52 71.90 -53.69
CA THR T 50 66.36 72.07 -54.87
C THR T 50 67.16 70.80 -55.16
N ALA T 51 67.80 70.25 -54.13
CA ALA T 51 68.64 69.07 -54.30
C ALA T 51 67.90 67.77 -54.09
N ALA T 52 66.58 67.77 -54.26
CA ALA T 52 65.80 66.55 -54.25
C ALA T 52 65.00 66.32 -55.51
N VAL T 53 64.80 67.37 -56.32
CA VAL T 53 64.23 67.16 -57.65
C VAL T 53 65.14 66.32 -58.54
N PRO T 54 66.47 66.54 -58.63
CA PRO T 54 67.26 65.61 -59.46
C PRO T 54 67.38 64.20 -58.91
N VAL T 55 67.16 63.99 -57.61
CA VAL T 55 67.28 62.63 -57.10
C VAL T 55 66.06 61.81 -57.48
N ILE T 56 64.88 62.43 -57.44
CA ILE T 56 63.65 61.72 -57.77
C ILE T 56 63.61 61.36 -59.26
N ASP T 57 63.91 62.32 -60.12
CA ASP T 57 63.75 62.08 -61.55
C ASP T 57 64.84 61.17 -62.11
N ARG T 58 66.01 61.15 -61.50
CA ARG T 58 67.03 60.21 -61.96
C ARG T 58 66.68 58.79 -61.53
N MET T 59 65.96 58.64 -60.43
CA MET T 59 65.44 57.33 -60.04
C MET T 59 64.15 56.97 -60.74
N ALA T 60 63.64 57.83 -61.61
CA ALA T 60 62.43 57.50 -62.34
C ALA T 60 62.71 56.80 -63.65
N ASP T 61 63.73 57.23 -64.39
CA ASP T 61 64.02 56.58 -65.66
C ASP T 61 64.82 55.29 -65.50
N LYS T 62 65.38 55.04 -64.31
CA LYS T 62 65.93 53.72 -64.02
C LYS T 62 64.82 52.67 -63.99
N GLY T 63 63.62 53.07 -63.61
CA GLY T 63 62.49 52.15 -63.57
C GLY T 63 62.26 51.59 -62.18
N ILE T 64 62.46 52.41 -61.16
CA ILE T 64 62.24 51.96 -59.80
C ILE T 64 60.84 52.34 -59.37
N ILE T 65 60.57 53.63 -59.31
CA ILE T 65 59.22 54.11 -59.19
C ILE T 65 58.72 54.39 -60.59
N HIS T 66 57.40 54.38 -60.75
CA HIS T 66 56.82 54.62 -62.05
C HIS T 66 56.85 56.12 -62.36
N LYS T 67 56.88 56.45 -63.65
CA LYS T 67 57.07 57.84 -64.07
C LYS T 67 55.87 58.72 -63.75
N ASN T 68 54.69 58.15 -63.56
CA ASN T 68 53.58 58.96 -63.08
C ASN T 68 53.57 59.14 -61.58
N LYS T 69 54.37 58.37 -60.84
CA LYS T 69 54.47 58.62 -59.42
C LYS T 69 55.42 59.76 -59.13
N ALA T 70 56.51 59.85 -59.89
CA ALA T 70 57.42 60.97 -59.76
C ALA T 70 56.77 62.28 -60.22
N ALA T 71 55.80 62.19 -61.12
CA ALA T 71 55.06 63.38 -61.52
C ALA T 71 54.09 63.85 -60.45
N ARG T 72 53.87 63.07 -59.41
CA ARG T 72 52.89 63.42 -58.39
C ARG T 72 53.51 64.13 -57.20
N HIS T 73 54.72 63.77 -56.80
CA HIS T 73 55.35 64.44 -55.68
C HIS T 73 55.74 65.86 -56.02
N LYS T 74 56.23 66.07 -57.25
CA LYS T 74 56.71 67.39 -57.66
C LYS T 74 55.57 68.40 -57.74
N SER T 75 54.37 67.95 -58.07
CA SER T 75 53.24 68.86 -58.13
C SER T 75 52.78 69.26 -56.75
N ARG T 76 52.73 68.31 -55.82
CA ARG T 76 52.19 68.61 -54.50
C ARG T 76 53.16 69.40 -53.64
N LEU T 77 54.45 69.11 -53.74
CA LEU T 77 55.40 69.81 -52.91
C LEU T 77 55.59 71.25 -53.34
N SER T 78 55.37 71.55 -54.63
CA SER T 78 55.33 72.94 -55.03
C SER T 78 54.11 73.65 -54.48
N GLY T 79 53.01 72.93 -54.31
CA GLY T 79 51.81 73.51 -53.76
C GLY T 79 51.89 73.84 -52.29
N HIS T 80 52.91 73.35 -51.59
CA HIS T 80 53.09 73.72 -50.19
C HIS T 80 54.15 74.80 -50.00
N ILE T 81 54.97 75.06 -51.01
CA ILE T 81 55.93 76.15 -50.91
C ILE T 81 55.28 77.47 -51.28
N LYS T 82 54.38 77.47 -52.27
CA LYS T 82 53.63 78.68 -52.56
C LYS T 82 52.60 79.02 -51.49
N ALA T 83 52.34 78.12 -50.55
CA ALA T 83 51.53 78.42 -49.38
C ALA T 83 52.35 78.97 -48.24
N LEU T 84 53.63 79.27 -48.47
CA LEU T 84 54.43 79.97 -47.48
C LEU T 84 54.86 81.32 -48.03
N SER T 85 53.91 82.03 -48.64
CA SER T 85 54.17 83.36 -49.18
C SER T 85 52.94 84.24 -48.99
N LYS U 1 -68.42 35.37 -20.68
CA LYS U 1 -69.53 35.45 -19.74
C LYS U 1 -70.86 35.17 -20.41
N VAL U 2 -71.63 34.27 -19.81
CA VAL U 2 -72.91 33.82 -20.34
C VAL U 2 -73.94 33.89 -19.22
N LYS U 3 -75.00 34.67 -19.43
CA LYS U 3 -76.09 34.75 -18.48
C LYS U 3 -77.21 33.82 -18.91
N GLU U 4 -78.32 33.85 -18.17
CA GLU U 4 -79.52 33.12 -18.56
C GLU U 4 -80.74 34.00 -18.45
N GLU U 6 -86.16 30.21 -20.71
CA GLU U 6 -84.73 29.97 -20.66
C GLU U 6 -84.40 28.54 -20.25
N PRO U 7 -84.36 27.62 -21.20
CA PRO U 7 -83.89 26.27 -20.90
C PRO U 7 -82.38 26.25 -20.74
N PHE U 8 -81.89 25.13 -20.23
CA PHE U 8 -80.49 25.06 -19.85
C PHE U 8 -79.58 24.63 -20.97
N ASP U 9 -80.08 23.83 -21.92
CA ASP U 9 -79.25 23.33 -23.01
C ASP U 9 -78.86 24.45 -23.96
N VAL U 10 -79.68 25.50 -24.05
CA VAL U 10 -79.37 26.64 -24.88
C VAL U 10 -78.18 27.41 -24.31
N ALA U 11 -78.17 27.65 -23.01
CA ALA U 11 -77.10 28.43 -22.40
C ALA U 11 -75.79 27.67 -22.34
N LEU U 12 -75.82 26.34 -22.41
CA LEU U 12 -74.59 25.57 -22.55
C LEU U 12 -73.93 25.82 -23.89
N ARG U 13 -74.69 25.65 -24.97
CA ARG U 13 -74.15 25.84 -26.31
C ARG U 13 -73.89 27.31 -26.61
N ARG U 14 -74.52 28.23 -25.89
CA ARG U 14 -74.10 29.62 -25.94
C ARG U 14 -72.84 29.86 -25.12
N PHE U 15 -72.38 28.90 -24.33
CA PHE U 15 -71.18 29.05 -23.53
C PHE U 15 -70.00 28.27 -24.07
N LYS U 16 -70.24 27.05 -24.57
CA LYS U 16 -69.19 26.30 -25.23
C LYS U 16 -68.69 27.01 -26.47
N ARG U 17 -69.58 27.73 -27.14
CA ARG U 17 -69.22 28.42 -28.37
C ARG U 17 -68.62 29.78 -28.09
N SER U 18 -69.12 30.48 -27.06
CA SER U 18 -68.60 31.81 -26.76
C SER U 18 -67.20 31.75 -26.16
N CYS U 19 -66.87 30.65 -25.49
CA CYS U 19 -65.50 30.46 -25.03
C CYS U 19 -64.55 30.24 -26.21
N GLU U 20 -64.96 29.38 -27.14
CA GLU U 20 -64.11 29.06 -28.29
C GLU U 20 -64.00 30.23 -29.25
N LYS U 21 -65.10 30.96 -29.46
CA LYS U 21 -65.05 32.15 -30.30
C LYS U 21 -64.29 33.30 -29.68
N ALA U 22 -64.08 33.27 -28.36
CA ALA U 22 -63.18 34.22 -27.74
C ALA U 22 -61.74 33.73 -27.77
N GLY U 23 -61.53 32.45 -27.44
CA GLY U 23 -60.21 31.87 -27.35
C GLY U 23 -59.93 31.34 -25.95
N ALA U 24 -58.70 31.53 -25.48
CA ALA U 24 -58.24 31.15 -24.14
C ALA U 24 -58.43 29.66 -23.87
N LEU U 25 -58.37 28.85 -24.90
CA LEU U 25 -58.33 27.41 -24.73
C LEU U 25 -57.18 26.80 -25.51
N ALA U 26 -56.86 27.33 -26.68
CA ALA U 26 -55.63 26.94 -27.37
C ALA U 26 -54.42 27.65 -26.78
N GLU U 27 -54.61 28.84 -26.22
CA GLU U 27 -53.50 29.58 -25.64
C GLU U 27 -53.00 28.93 -24.36
N VAL U 28 -53.91 28.34 -23.58
CA VAL U 28 -53.52 27.60 -22.38
C VAL U 28 -52.70 26.37 -22.75
N ARG U 29 -53.05 25.74 -23.88
CA ARG U 29 -52.40 24.52 -24.31
C ARG U 29 -50.98 24.77 -24.80
N SER U 30 -50.61 26.02 -25.06
CA SER U 30 -49.26 26.37 -25.46
C SER U 30 -48.50 27.09 -24.35
N ARG U 31 -48.86 26.81 -23.10
CA ARG U 31 -48.14 27.36 -21.96
C ARG U 31 -47.45 26.28 -21.13
N GLU U 32 -47.38 25.06 -21.64
CA GLU U 32 -46.94 23.92 -20.86
C GLU U 32 -45.60 23.38 -21.31
N PHE U 33 -44.99 24.02 -22.30
CA PHE U 33 -43.63 23.71 -22.71
C PHE U 33 -43.10 24.96 -23.38
N TYR U 34 -41.88 25.33 -23.02
CA TYR U 34 -41.29 26.54 -23.57
C TYR U 34 -40.68 26.25 -24.92
N GLU U 35 -41.06 27.01 -25.94
CA GLU U 35 -40.42 26.92 -27.24
C GLU U 35 -39.32 27.97 -27.35
N LYS U 36 -38.14 27.51 -27.74
CA LYS U 36 -37.06 28.40 -28.08
C LYS U 36 -37.45 29.19 -29.32
N PRO U 37 -37.00 30.44 -29.43
CA PRO U 37 -37.51 31.32 -30.50
C PRO U 37 -37.21 30.87 -31.92
N THR U 38 -36.28 29.92 -32.13
CA THR U 38 -36.15 29.31 -33.44
C THR U 38 -37.36 28.45 -33.76
N ALA U 39 -37.82 27.67 -32.79
CA ALA U 39 -39.00 26.84 -33.00
C ALA U 39 -40.26 27.68 -33.13
N GLU U 40 -40.27 28.90 -32.60
CA GLU U 40 -41.36 29.81 -32.91
C GLU U 40 -41.17 30.52 -34.24
N ARG U 41 -39.98 30.48 -34.82
CA ARG U 41 -39.82 30.88 -36.21
C ARG U 41 -40.12 29.74 -37.18
N LYS U 42 -40.40 28.53 -36.72
CA LYS U 42 -40.88 27.51 -37.63
C LYS U 42 -42.38 27.59 -37.82
N ARG U 43 -43.12 27.99 -36.79
CA ARG U 43 -44.55 28.27 -36.98
C ARG U 43 -44.74 29.45 -37.90
N LYS U 44 -43.91 30.48 -37.77
CA LYS U 44 -43.98 31.63 -38.64
C LYS U 44 -43.57 31.29 -40.07
N ALA U 45 -42.81 30.22 -40.26
CA ALA U 45 -42.38 29.84 -41.59
C ALA U 45 -43.35 28.88 -42.25
N ALA U 46 -43.79 27.85 -41.53
CA ALA U 46 -44.64 26.84 -42.15
C ALA U 46 -46.06 27.34 -42.36
N ALA U 47 -46.53 28.25 -41.52
CA ALA U 47 -47.90 28.73 -41.69
C ALA U 47 -48.01 29.74 -42.81
N ALA U 48 -46.93 30.48 -43.11
CA ALA U 48 -46.96 31.39 -44.24
C ALA U 48 -46.95 30.65 -45.56
N VAL U 49 -46.32 29.48 -45.61
CA VAL U 49 -46.37 28.64 -46.80
C VAL U 49 -47.77 28.04 -46.96
N LYS U 50 -48.37 27.61 -45.85
CA LYS U 50 -49.71 27.02 -45.92
C LYS U 50 -50.80 28.03 -46.19
N ARG U 51 -50.51 29.32 -46.18
CA ARG U 51 -51.51 30.30 -46.58
C ARG U 51 -51.35 30.76 -48.01
N HIS U 52 -50.12 30.95 -48.47
CA HIS U 52 -49.93 31.40 -49.85
C HIS U 52 -50.12 30.27 -50.85
N ALA U 53 -49.88 29.03 -50.44
CA ALA U 53 -50.21 27.89 -51.29
C ALA U 53 -51.70 27.59 -51.30
N LYS U 54 -52.42 28.01 -50.26
CA LYS U 54 -53.86 27.80 -50.24
C LYS U 54 -54.57 28.80 -51.12
N LYS U 55 -53.98 29.97 -51.34
CA LYS U 55 -54.57 30.94 -52.26
C LYS U 55 -54.40 30.54 -53.71
N VAL U 56 -53.55 29.56 -54.01
CA VAL U 56 -53.29 29.14 -55.37
C VAL U 56 -53.91 27.77 -55.66
N GLN U 57 -53.91 26.86 -54.69
CA GLN U 57 -54.57 25.57 -54.86
C GLN U 57 -56.08 25.72 -54.96
N ARG U 58 -56.65 26.74 -54.31
CA ARG U 58 -58.08 27.00 -54.47
C ARG U 58 -58.41 27.55 -55.85
N GLU U 59 -57.45 28.20 -56.52
CA GLU U 59 -57.71 28.68 -57.88
C GLU U 59 -57.88 27.54 -58.86
N GLN U 60 -57.30 26.38 -58.58
CA GLN U 60 -57.56 25.20 -59.39
C GLN U 60 -59.00 24.72 -59.23
N ARG U 61 -59.56 24.87 -58.03
CA ARG U 61 -60.99 24.66 -57.83
C ARG U 61 -61.80 25.80 -58.43
N ARG U 62 -61.22 27.01 -58.46
CA ARG U 62 -61.85 28.17 -59.07
C ARG U 62 -61.58 28.28 -60.57
N ARG U 63 -61.22 27.18 -61.23
CA ARG U 63 -61.09 27.17 -62.68
C ARG U 63 -62.46 27.03 -63.34
N ILE X 1 -9.55 56.60 -8.54
CA ILE X 1 -8.88 55.38 -8.13
C ILE X 1 -7.68 55.18 -9.06
N VAL X 2 -6.58 54.66 -8.52
CA VAL X 2 -5.36 54.41 -9.28
C VAL X 2 -4.80 53.04 -8.90
N LYS X 3 -3.65 52.71 -9.49
CA LYS X 3 -2.97 51.45 -9.27
C LYS X 3 -1.48 51.73 -9.28
N CYS X 4 -0.74 51.00 -8.45
CA CYS X 4 0.69 51.24 -8.29
C CYS X 4 1.50 50.27 -9.12
N LYS X 5 2.71 50.71 -9.49
CA LYS X 5 3.62 49.86 -10.23
C LYS X 5 4.59 49.15 -9.29
N PRO X 6 4.91 47.89 -9.57
CA PRO X 6 5.71 47.09 -8.62
C PRO X 6 7.17 47.51 -8.51
N THR X 7 7.42 48.69 -7.96
CA THR X 7 8.79 49.14 -7.80
C THR X 7 9.46 48.45 -6.62
N SER X 8 8.75 48.31 -5.51
CA SER X 8 9.22 47.63 -4.33
C SER X 8 8.26 46.50 -3.99
N ALA X 9 8.59 45.74 -2.95
CA ALA X 9 7.74 44.64 -2.52
C ALA X 9 6.50 45.10 -1.76
N GLY X 10 6.44 46.36 -1.37
CA GLY X 10 5.24 46.88 -0.74
C GLY X 10 4.31 47.54 -1.72
N ARG X 11 4.88 48.02 -2.83
CA ARG X 11 4.14 48.82 -3.79
C ARG X 11 3.44 47.99 -4.85
N ARG X 12 3.45 46.67 -4.71
CA ARG X 12 2.94 45.83 -5.79
C ARG X 12 1.42 45.85 -5.83
N PHE X 13 0.77 45.89 -4.66
CA PHE X 13 -0.69 45.75 -4.60
C PHE X 13 -1.37 46.91 -3.90
N VAL X 14 -0.74 48.07 -3.84
CA VAL X 14 -1.37 49.25 -3.26
C VAL X 14 -2.38 49.82 -4.25
N VAL X 15 -3.63 49.94 -3.81
CA VAL X 15 -4.69 50.55 -4.60
C VAL X 15 -5.13 51.82 -3.87
N LYS X 16 -4.84 52.98 -4.44
CA LYS X 16 -5.12 54.24 -3.79
C LYS X 16 -6.42 54.83 -4.31
N VAL X 17 -7.07 55.61 -3.47
CA VAL X 17 -8.20 56.45 -3.87
C VAL X 17 -7.73 57.88 -3.78
N VAL X 18 -7.45 58.50 -4.92
CA VAL X 18 -7.02 59.89 -4.96
C VAL X 18 -8.22 60.75 -5.29
N ASN X 19 -8.12 62.03 -4.92
CA ASN X 19 -9.19 62.99 -5.14
C ASN X 19 -8.61 64.36 -5.41
N GLN X 20 -9.27 65.11 -6.28
CA GLN X 20 -8.89 66.49 -6.57
C GLN X 20 -10.02 67.45 -6.27
N GLU X 21 -11.01 67.02 -5.52
CA GLU X 21 -12.04 67.92 -5.02
C GLU X 21 -11.77 68.40 -3.60
N LEU X 22 -10.89 67.71 -2.88
CA LEU X 22 -10.62 68.06 -1.48
C LEU X 22 -9.76 69.30 -1.39
N HIS X 23 -10.02 70.09 -0.34
CA HIS X 23 -9.31 71.34 -0.17
C HIS X 23 -7.94 71.10 0.46
N LYS X 24 -6.93 71.78 -0.09
CA LYS X 24 -5.54 71.57 0.31
C LYS X 24 -5.29 72.25 1.66
N GLY X 25 -5.49 71.50 2.73
CA GLY X 25 -5.01 71.88 4.04
C GLY X 25 -5.81 72.98 4.71
N ALA X 26 -5.30 73.37 5.89
CA ALA X 26 -5.77 74.48 6.71
C ALA X 26 -7.26 74.41 7.04
N PRO X 27 -7.68 73.52 7.95
CA PRO X 27 -9.08 73.49 8.35
C PRO X 27 -9.46 74.73 9.15
N TYR X 28 -10.77 74.94 9.25
CA TYR X 28 -11.29 76.09 9.98
C TYR X 28 -11.05 75.89 11.46
N ALA X 29 -10.28 76.78 12.08
CA ALA X 29 -9.72 76.57 13.41
C ALA X 29 -10.69 76.53 14.58
N PRO X 30 -11.77 77.37 14.68
CA PRO X 30 -12.66 77.25 15.87
C PRO X 30 -13.51 75.99 15.96
N LEU X 31 -13.36 75.02 15.06
CA LEU X 31 -14.18 73.84 15.09
C LEU X 31 -13.39 72.57 15.35
N LEU X 32 -12.12 72.69 15.71
CA LEU X 32 -11.27 71.55 16.02
C LEU X 32 -10.90 71.57 17.50
N GLU X 33 -10.62 70.39 18.04
CA GLU X 33 -10.19 70.29 19.43
C GLU X 33 -9.37 69.02 19.58
N LYS X 34 -8.62 68.95 20.67
CA LYS X 34 -7.72 67.82 20.85
C LYS X 34 -8.50 66.58 21.24
N LYS X 35 -7.89 65.43 20.97
CA LYS X 35 -8.36 64.14 21.45
C LYS X 35 -7.15 63.30 21.80
N SER X 36 -7.31 62.44 22.79
CA SER X 36 -6.24 61.56 23.23
C SER X 36 -6.44 60.17 22.65
N LYS X 37 -5.46 59.31 22.89
CA LYS X 37 -5.46 57.95 22.37
C LYS X 37 -5.53 57.01 23.55
N SER X 38 -6.55 56.16 23.58
CA SER X 38 -6.81 55.38 24.77
C SER X 38 -5.90 54.15 24.88
N GLY X 39 -5.64 53.50 23.76
CA GLY X 39 -4.93 52.24 23.78
C GLY X 39 -5.81 51.04 24.01
N GLY X 40 -7.10 51.24 24.23
CA GLY X 40 -8.03 50.18 24.51
C GLY X 40 -8.13 49.92 26.00
N ARG X 41 -8.04 50.97 26.80
CA ARG X 41 -7.83 50.86 28.24
C ARG X 41 -8.86 51.71 28.98
N ASN X 42 -9.60 51.09 29.89
CA ASN X 42 -10.60 51.80 30.70
C ASN X 42 -9.97 52.54 31.87
N ASN X 43 -10.78 52.97 32.83
CA ASN X 43 -10.21 53.69 33.96
C ASN X 43 -9.56 52.79 35.00
N ASN X 44 -9.64 51.47 34.86
CA ASN X 44 -8.83 50.60 35.68
C ASN X 44 -7.42 50.43 35.13
N GLY X 45 -7.19 50.81 33.88
CA GLY X 45 -5.93 50.57 33.23
C GLY X 45 -5.84 49.26 32.49
N ARG X 46 -6.78 48.35 32.70
CA ARG X 46 -6.78 47.06 32.02
C ARG X 46 -7.13 47.26 30.55
N ILE X 47 -6.58 46.39 29.71
CA ILE X 47 -7.01 46.34 28.32
C ILE X 47 -8.35 45.63 28.24
N THR X 48 -9.36 46.35 27.76
CA THR X 48 -10.66 45.76 27.50
C THR X 48 -10.76 45.31 26.05
N THR X 49 -10.56 46.24 25.13
CA THR X 49 -10.68 45.96 23.70
C THR X 49 -9.27 45.79 23.15
N ARG X 50 -8.87 44.54 22.94
CA ARG X 50 -7.57 44.20 22.40
C ARG X 50 -7.45 44.63 20.94
N HIS X 51 -6.19 44.62 20.46
CA HIS X 51 -5.79 44.88 19.06
C HIS X 51 -5.98 46.35 18.68
N ILE X 52 -5.61 47.26 19.59
CA ILE X 52 -5.67 48.71 19.34
C ILE X 52 -4.38 49.30 19.88
N GLY X 53 -3.78 50.22 19.13
CA GLY X 53 -2.64 50.95 19.65
C GLY X 53 -1.85 51.60 18.55
N GLY X 54 -1.14 52.66 18.92
CA GLY X 54 -0.30 53.37 18.00
C GLY X 54 -1.09 54.18 16.99
N GLY X 55 -0.36 54.78 16.06
CA GLY X 55 -1.03 55.52 15.00
C GLY X 55 -0.46 56.89 14.73
N HIS X 56 -1.30 57.91 14.82
CA HIS X 56 -0.93 59.23 14.36
C HIS X 56 -1.78 60.24 15.12
N LYS X 57 -1.27 61.47 15.24
CA LYS X 57 -1.98 62.49 15.99
C LYS X 57 -3.16 63.01 15.18
N GLN X 58 -4.31 63.17 15.83
CA GLN X 58 -5.53 63.59 15.15
C GLN X 58 -6.23 64.67 15.98
N HIS X 59 -6.96 65.54 15.29
CA HIS X 59 -7.82 66.54 15.92
C HIS X 59 -9.27 66.16 15.68
N TYR X 60 -10.07 66.22 16.74
CA TYR X 60 -11.48 65.91 16.62
C TYR X 60 -12.21 67.09 15.99
N ARG X 61 -13.01 66.81 14.97
CA ARG X 61 -13.81 67.83 14.31
C ARG X 61 -15.20 67.88 14.94
N LEU X 62 -15.71 69.09 15.13
CA LEU X 62 -17.03 69.31 15.72
C LEU X 62 -18.07 69.19 14.61
N VAL X 63 -18.39 67.95 14.25
CA VAL X 63 -19.34 67.71 13.18
C VAL X 63 -20.75 67.92 13.69
N ASP X 64 -21.50 68.81 13.04
CA ASP X 64 -22.87 69.09 13.44
C ASP X 64 -23.80 67.96 13.00
N PHE X 65 -24.66 67.54 13.91
CA PHE X 65 -25.61 66.47 13.64
C PHE X 65 -27.06 66.84 13.85
N ARG X 66 -27.35 67.91 14.58
CA ARG X 66 -28.75 68.20 14.88
C ARG X 66 -29.44 69.00 13.78
N ARG X 67 -28.68 69.86 13.07
CA ARG X 67 -29.19 70.72 11.99
C ARG X 67 -30.36 71.57 12.47
N ASN X 68 -30.22 72.12 13.67
CA ASN X 68 -31.34 72.78 14.33
C ASN X 68 -31.69 74.14 13.75
N LYS X 69 -30.77 74.77 13.01
CA LYS X 69 -31.05 76.07 12.41
C LYS X 69 -31.98 75.89 11.23
N ASP X 70 -33.21 76.38 11.37
CA ASP X 70 -34.27 76.13 10.40
C ASP X 70 -34.61 77.42 9.67
N GLY X 71 -34.87 77.30 8.37
CA GLY X 71 -35.27 78.41 7.54
C GLY X 71 -34.13 79.18 6.91
N ILE X 72 -32.98 79.26 7.57
CA ILE X 72 -31.85 80.02 7.04
C ILE X 72 -31.20 79.23 5.92
N PRO X 73 -30.96 79.83 4.76
CA PRO X 73 -30.21 79.14 3.70
C PRO X 73 -28.76 78.96 4.09
N ALA X 74 -28.14 77.92 3.52
CA ALA X 74 -26.74 77.63 3.76
C ALA X 74 -26.04 77.41 2.43
N ILE X 75 -24.78 77.83 2.35
CA ILE X 75 -24.00 77.75 1.12
C ILE X 75 -22.69 77.05 1.42
N VAL X 76 -22.39 75.99 0.66
CA VAL X 76 -21.21 75.18 0.90
C VAL X 76 -19.97 75.91 0.42
N GLU X 77 -18.94 75.98 1.27
CA GLU X 77 -17.63 76.40 0.78
C GLU X 77 -16.93 75.26 0.06
N ARG X 78 -16.64 74.18 0.79
CA ARG X 78 -15.63 73.23 0.33
C ARG X 78 -15.77 71.94 1.11
N VAL X 79 -15.19 70.89 0.55
CA VAL X 79 -15.25 69.55 1.10
C VAL X 79 -13.85 69.16 1.57
N GLU X 80 -13.74 68.76 2.83
CA GLU X 80 -12.47 68.50 3.46
C GLU X 80 -12.37 67.03 3.85
N TYR X 81 -11.13 66.62 4.11
CA TYR X 81 -10.83 65.30 4.63
C TYR X 81 -11.11 65.25 6.12
N ASP X 82 -11.55 64.09 6.61
CA ASP X 82 -11.87 63.93 8.02
C ASP X 82 -11.14 62.69 8.52
N PRO X 83 -10.23 62.83 9.50
CA PRO X 83 -9.36 61.70 9.84
C PRO X 83 -10.04 60.60 10.61
N ASN X 84 -11.16 60.87 11.28
CA ASN X 84 -11.76 59.91 12.20
C ASN X 84 -13.04 59.30 11.68
N ARG X 85 -13.37 59.51 10.41
CA ARG X 85 -14.53 58.89 9.77
C ARG X 85 -14.08 58.17 8.50
N THR X 86 -15.05 57.71 7.72
CA THR X 86 -14.80 57.25 6.38
C THR X 86 -15.42 58.14 5.32
N ALA X 87 -16.32 59.03 5.71
CA ALA X 87 -16.99 59.92 4.78
C ALA X 87 -16.18 61.21 4.61
N HIS X 88 -16.66 62.09 3.74
CA HIS X 88 -16.15 63.43 3.62
C HIS X 88 -17.09 64.39 4.31
N ILE X 89 -16.53 65.45 4.87
CA ILE X 89 -17.33 66.46 5.53
C ILE X 89 -17.30 67.74 4.71
N ALA X 90 -18.35 68.53 4.83
CA ALA X 90 -18.48 69.77 4.10
C ALA X 90 -18.50 70.93 5.08
N LEU X 91 -17.95 72.06 4.65
CA LEU X 91 -17.99 73.29 5.43
C LEU X 91 -19.15 74.14 4.92
N LEU X 92 -20.05 74.52 5.82
CA LEU X 92 -21.21 75.32 5.46
C LEU X 92 -21.00 76.78 5.81
N LYS X 93 -21.93 77.60 5.36
CA LYS X 93 -21.95 79.02 5.71
C LYS X 93 -23.39 79.49 5.59
N TYR X 94 -23.99 79.86 6.70
CA TYR X 94 -25.37 80.33 6.68
C TYR X 94 -25.43 81.78 6.23
N ALA X 95 -26.58 82.42 6.40
CA ALA X 95 -26.75 83.79 5.93
C ALA X 95 -25.92 84.80 6.70
N ASP X 96 -25.48 84.47 7.91
CA ASP X 96 -24.69 85.42 8.70
C ASP X 96 -23.71 84.65 9.59
N GLY X 97 -22.48 84.50 9.09
CA GLY X 97 -21.47 83.77 9.85
C GLY X 97 -21.82 82.31 9.97
N GLU X 98 -21.54 81.76 11.16
CA GLU X 98 -22.02 80.45 11.62
C GLU X 98 -21.57 79.34 10.67
N ARG X 99 -20.27 79.11 10.65
CA ARG X 99 -19.74 78.01 9.87
C ARG X 99 -19.85 76.73 10.66
N ARG X 100 -20.16 75.64 9.96
CA ARG X 100 -20.37 74.35 10.59
C ARG X 100 -19.87 73.25 9.67
N TYR X 101 -19.58 72.09 10.26
CA TYR X 101 -19.24 70.90 9.51
C TYR X 101 -20.40 69.92 9.55
N ILE X 102 -20.80 69.42 8.38
CA ILE X 102 -21.82 68.40 8.27
C ILE X 102 -21.27 67.27 7.40
N ILE X 103 -21.93 66.11 7.48
CA ILE X 103 -21.55 64.99 6.62
C ILE X 103 -21.98 65.30 5.19
N ALA X 104 -21.04 65.25 4.27
CA ALA X 104 -21.31 65.71 2.92
C ALA X 104 -22.12 64.68 2.15
N PRO X 105 -23.19 65.06 1.48
CA PRO X 105 -23.88 64.14 0.58
C PRO X 105 -23.18 64.01 -0.75
N LYS X 106 -23.79 63.33 -1.72
CA LYS X 106 -23.16 63.20 -3.03
C LYS X 106 -23.21 64.48 -3.86
N GLY X 107 -23.95 65.50 -3.43
CA GLY X 107 -23.83 66.83 -4.00
C GLY X 107 -22.68 67.58 -3.36
N VAL X 108 -21.96 68.36 -4.17
CA VAL X 108 -20.62 68.81 -3.82
C VAL X 108 -20.39 70.17 -4.45
N ALA X 109 -19.32 70.85 -3.99
CA ALA X 109 -18.66 71.97 -4.68
C ALA X 109 -19.58 73.18 -4.85
N ALA X 110 -19.92 73.77 -3.71
CA ALA X 110 -20.64 75.05 -3.59
C ALA X 110 -22.04 74.99 -4.21
N GLY X 111 -22.88 74.13 -3.65
CA GLY X 111 -24.31 74.21 -3.83
C GLY X 111 -24.94 74.85 -2.61
N ASP X 112 -26.23 75.16 -2.72
CA ASP X 112 -26.94 75.73 -1.58
C ASP X 112 -28.22 74.95 -1.29
N GLN X 113 -28.61 74.97 -0.02
CA GLN X 113 -29.79 74.25 0.45
C GLN X 113 -30.24 74.88 1.76
N LEU X 114 -31.44 74.48 2.19
CA LEU X 114 -32.06 75.05 3.39
C LEU X 114 -32.54 73.91 4.28
N ILE X 115 -31.75 73.59 5.30
CA ILE X 115 -32.16 72.64 6.32
C ILE X 115 -33.26 73.30 7.15
N SER X 116 -34.46 72.78 7.08
CA SER X 116 -35.62 73.52 7.53
C SER X 116 -36.74 72.53 7.88
N GLY X 117 -37.97 73.03 7.92
CA GLY X 117 -39.13 72.23 8.20
C GLY X 117 -39.70 71.67 6.92
N ILE X 118 -40.82 72.22 6.44
CA ILE X 118 -41.47 71.70 5.25
C ILE X 118 -41.05 72.50 4.03
N GLY X 119 -39.89 73.14 4.10
CA GLY X 119 -39.36 73.87 2.96
C GLY X 119 -38.38 73.06 2.12
N ALA X 120 -38.34 73.40 0.82
CA ALA X 120 -37.46 72.89 -0.23
C ALA X 120 -37.35 71.37 -0.29
N PRO X 121 -38.37 70.64 -0.76
CA PRO X 121 -38.35 69.18 -0.66
C PRO X 121 -37.52 68.48 -1.73
N ILE X 122 -36.75 69.19 -2.53
CA ILE X 122 -36.22 68.62 -3.75
C ILE X 122 -34.86 67.97 -3.55
N LYS X 123 -33.88 68.77 -3.17
CA LYS X 123 -32.48 68.40 -3.36
C LYS X 123 -32.00 67.44 -2.28
N ALA X 124 -30.87 66.82 -2.56
CA ALA X 124 -30.17 66.01 -1.56
C ALA X 124 -29.35 66.91 -0.66
N GLY X 125 -29.41 66.64 0.63
CA GLY X 125 -28.81 67.52 1.62
C GLY X 125 -29.81 68.37 2.36
N ASN X 126 -31.08 68.30 2.01
CA ASN X 126 -32.13 69.02 2.71
C ASN X 126 -32.62 68.19 3.89
N SER X 127 -32.51 68.75 5.09
CA SER X 127 -32.98 68.09 6.29
C SER X 127 -34.43 68.50 6.55
N MET X 128 -35.27 67.53 6.88
CA MET X 128 -36.68 67.75 7.12
C MET X 128 -37.21 66.58 7.92
N PRO X 129 -38.33 66.75 8.64
CA PRO X 129 -38.89 65.63 9.41
C PRO X 129 -39.37 64.50 8.51
N LEU X 130 -39.42 63.29 9.09
CA LEU X 130 -39.72 62.09 8.34
C LEU X 130 -41.19 61.96 7.94
N ARG X 131 -42.10 62.77 8.47
CA ARG X 131 -43.50 62.57 8.12
C ARG X 131 -43.82 63.12 6.74
N ASN X 132 -43.25 64.26 6.36
CA ASN X 132 -43.51 64.87 5.06
C ASN X 132 -42.38 64.60 4.08
N ILE X 133 -42.14 63.31 3.82
CA ILE X 133 -41.34 62.87 2.68
C ILE X 133 -42.05 61.74 1.98
N PRO X 134 -41.89 61.66 0.65
CA PRO X 134 -42.58 60.59 -0.08
C PRO X 134 -41.97 59.24 0.20
N VAL X 135 -42.81 58.20 0.15
CA VAL X 135 -42.33 56.85 0.43
C VAL X 135 -41.47 56.37 -0.73
N GLY X 136 -40.63 55.37 -0.44
CA GLY X 136 -39.70 54.88 -1.42
C GLY X 136 -38.46 55.72 -1.60
N SER X 137 -38.27 56.76 -0.80
CA SER X 137 -37.10 57.60 -0.93
C SER X 137 -35.92 57.01 -0.17
N THR X 138 -34.74 57.53 -0.45
CA THR X 138 -33.51 57.10 0.21
C THR X 138 -32.99 58.26 1.05
N VAL X 139 -32.90 58.04 2.36
CA VAL X 139 -32.47 59.05 3.30
C VAL X 139 -31.23 58.57 4.03
N HIS X 140 -30.60 59.49 4.75
CA HIS X 140 -29.47 59.14 5.60
C HIS X 140 -29.41 60.11 6.77
N GLY X 141 -28.71 59.70 7.82
CA GLY X 141 -28.62 60.50 9.03
C GLY X 141 -29.93 60.53 9.79
N ILE X 142 -30.36 59.37 10.27
CA ILE X 142 -31.70 59.19 10.83
C ILE X 142 -31.58 59.15 12.34
N GLU X 143 -32.13 60.15 13.02
CA GLU X 143 -32.13 60.12 14.48
C GLU X 143 -33.33 59.33 14.99
N LEU X 144 -33.18 58.79 16.20
CA LEU X 144 -34.19 57.91 16.76
C LEU X 144 -35.03 58.59 17.84
N LYS X 145 -34.41 59.44 18.64
CA LYS X 145 -35.09 60.30 19.59
C LYS X 145 -35.04 61.75 19.10
N PRO X 146 -36.06 62.55 19.37
CA PRO X 146 -36.07 63.93 18.89
C PRO X 146 -35.04 64.78 19.62
N GLY X 147 -34.28 65.56 18.86
CA GLY X 147 -33.22 66.37 19.41
C GLY X 147 -31.92 65.64 19.66
N LYS X 148 -31.90 64.32 19.49
CA LYS X 148 -30.74 63.53 19.88
C LYS X 148 -29.57 63.74 18.92
N GLY X 149 -29.82 63.62 17.62
CA GLY X 149 -28.76 63.70 16.65
C GLY X 149 -28.68 62.43 15.83
N ALA X 150 -28.04 62.48 14.66
CA ALA X 150 -28.12 61.41 13.68
C ALA X 150 -27.38 60.17 14.15
N GLN X 151 -28.08 59.05 14.20
CA GLN X 151 -27.54 57.80 14.72
C GLN X 151 -27.23 56.80 13.63
N ILE X 152 -28.00 56.77 12.56
CA ILE X 152 -28.06 55.65 11.65
C ILE X 152 -27.62 56.12 10.27
N ALA X 153 -26.89 55.25 9.55
CA ALA X 153 -26.47 55.45 8.16
C ALA X 153 -25.62 56.71 8.01
N ARG X 154 -24.44 56.67 8.63
CA ARG X 154 -23.52 57.79 8.56
C ARG X 154 -22.18 57.46 7.93
N SER X 155 -21.82 56.18 7.84
CA SER X 155 -20.56 55.83 7.23
C SER X 155 -20.65 55.97 5.72
N ALA X 156 -19.51 55.88 5.06
CA ALA X 156 -19.38 56.35 3.68
C ALA X 156 -20.10 55.42 2.71
N GLY X 157 -21.03 55.98 1.96
CA GLY X 157 -21.81 55.23 0.99
C GLY X 157 -23.10 54.64 1.49
N ALA X 158 -23.49 54.93 2.73
CA ALA X 158 -24.61 54.27 3.38
C ALA X 158 -25.88 55.11 3.27
N SER X 159 -27.03 54.42 3.35
CA SER X 159 -28.34 55.05 3.36
C SER X 159 -29.38 54.05 3.85
N ALA X 160 -30.65 54.44 3.72
CA ALA X 160 -31.78 53.58 4.08
C ALA X 160 -32.99 54.03 3.28
N GLN X 161 -33.95 53.12 3.12
CA GLN X 161 -35.13 53.33 2.30
C GLN X 161 -36.38 53.40 3.16
N LEU X 162 -37.34 54.22 2.73
CA LEU X 162 -38.65 54.28 3.37
C LEU X 162 -39.59 53.32 2.69
N VAL X 163 -40.38 52.61 3.49
CA VAL X 163 -41.24 51.56 2.94
C VAL X 163 -42.71 51.75 3.32
N ALA X 164 -42.99 52.40 4.45
CA ALA X 164 -44.34 52.40 4.97
C ALA X 164 -44.54 53.61 5.86
N ARG X 165 -45.81 53.89 6.15
CA ARG X 165 -46.19 54.99 7.03
C ARG X 165 -47.58 54.71 7.55
N GLU X 166 -47.75 54.73 8.88
CA GLU X 166 -49.07 54.71 9.50
C GLU X 166 -48.96 55.25 10.92
N GLY X 167 -49.84 56.19 11.25
CA GLY X 167 -49.91 56.70 12.61
C GLY X 167 -48.69 57.52 13.03
N ALA X 168 -48.17 57.15 14.20
CA ALA X 168 -47.01 57.84 14.76
C ALA X 168 -45.69 57.26 14.27
N TYR X 169 -45.70 56.13 13.57
CA TYR X 169 -44.49 55.42 13.20
C TYR X 169 -44.33 55.38 11.70
N VAL X 170 -43.08 55.52 11.24
CA VAL X 170 -42.74 55.54 9.83
C VAL X 170 -41.67 54.48 9.61
N THR X 171 -42.06 53.33 9.09
CA THR X 171 -41.19 52.17 9.02
C THR X 171 -40.19 52.32 7.89
N LEU X 172 -38.92 51.99 8.14
CA LEU X 172 -37.87 52.06 7.14
C LEU X 172 -37.02 50.79 7.17
N ARG X 173 -36.41 50.48 6.03
CA ARG X 173 -35.57 49.29 5.89
C ARG X 173 -34.10 49.70 5.90
N LEU X 174 -33.35 49.10 6.82
CA LEU X 174 -31.98 49.51 7.06
C LEU X 174 -31.04 48.90 6.03
N ARG X 175 -29.80 49.35 6.07
CA ARG X 175 -28.77 48.85 5.16
C ARG X 175 -28.41 47.41 5.45
N SER X 176 -28.47 47.01 6.72
CA SER X 176 -28.22 45.62 7.11
C SER X 176 -29.27 44.67 6.57
N GLY X 177 -30.50 45.14 6.39
CA GLY X 177 -31.61 44.30 6.06
C GLY X 177 -32.61 44.10 7.19
N GLU X 178 -32.59 44.96 8.19
CA GLU X 178 -33.43 44.82 9.37
C GLU X 178 -34.52 45.88 9.34
N MET X 179 -35.77 45.43 9.33
CA MET X 179 -36.91 46.35 9.36
C MET X 179 -37.02 46.99 10.73
N ARG X 180 -37.36 48.27 10.76
CA ARG X 180 -37.44 48.99 12.02
C ARG X 180 -38.47 50.10 11.92
N LYS X 181 -39.34 50.19 12.92
CA LYS X 181 -40.25 51.32 13.03
C LYS X 181 -39.55 52.44 13.78
N VAL X 182 -39.67 53.66 13.27
CA VAL X 182 -39.09 54.82 13.93
C VAL X 182 -40.20 55.85 14.07
N LEU X 183 -40.11 56.66 15.12
CA LEU X 183 -41.11 57.68 15.38
C LEU X 183 -41.03 58.77 14.32
N ALA X 184 -42.14 59.48 14.12
CA ALA X 184 -42.31 60.29 12.91
C ALA X 184 -41.65 61.66 12.99
N GLU X 185 -41.57 62.27 14.17
CA GLU X 185 -41.06 63.63 14.29
C GLU X 185 -39.56 63.68 14.49
N CYS X 186 -38.83 62.65 14.07
CA CYS X 186 -37.38 62.63 14.13
C CYS X 186 -36.84 62.91 12.74
N ARG X 187 -35.93 63.86 12.63
CA ARG X 187 -35.53 64.39 11.33
C ARG X 187 -34.62 63.42 10.60
N ALA X 188 -34.37 63.72 9.32
CA ALA X 188 -33.49 62.93 8.47
C ALA X 188 -33.09 63.80 7.29
N THR X 189 -32.26 63.25 6.40
CA THR X 189 -31.67 64.01 5.31
C THR X 189 -31.73 63.19 4.04
N LEU X 190 -32.25 63.79 2.97
CA LEU X 190 -32.38 63.10 1.70
C LEU X 190 -31.01 62.90 1.05
N GLY X 191 -30.75 61.69 0.56
CA GLY X 191 -29.59 61.47 -0.27
C GLY X 191 -28.72 60.28 0.08
N GLU X 192 -27.44 60.35 -0.28
CA GLU X 192 -26.47 59.30 -0.03
C GLU X 192 -25.20 59.90 0.55
N VAL X 193 -24.52 59.12 1.37
CA VAL X 193 -23.28 59.57 2.00
C VAL X 193 -22.16 59.45 0.98
N SER X 194 -21.26 60.45 0.96
CA SER X 194 -20.40 60.79 -0.16
C SER X 194 -19.45 59.73 -0.70
N ASN X 195 -18.49 59.29 0.11
CA ASN X 195 -17.30 58.60 -0.39
C ASN X 195 -17.60 57.11 -0.59
N SER X 196 -18.31 56.80 -1.68
CA SER X 196 -18.66 55.42 -1.97
C SER X 196 -17.53 54.63 -2.62
N GLU X 197 -16.35 55.23 -2.78
CA GLU X 197 -15.18 54.58 -3.35
C GLU X 197 -14.33 53.88 -2.31
N HIS X 198 -14.76 53.90 -1.05
CA HIS X 198 -13.92 53.41 0.05
C HIS X 198 -13.79 51.90 0.05
N SER X 199 -14.79 51.18 -0.47
CA SER X 199 -14.72 49.73 -0.46
C SER X 199 -13.82 49.16 -1.56
N LEU X 200 -13.24 50.00 -2.40
CA LEU X 200 -12.31 49.58 -3.43
C LEU X 200 -10.94 50.11 -3.04
N ARG X 201 -10.24 49.35 -2.21
CA ARG X 201 -8.99 49.82 -1.63
C ARG X 201 -8.24 48.61 -1.07
N SER X 202 -6.92 48.62 -1.20
CA SER X 202 -6.09 47.57 -0.63
C SER X 202 -4.84 48.21 -0.04
N LEU X 203 -4.51 47.81 1.18
CA LEU X 203 -3.44 48.47 1.91
C LEU X 203 -2.07 48.07 1.40
N GLY X 204 -1.94 46.85 0.92
CA GLY X 204 -0.71 46.43 0.27
C GLY X 204 0.32 45.76 1.14
N LYS X 205 0.65 46.37 2.26
CA LYS X 205 1.75 45.88 3.08
C LYS X 205 1.33 45.88 4.54
N ALA X 206 2.15 45.22 5.36
CA ALA X 206 1.83 45.03 6.77
C ALA X 206 1.94 46.32 7.56
N GLY X 207 2.81 47.21 7.13
CA GLY X 207 2.98 48.46 7.85
C GLY X 207 1.92 49.48 7.58
N ALA X 208 1.06 49.26 6.60
CA ALA X 208 0.02 50.23 6.31
C ALA X 208 -1.15 50.14 7.27
N THR X 209 -1.28 49.02 7.97
CA THR X 209 -2.30 48.89 8.99
C THR X 209 -1.83 49.51 10.30
N ARG X 210 -0.53 49.47 10.56
CA ARG X 210 0.00 49.93 11.83
C ARG X 210 -0.03 51.43 12.00
N TRP X 211 -0.40 52.20 10.98
CA TRP X 211 -0.75 53.60 11.19
C TRP X 211 -2.23 53.87 11.02
N ARG X 212 -3.05 52.86 10.78
CA ARG X 212 -4.48 53.02 11.02
C ARG X 212 -4.77 53.00 12.52
N GLY X 213 -3.93 52.33 13.28
CA GLY X 213 -4.15 52.16 14.71
C GLY X 213 -4.36 50.72 15.12
N VAL X 214 -4.38 49.78 14.20
CA VAL X 214 -4.68 48.39 14.49
C VAL X 214 -3.37 47.64 14.69
N ARG X 215 -3.32 46.84 15.72
CA ARG X 215 -2.20 46.08 16.21
C ARG X 215 -2.37 44.60 15.83
N PRO X 216 -1.28 43.86 15.59
CA PRO X 216 -1.40 42.48 15.07
C PRO X 216 -2.17 41.53 15.96
N THR X 217 -2.93 40.65 15.32
CA THR X 217 -3.63 39.56 15.98
C THR X 217 -2.91 38.24 15.80
N VAL X 218 -3.07 37.37 16.78
CA VAL X 218 -2.45 36.05 16.80
C VAL X 218 -3.56 35.03 16.96
N ARG X 219 -3.44 33.91 16.25
CA ARG X 219 -4.52 32.93 16.24
C ARG X 219 -4.56 32.17 17.55
N GLY X 220 -5.68 31.48 17.78
CA GLY X 220 -5.84 30.73 19.01
C GLY X 220 -5.25 29.35 18.99
N VAL X 221 -4.93 28.81 17.81
CA VAL X 221 -4.30 27.51 17.74
C VAL X 221 -2.80 27.59 17.90
N ALA X 222 -2.23 28.78 17.90
CA ALA X 222 -0.80 28.98 18.11
C ALA X 222 -0.49 29.39 19.54
N MET X 223 -1.31 28.99 20.48
CA MET X 223 -1.13 29.32 21.89
C MET X 223 -1.10 28.03 22.69
N ASN X 224 -1.07 28.17 23.99
CA ASN X 224 -0.99 27.12 24.98
C ASN X 224 -2.36 26.89 25.60
N PRO X 225 -2.58 25.72 26.23
CA PRO X 225 -3.90 25.47 26.84
C PRO X 225 -4.24 26.37 28.00
N VAL X 226 -3.25 26.98 28.64
CA VAL X 226 -3.55 27.89 29.74
C VAL X 226 -4.14 29.20 29.21
N ASP X 227 -3.82 29.57 27.98
CA ASP X 227 -4.16 30.90 27.46
C ASP X 227 -5.52 30.91 26.78
N HIS X 228 -5.69 30.08 25.76
CA HIS X 228 -6.87 30.14 24.93
C HIS X 228 -7.55 28.78 24.95
N PRO X 229 -8.88 28.75 24.87
CA PRO X 229 -9.59 27.47 24.83
C PRO X 229 -9.24 26.56 23.67
N HIS X 230 -8.86 27.10 22.51
CA HIS X 230 -8.40 26.25 21.43
C HIS X 230 -7.06 25.61 21.75
N GLY X 231 -6.24 26.27 22.55
CA GLY X 231 -5.18 25.63 23.27
C GLY X 231 -4.03 25.12 22.43
N GLY X 232 -3.21 24.32 23.07
CA GLY X 232 -2.00 23.78 22.48
C GLY X 232 -2.23 22.47 21.79
N GLY X 233 -1.12 21.77 21.55
CA GLY X 233 -1.19 20.49 20.88
C GLY X 233 0.19 20.07 20.42
N GLU X 234 0.21 18.97 19.68
CA GLU X 234 1.40 18.52 18.98
C GLU X 234 1.20 18.74 17.49
N GLY X 235 2.15 19.41 16.86
CA GLY X 235 1.97 19.76 15.47
C GLY X 235 0.89 20.81 15.31
N ARG X 236 0.38 20.91 14.08
CA ARG X 236 -0.77 21.76 13.79
C ARG X 236 -2.02 20.96 14.13
N THR X 237 -2.54 21.19 15.32
CA THR X 237 -3.72 20.49 15.78
C THR X 237 -4.95 21.15 15.17
N SER X 238 -5.98 20.35 14.94
CA SER X 238 -7.17 20.79 14.25
C SER X 238 -8.18 21.47 15.15
N ALA X 239 -7.76 21.97 16.32
CA ALA X 239 -8.60 22.71 17.26
C ALA X 239 -9.80 21.88 17.71
N GLY X 240 -9.50 20.83 18.47
CA GLY X 240 -10.43 19.75 18.78
C GLY X 240 -11.73 20.06 19.49
N ARG X 241 -11.98 21.32 19.83
CA ARG X 241 -13.23 21.75 20.42
C ARG X 241 -14.04 22.51 19.40
N HIS X 242 -15.30 22.78 19.73
CA HIS X 242 -16.10 23.63 18.88
C HIS X 242 -15.60 25.07 18.97
N PRO X 243 -15.56 25.80 17.85
CA PRO X 243 -14.85 27.08 17.82
C PRO X 243 -15.48 28.13 18.69
N VAL X 244 -14.65 28.84 19.46
CA VAL X 244 -15.10 29.52 20.65
C VAL X 244 -14.19 30.72 20.93
N SER X 245 -14.77 31.74 21.57
CA SER X 245 -14.09 32.96 21.98
C SER X 245 -12.96 32.66 22.97
N PRO X 246 -12.04 33.61 23.20
CA PRO X 246 -11.08 33.43 24.31
C PRO X 246 -11.69 33.37 25.69
N TRP X 247 -12.97 33.73 25.86
CA TRP X 247 -13.60 33.67 27.16
C TRP X 247 -14.66 32.58 27.26
N GLY X 248 -14.99 31.90 26.17
CA GLY X 248 -15.91 30.79 26.23
C GLY X 248 -17.25 31.02 25.56
N LEU X 249 -17.26 31.80 24.48
CA LEU X 249 -18.49 32.12 23.76
C LEU X 249 -18.44 31.50 22.38
N GLN X 250 -19.54 30.85 21.99
CA GLN X 250 -19.61 30.12 20.72
C GLN X 250 -19.54 31.10 19.55
N THR X 251 -18.57 30.89 18.67
CA THR X 251 -18.26 31.86 17.62
C THR X 251 -19.13 31.68 16.37
N LYS X 252 -19.14 30.50 15.80
CA LYS X 252 -19.79 30.29 14.50
C LYS X 252 -21.28 30.09 14.71
N GLY X 253 -22.03 31.18 14.61
CA GLY X 253 -23.48 31.09 14.57
C GLY X 253 -24.18 30.86 15.90
N LYS X 254 -24.13 31.83 16.81
CA LYS X 254 -24.93 31.75 18.03
C LYS X 254 -25.56 33.11 18.29
N LYS X 255 -26.90 33.14 18.32
CA LYS X 255 -27.63 34.38 18.55
C LYS X 255 -27.34 34.94 19.94
N THR X 256 -27.08 36.25 19.99
CA THR X 256 -26.52 36.88 21.19
C THR X 256 -27.26 38.18 21.51
N ARG X 257 -28.53 38.29 21.12
CA ARG X 257 -29.35 39.44 21.46
C ARG X 257 -30.25 39.09 22.62
N SER X 258 -30.19 39.88 23.68
CA SER X 258 -31.06 39.71 24.84
C SER X 258 -31.52 41.05 25.38
N ASN X 259 -31.93 41.95 24.47
CA ASN X 259 -32.27 43.31 24.90
C ASN X 259 -33.59 43.34 25.64
N LYS X 260 -34.65 42.82 25.00
CA LYS X 260 -35.97 42.58 25.58
C LYS X 260 -36.61 43.89 26.06
N ARG X 261 -36.26 45.01 25.43
CA ARG X 261 -36.91 46.27 25.76
C ARG X 261 -37.33 46.97 24.48
N THR X 262 -36.56 46.77 23.41
CA THR X 262 -36.81 47.43 22.15
C THR X 262 -37.33 46.48 21.09
N ASP X 263 -37.69 45.25 21.48
CA ASP X 263 -38.10 44.23 20.52
C ASP X 263 -39.46 44.49 19.90
N ASN X 264 -40.26 45.39 20.48
CA ASN X 264 -41.53 45.75 19.87
C ASN X 264 -41.35 46.61 18.62
N MET X 265 -40.26 47.37 18.55
CA MET X 265 -40.06 48.30 17.45
C MET X 265 -39.43 47.65 16.22
N ILE X 266 -39.08 46.37 16.30
CA ILE X 266 -38.47 45.65 15.19
C ILE X 266 -39.52 44.80 14.52
N VAL X 267 -39.69 44.99 13.21
CA VAL X 267 -40.66 44.21 12.47
C VAL X 267 -40.07 42.88 12.00
N ARG X 268 -38.89 42.93 11.41
CA ARG X 268 -38.28 41.74 10.82
C ARG X 268 -36.79 41.72 11.10
N ARG X 269 -36.31 40.58 11.57
CA ARG X 269 -34.88 40.38 11.77
C ARG X 269 -34.16 40.31 10.42
N ARG X 270 -32.94 40.83 10.39
CA ARG X 270 -31.99 40.62 9.31
C ARG X 270 -31.76 39.14 9.04
N LYS X 271 -32.20 38.66 7.88
CA LYS X 271 -31.91 37.30 7.42
C LYS X 271 -31.58 37.32 5.93
N ILE Y 1 92.57 -1.90 16.40
CA ILE Y 1 92.93 -0.60 16.94
C ILE Y 1 92.27 0.49 16.13
N GLY Y 2 92.43 1.74 16.55
CA GLY Y 2 91.79 2.84 15.85
C GLY Y 2 92.49 4.15 16.12
N VAL Y 3 92.11 5.14 15.32
CA VAL Y 3 92.75 6.45 15.31
C VAL Y 3 91.72 7.48 15.74
N VAL Y 4 92.14 8.49 16.50
CA VAL Y 4 91.25 9.50 17.04
C VAL Y 4 91.47 10.81 16.30
N GLY Y 5 90.42 11.33 15.69
CA GLY Y 5 90.52 12.53 14.87
C GLY Y 5 89.54 13.61 15.31
N ARG Y 6 89.22 14.48 14.36
CA ARG Y 6 88.32 15.61 14.56
C ARG Y 6 87.53 15.84 13.29
N LYS Y 7 86.24 16.11 13.42
CA LYS Y 7 85.43 16.49 12.28
C LYS Y 7 85.75 17.92 11.90
N CYS Y 8 86.02 18.16 10.62
CA CYS Y 8 86.44 19.49 10.17
C CYS Y 8 85.63 19.99 8.98
N GLY Y 9 84.45 19.44 8.74
CA GLY Y 9 83.56 20.00 7.75
C GLY Y 9 83.43 19.08 6.54
N MET Y 10 82.32 19.24 5.83
CA MET Y 10 82.06 18.46 4.64
C MET Y 10 82.53 19.21 3.42
N THR Y 11 82.95 18.44 2.41
CA THR Y 11 83.44 18.98 1.15
C THR Y 11 82.84 18.08 0.07
N ARG Y 12 83.35 18.18 -1.15
CA ARG Y 12 82.86 17.39 -2.26
C ARG Y 12 83.96 17.30 -3.30
N ILE Y 13 84.29 16.09 -3.74
CA ILE Y 13 85.30 15.92 -4.77
C ILE Y 13 84.66 15.25 -5.98
N PHE Y 14 85.34 15.39 -7.11
CA PHE Y 14 84.87 14.84 -8.37
C PHE Y 14 85.80 13.71 -8.81
N THR Y 15 85.22 12.72 -9.47
CA THR Y 15 86.01 11.63 -10.00
C THR Y 15 86.46 11.99 -11.41
N GLU Y 16 87.04 11.03 -12.13
CA GLU Y 16 87.36 11.26 -13.53
C GLU Y 16 86.10 11.26 -14.39
N GLU Y 17 85.17 10.33 -14.12
CA GLU Y 17 84.03 10.12 -15.01
C GLU Y 17 83.03 11.27 -14.91
N GLY Y 18 82.80 11.80 -13.72
CA GLY Y 18 81.93 12.95 -13.60
C GLY Y 18 80.98 12.97 -12.42
N VAL Y 19 81.01 11.95 -11.59
CA VAL Y 19 80.10 11.90 -10.46
C VAL Y 19 80.73 12.66 -9.30
N SER Y 20 79.90 13.01 -8.32
CA SER Y 20 80.34 13.75 -7.15
C SER Y 20 80.30 12.85 -5.93
N ILE Y 21 81.39 12.82 -5.19
CA ILE Y 21 81.55 12.01 -3.99
C ILE Y 21 81.44 12.96 -2.78
N PRO Y 22 80.36 12.91 -2.01
CA PRO Y 22 80.30 13.68 -0.76
C PRO Y 22 81.30 13.14 0.25
N VAL Y 23 82.12 14.03 0.78
CA VAL Y 23 83.31 13.67 1.55
C VAL Y 23 83.32 14.45 2.86
N THR Y 24 83.58 13.74 3.96
CA THR Y 24 83.79 14.36 5.27
C THR Y 24 85.27 14.32 5.60
N VAL Y 25 85.84 15.49 5.88
CA VAL Y 25 87.28 15.65 6.07
C VAL Y 25 87.59 15.54 7.55
N ILE Y 26 88.58 14.69 7.88
CA ILE Y 26 88.93 14.40 9.26
C ILE Y 26 90.41 14.65 9.46
N GLU Y 27 90.73 15.54 10.39
CA GLU Y 27 92.11 15.87 10.72
C GLU Y 27 92.62 14.94 11.81
N VAL Y 28 93.83 14.43 11.65
CA VAL Y 28 94.39 13.45 12.55
C VAL Y 28 95.66 14.02 13.18
N GLU Y 29 95.64 14.22 14.47
CA GLU Y 29 96.91 14.38 15.15
C GLU Y 29 97.56 13.01 15.32
N PRO Y 30 98.88 12.89 15.11
CA PRO Y 30 99.55 11.61 15.41
C PRO Y 30 99.42 11.25 16.88
N ASN Y 31 99.03 10.00 17.12
CA ASN Y 31 98.55 9.56 18.42
C ASN Y 31 99.63 8.79 19.16
N ARG Y 32 99.97 9.24 20.36
CA ARG Y 32 100.97 8.56 21.16
C ARG Y 32 100.33 7.44 21.97
N VAL Y 33 101.15 6.47 22.33
CA VAL Y 33 100.73 5.35 23.15
C VAL Y 33 101.10 5.65 24.60
N THR Y 34 100.13 5.52 25.51
CA THR Y 34 100.37 5.77 26.92
C THR Y 34 100.65 4.49 27.69
N GLN Y 35 99.75 3.52 27.64
CA GLN Y 35 99.98 2.25 28.30
C GLN Y 35 99.88 1.12 27.29
N PHE Y 36 100.08 -0.09 27.81
CA PHE Y 36 99.83 -1.31 27.06
C PHE Y 36 99.34 -2.32 28.09
N LYS Y 37 98.03 -2.46 28.19
CA LYS Y 37 97.45 -3.33 29.20
C LYS Y 37 97.58 -4.78 28.75
N THR Y 38 98.49 -5.49 29.40
CA THR Y 38 98.64 -6.91 29.17
C THR Y 38 97.53 -7.68 29.88
N GLU Y 39 97.50 -8.99 29.63
CA GLU Y 39 96.39 -9.81 30.11
C GLU Y 39 96.64 -10.42 31.48
N GLU Y 40 97.82 -10.27 32.06
CA GLU Y 40 98.13 -10.94 33.33
C GLU Y 40 97.92 -10.06 34.54
N THR Y 41 97.94 -8.74 34.40
CA THR Y 41 97.62 -7.86 35.51
C THR Y 41 96.25 -7.22 35.37
N ASP Y 42 95.62 -7.35 34.20
CA ASP Y 42 94.40 -6.62 33.91
C ASP Y 42 93.27 -7.48 33.39
N GLY Y 43 93.51 -8.74 33.06
CA GLY Y 43 92.44 -9.48 32.41
C GLY Y 43 92.52 -9.30 30.91
N TYR Y 44 91.81 -8.28 30.42
CA TYR Y 44 91.71 -7.98 29.00
C TYR Y 44 93.03 -7.45 28.45
N ARG Y 45 93.04 -7.13 27.15
CA ARG Y 45 94.21 -6.63 26.44
C ARG Y 45 93.82 -5.37 25.70
N ALA Y 46 94.44 -4.25 26.05
CA ALA Y 46 94.05 -2.98 25.46
C ALA Y 46 95.24 -2.01 25.47
N VAL Y 47 95.02 -0.83 24.89
CA VAL Y 47 96.05 0.19 24.69
C VAL Y 47 95.44 1.57 24.92
N GLN Y 48 96.06 2.36 25.78
CA GLN Y 48 95.70 3.78 25.85
C GLN Y 48 96.44 4.60 24.79
N VAL Y 49 95.74 5.60 24.27
CA VAL Y 49 96.15 6.38 23.10
C VAL Y 49 95.73 7.82 23.34
N THR Y 50 96.60 8.77 23.01
CA THR Y 50 96.41 10.15 23.45
C THR Y 50 96.70 11.16 22.35
N ALA Y 51 95.82 12.13 22.17
CA ALA Y 51 96.04 13.32 21.35
C ALA Y 51 96.50 14.48 22.23
N GLY Y 52 97.09 15.50 21.59
CA GLY Y 52 97.98 16.41 22.27
C GLY Y 52 97.51 17.84 22.41
N GLU Y 53 98.45 18.68 22.86
CA GLU Y 53 98.31 20.13 23.11
C GLU Y 53 97.26 20.46 24.17
N ARG Y 54 97.59 20.09 25.41
CA ARG Y 54 96.95 20.65 26.58
C ARG Y 54 97.97 21.51 27.34
N ARG Y 55 97.51 22.62 27.89
CA ARG Y 55 98.38 23.55 28.60
C ARG Y 55 98.90 22.93 29.89
N ALA Y 56 100.10 23.37 30.29
CA ALA Y 56 100.79 22.74 31.42
C ALA Y 56 100.14 23.04 32.76
N SER Y 57 99.43 24.14 32.87
CA SER Y 57 98.82 24.51 34.16
C SER Y 57 97.49 23.84 34.41
N ARG Y 58 97.07 22.92 33.54
CA ARG Y 58 95.79 22.26 33.67
C ARG Y 58 95.90 20.79 34.00
N VAL Y 59 97.08 20.20 33.89
CA VAL Y 59 97.26 18.80 34.26
C VAL Y 59 97.58 18.70 35.73
N THR Y 60 96.88 17.80 36.42
CA THR Y 60 97.12 17.55 37.82
C THR Y 60 98.39 16.74 37.99
N LYS Y 61 98.91 16.72 39.22
CA LYS Y 61 100.12 15.97 39.50
C LYS Y 61 99.89 14.47 39.45
N ALA Y 62 98.64 14.01 39.56
CA ALA Y 62 98.36 12.60 39.36
C ALA Y 62 98.48 12.23 37.90
N GLN Y 63 98.08 13.12 37.00
CA GLN Y 63 98.16 12.89 35.56
C GLN Y 63 99.51 13.24 34.98
N ALA Y 64 100.21 14.22 35.56
CA ALA Y 64 101.53 14.57 35.06
C ALA Y 64 102.54 13.48 35.35
N GLY Y 65 102.42 12.82 36.50
CA GLY Y 65 103.26 11.66 36.75
C GLY Y 65 102.84 10.42 35.98
N HIS Y 66 101.59 10.36 35.55
CA HIS Y 66 101.12 9.24 34.75
C HIS Y 66 101.61 9.34 33.32
N PHE Y 67 101.70 10.57 32.79
CA PHE Y 67 102.24 10.86 31.46
C PHE Y 67 103.75 10.93 31.43
N ALA Y 68 104.43 10.47 32.48
CA ALA Y 68 105.88 10.48 32.52
C ALA Y 68 106.47 9.11 32.82
N LYS Y 69 105.64 8.07 32.93
CA LYS Y 69 106.19 6.72 32.87
C LYS Y 69 106.64 6.39 31.47
N ALA Y 70 105.92 6.89 30.48
CA ALA Y 70 106.36 6.92 29.10
C ALA Y 70 106.51 8.38 28.71
N ASN Y 71 107.62 8.72 28.06
CA ASN Y 71 107.89 10.11 27.73
C ASN Y 71 106.95 10.57 26.63
N VAL Y 72 105.78 11.08 27.02
CA VAL Y 72 104.70 11.37 26.09
C VAL Y 72 104.38 12.86 26.05
N ALA Y 73 104.31 13.50 27.23
CA ALA Y 73 103.96 14.92 27.40
C ALA Y 73 102.62 15.23 26.75
N ALA Y 74 101.59 14.60 27.31
CA ALA Y 74 100.35 14.35 26.60
C ALA Y 74 99.36 15.51 26.74
N GLY Y 75 98.33 15.46 25.90
CA GLY Y 75 97.36 16.51 25.84
C GLY Y 75 95.95 16.10 26.20
N ARG Y 76 94.96 16.59 25.46
CA ARG Y 76 93.57 16.38 25.86
C ARG Y 76 93.15 14.93 25.60
N GLY Y 77 92.36 14.39 26.51
CA GLY Y 77 91.73 13.10 26.30
C GLY Y 77 92.63 11.88 26.41
N VAL Y 78 92.09 10.79 26.95
CA VAL Y 78 92.76 9.50 26.93
C VAL Y 78 91.73 8.48 26.51
N TRP Y 79 91.94 7.83 25.38
CA TRP Y 79 91.02 6.82 24.89
C TRP Y 79 91.71 5.47 24.94
N GLU Y 80 90.91 4.41 24.88
CA GLU Y 80 91.42 3.07 25.04
C GLU Y 80 90.77 2.14 24.03
N PHE Y 81 91.60 1.32 23.37
CA PHE Y 81 91.17 0.46 22.28
C PHE Y 81 91.44 -0.98 22.67
N ARG Y 82 90.43 -1.83 22.59
CA ARG Y 82 90.62 -3.25 22.79
C ARG Y 82 91.01 -3.91 21.48
N LEU Y 83 92.02 -4.78 21.55
CA LEU Y 83 92.62 -5.34 20.36
C LEU Y 83 92.79 -6.84 20.47
N GLY Y 84 92.84 -7.49 19.31
CA GLY Y 84 93.04 -8.94 19.26
C GLY Y 84 94.45 -9.35 19.65
N GLU Y 85 95.43 -9.05 18.81
CA GLU Y 85 96.81 -9.41 19.11
C GLU Y 85 97.74 -8.56 18.26
N GLU Y 86 98.47 -7.65 18.92
CA GLU Y 86 99.63 -7.00 18.33
C GLU Y 86 100.48 -6.46 19.48
N GLN Y 87 101.78 -6.68 19.41
CA GLN Y 87 102.65 -6.13 20.43
C GLN Y 87 102.80 -4.62 20.24
N TYR Y 88 102.95 -3.92 21.35
CA TYR Y 88 103.21 -2.49 21.37
C TYR Y 88 104.11 -2.18 22.55
N ALA Y 89 104.99 -1.21 22.37
CA ALA Y 89 105.85 -0.76 23.45
C ALA Y 89 105.11 0.31 24.25
N ALA Y 90 105.80 0.87 25.25
CA ALA Y 90 105.17 1.88 26.10
C ALA Y 90 105.06 3.21 25.36
N GLY Y 91 106.18 3.71 24.83
CA GLY Y 91 106.12 4.94 24.07
C GLY Y 91 106.25 4.72 22.58
N ASP Y 92 105.15 4.82 21.86
CA ASP Y 92 105.11 4.55 20.43
C ASP Y 92 104.44 5.70 19.70
N GLN Y 93 104.12 5.50 18.43
CA GLN Y 93 103.51 6.55 17.61
C GLN Y 93 102.61 5.90 16.58
N ILE Y 94 101.34 6.26 16.57
CA ILE Y 94 100.34 5.65 15.71
C ILE Y 94 99.78 6.71 14.77
N THR Y 95 99.95 6.48 13.48
CA THR Y 95 99.63 7.45 12.43
C THR Y 95 98.51 6.89 11.56
N VAL Y 96 98.27 7.56 10.43
CA VAL Y 96 97.21 7.19 9.50
C VAL Y 96 97.67 6.13 8.53
N ASP Y 97 98.87 5.59 8.76
CA ASP Y 97 99.51 4.73 7.77
C ASP Y 97 98.87 3.35 7.65
N LEU Y 98 98.05 2.95 8.62
CA LEU Y 98 97.42 1.63 8.58
C LEU Y 98 96.14 1.59 7.78
N PHE Y 99 95.79 2.67 7.09
CA PHE Y 99 94.60 2.70 6.26
C PHE Y 99 94.96 2.74 4.78
N GLN Y 100 94.10 2.18 3.95
CA GLN Y 100 94.24 2.25 2.50
C GLN Y 100 92.95 2.67 1.84
N ALA Y 101 92.89 2.61 0.52
CA ALA Y 101 91.65 2.86 -0.19
C ALA Y 101 90.72 1.67 -0.04
N GLY Y 102 89.45 1.88 -0.36
CA GLY Y 102 88.43 0.91 0.02
C GLY Y 102 88.29 0.99 1.53
N GLN Y 103 88.41 -0.16 2.19
CA GLN Y 103 88.66 -0.26 3.63
C GLN Y 103 87.52 0.40 4.42
N MET Y 104 86.37 -0.25 4.38
CA MET Y 104 85.19 0.29 5.04
C MET Y 104 85.38 0.30 6.55
N VAL Y 105 85.23 1.48 7.15
CA VAL Y 105 85.55 1.69 8.56
C VAL Y 105 84.30 2.06 9.34
N ASP Y 106 84.44 2.09 10.66
CA ASP Y 106 83.39 2.51 11.57
C ASP Y 106 83.76 3.85 12.16
N VAL Y 107 82.77 4.70 12.35
CA VAL Y 107 82.99 6.07 12.83
C VAL Y 107 81.99 6.33 13.95
N THR Y 108 82.49 6.60 15.13
CA THR Y 108 81.68 6.85 16.32
C THR Y 108 81.62 8.35 16.58
N GLY Y 109 81.13 8.71 17.76
CA GLY Y 109 81.20 10.09 18.19
C GLY Y 109 79.90 10.53 18.82
N GLU Y 110 79.99 11.64 19.54
CA GLU Y 110 78.82 12.28 20.12
C GLU Y 110 78.06 12.98 19.00
N SER Y 111 76.75 13.03 19.10
CA SER Y 111 75.96 13.72 18.09
C SER Y 111 75.73 15.17 18.53
N LYS Y 112 74.86 15.90 17.82
CA LYS Y 112 74.53 17.26 18.18
C LYS Y 112 73.25 17.26 19.00
N GLY Y 113 73.29 17.90 20.16
CA GLY Y 113 72.21 17.82 21.12
C GLY Y 113 71.16 18.88 20.89
N LYS Y 114 69.92 18.42 20.78
CA LYS Y 114 68.74 19.27 20.78
C LYS Y 114 68.12 19.22 22.17
N GLY Y 115 67.62 20.34 22.65
CA GLY Y 115 67.47 20.51 24.08
C GLY Y 115 66.47 19.63 24.80
N PHE Y 116 65.19 19.86 24.55
CA PHE Y 116 64.11 19.13 25.22
C PHE Y 116 63.03 19.00 24.16
N ALA Y 117 62.99 17.86 23.49
CA ALA Y 117 62.20 17.69 22.30
C ALA Y 117 60.89 17.01 22.60
N GLY Y 118 59.83 17.42 21.89
CA GLY Y 118 58.54 16.81 22.03
C GLY Y 118 58.45 15.51 21.25
N THR Y 119 57.24 14.97 21.20
CA THR Y 119 57.09 13.65 20.61
C THR Y 119 56.92 13.68 19.10
N ILE Y 120 56.68 14.84 18.50
CA ILE Y 120 56.63 14.88 17.04
C ILE Y 120 58.05 14.91 16.47
N LYS Y 121 59.01 15.35 17.27
CA LYS Y 121 60.39 15.38 16.80
C LYS Y 121 61.22 14.22 17.33
N ARG Y 122 61.04 13.83 18.59
CA ARG Y 122 61.87 12.78 19.16
C ARG Y 122 61.49 11.41 18.63
N TRP Y 123 60.19 11.10 18.60
CA TRP Y 123 59.73 9.76 18.24
C TRP Y 123 58.98 9.73 16.93
N ASN Y 124 58.80 10.87 16.27
CA ASN Y 124 58.09 11.02 15.00
C ASN Y 124 56.64 10.54 15.11
N PHE Y 125 55.92 11.12 16.07
CA PHE Y 125 54.50 10.85 16.15
C PHE Y 125 53.75 11.65 15.09
N ARG Y 126 52.45 11.49 15.08
CA ARG Y 126 51.59 12.26 14.20
C ARG Y 126 50.80 13.28 15.01
N GLY Y 127 50.20 14.22 14.30
CA GLY Y 127 49.49 15.29 14.98
C GLY Y 127 47.99 15.17 14.82
N GLN Y 128 47.25 15.80 15.72
CA GLN Y 128 45.81 15.92 15.53
C GLN Y 128 45.54 17.06 14.54
N ASP Y 129 44.27 17.41 14.38
CA ASP Y 129 43.87 18.33 13.32
C ASP Y 129 44.24 19.76 13.68
N ASN Y 130 43.82 20.70 12.85
CA ASN Y 130 44.06 22.11 13.10
C ASN Y 130 42.83 22.98 12.97
N THR Y 131 41.76 22.52 12.33
CA THR Y 131 40.59 23.37 12.22
C THR Y 131 39.30 22.72 12.68
N HIS Y 132 39.13 21.41 12.48
CA HIS Y 132 37.81 20.80 12.61
C HIS Y 132 37.35 20.64 14.05
N GLY Y 133 37.07 21.76 14.71
CA GLY Y 133 36.53 21.74 16.05
C GLY Y 133 37.53 21.59 17.15
N ASN Y 134 38.82 21.44 16.84
CA ASN Y 134 39.79 21.00 17.82
C ASN Y 134 40.10 22.10 18.82
N SER Y 135 40.27 21.68 20.07
CA SER Y 135 40.52 22.47 21.25
C SER Y 135 42.01 22.83 21.30
N VAL Y 136 42.51 23.12 22.48
CA VAL Y 136 43.90 23.52 22.68
C VAL Y 136 44.90 22.47 22.22
N SER Y 137 44.52 21.21 22.19
CA SER Y 137 45.45 20.13 21.90
C SER Y 137 45.68 20.00 20.40
N HIS Y 138 46.85 20.46 19.93
CA HIS Y 138 47.22 20.36 18.53
C HIS Y 138 48.50 19.58 18.26
N ARG Y 139 49.40 19.49 19.22
CA ARG Y 139 50.64 18.74 19.04
C ARG Y 139 50.96 17.88 20.26
N VAL Y 140 50.02 17.71 21.18
CA VAL Y 140 50.23 16.97 22.42
C VAL Y 140 50.27 15.48 22.08
N PRO Y 141 50.81 14.62 22.93
CA PRO Y 141 50.65 13.18 22.71
C PRO Y 141 49.20 12.76 22.94
N GLY Y 142 48.91 11.53 22.56
CA GLY Y 142 47.52 11.13 22.59
C GLY Y 142 47.15 10.57 23.94
N SER Y 143 46.78 9.31 23.98
CA SER Y 143 46.59 8.62 25.24
C SER Y 143 47.88 7.92 25.63
N ILE Y 144 47.85 7.25 26.77
CA ILE Y 144 49.04 6.59 27.27
C ILE Y 144 48.78 5.10 27.45
N GLY Y 145 47.81 4.76 28.29
CA GLY Y 145 47.57 3.36 28.57
C GLY Y 145 46.14 2.90 28.45
N GLN Y 146 45.92 1.66 28.84
CA GLN Y 146 44.60 1.06 28.91
C GLN Y 146 43.93 1.47 30.22
N CYS Y 147 42.63 1.19 30.32
CA CYS Y 147 41.90 1.87 31.38
C CYS Y 147 42.08 1.26 32.75
N GLN Y 148 41.48 0.11 33.02
CA GLN Y 148 41.36 -0.35 34.40
C GLN Y 148 42.37 -1.42 34.73
N THR Y 149 42.60 -2.33 33.80
CA THR Y 149 43.62 -3.38 33.98
C THR Y 149 44.60 -3.29 32.81
N PRO Y 150 45.78 -2.69 33.00
CA PRO Y 150 46.74 -2.91 34.09
C PRO Y 150 46.61 -1.81 35.14
N GLY Y 151 46.08 -0.66 34.77
CA GLY Y 151 45.92 0.44 35.74
C GLY Y 151 47.16 1.31 35.87
N ARG Y 152 48.25 0.95 35.20
CA ARG Y 152 49.50 1.76 35.26
C ARG Y 152 50.11 1.89 33.87
N VAL Y 153 51.12 2.73 33.72
CA VAL Y 153 51.82 2.96 32.48
C VAL Y 153 52.96 1.96 32.37
N PHE Y 154 53.04 1.28 31.23
CA PHE Y 154 54.09 0.30 31.01
C PHE Y 154 55.44 0.97 30.89
N LYS Y 155 56.47 0.30 31.40
CA LYS Y 155 57.81 0.85 31.38
C LYS Y 155 58.39 0.81 29.97
N GLY Y 156 58.93 1.93 29.51
CA GLY Y 156 59.38 2.06 28.16
C GLY Y 156 58.46 2.85 27.26
N LYS Y 157 57.48 3.55 27.83
CA LYS Y 157 56.56 4.36 27.05
C LYS Y 157 57.29 5.53 26.43
N LYS Y 158 56.91 5.89 25.20
CA LYS Y 158 57.59 6.92 24.44
C LYS Y 158 57.00 8.28 24.78
N MET Y 159 57.74 9.09 25.53
CA MET Y 159 57.32 10.43 25.91
C MET Y 159 58.40 11.42 25.52
N SER Y 160 58.31 12.65 26.00
CA SER Y 160 59.19 13.71 25.53
C SER Y 160 60.41 13.88 26.44
N GLY Y 161 61.51 14.35 25.85
CA GLY Y 161 62.65 14.83 26.59
C GLY Y 161 64.01 14.48 26.05
N HIS Y 162 64.80 15.53 25.78
CA HIS Y 162 66.23 15.47 25.50
C HIS Y 162 66.67 14.61 24.32
N LEU Y 163 66.45 15.07 23.08
CA LEU Y 163 67.17 14.49 21.95
C LEU Y 163 68.66 14.68 22.08
N GLY Y 164 69.35 13.63 22.47
CA GLY Y 164 70.61 13.78 23.15
C GLY Y 164 71.79 14.05 22.28
N ALA Y 165 72.87 14.42 22.95
CA ALA Y 165 74.23 14.39 22.44
C ALA Y 165 74.91 13.07 22.77
N GLU Y 166 74.14 11.99 22.82
CA GLU Y 166 74.58 10.66 23.18
C GLU Y 166 75.47 10.09 22.07
N ARG Y 167 76.17 9.00 22.38
CA ARG Y 167 77.08 8.40 21.42
C ARG Y 167 76.31 7.64 20.35
N VAL Y 168 76.79 7.71 19.13
CA VAL Y 168 76.17 7.03 18.00
C VAL Y 168 77.30 6.65 17.05
N THR Y 169 77.18 5.48 16.42
CA THR Y 169 78.20 5.04 15.47
C THR Y 169 77.55 4.85 14.11
N VAL Y 170 78.06 5.56 13.11
CA VAL Y 170 77.73 5.27 11.73
C VAL Y 170 78.56 4.06 11.31
N GLN Y 171 77.99 3.19 10.49
CA GLN Y 171 78.57 1.89 10.24
C GLN Y 171 78.92 1.76 8.77
N SER Y 172 80.12 1.23 8.51
CA SER Y 172 80.60 0.78 7.19
C SER Y 172 80.63 1.93 6.18
N LEU Y 173 81.48 2.90 6.48
CA LEU Y 173 81.80 4.00 5.58
C LEU Y 173 83.16 3.73 4.95
N GLU Y 174 83.29 4.03 3.66
CA GLU Y 174 84.53 3.70 2.95
C GLU Y 174 85.44 4.91 2.82
N ILE Y 175 86.73 4.66 2.71
CA ILE Y 175 87.75 5.70 2.69
C ILE Y 175 88.07 6.05 1.25
N VAL Y 176 88.10 7.34 0.95
CA VAL Y 176 88.40 7.80 -0.40
C VAL Y 176 89.88 8.09 -0.57
N ARG Y 177 90.52 8.67 0.42
CA ARG Y 177 91.91 9.09 0.26
C ARG Y 177 92.57 9.16 1.63
N VAL Y 178 93.84 8.77 1.70
CA VAL Y 178 94.65 8.88 2.90
C VAL Y 178 95.81 9.82 2.58
N ASP Y 179 95.97 10.87 3.38
CA ASP Y 179 96.95 11.91 3.12
C ASP Y 179 97.96 11.92 4.26
N ALA Y 180 99.16 11.40 4.01
CA ALA Y 180 100.20 11.35 5.02
C ALA Y 180 101.11 12.57 4.98
N GLU Y 181 100.62 13.70 4.50
CA GLU Y 181 101.36 14.95 4.50
C GLU Y 181 100.63 16.07 5.22
N ARG Y 182 99.32 16.15 5.06
CA ARG Y 182 98.49 17.07 5.84
C ARG Y 182 97.68 16.35 6.89
N ASN Y 183 97.85 15.03 7.04
CA ASN Y 183 97.23 14.19 8.06
C ASN Y 183 95.69 14.25 7.97
N LEU Y 184 95.20 13.73 6.84
CA LEU Y 184 93.78 13.73 6.56
C LEU Y 184 93.31 12.34 6.21
N LEU Y 185 92.10 11.99 6.66
CA LEU Y 185 91.31 10.96 6.04
C LEU Y 185 90.11 11.60 5.36
N LEU Y 186 89.69 11.01 4.26
CA LEU Y 186 88.51 11.46 3.54
C LEU Y 186 87.53 10.31 3.51
N VAL Y 187 86.35 10.53 4.06
CA VAL Y 187 85.37 9.48 4.28
C VAL Y 187 84.11 9.85 3.50
N LYS Y 188 83.59 8.90 2.73
CA LYS Y 188 82.41 9.16 1.91
C LYS Y 188 81.17 8.89 2.74
N GLY Y 189 80.50 9.95 3.17
CA GLY Y 189 79.26 9.85 3.89
C GLY Y 189 79.21 10.85 5.01
N ALA Y 190 78.26 10.63 5.93
CA ALA Y 190 78.06 11.50 7.07
C ALA Y 190 78.80 10.98 8.30
N VAL Y 191 79.30 11.91 9.10
CA VAL Y 191 80.07 11.59 10.31
C VAL Y 191 79.36 12.29 11.46
N PRO Y 192 79.13 11.62 12.59
CA PRO Y 192 78.27 12.21 13.62
C PRO Y 192 78.95 13.32 14.40
N GLY Y 193 78.20 14.37 14.67
CA GLY Y 193 78.64 15.43 15.55
C GLY Y 193 78.71 16.77 14.84
N ALA Y 194 79.00 17.78 15.64
CA ALA Y 194 79.24 19.10 15.09
C ALA Y 194 80.65 19.18 14.51
N THR Y 195 80.91 20.27 13.80
CA THR Y 195 82.26 20.51 13.31
C THR Y 195 83.16 20.86 14.49
N GLY Y 196 84.42 20.46 14.39
CA GLY Y 196 85.33 20.68 15.49
C GLY Y 196 85.14 19.73 16.65
N GLY Y 197 84.42 18.64 16.47
CA GLY Y 197 84.21 17.65 17.51
C GLY Y 197 85.37 16.69 17.62
N ASP Y 198 85.11 15.55 18.24
CA ASP Y 198 86.08 14.49 18.40
C ASP Y 198 85.47 13.19 17.91
N VAL Y 199 86.28 12.38 17.23
CA VAL Y 199 85.75 11.25 16.48
C VAL Y 199 86.73 10.09 16.58
N ILE Y 200 86.23 8.87 16.38
CA ILE Y 200 87.03 7.65 16.42
C ILE Y 200 86.86 6.93 15.10
N VAL Y 201 87.94 6.41 14.54
CA VAL Y 201 87.90 5.73 13.25
C VAL Y 201 88.43 4.32 13.44
N ARG Y 202 87.56 3.32 13.34
CA ARG Y 202 87.93 1.94 13.56
C ARG Y 202 87.62 1.08 12.35
N PRO Y 203 88.50 0.13 12.00
CA PRO Y 203 88.18 -0.82 10.93
C PRO Y 203 87.03 -1.73 11.29
N ALA Y 204 86.09 -1.88 10.36
CA ALA Y 204 84.80 -2.48 10.65
C ALA Y 204 84.89 -4.00 10.78
N ALA Y 205 84.04 -4.57 11.63
CA ALA Y 205 83.97 -6.01 11.80
C ALA Y 205 82.65 -6.61 11.35
N LYS Y 206 81.65 -5.79 11.01
CA LYS Y 206 80.43 -6.34 10.42
C LYS Y 206 80.69 -6.84 9.00
N ALA Y 207 81.50 -6.11 8.24
CA ALA Y 207 81.87 -6.41 6.84
C ALA Y 207 80.67 -6.62 5.92
N GLN Z 1 7.11 11.49 134.56
CA GLN Z 1 6.82 11.84 133.18
C GLN Z 1 7.62 13.03 132.70
N LEU Z 2 6.95 13.96 132.02
CA LEU Z 2 7.60 15.17 131.54
C LEU Z 2 7.87 16.08 132.73
N ASN Z 3 9.09 16.02 133.24
CA ASN Z 3 9.49 16.71 134.46
C ASN Z 3 9.63 18.21 134.20
N VAL Z 4 8.63 18.96 134.64
CA VAL Z 4 8.69 20.41 134.60
C VAL Z 4 9.78 20.88 135.57
N ASN Z 5 10.44 22.00 135.23
CA ASN Z 5 11.53 22.54 136.03
C ASN Z 5 11.10 23.06 137.40
N GLY Z 6 9.80 23.12 137.69
CA GLY Z 6 9.32 23.34 139.04
C GLY Z 6 9.06 22.03 139.76
N ALA Z 7 9.64 20.94 139.23
CA ALA Z 7 9.72 19.63 139.89
C ALA Z 7 8.34 19.01 140.13
N GLN Z 8 7.59 18.84 139.05
CA GLN Z 8 6.27 18.21 139.12
C GLN Z 8 5.99 17.51 137.80
N ALA Z 9 5.68 16.22 137.87
CA ALA Z 9 5.31 15.48 136.68
C ALA Z 9 3.93 15.92 136.19
N ILE Z 10 3.59 15.51 134.97
CA ILE Z 10 2.37 16.02 134.35
C ILE Z 10 1.44 14.93 133.81
N GLU Z 11 1.95 13.73 133.48
CA GLU Z 11 1.17 12.57 133.00
C GLU Z 11 0.40 12.93 131.72
N VAL Z 12 1.18 13.11 130.66
CA VAL Z 12 0.66 13.33 129.31
C VAL Z 12 0.05 12.06 128.76
N SER Z 13 -0.68 12.18 127.66
CA SER Z 13 -1.17 11.01 126.94
C SER Z 13 -0.02 10.29 126.25
N GLU Z 14 0.01 8.97 126.40
CA GLU Z 14 1.14 8.16 125.93
C GLU Z 14 0.96 7.67 124.50
N ARG Z 15 0.03 8.25 123.74
CA ARG Z 15 -0.05 8.00 122.32
C ARG Z 15 0.71 9.03 121.50
N THR Z 16 0.63 10.31 121.88
CA THR Z 16 1.47 11.32 121.26
C THR Z 16 2.91 11.14 121.66
N PHE Z 17 3.20 11.21 122.95
CA PHE Z 17 4.55 11.06 123.46
C PHE Z 17 4.81 9.60 123.77
N GLY Z 18 6.03 9.15 123.46
CA GLY Z 18 6.35 7.75 123.62
C GLY Z 18 5.74 6.88 122.54
N GLY Z 19 6.08 7.16 121.29
CA GLY Z 19 5.61 6.39 120.16
C GLY Z 19 6.77 5.83 119.34
N GLU Z 20 6.44 4.91 118.45
CA GLU Z 20 7.44 4.29 117.60
C GLU Z 20 7.91 5.26 116.53
N PHE Z 21 9.22 5.33 116.33
CA PHE Z 21 9.80 6.31 115.41
C PHE Z 21 9.91 5.73 114.01
N ASN Z 22 8.84 5.89 113.24
CA ASN Z 22 8.87 5.64 111.81
C ASN Z 22 9.57 6.82 111.14
N GLU Z 23 10.65 6.56 110.43
CA GLU Z 23 11.39 7.64 109.81
C GLU Z 23 11.32 7.63 108.30
N THR Z 24 10.69 6.63 107.70
CA THR Z 24 10.29 6.76 106.31
C THR Z 24 9.22 7.82 106.17
N LEU Z 25 8.35 7.92 107.17
CA LEU Z 25 7.29 8.91 107.16
C LEU Z 25 7.81 10.31 107.38
N VAL Z 26 8.71 10.47 108.35
CA VAL Z 26 9.25 11.79 108.69
C VAL Z 26 10.09 12.35 107.55
N HIS Z 27 10.79 11.49 106.83
CA HIS Z 27 11.55 11.94 105.67
C HIS Z 27 10.63 12.41 104.56
N GLN Z 28 9.48 11.77 104.40
CA GLN Z 28 8.52 12.22 103.40
C GLN Z 28 7.83 13.51 103.83
N ALA Z 29 7.63 13.70 105.12
CA ALA Z 29 6.96 14.91 105.58
C ALA Z 29 7.87 16.12 105.53
N VAL Z 30 9.18 15.93 105.70
CA VAL Z 30 10.06 17.09 105.60
C VAL Z 30 10.40 17.42 104.16
N VAL Z 31 10.23 16.49 103.22
CA VAL Z 31 10.45 16.82 101.82
C VAL Z 31 9.28 17.63 101.28
N ALA Z 32 8.06 17.28 101.69
CA ALA Z 32 6.88 17.98 101.17
C ALA Z 32 6.76 19.38 101.76
N TYR Z 33 7.18 19.57 103.00
CA TYR Z 33 7.18 20.92 103.56
C TYR Z 33 8.25 21.78 102.90
N MET Z 34 9.45 21.22 102.73
CA MET Z 34 10.58 22.02 102.29
C MET Z 34 10.51 22.31 100.80
N ALA Z 35 9.87 21.45 100.02
CA ALA Z 35 9.68 21.75 98.61
C ALA Z 35 8.51 22.68 98.38
N GLY Z 36 7.54 22.73 99.29
CA GLY Z 36 6.37 23.57 99.10
C GLY Z 36 6.62 25.04 99.34
N GLY Z 37 7.81 25.41 99.82
CA GLY Z 37 8.18 26.79 99.98
C GLY Z 37 8.88 27.41 98.79
N ARG Z 38 9.24 26.61 97.81
CA ARG Z 38 9.94 27.12 96.63
C ARG Z 38 8.97 27.83 95.70
N GLN Z 39 9.27 29.09 95.38
CA GLN Z 39 8.57 29.74 94.28
C GLN Z 39 9.22 29.35 92.96
N GLY Z 40 8.41 28.87 92.03
CA GLY Z 40 8.96 28.42 90.78
C GLY Z 40 8.98 29.53 89.77
N SER Z 41 10.12 30.20 89.61
CA SER Z 41 10.23 31.28 88.65
C SER Z 41 11.47 31.02 87.79
N LYS Z 42 11.31 30.16 86.81
CA LYS Z 42 12.18 30.01 85.66
C LYS Z 42 11.44 30.52 84.44
N ALA Z 43 12.19 30.92 83.42
CA ALA Z 43 11.64 31.05 82.08
C ALA Z 43 12.79 30.96 81.10
N GLN Z 44 12.89 29.83 80.41
CA GLN Z 44 13.74 29.77 79.23
C GLN Z 44 12.85 30.08 78.04
N LYS Z 45 13.35 29.90 76.83
CA LYS Z 45 12.66 30.41 75.67
C LYS Z 45 12.80 29.42 74.52
N THR Z 46 11.66 28.95 74.00
CA THR Z 46 11.66 27.93 72.96
C THR Z 46 12.02 28.54 71.62
N ARG Z 47 11.98 27.71 70.58
CA ARG Z 47 12.24 28.18 69.22
C ARG Z 47 11.10 28.99 68.63
N SER Z 48 10.01 29.23 69.35
CA SER Z 48 8.90 30.00 68.84
C SER Z 48 8.79 31.40 69.44
N GLU Z 49 9.55 31.72 70.47
CA GLU Z 49 9.55 33.07 71.02
C GLU Z 49 10.84 33.84 70.76
N VAL Z 50 11.90 33.17 70.30
CA VAL Z 50 13.14 33.87 70.01
C VAL Z 50 12.94 34.71 68.76
N SER Z 51 13.35 35.98 68.84
CA SER Z 51 12.90 37.00 67.90
C SER Z 51 13.53 36.80 66.52
N GLY Z 52 12.67 36.64 65.51
CA GLY Z 52 13.13 36.53 64.14
C GLY Z 52 13.15 35.11 63.63
N GLY Z 53 14.01 34.84 62.65
CA GLY Z 53 14.25 33.50 62.18
C GLY Z 53 13.08 32.85 61.47
N GLY Z 54 12.54 33.53 60.45
CA GLY Z 54 11.35 33.06 59.79
C GLY Z 54 11.59 32.27 58.52
N LYS Z 55 12.58 32.65 57.73
CA LYS Z 55 12.77 32.12 56.39
C LYS Z 55 14.01 31.25 56.30
N LYS Z 56 14.03 30.38 55.28
CA LYS Z 56 15.17 29.52 55.04
C LYS Z 56 16.37 30.34 54.60
N PRO Z 57 17.56 30.07 55.13
CA PRO Z 57 18.72 30.90 54.78
C PRO Z 57 19.22 30.67 53.36
N TRP Z 58 18.97 29.50 52.78
CA TRP Z 58 19.35 29.20 51.40
C TRP Z 58 18.38 28.14 50.87
N ARG Z 59 18.70 27.61 49.70
CA ARG Z 59 17.80 26.68 49.04
C ARG Z 59 17.88 25.31 49.69
N GLN Z 60 17.08 24.38 49.17
CA GLN Z 60 17.13 23.02 49.69
C GLN Z 60 18.37 22.29 49.18
N LYS Z 61 18.49 22.14 47.87
CA LYS Z 61 19.62 21.46 47.27
C LYS Z 61 20.61 22.44 46.65
N GLY Z 62 21.73 21.88 46.17
CA GLY Z 62 22.63 22.58 45.28
C GLY Z 62 23.63 23.50 45.94
N THR Z 63 23.59 23.66 47.25
CA THR Z 63 24.44 24.64 47.90
C THR Z 63 25.72 24.06 48.49
N GLY Z 64 25.70 22.84 49.03
CA GLY Z 64 26.84 22.22 49.67
C GLY Z 64 26.76 22.20 51.18
N ARG Z 65 26.07 23.16 51.78
CA ARG Z 65 25.89 23.18 53.22
C ARG Z 65 24.71 22.29 53.61
N ALA Z 66 24.69 21.90 54.87
CA ALA Z 66 23.68 20.98 55.37
C ALA Z 66 22.30 21.63 55.39
N ARG Z 67 21.28 20.79 55.43
CA ARG Z 67 19.89 21.22 55.27
C ARG Z 67 19.44 21.97 56.51
N ALA Z 68 19.43 23.30 56.44
CA ALA Z 68 18.91 24.11 57.53
C ALA Z 68 17.59 24.74 57.10
N GLY Z 69 16.73 24.98 58.07
CA GLY Z 69 15.41 25.52 57.79
C GLY Z 69 15.14 26.87 58.40
N THR Z 70 15.74 27.16 59.55
CA THR Z 70 15.62 28.47 60.16
C THR Z 70 16.89 28.76 60.95
N ILE Z 71 17.05 30.02 61.33
CA ILE Z 71 18.25 30.38 62.07
C ILE Z 71 18.08 30.07 63.55
N ARG Z 72 16.86 30.20 64.07
CA ARG Z 72 16.63 30.16 65.50
C ARG Z 72 16.27 28.75 65.97
N SER Z 73 17.18 27.83 65.70
CA SER Z 73 17.06 26.42 65.95
C SER Z 73 17.99 26.01 67.10
N PRO Z 74 17.66 24.94 67.84
CA PRO Z 74 18.52 24.52 68.95
C PRO Z 74 19.92 24.10 68.58
N ILE Z 75 20.19 23.77 67.32
CA ILE Z 75 21.53 23.38 66.93
C ILE Z 75 22.41 24.61 66.69
N TRP Z 76 21.83 25.69 66.21
CA TRP Z 76 22.53 26.92 65.84
C TRP Z 76 22.98 27.67 67.09
N ARG Z 77 23.75 28.74 66.87
CA ARG Z 77 24.37 29.43 68.00
C ARG Z 77 23.40 30.34 68.72
N GLY Z 78 22.74 31.23 68.00
CA GLY Z 78 21.82 32.13 68.67
C GLY Z 78 20.43 31.59 68.89
N GLY Z 79 20.24 30.27 68.72
CA GLY Z 79 18.93 29.69 68.73
C GLY Z 79 18.36 29.56 70.11
N GLY Z 80 17.23 28.86 70.20
CA GLY Z 80 16.51 28.70 71.44
C GLY Z 80 16.75 27.36 72.10
N THR Z 81 16.42 27.32 73.39
CA THR Z 81 16.54 26.10 74.17
C THR Z 81 15.43 25.13 73.77
N THR Z 82 15.77 23.85 73.64
CA THR Z 82 14.88 22.91 72.99
C THR Z 82 13.79 22.37 73.90
N PHE Z 83 13.96 22.39 75.22
CA PHE Z 83 12.92 21.96 76.14
C PHE Z 83 12.73 23.01 77.22
N ALA Z 84 12.56 24.25 76.79
CA ALA Z 84 12.38 25.38 77.70
C ALA Z 84 11.14 25.20 78.57
N ALA Z 85 11.27 25.56 79.84
CA ALA Z 85 10.27 25.25 80.84
C ALA Z 85 9.62 26.53 81.35
N LYS Z 86 8.30 26.61 81.22
CA LYS Z 86 7.52 27.69 81.80
C LYS Z 86 7.51 27.57 83.32
N PRO Z 87 7.13 28.63 84.05
CA PRO Z 87 7.02 28.49 85.50
C PRO Z 87 5.87 27.58 85.89
N ARG Z 88 6.05 26.92 87.03
CA ARG Z 88 5.06 25.95 87.50
C ARG Z 88 5.18 25.83 89.01
N SER Z 89 4.22 25.12 89.59
CA SER Z 89 4.15 24.94 91.03
C SER Z 89 4.91 23.70 91.47
N HIS Z 90 5.29 23.69 92.74
CA HIS Z 90 5.87 22.53 93.39
C HIS Z 90 5.13 22.37 94.70
N GLU Z 91 4.21 21.42 94.76
CA GLU Z 91 3.38 21.24 95.95
C GLU Z 91 2.90 19.80 95.98
N GLN Z 92 3.28 19.07 97.02
CA GLN Z 92 2.84 17.70 97.18
C GLN Z 92 1.61 17.66 98.08
N LYS Z 93 0.75 16.70 97.84
CA LYS Z 93 -0.42 16.50 98.68
C LYS Z 93 -0.06 15.51 99.77
N LEU Z 94 -0.06 15.98 101.01
CA LEU Z 94 0.15 15.14 102.17
C LEU Z 94 -1.17 15.04 102.93
N ASN Z 95 -1.52 13.86 103.41
CA ASN Z 95 -2.81 13.69 104.04
C ASN Z 95 -2.83 14.35 105.41
N LYS Z 96 -4.04 14.67 105.87
CA LYS Z 96 -4.18 15.28 107.19
C LYS Z 96 -3.88 14.27 108.29
N LYS Z 97 -4.25 13.01 108.09
CA LYS Z 97 -3.88 11.98 109.04
C LYS Z 97 -2.41 11.62 108.96
N MET Z 98 -1.78 11.89 107.82
CA MET Z 98 -0.39 11.52 107.59
C MET Z 98 0.56 12.61 108.04
N TYR Z 99 0.12 13.86 107.97
CA TYR Z 99 0.89 14.96 108.54
C TYR Z 99 0.99 14.84 110.05
N ARG Z 100 -0.04 14.30 110.70
CA ARG Z 100 -0.08 14.22 112.15
C ARG Z 100 0.68 13.03 112.70
N ALA Z 101 0.87 11.98 111.91
CA ALA Z 101 1.65 10.86 112.40
C ALA Z 101 3.14 11.13 112.33
N ALA Z 102 3.56 12.10 111.53
CA ALA Z 102 4.94 12.55 111.59
C ALA Z 102 5.17 13.41 112.82
N LEU Z 103 4.16 14.16 113.26
CA LEU Z 103 4.28 14.93 114.49
C LEU Z 103 4.35 14.04 115.71
N ARG Z 104 3.50 13.01 115.78
CA ARG Z 104 3.56 12.11 116.91
C ARG Z 104 4.76 11.18 116.86
N SER Z 105 5.52 11.17 115.77
CA SER Z 105 6.74 10.37 115.70
C SER Z 105 7.99 11.16 115.99
N ILE Z 106 8.03 12.46 115.70
CA ILE Z 106 9.18 13.26 116.10
C ILE Z 106 9.04 13.79 117.52
N LEU Z 107 7.83 13.86 118.06
CA LEU Z 107 7.66 14.25 119.45
C LEU Z 107 7.89 13.11 120.41
N ALA Z 108 8.33 11.95 119.92
CA ALA Z 108 8.72 10.84 120.77
C ALA Z 108 10.22 10.76 120.94
N GLU Z 109 10.99 10.99 119.88
CA GLU Z 109 12.43 10.93 119.98
C GLU Z 109 13.04 12.18 120.59
N LEU Z 110 12.30 13.29 120.63
CA LEU Z 110 12.76 14.41 121.44
C LEU Z 110 12.66 14.11 122.92
N VAL Z 111 11.74 13.22 123.30
CA VAL Z 111 11.65 12.81 124.70
C VAL Z 111 12.75 11.83 125.05
N ARG Z 112 13.11 10.93 124.12
CA ARG Z 112 14.16 9.96 124.37
C ARG Z 112 15.53 10.63 124.41
N LEU Z 113 15.80 11.53 123.48
CA LEU Z 113 17.11 12.15 123.35
C LEU Z 113 17.28 13.39 124.22
N ASP Z 114 16.27 13.73 125.03
CA ASP Z 114 16.31 14.79 126.03
C ASP Z 114 16.58 16.16 125.41
N ARG Z 115 16.04 16.40 124.22
CA ARG Z 115 16.09 17.73 123.63
C ARG Z 115 14.98 18.62 124.14
N LEU Z 116 14.05 18.09 124.91
CA LEU Z 116 12.82 18.78 125.26
C LEU Z 116 12.90 19.28 126.69
N VAL Z 117 12.69 20.58 126.88
CA VAL Z 117 12.71 21.22 128.19
C VAL Z 117 11.33 21.80 128.42
N VAL Z 118 10.58 21.20 129.34
CA VAL Z 118 9.26 21.71 129.71
C VAL Z 118 9.42 22.63 130.91
N VAL Z 119 8.79 23.81 130.84
CA VAL Z 119 8.89 24.81 131.89
C VAL Z 119 7.49 25.14 132.37
N ALA Z 120 7.43 25.81 133.53
CA ALA Z 120 6.16 26.23 134.08
C ALA Z 120 5.54 27.34 133.25
N ASP Z 121 6.23 28.47 133.13
CA ASP Z 121 5.76 29.55 132.29
C ASP Z 121 6.97 30.38 131.85
N PHE Z 122 6.93 30.86 130.61
CA PHE Z 122 8.00 31.68 130.05
C PHE Z 122 7.39 33.01 129.65
N ALA Z 123 7.78 34.08 130.34
CA ALA Z 123 7.16 35.37 130.13
C ALA Z 123 8.16 36.49 130.37
N VAL Z 124 8.30 37.38 129.40
CA VAL Z 124 9.12 38.55 129.54
C VAL Z 124 8.22 39.73 129.89
N ASP Z 125 8.82 40.83 130.29
CA ASP Z 125 8.07 41.96 130.83
C ASP Z 125 8.13 43.18 129.92
N ALA Z 126 9.32 43.65 129.59
CA ALA Z 126 9.44 44.75 128.64
C ALA Z 126 10.11 44.27 127.36
N PRO Z 127 9.71 44.78 126.20
CA PRO Z 127 10.36 44.35 124.96
C PRO Z 127 11.77 44.91 124.86
N LYS Z 128 12.75 44.06 125.11
CA LYS Z 128 14.14 44.46 125.17
C LYS Z 128 14.96 43.18 125.08
N THR Z 129 15.93 43.16 124.16
CA THR Z 129 16.60 41.91 123.84
C THR Z 129 17.54 41.46 124.95
N LYS Z 130 18.16 42.40 125.66
CA LYS Z 130 19.08 42.02 126.71
C LYS Z 130 18.38 41.52 127.97
N GLY Z 131 17.07 41.72 128.09
CA GLY Z 131 16.34 41.09 129.17
C GLY Z 131 16.06 39.62 128.92
N LEU Z 132 15.84 39.25 127.67
CA LEU Z 132 15.55 37.86 127.34
C LEU Z 132 16.81 37.01 127.32
N VAL Z 133 17.96 37.61 127.02
CA VAL Z 133 19.23 36.88 127.05
C VAL Z 133 19.55 36.43 128.47
N ALA Z 134 19.29 37.29 129.45
CA ALA Z 134 19.50 36.92 130.84
C ALA Z 134 18.47 35.90 131.31
N LYS Z 135 17.29 35.88 130.70
CA LYS Z 135 16.26 34.93 131.08
C LYS Z 135 16.61 33.52 130.62
N LEU Z 136 17.22 33.39 129.44
CA LEU Z 136 17.68 32.09 128.98
C LEU Z 136 18.97 31.65 129.64
N ASP Z 137 19.65 32.52 130.37
CA ASP Z 137 20.83 32.11 131.12
C ASP Z 137 20.48 31.31 132.37
N THR Z 138 19.22 31.39 132.83
CA THR Z 138 18.80 30.59 133.98
C THR Z 138 18.74 29.11 133.61
N LEU Z 139 18.15 28.79 132.47
CA LEU Z 139 18.06 27.39 132.04
C LEU Z 139 19.34 26.87 131.42
N GLY Z 140 20.30 27.74 131.10
CA GLY Z 140 21.54 27.29 130.52
C GLY Z 140 21.43 26.89 129.06
N LEU Z 141 20.55 27.52 128.31
CA LEU Z 141 20.28 27.12 126.94
C LEU Z 141 20.87 28.11 125.94
N LYS Z 142 21.02 27.63 124.71
CA LYS Z 142 21.55 28.40 123.60
C LYS Z 142 21.07 27.73 122.32
N ASP Z 143 20.67 28.53 121.33
CA ASP Z 143 20.12 28.09 120.04
C ASP Z 143 18.88 27.21 120.29
N VAL Z 144 17.86 27.84 120.85
CA VAL Z 144 16.69 27.15 121.33
C VAL Z 144 15.48 27.55 120.48
N LEU Z 145 14.51 26.64 120.40
CA LEU Z 145 13.22 26.90 119.78
C LEU Z 145 12.18 27.09 120.87
N ILE Z 146 11.48 28.22 120.86
CA ILE Z 146 10.50 28.54 121.88
C ILE Z 146 9.11 28.25 121.32
N VAL Z 147 8.46 27.25 121.87
CA VAL Z 147 7.11 26.86 121.50
C VAL Z 147 6.19 27.25 122.64
N THR Z 148 5.20 28.10 122.36
CA THR Z 148 4.30 28.57 123.39
C THR Z 148 2.89 28.64 122.83
N ASP Z 149 1.93 28.87 123.74
CA ASP Z 149 0.52 28.82 123.36
C ASP Z 149 0.11 30.02 122.53
N GLY Z 150 0.65 31.19 122.84
CA GLY Z 150 0.34 32.40 122.10
C GLY Z 150 1.50 33.37 122.15
N VAL Z 151 1.94 33.84 121.00
CA VAL Z 151 3.14 34.66 120.91
C VAL Z 151 2.80 36.07 121.39
N ASP Z 152 3.28 36.43 122.57
CA ASP Z 152 2.99 37.73 123.14
C ASP Z 152 3.72 38.82 122.38
N GLU Z 153 3.13 40.02 122.41
CA GLU Z 153 3.70 41.15 121.69
C GLU Z 153 5.01 41.61 122.32
N ASN Z 154 5.18 41.40 123.62
CA ASN Z 154 6.47 41.66 124.24
C ASN Z 154 7.49 40.61 123.83
N LEU Z 155 7.05 39.36 123.71
CA LEU Z 155 7.97 38.28 123.38
C LEU Z 155 8.32 38.27 121.90
N TYR Z 156 7.44 38.78 121.04
CA TYR Z 156 7.73 38.75 119.63
C TYR Z 156 8.69 39.85 119.21
N LEU Z 157 8.68 40.98 119.90
CA LEU Z 157 9.58 42.06 119.54
C LEU Z 157 11.00 41.79 120.00
N ALA Z 158 11.15 41.09 121.10
CA ALA Z 158 12.43 40.45 121.37
C ALA Z 158 12.58 39.23 120.48
N ALA Z 159 13.80 38.74 120.37
CA ALA Z 159 14.20 37.56 119.60
C ALA Z 159 13.94 37.68 118.10
N ARG Z 160 13.64 38.88 117.58
CA ARG Z 160 13.78 39.06 116.15
C ARG Z 160 15.23 39.35 115.80
N ASN Z 161 15.83 40.30 116.52
CA ASN Z 161 17.23 40.64 116.30
C ASN Z 161 18.16 39.59 116.88
N LEU Z 162 17.69 38.79 117.84
CA LEU Z 162 18.53 37.81 118.51
C LEU Z 162 18.87 36.69 117.55
N ALA Z 163 20.04 36.09 117.75
CA ALA Z 163 20.70 35.36 116.67
C ALA Z 163 20.08 33.98 116.42
N HIS Z 164 20.16 33.10 117.41
CA HIS Z 164 19.82 31.70 117.19
C HIS Z 164 18.53 31.30 117.90
N VAL Z 165 17.73 32.26 118.31
CA VAL Z 165 16.55 31.99 119.12
C VAL Z 165 15.32 32.37 118.31
N ASP Z 166 14.38 31.44 118.20
CA ASP Z 166 13.17 31.64 117.42
C ASP Z 166 11.96 31.32 118.28
N VAL Z 167 10.85 31.99 117.99
CA VAL Z 167 9.61 31.88 118.74
C VAL Z 167 8.50 31.45 117.79
N ARG Z 168 7.80 30.38 118.16
CA ARG Z 168 6.76 29.84 117.30
C ARG Z 168 5.44 29.70 118.04
N ASP Z 169 4.50 29.04 117.40
CA ASP Z 169 3.22 28.68 117.99
C ASP Z 169 2.97 27.22 117.63
N VAL Z 170 2.01 26.60 118.33
CA VAL Z 170 1.69 25.20 118.06
C VAL Z 170 1.07 25.05 116.67
N GLN Z 171 0.21 25.98 116.28
CA GLN Z 171 -0.30 26.04 114.92
C GLN Z 171 0.59 26.88 114.00
N GLY Z 172 1.86 27.03 114.34
CA GLY Z 172 2.83 27.68 113.49
C GLY Z 172 4.11 26.88 113.45
N SER Z 173 4.15 25.81 114.25
CA SER Z 173 5.27 24.89 114.20
C SER Z 173 5.19 24.04 112.94
N ASP Z 174 6.25 23.28 112.69
CA ASP Z 174 6.44 22.57 111.44
C ASP Z 174 7.46 21.46 111.65
N PRO Z 175 7.41 20.39 110.84
CA PRO Z 175 8.33 19.27 111.05
C PRO Z 175 9.78 19.53 110.68
N VAL Z 176 10.17 20.74 110.31
CA VAL Z 176 11.58 21.06 110.13
C VAL Z 176 12.18 21.63 111.39
N SER Z 177 11.56 22.68 111.95
CA SER Z 177 12.13 23.39 113.09
C SER Z 177 12.15 22.53 114.36
N LEU Z 178 11.28 21.55 114.47
CA LEU Z 178 11.37 20.62 115.58
C LEU Z 178 12.52 19.65 115.42
N ILE Z 179 13.03 19.48 114.21
CA ILE Z 179 14.24 18.69 113.98
C ILE Z 179 15.47 19.59 113.88
N ALA Z 180 15.29 20.86 113.52
CA ALA Z 180 16.42 21.71 113.15
C ALA Z 180 17.20 22.20 114.35
N TYR Z 181 16.53 22.86 115.29
CA TYR Z 181 17.23 23.54 116.38
C TYR Z 181 17.79 22.53 117.39
N ASP Z 182 18.64 23.05 118.29
CA ASP Z 182 19.32 22.21 119.25
C ASP Z 182 18.39 21.75 120.36
N LYS Z 183 17.68 22.69 120.98
CA LYS Z 183 16.79 22.41 122.09
C LYS Z 183 15.43 23.01 121.79
N VAL Z 184 14.39 22.33 122.25
CA VAL Z 184 13.01 22.81 122.11
C VAL Z 184 12.50 23.10 123.51
N LEU Z 185 11.89 24.26 123.68
CA LEU Z 185 11.41 24.72 124.98
C LEU Z 185 9.90 24.89 124.90
N VAL Z 186 9.15 23.98 125.53
CA VAL Z 186 7.71 24.07 125.56
C VAL Z 186 7.28 24.45 126.97
N THR Z 187 6.06 24.99 127.05
CA THR Z 187 5.44 25.31 128.33
C THR Z 187 4.37 24.27 128.64
N VAL Z 188 3.86 24.31 129.88
CA VAL Z 188 2.77 23.42 130.24
C VAL Z 188 1.44 23.86 129.65
N SER Z 189 1.34 25.08 129.15
CA SER Z 189 0.15 25.48 128.42
C SER Z 189 0.10 24.84 127.04
N ALA Z 190 1.25 24.47 126.49
CA ALA Z 190 1.31 23.97 125.12
C ALA Z 190 1.35 22.46 125.02
N VAL Z 191 1.74 21.74 126.08
CA VAL Z 191 1.71 20.29 126.01
C VAL Z 191 0.28 19.77 126.08
N LYS Z 192 -0.64 20.52 126.67
CA LYS Z 192 -2.04 20.14 126.57
C LYS Z 192 -2.60 20.50 125.20
N LYS Z 193 -2.00 21.48 124.53
CA LYS Z 193 -2.46 21.89 123.22
C LYS Z 193 -2.17 20.82 122.16
N PHE Z 194 -1.14 20.00 122.38
CA PHE Z 194 -0.88 18.87 121.50
C PHE Z 194 -1.75 17.66 121.78
N GLU Z 195 -2.66 17.72 122.74
CA GLU Z 195 -3.54 16.58 122.98
C GLU Z 195 -4.68 16.57 121.97
N GLU Z 196 -5.42 17.68 121.87
CA GLU Z 196 -6.51 17.76 120.91
C GLU Z 196 -6.03 18.00 119.48
N LEU Z 197 -4.76 18.37 119.29
CA LEU Z 197 -4.24 18.56 117.95
C LEU Z 197 -3.65 17.29 117.36
N LEU Z 198 -3.09 16.42 118.19
CA LEU Z 198 -2.48 15.20 117.69
C LEU Z 198 -3.14 13.94 118.22
N GLY Z 199 -3.30 13.82 119.53
CA GLY Z 199 -3.93 12.63 120.10
C GLY Z 199 -3.43 12.29 121.49
N ARG AA 1 -60.14 -79.47 27.34
CA ARG AA 1 -59.25 -79.24 28.47
C ARG AA 1 -57.96 -80.03 28.30
N LEU AA 2 -56.89 -79.33 27.92
CA LEU AA 2 -55.63 -80.01 27.62
C LEU AA 2 -54.92 -80.47 28.89
N LYS AA 3 -55.24 -79.86 30.04
CA LYS AA 3 -54.70 -80.34 31.31
C LYS AA 3 -55.18 -81.76 31.60
N GLU AA 4 -56.47 -82.01 31.40
CA GLU AA 4 -57.00 -83.36 31.54
C GLU AA 4 -56.54 -84.26 30.40
N LEU AA 5 -56.11 -83.68 29.28
CA LEU AA 5 -55.40 -84.43 28.26
C LEU AA 5 -53.93 -84.65 28.61
N TYR AA 6 -53.39 -83.81 29.50
CA TYR AA 6 -51.98 -83.89 29.86
C TYR AA 6 -51.72 -84.97 30.91
N ARG AA 7 -52.45 -84.91 32.03
CA ARG AA 7 -52.18 -85.80 33.16
C ARG AA 7 -52.51 -87.25 32.84
N LYS AA 8 -53.46 -87.49 31.92
CA LYS AA 8 -53.92 -88.84 31.70
C LYS AA 8 -53.15 -89.56 30.60
N GLU AA 9 -52.82 -88.89 29.51
CA GLU AA 9 -52.12 -89.54 28.41
C GLU AA 9 -50.64 -89.19 28.36
N ILE AA 10 -50.31 -87.90 28.41
CA ILE AA 10 -48.94 -87.47 28.19
C ILE AA 10 -48.07 -87.77 29.40
N ALA AA 11 -48.55 -87.42 30.59
CA ALA AA 11 -47.79 -87.51 31.84
C ALA AA 11 -47.37 -88.93 32.25
N PRO AA 12 -48.16 -90.00 32.10
CA PRO AA 12 -47.57 -91.33 32.36
C PRO AA 12 -46.69 -91.84 31.23
N LYS AA 13 -46.85 -91.30 30.02
CA LYS AA 13 -46.16 -91.87 28.86
C LYS AA 13 -44.67 -91.54 28.87
N LEU AA 14 -44.32 -90.32 29.26
CA LEU AA 14 -42.96 -89.83 29.06
C LEU AA 14 -41.97 -90.33 30.09
N LYS AA 15 -42.43 -90.91 31.20
CA LYS AA 15 -41.51 -91.36 32.23
C LYS AA 15 -40.71 -92.57 31.77
N GLU AA 16 -41.38 -93.53 31.13
CA GLU AA 16 -40.66 -94.64 30.51
C GLU AA 16 -39.99 -94.22 29.21
N GLU AA 17 -40.54 -93.20 28.53
CA GLU AA 17 -40.17 -92.91 27.15
C GLU AA 17 -38.78 -92.29 27.09
N LEU AA 18 -38.52 -91.29 27.94
CA LEU AA 18 -37.23 -90.62 27.98
C LEU AA 18 -36.40 -91.09 29.15
N GLN AA 19 -36.64 -92.33 29.60
CA GLN AA 19 -35.83 -93.04 30.61
C GLN AA 19 -35.81 -92.31 31.94
N LEU AA 20 -36.96 -91.73 32.30
CA LEU AA 20 -37.05 -90.97 33.53
C LEU AA 20 -37.25 -91.90 34.72
N ALA AA 21 -36.55 -91.61 35.81
CA ALA AA 21 -36.55 -92.52 36.95
C ALA AA 21 -37.83 -92.40 37.77
N ASN AA 22 -38.24 -91.19 38.12
CA ASN AA 22 -39.38 -91.01 39.00
C ASN AA 22 -40.41 -90.08 38.38
N VAL AA 23 -41.38 -89.65 39.19
CA VAL AA 23 -42.46 -88.79 38.70
C VAL AA 23 -41.92 -87.40 38.39
N MET AA 24 -41.18 -86.81 39.32
CA MET AA 24 -40.96 -85.37 39.37
C MET AA 24 -39.94 -84.85 38.35
N GLU AA 25 -39.43 -85.71 37.46
CA GLU AA 25 -38.46 -85.29 36.45
C GLU AA 25 -39.11 -84.99 35.11
N VAL AA 26 -40.43 -85.03 35.03
CA VAL AA 26 -41.11 -84.92 33.74
C VAL AA 26 -41.21 -83.47 33.33
N PRO AA 27 -41.13 -83.16 32.03
CA PRO AA 27 -41.29 -81.77 31.60
C PRO AA 27 -42.73 -81.30 31.65
N ARG AA 28 -42.89 -80.01 31.86
CA ARG AA 28 -44.21 -79.36 31.85
C ARG AA 28 -44.01 -77.89 31.54
N VAL AA 29 -45.12 -77.22 31.23
CA VAL AA 29 -45.08 -75.85 30.74
C VAL AA 29 -45.25 -74.90 31.92
N THR AA 30 -44.31 -73.97 32.06
CA THR AA 30 -44.24 -73.07 33.21
C THR AA 30 -45.09 -71.81 33.05
N LYS AA 31 -44.89 -71.06 31.98
CA LYS AA 31 -45.68 -69.86 31.73
C LYS AA 31 -45.69 -69.54 30.25
N ILE AA 32 -46.53 -68.57 29.88
CA ILE AA 32 -46.65 -68.08 28.52
C ILE AA 32 -46.63 -66.56 28.57
N THR AA 33 -45.68 -65.94 27.88
CA THR AA 33 -45.61 -64.50 27.77
C THR AA 33 -45.79 -64.10 26.32
N LEU AA 34 -46.35 -62.92 26.09
CA LEU AA 34 -46.76 -62.54 24.74
C LEU AA 34 -45.95 -61.38 24.16
N ASN AA 35 -45.91 -60.22 24.85
CA ASN AA 35 -45.05 -59.08 24.52
C ASN AA 35 -45.31 -58.55 23.11
N MET AA 36 -46.51 -57.98 22.95
CA MET AA 36 -46.84 -57.27 21.72
C MET AA 36 -45.95 -56.06 21.56
N GLY AA 37 -45.12 -56.06 20.52
CA GLY AA 37 -44.16 -54.99 20.35
C GLY AA 37 -44.71 -53.77 19.66
N LEU AA 38 -44.96 -52.71 20.44
CA LEU AA 38 -45.36 -51.42 19.90
C LEU AA 38 -44.17 -50.47 19.76
N GLY AA 39 -42.99 -51.02 19.45
CA GLY AA 39 -41.82 -50.21 19.19
C GLY AA 39 -41.90 -49.40 17.92
N GLU AA 40 -42.77 -49.79 17.00
CA GLU AA 40 -43.12 -48.92 15.89
C GLU AA 40 -44.10 -47.87 16.38
N ALA AA 41 -44.03 -46.69 15.76
CA ALA AA 41 -44.83 -45.50 16.11
C ALA AA 41 -44.63 -45.13 17.58
N VAL AA 42 -43.39 -44.70 17.87
CA VAL AA 42 -43.00 -44.34 19.22
C VAL AA 42 -43.77 -43.12 19.70
N GLY AA 43 -43.63 -42.00 19.00
CA GLY AA 43 -44.35 -40.80 19.34
C GLY AA 43 -45.73 -40.75 18.71
N ASP AA 44 -46.54 -41.78 18.95
CA ASP AA 44 -47.86 -41.86 18.35
C ASP AA 44 -48.93 -41.34 19.31
N LYS AA 45 -48.88 -41.77 20.57
CA LYS AA 45 -49.81 -41.42 21.65
C LYS AA 45 -51.26 -41.77 21.32
N LYS AA 46 -51.46 -42.70 20.38
CA LYS AA 46 -52.79 -43.11 19.94
C LYS AA 46 -52.93 -44.61 19.80
N ILE AA 47 -51.84 -45.34 19.62
CA ILE AA 47 -51.90 -46.76 19.29
C ILE AA 47 -51.77 -47.65 20.53
N ILE AA 48 -51.30 -47.11 21.66
CA ILE AA 48 -51.06 -47.93 22.85
C ILE AA 48 -52.37 -48.36 23.47
N GLU AA 49 -53.29 -47.42 23.67
CA GLU AA 49 -54.61 -47.75 24.20
C GLU AA 49 -55.43 -48.58 23.23
N ASN AA 50 -55.10 -48.54 21.94
CA ASN AA 50 -55.66 -49.50 21.00
C ASN AA 50 -55.05 -50.88 21.22
N ALA AA 51 -53.72 -50.94 21.36
CA ALA AA 51 -53.02 -52.21 21.48
C ALA AA 51 -53.30 -52.90 22.81
N VAL AA 52 -53.61 -52.14 23.86
CA VAL AA 52 -54.08 -52.74 25.09
C VAL AA 52 -55.43 -53.39 24.89
N ALA AA 53 -56.36 -52.68 24.25
CA ALA AA 53 -57.68 -53.20 23.96
C ALA AA 53 -57.66 -54.31 22.91
N ASP AA 54 -56.60 -54.41 22.11
CA ASP AA 54 -56.47 -55.56 21.22
C ASP AA 54 -56.20 -56.82 22.02
N LEU AA 55 -55.18 -56.79 22.86
CA LEU AA 55 -54.76 -57.93 23.67
C LEU AA 55 -55.70 -58.16 24.86
N GLU AA 56 -56.58 -57.20 25.15
CA GLU AA 56 -57.55 -57.35 26.23
C GLU AA 56 -58.57 -58.44 25.94
N LYS AA 57 -58.95 -58.62 24.68
CA LYS AA 57 -60.02 -59.53 24.32
C LYS AA 57 -59.53 -60.93 24.02
N ILE AA 58 -58.38 -61.08 23.37
CA ILE AA 58 -57.91 -62.39 22.96
C ILE AA 58 -57.31 -63.20 24.11
N THR AA 59 -57.15 -62.57 25.27
CA THR AA 59 -56.67 -63.27 26.46
C THR AA 59 -57.65 -63.24 27.62
N GLY AA 60 -58.57 -62.28 27.66
CA GLY AA 60 -59.49 -62.18 28.76
C GLY AA 60 -58.85 -61.69 30.04
N GLN AA 61 -57.79 -60.90 29.93
CA GLN AA 61 -57.01 -60.49 31.09
C GLN AA 61 -56.33 -59.15 30.77
N LYS AA 62 -56.27 -58.27 31.75
CA LYS AA 62 -55.70 -56.94 31.54
C LYS AA 62 -54.19 -57.04 31.31
N PRO AA 63 -53.65 -56.32 30.35
CA PRO AA 63 -52.21 -56.29 30.15
C PRO AA 63 -51.53 -55.33 31.12
N VAL AA 64 -50.21 -55.23 30.98
CA VAL AA 64 -49.45 -54.13 31.55
C VAL AA 64 -48.68 -53.47 30.42
N VAL AA 65 -48.34 -52.21 30.63
CA VAL AA 65 -47.58 -51.45 29.64
C VAL AA 65 -46.13 -51.42 30.10
N THR AA 66 -45.21 -51.38 29.14
CA THR AA 66 -43.78 -51.43 29.43
C THR AA 66 -43.11 -50.15 28.93
N TYR AA 67 -42.33 -49.53 29.81
CA TYR AA 67 -41.61 -48.30 29.51
C TYR AA 67 -40.27 -48.66 28.90
N ALA AA 68 -39.37 -47.69 28.80
CA ALA AA 68 -38.02 -47.89 28.28
C ALA AA 68 -37.02 -47.83 29.43
N ARG AA 69 -35.74 -47.94 29.07
CA ARG AA 69 -34.67 -47.84 30.05
C ARG AA 69 -33.45 -47.07 29.55
N LYS AA 70 -33.51 -46.47 28.36
CA LYS AA 70 -32.43 -45.64 27.86
C LYS AA 70 -33.01 -44.66 26.86
N SER AA 71 -32.14 -43.92 26.17
CA SER AA 71 -32.51 -43.09 25.02
C SER AA 71 -31.56 -43.45 23.89
N ILE AA 72 -31.89 -44.51 23.17
CA ILE AA 72 -31.09 -44.96 22.03
C ILE AA 72 -31.43 -44.05 20.86
N ALA AA 73 -30.60 -43.03 20.63
CA ALA AA 73 -30.95 -41.94 19.72
C ALA AA 73 -31.03 -42.39 18.27
N GLY AA 74 -30.34 -43.47 17.91
CA GLY AA 74 -30.49 -44.02 16.58
C GLY AA 74 -31.86 -44.62 16.32
N PHE AA 75 -32.50 -45.17 17.36
CA PHE AA 75 -33.82 -45.73 17.19
C PHE AA 75 -34.90 -44.65 17.27
N LYS AA 76 -35.04 -44.01 18.42
CA LYS AA 76 -36.03 -42.97 18.66
C LYS AA 76 -35.67 -42.25 19.96
N ILE AA 77 -36.45 -41.23 20.30
CA ILE AA 77 -36.25 -40.48 21.52
C ILE AA 77 -36.89 -41.21 22.70
N ARG AA 78 -36.59 -40.76 23.91
CA ARG AA 78 -37.24 -41.25 25.11
C ARG AA 78 -38.53 -40.51 25.43
N GLU AA 79 -39.04 -39.70 24.50
CA GLU AA 79 -40.27 -38.95 24.74
C GLU AA 79 -41.50 -39.85 24.65
N GLY AA 80 -41.56 -40.69 23.63
CA GLY AA 80 -42.58 -41.72 23.56
C GLY AA 80 -42.22 -42.89 24.46
N TRP AA 81 -42.36 -42.67 25.75
CA TRP AA 81 -41.75 -43.49 26.79
C TRP AA 81 -42.36 -44.88 26.97
N PRO AA 82 -43.68 -45.11 26.88
CA PRO AA 82 -44.15 -46.52 26.83
C PRO AA 82 -43.89 -47.13 25.45
N ILE AA 83 -43.29 -48.31 25.45
CA ILE AA 83 -42.97 -49.00 24.20
C ILE AA 83 -43.64 -50.37 24.13
N GLY AA 84 -43.82 -51.01 25.28
CA GLY AA 84 -44.22 -52.41 25.22
C GLY AA 84 -45.50 -52.75 25.96
N VAL AA 85 -46.11 -53.88 25.58
CA VAL AA 85 -47.32 -54.40 26.21
C VAL AA 85 -47.12 -55.89 26.43
N LYS AA 86 -47.14 -56.33 27.69
CA LYS AA 86 -46.73 -57.70 28.04
C LYS AA 86 -47.80 -58.35 28.91
N VAL AA 87 -48.01 -59.65 28.71
CA VAL AA 87 -48.97 -60.44 29.49
C VAL AA 87 -48.32 -61.76 29.87
N THR AA 88 -48.20 -62.02 31.17
CA THR AA 88 -47.77 -63.32 31.67
C THR AA 88 -49.00 -64.17 31.96
N LEU AA 89 -49.00 -65.41 31.49
CA LEU AA 89 -50.12 -66.34 31.64
C LEU AA 89 -49.69 -67.51 32.52
N ARG AA 90 -50.29 -67.61 33.70
CA ARG AA 90 -50.05 -68.74 34.59
C ARG AA 90 -51.08 -69.83 34.31
N SER AA 91 -51.20 -70.81 35.21
CA SER AA 91 -51.66 -72.14 34.85
C SER AA 91 -53.14 -72.23 34.53
N ASP AA 92 -53.97 -71.33 35.06
CA ASP AA 92 -55.40 -71.45 34.79
C ASP AA 92 -55.76 -70.96 33.39
N ARG AA 93 -55.21 -69.84 32.96
CA ARG AA 93 -55.40 -69.35 31.62
C ARG AA 93 -54.34 -69.90 30.66
N MET AA 94 -53.56 -70.89 31.08
CA MET AA 94 -52.55 -71.46 30.21
C MET AA 94 -53.14 -72.53 29.31
N TYR AA 95 -53.67 -73.59 29.91
CA TYR AA 95 -54.20 -74.72 29.16
C TYR AA 95 -55.52 -74.42 28.48
N GLU AA 96 -56.11 -73.25 28.73
CA GLU AA 96 -57.28 -72.83 27.98
C GLU AA 96 -56.90 -71.96 26.79
N PHE AA 97 -55.90 -71.09 26.96
CA PHE AA 97 -55.41 -70.31 25.83
C PHE AA 97 -54.63 -71.18 24.86
N LEU AA 98 -54.00 -72.24 25.35
CA LEU AA 98 -53.21 -73.12 24.51
C LEU AA 98 -54.07 -73.92 23.55
N ASP AA 99 -55.37 -74.03 23.82
CA ASP AA 99 -56.27 -74.78 22.95
C ASP AA 99 -56.71 -73.96 21.74
N ARG AA 100 -56.68 -72.63 21.85
CA ARG AA 100 -56.94 -71.81 20.67
C ARG AA 100 -55.83 -71.96 19.65
N LEU AA 101 -54.59 -71.95 20.12
CA LEU AA 101 -53.47 -72.33 19.28
C LEU AA 101 -53.56 -73.81 18.94
N LEU AA 102 -53.05 -74.17 17.77
CA LEU AA 102 -52.94 -75.51 17.20
C LEU AA 102 -54.29 -76.17 16.89
N SER AA 103 -55.42 -75.52 17.17
CA SER AA 103 -56.72 -76.04 16.76
C SER AA 103 -57.46 -75.08 15.84
N ILE AA 104 -57.62 -73.82 16.25
CA ILE AA 104 -58.31 -72.83 15.45
C ILE AA 104 -57.43 -71.62 15.14
N SER AA 105 -56.22 -71.56 15.69
CA SER AA 105 -55.23 -70.58 15.26
C SER AA 105 -54.28 -71.17 14.22
N LEU AA 106 -54.53 -72.38 13.74
CA LEU AA 106 -53.93 -72.88 12.52
C LEU AA 106 -54.58 -72.40 11.22
N PRO AA 107 -55.90 -72.55 10.99
CA PRO AA 107 -56.41 -72.41 9.61
C PRO AA 107 -56.46 -70.99 9.10
N ARG AA 108 -56.56 -69.99 9.97
CA ARG AA 108 -56.67 -68.62 9.50
C ARG AA 108 -55.32 -67.95 9.31
N VAL AA 109 -54.23 -68.71 9.20
CA VAL AA 109 -52.92 -68.13 8.98
C VAL AA 109 -52.62 -68.03 7.50
N ARG AA 110 -53.07 -69.03 6.73
CA ARG AA 110 -52.67 -69.31 5.35
C ARG AA 110 -51.14 -69.46 5.25
N ASP AA 111 -50.65 -70.47 5.96
CA ASP AA 111 -49.24 -70.78 6.06
C ASP AA 111 -48.92 -72.07 5.31
N PHE AA 112 -47.66 -72.49 5.46
CA PHE AA 112 -47.19 -73.80 5.02
C PHE AA 112 -46.85 -74.68 6.21
N ARG AA 113 -45.97 -74.20 7.07
CA ARG AA 113 -45.61 -74.87 8.32
C ARG AA 113 -46.17 -74.06 9.48
N GLY AA 114 -46.81 -74.75 10.42
CA GLY AA 114 -47.40 -74.05 11.56
C GLY AA 114 -46.37 -73.44 12.48
N LEU AA 115 -45.23 -74.11 12.64
CA LEU AA 115 -44.13 -73.61 13.44
C LEU AA 115 -42.88 -74.40 13.05
N ASN AA 116 -41.77 -73.69 12.88
CA ASN AA 116 -40.52 -74.39 12.62
C ASN AA 116 -40.02 -75.10 13.88
N ALA AA 117 -39.31 -76.21 13.67
CA ALA AA 117 -38.78 -77.00 14.77
C ALA AA 117 -37.28 -76.81 14.92
N LYS AA 118 -36.76 -75.65 14.50
CA LYS AA 118 -35.33 -75.38 14.55
C LYS AA 118 -34.96 -74.25 15.49
N SER AA 119 -35.92 -73.44 15.93
CA SER AA 119 -35.63 -72.24 16.71
C SER AA 119 -35.88 -72.52 18.19
N PHE AA 120 -34.80 -72.80 18.92
CA PHE AA 120 -34.87 -73.02 20.35
C PHE AA 120 -33.72 -72.30 21.03
N ASP AA 121 -33.94 -71.98 22.30
CA ASP AA 121 -32.82 -71.62 23.16
C ASP AA 121 -32.14 -72.89 23.66
N GLY AA 122 -30.99 -72.71 24.31
CA GLY AA 122 -30.24 -73.87 24.78
C GLY AA 122 -30.88 -74.60 25.93
N ARG AA 123 -31.73 -73.93 26.71
CA ARG AA 123 -32.33 -74.54 27.88
C ARG AA 123 -33.58 -75.34 27.57
N GLY AA 124 -34.30 -75.00 26.51
CA GLY AA 124 -35.51 -75.72 26.20
C GLY AA 124 -36.75 -74.85 26.08
N ASN AA 125 -36.55 -73.58 25.72
CA ASN AA 125 -37.66 -72.64 25.57
C ASN AA 125 -37.93 -72.42 24.09
N TYR AA 126 -39.21 -72.24 23.77
CA TYR AA 126 -39.61 -71.98 22.39
C TYR AA 126 -40.23 -70.59 22.27
N SER AA 127 -39.92 -69.91 21.18
CA SER AA 127 -40.46 -68.59 20.88
C SER AA 127 -41.07 -68.60 19.50
N MET AA 128 -42.08 -67.75 19.30
CA MET AA 128 -42.77 -67.74 18.02
C MET AA 128 -43.43 -66.39 17.82
N GLY AA 129 -43.41 -65.90 16.58
CA GLY AA 129 -44.06 -64.66 16.22
C GLY AA 129 -45.26 -64.91 15.33
N VAL AA 130 -46.38 -64.30 15.70
CA VAL AA 130 -47.61 -64.35 14.93
C VAL AA 130 -47.81 -63.01 14.23
N LYS AA 131 -48.03 -63.06 12.92
CA LYS AA 131 -48.02 -61.83 12.13
C LYS AA 131 -49.29 -61.01 12.35
N GLU AA 132 -50.45 -61.66 12.33
CA GLU AA 132 -51.72 -60.94 12.34
C GLU AA 132 -52.45 -61.15 13.67
N GLN AA 133 -53.34 -60.22 13.98
CA GLN AA 133 -54.32 -60.39 15.04
C GLN AA 133 -55.61 -61.03 14.54
N ILE AA 134 -55.66 -61.39 13.25
CA ILE AA 134 -56.83 -62.01 12.66
C ILE AA 134 -57.07 -63.40 13.24
N ILE AA 135 -56.00 -64.10 13.63
CA ILE AA 135 -56.15 -65.44 14.17
C ILE AA 135 -56.58 -65.33 15.64
N PHE AA 136 -57.89 -65.15 15.83
CA PHE AA 136 -58.48 -64.88 17.13
C PHE AA 136 -60.00 -64.98 17.02
N PRO AA 137 -60.66 -65.66 17.94
CA PRO AA 137 -62.13 -65.59 18.01
C PRO AA 137 -62.57 -64.28 18.65
N GLU AA 138 -63.87 -63.99 18.46
CA GLU AA 138 -64.59 -62.90 19.14
C GLU AA 138 -63.96 -61.53 18.85
N ILE AA 139 -63.52 -61.34 17.62
CA ILE AA 139 -62.82 -60.12 17.23
C ILE AA 139 -63.51 -59.54 16.00
N ASP AA 140 -63.46 -58.22 15.88
CA ASP AA 140 -63.96 -57.52 14.70
C ASP AA 140 -62.94 -57.60 13.58
N TYR AA 141 -63.42 -57.50 12.36
CA TYR AA 141 -62.53 -57.33 11.22
C TYR AA 141 -62.51 -55.88 10.76
N ASP AA 142 -63.63 -55.17 10.92
CA ASP AA 142 -63.73 -53.80 10.44
C ASP AA 142 -63.19 -52.81 11.46
N LYS AA 143 -63.51 -53.01 12.73
CA LYS AA 143 -63.07 -52.10 13.77
C LYS AA 143 -61.68 -52.41 14.29
N ILE AA 144 -61.10 -53.53 13.90
CA ILE AA 144 -59.72 -53.82 14.24
C ILE AA 144 -58.84 -53.04 13.27
N ASP AA 145 -57.62 -52.73 13.69
CA ASP AA 145 -56.62 -52.18 12.81
C ASP AA 145 -55.58 -53.27 12.56
N ALA AA 146 -55.17 -53.42 11.29
CA ALA AA 146 -54.22 -54.47 10.92
C ALA AA 146 -52.78 -54.04 11.12
N LEU AA 147 -52.48 -53.49 12.30
CA LEU AA 147 -51.13 -53.17 12.75
C LEU AA 147 -51.03 -53.80 14.14
N ARG AA 148 -50.70 -55.08 14.17
CA ARG AA 148 -50.65 -55.81 15.44
C ARG AA 148 -49.53 -56.83 15.32
N GLY AA 149 -48.35 -56.47 15.79
CA GLY AA 149 -47.23 -57.37 15.77
C GLY AA 149 -47.11 -58.12 17.08
N LEU AA 150 -47.41 -59.41 17.06
CA LEU AA 150 -47.61 -60.19 18.27
C LEU AA 150 -46.61 -61.34 18.32
N ASP AA 151 -46.21 -61.70 19.53
CA ASP AA 151 -45.26 -62.78 19.73
C ASP AA 151 -45.82 -63.79 20.72
N ILE AA 152 -45.28 -65.01 20.70
CA ILE AA 152 -45.61 -66.05 21.67
C ILE AA 152 -44.31 -66.68 22.13
N THR AA 153 -44.04 -66.61 23.43
CA THR AA 153 -42.81 -67.13 24.01
C THR AA 153 -43.17 -68.13 25.09
N LEU AA 154 -42.56 -69.32 25.02
CA LEU AA 154 -42.89 -70.42 25.91
C LEU AA 154 -41.74 -70.69 26.86
N THR AA 155 -42.08 -71.13 28.07
CA THR AA 155 -41.09 -71.50 29.06
C THR AA 155 -41.42 -72.89 29.59
N THR AA 156 -40.42 -73.77 29.65
CA THR AA 156 -40.61 -75.17 29.97
C THR AA 156 -39.66 -75.54 31.09
N THR AA 157 -40.04 -76.52 31.91
CA THR AA 157 -39.12 -77.12 32.86
C THR AA 157 -38.27 -78.21 32.21
N ALA AA 158 -37.62 -77.90 31.10
CA ALA AA 158 -36.78 -78.84 30.39
C ALA AA 158 -35.32 -78.50 30.64
N ARG AA 159 -34.49 -79.54 30.72
CA ARG AA 159 -33.06 -79.31 30.91
C ARG AA 159 -32.38 -78.96 29.59
N THR AA 160 -32.70 -79.70 28.53
CA THR AA 160 -32.25 -79.35 27.19
C THR AA 160 -33.39 -79.63 26.21
N ASP AA 161 -33.31 -78.96 25.06
CA ASP AA 161 -34.46 -78.73 24.18
C ASP AA 161 -34.92 -79.97 23.41
N ASP AA 162 -34.24 -81.12 23.52
CA ASP AA 162 -34.84 -82.34 22.99
C ASP AA 162 -36.03 -82.76 23.83
N GLU AA 163 -35.96 -82.51 25.14
CA GLU AA 163 -37.09 -82.75 26.03
C GLU AA 163 -38.22 -81.77 25.76
N GLY AA 164 -37.91 -80.59 25.23
CA GLY AA 164 -38.95 -79.72 24.72
C GLY AA 164 -39.64 -80.31 23.51
N ARG AA 165 -38.92 -81.06 22.69
CA ARG AA 165 -39.49 -81.62 21.47
C ARG AA 165 -40.49 -82.73 21.77
N ALA AA 166 -40.14 -83.63 22.71
CA ALA AA 166 -41.05 -84.71 23.07
C ALA AA 166 -42.30 -84.19 23.77
N LEU AA 167 -42.20 -83.04 24.43
CA LEU AA 167 -43.39 -82.40 24.97
C LEU AA 167 -44.17 -81.70 23.87
N LEU AA 168 -43.48 -81.06 22.94
CA LEU AA 168 -44.18 -80.26 21.95
C LEU AA 168 -44.84 -81.14 20.90
N ARG AA 169 -44.30 -82.32 20.64
CA ARG AA 169 -44.89 -83.20 19.64
C ARG AA 169 -46.18 -83.86 20.10
N ALA AA 170 -46.47 -83.82 21.40
CA ALA AA 170 -47.75 -84.35 21.89
C ALA AA 170 -48.90 -83.46 21.44
N PHE AA 171 -48.90 -82.20 21.87
CA PHE AA 171 -49.83 -81.20 21.37
C PHE AA 171 -49.06 -80.42 20.31
N LYS AA 172 -49.07 -80.94 19.09
CA LYS AA 172 -48.20 -80.44 18.03
C LYS AA 172 -49.01 -79.80 16.93
N PHE AA 173 -48.37 -78.83 16.27
CA PHE AA 173 -48.83 -78.33 14.98
C PHE AA 173 -47.67 -77.78 14.14
N PRO AA 174 -46.62 -78.56 13.81
CA PRO AA 174 -45.53 -77.87 13.11
C PRO AA 174 -45.78 -77.79 11.60
N SER BA 1 63.21 -67.82 20.10
CA SER BA 1 64.19 -67.80 21.17
C SER BA 1 64.79 -66.41 21.33
N ARG BA 2 65.84 -66.31 22.13
CA ARG BA 2 66.49 -65.04 22.43
C ARG BA 2 67.90 -65.04 21.88
N VAL BA 3 68.30 -63.90 21.30
CA VAL BA 3 69.65 -63.74 20.78
C VAL BA 3 70.71 -63.63 21.87
N ALA BA 4 70.30 -63.40 23.12
CA ALA BA 4 71.27 -63.29 24.21
C ALA BA 4 71.84 -64.63 24.66
N LYS BA 5 71.31 -65.74 24.18
CA LYS BA 5 71.83 -67.05 24.54
C LYS BA 5 72.75 -67.65 23.50
N ASN BA 6 72.62 -67.25 22.23
CA ASN BA 6 73.50 -67.79 21.20
C ASN BA 6 74.89 -67.15 21.32
N PRO BA 7 75.95 -67.93 21.24
CA PRO BA 7 77.30 -67.38 21.42
C PRO BA 7 77.83 -66.65 20.21
N VAL BA 8 79.10 -66.27 20.25
CA VAL BA 8 79.71 -65.42 19.24
C VAL BA 8 80.54 -66.23 18.24
N LYS BA 9 81.34 -67.18 18.72
CA LYS BA 9 82.28 -68.04 17.96
C LYS BA 9 83.15 -67.23 16.98
N LEU BA 10 84.01 -66.42 17.59
CA LEU BA 10 84.89 -65.54 16.84
C LEU BA 10 85.89 -66.32 15.99
N PRO BA 11 86.20 -65.84 14.77
CA PRO BA 11 87.23 -66.50 13.95
C PRO BA 11 88.65 -66.29 14.41
N ALA BA 12 89.60 -66.72 13.56
CA ALA BA 12 90.98 -67.04 13.91
C ALA BA 12 91.77 -65.92 14.59
N GLY BA 13 92.02 -64.82 13.88
CA GLY BA 13 92.82 -63.77 14.47
C GLY BA 13 91.98 -62.71 15.15
N VAL BA 14 91.75 -62.86 16.45
CA VAL BA 14 90.95 -61.93 17.25
C VAL BA 14 91.60 -61.80 18.62
N GLU BA 15 91.96 -60.58 19.00
CA GLU BA 15 92.38 -60.26 20.35
C GLU BA 15 91.21 -59.69 21.12
N ILE BA 16 91.07 -60.10 22.38
CA ILE BA 16 90.08 -59.52 23.29
C ILE BA 16 90.86 -58.86 24.42
N LYS BA 17 91.00 -57.53 24.36
CA LYS BA 17 91.59 -56.78 25.45
C LYS BA 17 90.45 -56.35 26.37
N LEU BA 18 89.97 -57.31 27.15
CA LEU BA 18 88.84 -57.10 28.04
C LEU BA 18 89.35 -56.65 29.39
N ALA BA 19 89.01 -55.41 29.76
CA ALA BA 19 89.26 -54.90 31.11
C ALA BA 19 88.07 -55.11 32.03
N GLY BA 20 87.12 -55.93 31.63
CA GLY BA 20 85.89 -56.10 32.38
C GLY BA 20 84.83 -55.10 31.97
N GLN BA 21 85.13 -53.82 32.14
CA GLN BA 21 84.19 -52.78 31.77
C GLN BA 21 84.29 -52.40 30.30
N GLN BA 22 85.48 -52.45 29.73
CA GLN BA 22 85.72 -52.00 28.36
C GLN BA 22 86.40 -53.10 27.56
N LEU BA 23 85.65 -53.70 26.63
CA LEU BA 23 86.16 -54.70 25.71
C LEU BA 23 86.87 -54.03 24.54
N SER BA 24 87.73 -54.79 23.87
CA SER BA 24 88.45 -54.27 22.70
C SER BA 24 88.82 -55.41 21.77
N ILE BA 25 88.27 -55.39 20.56
CA ILE BA 25 88.56 -56.40 19.54
C ILE BA 25 89.62 -55.87 18.60
N LYS BA 26 90.69 -56.63 18.43
CA LYS BA 26 91.72 -56.36 17.44
C LYS BA 26 91.79 -57.53 16.46
N GLY BA 27 92.02 -57.23 15.20
CA GLY BA 27 92.16 -58.27 14.21
C GLY BA 27 92.85 -57.75 12.97
N ALA BA 28 92.86 -58.60 11.94
CA ALA BA 28 93.36 -58.18 10.65
C ALA BA 28 92.28 -57.38 9.92
N LYS BA 29 92.69 -56.78 8.79
CA LYS BA 29 91.83 -55.97 7.91
C LYS BA 29 91.16 -54.83 8.67
N GLY BA 30 91.98 -54.00 9.27
CA GLY BA 30 91.46 -53.03 10.21
C GLY BA 30 91.42 -53.59 11.62
N ALA BA 31 91.54 -52.68 12.58
CA ALA BA 31 91.63 -53.07 13.98
C ALA BA 31 91.02 -51.95 14.82
N LEU BA 32 91.44 -51.86 16.07
CA LEU BA 32 91.09 -50.73 16.99
C LEU BA 32 89.59 -50.55 17.28
N GLU BA 33 88.76 -51.58 17.23
CA GLU BA 33 87.38 -51.42 17.64
C GLU BA 33 87.23 -51.80 19.11
N LEU BA 34 86.32 -51.09 19.79
CA LEU BA 34 86.14 -51.21 21.22
C LEU BA 34 84.81 -50.59 21.59
N LYS BA 35 84.15 -51.16 22.60
CA LYS BA 35 82.90 -50.60 23.10
C LYS BA 35 82.91 -50.62 24.62
N VAL BA 36 82.24 -49.64 25.21
CA VAL BA 36 82.09 -49.52 26.65
C VAL BA 36 80.73 -50.10 27.02
N HIS BA 37 80.74 -51.22 27.70
CA HIS BA 37 79.50 -51.93 28.00
C HIS BA 37 78.74 -51.21 29.12
N PRO BA 38 77.40 -51.18 29.05
CA PRO BA 38 76.63 -50.85 30.25
C PRO BA 38 76.88 -51.88 31.33
N SER BA 39 76.88 -51.42 32.57
CA SER BA 39 77.60 -52.11 33.64
C SER BA 39 76.96 -53.43 34.04
N VAL BA 40 75.66 -53.61 33.83
CA VAL BA 40 74.97 -54.79 34.36
C VAL BA 40 75.01 -55.84 33.26
N GLU BA 41 76.17 -56.52 33.17
CA GLU BA 41 76.43 -57.57 32.19
C GLU BA 41 77.51 -58.50 32.73
N VAL BA 42 77.39 -59.79 32.42
CA VAL BA 42 78.44 -60.78 32.67
C VAL BA 42 79.05 -61.15 31.33
N ILE BA 43 80.37 -61.04 31.22
CA ILE BA 43 81.10 -61.37 29.99
C ILE BA 43 82.14 -62.43 30.32
N GLN BA 44 81.98 -63.62 29.75
CA GLN BA 44 82.92 -64.70 29.97
C GLN BA 44 84.06 -64.61 28.95
N ASP BA 45 85.10 -65.41 29.18
CA ASP BA 45 86.23 -65.51 28.26
C ASP BA 45 86.43 -66.97 27.88
N SER BA 46 86.38 -67.26 26.59
CA SER BA 46 86.58 -68.59 26.05
C SER BA 46 86.90 -68.43 24.56
N GLY BA 47 86.85 -69.54 23.82
CA GLY BA 47 86.93 -69.46 22.38
C GLY BA 47 85.71 -68.81 21.77
N GLU BA 48 84.57 -68.91 22.45
CA GLU BA 48 83.36 -68.18 22.15
C GLU BA 48 83.10 -67.16 23.26
N LEU BA 49 81.96 -66.47 23.20
CA LEU BA 49 81.58 -65.51 24.23
C LEU BA 49 80.12 -65.73 24.59
N ARG BA 50 79.80 -65.49 25.86
CA ARG BA 50 78.42 -65.55 26.32
C ARG BA 50 78.16 -64.37 27.24
N PHE BA 51 76.98 -63.77 27.11
CA PHE BA 51 76.58 -62.58 27.84
C PHE BA 51 75.44 -62.91 28.78
N ALA BA 52 75.43 -62.27 29.95
CA ALA BA 52 74.42 -62.55 30.95
C ALA BA 52 74.18 -61.31 31.80
N ALA BA 53 72.92 -61.01 32.05
CA ALA BA 53 72.56 -59.90 32.93
C ALA BA 53 72.65 -60.34 34.39
N ARG BA 54 72.39 -59.41 35.29
CA ARG BA 54 72.36 -59.71 36.72
C ARG BA 54 70.99 -59.44 37.34
N ASN BA 55 70.44 -58.25 37.14
CA ASN BA 55 69.16 -57.88 37.73
C ASN BA 55 68.09 -58.09 36.68
N GLY BA 56 67.19 -59.04 36.94
CA GLY BA 56 66.19 -59.43 35.95
C GLY BA 56 65.08 -58.41 35.77
N ASP BA 57 65.42 -57.26 35.19
CA ASP BA 57 64.46 -56.19 34.96
C ASP BA 57 63.91 -56.29 33.54
N GLN BA 58 63.15 -55.28 33.14
CA GLN BA 58 62.78 -55.14 31.74
C GLN BA 58 63.84 -54.43 30.93
N GLN BA 59 64.94 -54.02 31.57
CA GLN BA 59 65.98 -53.24 30.91
C GLN BA 59 67.23 -54.04 30.64
N THR BA 60 67.77 -54.72 31.65
CA THR BA 60 68.93 -55.57 31.46
C THR BA 60 68.60 -56.82 30.66
N ARG BA 61 67.32 -57.20 30.63
CA ARG BA 61 66.88 -58.23 29.68
C ARG BA 61 67.05 -57.74 28.25
N ALA BA 62 66.92 -56.44 28.02
CA ALA BA 62 67.17 -55.86 26.71
C ALA BA 62 68.59 -55.37 26.53
N MET BA 63 69.32 -55.11 27.61
CA MET BA 63 70.71 -54.69 27.49
C MET BA 63 71.60 -55.81 26.99
N ALA BA 64 71.36 -57.04 27.45
CA ALA BA 64 72.22 -58.15 27.07
C ALA BA 64 71.98 -58.56 25.61
N GLY BA 65 70.78 -58.32 25.10
CA GLY BA 65 70.54 -58.56 23.68
C GLY BA 65 71.14 -57.51 22.78
N THR BA 66 71.17 -56.26 23.23
CA THR BA 66 71.75 -55.20 22.42
C THR BA 66 73.27 -55.35 22.36
N THR BA 67 73.89 -55.67 23.49
CA THR BA 67 75.34 -55.78 23.51
C THR BA 67 75.86 -57.03 22.84
N ARG BA 68 74.99 -58.00 22.54
CA ARG BA 68 75.44 -59.18 21.81
C ARG BA 68 75.57 -58.86 20.34
N ALA BA 69 74.61 -58.13 19.78
CA ALA BA 69 74.68 -57.75 18.38
C ALA BA 69 75.73 -56.68 18.12
N LEU BA 70 76.11 -55.91 19.13
CA LEU BA 70 77.16 -54.92 18.93
C LEU BA 70 78.54 -55.55 18.92
N VAL BA 71 78.77 -56.55 19.78
CA VAL BA 71 80.03 -57.27 19.77
C VAL BA 71 80.15 -58.11 18.51
N ASN BA 72 79.04 -58.70 18.05
CA ASN BA 72 79.04 -59.50 16.84
C ASN BA 72 79.33 -58.66 15.60
N ASN BA 73 78.92 -57.40 15.59
CA ASN BA 73 79.22 -56.55 14.45
C ASN BA 73 80.68 -56.11 14.42
N MET BA 74 81.33 -56.03 15.58
CA MET BA 74 82.75 -55.73 15.58
C MET BA 74 83.59 -56.90 15.10
N VAL BA 75 83.07 -58.11 15.20
CA VAL BA 75 83.80 -59.29 14.75
C VAL BA 75 83.80 -59.37 13.23
N VAL BA 76 82.65 -59.09 12.60
CA VAL BA 76 82.55 -59.24 11.16
C VAL BA 76 83.31 -58.12 10.44
N GLY BA 77 83.45 -56.96 11.09
CA GLY BA 77 84.10 -55.83 10.45
C GLY BA 77 85.59 -56.01 10.26
N VAL BA 78 86.23 -56.80 11.12
CA VAL BA 78 87.64 -57.12 10.96
C VAL BA 78 87.76 -58.45 10.24
N SER BA 79 86.66 -58.92 9.68
CA SER BA 79 86.65 -60.20 8.99
C SER BA 79 86.08 -60.05 7.59
N GLN BA 80 85.10 -59.17 7.44
CA GLN BA 80 84.40 -58.99 6.17
C GLN BA 80 84.24 -57.50 5.91
N GLY BA 81 84.44 -57.10 4.65
CA GLY BA 81 84.27 -55.72 4.28
C GLY BA 81 82.82 -55.31 4.15
N PHE BA 82 82.38 -54.37 4.99
CA PHE BA 82 81.06 -53.80 4.87
C PHE BA 82 80.94 -52.98 3.60
N GLU BA 83 79.74 -52.96 3.02
CA GLU BA 83 79.53 -52.31 1.74
C GLU BA 83 78.07 -51.87 1.61
N ARG BA 84 77.85 -50.85 0.80
CA ARG BA 84 76.51 -50.35 0.48
C ARG BA 84 76.48 -50.00 -0.99
N LYS BA 85 75.56 -50.60 -1.73
CA LYS BA 85 75.45 -50.38 -3.18
C LYS BA 85 74.42 -49.30 -3.42
N LEU BA 86 74.87 -48.14 -3.88
CA LEU BA 86 74.00 -47.03 -4.24
C LEU BA 86 74.06 -46.85 -5.74
N GLN BA 87 72.90 -46.77 -6.38
CA GLN BA 87 72.84 -46.54 -7.82
C GLN BA 87 72.27 -45.16 -8.12
N LEU BA 88 72.60 -44.65 -9.30
CA LEU BA 88 72.12 -43.35 -9.75
C LEU BA 88 71.16 -43.55 -10.90
N VAL BA 89 69.99 -42.92 -10.82
CA VAL BA 89 68.95 -43.03 -11.84
C VAL BA 89 68.63 -41.62 -12.30
N GLY BA 90 68.73 -41.40 -13.60
CA GLY BA 90 68.34 -40.13 -14.19
C GLY BA 90 69.34 -39.69 -15.24
N VAL BA 91 68.86 -38.91 -16.19
CA VAL BA 91 69.72 -38.39 -17.24
C VAL BA 91 70.53 -37.23 -16.69
N GLY BA 92 71.74 -37.06 -17.21
CA GLY BA 92 72.61 -36.00 -16.75
C GLY BA 92 73.14 -36.18 -15.34
N TYR BA 93 73.03 -37.37 -14.77
CA TYR BA 93 73.55 -37.62 -13.44
C TYR BA 93 74.83 -38.45 -13.55
N LYS BA 94 75.77 -38.19 -12.66
CA LYS BA 94 76.99 -38.97 -12.58
C LYS BA 94 77.60 -38.78 -11.21
N ALA BA 95 78.59 -39.62 -10.91
CA ALA BA 95 79.38 -39.49 -9.70
C ALA BA 95 80.84 -39.68 -10.08
N GLN BA 96 81.69 -38.74 -9.66
CA GLN BA 96 83.09 -38.70 -10.05
C GLN BA 96 83.91 -38.59 -8.78
N ALA BA 97 84.37 -39.72 -8.27
CA ALA BA 97 85.15 -39.74 -7.04
C ALA BA 97 86.60 -39.37 -7.33
N LYS BA 98 87.15 -38.48 -6.52
CA LYS BA 98 88.54 -38.03 -6.64
C LYS BA 98 89.21 -38.26 -5.29
N GLY BA 99 89.72 -39.47 -5.09
CA GLY BA 99 90.41 -39.79 -3.85
C GLY BA 99 89.48 -39.82 -2.65
N GLN BA 100 89.63 -38.84 -1.77
CA GLN BA 100 88.76 -38.70 -0.61
C GLN BA 100 87.64 -37.71 -0.83
N VAL BA 101 87.40 -37.31 -2.08
CA VAL BA 101 86.33 -36.39 -2.43
C VAL BA 101 85.34 -37.12 -3.33
N LEU BA 102 84.06 -37.04 -2.99
CA LEU BA 102 83.00 -37.59 -3.82
C LEU BA 102 82.17 -36.43 -4.34
N SER BA 103 82.40 -36.06 -5.60
CA SER BA 103 81.70 -34.93 -6.20
C SER BA 103 80.64 -35.45 -7.16
N LEU BA 104 79.48 -34.80 -7.15
CA LEU BA 104 78.32 -35.33 -7.83
C LEU BA 104 77.75 -34.33 -8.82
N SER BA 105 76.99 -34.86 -9.77
CA SER BA 105 76.19 -34.09 -10.71
C SER BA 105 74.74 -34.51 -10.52
N LEU BA 106 73.92 -33.62 -9.97
CA LEU BA 106 72.55 -33.94 -9.65
C LEU BA 106 71.57 -32.97 -10.28
N GLY BA 107 71.97 -32.27 -11.32
CA GLY BA 107 71.05 -31.32 -11.92
C GLY BA 107 70.87 -30.05 -11.13
N PHE BA 108 71.73 -29.79 -10.15
CA PHE BA 108 71.69 -28.53 -9.42
C PHE BA 108 72.40 -27.45 -10.22
N SER BA 109 72.57 -26.29 -9.61
CA SER BA 109 73.29 -25.19 -10.24
C SER BA 109 74.76 -25.18 -9.84
N HIS BA 110 75.07 -25.54 -8.61
CA HIS BA 110 76.44 -25.69 -8.17
C HIS BA 110 76.71 -27.15 -7.83
N PRO BA 111 77.88 -27.69 -8.16
CA PRO BA 111 78.13 -29.12 -7.92
C PRO BA 111 78.48 -29.37 -6.46
N VAL BA 112 77.84 -30.37 -5.88
CA VAL BA 112 78.13 -30.73 -4.50
C VAL BA 112 79.45 -31.48 -4.44
N ASP BA 113 80.22 -31.22 -3.39
CA ASP BA 113 81.53 -31.85 -3.20
C ASP BA 113 81.51 -32.47 -1.81
N TYR BA 114 80.98 -33.69 -1.72
CA TYR BA 114 80.85 -34.35 -0.44
C TYR BA 114 82.20 -34.90 0.01
N GLU BA 115 82.58 -34.61 1.24
CA GLU BA 115 83.85 -35.07 1.78
C GLU BA 115 83.62 -36.25 2.72
N LEU BA 116 84.39 -37.31 2.50
CA LEU BA 116 84.29 -38.53 3.29
C LEU BA 116 85.04 -38.38 4.61
N PRO BA 117 84.56 -39.02 5.66
CA PRO BA 117 85.33 -39.07 6.91
C PRO BA 117 86.47 -40.07 6.81
N ALA BA 118 87.32 -40.04 7.82
CA ALA BA 118 88.41 -41.00 7.91
C ALA BA 118 87.87 -42.39 8.18
N GLY BA 119 88.67 -43.40 7.85
CA GLY BA 119 88.13 -44.75 7.88
C GLY BA 119 87.59 -45.15 6.52
N ILE BA 120 86.30 -44.87 6.33
CA ILE BA 120 85.58 -45.20 5.10
C ILE BA 120 86.25 -44.62 3.86
N VAL BA 121 86.49 -45.46 2.87
CA VAL BA 121 86.96 -45.06 1.54
C VAL BA 121 85.96 -45.56 0.52
N ALA BA 122 85.38 -44.65 -0.25
CA ALA BA 122 84.39 -44.99 -1.26
C ALA BA 122 85.03 -45.09 -2.64
N GLU BA 123 84.45 -45.97 -3.47
CA GLU BA 123 84.96 -46.21 -4.81
C GLU BA 123 83.80 -46.27 -5.78
N THR BA 124 84.02 -45.78 -7.00
CA THR BA 124 83.00 -45.79 -8.05
C THR BA 124 83.46 -46.63 -9.23
N PRO BA 125 82.90 -47.83 -9.43
CA PRO BA 125 83.24 -48.59 -10.64
C PRO BA 125 82.58 -48.05 -11.90
N SER BA 126 81.48 -47.31 -11.76
CA SER BA 126 80.79 -46.73 -12.89
C SER BA 126 80.60 -45.22 -12.69
N GLN BA 127 79.81 -44.59 -13.55
CA GLN BA 127 79.34 -43.25 -13.28
C GLN BA 127 78.05 -43.25 -12.47
N THR BA 128 77.35 -44.37 -12.37
CA THR BA 128 76.09 -44.48 -11.67
C THR BA 128 76.16 -45.58 -10.62
N ASP BA 129 77.24 -45.60 -9.84
CA ASP BA 129 77.36 -46.58 -8.77
C ASP BA 129 78.32 -46.03 -7.72
N ILE BA 130 78.03 -46.34 -6.46
CA ILE BA 130 78.89 -46.00 -5.33
C ILE BA 130 79.10 -47.27 -4.52
N LEU BA 131 80.34 -47.50 -4.11
CA LEU BA 131 80.69 -48.61 -3.22
C LEU BA 131 81.41 -48.06 -2.01
N ILE BA 132 80.81 -48.25 -0.84
CA ILE BA 132 81.22 -47.59 0.40
C ILE BA 132 81.78 -48.66 1.33
N LYS BA 133 83.10 -48.72 1.45
CA LYS BA 133 83.77 -49.74 2.25
C LYS BA 133 84.12 -49.20 3.63
N GLY BA 134 84.04 -50.07 4.63
CA GLY BA 134 84.33 -49.65 5.98
C GLY BA 134 84.54 -50.83 6.90
N ILE BA 135 84.42 -50.56 8.20
CA ILE BA 135 84.71 -51.55 9.23
C ILE BA 135 83.58 -51.64 10.25
N ASP BA 136 82.67 -50.67 10.26
CA ASP BA 136 81.56 -50.65 11.21
C ASP BA 136 80.26 -50.35 10.49
N LYS BA 137 79.17 -50.97 10.92
CA LYS BA 137 77.88 -50.79 10.24
C LYS BA 137 77.34 -49.39 10.41
N GLN BA 138 77.40 -48.86 11.64
CA GLN BA 138 76.75 -47.59 11.95
C GLN BA 138 77.45 -46.43 11.26
N LEU BA 139 78.75 -46.53 11.03
CA LEU BA 139 79.44 -45.43 10.35
C LEU BA 139 79.29 -45.53 8.84
N VAL BA 140 79.23 -46.75 8.30
CA VAL BA 140 79.00 -46.92 6.87
C VAL BA 140 77.56 -46.55 6.51
N GLY BA 141 76.61 -46.96 7.35
CA GLY BA 141 75.21 -46.65 7.09
C GLY BA 141 74.89 -45.18 7.25
N GLN BA 142 75.64 -44.47 8.09
CA GLN BA 142 75.40 -43.05 8.27
C GLN BA 142 75.88 -42.25 7.06
N VAL BA 143 77.04 -42.60 6.52
CA VAL BA 143 77.58 -41.88 5.37
C VAL BA 143 76.77 -42.18 4.12
N ALA BA 144 76.28 -43.42 4.00
CA ALA BA 144 75.46 -43.77 2.85
C ALA BA 144 74.10 -43.09 2.89
N ALA BA 145 73.60 -42.76 4.07
CA ALA BA 145 72.33 -42.06 4.16
C ALA BA 145 72.47 -40.59 3.81
N GLU BA 146 73.56 -39.95 4.24
CA GLU BA 146 73.74 -38.52 4.01
C GLU BA 146 74.07 -38.20 2.56
N ILE BA 147 74.63 -39.16 1.81
CA ILE BA 147 74.75 -38.98 0.37
C ILE BA 147 73.39 -39.08 -0.29
N ARG BA 148 72.53 -39.95 0.22
CA ARG BA 148 71.24 -40.19 -0.39
C ARG BA 148 70.32 -38.98 -0.25
N ASP BA 149 70.42 -38.26 0.86
CA ASP BA 149 69.50 -37.18 1.16
C ASP BA 149 69.83 -35.89 0.43
N PHE BA 150 70.79 -35.91 -0.49
CA PHE BA 150 70.98 -34.79 -1.40
C PHE BA 150 69.81 -34.70 -2.37
N ARG BA 151 69.51 -35.79 -3.08
CA ARG BA 151 68.38 -35.83 -3.99
C ARG BA 151 67.64 -37.14 -3.77
N PRO BA 152 66.61 -37.14 -2.93
CA PRO BA 152 65.83 -38.35 -2.69
C PRO BA 152 65.02 -38.73 -3.92
N PRO BA 153 64.57 -39.99 -4.03
CA PRO BA 153 63.89 -40.42 -5.26
C PRO BA 153 62.51 -39.81 -5.48
N GLU BA 154 61.86 -40.22 -6.57
CA GLU BA 154 60.62 -39.62 -7.04
C GLU BA 154 59.66 -40.71 -7.50
N PRO BA 155 58.39 -40.65 -7.11
CA PRO BA 155 57.43 -41.66 -7.57
C PRO BA 155 57.05 -41.52 -9.04
N TYR BA 156 57.34 -40.39 -9.68
CA TYR BA 156 56.93 -40.14 -11.05
C TYR BA 156 57.98 -40.52 -12.09
N LYS BA 157 59.25 -40.44 -11.74
CA LYS BA 157 60.34 -40.80 -12.67
C LYS BA 157 61.40 -41.68 -12.03
N GLY BA 158 61.57 -41.66 -10.71
CA GLY BA 158 62.70 -42.31 -10.09
C GLY BA 158 63.98 -41.52 -10.16
N LYS BA 159 63.91 -40.27 -10.60
CA LYS BA 159 65.08 -39.47 -10.95
C LYS BA 159 65.74 -38.98 -9.66
N GLY BA 160 66.57 -39.84 -9.08
CA GLY BA 160 67.29 -39.52 -7.86
C GLY BA 160 68.11 -40.68 -7.34
N VAL BA 161 69.04 -40.42 -6.42
CA VAL BA 161 69.93 -41.46 -5.93
C VAL BA 161 69.15 -42.45 -5.06
N ARG BA 162 69.47 -43.73 -5.20
CA ARG BA 162 68.74 -44.80 -4.56
C ARG BA 162 69.69 -45.97 -4.34
N TYR BA 163 69.58 -46.62 -3.20
CA TYR BA 163 70.38 -47.82 -2.98
C TYR BA 163 69.61 -49.05 -3.42
N ALA BA 164 70.10 -50.24 -3.03
CA ALA BA 164 69.70 -51.49 -3.67
C ALA BA 164 68.33 -51.99 -3.23
N ASP BA 165 67.62 -51.27 -2.38
CA ASP BA 165 66.24 -51.65 -2.04
C ASP BA 165 65.33 -51.33 -3.21
N GLU BA 166 64.96 -52.38 -3.96
CA GLU BA 166 64.17 -52.23 -5.18
C GLU BA 166 62.67 -52.25 -4.91
N VAL BA 167 62.26 -51.78 -3.72
CA VAL BA 167 60.87 -51.69 -3.32
C VAL BA 167 60.47 -50.22 -3.36
N VAL BA 168 61.06 -49.49 -4.31
CA VAL BA 168 60.85 -48.05 -4.42
C VAL BA 168 59.39 -47.74 -4.74
N ARG BA 169 58.91 -46.62 -4.20
CA ARG BA 169 57.57 -46.12 -4.51
C ARG BA 169 57.45 -45.79 -6.00
N ARG BA 170 56.29 -46.10 -6.58
CA ARG BA 170 55.96 -45.72 -7.94
C ARG BA 170 54.50 -45.35 -8.02
N LYS BA 171 54.20 -44.28 -8.78
CA LYS BA 171 52.84 -44.03 -9.27
C LYS BA 171 52.95 -43.23 -10.54
N GLU BA 172 51.97 -43.41 -11.42
CA GLU BA 172 52.07 -42.87 -12.77
C GLU BA 172 50.68 -42.73 -13.36
N ALA BA 173 50.29 -41.49 -13.66
CA ALA BA 173 49.00 -41.22 -14.29
C ALA BA 173 49.18 -40.40 -15.57
N GLU CA 1 -61.03 50.61 52.06
CA GLU CA 1 -59.91 51.21 52.77
C GLU CA 1 -60.10 52.71 52.95
N VAL CA 2 -60.05 53.44 51.84
CA VAL CA 2 -60.11 54.89 51.88
C VAL CA 2 -61.56 55.35 51.78
N ILE CA 3 -61.79 56.59 52.19
CA ILE CA 3 -63.08 57.26 52.04
C ILE CA 3 -63.01 58.13 50.80
N LEU CA 4 -63.94 57.93 49.87
CA LEU CA 4 -63.90 58.61 48.59
C LEU CA 4 -64.36 60.06 48.73
N LEU CA 5 -63.97 60.87 47.74
CA LEU CA 5 -64.34 62.28 47.69
C LEU CA 5 -64.85 62.72 46.33
N GLU CA 6 -64.80 61.88 45.31
CA GLU CA 6 -65.24 62.22 43.97
C GLU CA 6 -66.25 61.19 43.47
N LYS CA 7 -67.00 61.58 42.45
CA LYS CA 7 -68.01 60.71 41.86
C LYS CA 7 -67.90 60.61 40.34
N VAL CA 8 -66.79 61.07 39.76
CA VAL CA 8 -66.60 61.01 38.31
C VAL CA 8 -65.77 59.78 37.91
N ALA CA 9 -65.67 58.79 38.79
CA ALA CA 9 -64.99 57.55 38.46
C ALA CA 9 -65.98 56.58 37.80
N ASN CA 10 -65.47 55.41 37.42
CA ASN CA 10 -66.30 54.39 36.79
C ASN CA 10 -66.86 53.37 37.77
N LEU CA 11 -66.24 53.22 38.95
CA LEU CA 11 -66.78 52.39 40.01
C LEU CA 11 -66.67 53.09 41.36
N GLY CA 12 -66.69 54.43 41.36
CA GLY CA 12 -66.65 55.19 42.58
C GLY CA 12 -68.04 55.41 43.17
N ASN CA 13 -68.05 55.93 44.39
CA ASN CA 13 -69.29 56.18 45.12
C ASN CA 13 -69.18 57.57 45.75
N LEU CA 14 -70.17 57.90 46.59
CA LEU CA 14 -70.16 59.19 47.28
C LEU CA 14 -69.27 59.13 48.52
N GLY CA 15 -69.61 58.26 49.46
CA GLY CA 15 -68.83 58.11 50.68
C GLY CA 15 -68.72 56.68 51.15
N ASP CA 16 -68.97 55.74 50.25
CA ASP CA 16 -68.91 54.32 50.59
C ASP CA 16 -67.47 53.84 50.64
N LYS CA 17 -67.18 53.00 51.64
CA LYS CA 17 -65.84 52.44 51.76
C LYS CA 17 -65.64 51.34 50.71
N VAL CA 18 -64.56 51.47 49.94
CA VAL CA 18 -64.26 50.54 48.86
C VAL CA 18 -62.96 49.82 49.17
N ASN CA 19 -62.83 48.60 48.66
CA ASN CA 19 -61.65 47.77 48.86
C ASN CA 19 -60.88 47.68 47.54
N ILE CA 20 -60.03 48.67 47.33
CA ILE CA 20 -59.28 48.79 46.10
C ILE CA 20 -57.84 48.32 46.36
N LYS CA 21 -57.08 48.18 45.28
CA LYS CA 21 -55.69 47.74 45.37
C LYS CA 21 -54.84 48.81 46.05
N GLY CA 22 -53.70 48.36 46.59
CA GLY CA 22 -52.79 49.28 47.25
C GLY CA 22 -52.08 50.20 46.28
N GLY CA 23 -51.86 49.74 45.05
CA GLY CA 23 -51.23 50.58 44.06
C GLY CA 23 -52.16 51.62 43.48
N TYR CA 24 -53.46 51.31 43.39
CA TYR CA 24 -54.43 52.25 42.86
C TYR CA 24 -54.77 53.36 43.84
N ALA CA 25 -54.59 53.14 45.13
CA ALA CA 25 -54.85 54.18 46.11
C ALA CA 25 -53.61 55.00 46.42
N ARG CA 26 -52.43 54.37 46.47
CA ARG CA 26 -51.20 55.06 46.82
C ARG CA 26 -50.79 56.05 45.73
N ASN CA 27 -50.98 55.66 44.47
CA ASN CA 27 -50.34 56.35 43.35
C ASN CA 27 -51.23 57.38 42.68
N PHE CA 28 -52.55 57.17 42.69
CA PHE CA 28 -53.43 57.91 41.80
C PHE CA 28 -54.45 58.77 42.56
N LEU CA 29 -55.19 58.19 43.50
CA LEU CA 29 -56.28 58.92 44.13
C LEU CA 29 -55.76 59.89 45.19
N LEU CA 30 -54.96 59.39 46.13
CA LEU CA 30 -54.50 60.21 47.25
C LEU CA 30 -53.58 61.38 46.90
N PRO CA 31 -52.56 61.29 46.02
CA PRO CA 31 -51.73 62.49 45.79
C PRO CA 31 -52.39 63.59 44.97
N GLN CA 32 -53.62 63.38 44.48
CA GLN CA 32 -54.38 64.45 43.85
C GLN CA 32 -55.45 65.03 44.76
N GLY CA 33 -55.81 64.34 45.83
CA GLY CA 33 -56.82 64.85 46.74
C GLY CA 33 -58.22 64.41 46.37
N LYS CA 34 -58.37 63.14 45.98
CA LYS CA 34 -59.67 62.59 45.65
C LYS CA 34 -60.12 61.52 46.64
N ALA CA 35 -59.34 61.24 47.68
CA ALA CA 35 -59.71 60.24 48.67
C ALA CA 35 -59.02 60.56 49.99
N THR CA 36 -59.42 59.83 51.03
CA THR CA 36 -58.87 60.01 52.36
C THR CA 36 -58.94 58.67 53.08
N VAL CA 37 -57.83 58.27 53.72
CA VAL CA 37 -57.77 56.99 54.41
C VAL CA 37 -58.68 57.01 55.64
N ALA CA 38 -59.52 55.98 55.78
CA ALA CA 38 -60.41 55.90 56.93
C ALA CA 38 -59.66 55.46 58.18
N THR CA 39 -59.78 56.25 59.24
CA THR CA 39 -59.20 55.91 60.53
C THR CA 39 -60.07 56.51 61.62
N ALA CA 40 -59.84 56.07 62.86
CA ALA CA 40 -60.63 56.48 64.00
C ALA CA 40 -59.93 57.59 64.81
N GLU CA 41 -59.21 58.48 64.13
CA GLU CA 41 -58.49 59.55 64.79
C GLU CA 41 -59.23 60.88 64.71
N ASN CA 42 -59.62 61.30 63.51
CA ASN CA 42 -60.31 62.58 63.27
C ASN CA 42 -61.76 62.36 62.83
N VAL CA 43 -62.46 61.42 63.46
CA VAL CA 43 -63.82 61.06 63.03
C VAL CA 43 -64.82 62.17 63.36
N ALA CA 44 -64.51 63.05 64.30
CA ALA CA 44 -65.40 64.16 64.63
C ALA CA 44 -65.36 65.26 63.57
N ALA CA 45 -64.31 65.30 62.74
CA ALA CA 45 -64.20 66.32 61.71
C ALA CA 45 -64.93 65.96 60.42
N PHE CA 46 -64.99 64.67 60.07
CA PHE CA 46 -65.67 64.27 58.85
C PHE CA 46 -67.19 64.33 58.99
N GLU CA 47 -67.71 64.10 60.19
CA GLU CA 47 -69.16 64.16 60.40
C GLU CA 47 -69.68 65.59 60.41
N ALA CA 48 -68.85 66.58 60.73
CA ALA CA 48 -69.28 67.97 60.74
C ALA CA 48 -69.27 68.59 59.35
N ARG CA 49 -68.49 68.05 58.42
CA ARG CA 49 -68.40 68.56 57.06
C ARG CA 49 -69.30 67.81 56.08
N ARG CA 50 -70.28 67.06 56.60
CA ARG CA 50 -71.21 66.36 55.73
C ARG CA 50 -72.17 67.30 55.03
N ALA CA 51 -72.47 68.45 55.66
CA ALA CA 51 -73.29 69.45 55.00
C ALA CA 51 -72.53 70.18 53.91
N GLU CA 52 -71.20 70.25 54.02
CA GLU CA 52 -70.38 70.87 52.99
C GLU CA 52 -70.08 69.94 51.83
N LEU CA 53 -70.39 68.65 51.96
CA LEU CA 53 -70.13 67.71 50.87
C LEU CA 53 -71.17 67.84 49.76
N GLU CA 54 -72.43 68.10 50.12
CA GLU CA 54 -73.48 68.23 49.13
C GLU CA 54 -73.43 69.55 48.37
N LYS CA 55 -72.76 70.57 48.93
CA LYS CA 55 -72.58 71.82 48.20
C LYS CA 55 -71.40 71.76 47.23
N ALA CA 56 -70.40 70.92 47.52
CA ALA CA 56 -69.28 70.74 46.61
C ALA CA 56 -69.65 69.89 45.40
N ALA CA 57 -70.67 69.04 45.51
CA ALA CA 57 -71.11 68.22 44.39
C ALA CA 57 -72.03 68.97 43.44
N ALA CA 58 -72.56 70.12 43.84
CA ALA CA 58 -73.42 70.93 42.99
C ALA CA 58 -72.65 72.01 42.25
N GLU CA 59 -71.32 71.98 42.30
CA GLU CA 59 -70.46 72.95 41.62
C GLU CA 59 -69.63 72.33 40.51
N LYS CA 60 -69.13 71.11 40.72
CA LYS CA 60 -68.32 70.45 39.70
C LYS CA 60 -69.16 70.01 38.51
N LYS CA 61 -70.37 69.50 38.76
CA LYS CA 61 -71.27 69.12 37.68
C LYS CA 61 -71.99 70.30 37.07
N ALA CA 62 -72.01 71.45 37.75
CA ALA CA 62 -72.65 72.64 37.19
C ALA CA 62 -71.73 73.40 36.25
N ALA CA 63 -70.41 73.28 36.45
CA ALA CA 63 -69.46 73.95 35.58
C ALA CA 63 -69.31 73.26 34.23
N ALA CA 64 -69.73 72.00 34.12
CA ALA CA 64 -69.65 71.28 32.85
C ALA CA 64 -70.71 71.72 31.85
N GLU CA 65 -71.78 72.38 32.32
CA GLU CA 65 -72.80 72.88 31.41
C GLU CA 65 -72.32 74.09 30.63
N ALA CA 66 -71.46 74.91 31.24
CA ALA CA 66 -70.86 76.06 30.57
C ALA CA 66 -69.46 75.75 30.04
N ARG CA 67 -69.15 74.48 29.84
CA ARG CA 67 -67.83 74.05 29.35
C ARG CA 67 -67.92 73.27 28.04
N ALA CA 68 -68.92 72.41 27.88
CA ALA CA 68 -69.08 71.61 26.68
C ALA CA 68 -69.64 72.40 25.50
N ALA CA 69 -70.11 73.64 25.73
CA ALA CA 69 -70.64 74.45 24.66
C ALA CA 69 -69.56 75.15 23.84
N GLN CA 70 -68.30 75.09 24.28
CA GLN CA 70 -67.20 75.69 23.55
C GLN CA 70 -66.17 74.67 23.06
N LEU CA 71 -66.33 73.40 23.43
CA LEU CA 71 -65.39 72.37 23.00
C LEU CA 71 -65.78 71.74 21.67
N SER CA 72 -67.08 71.61 21.39
CA SER CA 72 -67.56 71.01 20.15
C SER CA 72 -67.84 72.05 19.07
N GLU CA 73 -67.18 73.21 19.13
CA GLU CA 73 -67.39 74.24 18.11
C GLU CA 73 -66.66 73.92 16.81
N LEU CA 74 -65.57 73.14 16.89
CA LEU CA 74 -64.75 72.73 15.75
C LEU CA 74 -64.21 73.92 14.96
N VAL CA 75 -63.75 74.94 15.68
CA VAL CA 75 -63.20 76.14 15.07
C VAL CA 75 -61.68 76.15 15.09
N VAL CA 76 -61.05 75.03 15.40
CA VAL CA 76 -59.60 74.93 15.45
C VAL CA 76 -59.06 74.85 14.03
N THR CA 77 -58.19 75.77 13.67
CA THR CA 77 -57.58 75.83 12.34
C THR CA 77 -56.12 75.42 12.46
N LEU CA 78 -55.75 74.31 11.82
CA LEU CA 78 -54.39 73.81 11.87
C LEU CA 78 -53.55 74.42 10.74
N LYS DA 1 61.86 -67.20 -12.29
CA LYS DA 1 61.61 -65.89 -12.89
C LYS DA 1 60.15 -65.48 -12.68
N LYS DA 2 59.27 -65.99 -13.54
CA LYS DA 2 57.84 -65.74 -13.44
C LYS DA 2 57.18 -67.09 -13.12
N ILE DA 3 57.15 -67.44 -11.84
CA ILE DA 3 56.78 -68.80 -11.43
C ILE DA 3 55.55 -68.67 -10.56
N GLN DA 4 54.38 -68.76 -11.19
CA GLN DA 4 53.09 -69.04 -10.58
C GLN DA 4 52.13 -69.42 -11.71
N ALA DA 5 51.26 -70.39 -11.45
CA ALA DA 5 50.27 -70.81 -12.42
C ALA DA 5 49.08 -69.85 -12.41
N TYR DA 6 47.98 -70.26 -13.06
CA TYR DA 6 46.80 -69.41 -13.33
C TYR DA 6 47.17 -68.14 -14.08
N ILE DA 7 48.11 -68.24 -15.01
CA ILE DA 7 48.41 -67.12 -15.90
C ILE DA 7 47.39 -67.13 -17.03
N LYS DA 8 46.61 -66.05 -17.14
CA LYS DA 8 45.44 -66.03 -18.01
C LYS DA 8 45.87 -65.69 -19.44
N LEU DA 9 45.56 -66.59 -20.37
CA LEU DA 9 45.88 -66.37 -21.78
C LEU DA 9 44.84 -67.08 -22.63
N GLN DA 10 43.98 -66.30 -23.29
CA GLN DA 10 42.98 -66.83 -24.23
C GLN DA 10 43.22 -66.20 -25.59
N VAL DA 11 44.04 -66.87 -26.41
CA VAL DA 11 44.11 -66.60 -27.84
C VAL DA 11 43.80 -67.90 -28.56
N LYS DA 12 43.80 -67.86 -29.89
CA LYS DA 12 43.30 -68.99 -30.68
C LYS DA 12 44.27 -70.18 -30.63
N ALA DA 13 43.68 -71.38 -30.67
CA ALA DA 13 44.47 -72.60 -30.74
C ALA DA 13 45.07 -72.74 -32.12
N GLY DA 14 46.40 -72.75 -32.19
CA GLY DA 14 47.11 -72.74 -33.45
C GLY DA 14 47.42 -71.37 -34.01
N GLN DA 15 47.00 -70.30 -33.32
CA GLN DA 15 47.24 -68.95 -33.84
C GLN DA 15 47.25 -68.00 -32.63
N ALA DA 16 48.44 -67.61 -32.19
CA ALA DA 16 48.54 -66.70 -31.06
C ALA DA 16 48.24 -65.25 -31.44
N ASN DA 17 48.35 -64.90 -32.72
CA ASN DA 17 48.25 -63.55 -33.25
C ASN DA 17 46.96 -62.76 -32.95
N PRO DA 18 45.72 -63.37 -32.91
CA PRO DA 18 44.58 -62.54 -32.53
C PRO DA 18 44.59 -62.16 -31.06
N SER DA 19 44.95 -60.91 -30.81
CA SER DA 19 45.08 -60.32 -29.48
C SER DA 19 43.80 -59.84 -28.79
N PRO DA 20 42.85 -59.12 -29.41
CA PRO DA 20 41.70 -58.52 -28.64
C PRO DA 20 40.79 -59.48 -27.90
N PRO DA 21 40.88 -60.81 -28.08
CA PRO DA 21 40.45 -61.69 -26.98
C PRO DA 21 41.17 -61.48 -25.65
N VAL DA 22 42.46 -61.09 -25.65
CA VAL DA 22 43.11 -60.70 -24.39
C VAL DA 22 43.84 -59.36 -24.50
N GLY DA 23 44.26 -58.99 -25.72
CA GLY DA 23 45.02 -57.78 -25.93
C GLY DA 23 46.46 -57.86 -25.46
N PRO DA 24 47.00 -56.73 -24.97
CA PRO DA 24 48.34 -56.75 -24.35
C PRO DA 24 48.31 -57.46 -23.02
N ALA DA 25 48.34 -58.79 -23.04
CA ALA DA 25 48.15 -59.59 -21.84
C ALA DA 25 49.44 -60.22 -21.31
N LEU DA 26 50.49 -60.30 -22.10
CA LEU DA 26 51.73 -60.93 -21.67
C LEU DA 26 52.92 -60.04 -22.02
N GLY DA 27 52.81 -58.75 -21.72
CA GLY DA 27 53.92 -57.84 -21.89
C GLY DA 27 54.79 -57.77 -20.64
N GLN DA 28 54.13 -57.55 -19.50
CA GLN DA 28 54.82 -57.51 -18.21
C GLN DA 28 55.25 -58.90 -17.76
N HIS DA 29 54.64 -59.95 -18.32
CA HIS DA 29 55.07 -61.32 -18.07
C HIS DA 29 56.49 -61.58 -18.59
N GLY DA 30 56.88 -60.90 -19.66
CA GLY DA 30 58.24 -61.02 -20.15
C GLY DA 30 58.36 -61.45 -21.59
N VAL DA 31 57.48 -62.36 -22.04
CA VAL DA 31 57.56 -62.94 -23.37
C VAL DA 31 56.32 -62.52 -24.15
N ASN DA 32 56.55 -61.90 -25.30
CA ASN DA 32 55.47 -61.33 -26.11
C ASN DA 32 54.62 -62.44 -26.74
N ILE DA 33 53.46 -62.02 -27.26
CA ILE DA 33 52.43 -62.96 -27.71
C ILE DA 33 52.88 -63.70 -28.97
N MET DA 34 53.57 -63.00 -29.88
CA MET DA 34 53.87 -63.51 -31.22
C MET DA 34 54.80 -64.72 -31.24
N GLU DA 35 55.48 -65.02 -30.13
CA GLU DA 35 56.35 -66.18 -30.07
C GLU DA 35 55.66 -67.43 -29.54
N PHE DA 36 54.49 -67.28 -28.89
CA PHE DA 36 53.76 -68.42 -28.37
C PHE DA 36 53.03 -69.22 -29.45
N CYS DA 37 53.01 -68.75 -30.70
CA CYS DA 37 52.23 -69.41 -31.74
C CYS DA 37 52.80 -70.77 -32.12
N LYS DA 38 54.10 -70.97 -31.93
CA LYS DA 38 54.69 -72.29 -32.11
C LYS DA 38 54.24 -73.27 -31.03
N ALA DA 39 53.81 -72.77 -29.87
CA ALA DA 39 53.26 -73.63 -28.83
C ALA DA 39 51.78 -73.90 -29.02
N PHE DA 40 51.02 -72.93 -29.55
CA PHE DA 40 49.62 -73.19 -29.88
C PHE DA 40 49.48 -74.09 -31.11
N ASN DA 41 50.49 -74.08 -32.00
CA ASN DA 41 50.49 -75.01 -33.12
C ASN DA 41 50.75 -76.45 -32.68
N ALA DA 42 51.40 -76.65 -31.54
CA ALA DA 42 51.68 -78.00 -31.07
C ALA DA 42 50.43 -78.69 -30.52
N LYS DA 43 49.41 -77.93 -30.14
CA LYS DA 43 48.16 -78.46 -29.61
C LYS DA 43 47.00 -77.83 -30.36
N THR DA 44 46.59 -78.49 -31.45
CA THR DA 44 45.47 -78.05 -32.28
C THR DA 44 44.43 -79.16 -32.38
N GLN DA 45 43.29 -78.81 -32.99
CA GLN DA 45 42.21 -79.67 -33.46
C GLN DA 45 41.40 -80.35 -32.35
N GLY DA 46 41.78 -80.19 -31.08
CA GLY DA 46 41.01 -80.79 -30.00
C GLY DA 46 40.65 -79.80 -28.91
N GLN DA 47 41.40 -78.69 -28.85
CA GLN DA 47 41.26 -77.69 -27.79
C GLN DA 47 40.33 -76.56 -28.20
N GLU DA 48 39.34 -76.86 -29.04
CA GLU DA 48 38.31 -75.95 -29.57
C GLU DA 48 38.95 -74.77 -30.30
N PRO DA 49 39.48 -74.95 -31.51
CA PRO DA 49 40.09 -73.83 -32.24
C PRO DA 49 39.01 -72.94 -32.84
N GLY DA 50 39.47 -71.90 -33.55
CA GLY DA 50 38.56 -70.91 -34.11
C GLY DA 50 38.19 -69.87 -33.08
N LEU DA 51 37.45 -70.28 -32.05
CA LEU DA 51 37.32 -69.48 -30.85
C LEU DA 51 38.69 -69.39 -30.15
N PRO DA 52 38.96 -68.29 -29.46
CA PRO DA 52 40.22 -68.21 -28.71
C PRO DA 52 40.22 -69.18 -27.53
N THR DA 53 41.36 -69.85 -27.34
CA THR DA 53 41.45 -70.98 -26.43
C THR DA 53 42.21 -70.60 -25.17
N PRO DA 54 41.59 -70.71 -24.00
CA PRO DA 54 42.34 -70.52 -22.75
C PRO DA 54 43.20 -71.74 -22.44
N VAL DA 55 44.39 -71.46 -21.91
CA VAL DA 55 45.31 -72.52 -21.52
C VAL DA 55 46.22 -72.04 -20.39
N ILE DA 56 46.41 -72.88 -19.37
CA ILE DA 56 47.34 -72.60 -18.29
C ILE DA 56 48.75 -72.69 -18.85
N ILE DA 57 49.41 -71.55 -18.99
CA ILE DA 57 50.74 -71.50 -19.58
C ILE DA 57 51.78 -71.47 -18.47
N THR DA 58 52.93 -72.08 -18.73
CA THR DA 58 54.03 -72.14 -17.77
C THR DA 58 55.16 -71.33 -18.38
N VAL DA 59 55.28 -70.09 -17.95
CA VAL DA 59 56.21 -69.13 -18.56
C VAL DA 59 57.63 -69.47 -18.15
N TYR DA 60 58.48 -69.72 -19.13
CA TYR DA 60 59.92 -69.92 -18.95
C TYR DA 60 60.66 -68.81 -19.70
N SER DA 61 61.98 -68.93 -19.77
CA SER DA 61 62.81 -67.98 -20.49
C SER DA 61 63.87 -68.68 -21.34
N ASP DA 62 63.59 -69.91 -21.77
CA ASP DA 62 64.54 -70.69 -22.56
C ASP DA 62 63.92 -71.20 -23.85
N ARG DA 63 63.01 -70.40 -24.44
CA ARG DA 63 62.31 -70.68 -25.70
C ARG DA 63 61.54 -72.00 -25.65
N SER DA 64 60.87 -72.25 -24.52
CA SER DA 64 60.07 -73.45 -24.35
C SER DA 64 58.89 -73.11 -23.45
N PHE DA 65 57.68 -73.37 -23.92
CA PHE DA 65 56.46 -73.03 -23.18
C PHE DA 65 55.50 -74.21 -23.28
N THR DA 66 55.52 -75.07 -22.27
CA THR DA 66 54.65 -76.23 -22.27
C THR DA 66 53.22 -75.84 -21.92
N PHE DA 67 52.26 -76.52 -22.55
CA PHE DA 67 50.85 -76.36 -22.24
C PHE DA 67 50.39 -77.67 -21.60
N GLU DA 68 49.62 -77.56 -20.52
CA GLU DA 68 49.14 -78.77 -19.87
C GLU DA 68 48.09 -79.44 -20.75
N THR DA 69 48.25 -80.75 -20.94
CA THR DA 69 47.48 -81.50 -21.92
C THR DA 69 46.06 -81.70 -21.42
N LYS DA 70 45.27 -80.64 -21.48
CA LYS DA 70 43.83 -80.73 -21.36
C LYS DA 70 43.26 -80.76 -22.77
N SER DA 71 42.78 -81.94 -23.18
CA SER DA 71 42.31 -82.11 -24.55
C SER DA 71 41.08 -81.24 -24.84
N THR DA 72 39.99 -81.50 -24.14
CA THR DA 72 38.78 -80.72 -24.31
C THR DA 72 38.71 -79.60 -23.28
N PRO DA 73 38.58 -78.34 -23.70
CA PRO DA 73 38.45 -77.25 -22.74
C PRO DA 73 37.10 -77.22 -22.07
N ALA DA 74 37.09 -77.01 -20.76
CA ALA DA 74 35.88 -76.94 -19.97
C ALA DA 74 35.54 -75.52 -19.54
N ALA DA 75 36.23 -74.53 -20.11
CA ALA DA 75 35.87 -73.13 -19.90
C ALA DA 75 34.95 -72.59 -20.98
N VAL DA 76 35.09 -73.07 -22.22
CA VAL DA 76 34.30 -72.56 -23.33
C VAL DA 76 33.32 -73.60 -23.88
N LEU DA 77 33.70 -74.89 -23.92
CA LEU DA 77 32.77 -75.91 -24.40
C LEU DA 77 31.63 -76.22 -23.46
N LEU DA 78 31.64 -75.69 -22.23
CA LEU DA 78 30.47 -75.79 -21.37
C LEU DA 78 29.52 -74.61 -21.55
N LYS DA 79 29.88 -73.63 -22.39
CA LYS DA 79 28.87 -72.78 -22.98
C LYS DA 79 28.04 -73.58 -23.99
N LYS DA 80 28.70 -74.45 -24.73
CA LYS DA 80 28.06 -75.31 -25.72
C LYS DA 80 27.23 -76.41 -25.08
N ALA DA 81 27.43 -76.69 -23.79
CA ALA DA 81 26.73 -77.80 -23.14
C ALA DA 81 25.25 -77.48 -22.92
N ALA DA 82 24.95 -76.28 -22.43
CA ALA DA 82 23.55 -75.87 -22.31
C ALA DA 82 22.95 -75.53 -23.68
N GLY DA 83 23.77 -75.06 -24.61
CA GLY DA 83 23.30 -74.69 -25.92
C GLY DA 83 23.32 -73.21 -26.24
N ILE DA 84 24.09 -72.41 -25.49
CA ILE DA 84 24.17 -70.97 -25.72
C ILE DA 84 25.59 -70.61 -26.12
N THR DA 85 25.79 -69.34 -26.43
CA THR DA 85 27.13 -68.77 -26.62
C THR DA 85 27.44 -67.75 -25.53
N SER DA 86 26.59 -66.74 -25.38
CA SER DA 86 26.78 -65.69 -24.38
C SER DA 86 26.12 -66.11 -23.08
N GLY DA 87 26.90 -66.15 -22.01
CA GLY DA 87 26.40 -66.60 -20.73
C GLY DA 87 25.48 -65.59 -20.07
N SER DA 88 24.90 -66.01 -18.96
CA SER DA 88 23.97 -65.18 -18.21
C SER DA 88 24.71 -64.01 -17.54
N ALA DA 89 23.95 -62.97 -17.19
CA ALA DA 89 24.53 -61.76 -16.63
C ALA DA 89 25.00 -61.93 -15.18
N ARG DA 90 24.74 -63.08 -14.56
CA ARG DA 90 25.28 -63.42 -13.26
C ARG DA 90 25.34 -64.95 -13.19
N PRO DA 91 26.47 -65.53 -12.75
CA PRO DA 91 26.59 -66.98 -12.75
C PRO DA 91 25.86 -67.64 -11.59
N ASN DA 92 25.22 -68.77 -11.90
CA ASN DA 92 24.63 -69.75 -10.99
C ASN DA 92 23.43 -69.26 -10.20
N SER DA 93 22.95 -68.03 -10.42
CA SER DA 93 21.67 -67.63 -9.86
C SER DA 93 20.78 -67.04 -10.95
N GLN DA 94 21.39 -66.41 -11.96
CA GLN DA 94 20.67 -65.95 -13.13
C GLN DA 94 20.80 -66.99 -14.23
N LYS DA 95 19.67 -67.36 -14.83
CA LYS DA 95 19.58 -68.55 -15.67
C LYS DA 95 19.02 -68.22 -17.04
N VAL DA 96 19.45 -69.00 -18.04
CA VAL DA 96 18.86 -69.04 -19.36
C VAL DA 96 18.31 -70.42 -19.68
N GLY DA 97 18.21 -71.29 -18.68
CA GLY DA 97 17.97 -72.70 -18.88
C GLY DA 97 19.25 -73.45 -18.58
N THR DA 98 19.35 -74.02 -17.38
CA THR DA 98 20.61 -74.53 -16.88
C THR DA 98 20.95 -75.88 -17.52
N VAL DA 99 22.22 -76.24 -17.45
CA VAL DA 99 22.70 -77.50 -18.01
C VAL DA 99 22.49 -78.62 -16.99
N THR DA 100 22.18 -79.81 -17.50
CA THR DA 100 21.99 -81.00 -16.67
C THR DA 100 23.16 -81.96 -16.88
N ARG DA 101 23.07 -83.12 -16.24
CA ARG DA 101 24.11 -84.13 -16.34
C ARG DA 101 23.96 -85.03 -17.56
N ALA DA 102 22.79 -85.02 -18.21
CA ALA DA 102 22.58 -85.82 -19.40
C ALA DA 102 23.27 -85.24 -20.64
N GLN DA 103 23.58 -83.94 -20.62
CA GLN DA 103 24.24 -83.27 -21.72
C GLN DA 103 25.73 -83.02 -21.45
N LEU DA 104 26.31 -83.73 -20.48
CA LEU DA 104 27.72 -83.64 -20.16
C LEU DA 104 28.49 -84.88 -20.61
N GLU DA 105 28.04 -85.53 -21.68
CA GLU DA 105 28.59 -86.80 -22.12
C GLU DA 105 29.56 -86.67 -23.28
N GLU DA 106 29.21 -85.86 -24.29
CA GLU DA 106 30.03 -85.75 -25.50
C GLU DA 106 31.36 -85.06 -25.22
N ILE DA 107 31.37 -84.09 -24.30
CA ILE DA 107 32.61 -83.41 -23.92
C ILE DA 107 33.50 -84.35 -23.12
N ALA DA 108 32.91 -85.16 -22.25
CA ALA DA 108 33.65 -85.98 -21.29
C ALA DA 108 34.19 -87.28 -21.86
N LYS DA 109 34.10 -87.50 -23.17
CA LYS DA 109 34.59 -88.75 -23.74
C LYS DA 109 36.11 -88.79 -23.89
N THR DA 110 36.74 -87.63 -24.11
CA THR DA 110 38.16 -87.60 -24.45
C THR DA 110 38.96 -86.81 -23.42
N LYS DA 111 38.74 -87.09 -22.13
CA LYS DA 111 39.29 -86.23 -21.09
C LYS DA 111 40.78 -86.39 -20.86
N GLN DA 112 41.39 -87.46 -21.37
CA GLN DA 112 42.75 -87.90 -21.04
C GLN DA 112 42.89 -88.05 -19.52
N ALA DA 113 42.20 -89.07 -19.01
CA ALA DA 113 41.77 -89.15 -17.61
C ALA DA 113 42.92 -89.30 -16.60
N ASP DA 114 44.18 -89.31 -17.03
CA ASP DA 114 45.27 -89.19 -16.07
C ASP DA 114 45.91 -87.81 -16.10
N LEU DA 115 45.90 -87.15 -17.25
CA LEU DA 115 46.62 -85.89 -17.43
C LEU DA 115 45.83 -84.67 -16.96
N THR DA 116 44.57 -84.86 -16.55
CA THR DA 116 43.82 -83.82 -15.84
C THR DA 116 43.00 -84.40 -14.70
N ALA DA 117 42.98 -85.71 -14.51
CA ALA DA 117 42.19 -86.35 -13.46
C ALA DA 117 42.96 -87.58 -12.97
N ALA DA 118 42.30 -88.38 -12.16
CA ALA DA 118 42.81 -89.69 -11.76
C ALA DA 118 42.13 -90.83 -12.50
N ASP DA 119 40.80 -90.87 -12.43
CA ASP DA 119 39.98 -91.74 -13.26
C ASP DA 119 39.12 -90.87 -14.19
N LEU DA 120 38.27 -91.54 -14.97
CA LEU DA 120 37.42 -90.82 -15.91
C LEU DA 120 36.20 -90.21 -15.23
N ASP DA 121 35.76 -90.78 -14.11
CA ASP DA 121 34.56 -90.30 -13.44
C ASP DA 121 34.79 -88.96 -12.76
N ALA DA 122 35.99 -88.74 -12.22
CA ALA DA 122 36.32 -87.46 -11.63
C ALA DA 122 36.58 -86.39 -12.69
N ALA DA 123 36.86 -86.80 -13.93
CA ALA DA 123 36.92 -85.85 -15.03
C ALA DA 123 35.52 -85.45 -15.49
N VAL DA 124 34.55 -86.34 -15.33
CA VAL DA 124 33.14 -85.95 -15.44
C VAL DA 124 32.76 -85.09 -14.24
N ARG DA 125 33.35 -85.35 -13.09
CA ARG DA 125 33.17 -84.48 -11.95
C ARG DA 125 34.01 -83.19 -12.04
N THR DA 126 34.96 -83.13 -12.98
CA THR DA 126 35.65 -81.87 -13.22
C THR DA 126 34.71 -80.88 -13.92
N ILE DA 127 33.98 -81.35 -14.94
CA ILE DA 127 32.99 -80.49 -15.58
C ILE DA 127 31.70 -80.41 -14.79
N ALA DA 128 31.56 -81.21 -13.73
CA ALA DA 128 30.55 -80.92 -12.71
C ALA DA 128 30.98 -79.76 -11.81
N GLY DA 129 32.29 -79.50 -11.73
CA GLY DA 129 32.82 -78.30 -11.12
C GLY DA 129 33.20 -77.22 -12.10
N SER DA 130 33.07 -77.47 -13.40
CA SER DA 130 33.42 -76.47 -14.40
C SER DA 130 32.22 -75.87 -15.11
N ALA DA 131 31.04 -76.50 -15.03
CA ALA DA 131 29.83 -75.92 -15.56
C ALA DA 131 29.14 -74.99 -14.58
N ARG DA 132 29.72 -74.80 -13.39
CA ARG DA 132 29.20 -73.87 -12.39
C ARG DA 132 29.84 -72.50 -12.56
N SER DA 133 29.73 -71.98 -13.77
CA SER DA 133 30.63 -70.91 -14.21
C SER DA 133 29.92 -69.72 -14.84
N MET DA 134 28.80 -69.98 -15.52
CA MET DA 134 28.33 -69.09 -16.57
C MET DA 134 26.82 -68.93 -16.56
N GLY DA 135 26.20 -68.99 -15.39
CA GLY DA 135 24.76 -68.97 -15.30
C GLY DA 135 24.16 -70.35 -15.40
N LEU DA 136 24.90 -71.38 -15.00
CA LEU DA 136 24.48 -72.77 -15.17
C LEU DA 136 24.76 -73.52 -13.89
N ASN DA 137 23.78 -74.28 -13.40
CA ASN DA 137 24.01 -75.20 -12.30
C ASN DA 137 24.36 -76.58 -12.84
N VAL DA 138 24.77 -77.46 -11.93
CA VAL DA 138 24.93 -78.88 -12.20
C VAL DA 138 23.91 -79.58 -11.29
N GLU DA 139 22.80 -80.01 -11.88
CA GLU DA 139 21.64 -80.50 -11.14
C GLU DA 139 21.41 -81.98 -11.34
N GLY DA 140 21.28 -82.43 -12.58
CA GLY DA 140 21.00 -83.83 -12.87
C GLY DA 140 19.93 -84.01 -13.92
N LYS EA 1 64.48 -15.76 84.07
CA LYS EA 1 63.88 -15.75 82.73
C LYS EA 1 64.83 -16.43 81.75
N THR EA 2 64.30 -16.85 80.61
CA THR EA 2 65.08 -17.67 79.70
C THR EA 2 66.16 -16.89 78.99
N TYR EA 3 67.24 -17.59 78.65
CA TYR EA 3 68.45 -16.97 78.15
C TYR EA 3 68.35 -16.68 76.65
N THR EA 4 68.78 -15.49 76.27
CA THR EA 4 68.91 -15.12 74.87
C THR EA 4 70.37 -14.86 74.54
N ALA EA 5 70.73 -15.13 73.28
CA ALA EA 5 72.09 -14.91 72.83
C ALA EA 5 72.35 -13.42 72.64
N LYS EA 6 73.62 -13.06 72.67
CA LYS EA 6 74.02 -11.69 72.46
C LYS EA 6 74.96 -11.58 71.27
N PRO EA 7 74.79 -10.55 70.42
CA PRO EA 7 75.52 -10.53 69.15
C PRO EA 7 77.00 -10.24 69.27
N GLU EA 8 77.44 -9.71 70.40
CA GLU EA 8 78.86 -9.42 70.62
C GLU EA 8 79.54 -10.50 71.43
N THR EA 9 78.83 -11.58 71.74
CA THR EA 9 79.35 -12.71 72.49
C THR EA 9 78.93 -14.01 71.78
N VAL EA 10 79.21 -14.05 70.48
CA VAL EA 10 78.73 -15.13 69.62
C VAL EA 10 79.94 -15.88 69.07
N GLN EA 11 79.79 -17.19 68.89
CA GLN EA 11 80.86 -18.05 68.41
C GLN EA 11 80.47 -18.63 67.05
N ARG EA 12 81.26 -18.31 66.03
CA ARG EA 12 80.96 -18.75 64.67
C ARG EA 12 82.16 -19.49 64.10
N ASP EA 13 81.89 -20.49 63.29
CA ASP EA 13 82.92 -21.39 62.78
C ASP EA 13 82.88 -21.44 61.27
N TRP EA 14 83.75 -22.28 60.72
CA TRP EA 14 83.97 -22.37 59.28
C TRP EA 14 83.90 -23.82 58.83
N PHE EA 15 82.97 -24.09 57.93
CA PHE EA 15 82.72 -25.42 57.42
C PHE EA 15 82.96 -25.42 55.93
N VAL EA 16 83.29 -26.58 55.37
CA VAL EA 16 83.47 -26.71 53.93
C VAL EA 16 82.69 -27.94 53.46
N VAL EA 17 81.93 -27.76 52.38
CA VAL EA 17 81.06 -28.78 51.83
C VAL EA 17 81.61 -29.19 50.48
N ASP EA 18 81.63 -30.50 50.22
CA ASP EA 18 81.94 -31.02 48.91
C ASP EA 18 80.65 -31.51 48.26
N ALA EA 19 80.31 -30.93 47.11
CA ALA EA 19 79.13 -31.33 46.35
C ALA EA 19 79.59 -32.01 45.08
N ALA EA 20 79.79 -33.32 45.16
CA ALA EA 20 80.33 -34.13 44.07
C ALA EA 20 79.42 -35.29 43.76
N GLY EA 21 78.13 -35.02 43.60
CA GLY EA 21 77.19 -36.08 43.32
C GLY EA 21 76.02 -36.03 44.27
N GLN EA 22 75.97 -34.96 45.06
CA GLN EA 22 74.88 -34.75 45.99
C GLN EA 22 73.64 -34.31 45.23
N THR EA 23 72.48 -34.77 45.68
CA THR EA 23 71.22 -34.30 45.14
C THR EA 23 71.03 -32.85 45.56
N LEU EA 24 70.50 -32.04 44.64
CA LEU EA 24 70.49 -30.59 44.78
C LEU EA 24 69.71 -30.12 46.00
N GLY EA 25 68.48 -30.58 46.13
CA GLY EA 25 67.66 -30.08 47.20
C GLY EA 25 67.77 -30.83 48.50
N ARG EA 26 68.51 -31.93 48.51
CA ARG EA 26 68.80 -32.63 49.75
C ARG EA 26 70.13 -32.23 50.34
N LEU EA 27 71.07 -31.81 49.49
CA LEU EA 27 72.22 -31.05 49.96
C LEU EA 27 71.80 -29.73 50.57
N ALA EA 28 70.93 -28.99 49.86
CA ALA EA 28 70.67 -27.60 50.21
C ALA EA 28 69.82 -27.45 51.44
N THR EA 29 69.17 -28.51 51.91
CA THR EA 29 68.40 -28.40 53.14
C THR EA 29 69.26 -28.51 54.37
N GLU EA 30 70.50 -28.97 54.24
CA GLU EA 30 71.42 -29.09 55.36
C GLU EA 30 72.35 -27.89 55.45
N ILE EA 31 72.60 -27.22 54.33
CA ILE EA 31 73.25 -25.93 54.38
C ILE EA 31 72.36 -24.90 55.06
N ALA EA 32 71.09 -24.84 54.64
CA ALA EA 32 70.15 -23.86 55.16
C ALA EA 32 69.76 -24.12 56.61
N ARG EA 33 69.94 -25.34 57.10
CA ARG EA 33 69.74 -25.60 58.51
C ARG EA 33 70.90 -25.05 59.34
N ARG EA 34 72.11 -25.20 58.86
CA ARG EA 34 73.29 -24.79 59.60
C ARG EA 34 73.67 -23.33 59.37
N LEU EA 35 73.05 -22.65 58.40
CA LEU EA 35 73.22 -21.21 58.34
C LEU EA 35 72.33 -20.48 59.33
N ARG EA 36 71.16 -21.04 59.61
CA ARG EA 36 70.25 -20.37 60.53
C ARG EA 36 70.68 -20.59 61.98
N GLY EA 37 71.19 -21.77 62.29
CA GLY EA 37 71.67 -22.06 63.62
C GLY EA 37 70.75 -22.95 64.42
N LYS EA 38 70.11 -23.91 63.78
CA LYS EA 38 69.29 -24.88 64.48
C LYS EA 38 70.10 -26.02 65.08
N HIS EA 39 71.42 -26.03 64.90
CA HIS EA 39 72.26 -27.08 65.45
C HIS EA 39 72.93 -26.67 66.73
N LYS EA 40 72.69 -25.47 67.21
CA LYS EA 40 73.24 -24.97 68.44
C LYS EA 40 72.16 -24.90 69.51
N PRO EA 41 72.52 -25.19 70.77
CA PRO EA 41 71.51 -25.11 71.83
C PRO EA 41 71.05 -23.70 72.14
N GLU EA 42 71.90 -22.70 71.92
CA GLU EA 42 71.55 -21.31 72.19
C GLU EA 42 71.02 -20.60 70.95
N TYR EA 43 70.05 -21.21 70.29
CA TYR EA 43 69.39 -20.62 69.13
C TYR EA 43 68.34 -19.62 69.58
N THR EA 44 68.44 -18.39 69.10
CA THR EA 44 67.40 -17.39 69.28
C THR EA 44 66.96 -16.89 67.91
N PRO EA 45 65.69 -16.59 67.72
CA PRO EA 45 65.22 -16.22 66.38
C PRO EA 45 65.60 -14.83 65.95
N HIS EA 46 65.58 -13.86 66.86
CA HIS EA 46 65.71 -12.47 66.43
C HIS EA 46 67.14 -12.08 66.10
N VAL EA 47 68.14 -12.63 66.76
CA VAL EA 47 69.53 -12.38 66.39
C VAL EA 47 70.13 -13.65 65.82
N ASP EA 48 71.19 -13.47 65.04
CA ASP EA 48 71.70 -14.52 64.19
C ASP EA 48 72.96 -15.16 64.76
N THR EA 49 73.01 -16.49 64.65
CA THR EA 49 74.16 -17.27 65.12
C THR EA 49 74.31 -18.51 64.22
N GLY EA 50 75.14 -18.39 63.19
CA GLY EA 50 75.33 -19.48 62.27
C GLY EA 50 76.76 -19.53 61.77
N ASP EA 51 77.06 -20.60 61.05
CA ASP EA 51 78.41 -20.88 60.64
C ASP EA 51 78.61 -20.57 59.17
N TYR EA 52 79.78 -20.01 58.85
CA TYR EA 52 80.13 -19.74 57.46
C TYR EA 52 80.30 -21.05 56.71
N ILE EA 53 79.87 -21.07 55.46
CA ILE EA 53 79.91 -22.28 54.64
C ILE EA 53 80.69 -21.96 53.37
N VAL EA 54 81.55 -22.87 52.95
CA VAL EA 54 82.25 -22.79 51.67
C VAL EA 54 81.93 -24.05 50.89
N VAL EA 55 81.39 -23.90 49.68
CA VAL EA 55 81.05 -25.02 48.82
C VAL EA 55 81.97 -25.00 47.62
N ILE EA 56 82.60 -26.15 47.33
CA ILE EA 56 83.79 -26.17 46.49
C ILE EA 56 83.59 -26.79 45.13
N ASN EA 57 82.44 -27.39 44.84
CA ASN EA 57 82.15 -27.88 43.50
C ASN EA 57 80.69 -27.59 43.20
N ALA EA 58 80.44 -26.44 42.58
CA ALA EA 58 79.09 -26.05 42.21
C ALA EA 58 78.75 -26.45 40.78
N GLU EA 59 79.42 -27.47 40.25
CA GLU EA 59 79.14 -27.97 38.92
C GLU EA 59 79.04 -29.48 38.86
N GLN EA 60 79.39 -30.18 39.93
CA GLN EA 60 79.26 -31.62 40.01
C GLN EA 60 77.91 -32.07 40.56
N VAL EA 61 76.99 -31.13 40.76
CA VAL EA 61 75.75 -31.41 41.48
C VAL EA 61 74.82 -32.22 40.59
N ARG EA 62 73.95 -33.01 41.21
CA ARG EA 62 73.19 -34.05 40.53
C ARG EA 62 71.71 -33.84 40.78
N VAL EA 63 70.90 -33.94 39.74
CA VAL EA 63 69.45 -33.96 39.90
C VAL EA 63 68.89 -35.22 39.25
N THR EA 64 67.67 -35.56 39.63
CA THR EA 64 67.16 -36.92 39.51
C THR EA 64 66.12 -37.02 38.40
N GLY EA 65 66.24 -38.05 37.58
CA GLY EA 65 65.23 -38.33 36.57
C GLY EA 65 65.37 -37.46 35.34
N ALA EA 66 64.25 -36.96 34.84
CA ALA EA 66 64.24 -36.18 33.61
C ALA EA 66 64.37 -34.68 33.86
N LYS EA 67 64.75 -34.27 35.07
CA LYS EA 67 64.78 -32.85 35.39
C LYS EA 67 65.98 -32.11 34.80
N THR EA 68 66.95 -32.80 34.19
CA THR EA 68 68.09 -32.08 33.64
C THR EA 68 67.70 -31.33 32.37
N THR EA 69 66.79 -31.87 31.57
CA THR EA 69 66.33 -31.25 30.33
C THR EA 69 65.02 -30.51 30.52
N ASP EA 70 64.71 -30.13 31.75
CA ASP EA 70 63.47 -29.48 32.12
C ASP EA 70 63.82 -28.42 33.16
N LYS EA 71 62.83 -28.04 33.98
CA LYS EA 71 63.00 -27.19 35.15
C LYS EA 71 63.51 -25.80 34.74
N MET EA 72 62.62 -25.09 34.05
CA MET EA 72 62.91 -23.73 33.62
C MET EA 72 63.01 -22.81 34.83
N TYR EA 73 63.90 -21.83 34.75
CA TYR EA 73 64.09 -20.86 35.82
C TYR EA 73 63.59 -19.51 35.34
N TYR EA 74 62.31 -19.24 35.57
CA TYR EA 74 61.70 -18.03 35.06
C TYR EA 74 62.06 -16.84 35.92
N HIS EA 75 62.21 -15.69 35.27
CA HIS EA 75 62.30 -14.40 35.95
C HIS EA 75 61.92 -13.30 34.97
N HIS EA 76 61.40 -12.20 35.50
CA HIS EA 76 60.81 -11.13 34.71
C HIS EA 76 61.67 -9.88 34.83
N SER EA 77 61.63 -9.05 33.80
CA SER EA 77 62.56 -7.94 33.66
C SER EA 77 61.97 -6.57 33.97
N GLY EA 78 60.65 -6.44 34.04
CA GLY EA 78 60.03 -5.15 34.31
C GLY EA 78 59.35 -4.55 33.10
N PHE EA 79 59.93 -4.75 31.94
CA PHE EA 79 59.41 -4.30 30.66
C PHE EA 79 58.28 -5.22 30.21
N PRO EA 80 57.37 -4.73 29.36
CA PRO EA 80 56.28 -5.60 28.89
C PRO EA 80 56.78 -6.66 27.93
N GLY EA 81 56.32 -7.88 28.14
CA GLY EA 81 56.76 -8.99 27.33
C GLY EA 81 58.17 -9.42 27.62
N GLY EA 82 58.66 -9.18 28.82
CA GLY EA 82 60.03 -9.48 29.15
C GLY EA 82 60.21 -10.70 30.03
N ILE EA 83 59.35 -11.69 29.88
CA ILE EA 83 59.52 -12.93 30.62
C ILE EA 83 60.63 -13.74 29.97
N LYS EA 84 61.47 -14.35 30.80
CA LYS EA 84 62.66 -15.03 30.33
C LYS EA 84 62.76 -16.37 31.03
N SER EA 85 63.41 -17.33 30.38
CA SER EA 85 63.47 -18.68 30.93
C SER EA 85 64.73 -19.37 30.46
N ILE EA 86 65.26 -20.24 31.32
CA ILE EA 86 66.44 -21.03 30.98
C ILE EA 86 66.37 -22.33 31.77
N ASN EA 87 66.61 -23.45 31.10
CA ASN EA 87 66.47 -24.74 31.77
C ASN EA 87 67.71 -25.04 32.62
N PHE EA 88 67.71 -26.23 33.23
CA PHE EA 88 68.76 -26.60 34.16
C PHE EA 88 70.08 -26.84 33.44
N GLU EA 89 70.02 -27.47 32.27
CA GLU EA 89 71.23 -27.93 31.60
C GLU EA 89 71.99 -26.77 30.96
N LYS EA 90 71.29 -25.83 30.36
CA LYS EA 90 71.98 -24.72 29.74
C LYS EA 90 72.48 -23.71 30.76
N LEU EA 91 71.85 -23.64 31.93
CA LEU EA 91 72.29 -22.71 32.95
C LEU EA 91 73.61 -23.14 33.57
N ILE EA 92 73.81 -24.45 33.71
CA ILE EA 92 74.95 -24.96 34.47
C ILE EA 92 76.25 -24.79 33.70
N ALA EA 93 76.19 -24.53 32.40
CA ALA EA 93 77.38 -24.20 31.64
C ALA EA 93 77.62 -22.70 31.56
N LYS EA 94 76.61 -21.89 31.82
CA LYS EA 94 76.80 -20.44 31.83
C LYS EA 94 77.37 -19.98 33.18
N ALA EA 95 76.60 -20.16 34.25
CA ALA EA 95 77.04 -19.81 35.60
C ALA EA 95 76.68 -20.97 36.53
N PRO EA 96 77.65 -21.82 36.87
CA PRO EA 96 77.33 -22.97 37.72
C PRO EA 96 77.06 -22.60 39.16
N GLU EA 97 77.56 -21.46 39.62
CA GLU EA 97 77.45 -21.07 41.01
C GLU EA 97 76.09 -20.50 41.38
N ARG EA 98 75.23 -20.23 40.40
CA ARG EA 98 73.93 -19.62 40.68
C ARG EA 98 72.80 -20.63 40.64
N VAL EA 99 73.10 -21.88 40.29
CA VAL EA 99 72.14 -22.96 40.52
C VAL EA 99 71.95 -23.20 42.01
N ILE EA 100 73.06 -23.39 42.72
CA ILE EA 100 73.00 -23.82 44.12
C ILE EA 100 72.74 -22.66 45.07
N GLU EA 101 72.81 -21.43 44.59
CA GLU EA 101 72.47 -20.29 45.45
C GLU EA 101 70.99 -19.98 45.43
N THR EA 102 70.31 -20.17 44.32
CA THR EA 102 68.88 -19.87 44.29
C THR EA 102 68.05 -20.98 44.92
N ALA EA 103 68.61 -22.16 45.13
CA ALA EA 103 67.90 -23.19 45.85
C ALA EA 103 67.96 -22.95 47.35
N VAL EA 104 69.09 -22.42 47.83
CA VAL EA 104 69.24 -22.16 49.25
C VAL EA 104 68.51 -20.87 49.63
N LYS EA 105 68.47 -19.89 48.71
CA LYS EA 105 67.84 -18.60 48.99
C LYS EA 105 66.34 -18.73 49.17
N GLY EA 106 65.71 -19.68 48.51
CA GLY EA 106 64.31 -19.95 48.73
C GLY EA 106 63.99 -20.87 49.90
N MET EA 107 64.96 -21.19 50.74
CA MET EA 107 64.74 -22.01 51.92
C MET EA 107 65.12 -21.28 53.18
N LEU EA 108 65.13 -19.96 53.12
CA LEU EA 108 65.48 -19.04 54.19
C LEU EA 108 64.34 -18.06 54.40
N PRO EA 109 64.27 -17.42 55.56
CA PRO EA 109 63.31 -16.33 55.74
C PRO EA 109 63.55 -15.18 54.79
N LYS EA 110 62.51 -14.40 54.55
CA LYS EA 110 62.56 -13.30 53.58
C LYS EA 110 62.71 -11.95 54.28
N ASN EA 111 63.38 -11.94 55.41
CA ASN EA 111 63.57 -10.84 56.33
C ASN EA 111 64.82 -10.06 55.96
N PRO EA 112 65.19 -9.00 56.69
CA PRO EA 112 66.59 -8.59 56.71
C PRO EA 112 67.50 -9.45 57.56
N LEU EA 113 67.02 -10.55 58.15
CA LEU EA 113 67.95 -11.58 58.59
C LEU EA 113 68.25 -12.58 57.48
N GLY EA 114 67.28 -12.85 56.63
CA GLY EA 114 67.51 -13.75 55.51
C GLY EA 114 68.55 -13.21 54.56
N ARG EA 115 68.57 -11.90 54.34
CA ARG EA 115 69.65 -11.27 53.59
C ARG EA 115 70.98 -11.32 54.33
N ASP EA 116 70.97 -11.49 55.65
CA ASP EA 116 72.20 -11.61 56.42
C ASP EA 116 72.64 -13.05 56.61
N MET EA 117 71.71 -14.00 56.60
CA MET EA 117 72.10 -15.39 56.59
C MET EA 117 72.65 -15.78 55.23
N TYR EA 118 72.23 -15.10 54.17
CA TYR EA 118 72.69 -15.43 52.83
C TYR EA 118 74.09 -14.94 52.57
N ARG EA 119 74.60 -14.01 53.35
CA ARG EA 119 75.97 -13.56 53.12
C ARG EA 119 77.01 -14.47 53.73
N LYS EA 120 76.59 -15.44 54.54
CA LYS EA 120 77.50 -16.43 55.07
C LYS EA 120 77.72 -17.60 54.13
N LEU EA 121 76.90 -17.73 53.10
CA LEU EA 121 77.08 -18.74 52.07
C LEU EA 121 78.08 -18.25 51.03
N LYS EA 122 79.07 -19.09 50.71
CA LYS EA 122 80.11 -18.74 49.74
C LYS EA 122 80.38 -19.96 48.88
N VAL EA 123 79.95 -19.95 47.62
CA VAL EA 123 80.12 -21.09 46.74
C VAL EA 123 81.19 -20.80 45.71
N TYR EA 124 81.74 -21.88 45.13
CA TYR EA 124 82.78 -21.78 44.13
C TYR EA 124 82.60 -22.90 43.12
N LYS EA 125 82.75 -22.56 41.84
CA LYS EA 125 82.69 -23.52 40.75
C LYS EA 125 84.02 -24.19 40.49
N GLY EA 126 85.03 -23.92 41.30
CA GLY EA 126 86.34 -24.45 41.03
C GLY EA 126 86.65 -25.73 41.76
N ALA EA 127 87.83 -25.80 42.35
CA ALA EA 127 88.22 -26.93 43.18
C ALA EA 127 88.89 -26.51 44.47
N SER EA 128 89.31 -25.25 44.61
CA SER EA 128 89.87 -24.75 45.84
C SER EA 128 89.36 -23.33 46.08
N HIS EA 129 89.41 -22.93 47.33
CA HIS EA 129 88.80 -21.72 47.83
C HIS EA 129 89.86 -20.79 48.41
N PRO EA 130 89.68 -19.47 48.26
CA PRO EA 130 90.64 -18.51 48.84
C PRO EA 130 90.38 -18.18 50.30
N HIS EA 131 90.17 -19.20 51.11
CA HIS EA 131 89.93 -19.06 52.53
C HIS EA 131 90.79 -20.03 53.32
N THR EA 132 92.04 -20.20 52.89
CA THR EA 132 92.95 -21.06 53.60
C THR EA 132 93.40 -20.44 54.92
N ALA EA 133 93.32 -19.12 55.03
CA ALA EA 133 93.64 -18.42 56.27
C ALA EA 133 92.67 -18.79 57.37
N GLN EA 134 91.40 -18.96 57.03
CA GLN EA 134 90.39 -19.20 58.04
C GLN EA 134 90.31 -20.65 58.46
N GLN EA 135 90.90 -21.54 57.66
CA GLN EA 135 91.03 -22.99 57.87
C GLN EA 135 89.69 -23.66 58.14
N PRO EA 136 88.85 -23.85 57.13
CA PRO EA 136 87.56 -24.50 57.35
C PRO EA 136 87.73 -25.98 57.62
N GLN EA 137 86.92 -26.50 58.55
CA GLN EA 137 86.89 -27.92 58.81
C GLN EA 137 85.88 -28.62 57.90
N GLU EA 138 86.11 -29.90 57.68
CA GLU EA 138 85.23 -30.68 56.84
C GLU EA 138 84.00 -31.13 57.64
N LEU EA 139 82.84 -31.09 57.00
CA LEU EA 139 81.66 -31.69 57.57
C LEU EA 139 80.96 -32.53 56.50
N LYS EA 140 80.06 -33.40 56.96
CA LYS EA 140 79.24 -34.28 56.14
C LYS EA 140 80.14 -35.21 55.29
N ILE EA 141 80.82 -36.08 56.02
CA ILE EA 141 81.63 -37.11 55.39
C ILE EA 141 80.81 -38.39 55.26
N MET FA 1 50.74 11.36 -11.36
CA MET FA 1 51.85 12.27 -11.61
C MET FA 1 52.85 12.14 -10.51
N ILE FA 2 52.59 12.78 -9.37
CA ILE FA 2 53.38 12.58 -8.18
C ILE FA 2 52.53 12.30 -6.95
N GLN FA 3 51.21 12.24 -7.11
CA GLN FA 3 50.29 12.01 -6.01
C GLN FA 3 48.96 11.61 -6.62
N THR FA 4 48.13 10.89 -5.87
CA THR FA 4 46.76 10.66 -6.29
C THR FA 4 46.03 11.98 -6.41
N GLN FA 5 45.13 12.04 -7.41
CA GLN FA 5 44.42 13.26 -7.82
C GLN FA 5 45.38 14.39 -8.14
N SER FA 6 46.25 14.15 -9.11
CA SER FA 6 47.14 15.16 -9.67
C SER FA 6 46.76 15.30 -11.13
N MET FA 7 46.14 16.42 -11.49
CA MET FA 7 45.86 16.70 -12.89
C MET FA 7 47.16 16.88 -13.66
N LEU FA 8 47.30 16.20 -14.78
CA LEU FA 8 48.45 16.33 -15.64
C LEU FA 8 48.03 16.01 -17.06
N ASP FA 9 48.64 16.67 -18.04
CA ASP FA 9 48.16 16.45 -19.39
C ASP FA 9 48.93 15.29 -20.01
N VAL FA 10 48.65 14.99 -21.27
CA VAL FA 10 49.34 13.91 -21.96
C VAL FA 10 50.24 14.50 -23.02
N ALA FA 11 51.28 13.75 -23.37
CA ALA FA 11 52.19 14.11 -24.45
C ALA FA 11 52.06 13.01 -25.50
N ASP FA 12 51.06 13.16 -26.36
CA ASP FA 12 50.66 12.11 -27.29
C ASP FA 12 49.69 12.73 -28.27
N ASN FA 13 49.57 12.13 -29.45
CA ASN FA 13 48.65 12.68 -30.43
C ASN FA 13 47.26 12.07 -30.36
N SER FA 14 47.15 10.75 -30.26
CA SER FA 14 45.85 10.11 -30.31
C SER FA 14 45.10 10.17 -29.01
N GLY FA 15 45.71 10.65 -27.95
CA GLY FA 15 45.11 10.59 -26.64
C GLY FA 15 44.07 11.66 -26.38
N ALA FA 16 43.87 11.93 -25.11
CA ALA FA 16 42.95 12.95 -24.62
C ALA FA 16 43.70 14.28 -24.52
N ARG FA 17 43.14 15.26 -23.83
CA ARG FA 17 43.91 16.43 -23.50
C ARG FA 17 44.41 16.42 -22.05
N ARG FA 18 43.57 16.05 -21.09
CA ARG FA 18 43.98 16.01 -19.69
C ARG FA 18 43.55 14.69 -19.08
N VAL FA 19 44.36 14.18 -18.16
CA VAL FA 19 44.05 12.99 -17.38
C VAL FA 19 44.29 13.32 -15.91
N MET FA 20 44.04 12.34 -15.04
CA MET FA 20 44.22 12.56 -13.61
C MET FA 20 44.69 11.27 -12.97
N CYS FA 21 45.69 11.39 -12.09
CA CYS FA 21 46.21 10.24 -11.38
C CYS FA 21 45.21 9.71 -10.37
N ILE FA 22 45.05 8.39 -10.32
CA ILE FA 22 44.25 7.78 -9.27
C ILE FA 22 45.00 6.76 -8.44
N LYS FA 23 46.09 6.18 -8.90
CA LYS FA 23 46.80 5.16 -8.13
C LYS FA 23 48.24 5.11 -8.59
N VAL FA 24 49.16 5.18 -7.64
CA VAL FA 24 50.58 5.06 -7.93
C VAL FA 24 50.96 3.59 -7.77
N LEU FA 25 51.28 2.93 -8.88
CA LEU FA 25 51.63 1.53 -8.85
C LEU FA 25 53.06 1.36 -8.34
N GLY FA 26 53.41 0.13 -8.04
CA GLY FA 26 54.70 -0.14 -7.43
C GLY FA 26 54.61 -0.95 -6.16
N GLY FA 27 54.94 -0.35 -5.03
CA GLY FA 27 55.04 -1.04 -3.77
C GLY FA 27 53.77 -1.01 -2.94
N SER FA 28 53.94 -0.98 -1.63
CA SER FA 28 52.81 -1.10 -0.71
C SER FA 28 51.98 0.18 -0.69
N HIS FA 29 52.61 1.29 -0.28
CA HIS FA 29 52.03 2.61 -0.54
C HIS FA 29 53.14 3.55 -0.99
N ARG FA 30 53.41 3.55 -2.29
CA ARG FA 30 54.26 4.57 -2.85
C ARG FA 30 53.51 5.88 -2.84
N ARG FA 31 54.01 6.86 -2.11
CA ARG FA 31 53.28 8.11 -2.03
C ARG FA 31 53.58 9.03 -3.21
N TYR FA 32 54.74 8.87 -3.85
CA TYR FA 32 55.15 9.78 -4.91
C TYR FA 32 55.64 8.97 -6.10
N ALA FA 33 55.63 9.61 -7.27
CA ALA FA 33 56.07 8.97 -8.50
C ALA FA 33 56.93 9.95 -9.27
N GLY FA 34 58.20 9.60 -9.48
CA GLY FA 34 59.11 10.42 -10.24
C GLY FA 34 59.01 10.16 -11.73
N ILE FA 35 60.00 10.64 -12.47
CA ILE FA 35 60.02 10.50 -13.92
C ILE FA 35 60.48 9.10 -14.28
N GLY FA 36 59.66 8.38 -15.03
CA GLY FA 36 59.96 7.03 -15.41
C GLY FA 36 59.20 5.97 -14.66
N ASP FA 37 58.01 6.28 -14.15
CA ASP FA 37 57.25 5.36 -13.32
C ASP FA 37 55.86 5.16 -13.90
N ILE FA 38 55.26 4.04 -13.55
CA ILE FA 38 53.94 3.67 -14.05
C ILE FA 38 52.88 4.15 -13.07
N ILE FA 39 51.93 4.93 -13.55
CA ILE FA 39 50.77 5.32 -12.76
C ILE FA 39 49.54 4.79 -13.45
N LYS FA 40 48.37 5.04 -12.90
CA LYS FA 40 47.12 4.63 -13.51
C LYS FA 40 46.19 5.83 -13.55
N VAL FA 41 45.71 6.16 -14.74
CA VAL FA 41 44.98 7.40 -14.94
C VAL FA 41 43.52 7.12 -15.27
N THR FA 42 42.70 8.12 -15.01
CA THR FA 42 41.38 8.23 -15.60
C THR FA 42 41.40 9.39 -16.59
N VAL FA 43 40.59 9.28 -17.64
CA VAL FA 43 40.56 10.29 -18.68
C VAL FA 43 39.51 11.33 -18.33
N LYS FA 44 39.95 12.57 -18.20
CA LYS FA 44 39.12 13.61 -17.62
C LYS FA 44 38.58 14.59 -18.65
N GLU FA 45 39.31 14.81 -19.75
CA GLU FA 45 38.88 15.79 -20.74
C GLU FA 45 39.49 15.37 -22.08
N ALA FA 46 38.68 14.76 -22.92
CA ALA FA 46 39.14 14.28 -24.22
C ALA FA 46 39.07 15.39 -25.27
N ILE FA 47 39.74 15.13 -26.38
CA ILE FA 47 39.69 15.95 -27.59
C ILE FA 47 38.36 15.59 -28.24
N PRO FA 48 37.72 16.48 -29.03
CA PRO FA 48 36.44 16.10 -29.67
C PRO FA 48 36.47 14.88 -30.56
N ARG FA 49 37.61 14.56 -31.17
CA ARG FA 49 37.79 13.22 -31.74
C ARG FA 49 39.27 12.86 -31.74
N GLY FA 50 39.60 11.82 -30.97
CA GLY FA 50 40.91 11.20 -31.00
C GLY FA 50 40.77 9.70 -31.14
N LYS FA 51 41.26 8.96 -30.16
CA LYS FA 51 41.00 7.53 -30.05
C LYS FA 51 40.37 7.15 -28.72
N VAL FA 52 40.79 7.81 -27.64
CA VAL FA 52 40.41 7.42 -26.29
C VAL FA 52 39.15 8.17 -25.89
N LYS FA 53 38.14 7.43 -25.43
CA LYS FA 53 36.91 8.02 -24.96
C LYS FA 53 37.12 8.70 -23.61
N LYS FA 54 36.15 9.53 -23.22
CA LYS FA 54 36.18 10.19 -21.93
C LYS FA 54 35.72 9.24 -20.83
N GLY FA 55 36.47 9.20 -19.74
CA GLY FA 55 36.09 8.39 -18.59
C GLY FA 55 36.44 6.94 -18.74
N GLN FA 56 37.74 6.63 -18.87
CA GLN FA 56 38.19 5.26 -19.08
C GLN FA 56 39.48 5.05 -18.31
N VAL FA 57 39.56 3.94 -17.57
CA VAL FA 57 40.76 3.63 -16.81
C VAL FA 57 41.86 3.17 -17.76
N MET FA 58 42.98 3.88 -17.77
CA MET FA 58 44.11 3.52 -18.62
C MET FA 58 45.38 3.40 -17.79
N THR FA 59 46.53 3.31 -18.44
CA THR FA 59 47.80 3.15 -17.77
C THR FA 59 48.82 4.02 -18.48
N ALA FA 60 49.64 4.75 -17.71
CA ALA FA 60 50.54 5.72 -18.31
C ALA FA 60 51.87 5.71 -17.61
N VAL FA 61 52.87 6.28 -18.29
CA VAL FA 61 54.20 6.49 -17.75
C VAL FA 61 54.40 7.99 -17.63
N VAL FA 62 55.22 8.42 -16.67
CA VAL FA 62 55.42 9.83 -16.37
C VAL FA 62 56.73 10.27 -17.01
N VAL FA 63 56.70 11.38 -17.72
CA VAL FA 63 57.83 11.78 -18.55
C VAL FA 63 58.34 13.20 -18.27
N ARG FA 64 57.54 14.10 -17.69
CA ARG FA 64 57.98 15.45 -17.37
C ARG FA 64 57.32 15.89 -16.07
N THR FA 65 58.06 16.62 -15.24
CA THR FA 65 57.47 17.17 -14.02
C THR FA 65 58.19 18.44 -13.62
N LYS FA 66 57.50 19.28 -12.84
CA LYS FA 66 58.12 20.48 -12.29
C LYS FA 66 59.04 20.20 -11.12
N HIS FA 67 59.05 19.00 -10.56
CA HIS FA 67 59.98 18.77 -9.46
C HIS FA 67 61.36 18.42 -9.97
N GLY FA 68 61.44 17.83 -11.14
CA GLY FA 68 62.71 17.61 -11.79
C GLY FA 68 63.22 16.19 -11.62
N VAL FA 69 64.25 15.88 -12.39
CA VAL FA 69 64.99 14.63 -12.25
C VAL FA 69 66.42 14.98 -11.88
N ARG FA 70 66.99 14.18 -11.00
CA ARG FA 70 68.30 14.46 -10.42
C ARG FA 70 69.27 13.37 -10.85
N ARG FA 71 70.46 13.78 -11.23
CA ARG FA 71 71.47 12.85 -11.72
C ARG FA 71 72.58 12.72 -10.69
N THR FA 72 73.57 11.90 -11.03
CA THR FA 72 74.70 11.64 -10.12
C THR FA 72 75.72 12.76 -10.34
N ASP FA 73 75.32 13.93 -9.86
CA ASP FA 73 75.98 15.21 -9.98
C ASP FA 73 75.08 16.15 -9.18
N GLY FA 74 75.41 17.42 -9.09
CA GLY FA 74 74.44 18.35 -8.58
C GLY FA 74 73.71 19.05 -9.70
N SER FA 75 73.36 18.31 -10.75
CA SER FA 75 72.84 18.89 -11.98
C SER FA 75 71.45 18.29 -12.25
N ILE FA 76 70.42 19.13 -12.19
CA ILE FA 76 69.05 18.66 -12.34
C ILE FA 76 68.38 19.35 -13.53
N ILE FA 77 67.53 18.61 -14.24
CA ILE FA 77 66.68 19.17 -15.28
C ILE FA 77 65.31 19.39 -14.70
N ARG FA 78 64.75 20.59 -14.85
CA ARG FA 78 63.49 20.92 -14.22
C ARG FA 78 62.59 21.64 -15.22
N PHE FA 79 61.48 21.01 -15.60
CA PHE FA 79 60.57 21.52 -16.61
C PHE FA 79 59.56 22.47 -15.96
N ASP FA 80 58.51 22.82 -16.68
CA ASP FA 80 57.39 23.58 -16.13
C ASP FA 80 56.09 23.02 -16.72
N GLY FA 81 55.52 22.07 -16.01
CA GLY FA 81 54.34 21.36 -16.49
C GLY FA 81 54.59 19.89 -16.27
N ASN FA 82 53.52 19.16 -16.03
CA ASN FA 82 53.57 17.73 -15.84
C ASN FA 82 53.08 17.08 -17.12
N ALA FA 83 53.52 15.85 -17.39
CA ALA FA 83 53.21 15.24 -18.67
C ALA FA 83 53.30 13.74 -18.56
N ALA FA 84 52.34 13.05 -19.18
CA ALA FA 84 52.31 11.59 -19.18
C ALA FA 84 52.15 11.08 -20.61
N VAL FA 85 52.43 9.81 -20.79
CA VAL FA 85 52.27 9.13 -22.07
C VAL FA 85 51.50 7.85 -21.82
N LEU FA 86 50.35 7.72 -22.47
CA LEU FA 86 49.48 6.57 -22.26
C LEU FA 86 50.09 5.30 -22.82
N LEU FA 87 49.68 4.17 -22.24
CA LEU FA 87 50.13 2.86 -22.65
C LEU FA 87 48.93 1.99 -23.01
N ASN FA 88 49.22 0.83 -23.58
CA ASN FA 88 48.21 -0.19 -23.82
C ASN FA 88 48.14 -1.13 -22.63
N ASN FA 89 47.51 -2.29 -22.83
CA ASN FA 89 47.52 -3.33 -21.81
C ASN FA 89 48.93 -3.84 -21.59
N LYS FA 90 49.63 -4.17 -22.67
CA LYS FA 90 51.07 -4.31 -22.61
C LYS FA 90 51.67 -2.91 -22.68
N GLN FA 91 52.91 -2.76 -22.21
CA GLN FA 91 53.47 -1.43 -22.07
C GLN FA 91 54.04 -0.85 -23.37
N GLU FA 92 53.24 -0.88 -24.44
CA GLU FA 92 53.60 -0.11 -25.62
C GLU FA 92 52.65 1.08 -25.70
N PRO FA 93 53.07 2.19 -26.29
CA PRO FA 93 52.21 3.37 -26.33
C PRO FA 93 51.06 3.21 -27.31
N ILE FA 94 50.12 4.13 -27.22
CA ILE FA 94 48.95 4.13 -28.10
C ILE FA 94 49.19 4.97 -29.33
N GLY FA 95 49.67 6.20 -29.15
CA GLY FA 95 49.76 7.14 -30.24
C GLY FA 95 50.93 6.90 -31.16
N THR FA 96 51.22 7.93 -31.96
CA THR FA 96 52.33 7.92 -32.90
C THR FA 96 53.38 8.97 -32.59
N ARG FA 97 52.96 10.23 -32.45
CA ARG FA 97 53.87 11.35 -32.32
C ARG FA 97 53.83 11.90 -30.90
N ILE FA 98 55.00 12.09 -30.31
CA ILE FA 98 55.15 12.62 -28.97
C ILE FA 98 55.49 14.10 -29.07
N PHE FA 99 54.89 14.91 -28.22
CA PHE FA 99 55.04 16.35 -28.29
C PHE FA 99 56.05 16.80 -27.24
N GLY FA 100 56.88 17.76 -27.61
CA GLY FA 100 57.83 18.35 -26.68
C GLY FA 100 59.00 17.46 -26.34
N PRO FA 101 59.89 17.94 -25.48
CA PRO FA 101 61.07 17.16 -25.11
C PRO FA 101 60.75 16.05 -24.12
N VAL FA 102 61.68 15.12 -24.03
CA VAL FA 102 61.68 14.10 -22.99
C VAL FA 102 63.06 14.16 -22.36
N THR FA 103 63.34 13.29 -21.41
CA THR FA 103 64.68 13.15 -20.88
C THR FA 103 65.28 11.82 -21.32
N ARG FA 104 66.61 11.76 -21.26
CA ARG FA 104 67.33 10.52 -21.54
C ARG FA 104 67.46 9.64 -20.32
N GLU FA 105 66.95 10.08 -19.18
CA GLU FA 105 66.97 9.26 -17.97
C GLU FA 105 65.97 8.12 -18.06
N LEU FA 106 64.97 8.24 -18.94
CA LEU FA 106 63.89 7.29 -19.03
C LEU FA 106 64.27 6.01 -19.76
N ARG FA 107 65.31 6.03 -20.60
CA ARG FA 107 65.51 4.97 -21.57
C ARG FA 107 66.03 3.69 -20.91
N THR FA 108 65.15 2.70 -20.83
CA THR FA 108 65.49 1.34 -20.42
C THR FA 108 65.11 0.43 -21.57
N GLU FA 109 65.19 -0.89 -21.35
CA GLU FA 109 64.96 -1.85 -22.43
C GLU FA 109 63.52 -1.83 -22.91
N LYS FA 110 62.56 -1.70 -21.99
CA LYS FA 110 61.17 -1.70 -22.37
C LYS FA 110 60.70 -0.37 -22.92
N PHE FA 111 61.50 0.68 -22.78
CA PHE FA 111 61.14 2.03 -23.20
C PHE FA 111 62.07 2.55 -24.28
N MET FA 112 62.51 1.68 -25.18
CA MET FA 112 63.25 2.15 -26.34
C MET FA 112 62.35 2.63 -27.45
N LYS FA 113 61.03 2.46 -27.31
CA LYS FA 113 60.10 2.95 -28.33
C LYS FA 113 59.93 4.45 -28.23
N ILE FA 114 59.51 4.96 -27.06
CA ILE FA 114 59.08 6.35 -27.00
C ILE FA 114 60.26 7.30 -26.98
N VAL FA 115 61.46 6.83 -26.63
CA VAL FA 115 62.64 7.69 -26.69
C VAL FA 115 62.99 7.97 -28.15
N SER FA 116 62.84 6.98 -29.02
CA SER FA 116 63.12 7.19 -30.44
C SER FA 116 62.07 8.07 -31.13
N LEU FA 117 60.84 8.09 -30.62
CA LEU FA 117 59.78 8.84 -31.28
C LEU FA 117 59.67 10.28 -30.82
N ALA FA 118 60.63 10.79 -30.04
CA ALA FA 118 60.38 12.14 -29.56
C ALA FA 118 61.53 13.07 -29.90
N PRO FA 119 61.25 14.32 -30.24
CA PRO FA 119 62.34 15.28 -30.45
C PRO FA 119 62.89 15.81 -29.15
N GLU FA 120 64.07 15.35 -28.73
CA GLU FA 120 64.61 15.80 -27.47
C GLU FA 120 65.36 17.11 -27.63
N GLN GA 1 17.98 14.96 113.36
CA GLN GA 1 19.03 15.52 112.52
C GLN GA 1 18.63 15.49 111.05
N LEU GA 2 18.62 16.65 110.40
CA LEU GA 2 18.39 16.68 108.96
C LEU GA 2 19.55 16.12 108.16
N ASN GA 3 20.71 15.96 108.79
CA ASN GA 3 21.88 15.34 108.19
C ASN GA 3 21.86 13.82 108.32
N ASP GA 4 20.73 13.25 108.75
CA ASP GA 4 20.66 11.83 109.09
C ASP GA 4 19.66 11.06 108.23
N LEU GA 5 18.43 11.54 108.13
CA LEU GA 5 17.32 10.65 107.80
C LEU GA 5 17.16 10.47 106.29
N ARG GA 6 16.76 9.25 105.92
CA ARG GA 6 16.50 8.91 104.53
C ARG GA 6 15.39 7.87 104.49
N SER GA 7 14.80 7.69 103.31
CA SER GA 7 13.61 6.88 103.18
C SER GA 7 13.95 5.38 103.21
N ALA GA 8 12.94 4.56 103.00
CA ALA GA 8 13.05 3.11 103.05
C ALA GA 8 13.76 2.60 101.80
N PRO GA 9 14.40 1.43 101.87
CA PRO GA 9 15.04 0.86 100.67
C PRO GA 9 14.00 0.36 99.68
N GLY GA 10 13.99 0.98 98.51
CA GLY GA 10 13.05 0.64 97.45
C GLY GA 10 11.97 1.67 97.23
N ALA GA 11 11.78 2.60 98.16
CA ALA GA 11 10.70 3.57 98.04
C ALA GA 11 10.99 4.60 96.96
N ARG GA 12 12.25 4.90 96.70
CA ARG GA 12 12.64 5.84 95.67
C ARG GA 12 13.46 5.13 94.60
N ARG GA 13 13.20 5.46 93.35
CA ARG GA 13 14.02 5.03 92.23
C ARG GA 13 14.57 6.26 91.51
N GLU GA 14 15.25 6.05 90.39
CA GLU GA 14 16.12 7.11 89.90
C GLU GA 14 15.99 7.43 88.41
N LYS GA 15 14.87 7.03 87.76
CA LYS GA 15 14.44 7.57 86.46
C LYS GA 15 15.46 7.37 85.34
N HIS GA 16 15.58 6.15 84.80
CA HIS GA 16 16.61 5.86 83.80
C HIS GA 16 16.52 6.76 82.56
N ARG GA 17 17.66 7.35 82.20
CA ARG GA 17 17.74 8.32 81.12
C ARG GA 17 18.15 7.60 79.84
N PRO GA 18 17.31 7.54 78.82
CA PRO GA 18 17.71 6.91 77.57
C PRO GA 18 18.57 7.84 76.73
N GLY GA 19 19.65 7.28 76.19
CA GLY GA 19 20.46 8.02 75.26
C GLY GA 19 21.79 8.50 75.78
N ARG GA 20 22.35 7.81 76.77
CA ARG GA 20 23.62 8.21 77.39
C ARG GA 20 24.52 6.99 77.49
N GLY GA 21 25.66 7.06 76.84
CA GLY GA 21 26.66 6.02 76.97
C GLY GA 21 26.32 4.76 76.21
N ILE GA 22 27.16 3.74 76.42
CA ILE GA 22 26.87 2.39 75.98
C ILE GA 22 26.81 1.41 77.13
N GLY GA 23 27.39 1.72 78.29
CA GLY GA 23 27.33 0.81 79.41
C GLY GA 23 26.02 0.80 80.15
N SER GA 24 25.24 1.88 80.04
CA SER GA 24 24.01 1.97 80.82
C SER GA 24 22.90 1.04 80.32
N GLY GA 25 22.98 0.60 79.07
CA GLY GA 25 22.01 -0.30 78.51
C GLY GA 25 21.03 0.35 77.55
N LEU GA 26 20.72 1.63 77.75
CA LEU GA 26 19.74 2.33 76.93
C LEU GA 26 20.40 3.26 75.92
N GLY GA 27 21.64 3.00 75.55
CA GLY GA 27 22.36 3.92 74.71
C GLY GA 27 21.99 3.78 73.24
N LYS GA 28 21.94 4.94 72.57
CA LYS GA 28 21.87 5.15 71.13
C LYS GA 28 20.50 4.82 70.57
N THR GA 29 19.63 4.17 71.29
CA THR GA 29 18.28 4.10 70.74
C THR GA 29 17.21 4.42 71.76
N GLY GA 30 17.39 3.98 73.00
CA GLY GA 30 16.42 4.27 74.03
C GLY GA 30 15.32 3.23 74.17
N GLY GA 31 15.56 2.01 73.72
CA GLY GA 31 14.55 0.97 73.86
C GLY GA 31 13.50 0.99 72.78
N ARG GA 32 13.75 1.65 71.67
CA ARG GA 32 12.77 1.75 70.60
C ARG GA 32 13.01 0.73 69.50
N GLY GA 33 14.26 0.54 69.08
CA GLY GA 33 14.57 -0.51 68.13
C GLY GA 33 15.30 -0.01 66.91
N HIS GA 34 14.64 -0.13 65.76
CA HIS GA 34 15.14 0.40 64.50
C HIS GA 34 13.95 1.00 63.77
N LYS GA 35 14.12 1.22 62.46
CA LYS GA 35 13.22 2.03 61.64
C LYS GA 35 11.78 1.56 61.70
N GLY GA 36 10.87 2.49 61.57
CA GLY GA 36 9.45 2.19 61.55
C GLY GA 36 8.68 3.30 62.21
N LEU GA 37 7.41 3.01 62.49
CA LEU GA 37 6.54 4.04 63.05
C LEU GA 37 6.79 4.24 64.53
N THR GA 38 6.89 3.15 65.30
CA THR GA 38 7.10 3.26 66.74
C THR GA 38 8.57 3.41 67.08
N SER GA 39 9.22 4.34 66.39
CA SER GA 39 10.63 4.65 66.54
C SER GA 39 10.91 6.12 66.32
N ARG GA 40 9.89 6.93 66.11
CA ARG GA 40 10.04 8.29 65.64
C ARG GA 40 9.30 9.22 66.60
N SER GA 41 9.46 10.51 66.40
CA SER GA 41 8.82 11.49 67.26
C SER GA 41 7.32 11.49 67.00
N GLY GA 42 6.55 11.09 68.01
CA GLY GA 42 5.13 10.98 67.83
C GLY GA 42 4.73 9.73 67.07
N GLY GA 43 5.38 8.61 67.35
CA GLY GA 43 4.97 7.35 66.79
C GLY GA 43 3.85 6.75 67.61
N LYS GA 44 2.66 7.33 67.50
CA LYS GA 44 1.52 6.91 68.28
C LYS GA 44 0.53 6.22 67.35
N VAL GA 45 0.43 4.90 67.48
CA VAL GA 45 -0.67 4.18 66.86
C VAL GA 45 -1.95 4.63 67.54
N ALA GA 46 -2.99 4.89 66.74
CA ALA GA 46 -4.27 5.33 67.27
C ALA GA 46 -4.89 4.21 68.10
N PRO GA 47 -5.53 4.53 69.22
CA PRO GA 47 -6.09 3.48 70.10
C PRO GA 47 -7.32 2.85 69.48
N GLY GA 48 -7.24 1.55 69.23
CA GLY GA 48 -8.29 0.81 68.58
C GLY GA 48 -7.97 0.43 67.16
N PHE GA 49 -6.99 1.08 66.55
CA PHE GA 49 -6.62 0.82 65.17
C PHE GA 49 -5.90 -0.51 65.05
N GLU GA 50 -6.26 -1.28 64.02
CA GLU GA 50 -5.71 -2.61 63.85
C GLU GA 50 -4.66 -2.67 62.76
N GLY GA 51 -4.81 -1.90 61.70
CA GLY GA 51 -3.88 -2.02 60.59
C GLY GA 51 -4.63 -1.98 59.28
N GLY GA 52 -5.95 -2.13 59.35
CA GLY GA 52 -6.76 -2.09 58.15
C GLY GA 52 -7.88 -3.10 58.17
N GLN GA 53 -7.76 -4.11 59.02
CA GLN GA 53 -8.86 -5.02 59.28
C GLN GA 53 -9.95 -4.27 60.02
N GLN GA 54 -11.18 -4.72 59.85
CA GLN GA 54 -12.31 -4.04 60.45
C GLN GA 54 -12.27 -4.25 61.97
N PRO GA 55 -12.17 -3.20 62.77
CA PRO GA 55 -11.92 -3.36 64.21
C PRO GA 55 -13.13 -3.92 64.94
N LEU GA 56 -12.92 -4.26 66.21
CA LEU GA 56 -13.98 -4.86 67.02
C LEU GA 56 -15.14 -3.92 67.23
N HIS GA 57 -14.87 -2.66 67.52
CA HIS GA 57 -15.95 -1.73 67.81
C HIS GA 57 -16.63 -1.18 66.56
N ARG GA 58 -16.42 -1.80 65.40
CA ARG GA 58 -17.20 -1.52 64.20
C ARG GA 58 -17.63 -2.81 63.52
N ARG GA 59 -17.69 -3.91 64.25
CA ARG GA 59 -18.26 -5.15 63.75
C ARG GA 59 -19.42 -5.67 64.58
N LEU GA 60 -19.62 -5.16 65.77
CA LEU GA 60 -20.63 -5.77 66.62
C LEU GA 60 -21.81 -4.83 66.77
N PRO GA 61 -23.01 -5.34 67.01
CA PRO GA 61 -24.19 -4.48 67.03
C PRO GA 61 -24.36 -3.71 68.33
N LYS GA 62 -25.01 -2.55 68.20
CA LYS GA 62 -25.41 -1.73 69.33
C LYS GA 62 -26.61 -2.36 70.03
N PHE GA 63 -26.55 -2.50 71.35
CA PHE GA 63 -27.49 -3.40 72.02
C PHE GA 63 -28.13 -2.83 73.29
N GLY GA 64 -28.68 -1.62 73.23
CA GLY GA 64 -29.53 -1.22 74.33
C GLY GA 64 -29.96 0.23 74.24
N PHE GA 65 -30.61 0.66 75.32
CA PHE GA 65 -30.86 2.07 75.58
C PHE GA 65 -30.58 2.32 77.05
N VAL GA 66 -30.62 3.57 77.45
CA VAL GA 66 -30.27 3.98 78.81
C VAL GA 66 -31.53 4.44 79.51
N SER GA 67 -31.79 3.88 80.69
CA SER GA 67 -32.96 4.24 81.47
C SER GA 67 -32.73 5.56 82.18
N LEU GA 68 -33.56 6.55 81.87
CA LEU GA 68 -33.60 7.75 82.70
C LEU GA 68 -34.48 7.58 83.92
N LYS GA 69 -35.17 6.45 84.02
CA LYS GA 69 -35.92 6.12 85.22
C LYS GA 69 -35.00 5.88 86.41
N ALA GA 70 -33.90 5.16 86.20
CA ALA GA 70 -32.96 4.85 87.27
C ALA GA 70 -31.80 5.84 87.33
N MET GA 71 -32.12 7.13 87.33
CA MET GA 71 -31.18 8.18 87.68
C MET GA 71 -31.46 8.71 89.08
N ASP GA 72 -32.31 8.02 89.83
CA ASP GA 72 -32.85 8.47 91.09
C ASP GA 72 -32.82 7.32 92.09
N ARG GA 73 -32.13 6.24 91.77
CA ARG GA 73 -32.11 5.03 92.56
C ARG GA 73 -30.87 5.00 93.45
N ALA GA 74 -31.05 4.50 94.66
CA ALA GA 74 -29.92 4.06 95.47
C ALA GA 74 -30.41 2.91 96.33
N GLU GA 75 -29.50 2.32 97.09
CA GLU GA 75 -29.87 1.24 97.98
C GLU GA 75 -28.93 1.22 99.17
N VAL GA 76 -29.46 0.80 100.31
CA VAL GA 76 -28.75 0.81 101.58
C VAL GA 76 -28.65 -0.62 102.08
N ARG GA 77 -27.45 -1.04 102.44
CA ARG GA 77 -27.26 -2.33 103.06
C ARG GA 77 -27.85 -2.32 104.47
N THR GA 78 -28.28 -3.51 104.92
CA THR GA 78 -28.92 -3.64 106.23
C THR GA 78 -27.94 -3.32 107.35
N SER GA 79 -26.65 -3.59 107.13
CA SER GA 79 -25.63 -3.31 108.14
C SER GA 79 -25.43 -1.82 108.38
N GLU GA 80 -25.76 -0.98 107.42
CA GLU GA 80 -25.58 0.45 107.54
C GLU GA 80 -26.76 1.17 108.17
N LEU GA 81 -27.77 0.43 108.64
CA LEU GA 81 -28.89 1.08 109.31
C LEU GA 81 -28.52 1.52 110.72
N ALA GA 82 -27.46 0.96 111.29
CA ALA GA 82 -26.97 1.40 112.59
C ALA GA 82 -26.10 2.65 112.50
N LYS GA 83 -25.86 3.17 111.30
CA LYS GA 83 -24.96 4.30 111.10
C LYS GA 83 -25.69 5.64 111.11
N VAL GA 84 -26.98 5.65 111.43
CA VAL GA 84 -27.72 6.89 111.55
C VAL GA 84 -28.04 7.13 113.02
N GLU GA 85 -28.47 8.35 113.31
CA GLU GA 85 -28.92 8.74 114.63
C GLU GA 85 -30.45 8.75 114.70
N GLY GA 86 -30.96 8.86 115.92
CA GLY GA 86 -32.37 9.15 116.13
C GLY GA 86 -33.34 8.01 115.94
N ASP GA 87 -32.89 6.90 115.34
CA ASP GA 87 -33.66 5.65 115.16
C ASP GA 87 -34.94 5.85 114.36
N VAL GA 88 -34.96 6.86 113.48
CA VAL GA 88 -36.03 7.08 112.53
C VAL GA 88 -35.36 7.22 111.18
N VAL GA 89 -35.39 6.16 110.38
CA VAL GA 89 -34.65 6.15 109.11
C VAL GA 89 -35.60 6.74 108.07
N SER GA 90 -35.61 8.06 108.02
CA SER GA 90 -36.45 8.78 107.06
C SER GA 90 -35.72 8.85 105.72
N LEU GA 91 -36.23 9.66 104.80
CA LEU GA 91 -35.47 9.88 103.57
C LEU GA 91 -34.40 10.93 103.76
N GLN GA 92 -34.70 11.99 104.52
CA GLN GA 92 -33.71 13.02 104.79
C GLN GA 92 -32.68 12.60 105.84
N THR GA 93 -33.00 11.58 106.64
CA THR GA 93 -32.06 11.14 107.67
C THR GA 93 -30.85 10.46 107.05
N LEU GA 94 -31.05 9.73 105.95
CA LEU GA 94 -29.93 9.14 105.24
C LEU GA 94 -29.13 10.17 104.46
N LYS GA 95 -29.73 11.31 104.12
CA LYS GA 95 -28.96 12.42 103.57
C LYS GA 95 -28.28 13.25 104.63
N ASP GA 96 -28.72 13.14 105.89
CA ASP GA 96 -28.06 13.84 106.98
C ASP GA 96 -26.68 13.25 107.22
N ALA GA 97 -26.61 11.93 107.34
CA ALA GA 97 -25.35 11.24 107.21
C ALA GA 97 -24.93 11.20 105.75
N ASN GA 98 -23.68 10.80 105.50
CA ASN GA 98 -23.16 10.73 104.14
C ASN GA 98 -23.37 9.36 103.51
N LEU GA 99 -24.39 8.62 103.94
CA LEU GA 99 -24.62 7.27 103.41
C LEU GA 99 -25.31 7.28 102.07
N ILE GA 100 -25.79 8.43 101.61
CA ILE GA 100 -26.52 8.48 100.36
C ILE GA 100 -26.21 9.82 99.70
N ASN GA 101 -26.35 9.85 98.38
CA ASN GA 101 -26.12 11.11 97.70
C ASN GA 101 -27.30 12.04 97.88
N GLN GA 102 -27.11 13.28 97.43
CA GLN GA 102 -28.23 14.17 97.22
C GLN GA 102 -29.00 13.71 95.99
N HIS GA 103 -30.12 14.40 95.71
CA HIS GA 103 -31.04 14.14 94.58
C HIS GA 103 -31.38 12.65 94.39
N VAL GA 104 -31.60 11.95 95.50
CA VAL GA 104 -31.98 10.55 95.47
C VAL GA 104 -33.33 10.42 96.16
N GLN GA 105 -34.30 9.84 95.47
CA GLN GA 105 -35.65 9.74 96.00
C GLN GA 105 -36.02 8.32 96.42
N ARG GA 106 -35.97 7.35 95.50
CA ARG GA 106 -36.41 5.99 95.81
C ARG GA 106 -35.24 5.16 96.32
N VAL GA 107 -35.41 4.58 97.50
CA VAL GA 107 -34.35 3.85 98.20
C VAL GA 107 -34.88 2.50 98.61
N LYS GA 108 -34.07 1.45 98.44
CA LYS GA 108 -34.37 0.13 98.97
C LYS GA 108 -33.44 -0.20 100.12
N VAL GA 109 -33.71 -1.35 100.76
CA VAL GA 109 -32.82 -1.94 101.76
C VAL GA 109 -32.72 -3.43 101.47
N MET GA 110 -31.51 -3.93 101.26
CA MET GA 110 -31.30 -5.35 101.01
C MET GA 110 -30.50 -5.96 102.15
N LEU GA 111 -30.41 -7.29 102.15
CA LEU GA 111 -29.80 -8.03 103.24
C LEU GA 111 -28.29 -8.12 103.03
N SER GA 112 -27.54 -7.47 103.91
CA SER GA 112 -26.08 -7.53 103.83
C SER GA 112 -25.44 -7.61 105.22
N GLY GA 113 -26.13 -8.22 106.17
CA GLY GA 113 -25.58 -8.43 107.49
C GLY GA 113 -26.57 -8.10 108.57
N GLU GA 114 -26.09 -7.99 109.80
CA GLU GA 114 -26.94 -7.75 110.94
C GLU GA 114 -27.22 -6.26 111.09
N VAL GA 115 -28.40 -5.94 111.61
CA VAL GA 115 -28.86 -4.55 111.62
C VAL GA 115 -28.14 -3.73 112.69
N GLY GA 116 -28.07 -4.24 113.92
CA GLY GA 116 -27.31 -3.56 114.97
C GLY GA 116 -28.12 -2.99 116.11
N ARG GA 117 -29.26 -2.38 115.81
CA ARG GA 117 -30.02 -1.64 116.81
C ARG GA 117 -31.49 -1.75 116.47
N ALA GA 118 -32.32 -0.90 117.07
CA ALA GA 118 -33.77 -0.92 116.86
C ALA GA 118 -34.17 0.39 116.20
N VAL GA 119 -34.56 0.31 114.93
CA VAL GA 119 -34.88 1.49 114.15
C VAL GA 119 -36.33 1.43 113.69
N THR GA 120 -36.77 2.45 112.95
CA THR GA 120 -38.10 2.45 112.34
C THR GA 120 -37.96 3.00 110.92
N LEU GA 121 -37.99 2.09 109.95
CA LEU GA 121 -37.94 2.49 108.56
C LEU GA 121 -39.26 3.14 108.15
N LYS GA 122 -39.17 4.23 107.40
CA LYS GA 122 -40.34 4.85 106.83
C LYS GA 122 -39.92 5.65 105.59
N GLY GA 123 -40.75 5.58 104.56
CA GLY GA 123 -40.44 6.19 103.29
C GLY GA 123 -39.60 5.35 102.35
N ILE GA 124 -39.04 4.24 102.84
CA ILE GA 124 -38.17 3.38 102.04
C ILE GA 124 -38.70 1.96 102.10
N ALA GA 125 -38.44 1.19 101.05
CA ALA GA 125 -39.07 -0.10 100.83
C ALA GA 125 -38.00 -1.17 100.75
N ALA GA 126 -37.96 -2.07 101.73
CA ALA GA 126 -36.95 -3.11 101.78
C ALA GA 126 -37.37 -4.32 100.95
N THR GA 127 -36.42 -5.23 100.77
CA THR GA 127 -36.65 -6.45 100.00
C THR GA 127 -37.39 -7.48 100.85
N LYS GA 128 -37.43 -8.72 100.38
CA LYS GA 128 -38.07 -9.78 101.13
C LYS GA 128 -37.24 -10.21 102.32
N GLY GA 129 -35.92 -10.34 102.14
CA GLY GA 129 -35.09 -10.79 103.24
C GLY GA 129 -34.80 -9.73 104.28
N ALA GA 130 -34.73 -8.46 103.87
CA ALA GA 130 -34.45 -7.40 104.83
C ALA GA 130 -35.63 -7.14 105.73
N ARG GA 131 -36.85 -7.26 105.20
CA ARG GA 131 -38.04 -7.06 105.99
C ARG GA 131 -38.24 -8.20 106.98
N ALA GA 132 -37.74 -9.39 106.65
CA ALA GA 132 -37.75 -10.51 107.58
C ALA GA 132 -36.67 -10.42 108.64
N ALA GA 133 -35.73 -9.48 108.51
CA ALA GA 133 -34.72 -9.26 109.54
C ALA GA 133 -35.11 -8.15 110.50
N ILE GA 134 -35.61 -7.03 109.98
CA ILE GA 134 -35.90 -5.87 110.81
C ILE GA 134 -37.12 -6.11 111.68
N GLU GA 135 -38.18 -6.71 111.10
CA GLU GA 135 -39.37 -7.04 111.87
C GLU GA 135 -39.13 -8.16 112.87
N ALA GA 136 -38.07 -8.95 112.68
CA ALA GA 136 -37.74 -10.00 113.64
C ALA GA 136 -36.76 -9.52 114.70
N ALA GA 137 -35.80 -8.69 114.32
CA ALA GA 137 -34.79 -8.21 115.28
C ALA GA 137 -35.17 -6.86 115.88
N GLY GA 138 -36.38 -6.77 116.42
CA GLY GA 138 -36.74 -5.65 117.28
C GLY GA 138 -36.95 -4.32 116.61
N GLY GA 139 -37.28 -4.29 115.33
CA GLY GA 139 -37.57 -3.07 114.63
C GLY GA 139 -39.04 -2.96 114.25
N LYS GA 140 -39.31 -2.00 113.36
CA LYS GA 140 -40.67 -1.76 112.91
C LYS GA 140 -40.62 -1.11 111.54
N PHE GA 141 -41.50 -1.55 110.64
CA PHE GA 141 -41.55 -1.10 109.25
C PHE GA 141 -42.89 -0.45 109.00
N GLU GA 142 -42.94 0.87 109.13
CA GLU GA 142 -44.13 1.67 108.83
C GLU GA 142 -43.80 2.62 107.69
N ASP GA 143 -44.72 3.54 107.42
CA ASP GA 143 -44.50 4.50 106.34
C ASP GA 143 -44.52 5.93 106.86
N MET HA 1 8.26 -40.49 15.91
CA MET HA 1 9.01 -41.62 16.47
C MET HA 1 8.16 -42.40 17.46
N LEU HA 2 8.83 -43.10 18.37
CA LEU HA 2 8.11 -43.88 19.38
C LEU HA 2 7.57 -42.95 20.45
N GLN HA 3 6.25 -42.93 20.60
CA GLN HA 3 5.55 -42.12 21.58
C GLN HA 3 4.14 -42.66 21.71
N PRO HA 4 3.47 -42.43 22.84
CA PRO HA 4 2.10 -42.92 23.00
C PRO HA 4 1.13 -42.27 22.04
N LYS HA 5 0.04 -43.00 21.76
CA LYS HA 5 -0.99 -42.51 20.86
C LYS HA 5 -1.77 -41.37 21.51
N ARG HA 6 -2.29 -41.61 22.71
CA ARG HA 6 -2.98 -40.61 23.48
C ARG HA 6 -2.55 -40.76 24.93
N THR HA 7 -2.65 -39.66 25.68
CA THR HA 7 -2.11 -39.64 27.02
C THR HA 7 -3.18 -39.10 27.95
N LYS HA 8 -3.26 -39.68 29.16
CA LYS HA 8 -4.22 -39.24 30.15
C LYS HA 8 -3.87 -37.85 30.69
N PHE HA 9 -2.59 -37.46 30.64
CA PHE HA 9 -2.22 -36.09 31.00
C PHE HA 9 -1.33 -35.48 29.93
N ARG HA 10 -0.73 -34.34 30.22
CA ARG HA 10 0.08 -33.67 29.20
C ARG HA 10 1.52 -33.45 29.62
N LYS HA 11 1.76 -33.14 30.88
CA LYS HA 11 3.09 -32.85 31.38
C LYS HA 11 3.33 -33.62 32.67
N GLN HA 12 4.61 -33.78 33.02
CA GLN HA 12 4.97 -34.69 34.09
C GLN HA 12 6.15 -34.10 34.85
N MET HA 13 6.32 -34.57 36.09
CA MET HA 13 7.42 -34.14 36.95
C MET HA 13 8.76 -34.61 36.40
N THR HA 14 9.82 -34.27 37.12
CA THR HA 14 11.15 -34.74 36.75
C THR HA 14 11.49 -36.03 37.48
N GLY HA 15 11.45 -36.00 38.80
CA GLY HA 15 11.75 -37.20 39.57
C GLY HA 15 13.24 -37.46 39.60
N HIS HA 16 13.60 -38.72 39.88
CA HIS HA 16 14.99 -39.13 39.91
C HIS HA 16 15.14 -40.45 39.19
N ASN HA 17 16.38 -40.90 39.10
CA ASN HA 17 16.75 -42.11 38.38
C ASN HA 17 17.64 -42.93 39.32
N ARG HA 18 17.01 -43.72 40.18
CA ARG HA 18 17.72 -44.42 41.23
C ARG HA 18 17.58 -45.93 41.08
N GLY HA 19 18.44 -46.65 41.79
CA GLY HA 19 18.35 -48.09 41.85
C GLY HA 19 18.99 -48.78 40.66
N LEU HA 20 19.12 -50.09 40.77
CA LEU HA 20 19.53 -50.93 39.66
C LEU HA 20 18.30 -51.42 38.93
N ALA HA 21 18.47 -52.39 38.03
CA ALA HA 21 17.35 -52.95 37.28
C ALA HA 21 17.32 -54.45 37.50
N HIS HA 22 16.36 -54.92 38.29
CA HIS HA 22 16.25 -56.35 38.56
C HIS HA 22 15.32 -57.04 37.59
N ARG HA 23 14.25 -56.36 37.16
CA ARG HA 23 13.37 -56.87 36.12
C ARG HA 23 13.60 -56.03 34.87
N GLY HA 24 14.02 -56.70 33.81
CA GLY HA 24 14.52 -56.04 32.61
C GLY HA 24 15.93 -56.41 32.28
N SER HA 25 16.61 -57.16 33.15
CA SER HA 25 18.02 -57.49 32.97
C SER HA 25 18.23 -58.89 32.43
N LYS HA 26 17.17 -59.59 32.07
CA LYS HA 26 17.26 -60.95 31.58
C LYS HA 26 16.85 -61.00 30.11
N VAL HA 27 17.67 -61.68 29.31
CA VAL HA 27 17.38 -61.84 27.90
C VAL HA 27 16.23 -62.84 27.75
N SER HA 28 15.21 -62.46 26.99
CA SER HA 28 14.01 -63.26 26.88
C SER HA 28 13.75 -63.78 25.49
N PHE HA 29 13.89 -62.94 24.47
CA PHE HA 29 13.49 -63.32 23.11
C PHE HA 29 14.68 -63.75 22.27
N GLY HA 30 15.68 -62.89 22.13
CA GLY HA 30 16.82 -63.19 21.31
C GLY HA 30 17.81 -64.09 22.01
N GLU HA 31 18.97 -64.22 21.39
CA GLU HA 31 20.04 -65.02 21.97
C GLU HA 31 21.29 -64.16 22.18
N TYR HA 32 21.26 -62.90 21.77
CA TYR HA 32 22.31 -61.94 22.05
C TYR HA 32 21.64 -60.62 22.41
N ALA HA 33 22.29 -59.82 23.24
CA ALA HA 33 21.66 -58.58 23.67
C ALA HA 33 22.71 -57.56 24.06
N LEU HA 34 22.29 -56.30 24.08
CA LEU HA 34 23.12 -55.14 24.37
C LEU HA 34 22.55 -54.50 25.62
N LYS HA 35 23.03 -54.91 26.79
CA LYS HA 35 22.51 -54.35 28.03
C LYS HA 35 23.37 -53.18 28.46
N ALA HA 36 22.78 -52.29 29.24
CA ALA HA 36 23.37 -51.00 29.56
C ALA HA 36 23.95 -51.01 30.96
N THR HA 37 25.18 -50.51 31.10
CA THR HA 37 25.90 -50.58 32.36
C THR HA 37 26.09 -49.22 33.01
N SER HA 38 25.42 -48.18 32.52
CA SER HA 38 25.53 -46.86 33.12
C SER HA 38 24.19 -46.17 33.00
N ARG HA 39 23.82 -45.41 34.02
CA ARG HA 39 22.51 -44.80 34.05
C ARG HA 39 22.46 -43.54 33.19
N GLY HA 40 21.29 -43.28 32.63
CA GLY HA 40 21.12 -42.16 31.75
C GLY HA 40 19.68 -42.06 31.32
N ARG HA 41 19.44 -41.36 30.22
CA ARG HA 41 18.10 -41.34 29.66
C ARG HA 41 18.14 -41.08 28.15
N LEU HA 42 17.35 -41.84 27.41
CA LEU HA 42 17.42 -41.88 25.94
C LEU HA 42 16.26 -41.11 25.33
N THR HA 43 16.55 -40.31 24.31
CA THR HA 43 15.67 -39.24 23.85
C THR HA 43 14.91 -39.57 22.57
N ALA HA 44 14.71 -40.85 22.25
CA ALA HA 44 13.78 -41.34 21.23
C ALA HA 44 14.10 -40.96 19.78
N ARG HA 45 15.16 -40.17 19.56
CA ARG HA 45 15.79 -40.06 18.25
C ARG HA 45 17.07 -40.83 18.18
N GLN HA 46 17.68 -41.07 19.34
CA GLN HA 46 18.84 -41.96 19.42
C GLN HA 46 18.44 -43.39 19.15
N ILE HA 47 17.19 -43.75 19.46
CA ILE HA 47 16.71 -45.10 19.23
C ILE HA 47 16.60 -45.39 17.74
N GLU HA 48 16.13 -44.42 16.97
CA GLU HA 48 16.05 -44.60 15.53
C GLU HA 48 17.41 -44.46 14.83
N SER HA 49 18.37 -43.79 15.46
CA SER HA 49 19.72 -43.83 14.92
C SER HA 49 20.39 -45.15 15.21
N ALA HA 50 20.00 -45.81 16.29
CA ALA HA 50 20.58 -47.10 16.63
C ALA HA 50 19.81 -48.26 16.01
N ARG HA 51 18.52 -48.07 15.71
CA ARG HA 51 17.78 -49.12 15.02
C ARG HA 51 18.20 -49.20 13.56
N ARG HA 52 18.27 -48.05 12.88
CA ARG HA 52 18.69 -48.05 11.49
C ARG HA 52 20.17 -48.34 11.30
N ALA HA 53 20.95 -48.52 12.36
CA ALA HA 53 22.31 -49.02 12.22
C ALA HA 53 22.34 -50.55 12.25
N LEU HA 54 21.53 -51.17 13.10
CA LEU HA 54 21.49 -52.62 13.16
C LEU HA 54 20.77 -53.22 11.97
N THR HA 55 19.79 -52.52 11.42
CA THR HA 55 18.98 -53.07 10.35
C THR HA 55 19.56 -52.79 8.97
N ARG HA 56 20.83 -52.46 8.89
CA ARG HA 56 21.55 -52.45 7.62
C ARG HA 56 22.92 -53.09 7.71
N HIS HA 57 23.34 -53.54 8.88
CA HIS HA 57 24.54 -54.34 8.96
C HIS HA 57 24.21 -55.82 8.84
N VAL HA 58 22.93 -56.16 8.93
CA VAL HA 58 22.48 -57.53 8.73
C VAL HA 58 22.08 -57.71 7.27
N LYS HA 59 21.02 -57.02 6.87
CA LYS HA 59 20.46 -56.99 5.51
C LYS HA 59 19.99 -58.33 4.96
N ARG HA 60 20.04 -59.39 5.75
CA ARG HA 60 19.75 -60.74 5.29
C ARG HA 60 18.55 -61.36 5.98
N GLY HA 61 18.44 -61.16 7.29
CA GLY HA 61 17.39 -61.79 8.04
C GLY HA 61 17.46 -61.41 9.49
N GLY HA 62 17.35 -62.39 10.38
CA GLY HA 62 17.34 -62.11 11.79
C GLY HA 62 16.04 -61.47 12.23
N LYS HA 63 16.00 -61.11 13.51
CA LYS HA 63 14.81 -60.48 14.05
C LYS HA 63 15.25 -59.54 15.15
N ILE HA 64 14.65 -58.36 15.18
CA ILE HA 64 15.05 -57.29 16.08
C ILE HA 64 13.89 -57.00 17.02
N TRP HA 65 14.20 -56.89 18.30
CA TRP HA 65 13.23 -56.42 19.29
C TRP HA 65 13.77 -55.15 19.93
N ILE HA 66 12.88 -54.25 20.28
CA ILE HA 66 13.23 -53.00 20.94
C ILE HA 66 12.59 -53.04 22.32
N ARG HA 67 13.38 -53.30 23.34
CA ARG HA 67 12.83 -53.58 24.66
C ARG HA 67 12.35 -52.33 25.38
N VAL HA 68 12.85 -51.14 25.03
CA VAL HA 68 12.57 -49.94 25.80
C VAL HA 68 11.69 -48.99 24.98
N PHE HA 69 10.82 -48.27 25.67
CA PHE HA 69 9.84 -47.40 25.04
C PHE HA 69 9.74 -46.07 25.79
N PRO HA 70 9.96 -44.94 25.13
CA PRO HA 70 9.87 -43.64 25.81
C PRO HA 70 8.42 -43.20 26.02
N ASP HA 71 8.11 -42.83 27.26
CA ASP HA 71 6.79 -42.33 27.60
C ASP HA 71 6.80 -41.07 28.47
N LYS HA 72 7.97 -40.51 28.76
CA LYS HA 72 8.05 -39.40 29.69
C LYS HA 72 8.29 -38.11 28.92
N PRO HA 73 7.31 -37.21 28.84
CA PRO HA 73 7.51 -35.97 28.08
C PRO HA 73 8.35 -34.98 28.86
N VAL HA 74 9.19 -34.25 28.13
CA VAL HA 74 10.06 -33.25 28.75
C VAL HA 74 9.83 -31.90 28.08
N THR HA 75 10.20 -30.84 28.79
CA THR HA 75 9.88 -29.49 28.37
C THR HA 75 11.14 -28.73 27.98
N LYS HA 76 10.91 -27.56 27.37
CA LYS HA 76 11.98 -26.68 26.93
C LYS HA 76 11.37 -25.29 26.73
N LYS HA 77 11.84 -24.31 27.48
CA LYS HA 77 11.34 -22.97 27.29
C LYS HA 77 11.99 -22.32 26.07
N PRO HA 78 11.27 -21.44 25.36
CA PRO HA 78 11.89 -20.68 24.26
C PRO HA 78 12.91 -19.66 24.73
N LEU HA 79 13.51 -18.93 23.79
CA LEU HA 79 14.64 -18.07 24.08
C LEU HA 79 14.20 -16.63 24.32
N GLU HA 80 15.05 -15.89 25.04
CA GLU HA 80 14.80 -14.52 25.50
C GLU HA 80 13.48 -14.42 26.28
N VAL HA 81 13.26 -15.39 27.15
CA VAL HA 81 12.05 -15.49 27.95
C VAL HA 81 12.46 -15.57 29.41
N ARG HA 82 11.91 -14.69 30.24
CA ARG HA 82 12.22 -14.71 31.64
C ARG HA 82 11.54 -15.89 32.30
N MET HA 83 11.91 -16.14 33.55
CA MET HA 83 11.46 -17.34 34.22
C MET HA 83 10.21 -17.07 35.05
N GLY HA 84 9.25 -17.98 34.96
CA GLY HA 84 8.11 -18.00 35.84
C GLY HA 84 6.75 -17.71 35.25
N LYS HA 85 6.58 -17.80 33.93
CA LYS HA 85 5.29 -17.49 33.33
C LYS HA 85 4.53 -18.76 32.96
N GLY HA 86 4.64 -19.80 33.78
CA GLY HA 86 4.01 -21.07 33.52
C GLY HA 86 5.05 -22.18 33.34
N LYS HA 87 4.80 -23.06 32.39
CA LYS HA 87 5.66 -24.20 32.14
C LYS HA 87 5.76 -24.41 30.64
N GLY HA 88 6.95 -24.75 30.16
CA GLY HA 88 7.20 -24.82 28.74
C GLY HA 88 6.53 -26.01 28.08
N GLY HA 89 6.53 -25.99 26.74
CA GLY HA 89 5.85 -27.02 26.00
C GLY HA 89 6.68 -28.27 25.81
N VAL HA 90 6.00 -29.37 25.49
CA VAL HA 90 6.65 -30.66 25.30
C VAL HA 90 7.34 -30.68 23.95
N GLU HA 91 8.66 -30.87 23.96
CA GLU HA 91 9.45 -30.95 22.75
C GLU HA 91 9.76 -32.36 22.32
N TYR HA 92 10.09 -33.26 23.24
CA TYR HA 92 10.43 -34.61 22.87
C TYR HA 92 10.10 -35.55 24.02
N TRP HA 93 10.53 -36.81 23.90
CA TRP HA 93 10.10 -37.89 24.76
C TRP HA 93 11.31 -38.71 25.17
N VAL HA 94 11.26 -39.24 26.38
CA VAL HA 94 12.45 -39.79 27.03
C VAL HA 94 12.11 -41.11 27.70
N ALA HA 95 12.96 -42.11 27.51
CA ALA HA 95 12.98 -43.31 28.33
C ALA HA 95 14.12 -43.21 29.33
N GLN HA 96 14.00 -43.89 30.47
CA GLN HA 96 14.96 -43.78 31.55
C GLN HA 96 15.64 -45.10 31.81
N ILE HA 97 16.96 -45.12 31.66
CA ILE HA 97 17.76 -46.33 31.67
C ILE HA 97 18.58 -46.35 32.95
N GLN HA 98 18.72 -47.53 33.54
CA GLN HA 98 19.42 -47.75 34.79
C GLN HA 98 20.17 -49.07 34.68
N PRO HA 99 21.30 -49.22 35.38
CA PRO HA 99 22.29 -50.26 35.00
C PRO HA 99 21.78 -51.69 35.10
N GLY HA 100 21.91 -52.40 33.98
CA GLY HA 100 21.43 -53.76 33.83
C GLY HA 100 20.35 -53.92 32.79
N LYS HA 101 19.68 -52.85 32.41
CA LYS HA 101 18.56 -52.90 31.50
C LYS HA 101 19.00 -53.29 30.09
N VAL HA 102 18.26 -54.20 29.46
CA VAL HA 102 18.56 -54.68 28.13
C VAL HA 102 17.89 -53.77 27.11
N LEU HA 103 18.67 -53.30 26.13
CA LEU HA 103 18.21 -52.31 25.16
C LEU HA 103 17.75 -52.94 23.86
N TYR HA 104 18.58 -53.77 23.22
CA TYR HA 104 18.23 -54.43 21.98
C TYR HA 104 18.49 -55.93 22.10
N GLU HA 105 17.77 -56.70 21.30
CA GLU HA 105 17.97 -58.14 21.22
C GLU HA 105 17.98 -58.57 19.77
N ILE HA 106 18.77 -59.61 19.48
CA ILE HA 106 18.93 -60.12 18.13
C ILE HA 106 19.00 -61.63 18.21
N GLU HA 107 18.57 -62.29 17.13
CA GLU HA 107 18.67 -63.74 17.04
C GLU HA 107 18.65 -64.11 15.57
N GLY HA 108 19.07 -65.34 15.27
CA GLY HA 108 19.07 -65.81 13.90
C GLY HA 108 20.25 -65.35 13.09
N VAL HA 109 21.32 -64.91 13.73
CA VAL HA 109 22.52 -64.43 13.06
C VAL HA 109 23.71 -65.17 13.64
N SER HA 110 24.90 -64.79 13.22
CA SER HA 110 26.11 -65.40 13.76
C SER HA 110 26.43 -64.82 15.13
N GLU HA 111 27.38 -65.46 15.81
CA GLU HA 111 27.82 -65.02 17.13
C GLU HA 111 28.78 -63.84 17.07
N GLU HA 112 29.26 -63.49 15.88
CA GLU HA 112 30.25 -62.43 15.72
C GLU HA 112 29.89 -61.42 14.65
N LEU HA 113 28.98 -61.77 13.74
CA LEU HA 113 28.31 -60.74 12.95
C LEU HA 113 27.50 -59.83 13.84
N ALA HA 114 26.80 -60.41 14.82
CA ALA HA 114 26.04 -59.60 15.77
C ALA HA 114 26.95 -58.82 16.70
N ARG HA 115 28.11 -59.40 17.06
CA ARG HA 115 29.01 -58.74 17.98
C ARG HA 115 29.59 -57.45 17.37
N GLU HA 116 29.84 -57.46 16.07
CA GLU HA 116 30.30 -56.25 15.41
C GLU HA 116 29.14 -55.42 14.86
N ALA HA 117 27.89 -55.84 15.10
CA ALA HA 117 26.75 -55.01 14.75
C ALA HA 117 26.30 -54.14 15.90
N PHE HA 118 26.36 -54.66 17.14
CA PHE HA 118 26.09 -53.81 18.30
C PHE HA 118 27.18 -52.80 18.55
N ALA HA 119 28.36 -52.96 17.95
CA ALA HA 119 29.36 -51.90 17.97
C ALA HA 119 28.88 -50.67 17.21
N LEU HA 120 28.10 -50.86 16.16
CA LEU HA 120 27.56 -49.72 15.43
C LEU HA 120 26.48 -49.01 16.22
N ALA HA 121 25.61 -49.76 16.87
CA ALA HA 121 24.52 -49.16 17.63
C ALA HA 121 24.99 -48.58 18.95
N ALA HA 122 26.12 -49.02 19.49
CA ALA HA 122 26.63 -48.46 20.72
C ALA HA 122 27.29 -47.10 20.52
N ALA HA 123 27.75 -46.81 19.30
CA ALA HA 123 28.36 -45.53 19.01
C ALA HA 123 27.36 -44.43 18.74
N LYS HA 124 26.06 -44.73 18.83
CA LYS HA 124 25.03 -43.72 18.72
C LYS HA 124 24.32 -43.45 20.04
N LEU HA 125 24.52 -44.28 21.04
CA LEU HA 125 23.90 -44.17 22.35
C LEU HA 125 24.86 -43.54 23.35
N PRO HA 126 24.37 -42.71 24.25
CA PRO HA 126 25.25 -42.02 25.20
C PRO HA 126 25.60 -42.85 26.43
N LEU HA 127 25.41 -44.16 26.39
CA LEU HA 127 25.65 -45.01 27.54
C LEU HA 127 26.73 -46.04 27.25
N ALA HA 128 27.27 -46.59 28.32
CA ALA HA 128 28.29 -47.64 28.24
C ALA HA 128 27.59 -48.98 28.27
N THR HA 129 27.48 -49.61 27.12
CA THR HA 129 26.70 -50.82 26.96
C THR HA 129 27.61 -52.02 26.69
N SER HA 130 27.27 -53.15 27.27
CA SER HA 130 28.07 -54.37 27.18
C SER HA 130 27.37 -55.40 26.29
N PHE HA 131 27.96 -56.60 26.23
CA PHE HA 131 27.49 -57.67 25.39
C PHE HA 131 27.23 -58.89 26.26
N VAL HA 132 26.09 -59.55 26.05
CA VAL HA 132 25.63 -60.60 26.94
C VAL HA 132 25.02 -61.71 26.08
N LYS HA 133 24.82 -62.88 26.68
CA LYS HA 133 24.31 -64.05 25.99
C LYS HA 133 23.15 -64.67 26.75
N ARG HA 134 22.36 -65.47 26.04
CA ARG HA 134 21.16 -66.07 26.60
C ARG HA 134 21.51 -67.30 27.43
N THR HA 135 21.09 -67.32 28.69
CA THR HA 135 21.20 -68.50 29.53
C THR HA 135 19.86 -68.84 30.17
N MET IA 1 66.48 27.03 19.20
CA MET IA 1 67.50 26.05 19.48
C MET IA 1 68.83 26.75 19.69
N ARG IA 2 68.99 27.83 18.93
CA ARG IA 2 69.89 28.95 19.16
C ARG IA 2 71.34 28.64 18.75
N HIS IA 3 71.64 27.44 18.20
CA HIS IA 3 73.00 27.03 17.82
C HIS IA 3 73.70 28.02 16.90
N ARG IA 4 74.78 28.62 17.39
CA ARG IA 4 75.64 29.58 16.69
C ARG IA 4 74.90 30.84 16.26
N LYS IA 5 73.82 31.20 16.95
CA LYS IA 5 73.10 32.42 16.69
C LYS IA 5 73.57 33.52 17.64
N SER IA 6 73.38 34.77 17.24
CA SER IA 6 74.00 35.88 17.95
C SER IA 6 73.06 37.07 18.01
N GLY IA 7 72.99 37.68 19.17
CA GLY IA 7 72.10 38.81 19.42
C GLY IA 7 70.96 38.36 20.31
N ARG IA 8 70.62 39.18 21.30
CA ARG IA 8 69.61 38.82 22.28
C ARG IA 8 68.42 39.77 22.20
N HIS IA 9 67.26 39.27 22.61
CA HIS IA 9 65.98 39.90 22.32
C HIS IA 9 65.57 40.96 23.34
N LEU IA 10 65.87 40.71 24.62
CA LEU IA 10 65.59 41.58 25.77
C LEU IA 10 64.10 41.80 26.02
N SER IA 11 63.25 40.94 25.45
CA SER IA 11 61.78 40.97 25.62
C SER IA 11 61.16 42.28 25.15
N ARG IA 12 61.69 42.83 24.05
CA ARG IA 12 61.12 43.98 23.38
C ARG IA 12 60.94 43.63 21.91
N THR IA 13 60.03 44.35 21.25
CA THR IA 13 59.84 44.14 19.83
C THR IA 13 61.02 44.74 19.06
N SER IA 14 61.09 44.42 17.77
CA SER IA 14 62.27 44.75 17.00
C SER IA 14 62.40 46.24 16.67
N ALA IA 15 61.31 47.00 16.77
CA ALA IA 15 61.39 48.43 16.54
C ALA IA 15 61.66 49.21 17.81
N HIS IA 16 61.24 48.69 18.96
CA HIS IA 16 61.65 49.24 20.24
C HIS IA 16 63.15 49.08 20.41
N ARG IA 17 63.64 47.88 20.12
CA ARG IA 17 65.03 47.52 20.39
C ARG IA 17 65.99 48.31 19.52
N LYS IA 18 65.57 48.66 18.31
CA LYS IA 18 66.37 49.53 17.47
C LYS IA 18 66.39 50.95 18.01
N ALA IA 19 65.24 51.45 18.45
CA ALA IA 19 65.11 52.83 18.90
C ALA IA 19 65.45 53.01 20.38
N MET IA 20 65.94 51.98 21.05
CA MET IA 20 66.43 52.12 22.41
C MET IA 20 67.95 52.17 22.47
N PHE IA 21 68.63 51.34 21.67
CA PHE IA 21 70.08 51.40 21.58
C PHE IA 21 70.56 52.64 20.84
N GLN IA 22 69.71 53.20 19.98
CA GLN IA 22 69.99 54.51 19.40
C GLN IA 22 69.92 55.61 20.45
N ASN IA 23 69.17 55.38 21.52
CA ASN IA 23 68.95 56.39 22.53
C ASN IA 23 69.86 56.22 23.73
N MET IA 24 70.45 55.04 23.93
CA MET IA 24 71.48 54.87 24.94
C MET IA 24 72.82 55.36 24.45
N ALA IA 25 73.06 55.30 23.15
CA ALA IA 25 74.31 55.82 22.61
C ALA IA 25 74.31 57.34 22.62
N VAL IA 26 73.16 57.96 22.30
CA VAL IA 26 73.10 59.42 22.17
C VAL IA 26 73.20 60.10 23.54
N SER IA 27 72.96 59.36 24.62
CA SER IA 27 73.19 59.88 25.96
C SER IA 27 74.56 59.52 26.49
N LEU IA 28 75.21 58.51 25.91
CA LEU IA 28 76.58 58.22 26.29
C LEU IA 28 77.54 59.25 25.70
N PHE IA 29 77.25 59.77 24.51
CA PHE IA 29 78.09 60.83 23.98
C PHE IA 29 77.58 62.20 24.39
N GLU IA 30 77.16 62.37 25.62
CA GLU IA 30 76.97 63.66 26.26
C GLU IA 30 77.56 63.70 27.65
N HIS IA 31 77.47 62.60 28.39
CA HIS IA 31 77.89 62.55 29.79
C HIS IA 31 79.06 61.62 30.04
N GLU IA 32 79.31 60.67 29.14
CA GLU IA 32 80.46 59.77 29.12
C GLU IA 32 80.51 58.81 30.29
N LEU IA 33 79.39 58.61 30.99
CA LEU IA 33 79.28 57.60 32.04
C LEU IA 33 77.81 57.34 32.29
N ILE IA 34 77.40 56.08 32.16
CA ILE IA 34 75.99 55.72 32.31
C ILE IA 34 75.90 54.53 33.26
N LYS IA 35 75.05 54.65 34.27
CA LYS IA 35 74.69 53.57 35.17
C LYS IA 35 73.52 52.81 34.55
N THR IA 36 73.80 51.67 33.92
CA THR IA 36 72.79 50.93 33.19
C THR IA 36 72.78 49.47 33.62
N THR IA 37 71.93 48.68 32.98
CA THR IA 37 71.72 47.28 33.32
C THR IA 37 72.72 46.41 32.57
N LEU IA 38 73.16 45.33 33.21
CA LEU IA 38 74.26 44.50 32.72
C LEU IA 38 74.00 43.77 31.41
N PRO IA 39 72.83 43.17 31.13
CA PRO IA 39 72.62 42.65 29.78
C PRO IA 39 72.36 43.73 28.74
N LYS IA 40 71.97 44.93 29.16
CA LYS IA 40 71.85 46.02 28.22
C LYS IA 40 73.17 46.71 27.94
N ALA IA 41 74.21 46.41 28.71
CA ALA IA 41 75.53 46.94 28.42
C ALA IA 41 76.37 46.00 27.57
N LYS IA 42 76.10 44.70 27.65
CA LYS IA 42 76.79 43.75 26.80
C LYS IA 42 76.37 43.85 25.34
N GLU IA 43 75.25 44.49 25.05
CA GLU IA 43 74.80 44.70 23.69
C GLU IA 43 74.83 46.16 23.28
N LEU IA 44 75.20 47.06 24.19
CA LEU IA 44 75.53 48.42 23.79
C LEU IA 44 76.89 48.46 23.13
N ARG IA 45 77.79 47.54 23.50
CA ARG IA 45 79.13 47.50 22.96
C ARG IA 45 79.21 46.84 21.58
N ARG IA 46 78.08 46.67 20.90
CA ARG IA 46 78.07 46.27 19.50
C ARG IA 46 77.35 47.31 18.65
N VAL IA 47 76.97 48.43 19.24
CA VAL IA 47 76.35 49.55 18.54
C VAL IA 47 77.22 50.80 18.61
N ALA IA 48 77.85 51.04 19.76
CA ALA IA 48 78.54 52.30 19.99
C ALA IA 48 79.86 52.37 19.23
N GLU IA 49 80.67 51.31 19.28
CA GLU IA 49 81.96 51.29 18.60
C GLU IA 49 81.95 51.39 17.08
N PRO IA 50 80.93 50.91 16.34
CA PRO IA 50 80.85 51.31 14.93
C PRO IA 50 80.51 52.77 14.69
N LEU IA 51 80.18 53.56 15.71
CA LEU IA 51 80.12 55.00 15.54
C LEU IA 51 81.46 55.67 15.79
N ILE IA 52 82.29 55.09 16.66
CA ILE IA 52 83.58 55.68 16.95
C ILE IA 52 84.58 55.35 15.84
N THR IA 53 84.49 54.13 15.29
CA THR IA 53 85.29 53.76 14.15
C THR IA 53 84.95 54.61 12.93
N LEU IA 54 83.66 54.89 12.76
CA LEU IA 54 83.20 55.71 11.63
C LEU IA 54 83.66 57.16 11.76
N ALA IA 55 83.83 57.65 12.99
CA ALA IA 55 84.16 59.04 13.22
C ALA IA 55 85.61 59.37 12.89
N LYS IA 56 86.46 58.38 12.63
CA LYS IA 56 87.86 58.63 12.35
C LYS IA 56 88.12 59.14 10.93
N GLU IA 57 87.09 59.20 10.09
CA GLU IA 57 87.24 59.68 8.71
C GLU IA 57 86.14 60.70 8.44
N ASP IA 58 86.52 61.97 8.34
CA ASP IA 58 85.55 63.03 8.11
C ASP IA 58 85.17 63.05 6.64
N SER IA 59 83.87 63.12 6.38
CA SER IA 59 83.32 63.15 5.03
C SER IA 59 81.89 63.64 5.11
N VAL IA 60 81.43 64.25 4.02
CA VAL IA 60 80.02 64.58 3.90
C VAL IA 60 79.18 63.31 3.85
N ALA IA 61 79.70 62.28 3.18
CA ALA IA 61 79.00 61.00 3.15
C ALA IA 61 79.11 60.27 4.49
N ASN IA 62 80.15 60.53 5.27
CA ASN IA 62 80.23 59.94 6.60
C ASN IA 62 79.43 60.72 7.63
N ARG IA 63 79.35 62.04 7.49
CA ARG IA 63 78.51 62.80 8.39
C ARG IA 63 77.03 62.65 8.07
N ARG IA 64 76.69 62.12 6.89
CA ARG IA 64 75.32 61.71 6.65
C ARG IA 64 75.06 60.28 7.11
N LEU IA 65 76.06 59.41 6.97
CA LEU IA 65 75.93 58.06 7.50
C LEU IA 65 75.90 58.06 9.01
N ALA IA 66 76.61 59.00 9.65
CA ALA IA 66 76.56 59.10 11.09
C ALA IA 66 75.23 59.65 11.56
N PHE IA 67 74.67 60.62 10.84
CA PHE IA 67 73.39 61.20 11.26
C PHE IA 67 72.24 60.23 11.09
N ASP IA 68 72.35 59.28 10.17
CA ASP IA 68 71.24 58.38 9.87
C ASP IA 68 71.20 57.15 10.76
N ARG IA 69 71.98 57.10 11.83
CA ARG IA 69 71.84 56.00 12.77
C ARG IA 69 71.97 56.40 14.23
N THR IA 70 72.26 57.66 14.54
CA THR IA 70 72.22 58.18 15.90
C THR IA 70 71.58 59.57 15.88
N ARG IA 71 70.35 59.66 15.36
CA ARG IA 71 69.79 60.86 14.74
C ARG IA 71 69.65 62.03 15.69
N SER IA 72 70.67 62.89 15.71
CA SER IA 72 70.74 64.03 16.59
C SER IA 72 71.82 64.96 16.08
N LYS IA 73 71.59 66.27 16.20
CA LYS IA 73 72.62 67.22 15.82
C LYS IA 73 73.75 67.24 16.82
N ALA IA 74 73.43 67.11 18.10
CA ALA IA 74 74.43 67.26 19.16
C ALA IA 74 75.36 66.06 19.25
N ALA IA 75 74.89 64.88 18.90
CA ALA IA 75 75.76 63.71 18.94
C ALA IA 75 76.68 63.65 17.74
N VAL IA 76 76.22 64.11 16.58
CA VAL IA 76 77.09 64.21 15.42
C VAL IA 76 78.10 65.32 15.62
N GLY IA 77 77.70 66.40 16.28
CA GLY IA 77 78.64 67.46 16.61
C GLY IA 77 79.67 67.05 17.65
N LYS IA 78 79.30 66.14 18.56
CA LYS IA 78 80.25 65.70 19.58
C LYS IA 78 81.26 64.72 19.00
N LEU IA 79 80.82 63.88 18.07
CA LEU IA 79 81.77 63.18 17.22
C LEU IA 79 82.36 64.15 16.20
N PHE IA 80 83.40 63.68 15.50
CA PHE IA 80 84.07 64.36 14.40
C PHE IA 80 84.82 65.63 14.81
N ASN IA 81 84.71 66.04 16.06
CA ASN IA 81 85.27 67.26 16.61
C ASN IA 81 86.03 67.01 17.91
N ASP IA 82 85.54 66.11 18.76
CA ASP IA 82 86.22 65.69 19.97
C ASP IA 82 86.62 64.23 19.88
N LEU IA 83 85.67 63.34 19.62
CA LEU IA 83 85.97 61.94 19.46
C LEU IA 83 86.26 61.62 18.00
N GLY IA 84 86.95 60.53 17.77
CA GLY IA 84 87.57 60.29 16.49
C GLY IA 84 88.88 61.03 16.29
N LYS IA 85 89.26 61.87 17.24
CA LYS IA 85 90.54 62.56 17.31
C LYS IA 85 91.26 62.30 18.62
N ARG IA 86 90.50 62.23 19.72
CA ARG IA 86 91.09 61.78 20.98
C ARG IA 86 91.49 60.32 20.89
N TYR IA 87 90.66 59.51 20.25
CA TYR IA 87 90.94 58.09 20.00
C TYR IA 87 91.54 57.90 18.61
N ALA IA 88 92.59 58.63 18.28
CA ALA IA 88 93.11 58.58 16.92
C ALA IA 88 94.08 57.43 16.69
N ASN IA 89 94.61 56.82 17.76
CA ASN IA 89 95.65 55.81 17.60
C ASN IA 89 95.44 54.63 18.53
N ARG IA 90 94.18 54.30 18.84
CA ARG IA 90 93.84 53.12 19.63
C ARG IA 90 93.07 52.14 18.76
N PRO IA 91 93.64 51.01 18.39
CA PRO IA 91 92.87 50.05 17.57
C PRO IA 91 91.86 49.25 18.38
N GLY IA 92 90.59 49.62 18.27
CA GLY IA 92 89.53 48.87 18.92
C GLY IA 92 89.45 48.97 20.43
N GLY IA 93 88.35 48.52 21.02
CA GLY IA 93 88.22 48.50 22.46
C GLY IA 93 88.12 49.88 23.06
N TYR IA 94 87.01 50.57 22.80
CA TYR IA 94 86.90 51.99 23.11
C TYR IA 94 86.22 52.27 24.44
N LEU IA 95 85.57 51.30 25.06
CA LEU IA 95 84.85 51.56 26.30
C LEU IA 95 84.81 50.31 27.15
N ARG IA 96 84.70 50.50 28.47
CA ARG IA 96 84.80 49.41 29.42
C ARG IA 96 83.52 49.26 30.23
N ILE IA 97 83.37 48.09 30.84
CA ILE IA 97 82.18 47.72 31.60
C ILE IA 97 82.62 47.21 32.96
N LEU IA 98 82.14 47.86 34.03
CA LEU IA 98 82.48 47.51 35.39
C LEU IA 98 81.21 47.13 36.12
N LYS IA 99 81.13 45.89 36.59
CA LYS IA 99 79.96 45.42 37.30
C LYS IA 99 79.88 46.08 38.67
N CYS IA 100 78.68 46.53 39.05
CA CYS IA 100 78.51 47.29 40.30
C CYS IA 100 77.22 46.95 41.02
N GLY IA 101 77.26 45.94 41.88
CA GLY IA 101 76.17 45.69 42.81
C GLY IA 101 74.90 45.22 42.14
N PHE IA 102 73.77 45.54 42.78
CA PHE IA 102 72.46 45.18 42.30
C PHE IA 102 71.50 46.34 42.54
N ARG IA 103 70.42 46.35 41.76
CA ARG IA 103 69.35 47.32 41.94
C ARG IA 103 68.64 47.07 43.27
N ALA IA 104 68.13 48.15 43.87
CA ALA IA 104 67.44 48.04 45.15
C ALA IA 104 66.09 47.34 45.00
N GLY IA 105 65.27 47.79 44.05
CA GLY IA 105 63.92 47.29 43.91
C GLY IA 105 63.84 45.84 43.46
N ASP IA 106 64.43 45.55 42.32
CA ASP IA 106 64.58 44.19 41.83
C ASP IA 106 65.91 43.63 42.33
N ASN IA 107 66.38 42.55 41.73
CA ASN IA 107 67.81 42.27 41.70
C ASN IA 107 68.20 42.25 40.24
N ALA IA 108 68.41 43.44 39.69
CA ALA IA 108 68.99 43.58 38.38
C ALA IA 108 70.44 43.95 38.55
N PRO IA 109 71.39 43.13 38.10
CA PRO IA 109 72.80 43.51 38.23
C PRO IA 109 73.14 44.68 37.34
N MET IA 110 73.90 45.62 37.90
CA MET IA 110 74.20 46.87 37.23
C MET IA 110 75.58 46.83 36.60
N ALA IA 111 75.87 47.87 35.83
CA ALA IA 111 77.15 48.03 35.17
C ALA IA 111 77.31 49.49 34.86
N TYR IA 112 78.56 49.94 34.85
CA TYR IA 112 78.90 51.25 34.28
C TYR IA 112 79.43 51.05 32.87
N VAL IA 113 79.14 52.02 32.01
CA VAL IA 113 79.81 52.12 30.73
C VAL IA 113 80.55 53.45 30.71
N GLU IA 114 81.81 53.40 30.32
CA GLU IA 114 82.70 54.52 30.51
C GLU IA 114 83.69 54.53 29.35
N LEU IA 115 83.89 55.69 28.75
CA LEU IA 115 84.86 55.80 27.68
C LEU IA 115 86.26 55.69 28.26
N VAL IA 116 87.19 55.20 27.44
CA VAL IA 116 88.38 54.58 28.00
C VAL IA 116 89.45 55.60 28.41
N ASP IA 117 89.45 56.80 27.83
CA ASP IA 117 90.39 57.86 28.21
C ASP IA 117 89.59 59.12 28.42
N ARG IA 118 89.62 59.65 29.63
CA ARG IA 118 88.65 60.66 30.00
C ARG IA 118 89.10 61.51 31.19
N SER JA 1 -31.70 -72.44 48.74
CA SER JA 1 -32.71 -72.45 47.69
C SER JA 1 -32.80 -71.10 47.00
N VAL JA 2 -34.03 -70.61 46.84
CA VAL JA 2 -34.29 -69.24 46.43
C VAL JA 2 -35.10 -68.49 47.47
N LYS JA 3 -36.13 -69.13 48.02
CA LYS JA 3 -36.94 -68.52 49.05
C LYS JA 3 -36.19 -68.36 50.36
N LYS JA 4 -35.29 -69.29 50.66
CA LYS JA 4 -34.70 -69.35 52.00
C LYS JA 4 -33.74 -68.21 52.26
N GLU JA 5 -32.92 -67.87 51.28
CA GLU JA 5 -31.93 -66.82 51.50
C GLU JA 5 -32.48 -65.43 51.23
N THR JA 6 -33.64 -65.32 50.59
CA THR JA 6 -34.25 -64.01 50.42
C THR JA 6 -34.90 -63.55 51.71
N ARG JA 7 -35.58 -64.45 52.44
CA ARG JA 7 -36.06 -64.09 53.75
C ARG JA 7 -34.93 -63.98 54.78
N LEU JA 8 -33.78 -64.59 54.51
CA LEU JA 8 -32.63 -64.25 55.34
C LEU JA 8 -32.10 -62.87 55.00
N ARG JA 9 -32.29 -62.43 53.75
CA ARG JA 9 -31.87 -61.07 53.40
C ARG JA 9 -32.84 -60.05 53.97
N ARG JA 10 -34.11 -60.43 54.15
CA ARG JA 10 -35.08 -59.54 54.78
C ARG JA 10 -34.96 -59.50 56.29
N ALA JA 11 -34.41 -60.55 56.90
CA ALA JA 11 -34.42 -60.64 58.34
C ALA JA 11 -33.27 -59.91 59.00
N ARG JA 12 -32.15 -59.72 58.29
CA ARG JA 12 -30.94 -59.23 58.95
C ARG JA 12 -30.98 -57.74 59.25
N LYS JA 13 -31.99 -57.00 58.79
CA LYS JA 13 -32.07 -55.59 59.19
C LYS JA 13 -32.51 -55.47 60.64
N ALA JA 14 -33.69 -55.98 60.96
CA ALA JA 14 -34.24 -55.80 62.29
C ALA JA 14 -33.52 -56.64 63.32
N ARG JA 15 -32.93 -57.75 62.90
CA ARG JA 15 -32.18 -58.60 63.80
C ARG JA 15 -30.86 -57.95 64.21
N LEU JA 16 -30.31 -57.09 63.36
CA LEU JA 16 -29.06 -56.41 63.66
C LEU JA 16 -29.28 -55.12 64.41
N LYS JA 17 -30.48 -54.57 64.36
CA LYS JA 17 -30.78 -53.37 65.14
C LYS JA 17 -31.23 -53.72 66.54
N MET JA 18 -31.82 -54.91 66.73
CA MET JA 18 -32.06 -55.42 68.07
C MET JA 18 -30.77 -55.83 68.76
N ARG JA 19 -29.71 -56.09 68.01
CA ARG JA 19 -28.43 -56.41 68.62
C ARG JA 19 -27.79 -55.17 69.23
N GLU JA 20 -27.87 -54.05 68.52
CA GLU JA 20 -27.26 -52.81 68.99
C GLU JA 20 -27.98 -52.26 70.22
N LEU JA 21 -29.27 -52.53 70.35
CA LEU JA 21 -30.02 -52.03 71.49
C LEU JA 21 -29.97 -52.95 72.69
N GLU JA 22 -29.49 -54.19 72.52
CA GLU JA 22 -29.30 -55.20 73.57
C GLU JA 22 -30.62 -55.53 74.27
N THR JA 23 -31.53 -56.10 73.49
CA THR JA 23 -32.86 -56.44 73.94
C THR JA 23 -33.01 -57.96 73.86
N VAL JA 24 -33.76 -58.53 74.81
CA VAL JA 24 -34.00 -59.96 74.83
C VAL JA 24 -34.92 -60.30 73.66
N ARG JA 25 -34.41 -61.08 72.71
CA ARG JA 25 -35.06 -61.26 71.43
C ARG JA 25 -35.96 -62.48 71.43
N LEU JA 26 -37.19 -62.31 70.94
CA LEU JA 26 -38.11 -63.41 70.68
C LEU JA 26 -38.12 -63.69 69.19
N CYS JA 27 -37.51 -64.80 68.79
CA CYS JA 27 -37.45 -65.19 67.40
C CYS JA 27 -38.61 -66.12 67.06
N VAL JA 28 -38.71 -66.50 65.79
CA VAL JA 28 -39.80 -67.34 65.31
C VAL JA 28 -39.32 -68.02 64.04
N TYR JA 29 -39.97 -69.11 63.67
CA TYR JA 29 -39.60 -69.86 62.46
C TYR JA 29 -40.81 -70.63 62.00
N ARG JA 30 -41.32 -70.29 60.83
CA ARG JA 30 -42.49 -70.94 60.27
C ARG JA 30 -42.05 -72.00 59.27
N SER JA 31 -42.73 -73.14 59.30
CA SER JA 31 -42.56 -74.15 58.29
C SER JA 31 -43.91 -74.50 57.71
N SER JA 32 -43.90 -75.32 56.67
CA SER JA 32 -45.14 -75.73 56.04
C SER JA 32 -45.90 -76.79 56.85
N GLN JA 33 -45.30 -77.32 57.91
CA GLN JA 33 -45.98 -78.21 58.82
C GLN JA 33 -46.25 -77.59 60.18
N HIS JA 34 -45.26 -76.97 60.82
CA HIS JA 34 -45.45 -76.47 62.17
C HIS JA 34 -44.46 -75.36 62.49
N ILE JA 35 -44.65 -74.75 63.67
CA ILE JA 35 -44.18 -73.40 63.97
C ILE JA 35 -43.37 -73.42 65.25
N TYR JA 36 -42.20 -72.77 65.24
CA TYR JA 36 -41.28 -72.73 66.36
C TYR JA 36 -41.30 -71.34 66.97
N ALA JA 37 -40.71 -71.23 68.18
CA ALA JA 37 -40.58 -69.95 68.86
C ALA JA 37 -39.50 -70.07 69.92
N GLN JA 38 -38.57 -69.12 69.95
CA GLN JA 38 -37.47 -69.16 70.89
C GLN JA 38 -37.22 -67.77 71.45
N VAL JA 39 -36.69 -67.74 72.67
CA VAL JA 39 -36.28 -66.52 73.34
C VAL JA 39 -34.78 -66.59 73.53
N ILE JA 40 -34.05 -65.72 72.85
CA ILE JA 40 -32.60 -65.77 72.80
C ILE JA 40 -32.05 -64.57 73.57
N ALA JA 41 -31.08 -64.84 74.44
CA ALA JA 41 -30.54 -63.82 75.34
C ALA JA 41 -29.73 -62.78 74.55
N ALA JA 42 -29.27 -61.75 75.26
CA ALA JA 42 -28.66 -60.61 74.59
C ALA JA 42 -27.20 -60.83 74.23
N ASP JA 43 -26.90 -61.95 73.58
CA ASP JA 43 -25.59 -62.15 72.96
C ASP JA 43 -25.70 -62.87 71.62
N GLY JA 44 -26.89 -63.29 71.21
CA GLY JA 44 -27.08 -64.02 69.98
C GLY JA 44 -26.73 -65.49 70.04
N GLY JA 45 -26.20 -65.98 71.16
CA GLY JA 45 -25.77 -67.36 71.22
C GLY JA 45 -26.17 -68.05 72.50
N LYS JA 46 -27.31 -67.70 73.06
CA LYS JA 46 -27.75 -68.29 74.31
C LYS JA 46 -29.27 -68.28 74.35
N VAL JA 47 -29.87 -69.47 74.45
CA VAL JA 47 -31.32 -69.64 74.38
C VAL JA 47 -31.83 -69.85 75.80
N LEU JA 48 -32.81 -69.05 76.21
CA LEU JA 48 -33.33 -69.09 77.57
C LEU JA 48 -34.62 -69.90 77.68
N ALA JA 49 -35.65 -69.51 76.95
CA ALA JA 49 -36.89 -70.27 76.87
C ALA JA 49 -37.19 -70.57 75.42
N SER JA 50 -37.83 -71.71 75.17
CA SER JA 50 -38.11 -72.14 73.81
C SER JA 50 -39.27 -73.12 73.83
N ALA JA 51 -40.41 -72.71 73.29
CA ALA JA 51 -41.57 -73.56 73.15
C ALA JA 51 -41.80 -73.87 71.68
N SER JA 52 -42.26 -75.09 71.41
CA SER JA 52 -42.42 -75.57 70.05
C SER JA 52 -43.74 -76.32 69.95
N THR JA 53 -43.94 -76.97 68.81
CA THR JA 53 -45.03 -77.91 68.64
C THR JA 53 -44.58 -79.36 68.77
N LEU JA 54 -43.32 -79.64 68.48
CA LEU JA 54 -42.79 -80.99 68.45
C LEU JA 54 -42.52 -81.55 69.84
N ASP JA 55 -42.90 -80.85 70.90
CA ASP JA 55 -42.77 -81.41 72.24
C ASP JA 55 -43.74 -82.57 72.42
N LYS JA 56 -43.46 -83.36 73.45
CA LYS JA 56 -44.15 -84.63 73.66
C LYS JA 56 -45.40 -84.49 74.51
N ASP JA 57 -46.06 -83.33 74.45
CA ASP JA 57 -47.37 -83.14 75.05
C ASP JA 57 -48.33 -82.39 74.13
N LEU JA 58 -47.93 -82.11 72.89
CA LEU JA 58 -48.74 -81.26 72.02
C LEU JA 58 -48.90 -81.78 70.60
N ARG JA 59 -48.09 -82.75 70.16
CA ARG JA 59 -48.18 -83.23 68.78
C ARG JA 59 -49.45 -84.03 68.58
N GLU JA 60 -50.30 -83.56 67.67
CA GLU JA 60 -51.62 -84.13 67.47
C GLU JA 60 -52.00 -84.27 66.01
N GLY JA 61 -51.11 -83.95 65.07
CA GLY JA 61 -51.43 -83.99 63.66
C GLY JA 61 -52.17 -82.78 63.13
N ALA JA 62 -52.54 -81.84 63.99
CA ALA JA 62 -53.28 -80.65 63.58
C ALA JA 62 -52.41 -79.40 63.56
N THR JA 63 -51.10 -79.56 63.69
CA THR JA 63 -50.20 -78.40 63.60
C THR JA 63 -50.12 -77.93 62.16
N GLY JA 64 -50.16 -76.62 61.97
CA GLY JA 64 -50.19 -76.07 60.64
C GLY JA 64 -51.44 -75.26 60.40
N ASN JA 65 -52.20 -75.05 61.47
CA ASN JA 65 -53.35 -74.15 61.44
C ASN JA 65 -53.06 -72.92 62.27
N ILE JA 66 -53.89 -71.89 62.06
CA ILE JA 66 -53.81 -70.71 62.91
C ILE JA 66 -54.26 -71.04 64.33
N ASP JA 67 -55.14 -72.02 64.49
CA ASP JA 67 -55.58 -72.42 65.81
C ASP JA 67 -54.52 -73.23 66.55
N ALA JA 68 -53.60 -73.85 65.82
CA ALA JA 68 -52.51 -74.56 66.47
C ALA JA 68 -51.47 -73.60 67.02
N ALA JA 69 -51.22 -72.50 66.30
CA ALA JA 69 -50.20 -71.55 66.69
C ALA JA 69 -50.62 -70.65 67.84
N LYS JA 70 -51.91 -70.58 68.16
CA LYS JA 70 -52.34 -69.81 69.32
C LYS JA 70 -51.87 -70.44 70.61
N LYS JA 71 -51.80 -71.77 70.66
CA LYS JA 71 -51.33 -72.46 71.84
C LYS JA 71 -49.82 -72.45 71.97
N VAL JA 72 -49.09 -72.16 70.88
CA VAL JA 72 -47.65 -72.13 70.95
C VAL JA 72 -47.18 -70.87 71.66
N GLY JA 73 -47.72 -69.73 71.24
CA GLY JA 73 -47.43 -68.47 71.92
C GLY JA 73 -48.07 -68.36 73.28
N GLN JA 74 -49.07 -69.20 73.56
CA GLN JA 74 -49.67 -69.22 74.89
C GLN JA 74 -48.72 -69.86 75.90
N LEU JA 75 -48.14 -71.00 75.53
CA LEU JA 75 -47.34 -71.79 76.45
C LEU JA 75 -45.88 -71.40 76.48
N VAL JA 76 -45.53 -70.25 75.91
CA VAL JA 76 -44.16 -69.77 75.93
C VAL JA 76 -43.98 -68.61 76.91
N ALA JA 77 -45.05 -67.85 77.21
CA ALA JA 77 -44.96 -66.81 78.22
C ALA JA 77 -44.87 -67.40 79.61
N GLU JA 78 -45.39 -68.62 79.79
CA GLU JA 78 -45.32 -69.27 81.09
C GLU JA 78 -43.93 -69.81 81.39
N ARG JA 79 -43.08 -69.98 80.39
CA ARG JA 79 -41.71 -70.40 80.62
C ARG JA 79 -40.75 -69.23 80.70
N ALA JA 80 -41.08 -68.10 80.07
CA ALA JA 80 -40.25 -66.91 80.17
C ALA JA 80 -40.47 -66.19 81.48
N LYS JA 81 -41.72 -66.13 81.95
CA LYS JA 81 -41.99 -65.59 83.27
C LYS JA 81 -41.50 -66.51 84.38
N ALA JA 82 -41.38 -67.80 84.10
CA ALA JA 82 -40.68 -68.70 85.01
C ALA JA 82 -39.17 -68.51 84.95
N ALA JA 83 -38.66 -67.94 83.85
CA ALA JA 83 -37.27 -67.52 83.75
C ALA JA 83 -37.08 -66.06 84.14
N GLY JA 84 -38.16 -65.34 84.42
CA GLY JA 84 -38.09 -63.94 84.81
C GLY JA 84 -37.66 -63.04 83.68
N VAL JA 85 -38.43 -63.04 82.59
CA VAL JA 85 -38.07 -62.30 81.39
C VAL JA 85 -39.25 -61.44 80.97
N THR JA 86 -39.06 -60.12 80.99
CA THR JA 86 -39.95 -59.15 80.36
C THR JA 86 -39.07 -58.21 79.54
N GLN JA 87 -39.71 -57.20 78.93
CA GLN JA 87 -39.07 -56.19 78.07
C GLN JA 87 -38.36 -56.86 76.90
N VAL JA 88 -39.17 -57.44 76.02
CA VAL JA 88 -38.66 -58.20 74.89
C VAL JA 88 -39.02 -57.51 73.58
N ALA JA 89 -38.32 -57.92 72.53
CA ALA JA 89 -38.58 -57.48 71.18
C ALA JA 89 -39.11 -58.66 70.36
N PHE JA 90 -39.59 -58.38 69.16
CA PHE JA 90 -40.23 -59.40 68.34
C PHE JA 90 -39.71 -59.35 66.91
N ASP JA 91 -38.65 -60.12 66.65
CA ASP JA 91 -38.14 -60.32 65.31
C ASP JA 91 -39.05 -61.28 64.56
N ARG JA 92 -39.65 -60.80 63.47
CA ARG JA 92 -40.54 -61.62 62.66
C ARG JA 92 -39.80 -62.43 61.61
N SER JA 93 -38.50 -62.20 61.45
CA SER JA 93 -37.58 -63.05 60.65
C SER JA 93 -37.97 -63.12 59.19
N GLY JA 94 -38.34 -61.98 58.60
CA GLY JA 94 -38.67 -61.95 57.20
C GLY JA 94 -40.06 -62.43 56.87
N PHE JA 95 -40.86 -62.79 57.86
CA PHE JA 95 -42.22 -63.27 57.65
C PHE JA 95 -43.19 -62.11 57.77
N LYS JA 96 -44.08 -62.00 56.80
CA LYS JA 96 -45.06 -60.92 56.78
C LYS JA 96 -46.07 -61.12 57.90
N TYR JA 97 -46.14 -60.14 58.79
CA TYR JA 97 -46.84 -60.23 60.08
C TYR JA 97 -48.35 -60.20 59.82
N HIS JA 98 -48.89 -61.32 59.36
CA HIS JA 98 -50.32 -61.34 59.03
C HIS JA 98 -51.09 -62.53 59.57
N GLY JA 99 -50.55 -63.73 59.49
CA GLY JA 99 -51.38 -64.89 59.69
C GLY JA 99 -51.05 -65.67 60.93
N ARG JA 100 -50.35 -66.79 60.74
CA ARG JA 100 -49.92 -67.61 61.86
C ARG JA 100 -48.81 -66.94 62.66
N VAL JA 101 -48.10 -65.98 62.08
CA VAL JA 101 -47.10 -65.23 62.85
C VAL JA 101 -47.79 -64.27 63.81
N LYS JA 102 -48.76 -63.51 63.31
CA LYS JA 102 -49.43 -62.49 64.11
C LYS JA 102 -50.26 -63.11 65.22
N ALA JA 103 -50.89 -64.26 64.94
CA ALA JA 103 -51.72 -64.90 65.95
C ALA JA 103 -50.91 -65.47 67.09
N LEU JA 104 -49.64 -65.85 66.84
CA LEU JA 104 -48.79 -66.31 67.93
C LEU JA 104 -48.37 -65.13 68.79
N ALA JA 105 -48.14 -63.97 68.18
CA ALA JA 105 -47.67 -62.81 68.91
C ALA JA 105 -48.79 -62.04 69.61
N ASP JA 106 -50.04 -62.46 69.42
CA ASP JA 106 -51.11 -61.99 70.29
C ASP JA 106 -51.30 -62.86 71.50
N ALA JA 107 -50.91 -64.14 71.43
CA ALA JA 107 -50.98 -64.99 72.60
C ALA JA 107 -49.89 -64.66 73.62
N ALA JA 108 -48.84 -63.96 73.19
CA ALA JA 108 -47.80 -63.56 74.13
C ALA JA 108 -48.25 -62.38 74.98
N ARG JA 109 -48.98 -61.45 74.37
CA ARG JA 109 -49.47 -60.30 75.11
C ARG JA 109 -50.57 -60.67 76.09
N GLU JA 110 -51.33 -61.72 75.79
CA GLU JA 110 -52.39 -62.16 76.70
C GLU JA 110 -51.83 -62.83 77.93
N GLY JA 111 -50.77 -63.63 77.78
CA GLY JA 111 -50.26 -64.43 78.87
C GLY JA 111 -49.30 -63.71 79.79
N GLY JA 112 -49.57 -62.44 80.08
CA GLY JA 112 -48.78 -61.67 81.02
C GLY JA 112 -47.48 -61.11 80.50
N LEU JA 113 -46.88 -61.73 79.49
CA LEU JA 113 -45.68 -61.21 78.88
C LEU JA 113 -46.02 -59.95 78.08
N GLU JA 114 -45.18 -58.94 78.21
CA GLU JA 114 -45.42 -57.68 77.53
C GLU JA 114 -44.17 -57.22 76.80
N PHE JA 115 -44.38 -56.52 75.71
CA PHE JA 115 -43.30 -56.12 74.81
C PHE JA 115 -42.65 -54.82 75.28
N LYS KA 1 91.40 26.06 8.00
CA LYS KA 1 91.81 26.33 6.62
C LYS KA 1 92.19 25.07 5.89
N ILE KA 2 91.69 23.93 6.32
CA ILE KA 2 92.12 22.69 5.69
C ILE KA 2 91.14 22.24 4.61
N ILE KA 3 89.87 22.63 4.67
CA ILE KA 3 89.01 22.42 3.52
C ILE KA 3 89.02 23.63 2.60
N GLN KA 4 89.48 24.78 3.08
CA GLN KA 4 89.70 25.94 2.22
C GLN KA 4 90.96 25.82 1.39
N GLN KA 5 91.73 24.75 1.56
CA GLN KA 5 93.00 24.55 0.87
C GLN KA 5 92.99 23.33 -0.04
N ILE KA 6 92.16 22.32 0.26
CA ILE KA 6 91.90 21.26 -0.69
C ILE KA 6 91.15 21.81 -1.90
N GLU KA 7 90.17 22.68 -1.66
CA GLU KA 7 89.29 23.22 -2.71
C GLU KA 7 90.02 24.09 -3.71
N ALA KA 8 91.26 24.47 -3.47
CA ALA KA 8 92.04 25.14 -4.50
C ALA KA 8 92.56 24.17 -5.55
N GLU KA 9 92.68 22.89 -5.23
CA GLU KA 9 93.31 21.94 -6.12
C GLU KA 9 92.35 21.28 -7.08
N GLN KA 10 91.05 21.30 -6.79
CA GLN KA 10 90.08 20.80 -7.74
C GLN KA 10 89.77 21.85 -8.81
N MET KA 11 89.97 23.13 -8.49
CA MET KA 11 89.68 24.20 -9.43
C MET KA 11 90.81 24.30 -10.44
N ASN KA 12 90.52 23.95 -11.68
CA ASN KA 12 91.39 24.24 -12.81
C ASN KA 12 90.52 24.85 -13.90
N LYS KA 13 91.01 25.94 -14.48
CA LYS KA 13 90.16 26.95 -15.12
C LYS KA 13 89.39 26.41 -16.31
N GLU KA 14 88.08 26.67 -16.31
CA GLU KA 14 87.18 26.23 -17.36
C GLU KA 14 86.24 27.32 -17.82
N ILE KA 15 86.02 28.38 -17.05
CA ILE KA 15 84.90 29.29 -17.28
C ILE KA 15 85.35 30.72 -17.58
N PRO KA 16 84.61 31.44 -18.44
CA PRO KA 16 84.89 32.87 -18.63
C PRO KA 16 84.07 33.75 -17.69
N ALA KA 17 84.20 35.05 -17.84
CA ALA KA 17 83.47 36.00 -17.01
C ALA KA 17 82.12 36.32 -17.63
N PHE KA 18 81.07 36.28 -16.81
CA PHE KA 18 79.70 36.50 -17.27
C PHE KA 18 78.85 36.93 -16.08
N ALA KA 19 77.57 37.10 -16.33
CA ALA KA 19 76.67 37.71 -15.35
C ALA KA 19 75.28 37.17 -15.60
N PRO KA 20 74.34 37.39 -14.67
CA PRO KA 20 72.93 37.13 -14.98
C PRO KA 20 72.43 38.06 -16.07
N GLY KA 21 71.56 37.54 -16.91
CA GLY KA 21 71.02 38.28 -18.03
C GLY KA 21 71.73 38.06 -19.34
N ASP KA 22 72.57 37.03 -19.43
CA ASP KA 22 73.33 36.72 -20.64
C ASP KA 22 72.66 35.58 -21.38
N THR KA 23 73.14 35.33 -22.60
CA THR KA 23 72.65 34.24 -23.44
C THR KA 23 73.84 33.35 -23.76
N VAL KA 24 74.12 32.40 -22.88
CA VAL KA 24 75.30 31.56 -23.04
C VAL KA 24 74.97 30.38 -23.93
N ILE KA 25 75.99 29.69 -24.41
CA ILE KA 25 75.84 28.39 -25.07
C ILE KA 25 76.82 27.43 -24.39
N VAL KA 26 76.33 26.24 -24.05
CA VAL KA 26 77.03 25.33 -23.16
C VAL KA 26 77.22 24.00 -23.87
N GLN KA 27 78.44 23.47 -23.85
CA GLN KA 27 78.77 22.20 -24.49
C GLN KA 27 78.94 21.16 -23.40
N VAL KA 28 77.99 20.22 -23.31
CA VAL KA 28 77.99 19.23 -22.25
C VAL KA 28 78.27 17.86 -22.86
N LYS KA 29 78.79 16.96 -22.03
CA LYS KA 29 79.12 15.62 -22.49
C LYS KA 29 77.93 14.69 -22.36
N VAL KA 30 77.84 13.74 -23.28
CA VAL KA 30 76.75 12.78 -23.33
C VAL KA 30 77.38 11.40 -23.32
N LYS KA 31 77.21 10.68 -22.24
CA LYS KA 31 77.71 9.31 -22.12
C LYS KA 31 76.54 8.36 -22.25
N GLU KA 32 76.31 7.86 -23.46
CA GLU KA 32 75.26 6.88 -23.67
C GLU KA 32 75.63 6.05 -24.90
N GLY KA 33 75.35 4.75 -24.82
CA GLY KA 33 75.61 3.87 -25.94
C GLY KA 33 77.08 3.63 -26.20
N ASP KA 34 77.91 3.71 -25.15
CA ASP KA 34 79.34 3.39 -25.18
C ASP KA 34 80.10 4.30 -26.14
N ARG KA 35 79.63 5.53 -26.28
CA ARG KA 35 80.29 6.52 -27.12
C ARG KA 35 80.04 7.89 -26.53
N GLN KA 36 81.11 8.58 -26.18
CA GLN KA 36 80.98 9.94 -25.65
C GLN KA 36 80.84 10.93 -26.80
N ARG KA 37 79.97 11.92 -26.61
CA ARG KA 37 79.83 12.97 -27.60
C ARG KA 37 79.43 14.25 -26.88
N LEU KA 38 79.30 15.34 -27.63
CA LEU KA 38 78.89 16.61 -27.05
C LEU KA 38 77.43 16.90 -27.37
N GLN KA 39 76.95 18.01 -26.81
CA GLN KA 39 75.58 18.46 -26.99
C GLN KA 39 75.55 19.94 -26.62
N ALA KA 40 74.87 20.74 -27.43
CA ALA KA 40 74.79 22.17 -27.21
C ALA KA 40 73.49 22.52 -26.51
N PHE KA 41 73.59 23.34 -25.47
CA PHE KA 41 72.44 23.76 -24.67
C PHE KA 41 72.54 25.27 -24.50
N GLU KA 42 71.68 26.01 -25.19
CA GLU KA 42 71.74 27.46 -25.24
C GLU KA 42 70.46 28.06 -24.68
N GLY KA 43 70.61 28.97 -23.73
CA GLY KA 43 69.50 29.68 -23.16
C GLY KA 43 69.97 30.92 -22.45
N VAL KA 44 69.13 31.41 -21.54
CA VAL KA 44 69.38 32.67 -20.83
C VAL KA 44 69.63 32.36 -19.37
N VAL KA 45 70.66 32.99 -18.80
CA VAL KA 45 71.14 32.71 -17.45
C VAL KA 45 70.35 33.51 -16.44
N ILE KA 46 69.93 32.86 -15.35
CA ILE KA 46 69.04 33.48 -14.36
C ILE KA 46 69.56 33.38 -12.94
N ALA KA 47 70.66 32.67 -12.67
CA ALA KA 47 71.11 32.50 -11.30
C ALA KA 47 72.60 32.24 -11.26
N LYS KA 48 73.18 32.47 -10.08
CA LYS KA 48 74.58 32.22 -9.79
C LYS KA 48 74.79 32.06 -8.29
N ARG KA 49 75.51 31.02 -7.90
CA ARG KA 49 76.14 30.94 -6.60
C ARG KA 49 77.64 31.09 -6.78
N ASN KA 50 78.33 31.46 -5.71
CA ASN KA 50 79.76 31.73 -5.82
C ASN KA 50 80.52 31.18 -4.63
N ARG KA 51 80.23 29.96 -4.22
CA ARG KA 51 80.80 29.44 -2.99
C ARG KA 51 82.18 28.81 -3.16
N GLY KA 52 82.77 28.85 -4.34
CA GLY KA 52 84.03 28.18 -4.55
C GLY KA 52 83.91 27.00 -5.51
N LEU KA 53 84.22 25.78 -5.05
CA LEU KA 53 83.81 24.60 -5.80
C LEU KA 53 82.31 24.45 -5.84
N ASN KA 54 81.61 25.03 -4.88
CA ASN KA 54 80.16 24.94 -4.81
C ASN KA 54 79.53 26.13 -5.52
N SER KA 55 79.99 26.41 -6.73
CA SER KA 55 79.43 27.44 -7.58
C SER KA 55 78.60 26.77 -8.66
N ALA KA 56 77.47 27.37 -8.98
CA ALA KA 56 76.52 26.72 -9.88
C ALA KA 56 75.59 27.77 -10.45
N PHE KA 57 75.39 27.73 -11.75
CA PHE KA 57 74.51 28.66 -12.43
C PHE KA 57 73.30 27.92 -12.99
N THR KA 58 72.40 28.67 -13.61
CA THR KA 58 71.11 28.16 -14.03
C THR KA 58 70.72 28.87 -15.33
N VAL KA 59 70.21 28.12 -16.30
CA VAL KA 59 69.98 28.63 -17.66
C VAL KA 59 68.66 28.10 -18.20
N ARG KA 60 67.84 28.99 -18.73
CA ARG KA 60 66.47 28.70 -19.15
C ARG KA 60 66.36 28.66 -20.67
N LYS KA 61 65.84 27.55 -21.20
CA LYS KA 61 65.64 27.38 -22.63
C LYS KA 61 64.17 27.09 -22.91
N ILE KA 62 63.66 27.62 -24.03
CA ILE KA 62 62.30 27.34 -24.45
C ILE KA 62 62.35 26.35 -25.61
N SER KA 63 62.24 25.06 -25.32
CA SER KA 63 62.45 24.01 -26.32
C SER KA 63 61.13 23.42 -26.74
N ASN KA 64 60.80 23.59 -28.03
CA ASN KA 64 59.61 23.02 -28.68
C ASN KA 64 58.33 23.43 -27.97
N GLY KA 65 58.22 24.73 -27.66
CA GLY KA 65 57.03 25.24 -27.01
C GLY KA 65 56.88 24.87 -25.55
N VAL KA 66 57.91 24.29 -24.95
CA VAL KA 66 57.90 23.84 -23.56
C VAL KA 66 59.14 24.42 -22.88
N GLY KA 67 58.93 25.09 -21.76
CA GLY KA 67 60.06 25.57 -20.98
C GLY KA 67 60.83 24.44 -20.33
N VAL KA 68 62.10 24.72 -20.05
CA VAL KA 68 62.99 23.81 -19.35
C VAL KA 68 64.09 24.67 -18.75
N GLU KA 69 64.56 24.29 -17.57
CA GLU KA 69 65.72 24.96 -17.02
C GLU KA 69 66.64 23.92 -16.41
N ARG KA 70 67.93 24.20 -16.48
CA ARG KA 70 68.96 23.25 -16.14
C ARG KA 70 69.97 23.94 -15.25
N THR KA 71 70.25 23.35 -14.11
CA THR KA 71 71.22 23.88 -13.16
C THR KA 71 72.53 23.15 -13.35
N PHE KA 72 73.57 23.87 -13.72
CA PHE KA 72 74.87 23.29 -14.00
C PHE KA 72 75.82 23.53 -12.84
N GLN KA 73 76.57 22.48 -12.47
CA GLN KA 73 77.69 22.67 -11.57
C GLN KA 73 78.87 23.21 -12.36
N THR KA 74 79.59 24.15 -11.78
CA THR KA 74 80.56 24.91 -12.57
C THR KA 74 81.82 24.11 -12.86
N TYR KA 75 82.43 23.53 -11.83
CA TYR KA 75 83.71 22.85 -11.99
C TYR KA 75 83.56 21.36 -12.24
N SER KA 76 82.41 20.92 -12.73
CA SER KA 76 82.24 19.54 -13.11
C SER KA 76 83.09 19.20 -14.33
N PRO KA 77 83.44 17.94 -14.50
CA PRO KA 77 84.04 17.50 -15.77
C PRO KA 77 83.00 17.16 -16.82
N ILE KA 78 81.76 17.59 -16.60
CA ILE KA 78 80.70 17.49 -17.60
C ILE KA 78 80.49 18.83 -18.30
N VAL KA 79 80.46 19.92 -17.55
CA VAL KA 79 80.41 21.25 -18.16
C VAL KA 79 81.77 21.53 -18.78
N ASP KA 80 81.84 21.45 -20.10
CA ASP KA 80 83.11 21.57 -20.81
C ASP KA 80 83.40 22.99 -21.26
N SER KA 81 82.54 23.54 -22.10
CA SER KA 81 82.73 24.85 -22.70
C SER KA 81 81.66 25.81 -22.22
N LEU KA 82 81.94 27.10 -22.39
CA LEU KA 82 80.99 28.14 -22.03
C LEU KA 82 81.34 29.38 -22.83
N SER KA 83 80.48 29.74 -23.77
CA SER KA 83 80.67 30.93 -24.59
C SER KA 83 79.54 31.91 -24.32
N VAL KA 84 79.81 33.18 -24.56
CA VAL KA 84 78.85 34.25 -24.32
C VAL KA 84 78.50 34.89 -25.66
N LYS KA 85 77.21 34.93 -25.99
CA LYS KA 85 76.77 35.45 -27.27
C LYS KA 85 76.12 36.82 -27.21
N ARG KA 86 75.60 37.23 -26.06
CA ARG KA 86 74.95 38.51 -25.91
C ARG KA 86 74.96 38.86 -24.43
N ARG KA 87 74.95 40.15 -24.11
CA ARG KA 87 74.88 40.58 -22.73
C ARG KA 87 74.11 41.88 -22.65
N GLY KA 88 73.42 42.09 -21.52
CA GLY KA 88 72.63 43.29 -21.34
C GLY KA 88 72.45 43.63 -19.87
N ASP KA 89 71.89 44.81 -19.63
CA ASP KA 89 71.67 45.29 -18.28
C ASP KA 89 70.31 44.82 -17.76
N VAL KA 90 70.30 44.33 -16.53
CA VAL KA 90 69.08 43.87 -15.88
C VAL KA 90 68.84 44.51 -14.52
N ARG KA 91 69.88 45.06 -13.90
CA ARG KA 91 69.91 45.70 -12.57
C ARG KA 91 69.24 44.89 -11.46
N LYS KA 92 69.22 43.57 -11.60
CA LYS KA 92 68.86 42.67 -10.51
C LYS KA 92 69.80 41.48 -10.55
N ALA KA 93 69.82 40.72 -9.46
CA ALA KA 93 70.77 39.64 -9.32
C ALA KA 93 70.20 38.29 -9.71
N LYS KA 94 68.95 38.01 -9.38
CA LYS KA 94 68.28 36.78 -9.77
C LYS KA 94 67.08 37.13 -10.63
N LEU KA 95 66.98 36.50 -11.80
CA LEU KA 95 65.86 36.73 -12.70
C LEU KA 95 64.85 35.59 -12.54
N TYR KA 96 64.18 35.56 -11.40
CA TYR KA 96 63.12 34.58 -11.21
C TYR KA 96 61.77 35.10 -11.63
N TYR KA 97 61.68 36.32 -12.13
CA TYR KA 97 60.44 36.83 -12.68
C TYR KA 97 60.25 36.42 -14.13
N LEU KA 98 61.04 35.49 -14.63
CA LEU KA 98 60.85 34.96 -15.96
C LEU KA 98 60.36 33.52 -15.96
N ARG KA 99 59.99 32.99 -14.80
CA ARG KA 99 59.27 31.72 -14.79
C ARG KA 99 57.79 31.89 -15.05
N ALA KA 100 57.30 33.13 -15.15
CA ALA KA 100 55.92 33.39 -15.48
C ALA KA 100 55.74 33.91 -16.90
N LEU KA 101 56.50 34.94 -17.27
CA LEU KA 101 56.35 35.58 -18.57
C LEU KA 101 56.89 34.67 -19.67
N SER KA 102 56.29 34.79 -20.86
CA SER KA 102 56.56 33.83 -21.93
C SER KA 102 57.17 34.46 -23.17
N GLY KA 103 56.54 35.48 -23.74
CA GLY KA 103 56.89 35.88 -25.09
C GLY KA 103 57.59 37.21 -25.23
N LYS KA 104 56.84 38.23 -25.65
CA LYS KA 104 57.40 39.56 -25.80
C LYS KA 104 57.52 40.28 -24.47
N ALA KA 105 56.82 39.81 -23.44
CA ALA KA 105 57.01 40.37 -22.11
C ALA KA 105 58.34 39.94 -21.50
N ALA KA 106 58.84 38.77 -21.87
CA ALA KA 106 60.11 38.27 -21.36
C ALA KA 106 61.26 38.61 -22.28
N ARG KA 107 61.40 39.88 -22.66
CA ARG KA 107 62.53 40.35 -23.43
C ARG KA 107 63.51 41.03 -22.49
N ILE KA 108 64.75 40.55 -22.48
CA ILE KA 108 65.79 41.23 -21.73
C ILE KA 108 66.14 42.52 -22.47
N LYS KA 109 66.06 43.64 -21.75
CA LYS KA 109 66.33 44.95 -22.35
C LYS KA 109 67.81 45.10 -22.64
N GLU KA 110 68.14 46.14 -23.39
CA GLU KA 110 69.54 46.40 -23.76
C GLU KA 110 69.89 47.87 -23.48
N LYS KA 111 70.29 48.11 -22.23
CA LYS KA 111 71.07 49.31 -21.93
C LYS KA 111 72.53 49.11 -22.29
N LEU KA 112 73.00 47.86 -22.28
CA LEU KA 112 74.41 47.52 -22.17
C LEU KA 112 74.90 46.98 -23.50
N VAL KA 113 75.73 47.75 -24.18
CA VAL KA 113 76.34 47.34 -25.43
C VAL KA 113 77.86 47.37 -25.27
N ALA LA 1 19.21 25.35 87.03
CA ALA LA 1 20.61 25.13 87.33
C ALA LA 1 21.37 24.73 86.07
N ARG LA 2 21.89 25.72 85.35
CA ARG LA 2 22.64 25.42 84.14
C ARG LA 2 24.01 24.89 84.50
N VAL LA 3 24.36 23.74 83.93
CA VAL LA 3 25.67 23.12 84.11
C VAL LA 3 26.44 23.30 82.82
N LYS LA 4 27.67 23.78 82.93
CA LYS LA 4 28.56 23.88 81.78
C LYS LA 4 29.65 22.82 81.90
N ARG LA 5 29.84 22.08 80.81
CA ARG LA 5 30.57 20.82 80.82
C ARG LA 5 32.00 20.97 80.30
N GLY LA 6 32.62 22.10 80.57
CA GLY LA 6 33.94 22.38 80.06
C GLY LA 6 35.10 22.06 80.97
N VAL LA 7 34.87 21.42 82.10
CA VAL LA 7 35.94 21.20 83.06
C VAL LA 7 36.05 19.71 83.38
N ILE LA 8 34.95 18.98 83.21
CA ILE LA 8 34.97 17.53 83.35
C ILE LA 8 35.10 16.84 82.00
N ALA LA 9 34.95 17.57 80.90
CA ALA LA 9 35.33 17.02 79.61
C ALA LA 9 36.84 17.03 79.46
N ARG LA 10 37.52 17.99 80.06
CA ARG LA 10 38.96 18.13 79.89
C ARG LA 10 39.72 17.05 80.64
N ARG LA 11 39.23 16.63 81.81
CA ARG LA 11 39.92 15.61 82.58
C ARG LA 11 39.89 14.25 81.89
N ARG LA 12 38.84 13.97 81.14
CA ARG LA 12 38.73 12.71 80.43
C ARG LA 12 39.51 12.73 79.11
N HIS LA 13 39.79 13.91 78.55
CA HIS LA 13 40.65 13.97 77.38
C HIS LA 13 42.11 13.79 77.75
N LYS LA 14 42.56 14.39 78.84
CA LYS LA 14 43.95 14.23 79.27
C LYS LA 14 44.23 12.81 79.76
N LYS LA 15 43.22 12.09 80.19
CA LYS LA 15 43.39 10.71 80.60
C LYS LA 15 43.58 9.78 79.41
N ILE LA 16 43.01 10.14 78.26
CA ILE LA 16 43.25 9.39 77.05
C ILE LA 16 44.64 9.67 76.50
N LEU LA 17 44.98 10.93 76.32
CA LEU LA 17 46.23 11.43 75.75
C LEU LA 17 47.45 11.16 76.61
N LYS LA 18 47.33 10.50 77.75
CA LYS LA 18 48.46 10.04 78.55
C LYS LA 18 48.82 8.61 78.23
N LEU LA 19 47.82 7.75 78.00
CA LEU LA 19 48.06 6.39 77.55
C LEU LA 19 48.57 6.34 76.12
N ALA LA 20 48.33 7.38 75.34
CA ALA LA 20 48.64 7.38 73.92
C ALA LA 20 49.83 8.27 73.60
N LYS LA 21 50.82 8.31 74.48
CA LYS LA 21 52.03 9.04 74.14
C LYS LA 21 53.12 8.05 73.77
N GLY LA 22 54.05 8.53 72.95
CA GLY LA 22 55.00 7.66 72.30
C GLY LA 22 54.58 7.17 70.94
N TYR LA 23 53.49 7.68 70.38
CA TYR LA 23 52.96 7.18 69.12
C TYR LA 23 53.32 8.15 68.00
N TYR LA 24 53.34 7.64 66.78
CA TYR LA 24 53.78 8.42 65.63
C TYR LA 24 52.73 9.42 65.23
N GLY LA 25 53.18 10.62 64.89
CA GLY LA 25 52.37 11.54 64.09
C GLY LA 25 51.21 12.13 64.86
N ALA LA 26 50.04 12.10 64.24
CA ALA LA 26 48.82 12.60 64.85
C ALA LA 26 48.12 11.57 65.70
N ARG LA 27 48.74 10.41 65.93
CA ARG LA 27 48.13 9.44 66.84
C ARG LA 27 48.35 9.80 68.29
N SER LA 28 49.28 10.70 68.58
CA SER LA 28 49.63 11.00 69.96
C SER LA 28 49.26 12.41 70.37
N ARG LA 29 48.62 13.18 69.49
CA ARG LA 29 48.36 14.57 69.82
C ARG LA 29 46.96 15.06 69.53
N VAL LA 30 46.19 14.45 68.63
CA VAL LA 30 44.80 14.88 68.43
C VAL LA 30 43.89 13.75 68.89
N PHE LA 31 42.71 14.13 69.38
CA PHE LA 31 41.92 13.18 70.16
C PHE LA 31 41.11 12.23 69.30
N ARG LA 32 40.57 12.68 68.17
CA ARG LA 32 39.73 11.78 67.38
C ARG LA 32 40.53 10.71 66.64
N VAL LA 33 41.86 10.79 66.65
CA VAL LA 33 42.70 9.71 66.19
C VAL LA 33 43.24 8.90 67.36
N ALA LA 34 43.58 9.56 68.46
CA ALA LA 34 44.16 8.90 69.61
C ALA LA 34 43.16 8.10 70.43
N LYS LA 35 41.87 8.16 70.14
CA LYS LA 35 40.95 7.26 70.81
C LYS LA 35 40.91 5.92 70.12
N GLN LA 36 41.08 5.88 68.81
CA GLN LA 36 41.11 4.61 68.09
C GLN LA 36 42.37 3.82 68.42
N ALA LA 37 43.48 4.50 68.64
CA ALA LA 37 44.77 3.86 68.88
C ALA LA 37 45.02 3.55 70.34
N VAL LA 38 43.98 3.57 71.17
CA VAL LA 38 44.07 3.16 72.56
C VAL LA 38 43.20 1.92 72.70
N ILE LA 39 42.08 1.91 71.99
CA ILE LA 39 41.24 0.71 71.95
C ILE LA 39 41.94 -0.39 71.17
N LYS LA 40 42.54 -0.06 70.04
CA LYS LA 40 43.26 -1.05 69.24
C LYS LA 40 44.50 -1.55 69.96
N ALA LA 41 45.18 -0.69 70.67
CA ALA LA 41 46.33 -1.11 71.45
C ALA LA 41 45.96 -1.76 72.77
N GLY LA 42 44.69 -2.02 73.01
CA GLY LA 42 44.25 -2.77 74.15
C GLY LA 42 43.74 -4.14 73.75
N GLN LA 43 43.27 -4.24 72.51
CA GLN LA 43 42.94 -5.56 71.95
C GLN LA 43 44.20 -6.37 71.68
N TYR LA 44 45.24 -5.73 71.19
CA TYR LA 44 46.49 -6.43 70.94
C TYR LA 44 47.11 -6.90 72.24
N ALA LA 45 46.99 -6.11 73.29
CA ALA LA 45 47.54 -6.50 74.57
C ALA LA 45 46.71 -7.56 75.26
N TYR LA 46 45.55 -7.91 74.74
CA TYR LA 46 44.72 -8.98 75.25
C TYR LA 46 44.97 -10.28 74.51
N ARG LA 47 45.19 -10.19 73.21
CA ARG LA 47 45.49 -11.38 72.42
C ARG LA 47 46.89 -11.88 72.72
N ASP LA 48 47.83 -10.97 72.90
CA ASP LA 48 49.24 -11.32 73.04
C ASP LA 48 49.61 -11.77 74.44
N ARG LA 49 48.68 -11.80 75.39
CA ARG LA 49 48.93 -12.51 76.63
C ARG LA 49 48.77 -14.00 76.44
N ARG LA 50 47.97 -14.42 75.47
CA ARG LA 50 47.86 -15.83 75.13
C ARG LA 50 49.00 -16.24 74.22
N GLN LA 51 49.36 -15.40 73.26
CA GLN LA 51 50.42 -15.73 72.33
C GLN LA 51 51.80 -15.63 72.95
N ARG LA 52 51.93 -14.99 74.11
CA ARG LA 52 53.18 -15.03 74.84
C ARG LA 52 53.50 -16.46 75.29
N LYS LA 53 52.46 -17.19 75.70
CA LYS LA 53 52.65 -18.55 76.18
C LYS LA 53 52.95 -19.53 75.05
N ARG LA 54 52.69 -19.15 73.80
CA ARG LA 54 52.95 -20.00 72.66
C ARG LA 54 54.30 -19.73 72.03
N GLN LA 55 54.88 -18.56 72.26
CA GLN LA 55 56.14 -18.20 71.64
C GLN LA 55 57.33 -18.63 72.48
N PHE LA 56 57.14 -18.93 73.76
CA PHE LA 56 58.21 -19.50 74.55
C PHE LA 56 58.19 -21.01 74.53
N ARG LA 57 57.00 -21.59 74.51
CA ARG LA 57 56.86 -23.04 74.38
C ARG LA 57 57.45 -23.53 73.07
N ALA LA 58 57.31 -22.76 72.00
CA ALA LA 58 57.93 -23.08 70.74
C ALA LA 58 59.41 -22.76 70.72
N LEU LA 59 59.91 -22.06 71.74
CA LEU LA 59 61.32 -21.77 71.86
C LEU LA 59 62.03 -22.72 72.79
N TRP LA 60 61.32 -23.23 73.79
CA TRP LA 60 61.89 -24.26 74.66
C TRP LA 60 62.07 -25.56 73.92
N ILE LA 61 61.12 -25.90 73.05
CA ILE LA 61 61.17 -27.16 72.31
C ILE LA 61 62.31 -27.16 71.31
N ALA LA 62 62.53 -26.05 70.64
CA ALA LA 62 63.58 -26.00 69.63
C ALA LA 62 64.97 -25.85 70.21
N ARG LA 63 65.11 -25.76 71.53
CA ARG LA 63 66.41 -25.78 72.17
C ARG LA 63 66.74 -27.11 72.81
N ILE LA 64 65.73 -27.83 73.28
CA ILE LA 64 65.93 -29.21 73.70
C ILE LA 64 66.27 -30.07 72.50
N ASN LA 65 65.64 -29.77 71.37
CA ASN LA 65 65.80 -30.55 70.14
C ASN LA 65 67.21 -30.42 69.60
N ALA LA 66 67.78 -29.21 69.65
CA ALA LA 66 69.14 -29.01 69.18
C ALA LA 66 70.15 -29.60 70.16
N GLY LA 67 69.85 -29.54 71.46
CA GLY LA 67 70.78 -30.04 72.45
C GLY LA 67 70.79 -31.55 72.54
N ALA LA 68 69.65 -32.19 72.28
CA ALA LA 68 69.58 -33.64 72.40
C ALA LA 68 70.01 -34.37 71.14
N ARG LA 69 70.13 -33.69 70.01
CA ARG LA 69 70.71 -34.33 68.84
C ARG LA 69 72.22 -34.44 68.95
N GLN LA 70 72.84 -33.51 69.67
CA GLN LA 70 74.29 -33.52 69.83
C GLN LA 70 74.76 -34.66 70.73
N ASN LA 71 73.86 -35.21 71.53
CA ASN LA 71 74.18 -36.37 72.35
C ASN LA 71 73.75 -37.68 71.70
N GLY LA 72 72.89 -37.65 70.70
CA GLY LA 72 72.52 -38.88 70.02
C GLY LA 72 71.06 -39.29 70.07
N LEU LA 73 70.15 -38.33 70.10
CA LEU LA 73 68.71 -38.62 70.03
C LEU LA 73 68.03 -37.58 69.16
N SER LA 74 66.70 -37.54 69.26
CA SER LA 74 65.84 -36.51 68.72
C SER LA 74 65.15 -35.83 69.89
N TYR LA 75 64.21 -34.95 69.57
CA TYR LA 75 63.34 -34.46 70.62
C TYR LA 75 62.24 -35.44 70.96
N SER LA 76 61.63 -36.04 69.94
CA SER LA 76 60.43 -36.82 70.17
C SER LA 76 60.73 -38.15 70.83
N ARG LA 77 61.91 -38.70 70.61
CA ARG LA 77 62.27 -39.93 71.30
C ARG LA 77 62.80 -39.67 72.70
N LEU LA 78 63.22 -38.44 72.98
CA LEU LA 78 63.66 -38.08 74.32
C LEU LA 78 62.47 -38.00 75.28
N ILE LA 79 61.38 -37.36 74.83
CA ILE LA 79 60.19 -37.19 75.67
C ILE LA 79 59.52 -38.53 75.92
N ALA LA 80 59.57 -39.45 74.96
CA ALA LA 80 59.11 -40.81 75.24
C ALA LA 80 60.08 -41.55 76.12
N GLY LA 81 61.35 -41.16 76.10
CA GLY LA 81 62.33 -41.80 76.96
C GLY LA 81 62.19 -41.36 78.40
N LEU LA 82 61.83 -40.10 78.62
CA LEU LA 82 61.69 -39.62 79.99
C LEU LA 82 60.39 -40.09 80.61
N LYS LA 83 59.39 -40.37 79.80
CA LYS LA 83 58.10 -40.79 80.29
C LYS LA 83 57.92 -42.30 80.27
N LYS LA 84 58.99 -43.04 79.97
CA LYS LA 84 59.05 -44.44 80.37
C LYS LA 84 59.32 -44.54 81.86
N ALA LA 85 60.29 -43.79 82.34
CA ALA LA 85 60.45 -43.49 83.76
C ALA LA 85 59.55 -42.31 84.11
N ALA LA 86 59.74 -41.69 85.26
CA ALA LA 86 59.03 -40.46 85.57
C ALA LA 86 60.03 -39.41 86.06
N ILE LA 87 60.70 -38.73 85.14
CA ILE LA 87 61.66 -37.73 85.56
C ILE LA 87 60.96 -36.40 85.87
N GLU LA 88 59.92 -36.07 85.08
CA GLU LA 88 58.93 -35.05 85.39
C GLU LA 88 59.57 -33.65 85.47
N ILE LA 89 60.30 -33.30 84.43
CA ILE LA 89 60.96 -32.00 84.31
C ILE LA 89 60.40 -31.30 83.09
N ASP LA 90 59.91 -30.08 83.27
CA ASP LA 90 59.17 -29.40 82.23
C ASP LA 90 60.11 -28.76 81.22
N ARG LA 91 59.52 -28.08 80.24
CA ARG LA 91 60.28 -27.55 79.14
C ARG LA 91 61.06 -26.30 79.53
N LYS LA 92 60.58 -25.57 80.54
CA LYS LA 92 61.25 -24.34 80.92
C LYS LA 92 62.59 -24.61 81.58
N VAL LA 93 62.67 -25.70 82.34
CA VAL LA 93 63.87 -26.03 83.10
C VAL LA 93 64.59 -27.24 82.48
N LEU LA 94 64.34 -27.53 81.21
CA LEU LA 94 65.25 -28.32 80.40
C LEU LA 94 66.04 -27.46 79.45
N ALA LA 95 65.41 -26.41 78.92
CA ALA LA 95 66.08 -25.45 78.05
C ALA LA 95 66.93 -24.45 78.83
N ASP LA 96 66.91 -24.53 80.16
CA ASP LA 96 67.91 -23.85 80.98
C ASP LA 96 69.13 -24.74 81.16
N LEU LA 97 68.90 -26.04 81.37
CA LEU LA 97 69.98 -26.99 81.50
C LEU LA 97 70.64 -27.29 80.17
N ALA LA 98 70.00 -26.94 79.07
CA ALA LA 98 70.61 -27.17 77.76
C ALA LA 98 71.71 -26.16 77.50
N VAL LA 99 71.54 -24.93 77.95
CA VAL LA 99 72.49 -23.87 77.67
C VAL LA 99 73.53 -23.81 78.78
N ASN LA 100 73.08 -23.56 80.01
CA ASN LA 100 74.01 -23.29 81.09
C ASN LA 100 74.60 -24.56 81.67
N GLU LA 101 73.75 -25.40 82.26
CA GLU LA 101 74.24 -26.56 83.02
C GLU LA 101 74.31 -27.78 82.09
N LYS LA 102 75.30 -27.74 81.19
CA LYS LA 102 75.35 -28.68 80.08
C LYS LA 102 75.77 -30.07 80.53
N ALA LA 103 76.52 -30.17 81.63
CA ALA LA 103 76.95 -31.49 82.10
C ALA LA 103 75.83 -32.23 82.79
N ALA LA 104 74.90 -31.52 83.45
CA ALA LA 104 73.76 -32.17 84.05
C ALA LA 104 72.73 -32.59 83.02
N PHE LA 105 72.71 -31.93 81.85
CA PHE LA 105 71.82 -32.35 80.78
C PHE LA 105 72.26 -33.68 80.20
N THR LA 106 73.56 -33.91 80.11
CA THR LA 106 74.08 -35.16 79.58
C THR LA 106 73.80 -36.32 80.53
N ALA LA 107 73.78 -36.06 81.83
CA ALA LA 107 73.41 -37.08 82.80
C ALA LA 107 71.91 -37.38 82.79
N ILE LA 108 71.09 -36.55 82.15
CA ILE LA 108 69.69 -36.89 81.94
C ILE LA 108 69.50 -37.69 80.66
N VAL LA 109 70.20 -37.31 79.58
CA VAL LA 109 70.04 -37.95 78.28
C VAL LA 109 70.46 -39.41 78.33
N GLU LA 110 71.52 -39.72 79.09
CA GLU LA 110 71.99 -41.09 79.20
C GLU LA 110 70.98 -41.98 79.92
N LYS LA 111 70.14 -41.39 80.76
CA LYS LA 111 69.14 -42.17 81.48
C LYS LA 111 67.89 -42.40 80.64
N ALA LA 112 67.61 -41.53 79.67
CA ALA LA 112 66.57 -41.82 78.70
C ALA LA 112 67.00 -42.92 77.75
N LYS LA 113 68.29 -42.96 77.39
CA LYS LA 113 68.80 -44.05 76.59
C LYS LA 113 68.83 -45.35 77.40
N ALA LA 114 69.14 -45.26 78.69
CA ALA LA 114 69.07 -46.42 79.57
C ALA LA 114 67.63 -46.86 79.78
N SER LA 115 66.68 -45.94 79.65
CA SER LA 115 65.27 -46.28 79.65
C SER LA 115 64.84 -46.97 78.36
N LEU LA 116 65.70 -47.00 77.36
CA LEU LA 116 65.56 -47.79 76.13
C LEU LA 116 64.35 -47.33 75.34
N ALA LA 117 64.08 -46.03 75.41
CA ALA LA 117 62.89 -45.46 74.80
C ALA LA 117 63.20 -44.12 74.15
N MET MA 1 75.31 -26.13 93.76
CA MET MA 1 74.08 -25.89 94.50
C MET MA 1 73.01 -25.23 93.67
N TYR MA 2 72.20 -26.03 93.00
CA TYR MA 2 70.95 -25.56 92.45
C TYR MA 2 69.93 -26.68 92.56
N ALA MA 3 68.72 -26.32 92.94
CA ALA MA 3 67.63 -27.27 93.11
C ALA MA 3 66.53 -26.94 92.12
N VAL MA 4 65.53 -27.81 92.06
CA VAL MA 4 64.31 -27.57 91.29
C VAL MA 4 63.15 -27.84 92.23
N ILE MA 5 62.59 -26.79 92.82
CA ILE MA 5 61.46 -26.91 93.73
C ILE MA 5 60.20 -26.56 92.98
N VAL MA 6 59.06 -27.09 93.44
CA VAL MA 6 57.79 -26.88 92.75
C VAL MA 6 56.85 -26.19 93.74
N THR MA 7 56.60 -24.90 93.52
CA THR MA 7 55.84 -24.12 94.50
C THR MA 7 54.35 -24.06 94.18
N GLY MA 8 53.99 -23.50 93.03
CA GLY MA 8 52.60 -23.17 92.78
C GLY MA 8 52.04 -23.78 91.51
N GLY MA 9 52.37 -25.02 91.24
CA GLY MA 9 52.04 -25.62 89.96
C GLY MA 9 53.06 -25.37 88.88
N LYS MA 10 54.25 -24.88 89.25
CA LYS MA 10 55.32 -24.60 88.32
C LYS MA 10 56.62 -24.63 89.10
N GLN MA 11 57.72 -24.91 88.41
CA GLN MA 11 58.98 -25.07 89.10
C GLN MA 11 59.99 -24.01 88.67
N HIS MA 12 61.11 -23.99 89.41
CA HIS MA 12 62.01 -22.86 89.43
C HIS MA 12 63.45 -23.34 89.40
N LYS MA 13 64.36 -22.41 89.15
CA LYS MA 13 65.80 -22.66 89.15
C LYS MA 13 66.36 -21.93 90.36
N VAL MA 14 66.34 -22.60 91.50
CA VAL MA 14 66.62 -21.99 92.79
C VAL MA 14 68.06 -22.28 93.19
N THR MA 15 68.80 -21.21 93.51
CA THR MA 15 70.16 -21.27 93.98
C THR MA 15 70.19 -21.09 95.50
N GLU MA 16 71.39 -20.92 96.06
CA GLU MA 16 71.53 -20.90 97.51
C GLU MA 16 71.09 -19.55 98.10
N GLY MA 17 71.26 -18.46 97.35
CA GLY MA 17 70.99 -17.15 97.90
C GLY MA 17 70.00 -16.29 97.15
N GLU MA 18 68.93 -16.88 96.63
CA GLU MA 18 68.02 -16.19 95.72
C GLU MA 18 66.90 -15.49 96.47
N PHE MA 19 66.59 -14.27 96.03
CA PHE MA 19 65.24 -13.74 96.17
C PHE MA 19 64.39 -14.30 95.03
N LEU MA 20 63.12 -14.50 95.32
CA LEU MA 20 62.28 -15.23 94.37
C LEU MA 20 60.83 -14.85 94.62
N LYS MA 21 60.11 -14.55 93.55
CA LYS MA 21 58.70 -14.17 93.66
C LYS MA 21 57.81 -15.38 93.37
N VAL MA 22 57.03 -15.78 94.36
CA VAL MA 22 56.15 -16.92 94.30
C VAL MA 22 54.72 -16.40 94.35
N GLU MA 23 53.80 -17.15 93.75
CA GLU MA 23 52.37 -16.92 93.96
C GLU MA 23 52.00 -17.02 95.44
N LYS MA 24 50.86 -16.45 95.79
CA LYS MA 24 50.53 -16.19 97.18
C LYS MA 24 50.18 -17.49 97.91
N LEU MA 25 50.83 -17.70 99.05
CA LEU MA 25 50.62 -18.88 99.87
C LEU MA 25 50.25 -18.44 101.29
N ASP MA 26 49.61 -19.35 102.03
CA ASP MA 26 48.97 -19.01 103.29
C ASP MA 26 49.97 -19.20 104.42
N VAL MA 27 50.77 -18.16 104.66
CA VAL MA 27 51.72 -18.12 105.77
C VAL MA 27 52.02 -16.65 106.02
N ALA MA 28 52.31 -16.31 107.28
CA ALA MA 28 52.54 -14.92 107.64
C ALA MA 28 53.95 -14.50 107.24
N THR MA 29 54.33 -13.28 107.61
CA THR MA 29 55.62 -12.73 107.24
C THR MA 29 56.65 -13.02 108.33
N GLY MA 30 57.77 -13.61 107.93
CA GLY MA 30 58.86 -13.93 108.84
C GLY MA 30 59.00 -15.40 109.15
N GLU MA 31 57.96 -16.19 108.94
CA GLU MA 31 58.01 -17.60 109.22
C GLU MA 31 58.81 -18.35 108.17
N ALA MA 32 59.31 -19.52 108.55
CA ALA MA 32 60.18 -20.32 107.71
C ALA MA 32 59.36 -21.38 106.98
N ILE MA 33 59.77 -21.68 105.74
CA ILE MA 33 59.07 -22.61 104.88
C ILE MA 33 60.05 -23.65 104.40
N ASP MA 34 59.67 -24.92 104.48
CA ASP MA 34 60.39 -26.01 103.85
C ASP MA 34 59.72 -26.42 102.55
N PHE MA 35 60.51 -27.05 101.67
CA PHE MA 35 60.00 -27.59 100.42
C PHE MA 35 60.41 -29.05 100.31
N ASP MA 36 59.42 -29.93 100.20
CA ASP MA 36 59.66 -31.36 100.10
C ASP MA 36 59.38 -31.87 98.69
N ARG MA 37 59.42 -30.97 97.71
CA ARG MA 37 59.03 -31.24 96.33
C ARG MA 37 60.18 -30.83 95.41
N VAL MA 38 61.37 -31.32 95.72
CA VAL MA 38 62.57 -31.04 94.95
C VAL MA 38 62.76 -32.16 93.93
N LEU MA 39 63.26 -31.81 92.75
CA LEU MA 39 63.28 -32.75 91.63
C LEU MA 39 64.67 -33.09 91.11
N LEU MA 40 65.64 -32.20 91.24
CA LEU MA 40 67.03 -32.58 91.03
C LEU MA 40 67.92 -31.72 91.91
N VAL MA 41 68.94 -32.34 92.49
CA VAL MA 41 69.88 -31.65 93.36
C VAL MA 41 71.27 -31.82 92.77
N ALA MA 42 71.92 -30.71 92.48
CA ALA MA 42 73.31 -30.71 92.03
C ALA MA 42 74.19 -29.99 93.04
N ASN MA 43 75.48 -30.32 93.00
CA ASN MA 43 76.46 -29.77 93.94
C ASN MA 43 77.83 -29.93 93.30
N GLY MA 44 78.45 -28.81 92.93
CA GLY MA 44 79.68 -28.88 92.16
C GLY MA 44 79.39 -29.48 90.81
N GLU MA 45 79.81 -30.74 90.63
CA GLU MA 45 79.33 -31.57 89.54
C GLU MA 45 78.34 -32.63 89.99
N ASP MA 46 78.28 -32.92 91.29
CA ASP MA 46 77.54 -34.07 91.79
C ASP MA 46 76.04 -33.84 91.71
N VAL MA 47 75.45 -34.30 90.62
CA VAL MA 47 74.04 -34.06 90.31
C VAL MA 47 73.28 -35.37 90.43
N LYS MA 48 72.08 -35.30 90.99
CA LYS MA 48 71.20 -36.46 91.04
C LYS MA 48 69.78 -36.00 90.76
N ILE MA 49 68.98 -36.87 90.16
CA ILE MA 49 67.62 -36.55 89.75
C ILE MA 49 66.69 -37.51 90.47
N GLY MA 50 65.38 -37.21 90.44
CA GLY MA 50 64.44 -37.98 91.20
C GLY MA 50 63.85 -39.14 90.40
N LEU MA 51 63.47 -40.19 91.11
CA LEU MA 51 62.82 -41.31 90.45
C LEU MA 51 61.36 -40.98 90.12
N PRO MA 52 60.51 -40.55 91.07
CA PRO MA 52 59.76 -39.37 90.61
C PRO MA 52 60.20 -38.10 91.35
N VAL MA 53 60.82 -38.28 92.53
CA VAL MA 53 61.26 -37.20 93.40
C VAL MA 53 62.57 -37.65 94.07
N VAL MA 54 63.28 -36.68 94.62
CA VAL MA 54 64.57 -36.91 95.27
C VAL MA 54 64.31 -37.14 96.75
N GLU MA 55 64.90 -38.19 97.30
CA GLU MA 55 64.66 -38.54 98.69
C GLU MA 55 65.46 -37.62 99.63
N GLY MA 56 64.86 -37.31 100.76
CA GLY MA 56 65.56 -36.64 101.85
C GLY MA 56 65.89 -35.18 101.70
N ALA MA 57 65.99 -34.67 100.47
CA ALA MA 57 66.47 -33.32 100.25
C ALA MA 57 65.39 -32.28 100.56
N LYS MA 58 65.80 -31.21 101.22
CA LYS MA 58 64.90 -30.13 101.59
C LYS MA 58 65.48 -28.80 101.15
N VAL MA 59 64.60 -27.83 100.96
CA VAL MA 59 64.97 -26.45 100.70
C VAL MA 59 64.24 -25.60 101.71
N THR MA 60 64.99 -24.82 102.49
CA THR MA 60 64.42 -23.96 103.51
C THR MA 60 64.31 -22.54 102.98
N ALA MA 61 63.12 -21.96 103.11
CA ALA MA 61 62.87 -20.59 102.67
C ALA MA 61 62.11 -19.86 103.77
N GLU MA 62 62.04 -18.53 103.64
CA GLU MA 62 61.23 -17.73 104.55
C GLU MA 62 60.70 -16.51 103.82
N VAL MA 63 59.56 -16.02 104.28
CA VAL MA 63 58.82 -14.98 103.59
C VAL MA 63 59.44 -13.62 103.88
N VAL MA 64 59.77 -12.89 102.82
CA VAL MA 64 60.20 -11.50 102.99
C VAL MA 64 59.00 -10.58 103.13
N SER MA 65 58.08 -10.61 102.18
CA SER MA 65 56.95 -9.69 102.18
C SER MA 65 55.80 -10.28 101.36
N HIS MA 66 54.80 -9.43 101.09
CA HIS MA 66 53.71 -9.73 100.17
C HIS MA 66 53.54 -8.55 99.22
N GLY MA 67 52.48 -8.55 98.44
CA GLY MA 67 52.22 -7.41 97.58
C GLY MA 67 51.39 -7.80 96.38
N ARG MA 68 51.10 -6.79 95.57
CA ARG MA 68 50.39 -6.92 94.31
C ARG MA 68 51.17 -6.14 93.28
N HIS MA 69 51.37 -6.71 92.10
CA HIS MA 69 52.25 -6.09 91.12
C HIS MA 69 51.52 -5.76 89.84
N ASP MA 70 51.81 -4.57 89.31
CA ASP MA 70 51.69 -4.25 87.90
C ASP MA 70 50.29 -4.34 87.30
N LYS MA 71 49.43 -3.37 87.61
CA LYS MA 71 48.06 -3.37 87.12
C LYS MA 71 47.99 -3.38 85.60
N VAL MA 72 47.25 -4.35 85.07
CA VAL MA 72 47.07 -4.51 83.63
C VAL MA 72 45.61 -4.23 83.30
N ARG MA 73 45.37 -3.99 82.02
CA ARG MA 73 44.04 -3.62 81.53
C ARG MA 73 43.50 -4.67 80.58
N ILE MA 74 42.18 -4.75 80.51
CA ILE MA 74 41.48 -5.67 79.65
C ILE MA 74 40.42 -4.89 78.89
N ILE MA 75 40.42 -4.98 77.57
CA ILE MA 75 39.43 -4.32 76.74
C ILE MA 75 38.78 -5.37 75.86
N LYS MA 76 37.48 -5.57 76.03
CA LYS MA 76 36.72 -6.48 75.19
C LYS MA 76 35.85 -5.64 74.26
N PHE MA 77 36.40 -5.32 73.09
CA PHE MA 77 35.74 -4.47 72.12
C PHE MA 77 35.28 -5.30 70.93
N ARG MA 78 34.17 -4.90 70.33
CA ARG MA 78 33.69 -5.48 69.08
C ARG MA 78 33.48 -4.33 68.11
N ARG MA 79 34.01 -4.47 66.89
CA ARG MA 79 33.74 -3.46 65.88
C ARG MA 79 32.28 -3.51 65.49
N ARG MA 80 31.69 -2.33 65.30
CA ARG MA 80 30.46 -2.11 64.57
C ARG MA 80 29.22 -2.70 65.24
N LYS MA 81 29.33 -3.17 66.50
CA LYS MA 81 28.25 -3.90 67.16
C LYS MA 81 27.81 -3.32 68.49
N HIS MA 82 28.30 -2.13 68.86
CA HIS MA 82 27.84 -1.36 70.03
C HIS MA 82 28.07 -2.14 71.32
N HIS MA 83 29.35 -2.44 71.59
CA HIS MA 83 29.74 -3.28 72.71
C HIS MA 83 31.18 -2.98 73.06
N MET MA 84 31.43 -2.62 74.32
CA MET MA 84 32.79 -2.41 74.81
C MET MA 84 32.77 -2.54 76.32
N LYS MA 85 33.77 -3.22 76.88
CA LYS MA 85 33.74 -3.59 78.28
C LYS MA 85 35.16 -3.66 78.82
N ARG MA 86 35.40 -3.01 79.96
CA ARG MA 86 36.72 -2.90 80.54
C ARG MA 86 36.75 -3.47 81.96
N GLN MA 87 37.97 -3.68 82.45
CA GLN MA 87 38.23 -4.40 83.69
C GLN MA 87 39.70 -4.22 84.01
N GLY MA 88 40.05 -4.23 85.30
CA GLY MA 88 41.42 -4.13 85.74
C GLY MA 88 41.82 -5.37 86.50
N HIS MA 89 43.11 -5.55 86.70
CA HIS MA 89 43.59 -6.72 87.42
C HIS MA 89 44.95 -6.45 88.05
N ARG MA 90 45.12 -6.89 89.30
CA ARG MA 90 46.42 -6.87 89.96
C ARG MA 90 46.60 -8.20 90.68
N GLN MA 91 47.55 -9.00 90.24
CA GLN MA 91 47.77 -10.32 90.83
C GLN MA 91 48.66 -10.24 92.05
N TRP MA 92 48.26 -10.94 93.11
CA TRP MA 92 49.08 -11.08 94.31
C TRP MA 92 50.35 -11.86 94.03
N PHE MA 93 51.33 -11.71 94.91
CA PHE MA 93 52.54 -12.52 94.87
C PHE MA 93 53.09 -12.62 96.29
N THR MA 94 54.20 -13.33 96.42
CA THR MA 94 54.87 -13.46 97.71
C THR MA 94 56.36 -13.60 97.46
N GLU MA 95 57.14 -12.64 97.95
CA GLU MA 95 58.59 -12.68 97.79
C GLU MA 95 59.19 -13.45 98.96
N ILE MA 96 59.98 -14.47 98.64
CA ILE MA 96 60.64 -15.30 99.64
C ILE MA 96 62.14 -15.20 99.47
N LYS MA 97 62.88 -15.89 100.34
CA LYS MA 97 64.34 -15.90 100.26
C LYS MA 97 64.84 -17.27 100.67
N ILE MA 98 65.81 -17.78 99.92
CA ILE MA 98 66.32 -19.14 100.07
C ILE MA 98 67.55 -19.11 100.97
N THR MA 99 67.58 -19.99 101.97
CA THR MA 99 68.73 -20.11 102.86
C THR MA 99 69.62 -21.29 102.53
N GLY MA 100 69.09 -22.50 102.57
CA GLY MA 100 69.93 -23.68 102.49
C GLY MA 100 69.30 -24.76 101.64
N ILE MA 101 70.15 -25.48 100.91
CA ILE MA 101 69.76 -26.60 100.07
C ILE MA 101 70.19 -27.86 100.80
N GLN MA 102 69.26 -28.49 101.51
CA GLN MA 102 69.59 -29.66 102.33
C GLN MA 102 69.66 -30.93 101.48
N GLU NA 1 75.09 37.41 78.58
CA GLU NA 1 74.39 37.59 77.31
C GLU NA 1 73.36 38.72 77.40
N VAL NA 2 73.11 39.36 76.27
CA VAL NA 2 72.09 40.40 76.16
C VAL NA 2 71.27 40.10 74.91
N ALA NA 3 70.05 40.62 74.87
CA ALA NA 3 69.11 40.25 73.82
C ALA NA 3 68.60 41.49 73.12
N ALA NA 4 67.82 41.26 72.06
CA ALA NA 4 67.07 42.29 71.37
C ALA NA 4 65.89 41.62 70.69
N LYS NA 5 64.86 42.42 70.42
CA LYS NA 5 63.64 41.90 69.85
C LYS NA 5 63.15 42.83 68.76
N LEU NA 6 62.37 42.28 67.84
CA LEU NA 6 61.54 43.08 66.95
C LEU NA 6 60.20 42.36 66.86
N SER NA 7 59.27 42.75 67.71
CA SER NA 7 57.95 42.15 67.76
C SER NA 7 57.02 43.01 66.91
N GLY NA 8 56.62 42.46 65.77
CA GLY NA 8 55.90 43.22 64.77
C GLY NA 8 56.83 43.59 63.65
N ALA NA 9 56.81 42.80 62.58
CA ALA NA 9 57.70 42.99 61.44
C ALA NA 9 57.03 42.36 60.24
N ARG NA 10 56.82 43.16 59.19
CA ARG NA 10 55.83 42.88 58.16
C ARG NA 10 56.11 41.61 57.36
N ILE NA 11 57.36 41.18 57.25
CA ILE NA 11 57.65 39.97 56.50
C ILE NA 11 57.15 38.76 57.28
N SER NA 12 56.69 37.73 56.55
CA SER NA 12 56.12 36.54 57.16
C SER NA 12 57.21 35.70 57.84
N ALA NA 13 56.78 34.65 58.53
CA ALA NA 13 57.71 33.84 59.29
C ALA NA 13 58.54 32.94 58.41
N GLN NA 14 57.89 32.18 57.52
CA GLN NA 14 58.55 31.15 56.74
C GLN NA 14 59.54 31.74 55.73
N LYS NA 15 59.26 32.94 55.21
CA LYS NA 15 60.21 33.60 54.34
C LYS NA 15 61.46 34.04 55.09
N ALA NA 16 61.35 34.29 56.39
CA ALA NA 16 62.45 34.80 57.18
C ALA NA 16 63.12 33.72 58.01
N ARG NA 17 62.71 32.46 57.87
CA ARG NA 17 63.47 31.37 58.43
C ARG NA 17 64.72 31.08 57.62
N LEU NA 18 64.72 31.45 56.34
CA LEU NA 18 65.82 31.14 55.44
C LEU NA 18 67.01 32.08 55.62
N VAL NA 19 66.86 33.13 56.41
CA VAL NA 19 67.98 34.00 56.72
C VAL NA 19 68.49 33.76 58.14
N ALA NA 20 67.64 33.30 59.05
CA ALA NA 20 68.07 33.00 60.41
C ALA NA 20 68.96 31.77 60.48
N ASP NA 21 68.68 30.74 59.66
CA ASP NA 21 69.48 29.53 59.69
C ASP NA 21 70.87 29.72 59.11
N GLN NA 22 71.07 30.77 58.33
CA GLN NA 22 72.33 31.01 57.65
C GLN NA 22 73.40 31.51 58.63
N ILE NA 23 73.00 32.18 59.71
CA ILE NA 23 73.94 32.87 60.59
C ILE NA 23 73.92 32.33 62.02
N ARG NA 24 73.14 31.31 62.32
CA ARG NA 24 73.04 30.80 63.68
C ARG NA 24 74.31 30.06 64.05
N GLY NA 25 75.16 30.70 64.84
CA GLY NA 25 76.37 30.09 65.36
C GLY NA 25 77.68 30.65 64.85
N LYS NA 26 77.69 31.88 64.37
CA LYS NA 26 78.87 32.51 63.82
C LYS NA 26 79.37 33.60 64.76
N LYS NA 27 80.37 34.34 64.32
CA LYS NA 27 80.85 35.50 65.05
C LYS NA 27 80.22 36.75 64.44
N VAL NA 28 80.01 37.77 65.27
CA VAL NA 28 79.25 38.93 64.82
C VAL NA 28 80.03 39.85 63.90
N GLY NA 29 81.32 39.61 63.70
CA GLY NA 29 82.05 40.37 62.71
C GLY NA 29 81.62 40.02 61.30
N GLU NA 30 81.64 38.74 60.97
CA GLU NA 30 81.24 38.28 59.65
C GLU NA 30 79.74 38.05 59.55
N ALA NA 31 79.01 38.07 60.66
CA ALA NA 31 77.56 38.02 60.57
C ALA NA 31 77.00 39.32 60.04
N LEU NA 32 77.67 40.43 60.32
CA LEU NA 32 77.27 41.72 59.75
C LEU NA 32 77.74 41.89 58.30
N ASN NA 33 78.43 40.91 57.74
CA ASN NA 33 78.83 40.94 56.35
C ASN NA 33 78.04 40.00 55.46
N LEU NA 34 77.48 38.93 56.01
CA LEU NA 34 76.52 38.14 55.26
C LEU NA 34 75.24 38.92 55.02
N LEU NA 35 74.86 39.76 55.96
CA LEU NA 35 73.63 40.51 55.86
C LEU NA 35 73.80 41.84 55.16
N ALA NA 36 75.04 42.28 54.95
CA ALA NA 36 75.25 43.51 54.20
C ALA NA 36 75.13 43.29 52.70
N PHE NA 37 75.17 42.05 52.24
CA PHE NA 37 75.21 41.77 50.82
C PHE NA 37 74.15 40.77 50.36
N SER NA 38 73.37 40.21 51.27
CA SER NA 38 72.28 39.34 50.87
C SER NA 38 71.19 40.15 50.18
N SER NA 39 70.48 39.51 49.27
CA SER NA 39 69.54 40.19 48.39
C SER NA 39 68.09 39.99 48.81
N LYS NA 40 67.84 39.66 50.07
CA LYS NA 40 66.48 39.34 50.49
C LYS NA 40 65.94 40.39 51.47
N LYS NA 41 64.61 40.44 51.54
CA LYS NA 41 63.92 41.45 52.34
C LYS NA 41 64.16 41.27 53.82
N ALA NA 42 64.28 40.02 54.27
CA ALA NA 42 64.51 39.74 55.68
C ALA NA 42 65.89 40.17 56.14
N ALA NA 43 66.86 40.29 55.23
CA ALA NA 43 68.22 40.59 55.63
C ALA NA 43 68.42 42.04 56.04
N GLU NA 44 67.65 42.99 55.49
CA GLU NA 44 67.78 44.37 55.93
C GLU NA 44 67.18 44.56 57.31
N ILE NA 45 66.16 43.78 57.65
CA ILE NA 45 65.51 43.87 58.95
C ILE NA 45 66.33 43.17 60.02
N MET NA 46 66.94 42.04 59.69
CA MET NA 46 67.68 41.29 60.69
C MET NA 46 69.01 41.96 61.04
N LYS NA 47 69.57 42.76 60.13
CA LYS NA 47 70.80 43.47 60.48
C LYS NA 47 70.51 44.66 61.35
N LYS NA 48 69.34 45.28 61.21
CA LYS NA 48 68.91 46.33 62.12
C LYS NA 48 68.74 45.81 63.54
N VAL NA 49 68.38 44.52 63.68
CA VAL NA 49 68.23 43.93 65.01
C VAL NA 49 69.57 43.46 65.54
N LEU NA 50 70.44 42.94 64.66
CA LEU NA 50 71.73 42.41 65.10
C LEU NA 50 72.67 43.50 65.59
N GLU NA 51 72.55 44.71 65.06
CA GLU NA 51 73.35 45.80 65.58
C GLU NA 51 72.69 46.52 66.73
N SER NA 52 71.42 46.18 67.03
CA SER NA 52 70.82 46.63 68.27
C SER NA 52 71.18 45.74 69.43
N ALA NA 53 71.41 44.46 69.18
CA ALA NA 53 71.83 43.56 70.24
C ALA NA 53 73.28 43.79 70.63
N VAL NA 54 74.09 44.28 69.71
CA VAL NA 54 75.48 44.56 70.00
C VAL NA 54 75.61 45.83 70.83
N ALA NA 55 74.92 46.89 70.43
CA ALA NA 55 75.01 48.17 71.12
C ALA NA 55 74.39 48.14 72.52
N ASN NA 56 73.61 47.12 72.85
CA ASN NA 56 73.23 46.92 74.24
C ASN NA 56 74.35 46.26 75.03
N ALA NA 57 75.13 45.38 74.41
CA ALA NA 57 76.23 44.74 75.10
C ALA NA 57 77.38 45.70 75.34
N GLU NA 58 77.46 46.80 74.60
CA GLU NA 58 78.48 47.79 74.80
C GLU NA 58 78.11 48.82 75.85
N HIS NA 59 76.83 49.18 75.94
CA HIS NA 59 76.39 50.25 76.83
C HIS NA 59 75.86 49.73 78.16
N ASN NA 60 75.01 48.71 78.14
CA ASN NA 60 74.50 48.15 79.38
C ASN NA 60 75.48 47.22 80.06
N GLU NA 61 76.42 46.65 79.32
CA GLU NA 61 77.49 45.85 79.91
C GLU NA 61 78.83 46.38 79.43
N GLY NA 62 79.91 45.64 79.69
CA GLY NA 62 81.22 46.05 79.21
C GLY NA 62 81.74 45.14 78.14
N ALA NA 63 80.84 44.47 77.43
CA ALA NA 63 81.22 43.47 76.44
C ALA NA 63 81.73 44.13 75.17
N ASP NA 64 82.93 43.72 74.75
CA ASP NA 64 83.51 44.20 73.50
C ASP NA 64 82.75 43.61 72.31
N VAL NA 65 82.90 44.25 71.15
CA VAL NA 65 82.16 43.88 69.95
C VAL NA 65 82.89 42.79 69.19
N ASP NA 66 83.97 42.27 69.76
CA ASP NA 66 84.80 41.26 69.13
C ASP NA 66 84.47 39.84 69.58
N ASP NA 67 84.39 39.63 70.90
CA ASP NA 67 84.22 38.29 71.45
C ASP NA 67 82.78 37.80 71.36
N LEU NA 68 81.86 38.60 70.84
CA LEU NA 68 80.46 38.21 70.73
C LEU NA 68 80.29 37.21 69.61
N LYS NA 69 79.72 36.04 69.93
CA LYS NA 69 79.30 35.07 68.93
C LYS NA 69 77.79 34.92 69.06
N VAL NA 70 77.08 35.08 67.93
CA VAL NA 70 75.63 35.09 67.96
C VAL NA 70 75.10 33.70 68.28
N SER NA 71 74.37 33.60 69.38
CA SER NA 71 74.03 32.31 69.96
C SER NA 71 72.69 31.77 69.47
N THR NA 72 71.62 32.51 69.72
CA THR NA 72 70.28 31.99 69.57
C THR NA 72 69.47 32.93 68.71
N VAL NA 73 69.18 32.53 67.48
CA VAL NA 73 68.29 33.28 66.60
C VAL NA 73 67.07 32.41 66.37
N PHE NA 74 65.90 32.95 66.68
CA PHE NA 74 64.66 32.27 66.34
C PHE NA 74 63.62 33.27 65.92
N VAL NA 75 62.75 32.85 65.00
CA VAL NA 75 61.73 33.70 64.42
C VAL NA 75 60.39 33.07 64.74
N ASN NA 76 59.64 33.67 65.66
CA ASN NA 76 58.29 33.23 66.00
C ASN NA 76 57.29 33.84 65.05
N GLU NA 77 56.01 33.60 65.33
CA GLU NA 77 54.94 34.15 64.51
C GLU NA 77 54.06 35.07 65.35
N GLY NA 78 53.47 36.07 64.69
CA GLY NA 78 52.69 37.08 65.37
C GLY NA 78 51.27 37.20 64.87
N ARG NA 79 50.67 38.37 65.00
CA ARG NA 79 49.28 38.56 64.59
C ARG NA 79 49.15 38.62 63.08
N SER NA 80 48.00 38.19 62.57
CA SER NA 80 47.72 38.19 61.15
C SER NA 80 46.46 39.00 60.89
N LEU NA 81 46.52 39.89 59.91
CA LEU NA 81 45.44 40.80 59.60
C LEU NA 81 44.65 40.23 58.42
N LYS NA 82 43.35 40.07 58.60
CA LYS NA 82 42.52 39.29 57.69
C LYS NA 82 41.74 40.21 56.78
N ARG NA 83 41.86 39.99 55.48
CA ARG NA 83 41.22 40.83 54.48
C ARG NA 83 40.62 39.94 53.39
N ILE NA 84 39.63 40.49 52.69
CA ILE NA 84 38.95 39.76 51.63
C ILE NA 84 39.46 40.25 50.28
N MET NA 85 39.25 39.43 49.27
CA MET NA 85 39.63 39.74 47.89
C MET NA 85 38.65 39.07 46.95
N PRO NA 86 38.00 39.81 46.06
CA PRO NA 86 36.96 39.21 45.22
C PRO NA 86 37.56 38.37 44.10
N ARG NA 87 36.90 37.27 43.80
CA ARG NA 87 37.23 36.45 42.64
C ARG NA 87 36.00 36.35 41.75
N ALA NA 88 36.10 35.51 40.72
CA ALA NA 88 35.12 35.55 39.65
C ALA NA 88 33.86 34.77 40.01
N LYS NA 89 32.79 35.07 39.26
CA LYS NA 89 31.46 34.50 39.42
C LYS NA 89 30.90 34.71 40.83
N GLY NA 90 31.06 35.93 41.33
CA GLY NA 90 30.48 36.32 42.60
C GLY NA 90 31.28 35.96 43.83
N ARG NA 91 31.96 34.81 43.79
CA ARG NA 91 32.65 34.29 44.97
C ARG NA 91 33.83 35.16 45.33
N ALA NA 92 33.93 35.52 46.61
CA ALA NA 92 35.05 36.27 47.15
C ALA NA 92 35.78 35.39 48.15
N ASP NA 93 37.10 35.60 48.26
CA ASP NA 93 37.92 34.81 49.16
C ASP NA 93 38.74 35.71 50.04
N ARG NA 94 39.43 35.11 51.00
CA ARG NA 94 40.01 35.81 52.14
C ARG NA 94 41.53 35.70 52.11
N ILE NA 95 42.21 36.81 52.41
CA ILE NA 95 43.66 36.91 52.37
C ILE NA 95 44.14 37.22 53.78
N VAL NA 96 45.20 36.54 54.21
CA VAL NA 96 45.87 36.89 55.45
C VAL NA 96 47.08 37.74 55.10
N LYS NA 97 47.56 38.49 56.07
CA LYS NA 97 48.76 39.32 55.89
C LYS NA 97 49.58 39.18 57.17
N ARG NA 98 50.69 38.49 57.08
CA ARG NA 98 51.36 37.94 58.24
C ARG NA 98 52.45 38.88 58.77
N SER NA 99 52.95 38.55 59.95
CA SER NA 99 54.09 39.22 60.54
C SER NA 99 54.84 38.20 61.40
N CYS NA 100 55.78 38.67 62.22
CA CYS NA 100 56.65 37.76 62.96
C CYS NA 100 57.27 38.48 64.15
N HIS NA 101 57.92 37.68 65.01
CA HIS NA 101 58.73 38.17 66.12
C HIS NA 101 60.14 37.62 65.94
N ILE NA 102 61.13 38.50 65.96
CA ILE NA 102 62.53 38.10 65.80
C ILE NA 102 63.25 38.35 67.10
N THR NA 103 64.13 37.43 67.50
CA THR NA 103 64.87 37.57 68.75
C THR NA 103 66.31 37.11 68.53
N VAL NA 104 67.20 38.06 68.29
CA VAL NA 104 68.62 37.78 68.15
C VAL NA 104 69.26 37.95 69.52
N LYS NA 105 70.05 36.96 69.94
CA LYS NA 105 70.62 36.93 71.28
C LYS NA 105 72.09 36.61 71.17
N VAL NA 106 72.94 37.55 71.56
CA VAL NA 106 74.38 37.38 71.45
C VAL NA 106 74.95 37.10 72.83
N ALA NA 107 76.05 36.36 72.85
CA ALA NA 107 76.69 35.99 74.10
C ALA NA 107 78.18 36.25 73.99
N ASP NA 108 78.75 36.81 75.06
CA ASP NA 108 80.15 37.18 75.13
C ASP NA 108 81.05 36.04 75.60
N LYS NA 109 80.60 34.80 75.49
CA LYS NA 109 81.41 33.66 75.85
C LYS NA 109 81.96 33.00 74.60
N ASN OA 1 12.64 95.52 63.43
CA ASN OA 1 12.44 95.60 64.87
C ASN OA 1 13.52 96.45 65.52
N GLN OA 2 13.33 96.80 66.79
CA GLN OA 2 14.39 97.42 67.56
C GLN OA 2 15.56 96.46 67.75
N GLU OA 3 15.25 95.18 67.95
CA GLU OA 3 16.21 94.09 67.90
C GLU OA 3 16.46 93.70 66.44
N ARG OA 4 17.06 92.53 66.22
CA ARG OA 4 17.28 91.87 64.92
C ARG OA 4 18.37 92.57 64.11
N VAL OA 5 18.86 93.70 64.59
CA VAL OA 5 20.08 94.29 64.06
C VAL OA 5 21.29 93.72 64.78
N PHE OA 6 21.16 93.41 66.06
CA PHE OA 6 22.25 92.81 66.82
C PHE OA 6 22.17 91.31 66.79
N LYS OA 7 21.89 90.74 65.63
CA LYS OA 7 21.89 89.29 65.49
C LYS OA 7 22.48 88.81 64.18
N VAL OA 8 22.48 89.63 63.13
CA VAL OA 8 22.76 89.13 61.79
C VAL OA 8 24.24 89.14 61.45
N LEU OA 9 25.11 89.57 62.37
CA LEU OA 9 26.53 89.61 62.12
C LEU OA 9 27.23 88.88 63.25
N LEU OA 10 28.11 87.95 62.89
CA LEU OA 10 28.79 87.13 63.88
C LEU OA 10 30.31 87.29 63.80
N GLY OA 11 30.79 88.33 63.13
CA GLY OA 11 32.21 88.62 63.16
C GLY OA 11 32.86 88.62 61.80
N PRO OA 12 34.12 89.01 61.75
CA PRO OA 12 34.88 88.97 60.50
C PRO OA 12 35.29 87.55 60.16
N HIS OA 13 35.91 87.41 58.99
CA HIS OA 13 36.37 86.12 58.51
C HIS OA 13 37.76 86.27 57.90
N ILE OA 14 38.69 86.84 58.67
CA ILE OA 14 40.03 87.12 58.17
C ILE OA 14 40.79 85.82 57.87
N SER OA 15 41.39 85.76 56.68
CA SER OA 15 42.10 84.62 56.15
C SER OA 15 42.94 85.11 54.97
N GLU OA 16 43.56 84.17 54.25
CA GLU OA 16 44.50 84.53 53.18
C GLU OA 16 43.78 85.19 52.01
N LYS OA 17 42.57 84.76 51.71
CA LYS OA 17 41.83 85.30 50.58
C LYS OA 17 41.02 86.52 50.95
N ALA OA 18 40.77 86.73 52.24
CA ALA OA 18 40.09 87.93 52.71
C ALA OA 18 41.04 89.05 53.08
N THR OA 19 42.29 88.73 53.41
CA THR OA 19 43.28 89.77 53.69
C THR OA 19 43.66 90.51 52.42
N GLY OA 20 43.96 89.76 51.35
CA GLY OA 20 44.27 90.38 50.07
C GLY OA 20 43.06 90.98 49.37
N LEU OA 21 41.86 90.64 49.81
CA LEU OA 21 40.67 91.17 49.17
C LEU OA 21 40.34 92.57 49.68
N ALA OA 22 40.53 92.80 50.97
CA ALA OA 22 40.23 94.10 51.58
C ALA OA 22 41.27 95.16 51.27
N ASP OA 23 42.37 94.80 50.63
CA ASP OA 23 43.45 95.74 50.34
C ASP OA 23 43.46 96.18 48.89
N GLY OA 24 43.45 95.24 47.94
CA GLY OA 24 43.37 95.62 46.54
C GLY OA 24 42.01 96.15 46.15
N LYS OA 25 40.97 95.67 46.80
CA LYS OA 25 39.61 96.17 46.66
C LYS OA 25 39.19 96.72 48.01
N SER OA 26 37.91 97.04 48.15
CA SER OA 26 37.32 97.33 49.45
C SER OA 26 36.17 96.36 49.62
N GLN OA 27 36.49 95.14 50.04
CA GLN OA 27 35.47 94.11 50.25
C GLN OA 27 35.81 93.34 51.51
N PHE OA 28 34.86 93.30 52.44
CA PHE OA 28 35.08 92.76 53.77
C PHE OA 28 34.17 91.58 53.98
N VAL OA 29 34.75 90.45 54.36
CA VAL OA 29 34.03 89.18 54.43
C VAL OA 29 33.56 88.97 55.86
N PHE OA 30 32.26 88.94 56.05
CA PHE OA 30 31.68 88.63 57.35
C PHE OA 30 31.11 87.22 57.35
N LYS OA 31 30.69 86.79 58.52
CA LYS OA 31 30.13 85.47 58.73
C LYS OA 31 28.75 85.72 59.31
N VAL OA 32 27.78 85.93 58.42
CA VAL OA 32 26.45 86.39 58.81
C VAL OA 32 25.65 85.26 59.43
N ALA OA 33 24.49 85.61 59.97
CA ALA OA 33 23.57 84.66 60.56
C ALA OA 33 23.11 83.62 59.54
N THR OA 34 22.53 82.53 60.06
CA THR OA 34 22.25 81.36 59.23
C THR OA 34 21.13 81.60 58.22
N ASP OA 35 20.30 82.63 58.43
CA ASP OA 35 19.26 82.96 57.46
C ASP OA 35 19.02 84.48 57.51
N ALA OA 36 19.69 85.19 56.62
CA ALA OA 36 19.56 86.64 56.51
C ALA OA 36 19.48 87.03 55.05
N THR OA 37 18.80 88.14 54.78
CA THR OA 37 18.58 88.60 53.42
C THR OA 37 19.60 89.69 53.08
N LYS OA 38 19.57 90.15 51.84
CA LYS OA 38 20.50 91.18 51.39
C LYS OA 38 20.07 92.58 51.78
N LEU OA 39 18.86 92.76 52.29
CA LEU OA 39 18.46 94.07 52.80
C LEU OA 39 18.81 94.23 54.27
N GLU OA 40 18.48 93.25 55.09
CA GLU OA 40 18.63 93.41 56.53
C GLU OA 40 20.06 93.27 57.00
N ILE OA 41 21.01 93.02 56.11
CA ILE OA 41 22.42 93.21 56.43
C ILE OA 41 23.01 94.41 55.71
N LYS OA 42 22.28 95.01 54.78
CA LYS OA 42 22.66 96.33 54.31
C LYS OA 42 22.37 97.39 55.36
N LYS OA 43 21.37 97.15 56.20
CA LYS OA 43 21.01 98.11 57.24
C LYS OA 43 21.87 97.94 58.48
N ALA OA 44 22.28 96.72 58.80
CA ALA OA 44 23.05 96.46 60.00
C ALA OA 44 24.52 96.78 59.85
N VAL OA 45 24.97 97.19 58.66
CA VAL OA 45 26.30 97.73 58.48
C VAL OA 45 26.28 99.25 58.50
N GLU OA 46 25.24 99.84 57.90
CA GLU OA 46 25.08 101.30 57.96
C GLU OA 46 24.75 101.76 59.37
N SER OA 47 24.15 100.90 60.19
CA SER OA 47 23.88 101.25 61.57
C SER OA 47 25.14 101.07 62.43
N LEU OA 48 25.68 99.87 62.44
CA LEU OA 48 26.68 99.48 63.43
C LEU OA 48 28.09 99.89 63.07
N PHE OA 49 28.29 100.50 61.91
CA PHE OA 49 29.61 101.00 61.57
C PHE OA 49 29.59 102.38 60.92
N SER OA 50 28.41 102.95 60.69
CA SER OA 50 28.20 104.33 60.22
C SER OA 50 28.86 104.60 58.87
N VAL OA 51 28.89 103.60 57.99
CA VAL OA 51 29.47 103.76 56.67
C VAL OA 51 28.39 103.44 55.64
N LYS OA 52 28.56 103.99 54.45
CA LYS OA 52 27.63 103.74 53.35
C LYS OA 52 28.23 102.65 52.46
N VAL OA 53 27.42 101.64 52.17
CA VAL OA 53 27.82 100.48 51.37
C VAL OA 53 27.01 100.49 50.08
N GLN OA 54 27.66 100.14 48.96
CA GLN OA 54 26.91 100.13 47.70
C GLN OA 54 26.11 98.84 47.52
N ARG OA 55 26.73 97.68 47.64
CA ARG OA 55 26.00 96.45 47.37
C ARG OA 55 26.65 95.26 48.06
N VAL OA 56 25.86 94.21 48.24
CA VAL OA 56 26.18 93.07 49.07
C VAL OA 56 25.91 91.79 48.28
N THR OA 57 26.89 90.88 48.27
CA THR OA 57 26.71 89.53 47.75
C THR OA 57 26.82 88.54 48.89
N THR OA 58 26.22 87.35 48.71
CA THR OA 58 26.20 86.30 49.73
C THR OA 58 26.40 84.95 49.09
N LEU OA 59 26.67 83.95 49.93
CA LEU OA 59 26.78 82.55 49.52
C LEU OA 59 26.66 81.68 50.76
N ASN OA 60 26.38 80.39 50.53
CA ASN OA 60 26.23 79.41 51.60
C ASN OA 60 27.37 78.42 51.59
N VAL OA 61 27.80 78.02 52.78
CA VAL OA 61 28.90 77.08 52.95
C VAL OA 61 28.35 75.81 53.58
N LYS OA 62 28.73 74.66 53.04
CA LYS OA 62 28.37 73.38 53.65
C LYS OA 62 29.43 72.99 54.68
N GLY OA 63 29.01 72.24 55.69
CA GLY OA 63 29.92 71.85 56.73
C GLY OA 63 30.67 70.57 56.37
N LYS OA 64 31.97 70.59 56.65
CA LYS OA 64 32.80 69.43 56.35
C LYS OA 64 32.49 68.28 57.29
N THR OA 65 32.57 67.06 56.75
CA THR OA 65 32.10 65.86 57.44
C THR OA 65 33.28 65.01 57.88
N LYS OA 66 33.39 64.80 59.18
CA LYS OA 66 34.43 63.92 59.71
C LYS OA 66 33.95 62.48 59.76
N ARG OA 67 34.90 61.55 59.78
CA ARG OA 67 34.58 60.12 59.76
C ARG OA 67 35.51 59.40 60.74
N THR OA 68 35.08 59.30 61.98
CA THR OA 68 35.80 58.57 63.00
C THR OA 68 34.99 57.33 63.38
N ALA OA 69 35.44 56.62 64.40
CA ALA OA 69 34.69 55.50 64.93
C ALA OA 69 33.41 56.00 65.59
N ARG OA 70 32.43 55.09 65.68
CA ARG OA 70 31.08 55.36 66.20
C ARG OA 70 30.38 56.45 65.39
N GLY OA 71 30.37 56.28 64.07
CA GLY OA 71 29.56 57.09 63.19
C GLY OA 71 30.30 58.26 62.57
N LEU OA 72 29.52 59.06 61.84
CA LEU OA 72 30.02 60.23 61.13
C LEU OA 72 29.73 61.49 61.97
N GLY OA 73 30.35 62.59 61.55
CA GLY OA 73 30.14 63.85 62.22
C GLY OA 73 30.05 65.01 61.27
N LYS OA 74 28.95 65.74 61.31
CA LYS OA 74 28.70 66.84 60.39
C LYS OA 74 28.95 68.16 61.10
N ARG OA 75 29.92 68.93 60.63
CA ARG OA 75 30.10 70.23 61.24
C ARG OA 75 29.04 71.21 60.74
N ASN OA 76 28.93 72.31 61.47
CA ASN OA 76 27.83 73.24 61.32
C ASN OA 76 28.03 74.08 60.07
N ASP OA 77 27.01 74.11 59.22
CA ASP OA 77 27.00 74.94 58.02
C ASP OA 77 26.63 76.38 58.37
N TRP OA 78 26.95 77.30 57.46
CA TRP OA 78 26.99 78.71 57.80
C TRP OA 78 27.04 79.56 56.54
N LYS OA 79 26.54 80.78 56.64
CA LYS OA 79 26.45 81.70 55.52
C LYS OA 79 27.60 82.71 55.60
N LYS OA 80 27.84 83.41 54.50
CA LYS OA 80 29.01 84.25 54.32
C LYS OA 80 28.68 85.34 53.32
N ALA OA 81 29.06 86.58 53.62
CA ALA OA 81 28.65 87.72 52.84
C ALA OA 81 29.83 88.63 52.54
N TYR OA 82 30.01 89.00 51.28
CA TYR OA 82 31.08 89.91 50.88
C TYR OA 82 30.48 91.32 50.81
N ILE OA 83 30.92 92.19 51.69
CA ILE OA 83 30.39 93.54 51.81
C ILE OA 83 31.29 94.48 51.03
N ALA OA 84 30.81 94.97 49.88
CA ALA OA 84 31.59 95.85 49.02
C ALA OA 84 31.20 97.30 49.31
N LEU OA 85 32.10 98.05 49.93
CA LEU OA 85 31.80 99.39 50.40
C LEU OA 85 32.03 100.43 49.31
N GLN OA 86 31.99 101.70 49.72
CA GLN OA 86 32.51 102.80 48.92
C GLN OA 86 34.03 102.74 48.88
N PRO OA 87 34.68 103.44 47.94
CA PRO OA 87 36.15 103.48 47.95
C PRO OA 87 36.74 104.17 49.16
N GLY OA 88 35.99 105.04 49.85
CA GLY OA 88 36.36 105.50 51.17
C GLY OA 88 35.66 104.70 52.26
N GLN OA 89 36.00 105.03 53.50
CA GLN OA 89 35.41 104.48 54.72
C GLN OA 89 35.62 102.97 54.82
N ASP OA 90 36.88 102.59 54.95
CA ASP OA 90 37.22 101.22 55.31
C ASP OA 90 36.93 101.01 56.79
N LEU OA 91 36.24 99.93 57.13
CA LEU OA 91 35.45 99.89 58.35
C LEU OA 91 36.21 99.36 59.55
N ASP OA 92 35.80 99.81 60.73
CA ASP OA 92 36.00 99.16 62.02
C ASP OA 92 35.02 99.79 63.00
N MET PA 1 25.03 66.11 108.17
CA MET PA 1 24.97 66.49 106.76
C MET PA 1 26.15 65.89 106.00
N GLN PA 2 27.31 65.88 106.67
CA GLN PA 2 28.51 65.12 106.36
C GLN PA 2 29.42 65.28 107.55
N LYS PA 3 30.16 64.23 107.87
CA LYS PA 3 30.95 64.26 109.08
C LYS PA 3 32.20 65.09 108.93
N ILE PA 4 32.67 65.29 107.70
CA ILE PA 4 33.97 65.90 107.43
C ILE PA 4 33.78 67.03 106.44
N ARG PA 5 34.08 68.26 106.86
CA ARG PA 5 34.08 69.43 106.01
C ARG PA 5 35.53 69.63 105.53
N ARG PA 6 35.79 70.75 104.86
CA ARG PA 6 37.14 71.11 104.45
C ARG PA 6 38.02 71.45 105.64
N ASP PA 7 37.65 72.48 106.40
CA ASP PA 7 38.52 73.00 107.45
C ASP PA 7 38.34 72.18 108.73
N ASP PA 8 38.84 70.95 108.68
CA ASP PA 8 38.87 70.04 109.82
C ASP PA 8 40.28 69.52 109.96
N GLU PA 9 40.59 68.92 111.11
CA GLU PA 9 41.86 68.23 111.29
C GLU PA 9 41.61 66.84 111.86
N VAL PA 10 42.21 65.83 111.24
CA VAL PA 10 41.83 64.44 111.41
C VAL PA 10 43.06 63.60 111.73
N ILE PA 11 42.83 62.30 111.94
CA ILE PA 11 43.87 61.28 111.97
C ILE PA 11 43.43 60.12 111.10
N VAL PA 12 44.41 59.31 110.69
CA VAL PA 12 44.23 58.29 109.68
C VAL PA 12 44.12 56.93 110.36
N ILE PA 13 43.13 56.14 109.96
CA ILE PA 13 42.94 54.78 110.44
C ILE PA 13 43.03 53.84 109.25
N ALA PA 14 43.81 52.76 109.41
CA ALA PA 14 43.89 51.63 108.47
C ALA PA 14 44.37 52.06 107.09
N GLY PA 15 45.62 52.50 107.03
CA GLY PA 15 46.25 52.82 105.76
C GLY PA 15 47.73 52.49 105.70
N LYS PA 16 48.42 52.99 104.67
CA LYS PA 16 49.88 52.92 104.65
C LYS PA 16 50.47 53.68 105.82
N ASP PA 17 49.89 54.82 106.13
CA ASP PA 17 50.40 55.73 107.15
C ASP PA 17 49.28 55.94 108.17
N LYS PA 18 49.18 55.01 109.12
CA LYS PA 18 48.14 55.08 110.13
C LYS PA 18 48.63 55.89 111.32
N GLY PA 19 47.68 56.51 112.02
CA GLY PA 19 48.00 57.36 113.13
C GLY PA 19 48.58 58.72 112.77
N LYS PA 20 48.72 59.03 111.49
CA LYS PA 20 49.26 60.33 111.09
C LYS PA 20 48.22 61.41 111.29
N ARG PA 21 48.55 62.37 112.17
CA ARG PA 21 47.72 63.55 112.35
C ARG PA 21 47.77 64.43 111.10
N GLY PA 22 46.60 64.76 110.57
CA GLY PA 22 46.57 65.52 109.33
C GLY PA 22 45.56 66.65 109.33
N LYS PA 23 45.21 67.13 108.14
CA LYS PA 23 44.28 68.24 107.98
C LYS PA 23 43.78 68.25 106.54
N VAL PA 24 42.47 68.31 106.38
CA VAL PA 24 41.83 68.10 105.07
C VAL PA 24 42.01 69.33 104.21
N LEU PA 25 42.45 69.13 102.97
CA LEU PA 25 42.56 70.20 101.98
C LEU PA 25 41.37 70.22 101.03
N LYS PA 26 41.13 69.11 100.34
CA LYS PA 26 40.12 69.02 99.29
C LYS PA 26 39.33 67.74 99.48
N VAL PA 27 38.02 67.85 99.36
CA VAL PA 27 37.11 66.71 99.42
C VAL PA 27 36.55 66.49 98.02
N LEU PA 28 36.66 65.26 97.52
CA LEU PA 28 36.15 64.91 96.21
C LEU PA 28 34.69 64.48 96.32
N ALA PA 29 34.14 64.03 95.20
CA ALA PA 29 32.72 63.68 95.14
C ALA PA 29 32.48 62.18 95.20
N ASP PA 30 33.52 61.36 95.10
CA ASP PA 30 33.40 59.92 95.31
C ASP PA 30 33.91 59.53 96.68
N ASP PA 31 33.57 60.40 97.65
CA ASP PA 31 33.99 60.45 99.06
C ASP PA 31 35.43 59.99 99.29
N ARG PA 32 36.34 60.61 98.54
CA ARG PA 32 37.76 60.43 98.70
C ARG PA 32 38.37 61.78 99.08
N LEU PA 33 39.34 61.75 99.99
CA LEU PA 33 39.81 62.94 100.67
C LEU PA 33 41.30 63.11 100.49
N VAL PA 34 41.72 64.31 100.07
CA VAL PA 34 43.13 64.64 99.95
C VAL PA 34 43.56 65.28 101.26
N VAL PA 35 44.27 64.51 102.07
CA VAL PA 35 44.69 64.97 103.40
C VAL PA 35 46.09 65.58 103.28
N GLY PA 36 46.24 66.80 103.76
CA GLY PA 36 47.50 67.51 103.59
C GLY PA 36 48.63 67.00 104.45
N GLY PA 37 49.61 66.36 103.83
CA GLY PA 37 50.80 65.88 104.49
C GLY PA 37 51.04 64.40 104.37
N VAL PA 38 50.02 63.60 104.07
CA VAL PA 38 50.13 62.14 104.09
C VAL PA 38 49.85 61.60 102.70
N ASN PA 39 50.09 60.29 102.55
CA ASN PA 39 49.83 59.51 101.34
C ASN PA 39 50.53 60.12 100.13
N LEU PA 40 51.85 60.18 100.21
CA LEU PA 40 52.63 60.84 99.17
C LEU PA 40 52.84 59.92 97.98
N ILE PA 41 52.76 60.51 96.79
CA ILE PA 41 52.93 59.78 95.54
C ILE PA 41 53.91 60.58 94.69
N LYS PA 42 54.56 59.91 93.75
CA LYS PA 42 55.50 60.58 92.86
C LYS PA 42 55.20 60.22 91.42
N ARG PA 43 55.18 61.23 90.56
CA ARG PA 43 54.75 61.06 89.18
C ARG PA 43 55.88 61.42 88.23
N HIS PA 44 56.30 60.45 87.42
CA HIS PA 44 57.25 60.69 86.35
C HIS PA 44 56.54 61.48 85.26
N THR PA 45 56.73 62.79 85.23
CA THR PA 45 56.06 63.65 84.27
C THR PA 45 57.08 64.24 83.32
N LYS PA 46 56.76 64.20 82.03
CA LYS PA 46 57.56 64.81 80.98
C LYS PA 46 57.64 66.31 81.21
N PRO PA 47 58.76 66.95 80.89
CA PRO PA 47 58.80 68.42 80.93
C PRO PA 47 57.89 69.02 79.88
N ASN PA 48 57.17 70.06 80.29
CA ASN PA 48 55.98 70.48 79.57
C ASN PA 48 56.36 71.23 78.28
N PRO PA 49 55.57 71.06 77.22
CA PRO PA 49 55.76 71.89 76.02
C PRO PA 49 55.06 73.23 76.16
N MET PA 50 55.03 73.99 75.04
CA MET PA 50 54.46 75.34 74.95
C MET PA 50 55.15 76.28 75.94
N LEU PA 51 56.50 76.23 75.90
CA LEU PA 51 57.40 77.09 76.69
C LEU PA 51 57.19 76.92 78.19
N GLY PA 52 56.79 75.72 78.62
CA GLY PA 52 56.72 75.38 80.02
C GLY PA 52 57.82 74.41 80.42
N GLN PA 53 57.79 74.02 81.69
CA GLN PA 53 58.67 72.98 82.16
C GLN PA 53 57.99 72.26 83.31
N GLN PA 54 58.30 70.98 83.44
CA GLN PA 54 57.88 70.23 84.61
C GLN PA 54 59.11 69.53 85.16
N GLY PA 55 60.04 69.18 84.26
CA GLY PA 55 61.27 68.56 84.69
C GLY PA 55 61.13 67.07 84.88
N GLY PA 56 61.08 66.65 86.14
CA GLY PA 56 61.13 65.23 86.47
C GLY PA 56 60.11 64.79 87.48
N ILE PA 57 60.60 64.24 88.58
CA ILE PA 57 59.78 63.54 89.57
C ILE PA 57 59.32 64.53 90.62
N VAL PA 58 58.01 64.78 90.68
CA VAL PA 58 57.42 65.76 91.57
C VAL PA 58 56.35 65.09 92.42
N GLU PA 59 56.43 65.28 93.73
CA GLU PA 59 55.50 64.71 94.70
C GLU PA 59 54.16 65.42 94.67
N LYS PA 60 53.12 64.71 95.09
CA LYS PA 60 51.82 65.26 95.46
C LYS PA 60 51.08 64.19 96.26
N GLU PA 61 49.91 64.56 96.78
CA GLU PA 61 49.16 63.66 97.63
C GLU PA 61 48.06 62.96 96.82
N ALA PA 62 47.86 61.69 97.10
CA ALA PA 62 46.80 60.91 96.51
C ALA PA 62 45.67 60.70 97.52
N PRO PA 63 44.42 60.80 97.10
CA PRO PA 63 43.31 60.77 98.05
C PRO PA 63 43.06 59.38 98.60
N LEU PA 64 42.42 59.34 99.75
CA LEU PA 64 42.05 58.10 100.40
C LEU PA 64 40.58 58.16 100.80
N HIS PA 65 40.01 57.00 101.08
CA HIS PA 65 38.57 56.87 101.25
C HIS PA 65 38.13 57.48 102.58
N VAL PA 66 36.87 57.93 102.63
CA VAL PA 66 36.37 58.67 103.77
C VAL PA 66 36.17 57.78 104.99
N SER PA 67 36.10 56.47 104.82
CA SER PA 67 35.98 55.55 105.93
C SER PA 67 37.29 55.32 106.66
N ASN PA 68 38.39 55.89 106.20
CA ASN PA 68 39.70 55.62 106.76
C ASN PA 68 40.26 56.78 107.56
N VAL PA 69 39.45 57.81 107.82
CA VAL PA 69 39.84 58.89 108.72
C VAL PA 69 38.69 59.15 109.67
N ALA PA 70 38.96 59.91 110.73
CA ALA PA 70 37.95 60.25 111.70
C ALA PA 70 38.32 61.59 112.32
N ILE PA 71 37.32 62.25 112.89
CA ILE PA 71 37.51 63.58 113.49
C ILE PA 71 38.26 63.42 114.79
N PHE PA 72 39.34 64.19 114.95
CA PHE PA 72 40.20 64.07 116.11
C PHE PA 72 39.69 64.95 117.24
N ASN PA 73 39.85 64.49 118.48
CA ASN PA 73 39.06 64.99 119.58
C ASN PA 73 39.76 66.06 120.41
N THR PA 74 41.07 65.91 120.65
CA THR PA 74 41.92 66.80 121.45
C THR PA 74 41.44 67.00 122.89
N GLU PA 75 40.59 66.11 123.40
CA GLU PA 75 40.30 66.08 124.84
C GLU PA 75 40.48 64.70 125.44
N THR PA 76 40.38 63.63 124.65
CA THR PA 76 41.01 62.36 124.98
C THR PA 76 42.17 62.06 124.05
N SER PA 77 42.40 62.90 123.03
CA SER PA 77 43.47 62.78 122.03
C SER PA 77 43.43 61.44 121.33
N LYS PA 78 42.24 61.07 120.85
CA LYS PA 78 42.08 59.87 120.05
C LYS PA 78 40.92 60.11 119.10
N ALA PA 79 40.73 59.16 118.18
CA ALA PA 79 39.67 59.29 117.20
C ALA PA 79 38.31 59.10 117.84
N ASP PA 80 37.34 59.88 117.38
CA ASP PA 80 36.00 59.84 117.95
C ASP PA 80 34.98 59.94 116.85
N ARG PA 81 33.94 59.13 116.94
CA ARG PA 81 32.78 59.27 116.07
C ARG PA 81 32.04 60.56 116.40
N VAL PA 82 31.44 61.17 115.38
CA VAL PA 82 30.70 62.41 115.57
C VAL PA 82 29.25 62.18 115.24
N GLY PA 83 28.41 63.11 115.68
CA GLY PA 83 26.97 62.96 115.51
C GLY PA 83 26.21 64.26 115.50
N PHE PA 84 24.89 64.17 115.49
CA PHE PA 84 24.01 65.33 115.46
C PHE PA 84 22.90 65.16 116.49
N LYS PA 85 23.29 64.80 117.71
CA LYS PA 85 22.32 64.66 118.79
C LYS PA 85 21.76 66.00 119.21
N VAL PA 86 22.53 67.07 119.04
CA VAL PA 86 22.08 68.41 119.39
C VAL PA 86 21.77 69.16 118.10
N GLU PA 87 20.52 69.58 117.96
CA GLU PA 87 20.14 70.56 116.95
C GLU PA 87 18.98 71.37 117.50
N ASP PA 88 19.12 72.69 117.44
CA ASP PA 88 18.10 73.64 117.88
C ASP PA 88 17.80 74.69 116.82
N GLY PA 89 18.82 75.13 116.08
CA GLY PA 89 18.60 75.97 114.92
C GLY PA 89 19.42 75.46 113.76
N LYS PA 90 20.33 74.53 114.05
CA LYS PA 90 21.22 73.98 113.04
C LYS PA 90 21.72 72.64 113.54
N LYS PA 91 21.97 71.72 112.61
CA LYS PA 91 22.53 70.42 112.95
C LYS PA 91 23.99 70.61 113.33
N ILE PA 92 24.27 70.63 114.63
CA ILE PA 92 25.61 70.87 115.13
C ILE PA 92 26.36 69.55 115.22
N ARG PA 93 27.56 69.50 114.64
CA ARG PA 93 28.39 68.31 114.75
C ARG PA 93 28.89 68.19 116.18
N VAL PA 94 28.49 67.11 116.86
CA VAL PA 94 28.76 66.89 118.27
C VAL PA 94 29.34 65.50 118.41
N PHE PA 95 30.38 65.36 119.23
CA PHE PA 95 30.96 64.05 119.51
C PHE PA 95 29.95 63.16 120.23
N LYS PA 96 30.15 61.86 120.12
CA LYS PA 96 29.30 60.92 120.83
C LYS PA 96 29.94 60.36 122.09
N SER PA 97 31.26 60.50 122.24
CA SER PA 97 31.90 60.00 123.45
C SER PA 97 31.68 60.93 124.64
N THR PA 98 31.60 62.25 124.39
CA THR PA 98 31.48 63.24 125.45
C THR PA 98 30.27 64.16 125.30
N GLN PA 99 29.58 64.12 124.16
CA GLN PA 99 28.46 65.02 123.83
C GLN PA 99 28.86 66.49 123.90
N LYS PA 100 29.93 66.83 123.19
CA LYS PA 100 30.48 68.17 123.15
C LYS PA 100 30.58 68.64 121.69
N PRO PA 101 30.24 69.88 121.39
CA PRO PA 101 30.25 70.32 119.99
C PRO PA 101 31.64 70.58 119.45
N VAL PA 102 31.86 70.18 118.19
CA VAL PA 102 33.16 70.33 117.55
C VAL PA 102 33.31 71.79 117.13
N GLN PA 103 34.54 72.20 116.80
CA GLN PA 103 34.76 73.57 116.37
C GLN PA 103 35.58 73.62 115.08
N PHE QA 1 30.57 -83.33 38.16
CA PHE QA 1 29.68 -82.49 38.96
C PHE QA 1 29.84 -82.77 40.44
N ILE QA 2 30.66 -81.97 41.11
CA ILE QA 2 30.90 -82.13 42.54
C ILE QA 2 31.33 -80.77 43.09
N VAL QA 3 30.87 -80.46 44.30
CA VAL QA 3 31.20 -79.19 44.95
C VAL QA 3 31.14 -79.41 46.44
N ASN QA 4 32.00 -78.71 47.17
CA ASN QA 4 32.11 -78.85 48.62
C ASN QA 4 31.87 -77.52 49.32
N ALA QA 5 31.30 -77.60 50.53
CA ALA QA 5 30.74 -76.42 51.18
C ALA QA 5 31.23 -76.20 52.61
N GLN QA 6 30.56 -75.29 53.33
CA GLN QA 6 30.86 -75.01 54.73
C GLN QA 6 29.53 -74.61 55.38
N VAL QA 7 29.57 -74.02 56.57
CA VAL QA 7 28.41 -73.99 57.45
C VAL QA 7 27.72 -72.62 57.49
N ARG QA 8 28.48 -71.52 57.56
CA ARG QA 8 27.97 -70.13 57.58
C ARG QA 8 27.04 -69.90 58.78
N SER QA 9 27.66 -69.81 59.95
CA SER QA 9 26.94 -69.38 61.15
C SER QA 9 27.05 -67.87 61.39
N ASP QA 10 26.72 -67.07 60.38
CA ASP QA 10 26.69 -65.61 60.51
C ASP QA 10 25.73 -65.04 59.48
N LEU QA 11 24.59 -64.54 59.95
CA LEU QA 11 23.51 -64.12 59.06
C LEU QA 11 23.46 -62.59 58.99
N GLY QA 12 22.55 -62.09 58.15
CA GLY QA 12 22.29 -60.67 58.09
C GLY QA 12 22.61 -60.03 56.77
N LYS QA 13 22.77 -58.70 56.78
CA LYS QA 13 23.25 -57.94 55.64
C LYS QA 13 24.73 -57.62 55.72
N GLY QA 14 25.19 -57.19 56.89
CA GLY QA 14 26.58 -56.80 57.04
C GLY QA 14 27.54 -57.96 56.94
N ALA QA 15 27.18 -59.09 57.57
CA ALA QA 15 28.02 -60.28 57.49
C ALA QA 15 27.89 -60.98 56.15
N SER QA 16 26.86 -60.69 55.38
CA SER QA 16 26.68 -61.32 54.09
C SER QA 16 27.32 -60.57 52.95
N ARG QA 17 27.73 -59.32 53.16
CA ARG QA 17 28.49 -58.60 52.16
C ARG QA 17 29.99 -58.68 52.40
N ARG QA 18 30.41 -58.88 53.64
CA ARG QA 18 31.83 -59.08 53.89
C ARG QA 18 32.32 -60.42 53.37
N LEU QA 19 31.42 -61.39 53.18
CA LEU QA 19 31.79 -62.64 52.55
C LEU QA 19 32.22 -62.44 51.11
N ARG QA 20 31.55 -61.55 50.39
CA ARG QA 20 31.75 -61.46 48.96
C ARG QA 20 33.00 -60.69 48.58
N ARG QA 21 33.51 -59.81 49.45
CA ARG QA 21 34.72 -59.08 49.11
C ARG QA 21 35.96 -59.53 49.86
N ASN QA 22 35.84 -59.96 51.11
CA ASN QA 22 37.02 -60.43 51.83
C ASN QA 22 37.44 -61.81 51.37
N ALA QA 23 36.54 -62.78 51.44
CA ALA QA 23 36.91 -64.16 51.18
C ALA QA 23 36.46 -64.67 49.80
N GLY QA 24 35.73 -63.86 49.04
CA GLY QA 24 35.29 -64.29 47.72
C GLY QA 24 34.24 -65.37 47.74
N LEU QA 25 33.51 -65.51 48.84
CA LEU QA 25 32.57 -66.59 49.01
C LEU QA 25 31.19 -66.21 48.45
N VAL QA 26 30.33 -67.22 48.33
CA VAL QA 26 28.94 -67.02 47.96
C VAL QA 26 28.07 -67.74 48.97
N PRO QA 27 27.07 -67.09 49.56
CA PRO QA 27 26.13 -67.80 50.43
C PRO QA 27 25.26 -68.78 49.66
N ALA QA 28 24.59 -69.65 50.41
CA ALA QA 28 23.63 -70.61 49.85
C ALA QA 28 22.76 -71.14 50.97
N VAL QA 29 21.74 -71.90 50.59
CA VAL QA 29 20.93 -72.69 51.52
C VAL QA 29 20.72 -74.07 50.92
N VAL QA 30 20.39 -75.01 51.81
CA VAL QA 30 20.00 -76.36 51.42
C VAL QA 30 18.69 -76.64 52.14
N TYR QA 31 17.58 -76.59 51.41
CA TYR QA 31 16.28 -76.92 51.99
C TYR QA 31 15.67 -78.05 51.19
N GLY QA 32 15.01 -78.97 51.87
CA GLY QA 32 14.56 -80.20 51.25
C GLY QA 32 13.24 -80.69 51.81
N GLY QA 33 13.03 -82.00 51.72
CA GLY QA 33 11.74 -82.58 52.05
C GLY QA 33 11.53 -82.91 53.51
N ASP QA 34 12.48 -83.62 54.12
CA ASP QA 34 12.28 -84.18 55.44
C ASP QA 34 13.13 -83.54 56.53
N LYS QA 35 13.98 -82.59 56.16
CA LYS QA 35 14.89 -81.97 57.12
C LYS QA 35 14.59 -80.49 57.22
N GLU QA 36 15.46 -79.77 57.92
CA GLU QA 36 15.43 -78.34 58.10
C GLU QA 36 16.22 -77.64 56.99
N PRO QA 37 15.92 -76.37 56.70
CA PRO QA 37 16.80 -75.60 55.83
C PRO QA 37 18.12 -75.27 56.52
N GLN QA 38 19.20 -75.31 55.74
CA GLN QA 38 20.54 -75.18 56.27
C GLN QA 38 21.35 -74.26 55.38
N SER QA 39 21.82 -73.16 55.93
CA SER QA 39 22.63 -72.23 55.16
C SER QA 39 24.05 -72.76 54.99
N VAL QA 40 24.77 -72.18 54.03
CA VAL QA 40 25.97 -72.78 53.43
C VAL QA 40 26.76 -71.67 52.74
N THR QA 41 28.09 -71.72 52.87
CA THR QA 41 28.97 -70.93 52.01
C THR QA 41 29.62 -71.79 50.93
N LEU QA 42 29.71 -71.21 49.73
CA LEU QA 42 30.41 -71.77 48.59
C LEU QA 42 31.32 -70.69 48.01
N GLU QA 43 32.23 -71.10 47.13
CA GLU QA 43 33.12 -70.15 46.49
C GLU QA 43 32.58 -69.71 45.14
N LEU QA 44 32.96 -68.48 44.76
CA LEU QA 44 32.57 -67.93 43.46
C LEU QA 44 33.31 -68.62 42.33
N ARG QA 45 34.48 -69.19 42.61
CA ARG QA 45 35.23 -69.88 41.58
C ARG QA 45 34.63 -71.24 41.24
N GLU QA 46 34.16 -71.97 42.24
CA GLU QA 46 33.70 -73.33 42.02
C GLU QA 46 32.29 -73.39 41.43
N ILE QA 47 31.46 -72.40 41.71
CA ILE QA 47 30.16 -72.34 41.07
C ILE QA 47 30.32 -71.87 39.62
N ALA QA 48 31.39 -71.12 39.35
CA ALA QA 48 31.64 -70.62 38.00
C ALA QA 48 31.91 -71.75 37.01
N LYS QA 49 32.50 -72.85 37.48
CA LYS QA 49 32.71 -74.00 36.60
C LYS QA 49 31.41 -74.74 36.35
N LEU QA 50 30.54 -74.83 37.35
CA LEU QA 50 29.28 -75.53 37.17
C LEU QA 50 28.30 -74.72 36.35
N LEU QA 51 28.24 -73.40 36.57
CA LEU QA 51 27.33 -72.56 35.81
C LEU QA 51 27.79 -72.40 34.36
N GLU QA 52 29.07 -72.63 34.07
CA GLU QA 52 29.53 -72.65 32.69
C GLU QA 52 29.17 -73.93 31.97
N ASN QA 53 28.85 -75.01 32.71
CA ASN QA 53 28.49 -76.27 32.08
C ASN QA 53 27.11 -76.17 31.46
N GLU QA 54 26.86 -77.05 30.48
CA GLU QA 54 25.67 -76.91 29.65
C GLU QA 54 24.43 -77.44 30.36
N ALA QA 55 24.42 -78.73 30.70
CA ALA QA 55 23.26 -79.38 31.28
C ALA QA 55 23.37 -79.51 32.80
N ALA QA 56 24.15 -78.64 33.43
CA ALA QA 56 24.29 -78.70 34.89
C ALA QA 56 23.06 -78.21 35.63
N PHE QA 57 22.14 -77.54 34.95
CA PHE QA 57 20.94 -77.05 35.62
C PHE QA 57 19.93 -78.17 35.82
N SER QA 58 19.76 -79.03 34.81
CA SER QA 58 18.89 -80.19 34.90
C SER QA 58 19.68 -81.47 35.17
N HIS QA 59 20.34 -81.52 36.33
CA HIS QA 59 21.20 -82.64 36.66
C HIS QA 59 21.43 -82.66 38.16
N VAL QA 60 21.63 -83.86 38.70
CA VAL QA 60 21.89 -84.04 40.12
C VAL QA 60 23.36 -83.75 40.41
N ILE QA 61 23.61 -82.94 41.44
CA ILE QA 61 24.96 -82.57 41.87
C ILE QA 61 25.14 -83.00 43.31
N ALA QA 62 26.25 -83.67 43.60
CA ALA QA 62 26.57 -84.01 44.98
C ALA QA 62 27.17 -82.82 45.70
N LEU QA 63 26.98 -82.78 47.02
CA LEU QA 63 27.39 -81.64 47.82
C LEU QA 63 28.06 -82.12 49.09
N ASN QA 64 29.25 -81.59 49.38
CA ASN QA 64 29.98 -81.90 50.61
C ASN QA 64 29.85 -80.70 51.54
N VAL QA 65 28.86 -80.74 52.42
CA VAL QA 65 28.64 -79.64 53.36
C VAL QA 65 29.76 -79.58 54.38
N GLY QA 66 29.93 -80.66 55.14
CA GLY QA 66 31.18 -80.90 55.84
C GLY QA 66 31.77 -82.16 55.25
N GLY QA 67 31.69 -83.25 56.00
CA GLY QA 67 31.74 -84.57 55.43
C GLY QA 67 30.38 -85.08 55.03
N VAL QA 68 29.35 -84.29 55.29
CA VAL QA 68 27.98 -84.64 54.94
C VAL QA 68 27.82 -84.65 53.43
N LYS QA 69 27.20 -85.70 52.91
CA LYS QA 69 26.97 -85.83 51.49
C LYS QA 69 25.48 -85.89 51.21
N GLU QA 70 25.09 -85.31 50.08
CA GLU QA 70 23.69 -85.18 49.71
C GLU QA 70 23.59 -84.97 48.22
N THR QA 71 22.63 -85.63 47.59
CA THR QA 71 22.33 -85.43 46.18
C THR QA 71 21.44 -84.20 46.04
N VAL QA 72 21.93 -83.17 45.36
CA VAL QA 72 21.33 -81.84 45.39
C VAL QA 72 21.05 -81.38 43.96
N LEU QA 73 19.82 -80.94 43.71
CA LEU QA 73 19.46 -80.31 42.46
C LEU QA 73 19.25 -78.82 42.68
N ILE QA 74 19.61 -78.01 41.68
CA ILE QA 74 19.64 -76.56 41.82
C ILE QA 74 18.44 -75.94 41.13
N LYS QA 75 17.57 -75.27 41.91
CA LYS QA 75 16.50 -74.46 41.33
C LYS QA 75 16.43 -73.08 42.00
N ALA QA 76 17.41 -72.23 41.67
CA ALA QA 76 17.42 -70.77 41.69
C ALA QA 76 18.81 -70.33 41.27
N LEU QA 77 18.90 -69.10 40.78
CA LEU QA 77 20.16 -68.37 40.65
C LEU QA 77 19.83 -66.89 40.79
N GLN QA 78 19.93 -66.39 42.01
CA GLN QA 78 19.96 -64.95 42.18
C GLN QA 78 21.31 -64.45 41.71
N ARG QA 79 21.29 -63.38 40.92
CA ARG QA 79 22.43 -62.98 40.13
C ARG QA 79 22.52 -61.47 40.13
N HIS QA 80 23.73 -60.94 40.23
CA HIS QA 80 23.92 -59.50 40.32
C HIS QA 80 23.63 -58.85 38.98
N PRO QA 81 22.70 -57.90 38.91
CA PRO QA 81 22.25 -57.39 37.61
C PRO QA 81 23.23 -56.47 36.91
N ALA QA 82 23.96 -55.66 37.67
CA ALA QA 82 24.77 -54.61 37.07
C ALA QA 82 26.04 -55.17 36.42
N LYS QA 83 26.92 -55.76 37.22
CA LYS QA 83 28.18 -56.28 36.69
C LYS QA 83 28.00 -57.64 36.05
N GLY QA 84 27.28 -58.53 36.72
CA GLY QA 84 27.01 -59.86 36.23
C GLY QA 84 27.92 -60.89 36.86
N PHE QA 85 27.44 -61.53 37.92
CA PHE QA 85 28.14 -62.60 38.65
C PHE QA 85 27.12 -63.22 39.59
N VAL QA 86 27.52 -64.29 40.22
CA VAL QA 86 26.56 -65.11 40.95
C VAL QA 86 26.41 -64.59 42.38
N MET QA 87 25.18 -64.64 42.85
CA MET QA 87 24.78 -64.34 44.21
C MET QA 87 24.21 -65.66 44.73
N HIS QA 88 23.49 -65.65 45.86
CA HIS QA 88 23.30 -66.89 46.60
C HIS QA 88 22.42 -67.88 45.84
N ALA QA 89 22.64 -69.17 46.11
CA ALA QA 89 22.40 -70.24 45.16
C ALA QA 89 21.03 -70.90 45.29
N ASP QA 90 20.61 -71.23 46.52
CA ASP QA 90 19.25 -71.70 46.84
C ASP QA 90 18.89 -72.99 46.10
N PHE QA 91 19.58 -74.08 46.47
CA PHE QA 91 19.28 -75.40 45.90
C PHE QA 91 18.59 -76.34 46.89
N LEU QA 92 18.40 -77.58 46.46
CA LEU QA 92 17.31 -78.44 46.92
C LEU QA 92 17.80 -79.86 47.18
N ARG QA 93 17.39 -80.44 48.31
CA ARG QA 93 17.65 -81.85 48.55
C ARG QA 93 16.78 -82.71 47.63
N VAL QA 94 17.28 -83.90 47.32
CA VAL QA 94 16.58 -84.82 46.43
C VAL QA 94 16.22 -86.06 47.22
N VAL QA 95 14.94 -86.29 47.40
CA VAL QA 95 14.44 -87.50 48.01
C VAL QA 95 14.38 -88.58 46.93
N ALA QA 96 14.57 -89.85 47.33
CA ALA QA 96 14.58 -90.95 46.38
C ALA QA 96 13.23 -91.17 45.69
N ASP QA 97 12.13 -90.67 46.25
CA ASP QA 97 10.82 -90.77 45.60
C ASP QA 97 10.01 -89.52 45.90
N HIS QA 98 10.04 -88.57 44.97
CA HIS QA 98 9.24 -87.36 45.09
C HIS QA 98 9.14 -86.74 43.70
N LYS QA 99 8.13 -85.88 43.51
CA LYS QA 99 7.67 -85.56 42.15
C LYS QA 99 8.64 -84.65 41.40
N LEU QA 100 9.20 -83.64 42.07
CA LEU QA 100 10.42 -82.94 41.64
C LEU QA 100 10.34 -82.24 40.27
N THR QA 101 9.61 -81.12 40.19
CA THR QA 101 9.63 -80.31 38.97
C THR QA 101 10.93 -79.52 38.85
N ALA QA 102 11.38 -79.33 37.60
CA ALA QA 102 12.58 -78.55 37.29
C ALA QA 102 12.47 -78.06 35.84
N HIS QA 103 13.57 -77.55 35.30
CA HIS QA 103 13.63 -76.98 33.96
C HIS QA 103 14.69 -77.65 33.12
N VAL QA 104 14.42 -77.77 31.82
CA VAL QA 104 15.21 -78.58 30.89
C VAL QA 104 15.50 -77.80 29.61
N PRO QA 105 16.75 -77.72 29.16
CA PRO QA 105 17.06 -77.06 27.89
C PRO QA 105 16.61 -77.86 26.68
N LEU QA 106 16.55 -77.18 25.54
CA LEU QA 106 16.17 -77.74 24.25
C LEU QA 106 17.33 -77.63 23.27
N HIS QA 107 17.21 -78.30 22.11
CA HIS QA 107 18.34 -78.21 21.18
C HIS QA 107 17.99 -77.86 19.75
N PHE QA 108 16.85 -78.33 19.23
CA PHE QA 108 16.43 -78.16 17.82
C PHE QA 108 17.49 -78.75 16.88
N ILE QA 109 17.57 -80.08 16.92
CA ILE QA 109 18.79 -80.78 16.55
C ILE QA 109 19.03 -80.77 15.04
N ASN QA 110 17.98 -80.87 14.23
CA ASN QA 110 18.14 -81.11 12.80
C ASN QA 110 17.37 -80.03 12.06
N GLU QA 111 18.02 -78.90 11.83
CA GLU QA 111 17.45 -77.80 11.09
C GLU QA 111 18.39 -77.27 10.02
N GLU QA 112 19.44 -78.01 9.68
CA GLU QA 112 20.32 -77.63 8.59
C GLU QA 112 19.59 -77.68 7.26
N VAL QA 113 18.83 -78.74 7.04
CA VAL QA 113 18.05 -78.93 5.83
C VAL QA 113 16.60 -79.12 6.25
N ALA QA 114 15.77 -78.14 5.94
CA ALA QA 114 14.34 -78.22 6.19
C ALA QA 114 13.56 -78.00 4.90
N VAL QA 115 12.31 -78.44 4.91
CA VAL QA 115 11.43 -78.25 3.75
C VAL QA 115 11.16 -76.77 3.56
N GLY QA 116 10.95 -76.03 4.65
CA GLY QA 116 10.75 -74.60 4.52
C GLY QA 116 12.00 -73.83 4.19
N VAL QA 117 13.18 -74.42 4.40
CA VAL QA 117 14.42 -73.70 4.17
C VAL QA 117 14.89 -73.86 2.73
N LYS QA 118 15.04 -75.11 2.29
CA LYS QA 118 15.66 -75.36 1.00
C LYS QA 118 14.71 -75.15 -0.17
N GLN QA 119 13.40 -75.28 0.07
CA GLN QA 119 12.41 -75.13 -0.99
C GLN QA 119 11.82 -73.73 -1.00
N ALA QA 120 11.26 -73.31 0.13
CA ALA QA 120 10.64 -72.00 0.26
C ALA QA 120 11.60 -71.06 1.00
N GLY QA 121 11.08 -69.89 1.39
CA GLY QA 121 11.85 -68.92 2.15
C GLY QA 121 12.33 -69.43 3.49
N GLY QA 122 13.63 -69.40 3.70
CA GLY QA 122 14.21 -70.12 4.82
C GLY QA 122 14.50 -69.32 6.07
N GLU QA 123 13.60 -69.44 7.05
CA GLU QA 123 13.79 -68.88 8.38
C GLU QA 123 13.20 -69.83 9.41
N ILE QA 124 13.91 -69.98 10.51
CA ILE QA 124 13.44 -70.77 11.65
C ILE QA 124 13.64 -69.92 12.90
N SER QA 125 12.54 -69.58 13.57
CA SER QA 125 12.56 -68.68 14.71
C SER QA 125 12.18 -69.46 15.97
N HIS QA 126 13.17 -69.67 16.83
CA HIS QA 126 12.95 -70.36 18.10
C HIS QA 126 12.31 -69.38 19.08
N THR QA 127 11.03 -69.59 19.40
CA THR QA 127 10.40 -68.72 20.38
C THR QA 127 10.77 -69.13 21.79
N ILE QA 128 10.43 -70.34 22.18
CA ILE QA 128 10.59 -70.78 23.56
C ILE QA 128 11.92 -71.50 23.71
N SER QA 129 12.42 -71.53 24.93
CA SER QA 129 13.39 -72.53 25.37
C SER QA 129 13.12 -72.80 26.84
N GLU QA 130 13.99 -73.60 27.46
CA GLU QA 130 13.98 -73.90 28.90
C GLU QA 130 12.63 -74.47 29.36
N VAL QA 131 12.11 -75.42 28.58
CA VAL QA 131 10.84 -76.06 28.91
C VAL QA 131 11.00 -76.90 30.16
N GLU QA 132 10.01 -76.85 31.04
CA GLU QA 132 10.06 -77.45 32.35
C GLU QA 132 10.01 -78.98 32.29
N VAL QA 133 9.92 -79.61 33.47
CA VAL QA 133 9.85 -81.05 33.59
C VAL QA 133 9.06 -81.37 34.84
N SER QA 134 8.54 -82.58 34.92
CA SER QA 134 7.94 -83.09 36.17
C SER QA 134 8.18 -84.60 36.17
N CYS QA 135 9.28 -85.01 36.80
CA CYS QA 135 9.74 -86.38 36.65
C CYS QA 135 10.42 -86.84 37.93
N LEU QA 136 10.31 -88.13 38.18
CA LEU QA 136 11.03 -88.74 39.29
C LEU QA 136 12.53 -88.66 39.03
N PRO QA 137 13.37 -88.49 40.06
CA PRO QA 137 14.80 -88.28 39.82
C PRO QA 137 15.56 -89.53 39.41
N LYS QA 138 14.89 -90.67 39.27
CA LYS QA 138 15.56 -91.88 38.82
C LYS QA 138 15.93 -91.81 37.35
N ASP QA 139 15.21 -90.99 36.59
CA ASP QA 139 15.53 -90.72 35.18
C ASP QA 139 15.55 -89.21 34.94
N LEU QA 140 16.76 -88.68 34.72
CA LEU QA 140 16.96 -87.24 34.55
C LEU QA 140 16.91 -86.88 33.07
N PRO QA 141 15.99 -86.04 32.63
CA PRO QA 141 16.05 -85.51 31.27
C PRO QA 141 17.08 -84.38 31.21
N GLU QA 142 18.24 -84.66 30.61
CA GLU QA 142 19.23 -83.61 30.46
C GLU QA 142 18.81 -82.60 29.41
N PHE QA 143 18.11 -83.06 28.37
CA PHE QA 143 17.69 -82.22 27.27
C PHE QA 143 16.63 -82.97 26.46
N ILE QA 144 15.96 -82.23 25.59
CA ILE QA 144 14.91 -82.77 24.73
C ILE QA 144 15.26 -82.41 23.30
N GLU QA 145 15.25 -83.41 22.42
CA GLU QA 145 15.60 -83.20 21.02
C GLU QA 145 14.34 -82.87 20.23
N VAL QA 146 14.36 -81.78 19.49
CA VAL QA 146 13.27 -81.37 18.62
C VAL QA 146 13.78 -81.36 17.19
N ASP QA 147 13.00 -81.91 16.27
CA ASP QA 147 13.43 -82.01 14.87
C ASP QA 147 12.51 -81.20 13.97
N MET QA 148 13.08 -80.24 13.25
CA MET QA 148 12.34 -79.43 12.31
C MET QA 148 12.95 -79.53 10.91
N ALA QA 149 13.36 -80.74 10.52
CA ALA QA 149 13.90 -80.96 9.19
C ALA QA 149 12.83 -81.28 8.16
N LYS QA 150 11.59 -81.54 8.58
CA LYS QA 150 10.52 -81.91 7.66
C LYS QA 150 9.33 -80.97 7.69
N VAL QA 151 9.25 -80.06 8.66
CA VAL QA 151 8.09 -79.17 8.77
C VAL QA 151 8.17 -78.11 7.68
N GLU QA 152 7.07 -77.96 6.93
CA GLU QA 152 7.08 -77.10 5.76
C GLU QA 152 6.87 -75.64 6.15
N LEU QA 153 6.80 -74.78 5.14
CA LEU QA 153 6.65 -73.35 5.36
C LEU QA 153 5.23 -73.02 5.77
N GLY QA 154 5.07 -72.05 6.66
CA GLY QA 154 3.77 -71.66 7.14
C GLY QA 154 3.22 -72.50 8.28
N GLN QA 155 3.96 -73.49 8.76
CA GLN QA 155 3.52 -74.32 9.87
C GLN QA 155 4.30 -73.96 11.11
N ILE QA 156 3.62 -74.08 12.25
CA ILE QA 156 4.22 -73.81 13.54
C ILE QA 156 4.30 -75.13 14.31
N VAL QA 157 4.98 -75.11 15.44
CA VAL QA 157 5.18 -76.31 16.24
C VAL QA 157 4.65 -76.03 17.65
N HIS QA 158 3.69 -76.85 18.10
CA HIS QA 158 3.15 -76.74 19.43
C HIS QA 158 3.97 -77.58 20.41
N LEU QA 159 3.47 -77.70 21.65
CA LEU QA 159 4.08 -78.57 22.64
C LEU QA 159 3.66 -80.02 22.48
N SER QA 160 2.53 -80.27 21.82
CA SER QA 160 2.09 -81.64 21.58
C SER QA 160 2.89 -82.33 20.49
N ASP QA 161 3.56 -81.56 19.63
CA ASP QA 161 4.37 -82.15 18.56
C ASP QA 161 5.59 -82.86 19.13
N LEU QA 162 6.46 -82.11 19.81
CA LEU QA 162 7.57 -82.74 20.51
C LEU QA 162 7.05 -83.54 21.69
N LYS QA 163 7.80 -84.56 22.05
CA LYS QA 163 7.37 -85.54 23.03
C LYS QA 163 8.27 -85.48 24.25
N ALA QA 164 7.83 -86.17 25.30
CA ALA QA 164 8.57 -86.24 26.55
C ALA QA 164 8.83 -87.70 26.89
N PRO QA 165 10.04 -88.20 26.63
CA PRO QA 165 10.25 -89.64 26.62
C PRO QA 165 10.39 -90.25 28.01
N LYS QA 166 9.79 -91.43 28.17
CA LYS QA 166 10.03 -92.37 29.27
C LYS QA 166 9.66 -91.76 30.62
N GLY QA 167 8.37 -91.52 30.78
CA GLY QA 167 7.82 -91.13 32.06
C GLY QA 167 8.10 -89.69 32.45
N VAL QA 168 7.87 -88.77 31.52
CA VAL QA 168 8.07 -87.34 31.74
C VAL QA 168 6.79 -86.64 31.32
N GLU QA 169 6.25 -85.78 32.18
CA GLU QA 169 5.07 -85.00 31.84
C GLU QA 169 5.44 -83.55 31.57
N LEU QA 170 4.46 -82.78 31.14
CA LEU QA 170 4.61 -81.36 30.87
C LEU QA 170 3.53 -80.61 31.62
N VAL QA 171 3.94 -79.65 32.44
CA VAL QA 171 3.02 -78.89 33.28
C VAL QA 171 2.08 -78.03 32.43
N GLN QA 172 2.55 -77.55 31.29
CA GLN QA 172 1.72 -76.68 30.46
C GLN QA 172 0.58 -77.46 29.80
N LEU QA 173 0.77 -78.75 29.54
CA LEU QA 173 -0.35 -79.59 29.12
C LEU QA 173 -1.26 -79.95 30.28
N ALA QA 174 -0.77 -79.89 31.53
CA ALA QA 174 -1.64 -80.09 32.67
C ALA QA 174 -2.57 -78.91 32.91
N HIS QA 175 -2.25 -77.76 32.32
CA HIS QA 175 -3.17 -76.66 32.21
C HIS QA 175 -3.81 -76.69 30.82
N GLY QA 176 -4.82 -75.86 30.62
CA GLY QA 176 -5.54 -75.87 29.36
C GLY QA 176 -4.91 -75.02 28.27
N ASN QA 177 -3.59 -75.18 28.06
CA ASN QA 177 -2.88 -74.42 27.05
C ASN QA 177 -1.88 -75.33 26.37
N ASP QA 178 -1.49 -74.93 25.16
CA ASP QA 178 -0.45 -75.63 24.40
C ASP QA 178 0.39 -74.58 23.67
N LEU QA 179 1.52 -74.23 24.27
CA LEU QA 179 2.33 -73.12 23.78
C LEU QA 179 3.02 -73.49 22.47
N ALA QA 180 3.13 -72.51 21.57
CA ALA QA 180 3.93 -72.70 20.37
C ALA QA 180 5.41 -72.73 20.72
N VAL QA 181 6.19 -73.41 19.89
CA VAL QA 181 7.59 -73.67 20.19
C VAL QA 181 8.50 -73.03 19.17
N ALA QA 182 8.32 -73.38 17.90
CA ALA QA 182 9.16 -72.88 16.84
C ALA QA 182 8.31 -72.58 15.61
N ASN QA 183 8.74 -71.59 14.84
CA ASN QA 183 8.04 -71.19 13.62
C ASN QA 183 8.97 -71.35 12.43
N ILE QA 184 8.37 -71.44 11.25
CA ILE QA 184 9.10 -71.34 10.00
C ILE QA 184 8.36 -70.36 9.11
N HIS QA 185 9.04 -69.28 8.72
CA HIS QA 185 8.42 -68.16 8.04
C HIS QA 185 9.36 -67.64 6.96
N ALA QA 186 8.95 -66.54 6.33
CA ALA QA 186 9.66 -65.98 5.19
C ALA QA 186 10.39 -64.71 5.59
N SER QA 187 11.64 -64.59 5.14
CA SER QA 187 12.46 -63.44 5.47
C SER QA 187 12.02 -62.21 4.68
N ARG QA 188 12.43 -61.05 5.18
CA ARG QA 188 12.12 -59.78 4.52
C ARG QA 188 13.40 -59.11 4.04
N THR RA 1 -6.93 -22.88 31.80
CA THR RA 1 -5.87 -22.18 31.09
C THR RA 1 -4.82 -21.71 32.09
N ARG RA 2 -5.26 -20.91 33.05
CA ARG RA 2 -4.49 -20.62 34.24
C ARG RA 2 -5.11 -21.39 35.39
N ASN RA 3 -4.26 -21.83 36.33
CA ASN RA 3 -4.75 -22.70 37.38
C ASN RA 3 -3.96 -22.50 38.67
N GLY RA 4 -4.51 -21.71 39.58
CA GLY RA 4 -4.09 -21.70 40.97
C GLY RA 4 -5.12 -22.47 41.79
N ARG RA 5 -5.90 -21.74 42.60
CA ARG RA 5 -7.18 -22.13 43.22
C ARG RA 5 -7.23 -23.51 43.88
N ASP RA 6 -6.50 -23.67 44.98
CA ASP RA 6 -6.69 -24.83 45.85
C ASP RA 6 -7.77 -24.48 46.89
N SER RA 7 -7.94 -25.31 47.91
CA SER RA 7 -8.89 -25.08 49.00
C SER RA 7 -8.14 -25.04 50.33
N GLU RA 8 -8.87 -25.00 51.44
CA GLU RA 8 -8.29 -24.62 52.72
C GLU RA 8 -8.20 -25.77 53.74
N SER RA 9 -8.13 -27.02 53.27
CA SER RA 9 -7.57 -28.13 54.06
C SER RA 9 -8.27 -28.45 55.37
N LYS RA 10 -9.44 -29.10 55.32
CA LYS RA 10 -10.42 -29.20 56.40
C LYS RA 10 -10.00 -29.82 57.74
N ARG RA 11 -8.73 -30.23 57.88
CA ARG RA 11 -8.19 -30.84 59.11
C ARG RA 11 -8.93 -32.12 59.49
N LEU RA 12 -8.81 -33.13 58.63
CA LEU RA 12 -9.37 -34.44 58.92
C LEU RA 12 -8.37 -35.26 59.73
N GLY RA 13 -8.65 -36.54 59.91
CA GLY RA 13 -7.72 -37.44 60.58
C GLY RA 13 -8.44 -38.26 61.63
N VAL RA 14 -7.64 -39.00 62.40
CA VAL RA 14 -8.15 -39.84 63.48
C VAL RA 14 -7.57 -39.35 64.79
N LYS RA 15 -8.43 -38.94 65.70
CA LYS RA 15 -8.05 -38.59 67.06
C LYS RA 15 -8.25 -39.80 67.96
N LEU RA 16 -7.74 -39.69 69.20
CA LEU RA 16 -8.01 -40.66 70.26
C LEU RA 16 -7.59 -42.08 69.92
N PHE RA 17 -6.29 -42.35 69.94
CA PHE RA 17 -5.73 -43.61 69.44
C PHE RA 17 -6.00 -44.78 70.40
N GLY RA 18 -5.28 -45.87 70.18
CA GLY RA 18 -5.71 -47.21 70.57
C GLY RA 18 -5.79 -47.51 72.06
N GLY RA 19 -5.39 -46.59 72.92
CA GLY RA 19 -5.47 -46.91 74.34
C GLY RA 19 -5.92 -45.75 75.21
N GLN RA 20 -6.72 -44.85 74.66
CA GLN RA 20 -7.07 -43.63 75.35
C GLN RA 20 -8.16 -43.88 76.40
N ALA RA 21 -8.56 -42.82 77.06
CA ALA RA 21 -9.73 -42.80 77.95
C ALA RA 21 -10.61 -41.65 77.51
N VAL RA 22 -11.90 -41.93 77.29
CA VAL RA 22 -12.78 -40.96 76.68
C VAL RA 22 -13.89 -40.56 77.65
N LYS RA 23 -14.46 -39.40 77.39
CA LYS RA 23 -15.61 -38.82 78.08
C LYS RA 23 -16.89 -39.21 77.34
N ALA RA 24 -17.99 -38.52 77.65
CA ALA RA 24 -19.29 -38.88 77.08
C ALA RA 24 -19.34 -38.58 75.59
N GLY RA 25 -19.15 -37.32 75.20
CA GLY RA 25 -19.37 -36.94 73.82
C GLY RA 25 -18.15 -36.49 73.06
N ASN RA 26 -17.01 -37.17 73.22
CA ASN RA 26 -15.83 -36.76 72.50
C ASN RA 26 -15.92 -37.15 71.04
N ILE RA 27 -15.03 -36.56 70.25
CA ILE RA 27 -14.93 -36.85 68.82
C ILE RA 27 -13.83 -37.88 68.64
N LEU RA 28 -14.16 -38.99 67.99
CA LEU RA 28 -13.17 -40.03 67.76
C LEU RA 28 -12.47 -39.83 66.42
N VAL RA 29 -13.24 -39.82 65.34
CA VAL RA 29 -12.70 -39.75 63.98
C VAL RA 29 -13.51 -38.73 63.20
N ARG RA 30 -12.80 -37.83 62.52
CA ARG RA 30 -13.42 -36.88 61.56
C ARG RA 30 -13.34 -37.55 60.20
N LEU RA 31 -14.31 -38.40 59.88
CA LEU RA 31 -14.34 -39.22 58.65
C LEU RA 31 -14.76 -38.41 57.43
N ARG RA 32 -14.65 -39.03 56.26
CA ARG RA 32 -15.06 -38.47 54.95
C ARG RA 32 -15.84 -39.55 54.20
N GLY RA 33 -16.62 -40.33 54.93
CA GLY RA 33 -17.41 -41.40 54.38
C GLY RA 33 -16.91 -42.79 54.71
N THR RA 34 -16.79 -43.07 56.00
CA THR RA 34 -16.76 -44.42 56.58
C THR RA 34 -15.52 -45.22 56.16
N LYS RA 35 -14.35 -44.69 56.54
CA LYS RA 35 -13.20 -45.57 56.67
C LYS RA 35 -13.40 -46.51 57.85
N PHE RA 36 -14.05 -46.02 58.90
CA PHE RA 36 -14.27 -46.75 60.13
C PHE RA 36 -15.75 -46.79 60.41
N HIS RA 37 -16.23 -47.95 60.83
CA HIS RA 37 -17.65 -48.15 61.06
C HIS RA 37 -17.98 -47.99 62.54
N ALA RA 38 -19.28 -47.86 62.79
CA ALA RA 38 -19.78 -47.68 64.15
C ALA RA 38 -19.72 -49.01 64.89
N GLY RA 39 -18.81 -49.10 65.87
CA GLY RA 39 -18.63 -50.30 66.65
C GLY RA 39 -19.68 -50.47 67.73
N TYR RA 40 -19.23 -50.81 68.94
CA TYR RA 40 -20.18 -51.17 69.99
C TYR RA 40 -20.89 -49.95 70.57
N GLY RA 41 -20.14 -49.03 71.16
CA GLY RA 41 -20.78 -47.93 71.85
C GLY RA 41 -20.50 -46.56 71.30
N VAL RA 42 -20.46 -46.42 69.97
CA VAL RA 42 -20.16 -45.13 69.35
C VAL RA 42 -21.33 -44.67 68.50
N GLY RA 43 -21.21 -43.48 67.90
CA GLY RA 43 -22.39 -42.80 67.39
C GLY RA 43 -22.71 -42.69 65.92
N LEU RA 44 -21.72 -42.38 65.06
CA LEU RA 44 -21.89 -42.15 63.62
C LEU RA 44 -22.87 -41.00 63.32
N GLY RA 45 -22.42 -39.76 63.50
CA GLY RA 45 -23.26 -38.59 63.24
C GLY RA 45 -23.63 -38.29 61.80
N LYS RA 46 -23.85 -37.01 61.49
CA LYS RA 46 -24.51 -36.63 60.23
C LYS RA 46 -23.61 -36.85 59.03
N ASP RA 47 -22.39 -36.32 59.06
CA ASP RA 47 -21.45 -36.46 57.95
C ASP RA 47 -20.47 -37.60 58.19
N HIS RA 48 -20.98 -38.68 58.80
CA HIS RA 48 -20.24 -39.87 59.18
C HIS RA 48 -19.08 -39.52 60.10
N THR RA 49 -19.41 -38.98 61.26
CA THR RA 49 -18.44 -38.60 62.28
C THR RA 49 -18.64 -39.48 63.50
N LEU RA 50 -17.64 -40.29 63.83
CA LEU RA 50 -17.74 -41.17 64.98
C LEU RA 50 -17.57 -40.37 66.26
N PHE RA 51 -18.46 -40.59 67.21
CA PHE RA 51 -18.39 -39.94 68.51
C PHE RA 51 -18.79 -40.95 69.57
N ALA RA 52 -18.37 -40.70 70.80
CA ALA RA 52 -18.64 -41.64 71.87
C ALA RA 52 -20.03 -41.42 72.46
N LYS RA 53 -20.50 -42.40 73.23
CA LYS RA 53 -21.72 -42.21 74.00
C LYS RA 53 -21.50 -42.62 75.45
N VAL RA 54 -20.58 -43.54 75.69
CA VAL RA 54 -20.25 -43.98 77.05
C VAL RA 54 -18.75 -43.87 77.26
N ASP RA 55 -18.27 -44.32 78.41
CA ASP RA 55 -16.89 -44.09 78.82
C ASP RA 55 -16.08 -45.39 78.76
N GLY RA 56 -14.79 -45.24 78.56
CA GLY RA 56 -13.93 -46.40 78.51
C GLY RA 56 -12.73 -46.15 77.60
N VAL RA 57 -12.32 -47.20 76.89
CA VAL RA 57 -11.07 -47.25 76.17
C VAL RA 57 -11.35 -47.66 74.72
N VAL RA 58 -10.73 -46.96 73.78
CA VAL RA 58 -10.95 -47.21 72.36
C VAL RA 58 -10.25 -48.50 71.94
N LYS RA 59 -10.84 -49.23 70.98
CA LYS RA 59 -10.35 -50.55 70.60
C LYS RA 59 -9.72 -50.64 69.20
N PHE RA 60 -10.42 -50.19 68.15
CA PHE RA 60 -10.01 -50.30 66.74
C PHE RA 60 -9.81 -51.76 66.31
N GLU RA 61 -10.91 -52.50 66.28
CA GLU RA 61 -10.88 -53.91 65.92
C GLU RA 61 -11.50 -54.16 64.55
N THR RA 62 -10.96 -55.13 63.82
CA THR RA 62 -11.48 -55.58 62.54
C THR RA 62 -12.36 -56.81 62.74
N LYS RA 63 -13.58 -56.76 62.19
CA LYS RA 63 -14.60 -57.75 62.48
C LYS RA 63 -15.21 -58.32 61.21
N GLY RA 64 -15.83 -59.48 61.38
CA GLY RA 64 -16.86 -60.02 60.50
C GLY RA 64 -16.57 -60.19 59.03
N ALA RA 65 -17.64 -60.36 58.26
CA ALA RA 65 -17.55 -60.31 56.81
C ALA RA 65 -17.25 -58.89 56.36
N PHE RA 66 -16.77 -58.78 55.11
CA PHE RA 66 -16.35 -57.58 54.40
C PHE RA 66 -15.08 -56.94 54.98
N GLY RA 67 -14.57 -57.46 56.08
CA GLY RA 67 -13.34 -56.97 56.70
C GLY RA 67 -13.41 -55.51 57.15
N ARG RA 68 -14.55 -55.08 57.65
CA ARG RA 68 -14.70 -53.65 57.90
C ARG RA 68 -14.13 -53.29 59.26
N LYS RA 69 -13.79 -52.02 59.41
CA LYS RA 69 -13.07 -51.53 60.58
C LYS RA 69 -14.06 -50.98 61.59
N TYR RA 70 -14.13 -51.61 62.77
CA TYR RA 70 -15.11 -51.26 63.78
C TYR RA 70 -14.42 -50.63 64.97
N VAL RA 71 -14.82 -49.40 65.28
CA VAL RA 71 -14.28 -48.66 66.41
C VAL RA 71 -15.26 -48.81 67.56
N SER RA 72 -14.95 -49.71 68.48
CA SER RA 72 -15.74 -49.92 69.67
C SER RA 72 -15.01 -49.34 70.87
N ILE RA 73 -15.76 -48.93 71.89
CA ILE RA 73 -15.18 -48.49 73.15
C ILE RA 73 -15.54 -49.49 74.24
N VAL RA 74 -14.54 -49.87 75.03
CA VAL RA 74 -14.63 -50.98 75.97
C VAL RA 74 -14.53 -50.42 77.37
N ALA RA 75 -15.47 -50.81 78.23
CA ALA RA 75 -15.50 -50.35 79.62
C ALA RA 75 -14.41 -51.08 80.40
N ALA RA 76 -13.18 -50.65 80.19
CA ALA RA 76 -12.01 -51.28 80.79
C ALA RA 76 -10.94 -50.24 81.08
N SER SA 1 -24.55 52.34 51.01
CA SER SA 1 -24.69 50.89 51.04
C SER SA 1 -26.15 50.53 50.99
N ARG SA 2 -26.44 49.24 50.77
CA ARG SA 2 -27.81 48.77 50.64
C ARG SA 2 -28.44 48.70 52.02
N VAL SA 3 -28.89 49.86 52.50
CA VAL SA 3 -29.69 49.97 53.70
C VAL SA 3 -30.97 50.71 53.36
N CYS SA 4 -31.92 50.67 54.27
CA CYS SA 4 -33.19 51.35 54.10
C CYS SA 4 -33.25 52.56 55.01
N GLN SA 5 -34.07 53.53 54.63
CA GLN SA 5 -34.22 54.77 55.37
C GLN SA 5 -35.48 54.79 56.22
N VAL SA 6 -36.08 53.63 56.45
CA VAL SA 6 -37.21 53.52 57.37
C VAL SA 6 -36.97 52.41 58.39
N THR SA 7 -36.61 51.20 57.94
CA THR SA 7 -36.61 50.03 58.81
C THR SA 7 -35.22 49.62 59.26
N GLY SA 8 -34.17 50.04 58.58
CA GLY SA 8 -32.83 49.67 59.00
C GLY SA 8 -32.49 48.23 58.70
N LYS SA 9 -32.39 47.89 57.42
CA LYS SA 9 -32.07 46.53 57.00
C LYS SA 9 -30.76 46.54 56.22
N GLY SA 10 -29.76 45.85 56.76
CA GLY SA 10 -28.53 45.64 56.03
C GLY SA 10 -28.48 44.23 55.51
N PRO SA 11 -27.58 43.95 54.56
CA PRO SA 11 -27.46 42.59 54.06
C PRO SA 11 -26.78 41.69 55.07
N VAL SA 12 -27.22 40.44 55.12
CA VAL SA 12 -26.62 39.45 56.02
C VAL SA 12 -25.96 38.38 55.15
N THR SA 13 -25.29 37.43 55.78
CA THR SA 13 -24.63 36.36 55.06
C THR SA 13 -25.17 35.02 55.54
N GLY SA 14 -25.00 34.01 54.71
CA GLY SA 14 -25.38 32.66 55.06
C GLY SA 14 -24.67 31.70 54.14
N ASN SA 15 -25.27 30.54 53.92
CA ASN SA 15 -24.67 29.54 53.05
C ASN SA 15 -25.57 29.26 51.85
N ASN SA 16 -25.11 28.32 51.03
CA ASN SA 16 -25.72 27.95 49.76
C ASN SA 16 -25.71 26.43 49.63
N ILE SA 17 -26.30 25.75 50.62
CA ILE SA 17 -26.19 24.29 50.77
C ILE SA 17 -26.73 23.55 49.55
N SER SA 18 -25.94 22.61 49.04
CA SER SA 18 -26.30 21.74 47.94
C SER SA 18 -26.94 20.45 48.47
N HIS SA 19 -27.05 19.44 47.60
CA HIS SA 19 -27.64 18.16 47.95
C HIS SA 19 -26.63 17.17 48.52
N ALA SA 20 -25.37 17.59 48.68
CA ALA SA 20 -24.38 16.82 49.41
C ALA SA 20 -23.70 17.70 50.47
N HIS SA 21 -24.35 18.79 50.86
CA HIS SA 21 -23.93 19.71 51.92
C HIS SA 21 -22.61 20.41 51.61
N ASN SA 22 -22.35 20.70 50.35
CA ASN SA 22 -21.18 21.49 49.99
C ASN SA 22 -21.48 22.95 50.29
N LYS SA 23 -21.08 23.37 51.50
CA LYS SA 23 -21.30 24.74 51.96
C LYS SA 23 -20.50 25.75 51.13
N THR SA 24 -21.15 26.85 50.75
CA THR SA 24 -20.48 27.98 50.13
C THR SA 24 -21.29 29.23 50.39
N ARG SA 25 -20.63 30.37 50.36
CA ARG SA 25 -21.21 31.59 50.92
C ARG SA 25 -22.04 32.34 49.88
N ARG SA 26 -23.03 33.07 50.38
CA ARG SA 26 -23.77 34.02 49.57
C ARG SA 26 -24.16 35.20 50.45
N ARG SA 27 -24.86 36.15 49.85
CA ARG SA 27 -25.36 37.32 50.55
C ARG SA 27 -26.87 37.37 50.41
N PHE SA 28 -27.54 37.73 51.49
CA PHE SA 28 -28.98 37.97 51.45
C PHE SA 28 -29.18 39.47 51.32
N LEU SA 29 -29.45 39.93 50.12
CA LEU SA 29 -29.71 41.34 49.94
C LEU SA 29 -31.17 41.62 50.29
N PRO SA 30 -31.47 42.85 50.71
CA PRO SA 30 -32.88 43.22 50.88
C PRO SA 30 -33.44 43.84 49.61
N ASN SA 31 -34.74 43.61 49.40
CA ASN SA 31 -35.46 44.29 48.35
C ASN SA 31 -35.55 45.75 48.72
N LEU SA 32 -35.26 46.65 47.76
CA LEU SA 32 -35.41 48.09 47.99
C LEU SA 32 -35.46 48.79 46.64
N GLN SA 33 -36.45 49.67 46.46
CA GLN SA 33 -36.62 50.42 45.23
C GLN SA 33 -36.75 51.90 45.53
N HIS SA 34 -36.51 52.71 44.51
CA HIS SA 34 -36.77 54.14 44.60
C HIS SA 34 -38.25 54.43 44.45
N HIS SA 35 -38.73 55.43 45.16
CA HIS SA 35 -40.14 55.78 45.10
C HIS SA 35 -40.30 57.20 45.62
N ARG SA 36 -41.29 57.91 45.08
CA ARG SA 36 -41.58 59.26 45.50
C ARG SA 36 -42.84 59.29 46.35
N PHE SA 37 -42.81 60.06 47.43
CA PHE SA 37 -43.91 60.14 48.38
C PHE SA 37 -44.37 61.59 48.48
N TRP SA 38 -45.65 61.81 48.25
CA TRP SA 38 -46.24 63.14 48.36
C TRP SA 38 -46.50 63.47 49.82
N VAL SA 39 -46.07 64.65 50.25
CA VAL SA 39 -46.46 65.16 51.56
C VAL SA 39 -47.48 66.26 51.31
N GLU SA 40 -48.09 66.75 52.37
CA GLU SA 40 -49.02 67.86 52.22
C GLU SA 40 -48.51 69.14 52.86
N SER SA 41 -47.80 69.03 53.99
CA SER SA 41 -47.34 70.23 54.69
C SER SA 41 -46.24 70.95 53.91
N GLU SA 42 -45.30 70.21 53.34
CA GLU SA 42 -44.34 70.84 52.44
C GLU SA 42 -44.77 70.79 50.98
N LYS SA 43 -45.91 70.14 50.71
CA LYS SA 43 -46.58 70.04 49.40
C LYS SA 43 -45.62 69.73 48.25
N ARG SA 44 -44.75 68.74 48.49
CA ARG SA 44 -43.78 68.36 47.48
C ARG SA 44 -43.42 66.89 47.62
N PHE SA 45 -43.05 66.29 46.50
CA PHE SA 45 -42.53 64.93 46.51
C PHE SA 45 -41.21 64.87 47.25
N VAL SA 46 -41.01 63.77 47.98
CA VAL SA 46 -39.70 63.42 48.52
C VAL SA 46 -39.38 62.01 48.03
N ARG SA 47 -38.12 61.80 47.63
CA ARG SA 47 -37.70 60.54 47.04
C ARG SA 47 -36.66 59.90 47.94
N LEU SA 48 -36.85 58.61 48.22
CA LEU SA 48 -36.00 57.91 49.17
C LEU SA 48 -36.16 56.42 48.92
N ARG SA 49 -35.06 55.68 48.92
CA ARG SA 49 -35.13 54.26 48.62
C ARG SA 49 -35.46 53.48 49.87
N VAL SA 50 -36.58 52.75 49.82
CA VAL SA 50 -37.13 52.01 50.93
C VAL SA 50 -37.38 50.59 50.46
N SER SA 51 -37.56 49.68 51.42
CA SER SA 51 -37.83 48.29 51.11
C SER SA 51 -39.29 48.12 50.69
N ALA SA 52 -39.70 46.89 50.44
CA ALA SA 52 -41.12 46.61 50.37
C ALA SA 52 -41.75 46.52 51.74
N LYS SA 53 -40.96 46.22 52.77
CA LYS SA 53 -41.46 46.29 54.13
C LYS SA 53 -41.52 47.73 54.62
N GLY SA 54 -40.83 48.65 53.95
CA GLY SA 54 -41.02 50.05 54.23
C GLY SA 54 -42.23 50.65 53.56
N MET SA 55 -42.70 50.04 52.48
CA MET SA 55 -43.93 50.50 51.85
C MET SA 55 -45.14 50.16 52.69
N ARG SA 56 -45.09 49.03 53.41
CA ARG SA 56 -46.21 48.60 54.23
C ARG SA 56 -46.34 49.45 55.49
N ILE SA 57 -45.23 50.02 55.97
CA ILE SA 57 -45.28 50.81 57.19
C ILE SA 57 -45.74 52.23 56.90
N ILE SA 58 -45.34 52.79 55.76
CA ILE SA 58 -45.86 54.08 55.30
C ILE SA 58 -47.37 54.01 55.09
N ASP SA 59 -47.87 52.88 54.60
CA ASP SA 59 -49.31 52.71 54.47
C ASP SA 59 -50.00 52.52 55.81
N LYS SA 60 -49.27 52.23 56.88
CA LYS SA 60 -49.87 52.04 58.20
C LYS SA 60 -49.73 53.26 59.09
N ARG SA 61 -48.49 53.70 59.34
CA ARG SA 61 -48.28 54.79 60.29
C ARG SA 61 -48.60 56.14 59.68
N GLY SA 62 -48.32 56.31 58.39
CA GLY SA 62 -48.42 57.60 57.74
C GLY SA 62 -47.05 58.11 57.32
N ILE SA 63 -47.07 59.04 56.36
CA ILE SA 63 -45.81 59.53 55.82
C ILE SA 63 -45.20 60.62 56.71
N GLU SA 64 -46.03 61.45 57.33
CA GLU SA 64 -45.51 62.55 58.13
C GLU SA 64 -44.91 62.05 59.44
N ALA SA 65 -45.41 60.94 59.97
CA ALA SA 65 -44.86 60.40 61.20
C ALA SA 65 -43.51 59.72 60.96
N VAL SA 66 -43.41 58.93 59.89
CA VAL SA 66 -42.17 58.22 59.60
C VAL SA 66 -41.10 59.18 59.08
N LEU SA 67 -41.50 60.29 58.47
CA LEU SA 67 -40.52 61.30 58.10
C LEU SA 67 -40.03 62.05 59.34
N ALA SA 68 -40.85 62.12 60.38
CA ALA SA 68 -40.50 62.89 61.57
C ALA SA 68 -39.40 62.22 62.37
N ASP SA 69 -39.59 60.94 62.72
CA ASP SA 69 -38.56 60.23 63.49
C ASP SA 69 -37.36 59.83 62.64
N LEU SA 70 -37.44 59.94 61.32
CA LEU SA 70 -36.25 59.88 60.49
C LEU SA 70 -35.39 61.12 60.72
N ARG SA 71 -36.02 62.27 60.87
CA ARG SA 71 -35.30 63.48 61.26
C ARG SA 71 -34.84 63.40 62.71
N ALA SA 72 -35.62 62.74 63.57
CA ALA SA 72 -35.35 62.66 64.99
C ALA SA 72 -34.40 61.53 65.36
N ARG SA 73 -33.84 60.82 64.38
CA ARG SA 73 -32.61 60.09 64.58
C ARG SA 73 -31.45 60.75 63.86
N GLY SA 74 -31.68 61.92 63.26
CA GLY SA 74 -30.64 62.69 62.62
C GLY SA 74 -30.24 62.17 61.26
N GLU SA 75 -31.15 62.21 60.29
CA GLU SA 75 -30.87 61.76 58.94
C GLU SA 75 -31.37 62.80 57.94
N LYS SA 76 -31.14 62.52 56.66
CA LYS SA 76 -31.15 63.54 55.61
C LYS SA 76 -32.51 63.81 55.01
N PHE SA 77 -33.58 63.21 55.54
CA PHE SA 77 -34.90 63.45 54.96
C PHE SA 77 -35.96 63.67 56.02
N LYS TA 1 20.23 91.55 89.34
CA LYS TA 1 19.34 90.53 89.86
C LYS TA 1 17.91 90.76 89.40
N ALA TA 2 16.97 90.00 89.94
CA ALA TA 2 15.58 90.12 89.57
C ALA TA 2 14.77 90.97 90.54
N ASN TA 3 15.14 91.00 91.83
CA ASN TA 3 14.45 91.87 92.78
C ASN TA 3 14.69 93.34 92.49
N GLU TA 4 15.82 93.66 91.88
CA GLU TA 4 16.08 95.03 91.44
C GLU TA 4 15.14 95.44 90.33
N LEU TA 5 14.92 94.55 89.36
CA LEU TA 5 14.15 94.90 88.16
C LEU TA 5 12.66 95.01 88.44
N ARG TA 6 12.16 94.33 89.48
CA ARG TA 6 10.79 94.53 89.92
C ARG TA 6 10.60 95.90 90.54
N GLU TA 7 11.65 96.46 91.13
CA GLU TA 7 11.55 97.61 92.02
C GLU TA 7 11.29 98.87 91.20
N GLU TA 8 10.02 99.05 90.84
CA GLU TA 8 9.47 100.25 90.22
C GLU TA 8 10.15 100.59 88.89
N LYS TA 9 10.63 99.58 88.18
CA LYS TA 9 11.21 99.77 86.87
C LYS TA 9 10.13 99.45 85.84
N SER TA 10 9.74 100.45 85.07
CA SER TA 10 8.52 100.37 84.26
C SER TA 10 8.79 99.61 82.96
N GLY TA 11 7.79 99.63 82.08
CA GLY TA 11 7.92 99.16 80.72
C GLY TA 11 8.97 99.86 79.89
N PRO TA 12 8.90 101.20 79.77
CA PRO TA 12 9.94 101.90 78.98
C PRO TA 12 11.32 101.90 79.62
N VAL TA 13 11.43 101.89 80.95
CA VAL TA 13 12.75 101.93 81.58
C VAL TA 13 13.52 100.64 81.33
N THR TA 14 12.88 99.50 81.56
CA THR TA 14 13.49 98.22 81.21
C THR TA 14 13.46 97.96 79.71
N GLY TA 15 12.54 98.60 78.98
CA GLY TA 15 12.51 98.43 77.54
C GLY TA 15 13.70 99.09 76.86
N ASN TA 16 14.22 100.16 77.44
CA ASN TA 16 15.48 100.71 76.97
C ASN TA 16 16.67 99.90 77.45
N ASN TA 17 16.50 99.11 78.52
CA ASN TA 17 17.63 98.38 79.10
C ASN TA 17 18.06 97.24 78.20
N ILE TA 18 17.14 96.67 77.41
CA ILE TA 18 17.48 95.56 76.53
C ILE TA 18 18.42 96.01 75.43
N SER TA 19 18.16 97.18 74.85
CA SER TA 19 19.02 97.71 73.80
C SER TA 19 20.38 98.17 74.31
N HIS TA 20 20.61 98.17 75.62
CA HIS TA 20 21.95 98.44 76.13
C HIS TA 20 22.82 97.20 76.07
N LEU TA 21 22.36 96.08 76.62
CA LEU TA 21 23.21 94.91 76.70
C LEU TA 21 23.15 94.04 75.45
N LEU TA 22 22.36 94.43 74.44
CA LEU TA 22 22.55 93.86 73.12
C LEU TA 22 23.79 94.43 72.45
N ARG TA 23 24.18 95.65 72.80
CA ARG TA 23 25.48 96.17 72.39
C ARG TA 23 26.60 95.35 73.00
N ASP TA 24 26.52 95.12 74.32
CA ASP TA 24 27.53 94.34 75.01
C ASP TA 24 27.55 92.89 74.58
N GLN TA 25 26.45 92.37 74.04
CA GLN TA 25 26.50 91.06 73.42
C GLN TA 25 27.15 91.13 72.05
N PHE TA 26 26.93 92.21 71.31
CA PHE TA 26 27.51 92.36 69.99
C PHE TA 26 29.02 92.51 70.07
N ASN TA 27 29.51 93.31 71.01
CA ASN TA 27 30.94 93.55 71.09
C ASN TA 27 31.71 92.34 71.59
N LEU TA 28 31.05 91.43 72.29
CA LEU TA 28 31.70 90.20 72.73
C LEU TA 28 31.64 89.10 71.68
N ARG TA 29 30.78 89.23 70.68
CA ARG TA 29 30.82 88.34 69.53
C ARG TA 29 31.73 88.82 68.43
N MET TA 30 32.15 90.08 68.47
CA MET TA 30 33.15 90.57 67.52
C MET TA 30 34.56 90.31 68.00
N GLN TA 31 34.78 90.42 69.32
CA GLN TA 31 36.11 90.17 69.84
C GLN TA 31 36.44 88.69 69.86
N LYS TA 32 35.43 87.83 70.00
CA LYS TA 32 35.67 86.40 69.97
C LYS TA 32 36.06 85.93 68.58
N ALA TA 33 35.47 86.54 67.54
CA ALA TA 33 35.82 86.22 66.16
C ALA TA 33 37.24 86.66 65.84
N THR TA 34 37.70 87.74 66.46
CA THR TA 34 39.08 88.17 66.34
C THR TA 34 39.84 87.48 67.49
N GLY TA 35 41.06 87.89 67.80
CA GLY TA 35 41.83 87.15 68.76
C GLY TA 35 41.93 87.73 70.16
N GLN TA 36 40.98 88.58 70.56
CA GLN TA 36 41.09 89.29 71.84
C GLN TA 36 39.83 89.10 72.71
N LEU TA 37 39.77 87.96 73.38
CA LEU TA 37 38.77 87.76 74.43
C LEU TA 37 39.34 86.71 75.37
N GLY TA 38 39.70 87.14 76.57
CA GLY TA 38 40.19 86.22 77.57
C GLY TA 38 39.12 85.95 78.60
N GLN TA 39 38.30 86.96 78.87
CA GLN TA 39 37.21 86.85 79.83
C GLN TA 39 36.08 86.09 79.17
N SER TA 40 36.21 84.77 79.18
CA SER TA 40 35.16 83.92 78.64
C SER TA 40 33.97 83.79 79.58
N HIS TA 41 34.08 84.25 80.82
CA HIS TA 41 32.92 84.23 81.70
C HIS TA 41 31.93 85.33 81.34
N LEU TA 42 32.41 86.41 80.73
CA LEU TA 42 31.51 87.49 80.33
C LEU TA 42 30.61 87.08 79.19
N LEU TA 43 31.08 86.16 78.34
CA LEU TA 43 30.33 85.81 77.14
C LEU TA 43 29.11 84.97 77.47
N SER TA 44 29.22 84.08 78.45
CA SER TA 44 28.11 83.25 78.87
C SER TA 44 27.28 83.89 79.98
N GLN TA 45 27.56 85.15 80.30
CA GLN TA 45 26.87 85.87 81.36
C GLN TA 45 25.74 86.74 80.84
N VAL TA 46 25.96 87.42 79.70
CA VAL TA 46 24.91 88.26 79.15
C VAL TA 46 23.82 87.46 78.48
N LYS TA 47 24.05 86.17 78.19
CA LYS TA 47 22.94 85.32 77.75
C LYS TA 47 21.96 85.08 78.91
N ARG TA 48 22.49 84.93 80.12
CA ARG TA 48 21.65 84.76 81.30
C ARG TA 48 21.16 86.07 81.88
N ASP TA 49 21.32 87.18 81.16
CA ASP TA 49 20.83 88.47 81.63
C ASP TA 49 19.86 89.14 80.67
N ILE TA 50 19.92 88.82 79.37
CA ILE TA 50 18.83 89.18 78.48
C ILE TA 50 17.60 88.36 78.82
N ALA TA 51 17.81 87.15 79.34
CA ALA TA 51 16.70 86.28 79.68
C ALA TA 51 15.92 86.77 80.90
N ARG TA 52 16.57 87.52 81.80
CA ARG TA 52 15.88 87.99 82.99
C ARG TA 52 14.93 89.12 82.64
N VAL TA 53 15.38 90.08 81.83
CA VAL TA 53 14.55 91.23 81.51
C VAL TA 53 13.43 90.85 80.56
N LYS TA 54 13.58 89.79 79.79
CA LYS TA 54 12.45 89.30 79.00
C LYS TA 54 11.43 88.58 79.85
N THR TA 55 11.83 88.06 81.00
CA THR TA 55 10.88 87.40 81.89
C THR TA 55 10.01 88.43 82.60
N VAL TA 56 10.61 89.50 83.11
CA VAL TA 56 9.86 90.51 83.86
C VAL TA 56 8.99 91.38 82.97
N LEU TA 57 9.15 91.33 81.65
CA LEU TA 57 8.24 92.04 80.76
C LEU TA 57 7.02 91.23 80.39
N ASN TA 58 6.83 90.06 81.01
CA ASN TA 58 5.59 89.31 80.90
C ASN TA 58 4.92 89.06 82.23
N GLN TA 59 5.57 89.41 83.33
CA GLN TA 59 4.97 89.35 84.66
C GLN TA 59 4.99 90.74 85.27
N GLN TA 60 3.82 91.20 85.68
CA GLN TA 60 3.69 92.52 86.28
C GLN TA 60 2.91 92.43 87.58
N ALA UA 1 25.74 -54.35 88.78
CA ALA UA 1 26.70 -53.37 89.26
C ALA UA 1 26.60 -52.06 88.48
N THR UA 2 27.71 -51.34 88.40
CA THR UA 2 27.77 -50.04 87.76
C THR UA 2 28.74 -50.09 86.59
N VAL UA 3 28.80 -48.97 85.86
CA VAL UA 3 29.70 -48.80 84.73
C VAL UA 3 29.96 -47.31 84.59
N LYS UA 4 31.20 -46.93 84.34
CA LYS UA 4 31.56 -45.52 84.25
C LYS UA 4 31.70 -45.10 82.80
N VAL UA 5 31.29 -43.88 82.51
CA VAL UA 5 31.25 -43.32 81.17
C VAL UA 5 32.12 -42.09 81.13
N THR UA 6 32.51 -41.69 79.92
CA THR UA 6 33.44 -40.58 79.73
C THR UA 6 33.02 -39.80 78.49
N LEU UA 7 32.69 -38.52 78.67
CA LEU UA 7 32.30 -37.67 77.56
C LEU UA 7 33.54 -37.22 76.80
N VAL UA 8 33.69 -37.68 75.56
CA VAL UA 8 34.90 -37.45 74.79
C VAL UA 8 34.64 -36.61 73.54
N LYS UA 9 33.42 -36.12 73.36
CA LYS UA 9 33.11 -35.20 72.28
C LYS UA 9 32.37 -34.00 72.83
N SER UA 10 32.31 -32.95 72.04
CA SER UA 10 31.62 -31.75 72.47
C SER UA 10 30.14 -31.86 72.13
N LEU UA 11 29.35 -31.03 72.82
CA LEU UA 11 27.91 -31.04 72.69
C LEU UA 11 27.38 -29.92 71.81
N ASN UA 12 28.24 -29.22 71.10
CA ASN UA 12 27.87 -27.94 70.52
C ASN UA 12 27.66 -27.98 69.02
N GLY UA 13 27.39 -29.15 68.45
CA GLY UA 13 27.01 -29.24 67.06
C GLY UA 13 26.00 -30.36 66.88
N ARG UA 14 25.49 -30.85 67.99
CA ARG UA 14 24.73 -32.09 68.00
C ARG UA 14 23.25 -31.80 67.78
N LEU UA 15 22.44 -32.84 67.81
CA LEU UA 15 20.99 -32.71 67.66
C LEU UA 15 20.38 -32.13 68.93
N ALA UA 16 19.07 -31.98 68.92
CA ALA UA 16 18.33 -31.66 70.12
C ALA UA 16 17.94 -32.90 70.91
N ASN UA 17 18.39 -34.06 70.49
CA ASN UA 17 17.99 -35.31 71.11
C ASN UA 17 19.17 -36.05 71.72
N HIS UA 18 20.33 -36.06 71.06
CA HIS UA 18 21.53 -36.59 71.69
C HIS UA 18 22.05 -35.66 72.78
N LYS UA 19 21.67 -34.39 72.73
CA LYS UA 19 22.11 -33.42 73.72
C LYS UA 19 21.32 -33.53 75.01
N ALA UA 20 20.19 -34.26 74.99
CA ALA UA 20 19.42 -34.55 76.19
C ALA UA 20 19.63 -35.98 76.69
N CYS UA 21 20.14 -36.88 75.85
CA CYS UA 21 20.52 -38.21 76.33
C CYS UA 21 21.74 -38.14 77.22
N VAL UA 22 22.69 -37.25 76.89
CA VAL UA 22 23.89 -37.11 77.69
C VAL UA 22 23.58 -36.35 78.97
N LYS UA 23 22.68 -35.38 78.92
CA LYS UA 23 22.29 -34.64 80.11
C LYS UA 23 21.46 -35.50 81.05
N GLY UA 24 20.73 -36.47 80.51
CA GLY UA 24 20.01 -37.40 81.35
C GLY UA 24 20.91 -38.37 82.10
N LEU UA 25 22.13 -38.59 81.62
CA LEU UA 25 23.07 -39.42 82.36
C LEU UA 25 23.74 -38.64 83.48
N GLY UA 26 24.07 -37.37 83.23
CA GLY UA 26 24.62 -36.54 84.27
C GLY UA 26 25.98 -35.99 83.92
N LEU UA 27 26.27 -35.91 82.64
CA LEU UA 27 27.56 -35.45 82.16
C LEU UA 27 27.48 -33.95 81.86
N ARG UA 28 28.46 -33.19 82.33
CA ARG UA 28 28.40 -31.74 82.23
C ARG UA 28 29.35 -31.15 81.20
N ARG UA 29 30.48 -31.80 80.94
CA ARG UA 29 31.53 -31.25 80.08
C ARG UA 29 32.47 -32.39 79.70
N ILE UA 30 33.44 -32.08 78.86
CA ILE UA 30 34.32 -33.14 78.35
C ILE UA 30 35.31 -33.52 79.45
N ASN UA 31 35.68 -34.81 79.45
CA ASN UA 31 36.44 -35.47 80.50
C ASN UA 31 35.77 -35.27 81.87
N HIS UA 32 34.56 -35.82 81.96
CA HIS UA 32 33.81 -35.83 83.21
C HIS UA 32 33.19 -37.21 83.36
N THR UA 33 33.63 -37.95 84.37
CA THR UA 33 33.28 -39.36 84.52
C THR UA 33 32.32 -39.51 85.68
N VAL UA 34 31.17 -40.13 85.42
CA VAL UA 34 30.17 -40.40 86.44
C VAL UA 34 29.97 -41.89 86.53
N GLU UA 35 29.23 -42.30 87.55
CA GLU UA 35 28.77 -43.68 87.71
C GLU UA 35 27.27 -43.73 87.47
N VAL UA 36 26.82 -44.74 86.74
CA VAL UA 36 25.40 -44.95 86.52
C VAL UA 36 25.02 -46.31 87.10
N GLN UA 37 23.76 -46.40 87.53
CA GLN UA 37 23.18 -47.68 87.94
C GLN UA 37 22.71 -48.38 86.68
N ASP UA 38 23.38 -49.46 86.31
CA ASP UA 38 23.27 -50.06 84.98
C ASP UA 38 21.96 -50.86 84.85
N THR UA 39 20.87 -50.12 84.69
CA THR UA 39 19.53 -50.59 84.39
C THR UA 39 19.38 -50.79 82.88
N PRO UA 40 18.34 -51.51 82.42
CA PRO UA 40 18.12 -51.57 80.96
C PRO UA 40 17.72 -50.25 80.32
N GLU UA 41 17.25 -49.27 81.09
CA GLU UA 41 16.90 -47.99 80.52
C GLU UA 41 17.98 -46.94 80.68
N ASN UA 42 19.01 -47.20 81.50
CA ASN UA 42 20.15 -46.31 81.52
C ASN UA 42 21.17 -46.66 80.46
N ARG UA 43 21.23 -47.92 80.04
CA ARG UA 43 22.10 -48.30 78.94
C ARG UA 43 21.40 -48.21 77.60
N GLY UA 44 20.14 -47.77 77.57
CA GLY UA 44 19.52 -47.40 76.32
C GLY UA 44 19.92 -46.01 75.87
N MET UA 45 20.20 -45.12 76.82
CA MET UA 45 20.70 -43.80 76.47
C MET UA 45 22.13 -43.87 75.95
N ILE UA 46 22.89 -44.88 76.37
CA ILE UA 46 24.25 -45.03 75.89
C ILE UA 46 24.26 -45.45 74.43
N ASN UA 47 23.29 -46.25 74.00
CA ASN UA 47 23.27 -46.74 72.63
C ASN UA 47 22.95 -45.65 71.63
N LYS UA 48 22.26 -44.59 72.05
CA LYS UA 48 22.04 -43.47 71.16
C LYS UA 48 23.32 -42.65 70.98
N ALA UA 49 23.95 -42.28 72.09
CA ALA UA 49 25.11 -41.41 72.10
C ALA UA 49 26.41 -42.19 72.22
N TYR UA 50 26.50 -43.33 71.55
CA TYR UA 50 27.65 -44.23 71.66
C TYR UA 50 28.94 -43.57 71.18
N TYR UA 51 28.83 -42.62 70.25
CA TYR UA 51 29.99 -42.04 69.61
C TYR UA 51 30.52 -40.82 70.35
N LEU UA 52 29.73 -40.24 71.25
CA LEU UA 52 30.25 -39.21 72.12
C LEU UA 52 30.92 -39.76 73.36
N LEU UA 53 30.83 -41.07 73.59
CA LEU UA 53 31.19 -41.64 74.88
C LEU UA 53 32.33 -42.63 74.76
N ARG UA 54 32.98 -42.84 75.90
CA ARG UA 54 34.01 -43.86 76.08
C ARG UA 54 33.54 -44.72 77.24
N VAL UA 55 32.90 -45.85 76.94
CA VAL UA 55 32.36 -46.72 77.99
C VAL UA 55 33.50 -47.65 78.37
N GLU UA 56 34.34 -47.17 79.27
CA GLU UA 56 35.55 -47.87 79.69
C GLU UA 56 35.29 -48.90 80.77
N GLY UA 57 34.03 -49.11 81.15
CA GLY UA 57 33.70 -50.11 82.15
C GLY UA 57 33.90 -49.63 83.57
N LYS VA 1 -57.35 -60.46 41.33
CA LYS VA 1 -58.16 -59.25 41.37
C LYS VA 1 -59.42 -59.43 40.53
N ALA VA 2 -60.07 -58.31 40.21
CA ALA VA 2 -61.36 -58.33 39.51
C ALA VA 2 -61.37 -57.46 38.26
N ASP VA 3 -60.20 -57.10 37.74
CA ASP VA 3 -60.11 -56.18 36.60
C ASP VA 3 -60.19 -56.90 35.26
N ILE VA 4 -60.34 -58.22 35.26
CA ILE VA 4 -60.22 -59.01 34.04
C ILE VA 4 -61.59 -59.58 33.68
N HIS VA 5 -61.77 -59.86 32.39
CA HIS VA 5 -63.09 -60.08 31.81
C HIS VA 5 -63.14 -61.38 31.01
N PRO VA 6 -63.87 -62.39 31.45
CA PRO VA 6 -63.95 -63.65 30.70
C PRO VA 6 -65.14 -63.67 29.73
N THR VA 7 -65.00 -64.56 28.74
CA THR VA 7 -66.10 -64.86 27.82
C THR VA 7 -66.39 -66.36 27.91
N TYR VA 8 -66.58 -66.86 29.14
CA TYR VA 8 -66.70 -68.29 29.43
C TYR VA 8 -67.98 -68.92 28.91
N GLU VA 9 -68.91 -68.14 28.35
CA GLU VA 9 -70.08 -68.73 27.69
C GLU VA 9 -69.69 -69.48 26.42
N ALA VA 10 -68.59 -69.06 25.77
CA ALA VA 10 -68.06 -69.72 24.59
C ALA VA 10 -66.69 -70.33 24.83
N ILE VA 11 -65.94 -69.80 25.80
CA ILE VA 11 -64.67 -70.40 26.20
C ILE VA 11 -64.91 -71.79 26.77
N GLU VA 12 -65.88 -71.90 27.68
CA GLU VA 12 -66.28 -73.19 28.23
C GLU VA 12 -67.41 -73.84 27.46
N ALA VA 13 -67.52 -73.54 26.16
CA ALA VA 13 -68.43 -74.25 25.28
C ALA VA 13 -67.67 -75.36 24.55
N THR VA 14 -68.33 -75.99 23.59
CA THR VA 14 -67.76 -77.15 22.90
C THR VA 14 -66.77 -76.68 21.83
N CYS VA 15 -65.62 -77.36 21.77
CA CYS VA 15 -64.67 -77.09 20.69
C CYS VA 15 -65.22 -77.57 19.35
N SER VA 16 -65.96 -78.68 19.35
CA SER VA 16 -66.64 -79.17 18.16
C SER VA 16 -68.07 -78.64 18.11
N CYS VA 17 -68.17 -77.31 18.11
CA CYS VA 17 -69.46 -76.62 18.00
C CYS VA 17 -69.76 -76.29 16.55
N GLY VA 18 -69.70 -77.31 15.70
CA GLY VA 18 -69.94 -77.14 14.28
C GLY VA 18 -68.82 -76.47 13.53
N ASN VA 19 -68.78 -76.66 12.21
CA ASN VA 19 -67.84 -75.94 11.35
C ASN VA 19 -68.53 -74.82 10.59
N VAL VA 20 -69.48 -74.14 11.24
CA VAL VA 20 -70.20 -73.04 10.62
C VAL VA 20 -69.79 -71.69 11.21
N ILE VA 21 -69.24 -71.67 12.42
CA ILE VA 21 -68.65 -70.48 13.01
C ILE VA 21 -67.15 -70.65 13.18
N LYS VA 22 -66.73 -71.81 13.67
CA LYS VA 22 -65.31 -72.13 13.76
C LYS VA 22 -64.73 -72.50 12.41
N THR VA 23 -65.59 -72.84 11.44
CA THR VA 23 -65.35 -73.15 10.03
C THR VA 23 -64.58 -74.46 9.80
N ARG VA 24 -64.07 -75.08 10.85
CA ARG VA 24 -63.34 -76.34 10.77
C ARG VA 24 -63.52 -77.07 12.10
N SER VA 25 -64.43 -78.04 12.14
CA SER VA 25 -64.65 -78.83 13.35
C SER VA 25 -64.61 -80.34 13.11
N THR VA 26 -64.33 -80.78 11.89
CA THR VA 26 -63.99 -82.17 11.62
C THR VA 26 -62.50 -82.37 11.40
N LEU VA 27 -61.77 -81.31 11.06
CA LEU VA 27 -60.32 -81.30 11.04
C LEU VA 27 -59.82 -79.95 11.52
N CYS VA 28 -58.62 -79.94 12.11
CA CYS VA 28 -57.95 -78.69 12.42
C CYS VA 28 -56.88 -78.36 11.41
N LYS VA 29 -56.21 -79.39 10.85
CA LYS VA 29 -55.13 -79.22 9.89
C LYS VA 29 -55.69 -79.03 8.48
N PRO VA 30 -55.37 -77.92 7.81
CA PRO VA 30 -55.61 -77.86 6.37
C PRO VA 30 -54.57 -78.60 5.55
N ILE VA 31 -53.45 -78.98 6.15
CA ILE VA 31 -52.44 -79.78 5.49
C ILE VA 31 -52.62 -81.23 5.89
N ALA WA 1 44.55 18.63 39.86
CA ALA WA 1 43.46 18.23 40.71
C ALA WA 1 43.84 18.32 42.17
N VAL WA 2 42.91 17.94 43.04
CA VAL WA 2 43.10 18.03 44.48
C VAL WA 2 43.81 16.78 44.99
N GLN WA 3 44.30 16.86 46.22
CA GLN WA 3 44.82 15.71 46.94
C GLN WA 3 43.69 14.84 47.47
N GLN WA 4 44.05 13.65 47.96
CA GLN WA 4 43.09 12.81 48.67
C GLN WA 4 43.39 12.65 50.15
N ASN WA 5 44.63 12.80 50.58
CA ASN WA 5 44.96 12.84 52.00
C ASN WA 5 45.93 13.98 52.23
N LYS WA 6 45.93 14.51 53.44
CA LYS WA 6 46.82 15.64 53.69
C LYS WA 6 48.24 15.15 53.95
N LYS WA 7 49.20 16.05 53.77
CA LYS WA 7 50.59 15.70 53.96
C LYS WA 7 51.02 16.00 55.39
N SER WA 8 51.78 15.07 55.96
CA SER WA 8 52.17 15.14 57.37
C SER WA 8 53.25 16.19 57.59
N ARG WA 9 53.73 16.28 58.83
CA ARG WA 9 54.85 17.16 59.12
C ARG WA 9 56.14 16.67 58.49
N SER WA 10 56.27 15.36 58.28
CA SER WA 10 57.51 14.83 57.70
C SER WA 10 57.59 15.15 56.22
N ALA WA 11 56.57 14.79 55.44
CA ALA WA 11 56.63 14.94 53.99
C ALA WA 11 56.46 16.37 53.53
N ARG WA 12 56.20 17.30 54.43
CA ARG WA 12 56.19 18.73 54.16
C ARG WA 12 57.56 19.34 54.41
N ASP WA 13 58.28 18.87 55.43
CA ASP WA 13 59.60 19.38 55.74
C ASP WA 13 60.67 18.77 54.86
N MET WA 14 60.43 17.58 54.31
CA MET WA 14 61.39 16.98 53.39
C MET WA 14 61.45 17.72 52.07
N ARG WA 15 60.35 18.36 51.67
CA ARG WA 15 60.32 19.08 50.40
C ARG WA 15 61.23 20.29 50.43
N ARG WA 16 61.25 21.01 51.55
CA ARG WA 16 61.97 22.26 51.67
C ARG WA 16 63.37 22.08 52.24
N SER WA 17 63.98 20.92 52.06
CA SER WA 17 65.35 20.68 52.46
C SER WA 17 66.36 21.04 51.39
N HIS WA 18 65.92 21.18 50.14
CA HIS WA 18 66.78 21.60 49.05
C HIS WA 18 66.82 23.11 48.88
N ASP WA 19 66.48 23.87 49.91
CA ASP WA 19 66.26 25.31 49.77
C ASP WA 19 67.08 26.07 50.82
N ALA WA 20 68.33 26.36 50.49
CA ALA WA 20 69.20 27.14 51.36
C ALA WA 20 69.80 28.31 50.59
N LEU WA 21 70.72 29.05 51.21
CA LEU WA 21 71.27 30.25 50.59
C LEU WA 21 72.80 30.23 50.65
N GLU WA 22 73.38 31.21 49.96
CA GLU WA 22 74.81 31.49 49.86
C GLU WA 22 75.00 32.82 49.14
N SER WA 23 75.98 33.63 49.59
CA SER WA 23 76.46 34.73 48.77
C SER WA 23 77.96 34.98 48.95
N ASN WA 24 78.72 33.96 49.38
CA ASN WA 24 80.08 34.16 49.86
C ASN WA 24 81.05 34.30 48.68
N ALA WA 25 81.04 35.50 48.11
CA ALA WA 25 82.08 35.87 47.15
C ALA WA 25 82.69 37.18 47.61
N LEU WA 26 83.03 37.25 48.90
CA LEU WA 26 83.49 38.50 49.47
C LEU WA 26 84.98 38.68 49.22
N SER WA 27 85.41 39.93 49.32
CA SER WA 27 86.80 40.28 49.04
C SER WA 27 87.15 41.52 49.83
N VAL WA 28 88.38 41.56 50.33
CA VAL WA 28 88.89 42.71 51.06
C VAL WA 28 89.71 43.55 50.09
N GLU WA 29 89.41 44.83 50.02
CA GLU WA 29 90.17 45.74 49.16
C GLU WA 29 91.55 45.97 49.76
N LYS WA 30 92.56 45.92 48.88
CA LYS WA 30 93.95 46.01 49.33
C LYS WA 30 94.27 47.39 49.89
N SER WA 31 93.76 48.44 49.25
CA SER WA 31 94.09 49.79 49.69
C SER WA 31 93.22 50.24 50.86
N THR WA 32 91.91 50.33 50.64
CA THR WA 32 91.05 50.97 51.62
C THR WA 32 90.71 50.08 52.81
N GLY WA 33 90.87 48.76 52.68
CA GLY WA 33 90.42 47.86 53.73
C GLY WA 33 88.92 47.77 53.83
N GLU WA 34 88.23 47.76 52.70
CA GLU WA 34 86.78 47.77 52.64
C GLU WA 34 86.29 46.48 51.98
N VAL WA 35 85.24 45.90 52.52
CA VAL WA 35 84.72 44.60 52.09
C VAL WA 35 83.67 44.82 51.02
N HIS WA 36 83.74 44.03 49.95
CA HIS WA 36 82.81 44.13 48.83
C HIS WA 36 82.69 42.74 48.20
N LEU WA 37 82.03 42.68 47.05
CA LEU WA 37 81.84 41.44 46.31
C LEU WA 37 82.90 41.26 45.24
N ARG WA 38 83.29 40.01 45.02
CA ARG WA 38 84.29 39.66 44.02
C ARG WA 38 83.84 40.03 42.62
N HIS WA 39 84.75 40.70 41.88
CA HIS WA 39 84.51 41.30 40.57
C HIS WA 39 83.34 42.28 40.59
N HIS WA 40 83.34 43.17 41.58
CA HIS WA 40 82.38 44.25 41.65
C HIS WA 40 83.04 45.51 42.16
N VAL WA 41 82.44 46.64 41.84
CA VAL WA 41 82.92 47.92 42.35
C VAL WA 41 82.58 48.01 43.83
N SER WA 42 83.57 48.41 44.63
CA SER WA 42 83.37 48.57 46.06
C SER WA 42 82.38 49.69 46.34
N PRO WA 43 81.68 49.66 47.49
CA PRO WA 43 80.67 50.69 47.77
C PRO WA 43 81.22 52.10 47.99
N ASP WA 44 82.53 52.31 48.00
CA ASP WA 44 83.08 53.65 47.94
C ASP WA 44 83.39 54.08 46.52
N GLY WA 45 83.71 53.14 45.64
CA GLY WA 45 84.00 53.47 44.27
C GLY WA 45 85.39 53.08 43.81
N PHE WA 46 85.96 52.04 44.41
CA PHE WA 46 87.28 51.56 44.04
C PHE WA 46 87.16 50.18 43.41
N TYR WA 47 87.82 50.00 42.27
CA TYR WA 47 87.96 48.68 41.68
C TYR WA 47 89.43 48.45 41.41
N ARG WA 48 89.95 47.34 41.96
CA ARG WA 48 91.38 46.96 42.04
C ARG WA 48 92.31 48.14 42.32
N GLY WA 49 91.95 48.92 43.34
CA GLY WA 49 92.79 49.99 43.81
C GLY WA 49 92.87 51.17 42.87
N ARG WA 50 91.73 51.72 42.52
CA ARG WA 50 91.64 52.86 41.61
C ARG WA 50 90.26 53.48 41.72
N LYS WA 51 90.19 54.79 41.95
CA LYS WA 51 88.92 55.47 42.08
C LYS WA 51 88.31 55.66 40.69
N VAL WA 52 87.05 55.25 40.54
CA VAL WA 52 86.40 55.28 39.24
C VAL WA 52 85.15 56.15 39.23
N VAL WA 53 84.61 56.52 40.38
CA VAL WA 53 83.37 57.28 40.42
C VAL WA 53 83.34 58.19 41.64
N ARG XA 1 -36.51 -19.35 42.67
CA ARG XA 1 -36.89 -19.64 44.05
C ARG XA 1 -37.19 -18.34 44.77
N GLU XA 2 -38.34 -17.73 44.48
CA GLU XA 2 -38.79 -16.56 45.22
C GLU XA 2 -39.14 -16.95 46.65
N LEU XA 3 -38.97 -16.02 47.57
CA LEU XA 3 -39.18 -16.28 48.99
C LEU XA 3 -40.55 -15.81 49.45
N ILE XA 4 -41.13 -16.59 50.38
CA ILE XA 4 -42.52 -16.41 50.80
C ILE XA 4 -42.61 -16.47 52.32
N ARG XA 5 -43.75 -16.04 52.82
CA ARG XA 5 -44.10 -16.07 54.23
C ARG XA 5 -45.19 -17.11 54.43
N LEU XA 6 -45.36 -17.60 55.66
CA LEU XA 6 -46.41 -18.57 56.01
C LEU XA 6 -47.08 -18.11 57.31
N VAL XA 7 -48.09 -17.25 57.18
CA VAL XA 7 -48.77 -16.71 58.37
C VAL XA 7 -49.69 -17.77 58.96
N SER XA 8 -49.71 -17.84 60.30
CA SER XA 8 -50.45 -18.84 61.04
C SER XA 8 -51.96 -18.75 60.83
N SER XA 9 -52.65 -19.83 61.21
CA SER XA 9 -54.11 -19.87 61.12
C SER XA 9 -54.75 -19.04 62.21
N ALA XA 10 -54.35 -19.25 63.46
CA ALA XA 10 -54.91 -18.52 64.58
C ALA XA 10 -54.41 -17.07 64.58
N GLY XA 11 -54.84 -16.31 65.58
CA GLY XA 11 -54.65 -14.87 65.56
C GLY XA 11 -53.26 -14.38 65.81
N THR XA 12 -52.30 -15.27 66.08
CA THR XA 12 -50.95 -14.84 66.38
C THR XA 12 -50.22 -14.35 65.12
N GLY XA 13 -49.22 -13.51 65.35
CA GLY XA 13 -48.43 -12.97 64.26
C GLY XA 13 -47.19 -13.79 63.98
N HIS XA 14 -47.17 -15.01 64.50
CA HIS XA 14 -46.06 -15.92 64.23
C HIS XA 14 -46.15 -16.44 62.81
N PHE XA 15 -45.00 -16.50 62.14
CA PHE XA 15 -44.95 -16.96 60.77
C PHE XA 15 -43.66 -17.72 60.54
N TYR XA 16 -43.64 -18.48 59.46
CA TYR XA 16 -42.43 -19.09 58.97
C TYR XA 16 -42.03 -18.44 57.65
N THR XA 17 -40.79 -18.71 57.23
CA THR XA 17 -40.22 -18.08 56.05
C THR XA 17 -39.45 -19.12 55.27
N THR XA 18 -39.78 -19.25 53.99
CA THR XA 18 -39.12 -20.22 53.13
C THR XA 18 -39.10 -19.67 51.71
N ASP XA 19 -38.77 -20.53 50.75
CA ASP XA 19 -38.71 -20.16 49.35
C ASP XA 19 -39.53 -21.14 48.52
N LYS XA 20 -39.98 -20.67 47.37
CA LYS XA 20 -40.81 -21.48 46.50
C LYS XA 20 -40.62 -21.02 45.06
N ASN XA 21 -40.36 -21.97 44.17
CA ASN XA 21 -40.25 -21.70 42.75
C ASN XA 21 -41.64 -21.39 42.22
N LYS XA 22 -41.93 -20.13 41.97
CA LYS XA 22 -43.23 -19.70 41.47
C LYS XA 22 -43.49 -20.13 40.03
N ARG XA 23 -42.45 -20.55 39.31
CA ARG XA 23 -42.57 -20.78 37.88
C ARG XA 23 -43.37 -22.05 37.58
N THR XA 24 -43.04 -23.14 38.27
CA THR XA 24 -43.62 -24.44 37.96
C THR XA 24 -44.90 -24.72 38.73
N LYS XA 25 -44.93 -24.41 40.02
CA LYS XA 25 -46.13 -24.62 40.82
C LYS XA 25 -46.76 -23.27 41.17
N PRO XA 26 -47.93 -22.95 40.61
CA PRO XA 26 -48.48 -21.60 40.79
C PRO XA 26 -49.24 -21.38 42.09
N GLU XA 27 -49.83 -22.43 42.64
CA GLU XA 27 -50.76 -22.29 43.76
C GLU XA 27 -50.04 -22.49 45.11
N LYS XA 28 -50.79 -22.28 46.18
CA LYS XA 28 -50.22 -22.15 47.51
C LYS XA 28 -50.01 -23.52 48.15
N ILE XA 29 -49.62 -23.54 49.43
CA ILE XA 29 -49.46 -24.77 50.18
C ILE XA 29 -50.10 -24.58 51.56
N GLU XA 30 -50.50 -25.68 52.18
CA GLU XA 30 -51.29 -25.69 53.41
C GLU XA 30 -50.61 -26.57 54.45
N ILE XA 31 -49.32 -26.34 54.67
CA ILE XA 31 -48.50 -27.22 55.48
C ILE XA 31 -48.84 -27.05 56.96
N LYS XA 32 -49.00 -28.17 57.65
CA LYS XA 32 -49.35 -28.19 59.06
C LYS XA 32 -48.06 -28.25 59.88
N LYS XA 33 -47.77 -27.18 60.64
CA LYS XA 33 -46.54 -27.07 61.41
C LYS XA 33 -46.86 -26.60 62.82
N TYR XA 34 -45.83 -26.51 63.66
CA TYR XA 34 -45.98 -26.16 65.06
C TYR XA 34 -46.15 -24.65 65.22
N ASP XA 35 -46.78 -24.26 66.34
CA ASP XA 35 -47.01 -22.85 66.65
C ASP XA 35 -46.56 -22.58 68.09
N PRO XA 36 -45.57 -21.73 68.31
CA PRO XA 36 -45.03 -21.53 69.67
C PRO XA 36 -45.89 -20.68 70.58
N VAL XA 37 -47.09 -20.27 70.17
CA VAL XA 37 -47.94 -19.47 71.04
C VAL XA 37 -49.06 -20.34 71.61
N VAL XA 38 -49.83 -21.00 70.73
CA VAL XA 38 -50.85 -21.92 71.21
C VAL XA 38 -50.28 -23.25 71.67
N ARG XA 39 -48.98 -23.47 71.43
CA ARG XA 39 -48.25 -24.68 71.82
C ARG XA 39 -48.89 -25.95 71.27
N GLN XA 40 -49.34 -25.89 70.02
CA GLN XA 40 -49.77 -27.07 69.29
C GLN XA 40 -49.67 -26.79 67.80
N HIS XA 41 -50.01 -27.80 67.00
CA HIS XA 41 -49.85 -27.73 65.56
C HIS XA 41 -51.10 -27.18 64.89
N VAL XA 42 -50.92 -26.20 64.00
CA VAL XA 42 -51.97 -25.67 63.16
C VAL XA 42 -51.46 -25.70 61.72
N ILE XA 43 -52.26 -25.19 60.79
CA ILE XA 43 -51.89 -25.19 59.38
C ILE XA 43 -51.62 -23.75 58.95
N TYR XA 44 -50.72 -23.60 57.98
CA TYR XA 44 -50.27 -22.29 57.53
C TYR XA 44 -50.57 -22.11 56.05
N LYS XA 45 -50.68 -20.84 55.63
CA LYS XA 45 -50.78 -20.46 54.21
C LYS XA 45 -50.52 -18.96 54.10
N GLU XA 46 -49.64 -18.56 53.16
CA GLU XA 46 -49.35 -17.16 52.81
C GLU XA 46 -48.33 -17.18 51.66
N ALA XA 47 -48.15 -16.01 51.04
CA ALA XA 47 -47.00 -15.65 50.21
C ALA XA 47 -46.77 -14.15 50.42
N LYS XA 48 -46.03 -13.51 49.51
CA LYS XA 48 -45.97 -12.05 49.37
C LYS XA 48 -45.43 -11.36 50.63
N ILE XA 49 -44.11 -11.45 50.86
CA ILE XA 49 -43.50 -11.00 52.11
C ILE XA 49 -43.66 -9.51 52.39
N LYS XA 50 -43.86 -8.67 51.37
CA LYS XA 50 -43.86 -7.23 51.56
C LYS XA 50 -45.20 -6.69 52.06
N MET YA 1 25.06 46.11 29.30
CA MET YA 1 25.12 45.39 30.56
C MET YA 1 24.42 46.28 31.59
N LYS YA 2 23.17 46.59 31.27
CA LYS YA 2 22.33 47.44 32.12
C LYS YA 2 21.96 46.69 33.39
N ARG YA 3 22.37 47.21 34.53
CA ARG YA 3 21.95 46.59 35.77
C ARG YA 3 20.57 47.08 36.17
N THR YA 4 19.96 46.39 37.13
CA THR YA 4 18.56 46.61 37.42
C THR YA 4 18.27 47.86 38.22
N PHE YA 5 19.29 48.55 38.70
CA PHE YA 5 19.10 49.77 39.47
C PHE YA 5 19.75 50.94 38.76
N GLN YA 6 18.93 51.83 38.21
CA GLN YA 6 19.39 53.07 37.63
C GLN YA 6 18.87 54.22 38.47
N PRO YA 7 19.72 54.99 39.12
CA PRO YA 7 19.26 55.85 40.22
C PRO YA 7 18.64 57.15 39.75
N SER YA 8 17.84 57.73 40.64
CA SER YA 8 17.20 59.02 40.46
C SER YA 8 16.80 59.52 41.84
N THR YA 9 16.16 60.68 41.87
CA THR YA 9 15.73 61.24 43.16
C THR YA 9 14.29 61.67 43.09
N LEU YA 10 13.85 62.11 41.91
CA LEU YA 10 12.47 62.51 41.73
C LEU YA 10 11.56 61.28 41.65
N LYS YA 11 12.08 60.16 41.18
CA LYS YA 11 11.33 58.91 41.18
C LYS YA 11 11.38 58.21 42.52
N ARG YA 12 12.37 58.52 43.35
CA ARG YA 12 12.50 57.82 44.61
C ARG YA 12 11.60 58.43 45.67
N ALA YA 13 11.43 59.74 45.62
CA ALA YA 13 10.63 60.43 46.63
C ALA YA 13 9.14 60.33 46.35
N ARG YA 14 8.75 60.19 45.10
CA ARG YA 14 7.34 60.12 44.79
C ARG YA 14 6.76 58.73 45.01
N VAL YA 15 7.59 57.72 45.17
CA VAL YA 15 7.13 56.35 45.37
C VAL YA 15 7.36 55.90 46.80
N HIS YA 16 8.55 56.13 47.34
CA HIS YA 16 8.91 55.63 48.66
C HIS YA 16 8.99 56.73 49.70
N GLY YA 17 8.65 57.97 49.35
CA GLY YA 17 8.83 59.09 50.25
C GLY YA 17 7.83 59.09 51.38
N PHE YA 18 7.89 60.14 52.19
CA PHE YA 18 7.00 60.19 53.34
C PHE YA 18 5.59 60.56 52.94
N ARG YA 19 5.44 61.56 52.07
CA ARG YA 19 4.12 61.98 51.63
C ARG YA 19 3.45 60.99 50.70
N ALA YA 20 4.20 60.01 50.18
CA ALA YA 20 3.57 58.92 49.46
C ALA YA 20 3.01 57.87 50.42
N ARG YA 21 3.75 57.54 51.47
CA ARG YA 21 3.29 56.54 52.42
C ARG YA 21 2.15 57.07 53.26
N MET YA 22 2.23 58.33 53.67
CA MET YA 22 1.23 58.93 54.54
C MET YA 22 -0.09 59.18 53.83
N ALA YA 23 -0.11 59.15 52.49
CA ALA YA 23 -1.33 59.44 51.74
C ALA YA 23 -2.33 58.29 51.82
N THR YA 24 -1.88 57.07 51.59
CA THR YA 24 -2.75 55.91 51.59
C THR YA 24 -3.01 55.44 53.02
N LYS YA 25 -3.63 54.27 53.14
CA LYS YA 25 -4.01 53.71 54.43
C LYS YA 25 -3.12 52.55 54.84
N ASN YA 26 -2.68 51.76 53.87
CA ASN YA 26 -1.67 50.74 54.14
C ASN YA 26 -0.34 51.38 54.52
N GLY YA 27 0.00 52.50 53.87
CA GLY YA 27 1.27 53.13 54.12
C GLY YA 27 1.37 53.80 55.48
N ARG YA 28 0.25 54.30 56.00
CA ARG YA 28 0.26 54.81 57.37
C ARG YA 28 0.36 53.70 58.39
N GLN YA 29 0.10 52.46 58.00
CA GLN YA 29 0.41 51.31 58.84
C GLN YA 29 1.84 50.84 58.65
N VAL YA 30 2.45 51.13 57.49
CA VAL YA 30 3.86 50.87 57.32
C VAL YA 30 4.68 51.84 58.16
N LEU YA 31 4.18 53.06 58.36
CA LEU YA 31 4.90 54.04 59.17
C LEU YA 31 4.88 53.68 60.65
N SER YA 32 3.74 53.26 61.18
CA SER YA 32 3.64 52.95 62.59
C SER YA 32 4.37 51.67 62.94
N ARG YA 33 4.36 50.71 62.03
CA ARG YA 33 5.07 49.45 62.27
C ARG YA 33 6.57 49.63 62.23
N ARG YA 34 7.06 50.48 61.33
CA ARG YA 34 8.48 50.70 61.20
C ARG YA 34 8.98 51.66 62.27
N ARG YA 35 8.11 52.53 62.77
CA ARG YA 35 8.46 53.38 63.91
C ARG YA 35 8.55 52.59 65.20
N ALA YA 36 7.59 51.71 65.46
CA ALA YA 36 7.53 51.02 66.75
C ALA YA 36 8.58 49.95 66.90
N LYS YA 37 9.23 49.52 65.82
CA LYS YA 37 10.43 48.70 65.98
C LYS YA 37 11.59 49.54 66.45
N GLY YA 38 11.62 50.82 66.07
CA GLY YA 38 12.61 51.72 66.59
C GLY YA 38 13.67 52.09 65.58
N ARG YA 39 13.31 52.06 64.31
CA ARG YA 39 14.29 52.40 63.28
C ARG YA 39 14.53 53.90 63.23
N LYS YA 40 15.77 54.25 62.91
CA LYS YA 40 16.20 55.63 62.89
C LYS YA 40 15.65 56.40 61.71
N ARG YA 41 15.27 55.73 60.62
N ARG YA 41 15.24 55.72 60.64
CA ARG YA 41 15.09 56.39 59.34
CA ARG YA 41 15.10 56.32 59.33
C ARG YA 41 13.63 56.60 58.93
C ARG YA 41 13.66 56.57 58.91
N LEU YA 42 12.85 55.53 58.84
CA LEU YA 42 11.40 55.64 58.51
C LEU YA 42 11.08 56.15 57.09
N THR YA 43 12.05 56.40 56.24
CA THR YA 43 11.78 56.96 54.91
C THR YA 43 13.01 56.67 54.06
N VAL YA 44 12.94 55.62 53.27
CA VAL YA 44 14.08 55.32 52.42
C VAL YA 44 13.76 55.88 51.05
N PRO ZA 1 -12.06 16.28 83.12
CA PRO ZA 1 -11.15 15.18 82.80
C PRO ZA 1 -10.63 15.24 81.37
N LYS ZA 2 -9.33 15.06 81.18
CA LYS ZA 2 -8.76 15.22 79.86
C LYS ZA 2 -8.65 13.88 79.15
N MET ZA 3 -9.58 12.97 79.43
CA MET ZA 3 -9.54 11.61 78.92
C MET ZA 3 -10.92 11.25 78.38
N LYS ZA 4 -11.14 11.47 77.09
CA LYS ZA 4 -12.44 11.21 76.47
C LYS ZA 4 -12.49 9.78 75.98
N THR ZA 5 -13.57 9.08 76.30
CA THR ZA 5 -13.74 7.74 75.77
C THR ZA 5 -14.22 7.80 74.32
N LYS ZA 6 -14.28 6.65 73.69
CA LYS ZA 6 -14.85 6.56 72.36
C LYS ZA 6 -16.33 6.22 72.49
N SER ZA 7 -17.13 6.84 71.63
CA SER ZA 7 -18.57 6.71 71.77
C SER ZA 7 -19.08 5.41 71.18
N GLY ZA 8 -18.37 4.86 70.20
CA GLY ZA 8 -18.83 3.64 69.57
C GLY ZA 8 -18.66 2.43 70.46
N ALA ZA 9 -17.52 2.33 71.13
CA ALA ZA 9 -17.25 1.20 72.02
C ALA ZA 9 -18.05 1.27 73.33
N ALA ZA 10 -18.62 2.41 73.67
CA ALA ZA 10 -19.49 2.51 74.83
C ALA ZA 10 -20.92 2.07 74.51
N LYS ZA 11 -21.22 1.83 73.24
CA LYS ZA 11 -22.52 1.34 72.81
C LYS ZA 11 -22.45 -0.10 72.37
N ARG ZA 12 -21.27 -0.57 72.00
CA ARG ZA 12 -21.02 -1.95 71.62
C ARG ZA 12 -20.66 -2.83 72.80
N PHE ZA 13 -20.27 -2.23 73.92
CA PHE ZA 13 -19.75 -2.99 75.06
C PHE ZA 13 -20.32 -2.41 76.35
N LYS ZA 14 -21.32 -3.08 76.92
CA LYS ZA 14 -21.72 -2.80 78.28
C LYS ZA 14 -20.78 -3.52 79.25
N LYS ZA 15 -20.59 -2.96 80.42
CA LYS ZA 15 -19.67 -3.51 81.40
C LYS ZA 15 -20.41 -4.02 82.62
N THR ZA 16 -20.14 -5.28 82.97
CA THR ZA 16 -20.58 -5.86 84.22
C THR ZA 16 -19.36 -6.21 85.07
N ALA ZA 17 -19.63 -6.80 86.22
CA ALA ZA 17 -18.59 -7.19 87.15
C ALA ZA 17 -18.03 -8.57 86.87
N GLY ZA 18 -18.23 -9.08 85.65
CA GLY ZA 18 -17.64 -10.33 85.22
C GLY ZA 18 -17.09 -10.21 83.82
N GLY ZA 19 -16.60 -9.03 83.45
CA GLY ZA 19 -16.04 -8.78 82.13
C GLY ZA 19 -16.85 -7.75 81.37
N LEU ZA 20 -16.87 -7.90 80.06
CA LEU ZA 20 -17.56 -7.00 79.15
C LEU ZA 20 -18.56 -7.78 78.31
N LYS ZA 21 -19.83 -7.42 78.40
CA LYS ZA 21 -20.83 -8.06 77.56
C LYS ZA 21 -20.79 -7.50 76.16
N HIS ZA 22 -21.22 -8.30 75.21
CA HIS ZA 22 -21.38 -7.85 73.84
C HIS ZA 22 -22.35 -8.77 73.12
N LYS ZA 23 -23.12 -8.21 72.21
CA LYS ZA 23 -24.05 -8.97 71.42
C LYS ZA 23 -23.29 -9.70 70.31
N HIS ZA 24 -23.79 -10.87 69.92
CA HIS ZA 24 -23.18 -11.59 68.81
C HIS ZA 24 -23.50 -10.91 67.49
N ALA ZA 25 -22.83 -11.38 66.44
CA ALA ZA 25 -22.91 -10.76 65.13
C ALA ZA 25 -23.54 -11.72 64.13
N PHE ZA 26 -23.54 -11.30 62.86
CA PHE ZA 26 -24.02 -11.96 61.65
C PHE ZA 26 -25.52 -12.18 61.59
N LYS ZA 27 -26.30 -11.68 62.56
CA LYS ZA 27 -27.72 -11.98 62.59
C LYS ZA 27 -28.48 -10.71 62.22
N SER ZA 28 -28.62 -10.48 60.91
CA SER ZA 28 -29.43 -9.44 60.30
C SER ZA 28 -29.49 -9.67 58.79
N HIS ZA 29 -30.65 -9.38 58.22
CA HIS ZA 29 -30.93 -9.04 56.83
C HIS ZA 29 -30.73 -10.14 55.80
N ILE ZA 30 -30.13 -11.27 56.17
CA ILE ZA 30 -30.28 -12.46 55.35
C ILE ZA 30 -30.37 -13.68 56.27
N LEU ZA 31 -31.59 -14.16 56.48
CA LEU ZA 31 -31.86 -15.10 57.55
C LEU ZA 31 -32.62 -16.33 57.11
N THR ZA 32 -33.19 -16.34 55.91
CA THR ZA 32 -33.85 -17.54 55.42
C THR ZA 32 -32.87 -18.61 54.95
N LYS ZA 33 -31.58 -18.28 54.84
CA LYS ZA 33 -30.58 -19.30 54.55
C LYS ZA 33 -30.33 -20.18 55.76
N MET ZA 34 -30.14 -19.55 56.92
CA MET ZA 34 -29.46 -20.15 58.05
C MET ZA 34 -30.34 -21.19 58.74
N THR ZA 35 -29.72 -22.00 59.57
CA THR ZA 35 -30.37 -23.12 60.24
C THR ZA 35 -30.73 -22.69 61.66
N THR ZA 36 -31.80 -23.27 62.20
CA THR ZA 36 -32.28 -22.91 63.52
C THR ZA 36 -31.28 -23.30 64.62
N LYS ZA 37 -30.45 -24.31 64.37
CA LYS ZA 37 -29.35 -24.63 65.28
C LYS ZA 37 -28.35 -23.49 65.32
N ARG ZA 38 -28.21 -22.75 64.23
CA ARG ZA 38 -27.27 -21.64 64.15
C ARG ZA 38 -27.88 -20.33 64.62
N LYS ZA 39 -29.19 -20.15 64.47
CA LYS ZA 39 -29.81 -18.88 64.85
C LYS ZA 39 -29.86 -18.73 66.37
N ARG ZA 40 -30.30 -19.76 67.08
CA ARG ZA 40 -30.48 -19.67 68.52
C ARG ZA 40 -29.18 -19.78 69.28
N GLN ZA 41 -28.08 -20.15 68.62
CA GLN ZA 41 -26.76 -20.08 69.22
C GLN ZA 41 -26.06 -18.79 68.90
N LEU ZA 42 -26.81 -17.80 68.43
CA LEU ZA 42 -26.31 -16.44 68.28
C LEU ZA 42 -27.23 -15.43 68.96
N ARG ZA 43 -28.21 -15.90 69.72
CA ARG ZA 43 -29.20 -15.02 70.30
C ARG ZA 43 -28.76 -14.44 71.64
N GLY ZA 44 -27.84 -15.11 72.34
CA GLY ZA 44 -27.46 -14.69 73.67
C GLY ZA 44 -26.57 -13.46 73.69
N THR ZA 45 -25.99 -13.23 74.85
CA THR ZA 45 -25.10 -12.10 75.12
C THR ZA 45 -23.84 -12.65 75.75
N SER ZA 46 -22.78 -12.78 74.96
CA SER ZA 46 -21.56 -13.44 75.43
C SER ZA 46 -20.72 -12.48 76.27
N MET ZA 47 -19.51 -12.92 76.59
CA MET ZA 47 -18.53 -12.09 77.26
C MET ZA 47 -17.22 -12.14 76.49
N LEU ZA 48 -16.42 -11.09 76.63
CA LEU ZA 48 -15.31 -10.83 75.72
C LEU ZA 48 -14.12 -11.75 76.00
N ASN ZA 49 -13.34 -12.02 74.96
CA ASN ZA 49 -12.22 -12.94 75.01
C ASN ZA 49 -10.96 -12.24 75.48
N LYS ZA 50 -10.05 -13.03 76.06
CA LYS ZA 50 -8.84 -12.53 76.71
C LYS ZA 50 -7.85 -11.89 75.75
N SER ZA 51 -7.86 -12.29 74.48
CA SER ZA 51 -7.05 -11.62 73.48
C SER ZA 51 -7.57 -10.23 73.15
N ASP ZA 52 -8.83 -9.96 73.47
CA ASP ZA 52 -9.49 -8.73 73.06
C ASP ZA 52 -9.71 -7.78 74.23
N VAL ZA 53 -9.35 -8.16 75.45
CA VAL ZA 53 -9.61 -7.34 76.62
C VAL ZA 53 -8.72 -6.10 76.58
N ALA ZA 54 -7.41 -6.28 76.45
CA ALA ZA 54 -6.50 -5.16 76.50
C ALA ZA 54 -6.50 -4.32 75.24
N ARG ZA 55 -7.19 -4.76 74.18
CA ARG ZA 55 -7.41 -3.88 73.04
C ARG ZA 55 -8.58 -2.94 73.28
N VAL ZA 56 -9.69 -3.47 73.79
CA VAL ZA 56 -10.89 -2.65 74.01
C VAL ZA 56 -10.70 -1.76 75.22
N GLU ZA 57 -10.01 -2.23 76.26
CA GLU ZA 57 -9.81 -1.40 77.45
C GLU ZA 57 -8.80 -0.28 77.24
N ARG ZA 58 -8.25 -0.12 76.05
CA ARG ZA 58 -7.62 1.14 75.66
C ARG ZA 58 -8.53 2.02 74.83
N SER ZA 59 -9.47 1.44 74.08
CA SER ZA 59 -10.41 2.24 73.31
C SER ZA 59 -11.42 2.90 74.23
N LEU ZA 60 -12.13 2.10 75.02
CA LEU ZA 60 -12.68 2.60 76.27
C LEU ZA 60 -11.50 3.02 77.12
N ARG ZA 61 -11.58 4.21 77.67
CA ARG ZA 61 -10.43 4.73 78.41
C ARG ZA 61 -10.44 4.12 79.79
N LEU ZA 62 -9.87 2.93 79.91
CA LEU ZA 62 -9.72 2.23 81.17
C LEU ZA 62 -8.25 1.96 81.48
N ARG ZA 63 -7.37 2.78 80.92
CA ARG ZA 63 -5.93 2.66 81.10
C ARG ZA 63 -5.28 4.04 81.34
N MET AB 1 51.39 -37.52 7.80
CA MET AB 1 50.71 -37.81 9.05
C MET AB 1 49.23 -37.51 8.92
N LYS AB 2 48.48 -37.89 9.96
CA LYS AB 2 47.06 -37.60 10.04
C LYS AB 2 46.72 -37.59 11.52
N VAL AB 3 46.61 -36.39 12.09
CA VAL AB 3 46.43 -36.27 13.53
C VAL AB 3 45.00 -36.65 13.89
N ARG AB 4 44.87 -37.60 14.82
CA ARG AB 4 43.56 -38.10 15.23
C ARG AB 4 43.45 -38.06 16.74
N ALA AB 5 42.41 -38.69 17.27
CA ALA AB 5 42.38 -39.10 18.66
C ALA AB 5 42.18 -40.60 18.81
N SER AB 6 41.97 -41.32 17.71
CA SER AB 6 41.78 -42.77 17.73
C SER AB 6 42.56 -43.34 16.55
N VAL AB 7 43.79 -43.73 16.80
CA VAL AB 7 44.58 -44.41 15.79
C VAL AB 7 44.27 -45.89 15.87
N LYS AB 8 44.43 -46.57 14.74
CA LYS AB 8 44.06 -47.96 14.57
C LYS AB 8 44.65 -48.45 13.26
N LYS AB 9 44.73 -49.76 13.10
CA LYS AB 9 45.28 -50.30 11.86
C LYS AB 9 44.26 -50.19 10.74
N LEU AB 10 44.74 -50.31 9.51
CA LEU AB 10 43.86 -50.27 8.35
C LEU AB 10 44.05 -51.46 7.42
N CYS AB 11 45.28 -51.92 7.25
CA CYS AB 11 45.57 -53.07 6.42
C CYS AB 11 46.35 -54.10 7.23
N ARG AB 12 46.86 -55.12 6.54
CA ARG AB 12 47.63 -56.15 7.23
C ARG AB 12 49.06 -55.72 7.51
N ASN AB 13 49.53 -54.64 6.91
CA ASN AB 13 50.93 -54.25 6.98
C ASN AB 13 51.21 -53.20 8.04
N CYS AB 14 50.19 -52.61 8.63
CA CYS AB 14 50.39 -51.59 9.63
C CYS AB 14 50.85 -52.22 10.94
N LYS AB 15 51.95 -51.73 11.49
CA LYS AB 15 52.37 -52.05 12.84
C LYS AB 15 52.28 -50.81 13.70
N ILE AB 16 51.77 -50.96 14.91
CA ILE AB 16 51.55 -49.84 15.82
C ILE AB 16 52.76 -49.73 16.74
N ILE AB 17 53.51 -48.65 16.58
CA ILE AB 17 54.69 -48.38 17.38
C ILE AB 17 54.38 -47.24 18.35
N ARG AB 18 54.95 -47.31 19.55
CA ARG AB 18 54.87 -46.22 20.52
C ARG AB 18 56.26 -45.60 20.60
N ARG AB 19 56.49 -44.59 19.78
CA ARG AB 19 57.79 -43.98 19.61
C ARG AB 19 57.83 -42.67 20.39
N ASP AB 20 58.70 -42.64 21.41
CA ASP AB 20 58.94 -41.46 22.27
C ASP AB 20 57.67 -40.99 22.97
N GLY AB 21 56.83 -41.94 23.38
CA GLY AB 21 55.66 -41.65 24.18
C GLY AB 21 54.40 -41.35 23.40
N ILE AB 22 54.43 -41.42 22.08
CA ILE AB 22 53.29 -41.13 21.21
C ILE AB 22 52.97 -42.39 20.42
N VAL AB 23 51.69 -42.68 20.25
CA VAL AB 23 51.25 -43.90 19.58
C VAL AB 23 51.21 -43.61 18.09
N ARG AB 24 52.28 -43.96 17.38
CA ARG AB 24 52.36 -43.77 15.94
C ARG AB 24 51.80 -45.00 15.22
N VAL AB 25 51.52 -44.83 13.93
CA VAL AB 25 51.22 -45.93 13.04
C VAL AB 25 52.03 -45.72 11.77
N ILE AB 26 52.90 -46.68 11.44
CA ILE AB 26 53.66 -46.65 10.21
C ILE AB 26 53.20 -47.80 9.31
N CYS AB 27 53.12 -47.54 8.02
CA CYS AB 27 52.65 -48.54 7.06
C CYS AB 27 53.69 -48.67 5.95
N SER AB 28 54.11 -49.90 5.69
CA SER AB 28 55.15 -50.14 4.70
C SER AB 28 54.59 -50.34 3.30
N ALA AB 29 53.27 -50.39 3.14
CA ALA AB 29 52.65 -50.53 1.82
C ALA AB 29 52.24 -49.19 1.23
N GLU AB 30 51.35 -48.47 1.90
CA GLU AB 30 50.81 -47.21 1.41
C GLU AB 30 51.15 -46.07 2.35
N PRO AB 31 51.54 -44.91 1.84
CA PRO AB 31 51.86 -43.79 2.73
C PRO AB 31 50.65 -43.16 3.36
N ARG AB 32 49.47 -43.30 2.76
CA ARG AB 32 48.20 -42.75 3.23
C ARG AB 32 47.66 -43.44 4.49
N HIS AB 33 48.38 -44.37 5.11
CA HIS AB 33 47.97 -44.97 6.37
C HIS AB 33 48.81 -44.48 7.53
N LYS AB 34 49.65 -43.48 7.31
CA LYS AB 34 50.53 -42.96 8.34
C LYS AB 34 49.73 -42.05 9.28
N GLN AB 35 49.63 -42.44 10.55
CA GLN AB 35 48.79 -41.76 11.53
C GLN AB 35 49.62 -41.42 12.76
N ARG AB 36 49.42 -40.23 13.31
CA ARG AB 36 50.38 -39.65 14.23
C ARG AB 36 50.04 -39.82 15.69
N GLN AB 37 48.91 -39.30 16.11
CA GLN AB 37 48.66 -39.12 17.53
C GLN AB 37 47.31 -39.71 17.89
N GLY AB 38 47.26 -40.36 19.05
CA GLY AB 38 46.03 -41.01 19.47
C GLY AB 38 46.23 -41.81 20.73
MG MG BB . -18.89 30.69 -45.15
MG MG CB . -21.14 18.74 -47.91
MG MG DB . -20.85 36.83 -46.42
MG MG EB . -12.09 19.76 -61.74
MG MG FB . 54.22 12.57 -100.65
MG MG GB . 26.96 -19.96 -93.66
MG MG HB . 2.32 -18.57 -68.92
MG MG IB . 1.25 20.80 -74.16
MG MG JB . 0.95 22.25 -68.53
MG MG KB . -13.05 50.85 -48.66
MG MG LB . 26.22 33.41 -83.61
MG MG MB . -27.93 34.22 -38.57
MG MG NB . -14.57 30.34 -38.52
MG MG OB . -46.72 -3.18 -62.92
MG MG PB . -51.85 -57.58 -47.21
MG MG QB . -59.49 -6.57 -43.71
MG MG RB . 46.24 11.73 -63.16
MG MG SB . -6.43 39.36 10.07
MG MG TB . -9.57 42.43 16.76
MG MG UB . 45.42 28.74 53.76
MG MG VB . 7.23 54.33 38.34
MG MG WB . 9.36 52.82 33.15
MG MG XB . -33.03 -8.91 64.94
MG MG YB . 63.11 -35.91 18.40
MG MG ZB . 60.58 20.55 64.51
MG MG AC . 66.97 17.01 66.74
MG MG BC . 35.07 34.43 80.13
MG MG CC . 32.39 26.68 91.76
MG MG DC . 33.97 38.32 98.49
MG MG EC . 28.34 41.73 104.02
MG MG FC . 28.97 45.19 106.89
MG MG GC . 18.92 32.97 73.51
MG MG HC . 23.49 68.65 63.08
MG MG IC . 20.36 65.64 70.15
MG MG JC . -2.50 71.45 54.03
MG MG KC . -0.82 74.88 55.91
MG MG LC . -10.53 57.82 69.25
MG MG MC . -6.49 19.08 51.12
MG MG NC . -6.05 13.08 56.27
MG MG OC . -5.85 12.19 66.51
MG MG PC . -22.29 48.76 81.75
MG MG QC . -27.96 47.34 79.08
MG MG RC . -35.14 38.87 92.38
MG MG SC . 20.76 61.52 108.51
MG MG TC . 24.08 54.88 112.46
MG MG UC . -0.66 27.92 8.64
MG MG VC . -0.18 26.48 3.32
MG MG WC . 28.13 7.66 68.39
MG MG XC . 21.04 -4.69 75.08
MG MG YC . 46.11 38.08 73.24
MG MG ZC . -14.51 23.39 54.06
MG MG AD . -9.64 19.23 54.51
MG MG BD . 26.92 -12.29 80.12
MG MG CD . 38.88 50.52 113.81
MG MG DD . -42.36 32.53 71.41
MG MG ED . -41.72 35.31 64.56
MG MG FD . -44.65 25.03 73.08
MG MG GD . -44.27 17.87 77.75
MG MG HD . -45.70 12.67 79.31
MG MG ID . -47.42 27.61 94.20
MG MG JD . -44.56 45.23 78.49
MG MG KD . 24.51 37.33 74.03
MG MG LD . 60.59 49.71 94.56
MG MG MD . 52.75 34.53 85.76
MG MG ND . 49.67 39.00 87.44
MG MG OD . 47.54 38.31 80.27
MG MG PD . 57.58 2.27 52.12
MG MG QD . 57.29 -8.79 51.29
MG MG RD . 19.02 4.75 62.79
MG MG SD . 13.76 -3.33 59.21
MG MG TD . 10.21 -1.62 65.26
MG MG UD . 20.40 -7.23 61.65
MG MG VD . 8.53 -11.64 54.91
MG MG WD . 5.74 -7.57 55.86
MG MG XD . 6.15 1.33 53.62
MG MG YD . 18.41 -20.48 63.51
MG MG ZD . 24.10 -21.23 69.77
MG MG AE . 24.33 -16.73 78.41
MG MG BE . 32.70 -19.52 79.22
MG MG CE . 35.18 3.94 52.31
MG MG DE . 33.81 13.32 52.96
MG MG EE . 33.44 23.76 61.06
MG MG FE . 30.58 9.67 46.38
MG MG GE . 41.89 3.23 49.54
MG MG HE . 34.10 18.37 71.67
MG MG IE . -5.74 21.58 104.23
MG MG JE . -22.25 12.32 100.07
MG MG KE . 28.34 46.91 10.67
MG MG LE . 23.80 54.42 23.42
MG MG ME . 21.30 31.87 18.74
MG MG NE . 19.31 32.02 24.09
MG MG OE . 30.01 41.04 40.09
MG MG PE . 3.51 26.78 21.15
MG MG QE . 5.94 23.63 24.82
MG MG RE . 8.32 19.57 22.19
MG MG SE . 14.51 37.82 36.42
MG MG TE . -2.03 24.92 62.90
MG MG UE . 6.34 30.89 56.30
MG MG VE . 9.53 21.85 60.05
MG MG WE . 8.11 31.64 63.56
MG MG XE . 2.52 -43.90 44.15
MG MG YE . 8.01 -45.43 43.02
MG MG ZE . 20.34 -17.28 47.08
MG MG AF . 17.22 -13.30 46.40
MG MG BF . 51.91 -33.94 74.17
MG MG CF . 61.00 -27.47 62.29
MG MG DF . 50.39 -23.45 16.37
MG MG EF . 49.90 -26.20 20.59
MG MG FF . 58.80 -48.96 51.32
MG MG GF . 47.28 -24.09 75.73
MG MG HF . 37.62 -22.44 80.19
MG MG IF . 46.65 24.36 93.07
MG MG JF . 43.14 40.44 96.95
MG MG KF . 41.57 40.74 91.59
MG MG LF . 23.08 18.53 77.65
MG MG MF . 52.46 21.79 43.02
MG MG NF . 55.56 25.62 38.11
MG MG OF . 53.73 32.46 36.96
MG MG PF . 58.40 34.04 43.07
MG MG QF . 48.39 46.30 35.25
MG MG RF . 55.50 60.22 15.14
MG MG SF . 49.95 58.05 16.04
MG MG TF . 37.77 62.86 53.07
MG MG UF . 43.56 63.95 51.48
MG MG VF . 44.18 66.73 45.69
MG MG WF . 52.35 48.61 50.44
MG MG XF . 23.70 83.24 44.99
MG MG YF . -0.57 75.20 37.24
MG MG ZF . -6.12 67.00 34.92
MG MG AG . -15.86 64.05 48.52
MG MG BG . -10.57 60.00 41.76
MG MG CG . 38.56 74.91 38.14
MG MG DG . -7.80 76.00 19.54
MG MG EG . 33.52 74.77 37.27
MG MG FG . 44.51 49.23 37.91
MG MG GG . 39.51 64.72 9.50
MG MG HG . 39.01 57.13 13.41
MG MG IG . 52.55 24.76 -0.04
MG MG JG . 53.79 27.24 -5.80
MG MG KG . 35.72 12.53 0.90
MG MG LG . 39.11 9.65 4.60
MG MG MG . 34.03 30.77 5.84
MG MG NG . 10.62 34.10 5.83
MG MG OG . 14.65 38.02 7.43
MG MG PG . -21.55 53.15 26.84
MG MG QG . -14.10 20.59 1.97
MG MG RG . 47.74 -4.10 40.51
MG MG SG . 43.57 -7.80 41.48
MG MG TG . 22.35 -4.89 49.31
MG MG UG . 39.67 8.70 31.36
MG MG VG . 2.70 -2.22 42.06
MG MG WG . -8.63 26.12 29.84
MG MG XG . -9.55 21.05 37.43
MG MG YG . 5.64 -36.77 57.59
MG MG ZG . -0.28 -35.54 55.28
MG MG AH . -34.57 -51.93 53.99
MG MG BH . -30.93 -40.27 47.20
MG MG CH . 15.56 14.46 43.75
MG MG DH . 19.43 10.31 46.49
MG MG EH . 21.17 -5.81 44.22
MG MG FH . 35.13 2.02 25.44
MG MG GH . 37.73 18.38 27.45
MG MG HH . 56.49 48.69 12.44
MG MG IH . 62.42 66.76 -0.32
MG MG JH . 68.01 -13.91 16.25
MG MG KH . 85.83 1.08 42.77
MG MG LH . 97.27 23.85 45.88
MG MG MH . 72.94 22.29 21.82
MG MG NH . 22.72 48.40 4.36
MG MG OH . 7.09 -62.17 51.86
MG MG PH . 44.07 26.07 18.49
MG MG QH . 57.10 37.40 -23.07
#